data_6QSU
#
_entry.id   6QSU
#
_cell.length_a   1.00
_cell.length_b   1.00
_cell.length_c   1.00
_cell.angle_alpha   90.00
_cell.angle_beta   90.00
_cell.angle_gamma   90.00
#
_symmetry.space_group_name_H-M   'P 1'
#
loop_
_entity.id
_entity.type
_entity.pdbx_description
1 polymer 'Urease subunit alpha'
2 polymer 'Urease subunit beta'
3 non-polymer 'NICKEL (II) ION'
4 non-polymer BETA-MERCAPTOETHANOL
5 water water
#
loop_
_entity_poly.entity_id
_entity_poly.type
_entity_poly.pdbx_seq_one_letter_code
_entity_poly.pdbx_strand_id
1 'polypeptide(L)'
;MKLTPKELDKLMLHYAGELARKRKEKGIKLNYVEAVALISAHIMEEARAGKKTAAELMQEGRTLLKPDDVMDGVASMIHE
VGIEAMFPDGTKLVTVHTPIEANGKLVPGELFLKNEDITINEGKKAVSVKVKNVGDRPVQIGSHFHFFEVNRCLDFDREK
TFGKRLDIASGTAVRFEPGEEKSVELIDIGGNRRIFGFNALVDRQADNESKKIALHRAKERGFHGTKSDDNYVKTIKE
;
A,C,E,G,I,K,M,O,Q,S,U,W
2 'polypeptide(L)'
;MKKISRKEYVSMYGPTTGDKVRLGDTDLIAEVEHDYTIYGEELKFGGGKTLREGMSQSNNPSKEELDLIITNALIVDYTG
IYKADIGIKDGKIAGIGKGGNKDMQDGVKNNLSVGPATEALAGEGLIVTAGGIDTHIHFISPQQIPTAFASGVTTMIGGG
TGPADGTNATTITPGRRNLKWMLRAAEEYSMNLGFLAKGNTSNDASLADQIEAGAIGF(KCX)IHEDWGTTPSAINHALD
VADKYDVQVAIHTDTLNEAGCVEDTMAAIAGRTMHTFHTEGAGGGHAPDIIKVAGEHNILPASTNPTIPFTVNTEAEHMD
MLMVCHHLDKSIKEDVQFADSRIRPQTIAAEDTLHDMGIFSITSSDSQAMGRVGEVITRTWQTADKNKKEFGRLKEEKGD
NDNFRIKRYLSKYTINPAIAHGISEYVGSVEVGKVADLVLWSPAFFGVKPNMIIKGGFIALSQMGDANASIPTPQPVYYR
EMFAHHGKAKYDANITFVSQAAYDKGIKEELGLERQVLPVKNCRNITKKDMQFNDTTAHIEVNPETYHVFVDGKEVTSKP
ANKVSLAQLFSIF
;
B,J,D,F,H,L,N,P,R,T,V,X
#
loop_
_chem_comp.id
_chem_comp.type
_chem_comp.name
_chem_comp.formula
BME non-polymer BETA-MERCAPTOETHANOL 'C2 H6 O S'
NI non-polymer 'NICKEL (II) ION' 'Ni 2'
#
# COMPACT_ATOMS: atom_id res chain seq x y z
N MET A 1 49.26 20.41 29.99
CA MET A 1 48.59 21.04 31.11
C MET A 1 47.31 20.29 31.49
N LYS A 2 46.63 19.76 30.48
CA LYS A 2 45.36 19.05 30.65
C LYS A 2 44.36 19.90 31.42
N LEU A 3 44.14 21.12 30.94
CA LEU A 3 43.20 22.03 31.58
C LEU A 3 41.77 21.53 31.43
N THR A 4 41.00 21.65 32.50
CA THR A 4 39.59 21.33 32.48
C THR A 4 38.77 22.58 32.18
N PRO A 5 37.48 22.43 31.86
CA PRO A 5 36.64 23.62 31.72
C PRO A 5 36.61 24.50 32.96
N LYS A 6 36.67 23.88 34.14
CA LYS A 6 36.72 24.65 35.38
C LYS A 6 37.96 25.52 35.44
N GLU A 7 39.11 24.99 35.00
CA GLU A 7 40.34 25.76 35.04
C GLU A 7 40.28 26.95 34.08
N LEU A 8 39.67 26.77 32.91
CA LEU A 8 39.51 27.89 32.00
C LEU A 8 38.59 28.97 32.57
N ASP A 9 37.49 28.55 33.19
CA ASP A 9 36.59 29.52 33.82
C ASP A 9 37.28 30.29 34.94
N LYS A 10 38.05 29.58 35.77
CA LYS A 10 38.74 30.26 36.86
C LYS A 10 39.84 31.18 36.36
N LEU A 11 40.52 30.81 35.26
CA LEU A 11 41.52 31.71 34.70
C LEU A 11 40.88 33.00 34.19
N MET A 12 39.73 32.88 33.51
CA MET A 12 39.00 34.06 33.09
C MET A 12 38.60 34.91 34.29
N LEU A 13 38.14 34.28 35.37
CA LEU A 13 37.75 35.01 36.56
C LEU A 13 38.95 35.72 37.19
N HIS A 14 40.10 35.05 37.22
CA HIS A 14 41.29 35.68 37.78
C HIS A 14 41.66 36.93 37.01
N TYR A 15 41.56 36.89 35.69
CA TYR A 15 41.96 38.07 34.96
C TYR A 15 40.89 39.17 34.98
N ALA A 16 39.61 38.80 35.15
CA ALA A 16 38.62 39.83 35.44
C ALA A 16 38.94 40.55 36.75
N GLY A 17 39.33 39.78 37.78
CA GLY A 17 39.74 40.40 39.02
C GLY A 17 41.00 41.22 38.89
N GLU A 18 41.93 40.79 38.03
CA GLU A 18 43.14 41.57 37.78
C GLU A 18 42.80 42.91 37.15
N LEU A 19 41.88 42.91 36.18
CA LEU A 19 41.43 44.16 35.59
C LEU A 19 40.79 45.06 36.64
N ALA A 20 39.97 44.47 37.51
CA ALA A 20 39.34 45.25 38.58
C ALA A 20 40.39 45.88 39.48
N ARG A 21 41.42 45.12 39.84
CA ARG A 21 42.47 45.66 40.71
C ARG A 21 43.26 46.76 40.03
N LYS A 22 43.54 46.61 38.73
CA LYS A 22 44.23 47.67 38.00
C LYS A 22 43.39 48.94 37.98
N ARG A 23 42.09 48.81 37.72
CA ARG A 23 41.23 50.00 37.70
C ARG A 23 41.16 50.65 39.07
N LYS A 24 41.10 49.83 40.13
CA LYS A 24 41.12 50.36 41.48
C LYS A 24 42.40 51.12 41.77
N GLU A 25 43.53 50.61 41.24
CA GLU A 25 44.79 51.32 41.39
C GLU A 25 44.77 52.66 40.65
N LYS A 26 44.13 52.71 39.48
CA LYS A 26 44.03 53.95 38.75
C LYS A 26 43.15 54.99 39.41
N GLY A 27 42.38 54.62 40.43
CA GLY A 27 41.49 55.54 41.10
C GLY A 27 40.05 55.50 40.66
N ILE A 28 39.68 54.56 39.81
CA ILE A 28 38.30 54.41 39.37
C ILE A 28 37.49 53.74 40.46
N LYS A 29 36.29 54.25 40.72
CA LYS A 29 35.38 53.58 41.64
C LYS A 29 34.77 52.38 40.97
N LEU A 30 34.88 51.22 41.61
CA LEU A 30 34.49 49.97 41.00
C LEU A 30 32.98 49.81 40.94
N ASN A 31 32.51 49.13 39.91
CA ASN A 31 31.11 48.80 39.79
C ASN A 31 30.86 47.39 40.33
N TYR A 32 29.66 46.88 40.08
CA TYR A 32 29.25 45.60 40.65
C TYR A 32 30.15 44.46 40.18
N VAL A 33 30.35 44.35 38.87
CA VAL A 33 31.14 43.25 38.31
C VAL A 33 32.57 43.30 38.82
N GLU A 34 33.16 44.49 38.82
CA GLU A 34 34.55 44.63 39.22
C GLU A 34 34.74 44.25 40.69
N ALA A 35 33.82 44.69 41.55
CA ALA A 35 33.93 44.37 42.96
C ALA A 35 33.81 42.86 43.19
N VAL A 36 32.82 42.23 42.55
CA VAL A 36 32.63 40.80 42.70
C VAL A 36 33.90 40.05 42.27
N ALA A 37 34.42 40.41 41.09
CA ALA A 37 35.58 39.71 40.56
C ALA A 37 36.82 39.93 41.42
N LEU A 38 37.00 41.15 41.93
CA LEU A 38 38.16 41.42 42.76
C LEU A 38 38.16 40.57 44.02
N ILE A 39 36.99 40.47 44.68
CA ILE A 39 36.89 39.64 45.87
C ILE A 39 37.18 38.18 45.52
N SER A 40 36.60 37.69 44.42
CA SER A 40 36.76 36.28 44.07
C SER A 40 38.22 35.94 43.75
N ALA A 41 38.89 36.82 42.99
CA ALA A 41 40.27 36.55 42.62
C ALA A 41 41.19 36.61 43.83
N HIS A 42 40.94 37.54 44.74
CA HIS A 42 41.75 37.58 45.95
C HIS A 42 41.60 36.29 46.76
N ILE A 43 40.38 35.79 46.89
CA ILE A 43 40.19 34.55 47.65
C ILE A 43 40.91 33.40 46.97
N MET A 44 40.81 33.31 45.64
CA MET A 44 41.47 32.20 44.95
C MET A 44 42.98 32.25 45.15
N GLU A 45 43.58 33.43 45.03
CA GLU A 45 45.02 33.51 45.21
C GLU A 45 45.43 33.17 46.63
N GLU A 46 44.66 33.63 47.62
CA GLU A 46 44.99 33.32 49.00
C GLU A 46 44.90 31.82 49.26
N ALA A 47 43.89 31.16 48.72
CA ALA A 47 43.78 29.71 48.89
C ALA A 47 44.92 28.98 48.19
N ARG A 48 45.37 29.48 47.04
CA ARG A 48 46.53 28.88 46.39
C ARG A 48 47.77 28.98 47.27
N ALA A 49 47.95 30.13 47.94
CA ALA A 49 49.13 30.29 48.79
C ALA A 49 49.16 29.26 49.91
N GLY A 50 48.00 28.81 50.38
CA GLY A 50 47.93 27.73 51.34
C GLY A 50 48.30 28.10 52.76
N LYS A 51 48.28 29.37 53.13
CA LYS A 51 48.67 29.78 54.47
C LYS A 51 47.49 30.16 55.35
N LYS A 52 46.26 30.10 54.83
CA LYS A 52 45.09 30.52 55.57
C LYS A 52 43.99 29.50 55.42
N THR A 53 43.11 29.43 56.42
CA THR A 53 41.98 28.53 56.36
C THR A 53 40.79 29.21 55.69
N ALA A 54 39.80 28.39 55.33
CA ALA A 54 38.65 28.92 54.61
C ALA A 54 37.89 29.95 55.43
N ALA A 55 37.77 29.72 56.74
CA ALA A 55 37.08 30.69 57.59
C ALA A 55 37.82 32.02 57.64
N GLU A 56 39.15 31.96 57.72
CA GLU A 56 39.95 33.17 57.63
C GLU A 56 39.67 33.93 56.34
N LEU A 57 39.51 33.21 55.24
CA LEU A 57 39.23 33.88 53.97
C LEU A 57 37.83 34.45 53.94
N MET A 58 36.87 33.78 54.58
CA MET A 58 35.53 34.34 54.67
C MET A 58 35.54 35.66 55.42
N GLN A 59 36.35 35.75 56.47
CA GLN A 59 36.46 37.02 57.17
C GLN A 59 37.29 38.05 56.40
N GLU A 60 38.29 37.59 55.64
CA GLU A 60 39.19 38.51 54.96
C GLU A 60 38.55 39.11 53.72
N GLY A 61 37.60 38.41 53.11
CA GLY A 61 36.94 38.94 51.94
C GLY A 61 36.18 40.21 52.18
N ARG A 62 35.91 40.54 53.45
CA ARG A 62 35.13 41.71 53.82
C ARG A 62 35.96 42.95 54.04
N THR A 63 37.28 42.85 53.97
CA THR A 63 38.17 43.98 54.19
C THR A 63 38.86 44.45 52.92
N LEU A 64 38.56 43.82 51.77
CA LEU A 64 39.26 44.17 50.55
C LEU A 64 38.82 45.54 50.03
N LEU A 65 37.52 45.82 50.07
CA LEU A 65 36.97 47.03 49.48
C LEU A 65 36.31 47.88 50.55
N LYS A 66 36.81 49.08 50.74
CA LYS A 66 36.14 50.06 51.57
C LYS A 66 34.94 50.64 50.82
N PRO A 67 33.97 51.21 51.53
CA PRO A 67 32.80 51.76 50.83
C PRO A 67 33.14 52.83 49.82
N ASP A 68 34.20 53.61 50.05
CA ASP A 68 34.57 54.65 49.11
C ASP A 68 35.22 54.12 47.84
N ASP A 69 35.54 52.83 47.78
CA ASP A 69 36.22 52.26 46.63
C ASP A 69 35.27 51.84 45.51
N VAL A 70 33.97 51.82 45.78
CA VAL A 70 33.00 51.33 44.81
C VAL A 70 32.03 52.45 44.48
N MET A 71 31.29 52.25 43.40
CA MET A 71 30.28 53.21 42.99
C MET A 71 29.10 53.20 43.95
N ASP A 72 28.35 54.29 43.95
CA ASP A 72 27.12 54.34 44.71
C ASP A 72 26.16 53.26 44.21
N GLY A 73 25.56 52.53 45.14
CA GLY A 73 24.67 51.44 44.81
C GLY A 73 25.32 50.07 44.77
N VAL A 74 26.64 49.99 44.72
CA VAL A 74 27.31 48.70 44.60
C VAL A 74 27.15 47.88 45.87
N ALA A 75 27.33 48.52 47.03
CA ALA A 75 27.35 47.78 48.29
C ALA A 75 26.03 47.07 48.53
N SER A 76 24.91 47.72 48.22
CA SER A 76 23.61 47.10 48.46
C SER A 76 23.28 46.01 47.46
N MET A 77 24.04 45.87 46.38
CA MET A 77 23.77 44.83 45.40
C MET A 77 24.56 43.55 45.65
N ILE A 78 25.63 43.62 46.43
CA ILE A 78 26.48 42.45 46.68
C ILE A 78 26.13 41.96 48.08
N HIS A 79 25.20 41.01 48.13
CA HIS A 79 24.86 40.38 49.40
C HIS A 79 25.92 39.39 49.83
N GLU A 80 26.42 38.58 48.89
CA GLU A 80 27.34 37.50 49.21
C GLU A 80 28.12 37.11 47.97
N VAL A 81 29.44 36.98 48.12
CA VAL A 81 30.30 36.48 47.07
C VAL A 81 30.72 35.08 47.47
N GLY A 82 30.33 34.08 46.67
CA GLY A 82 30.80 32.73 46.84
C GLY A 82 31.84 32.40 45.77
N ILE A 83 32.87 31.68 46.18
CA ILE A 83 33.92 31.24 45.26
C ILE A 83 34.49 29.94 45.78
N GLU A 84 34.64 28.98 44.87
CA GLU A 84 35.25 27.70 45.20
C GLU A 84 36.73 27.76 44.88
N ALA A 85 37.56 27.48 45.87
CA ALA A 85 39.00 27.55 45.73
C ALA A 85 39.62 26.25 46.20
N MET A 86 40.80 25.95 45.67
CA MET A 86 41.50 24.72 46.00
C MET A 86 42.56 25.03 47.04
N PHE A 87 42.38 24.49 48.23
CA PHE A 87 43.32 24.62 49.34
C PHE A 87 44.25 23.42 49.30
N PRO A 88 45.26 23.34 50.17
CA PRO A 88 46.08 22.12 50.22
C PRO A 88 45.27 20.87 50.54
N ASP A 89 44.14 21.01 51.23
CA ASP A 89 43.27 19.90 51.57
C ASP A 89 42.09 19.75 50.63
N GLY A 90 42.14 20.38 49.46
CA GLY A 90 41.14 20.16 48.44
C GLY A 90 40.27 21.38 48.20
N THR A 91 39.20 21.16 47.45
CA THR A 91 38.29 22.23 47.05
C THR A 91 37.29 22.53 48.15
N LYS A 92 37.21 23.80 48.55
CA LYS A 92 36.26 24.25 49.54
C LYS A 92 35.55 25.48 49.02
N LEU A 93 34.31 25.65 49.43
CA LEU A 93 33.53 26.84 49.08
C LEU A 93 33.75 27.91 50.13
N VAL A 94 34.15 29.09 49.68
CA VAL A 94 34.31 30.25 50.55
C VAL A 94 33.26 31.27 50.13
N THR A 95 32.42 31.68 51.08
CA THR A 95 31.43 32.71 50.83
C THR A 95 31.69 33.89 51.74
N VAL A 96 31.74 35.08 51.16
CA VAL A 96 31.90 36.32 51.89
C VAL A 96 30.55 36.99 51.96
N HIS A 97 30.08 37.28 53.17
CA HIS A 97 28.76 37.87 53.37
C HIS A 97 28.89 39.37 53.56
N THR A 98 28.11 40.12 52.80
CA THR A 98 28.07 41.59 52.80
C THR A 98 29.51 42.14 52.83
N PRO A 99 30.31 41.87 51.80
CA PRO A 99 31.71 42.28 51.85
C PRO A 99 31.90 43.78 51.98
N ILE A 100 31.01 44.58 51.40
CA ILE A 100 31.16 46.02 51.36
C ILE A 100 30.01 46.65 52.12
N GLU A 101 30.30 47.72 52.84
CA GLU A 101 29.28 48.47 53.58
C GLU A 101 28.73 49.61 52.74
N ALA A 102 27.45 49.89 52.92
CA ALA A 102 26.78 50.94 52.16
C ALA A 102 27.16 52.32 52.70
N ASN A 103 27.43 53.24 51.79
CA ASN A 103 27.76 54.61 52.17
C ASN A 103 26.94 55.67 51.46
N GLY A 104 26.34 55.37 50.32
CA GLY A 104 25.52 56.31 49.59
C GLY A 104 24.05 56.11 49.86
N LYS A 105 23.23 56.65 48.97
CA LYS A 105 21.79 56.55 49.06
C LYS A 105 21.17 55.70 47.95
N LEU A 106 21.92 55.38 46.91
CA LEU A 106 21.36 54.65 45.78
C LEU A 106 21.16 53.18 46.14
N VAL A 107 19.93 52.72 46.07
CA VAL A 107 19.62 51.31 46.27
C VAL A 107 18.87 50.79 45.05
N PRO A 108 19.53 50.08 44.14
CA PRO A 108 18.80 49.44 43.06
C PRO A 108 17.78 48.44 43.59
N GLY A 109 16.60 48.44 42.97
CA GLY A 109 15.55 47.53 43.40
C GLY A 109 14.95 47.85 44.75
N GLU A 110 15.14 49.07 45.24
CA GLU A 110 14.71 49.45 46.58
C GLU A 110 13.21 49.21 46.75
N LEU A 111 12.83 48.69 47.90
CA LEU A 111 11.45 48.36 48.20
C LEU A 111 10.85 49.45 49.09
N PHE A 112 9.73 50.01 48.65
CA PHE A 112 9.00 51.01 49.40
C PHE A 112 7.72 50.34 49.88
N LEU A 113 7.66 50.03 51.17
CA LEU A 113 6.59 49.22 51.71
C LEU A 113 5.58 50.07 52.48
N LYS A 114 4.31 49.70 52.39
CA LYS A 114 3.32 50.21 53.31
C LYS A 114 3.64 49.71 54.71
N ASN A 115 3.32 50.52 55.72
CA ASN A 115 3.61 50.17 57.09
C ASN A 115 2.48 49.36 57.75
N GLU A 116 1.48 48.96 56.98
CA GLU A 116 0.39 48.14 57.52
C GLU A 116 0.79 46.67 57.55
N ASP A 117 0.34 45.98 58.60
CA ASP A 117 0.61 44.56 58.74
C ASP A 117 -0.31 43.74 57.84
N ILE A 118 0.12 42.51 57.57
CA ILE A 118 -0.66 41.56 56.78
C ILE A 118 -1.36 40.62 57.74
N THR A 119 -2.65 40.40 57.51
CA THR A 119 -3.43 39.46 58.31
C THR A 119 -3.57 38.16 57.53
N ILE A 120 -2.93 37.11 58.01
CA ILE A 120 -2.96 35.82 57.34
C ILE A 120 -4.02 34.96 57.98
N ASN A 121 -4.55 34.02 57.19
CA ASN A 121 -5.56 33.08 57.65
C ASN A 121 -6.78 33.80 58.24
N GLU A 122 -7.18 34.88 57.59
CA GLU A 122 -8.30 35.67 58.09
C GLU A 122 -9.58 34.85 58.04
N GLY A 123 -10.40 34.98 59.08
CA GLY A 123 -11.62 34.22 59.20
C GLY A 123 -11.44 32.83 59.80
N LYS A 124 -10.22 32.45 60.15
CA LYS A 124 -9.94 31.15 60.74
C LYS A 124 -9.72 31.33 62.24
N LYS A 125 -10.52 30.62 63.04
CA LYS A 125 -10.35 30.65 64.49
C LYS A 125 -9.23 29.71 64.90
N ALA A 126 -8.37 30.18 65.79
CA ALA A 126 -7.21 29.41 66.23
C ALA A 126 -7.46 28.86 67.62
N VAL A 127 -7.21 27.57 67.79
CA VAL A 127 -7.20 26.94 69.10
C VAL A 127 -5.75 26.82 69.54
N SER A 128 -5.55 26.60 70.84
CA SER A 128 -4.22 26.48 71.42
C SER A 128 -4.07 25.10 72.03
N VAL A 129 -2.98 24.42 71.66
CA VAL A 129 -2.70 23.07 72.12
C VAL A 129 -1.29 23.05 72.69
N LYS A 130 -1.12 22.39 73.83
CA LYS A 130 0.18 22.25 74.46
C LYS A 130 0.85 20.96 73.98
N VAL A 131 2.09 21.08 73.52
CA VAL A 131 2.81 19.98 72.90
C VAL A 131 4.15 19.81 73.60
N LYS A 132 4.52 18.55 73.86
CA LYS A 132 5.80 18.22 74.46
C LYS A 132 6.50 17.16 73.62
N ASN A 133 7.80 17.32 73.43
CA ASN A 133 8.62 16.35 72.71
C ASN A 133 9.24 15.40 73.73
N VAL A 134 8.68 14.20 73.84
CA VAL A 134 9.22 13.21 74.76
C VAL A 134 10.32 12.37 74.14
N GLY A 135 10.61 12.57 72.86
CA GLY A 135 11.71 11.88 72.23
C GLY A 135 13.03 12.58 72.48
N ASP A 136 14.10 11.94 72.01
CA ASP A 136 15.46 12.43 72.20
C ASP A 136 16.01 13.14 70.96
N ARG A 137 15.16 13.43 69.99
CA ARG A 137 15.61 14.05 68.76
C ARG A 137 14.74 15.26 68.45
N PRO A 138 15.31 16.29 67.82
CA PRO A 138 14.52 17.48 67.49
C PRO A 138 13.48 17.19 66.42
N VAL A 139 12.36 17.89 66.52
CA VAL A 139 11.24 17.75 65.58
C VAL A 139 10.82 19.15 65.12
N GLN A 140 10.68 19.32 63.81
CA GLN A 140 10.28 20.60 63.23
C GLN A 140 9.08 20.38 62.33
N ILE A 141 8.06 21.22 62.48
CA ILE A 141 6.77 21.04 61.82
C ILE A 141 6.46 22.29 61.00
N GLY A 142 6.10 22.08 59.73
CA GLY A 142 5.80 23.18 58.84
C GLY A 142 4.37 23.68 58.96
N SER A 143 4.09 24.77 58.23
CA SER A 143 2.85 25.49 58.39
C SER A 143 1.64 24.72 57.86
N HIS A 144 1.82 23.88 56.86
CA HIS A 144 0.71 23.19 56.23
C HIS A 144 0.70 21.68 56.45
N PHE A 145 1.50 21.20 57.40
CA PHE A 145 1.42 19.80 57.77
C PHE A 145 0.15 19.54 58.59
N HIS A 146 -0.51 18.42 58.32
CA HIS A 146 -1.65 18.01 59.12
C HIS A 146 -1.17 17.66 60.53
N PHE A 147 -1.43 18.54 61.49
CA PHE A 147 -0.79 18.42 62.79
C PHE A 147 -1.23 17.18 63.56
N PHE A 148 -2.35 16.58 63.17
CA PHE A 148 -2.78 15.33 63.78
C PHE A 148 -1.77 14.21 63.56
N GLU A 149 -1.00 14.28 62.47
CA GLU A 149 -0.14 13.19 62.03
C GLU A 149 1.34 13.47 62.19
N VAL A 150 1.71 14.36 63.12
CA VAL A 150 3.12 14.67 63.35
C VAL A 150 3.79 13.47 64.00
N ASN A 151 5.13 13.55 64.10
CA ASN A 151 5.95 12.52 64.73
C ASN A 151 5.28 11.95 65.98
N ARG A 152 5.22 10.62 66.04
CA ARG A 152 4.54 9.95 67.14
C ARG A 152 5.20 10.21 68.48
N CYS A 153 6.44 10.72 68.48
CA CYS A 153 7.11 11.05 69.73
C CYS A 153 6.60 12.33 70.36
N LEU A 154 5.93 13.19 69.61
CA LEU A 154 5.32 14.38 70.19
C LEU A 154 4.05 13.98 70.92
N ASP A 155 3.86 14.51 72.13
CA ASP A 155 2.71 14.17 72.96
C ASP A 155 1.84 15.40 73.14
N PHE A 156 0.56 15.27 72.81
CA PHE A 156 -0.41 16.34 72.91
C PHE A 156 -1.78 15.72 72.67
N ASP A 157 -2.83 16.48 72.97
CA ASP A 157 -4.19 15.99 72.83
C ASP A 157 -4.56 15.92 71.36
N ARG A 158 -4.26 14.79 70.72
CA ARG A 158 -4.39 14.68 69.27
C ARG A 158 -5.81 14.88 68.79
N GLU A 159 -6.80 14.51 69.61
CA GLU A 159 -8.19 14.62 69.19
C GLU A 159 -8.56 16.05 68.83
N LYS A 160 -8.03 17.02 69.57
CA LYS A 160 -8.34 18.42 69.30
C LYS A 160 -7.64 18.97 68.07
N THR A 161 -6.70 18.23 67.48
CA THR A 161 -5.89 18.74 66.39
C THR A 161 -6.27 18.12 65.04
N PHE A 162 -7.34 17.34 64.98
CA PHE A 162 -7.70 16.66 63.75
C PHE A 162 -8.24 17.65 62.72
N GLY A 163 -7.75 17.54 61.48
CA GLY A 163 -8.12 18.46 60.45
C GLY A 163 -7.55 19.86 60.59
N LYS A 164 -6.43 20.01 61.29
CA LYS A 164 -5.89 21.33 61.59
C LYS A 164 -4.43 21.40 61.20
N ARG A 165 -3.95 22.63 61.05
CA ARG A 165 -2.55 22.93 60.77
C ARG A 165 -2.13 24.11 61.61
N LEU A 166 -0.84 24.42 61.57
CA LEU A 166 -0.31 25.52 62.37
C LEU A 166 -0.72 26.87 61.82
N ASP A 167 -1.17 27.75 62.70
CA ASP A 167 -1.60 29.10 62.32
C ASP A 167 -0.40 30.04 62.34
N ILE A 168 0.54 29.77 61.43
CA ILE A 168 1.76 30.54 61.28
C ILE A 168 1.91 30.92 59.81
N ALA A 169 2.92 31.74 59.54
CA ALA A 169 3.17 32.18 58.18
C ALA A 169 3.50 31.00 57.27
N SER A 170 2.95 31.04 56.06
CA SER A 170 3.14 29.96 55.11
C SER A 170 4.62 29.75 54.82
N GLY A 171 5.06 28.50 54.91
CA GLY A 171 6.45 28.17 54.70
C GLY A 171 7.36 28.35 55.88
N THR A 172 6.84 28.74 57.04
CA THR A 172 7.62 28.79 58.27
C THR A 172 7.39 27.50 59.04
N ALA A 173 8.07 27.37 60.18
CA ALA A 173 8.01 26.14 60.94
C ALA A 173 8.13 26.41 62.42
N VAL A 174 7.70 25.44 63.22
CA VAL A 174 7.84 25.45 64.67
C VAL A 174 8.76 24.30 65.05
N ARG A 175 9.76 24.60 65.88
CA ARG A 175 10.73 23.60 66.30
C ARG A 175 10.41 23.11 67.71
N PHE A 176 10.68 21.83 67.94
CA PHE A 176 10.49 21.20 69.24
C PHE A 176 11.78 20.48 69.62
N GLU A 177 12.55 21.07 70.53
CA GLU A 177 13.74 20.44 71.02
C GLU A 177 13.39 19.23 71.88
N PRO A 178 14.29 18.27 71.99
CA PRO A 178 14.03 17.11 72.87
C PRO A 178 13.73 17.56 74.29
N GLY A 179 12.57 17.14 74.78
CA GLY A 179 12.11 17.55 76.10
C GLY A 179 11.42 18.89 76.14
N GLU A 180 11.35 19.61 75.03
CA GLU A 180 10.77 20.94 75.02
C GLU A 180 9.25 20.86 75.06
N GLU A 181 8.64 21.80 75.76
CA GLU A 181 7.20 21.88 75.90
C GLU A 181 6.76 23.30 75.62
N LYS A 182 5.80 23.45 74.70
CA LYS A 182 5.29 24.76 74.33
C LYS A 182 3.91 24.59 73.73
N SER A 183 3.17 25.69 73.68
CA SER A 183 1.83 25.70 73.12
C SER A 183 1.86 26.34 71.73
N VAL A 184 1.00 25.83 70.85
CA VAL A 184 0.93 26.30 69.48
C VAL A 184 -0.52 26.58 69.12
N GLU A 185 -0.70 27.37 68.07
CA GLU A 185 -2.02 27.71 67.56
C GLU A 185 -2.33 26.89 66.32
N LEU A 186 -3.54 26.34 66.26
CA LEU A 186 -3.96 25.52 65.14
C LEU A 186 -5.24 26.07 64.54
N ILE A 187 -5.27 26.19 63.22
CA ILE A 187 -6.46 26.58 62.49
C ILE A 187 -6.94 25.40 61.67
N ASP A 188 -8.20 25.46 61.25
CA ASP A 188 -8.75 24.43 60.39
C ASP A 188 -8.09 24.46 59.01
N ILE A 189 -7.88 23.27 58.45
CA ILE A 189 -7.42 23.16 57.08
C ILE A 189 -8.55 23.59 56.14
N GLY A 190 -8.19 24.32 55.09
CA GLY A 190 -9.15 24.88 54.17
C GLY A 190 -9.43 24.00 52.96
N GLY A 191 -10.04 24.62 51.95
CA GLY A 191 -10.32 23.91 50.72
C GLY A 191 -11.34 22.80 50.89
N ASN A 192 -11.10 21.69 50.22
CA ASN A 192 -12.00 20.54 50.29
C ASN A 192 -11.76 19.67 51.51
N ARG A 193 -10.75 19.98 52.31
CA ARG A 193 -10.40 19.22 53.51
C ARG A 193 -10.24 17.74 53.19
N ARG A 194 -9.53 17.46 52.10
CA ARG A 194 -9.22 16.10 51.67
C ARG A 194 -7.77 15.83 52.02
N ILE A 195 -7.55 15.03 53.06
CA ILE A 195 -6.22 14.84 53.63
C ILE A 195 -5.68 13.51 53.13
N PHE A 196 -4.63 13.57 52.30
CA PHE A 196 -4.00 12.38 51.75
C PHE A 196 -2.51 12.42 52.06
N GLY A 197 -1.97 11.27 52.48
CA GLY A 197 -0.60 11.20 52.90
C GLY A 197 -0.37 11.48 54.38
N PHE A 198 0.81 12.01 54.65
CA PHE A 198 1.34 12.52 55.91
C PHE A 198 1.64 11.48 56.99
N ASN A 199 0.84 10.44 57.10
CA ASN A 199 1.19 9.22 57.81
C ASN A 199 0.29 8.09 57.36
N ALA A 200 -0.58 8.39 56.38
CA ALA A 200 -1.67 7.52 55.97
C ALA A 200 -2.64 7.26 57.11
N LEU A 201 -2.86 8.26 57.96
CA LEU A 201 -3.81 8.13 59.06
C LEU A 201 -5.23 8.47 58.65
N VAL A 202 -5.41 9.33 57.65
CA VAL A 202 -6.75 9.68 57.19
C VAL A 202 -6.97 9.15 55.79
N ASP A 203 -6.24 9.70 54.82
CA ASP A 203 -6.32 9.31 53.40
C ASP A 203 -7.76 9.31 52.90
N ARG A 204 -8.53 10.30 53.30
CA ARG A 204 -9.92 10.44 52.87
C ARG A 204 -10.41 11.83 53.28
N GLN A 205 -11.71 12.07 53.07
CA GLN A 205 -12.35 13.29 53.53
C GLN A 205 -12.24 13.42 55.04
N ALA A 206 -11.92 14.62 55.50
CA ALA A 206 -11.84 14.91 56.94
C ALA A 206 -13.21 15.28 57.46
N ASP A 207 -13.68 14.55 58.46
CA ASP A 207 -14.94 14.84 59.13
C ASP A 207 -14.99 14.02 60.40
N ASN A 208 -16.12 14.13 61.12
CA ASN A 208 -16.25 13.45 62.41
C ASN A 208 -16.21 11.94 62.25
N GLU A 209 -16.83 11.42 61.18
CA GLU A 209 -16.81 9.98 60.97
C GLU A 209 -15.39 9.47 60.72
N SER A 210 -14.60 10.21 59.95
CA SER A 210 -13.23 9.78 59.68
C SER A 210 -12.28 10.10 60.83
N LYS A 211 -12.67 10.99 61.74
CA LYS A 211 -11.83 11.26 62.90
C LYS A 211 -11.75 10.03 63.81
N LYS A 212 -12.82 9.26 63.93
CA LYS A 212 -12.79 8.04 64.73
C LYS A 212 -11.83 7.01 64.11
N ILE A 213 -11.90 6.83 62.80
CA ILE A 213 -10.98 5.91 62.13
C ILE A 213 -9.55 6.36 62.32
N ALA A 214 -9.30 7.66 62.17
CA ALA A 214 -7.96 8.19 62.34
C ALA A 214 -7.44 7.99 63.76
N LEU A 215 -8.30 8.23 64.76
CA LEU A 215 -7.90 8.04 66.15
C LEU A 215 -7.56 6.58 66.43
N HIS A 216 -8.38 5.67 65.92
CA HIS A 216 -8.10 4.25 66.11
C HIS A 216 -6.80 3.84 65.45
N ARG A 217 -6.57 4.29 64.22
CA ARG A 217 -5.32 3.99 63.53
C ARG A 217 -4.12 4.56 64.26
N ALA A 218 -4.26 5.78 64.78
CA ALA A 218 -3.18 6.43 65.50
C ALA A 218 -2.84 5.66 66.77
N LYS A 219 -3.87 5.23 67.50
CA LYS A 219 -3.64 4.46 68.72
C LYS A 219 -2.96 3.13 68.42
N GLU A 220 -3.41 2.45 67.35
CA GLU A 220 -2.77 1.18 67.00
C GLU A 220 -1.31 1.36 66.63
N ARG A 221 -0.95 2.51 66.09
CA ARG A 221 0.41 2.76 65.63
C ARG A 221 1.24 3.56 66.62
N GLY A 222 0.76 3.70 67.86
CA GLY A 222 1.55 4.30 68.92
C GLY A 222 1.86 5.77 68.79
N PHE A 223 0.87 6.59 68.41
CA PHE A 223 1.03 8.03 68.38
C PHE A 223 0.64 8.59 69.75
N HIS A 224 1.55 9.32 70.38
CA HIS A 224 1.34 9.75 71.75
C HIS A 224 0.21 10.75 71.85
N GLY A 225 -0.47 10.73 72.99
CA GLY A 225 -1.58 11.63 73.21
C GLY A 225 -2.86 11.23 72.50
N THR A 226 -2.91 10.04 71.94
CA THR A 226 -4.10 9.56 71.24
C THR A 226 -4.94 8.74 72.20
N LYS A 227 -6.18 9.17 72.42
CA LYS A 227 -7.11 8.49 73.32
C LYS A 227 -8.37 8.19 72.52
N SER A 228 -8.37 7.04 71.83
CA SER A 228 -9.55 6.56 71.13
C SER A 228 -10.18 5.44 71.96
N ASP A 229 -11.48 5.54 72.16
CA ASP A 229 -12.16 4.66 73.10
C ASP A 229 -12.03 3.20 72.70
N ASP A 230 -11.91 2.33 73.70
CA ASP A 230 -11.86 0.89 73.44
C ASP A 230 -13.22 0.42 72.96
N ASN A 231 -13.30 -0.88 72.64
CA ASN A 231 -14.47 -1.46 71.98
C ASN A 231 -14.78 -0.70 70.69
N TYR A 232 -13.72 -0.46 69.92
CA TYR A 232 -13.85 0.22 68.64
C TYR A 232 -14.66 -0.64 67.67
N VAL A 233 -15.57 0.01 66.94
CA VAL A 233 -16.40 -0.69 65.96
C VAL A 233 -15.85 -0.38 64.59
N LYS A 234 -15.39 -1.41 63.90
CA LYS A 234 -14.85 -1.24 62.56
C LYS A 234 -15.96 -0.96 61.56
N THR A 235 -15.60 -0.26 60.48
CA THR A 235 -16.47 -0.05 59.35
C THR A 235 -16.11 -1.03 58.23
N ILE A 236 -16.90 -1.01 57.17
CA ILE A 236 -16.67 -1.92 56.06
C ILE A 236 -15.39 -1.58 55.29
N LYS A 237 -14.90 -0.35 55.38
CA LYS A 237 -13.67 0.05 54.69
C LYS A 237 -12.78 0.80 55.66
N GLU A 238 -11.66 0.19 56.02
CA GLU A 238 -10.73 0.78 56.97
C GLU A 238 -9.31 0.75 56.43
N MET B 1 -5.92 33.27 62.42
CA MET B 1 -5.73 34.67 62.09
C MET B 1 -4.54 35.25 62.86
N LYS B 2 -3.51 35.63 62.13
CA LYS B 2 -2.30 36.18 62.71
C LYS B 2 -1.89 37.42 61.92
N LYS B 3 -1.16 38.31 62.58
CA LYS B 3 -0.64 39.53 61.96
C LYS B 3 0.82 39.32 61.58
N ILE B 4 1.17 39.71 60.36
CA ILE B 4 2.55 39.62 59.87
C ILE B 4 2.97 41.02 59.43
N SER B 5 4.14 41.45 59.89
CA SER B 5 4.65 42.75 59.47
C SER B 5 4.96 42.74 57.97
N ARG B 6 4.73 43.88 57.33
CA ARG B 6 4.93 43.98 55.89
C ARG B 6 6.37 43.65 55.50
N LYS B 7 7.33 44.02 56.35
CA LYS B 7 8.73 43.77 56.01
C LYS B 7 9.02 42.29 55.87
N GLU B 8 8.66 41.50 56.88
CA GLU B 8 8.95 40.07 56.80
C GLU B 8 8.08 39.37 55.77
N TYR B 9 6.85 39.84 55.58
CA TYR B 9 6.01 39.28 54.52
C TYR B 9 6.65 39.48 53.15
N VAL B 10 7.15 40.69 52.89
CA VAL B 10 7.75 40.96 51.59
C VAL B 10 9.05 40.20 51.44
N SER B 11 9.81 40.05 52.52
CA SER B 11 11.03 39.26 52.45
C SER B 11 10.74 37.80 52.15
N MET B 12 9.59 37.29 52.59
CA MET B 12 9.28 35.89 52.34
C MET B 12 8.64 35.66 50.97
N TYR B 13 7.72 36.54 50.54
CA TYR B 13 6.92 36.28 49.36
C TYR B 13 7.00 37.36 48.30
N GLY B 14 7.76 38.43 48.51
CA GLY B 14 7.81 39.52 47.57
C GLY B 14 6.82 40.62 47.90
N PRO B 15 6.87 41.71 47.15
CA PRO B 15 5.95 42.82 47.40
C PRO B 15 4.50 42.44 47.14
N THR B 16 3.61 43.07 47.88
CA THR B 16 2.18 42.82 47.75
C THR B 16 1.49 44.13 47.37
N THR B 17 0.16 44.12 47.36
CA THR B 17 -0.59 45.27 46.87
C THR B 17 -0.24 46.53 47.65
N GLY B 18 0.03 47.61 46.92
CA GLY B 18 0.40 48.87 47.49
C GLY B 18 1.88 49.09 47.68
N ASP B 19 2.67 48.03 47.67
CA ASP B 19 4.11 48.16 47.74
C ASP B 19 4.67 48.69 46.42
N LYS B 20 5.82 49.32 46.52
CA LYS B 20 6.49 49.91 45.37
C LYS B 20 7.92 49.41 45.29
N VAL B 21 8.42 49.25 44.07
CA VAL B 21 9.77 48.76 43.86
C VAL B 21 10.45 49.62 42.79
N ARG B 22 11.70 50.00 43.05
CA ARG B 22 12.50 50.69 42.06
C ARG B 22 12.95 49.72 40.97
N LEU B 23 12.96 50.20 39.73
CA LEU B 23 13.38 49.41 38.58
C LEU B 23 14.84 49.73 38.29
N GLY B 24 15.72 48.76 38.51
CA GLY B 24 17.13 48.98 38.28
C GLY B 24 17.65 50.11 39.13
N ASP B 25 18.60 50.87 38.57
CA ASP B 25 19.11 52.07 39.21
C ASP B 25 18.45 53.33 38.68
N THR B 26 17.27 53.20 38.08
CA THR B 26 16.55 54.33 37.51
C THR B 26 15.74 55.03 38.59
N ASP B 27 14.90 55.98 38.17
CA ASP B 27 13.96 56.64 39.05
C ASP B 27 12.52 56.16 38.85
N LEU B 28 12.30 55.18 38.00
CA LEU B 28 10.97 54.67 37.74
C LEU B 28 10.53 53.76 38.88
N ILE B 29 9.34 54.01 39.41
CA ILE B 29 8.82 53.30 40.57
C ILE B 29 7.58 52.53 40.14
N ALA B 30 7.59 51.23 40.35
CA ALA B 30 6.47 50.37 40.01
C ALA B 30 5.68 50.02 41.27
N GLU B 31 4.37 50.17 41.21
CA GLU B 31 3.49 49.86 42.32
C GLU B 31 2.66 48.64 41.98
N VAL B 32 2.62 47.67 42.90
CA VAL B 32 1.80 46.48 42.71
C VAL B 32 0.34 46.88 42.80
N GLU B 33 -0.42 46.63 41.72
CA GLU B 33 -1.80 47.07 41.64
C GLU B 33 -2.75 46.10 42.30
N HIS B 34 -2.49 44.80 42.19
CA HIS B 34 -3.40 43.78 42.67
C HIS B 34 -2.60 42.53 43.01
N ASP B 35 -3.17 41.70 43.88
CA ASP B 35 -2.55 40.45 44.29
C ASP B 35 -3.57 39.33 44.19
N TYR B 36 -3.20 38.23 43.55
CA TYR B 36 -4.07 37.08 43.39
C TYR B 36 -3.96 36.09 44.53
N THR B 37 -3.19 36.38 45.55
CA THR B 37 -2.90 35.39 46.57
C THR B 37 -3.92 35.45 47.70
N ILE B 38 -4.07 34.35 48.41
CA ILE B 38 -4.79 34.31 49.66
C ILE B 38 -3.77 34.34 50.78
N TYR B 39 -3.84 35.38 51.60
CA TYR B 39 -2.84 35.57 52.66
C TYR B 39 -2.86 34.40 53.62
N GLY B 40 -1.71 33.75 53.78
CA GLY B 40 -1.60 32.53 54.54
C GLY B 40 -1.58 31.27 53.71
N GLU B 41 -1.71 31.37 52.39
CA GLU B 41 -1.73 30.20 51.52
C GLU B 41 -0.69 30.28 50.42
N GLU B 42 0.37 31.07 50.62
CA GLU B 42 1.36 31.28 49.56
C GLU B 42 2.13 30.00 49.26
N LEU B 43 2.55 29.88 48.01
CA LEU B 43 3.32 28.72 47.57
C LEU B 43 4.81 29.00 47.78
N LYS B 44 5.45 28.17 48.59
CA LYS B 44 6.87 28.26 48.83
C LYS B 44 7.49 26.89 48.64
N PHE B 45 8.64 26.84 47.98
CA PHE B 45 9.35 25.60 47.76
C PHE B 45 10.61 25.54 48.60
N GLY B 46 10.88 24.38 49.16
CA GLY B 46 12.03 24.18 50.02
C GLY B 46 11.74 23.11 51.03
N GLY B 47 12.71 22.92 51.94
CA GLY B 47 12.55 21.93 52.99
C GLY B 47 11.56 22.41 54.03
N GLY B 48 10.54 21.59 54.31
CA GLY B 48 9.55 21.94 55.30
C GLY B 48 8.54 22.98 54.86
N LYS B 49 8.50 23.31 53.58
CA LYS B 49 7.63 24.36 53.09
C LYS B 49 6.36 23.77 52.49
N THR B 50 5.60 24.61 51.78
CA THR B 50 4.23 24.24 51.41
C THR B 50 4.17 23.35 50.18
N LEU B 51 5.06 23.55 49.21
CA LEU B 51 4.98 22.84 47.95
C LEU B 51 5.39 21.39 48.08
N ARG B 52 4.63 20.61 48.82
CA ARG B 52 4.96 19.23 49.12
C ARG B 52 3.74 18.35 48.94
N GLU B 53 4.00 17.06 48.79
CA GLU B 53 2.96 16.08 48.56
C GLU B 53 1.88 16.15 49.63
N GLY B 54 0.65 16.41 49.20
CA GLY B 54 -0.48 16.46 50.09
C GLY B 54 -0.80 17.82 50.70
N MET B 55 0.04 18.83 50.49
CA MET B 55 -0.24 20.15 51.02
C MET B 55 -0.51 21.19 49.94
N SER B 56 0.46 21.44 49.07
CA SER B 56 0.27 22.34 47.94
C SER B 56 0.45 21.65 46.61
N GLN B 57 1.18 20.54 46.56
CA GLN B 57 1.11 19.62 45.46
C GLN B 57 -0.01 18.63 45.73
N SER B 58 -0.93 18.50 44.79
CA SER B 58 -2.10 17.67 45.00
C SER B 58 -1.75 16.20 44.83
N ASN B 59 -2.34 15.37 45.70
CA ASN B 59 -2.30 13.92 45.51
C ASN B 59 -3.41 13.43 44.61
N ASN B 60 -4.38 14.27 44.29
CA ASN B 60 -5.45 13.96 43.34
C ASN B 60 -5.58 15.15 42.39
N PRO B 61 -4.61 15.35 41.52
CA PRO B 61 -4.59 16.57 40.71
C PRO B 61 -5.69 16.56 39.65
N SER B 62 -6.01 17.76 39.18
CA SER B 62 -6.89 17.87 38.03
C SER B 62 -6.19 17.32 36.79
N LYS B 63 -6.95 17.17 35.71
CA LYS B 63 -6.36 16.67 34.48
C LYS B 63 -5.60 17.74 33.71
N GLU B 64 -5.77 19.01 34.06
CA GLU B 64 -5.01 20.12 33.49
C GLU B 64 -3.83 20.47 34.36
N GLU B 65 -3.21 19.45 34.95
CA GLU B 65 -2.07 19.62 35.83
C GLU B 65 -0.92 20.35 35.13
N LEU B 66 -0.31 21.27 35.85
CA LEU B 66 0.73 22.12 35.28
C LEU B 66 2.04 21.37 35.11
N ASP B 67 2.82 21.76 34.09
CA ASP B 67 4.19 21.28 33.97
C ASP B 67 5.13 22.11 34.83
N LEU B 68 4.89 23.42 34.88
CA LEU B 68 5.76 24.37 35.55
C LEU B 68 4.89 25.44 36.17
N ILE B 69 5.23 25.85 37.39
CA ILE B 69 4.55 26.97 38.04
C ILE B 69 5.60 27.92 38.58
N ILE B 70 5.36 29.21 38.37
CA ILE B 70 6.21 30.27 38.91
C ILE B 70 5.43 30.93 40.04
N THR B 71 5.95 30.81 41.25
CA THR B 71 5.23 31.24 42.44
C THR B 71 5.60 32.65 42.83
N ASN B 72 4.59 33.43 43.21
CA ASN B 72 4.78 34.74 43.84
C ASN B 72 5.51 35.71 42.92
N ALA B 73 5.19 35.66 41.64
CA ALA B 73 5.83 36.50 40.64
C ALA B 73 5.17 37.85 40.56
N LEU B 74 5.98 38.90 40.47
CA LEU B 74 5.50 40.23 40.14
C LEU B 74 5.49 40.37 38.62
N ILE B 75 4.31 40.41 38.04
CA ILE B 75 4.17 40.50 36.59
C ILE B 75 4.18 41.98 36.19
N VAL B 76 5.08 42.33 35.28
CA VAL B 76 5.09 43.65 34.67
C VAL B 76 4.75 43.45 33.20
N ASP B 77 3.55 43.87 32.84
CA ASP B 77 2.98 43.64 31.52
C ASP B 77 2.20 44.88 31.16
N TYR B 78 1.85 45.01 29.87
CA TYR B 78 0.99 46.14 29.50
C TYR B 78 -0.42 45.97 30.05
N THR B 79 -0.82 44.74 30.38
CA THR B 79 -2.12 44.51 30.99
C THR B 79 -2.15 44.83 32.47
N GLY B 80 -1.01 45.08 33.10
CA GLY B 80 -1.00 45.50 34.49
C GLY B 80 0.26 45.07 35.20
N ILE B 81 0.43 45.62 36.39
CA ILE B 81 1.57 45.32 37.26
C ILE B 81 0.99 44.73 38.54
N TYR B 82 1.12 43.41 38.70
CA TYR B 82 0.40 42.72 39.76
C TYR B 82 1.14 41.44 40.14
N LYS B 83 0.77 40.88 41.28
CA LYS B 83 1.34 39.65 41.81
C LYS B 83 0.43 38.47 41.54
N ALA B 84 0.99 37.38 41.04
CA ALA B 84 0.23 36.17 40.79
C ALA B 84 1.19 35.00 40.67
N ASP B 85 0.62 33.81 40.51
CA ASP B 85 1.36 32.63 40.12
C ASP B 85 1.10 32.36 38.65
N ILE B 86 2.14 32.00 37.92
CA ILE B 86 2.04 31.71 36.50
C ILE B 86 2.21 30.21 36.33
N GLY B 87 1.21 29.59 35.71
CA GLY B 87 1.26 28.17 35.40
C GLY B 87 1.50 27.96 33.91
N ILE B 88 2.40 27.03 33.61
CA ILE B 88 2.80 26.72 32.24
C ILE B 88 2.44 25.27 31.96
N LYS B 89 1.73 25.03 30.87
CA LYS B 89 1.39 23.68 30.45
C LYS B 89 1.52 23.58 28.94
N ASP B 90 2.38 22.67 28.48
CA ASP B 90 2.55 22.37 27.06
C ASP B 90 3.01 23.58 26.25
N GLY B 91 3.96 24.32 26.81
CA GLY B 91 4.56 25.44 26.12
C GLY B 91 3.73 26.70 26.12
N LYS B 92 2.51 26.65 26.62
CA LYS B 92 1.64 27.83 26.69
C LYS B 92 1.51 28.28 28.14
N ILE B 93 1.05 29.51 28.32
CA ILE B 93 0.66 29.99 29.63
C ILE B 93 -0.74 29.47 29.91
N ALA B 94 -0.84 28.56 30.88
CA ALA B 94 -2.10 27.89 31.17
C ALA B 94 -2.98 28.68 32.15
N GLY B 95 -2.38 29.41 33.08
CA GLY B 95 -3.17 30.14 34.05
C GLY B 95 -2.35 31.20 34.75
N ILE B 96 -3.05 32.24 35.19
CA ILE B 96 -2.47 33.31 36.01
C ILE B 96 -3.39 33.51 37.20
N GLY B 97 -2.84 33.34 38.40
CA GLY B 97 -3.67 33.50 39.57
C GLY B 97 -3.12 32.87 40.82
N LYS B 98 -3.96 32.12 41.54
CA LYS B 98 -3.58 31.66 42.86
C LYS B 98 -2.66 30.44 42.79
N GLY B 99 -3.13 29.34 42.22
CA GLY B 99 -2.27 28.18 42.09
C GLY B 99 -2.09 27.39 43.38
N GLY B 100 -2.12 26.07 43.28
CA GLY B 100 -1.97 25.25 44.47
C GLY B 100 -2.75 23.96 44.45
N ASN B 101 -3.20 23.52 45.63
CA ASN B 101 -3.87 22.25 45.78
C ASN B 101 -5.29 22.49 46.28
N LYS B 102 -6.26 22.03 45.52
CA LYS B 102 -7.66 22.21 45.86
C LYS B 102 -8.08 21.39 47.07
N ASP B 103 -7.35 20.32 47.40
CA ASP B 103 -7.68 19.51 48.57
C ASP B 103 -7.45 20.26 49.87
N MET B 104 -6.49 21.17 49.91
CA MET B 104 -6.11 21.83 51.15
C MET B 104 -6.23 23.34 51.11
N GLN B 105 -6.61 23.94 49.98
CA GLN B 105 -6.62 25.39 49.83
C GLN B 105 -7.86 25.81 49.07
N ASP B 106 -8.33 27.03 49.34
CA ASP B 106 -9.66 27.45 48.93
C ASP B 106 -9.74 27.84 47.46
N GLY B 107 -9.01 28.88 47.05
CA GLY B 107 -9.25 29.47 45.75
C GLY B 107 -8.41 28.95 44.60
N VAL B 108 -8.46 27.65 44.31
CA VAL B 108 -7.62 27.03 43.29
C VAL B 108 -8.52 26.54 42.17
N LYS B 109 -8.28 27.03 40.95
CA LYS B 109 -9.03 26.62 39.77
C LYS B 109 -8.27 25.53 39.02
N ASN B 110 -9.01 24.78 38.21
CA ASN B 110 -8.46 23.56 37.60
C ASN B 110 -7.26 23.84 36.72
N ASN B 111 -7.18 25.04 36.14
CA ASN B 111 -6.05 25.34 35.26
C ASN B 111 -4.80 25.73 36.02
N LEU B 112 -4.86 25.89 37.34
CA LEU B 112 -3.72 26.28 38.14
C LEU B 112 -3.38 25.21 39.18
N SER B 113 -3.68 23.96 38.88
CA SER B 113 -3.49 22.87 39.82
C SER B 113 -2.05 22.37 39.79
N VAL B 114 -1.44 22.32 40.96
CA VAL B 114 -0.09 21.79 41.12
C VAL B 114 -0.21 20.32 41.53
N GLY B 115 0.39 19.45 40.73
CA GLY B 115 0.38 18.04 41.03
C GLY B 115 1.78 17.47 40.98
N PRO B 116 1.86 16.14 40.94
CA PRO B 116 3.18 15.49 40.91
C PRO B 116 3.98 15.73 39.63
N ALA B 117 3.34 16.19 38.56
CA ALA B 117 4.03 16.45 37.30
C ALA B 117 4.55 17.88 37.18
N THR B 118 4.43 18.69 38.22
CA THR B 118 4.73 20.11 38.15
C THR B 118 6.14 20.40 38.67
N GLU B 119 6.88 21.19 37.92
CA GLU B 119 8.14 21.74 38.38
C GLU B 119 7.91 23.09 39.03
N ALA B 120 8.72 23.40 40.04
CA ALA B 120 8.57 24.62 40.82
C ALA B 120 9.68 25.60 40.47
N LEU B 121 9.29 26.83 40.16
CA LEU B 121 10.22 27.93 39.95
C LEU B 121 9.84 29.06 40.89
N ALA B 122 10.75 29.44 41.78
CA ALA B 122 10.47 30.49 42.75
C ALA B 122 10.61 31.85 42.10
N GLY B 123 9.61 32.69 42.28
CA GLY B 123 9.64 34.02 41.71
C GLY B 123 9.48 35.13 42.73
N GLU B 124 9.49 34.78 44.01
CA GLU B 124 9.33 35.78 45.05
C GLU B 124 10.46 36.79 45.00
N GLY B 125 10.11 38.06 45.03
CA GLY B 125 11.09 39.12 44.87
C GLY B 125 11.59 39.32 43.47
N LEU B 126 10.98 38.69 42.48
CA LEU B 126 11.41 38.80 41.10
C LEU B 126 10.30 39.37 40.23
N ILE B 127 10.70 39.85 39.06
CA ILE B 127 9.79 40.43 38.08
C ILE B 127 9.71 39.48 36.88
N VAL B 128 8.51 39.27 36.37
CA VAL B 128 8.29 38.51 35.15
C VAL B 128 7.72 39.44 34.10
N THR B 129 8.41 39.56 32.97
CA THR B 129 7.91 40.23 31.79
C THR B 129 7.87 39.24 30.63
N ALA B 130 7.17 39.63 29.57
CA ALA B 130 7.24 38.87 28.34
C ALA B 130 8.61 39.02 27.70
N GLY B 131 8.99 38.03 26.91
CA GLY B 131 10.20 38.14 26.12
C GLY B 131 10.13 39.31 25.15
N GLY B 132 11.25 39.98 24.97
CA GLY B 132 11.31 41.09 24.05
C GLY B 132 11.22 40.65 22.60
N ILE B 133 10.76 41.56 21.76
CA ILE B 133 10.62 41.31 20.33
C ILE B 133 11.37 42.40 19.58
N ASP B 134 12.38 41.99 18.82
CA ASP B 134 13.20 42.91 18.04
C ASP B 134 12.83 42.73 16.58
N THR B 135 12.37 43.80 15.94
CA THR B 135 11.81 43.73 14.60
C THR B 135 12.67 44.41 13.54
N HIS B 136 13.91 44.77 13.86
CA HIS B 136 14.81 45.43 12.93
C HIS B 136 16.18 44.75 12.94
N ILE B 137 16.19 43.43 12.75
CA ILE B 137 17.41 42.66 12.78
C ILE B 137 18.04 42.60 11.40
N HIS B 138 19.29 43.00 11.30
CA HIS B 138 20.14 42.66 10.14
C HIS B 138 20.83 41.34 10.46
N PHE B 139 20.44 40.27 9.78
CA PHE B 139 21.04 38.96 10.03
C PHE B 139 22.43 38.93 9.40
N ILE B 140 23.36 39.58 10.08
CA ILE B 140 24.72 39.74 9.61
C ILE B 140 25.64 38.67 10.18
N SER B 141 25.49 38.33 11.46
CA SER B 141 26.24 37.25 12.07
C SER B 141 25.34 36.46 12.99
N PRO B 142 25.48 35.14 13.02
CA PRO B 142 24.70 34.34 13.97
C PRO B 142 24.96 34.69 15.42
N GLN B 143 26.12 35.25 15.75
CA GLN B 143 26.46 35.61 17.11
C GLN B 143 25.57 36.71 17.68
N GLN B 144 24.84 37.43 16.84
CA GLN B 144 23.85 38.38 17.32
C GLN B 144 22.75 37.70 18.12
N ILE B 145 22.38 36.48 17.75
CA ILE B 145 21.25 35.82 18.38
C ILE B 145 21.50 35.52 19.85
N PRO B 146 22.63 34.91 20.25
CA PRO B 146 22.89 34.76 21.69
C PRO B 146 23.00 36.08 22.42
N THR B 147 23.52 37.12 21.77
CA THR B 147 23.66 38.42 22.42
C THR B 147 22.30 39.02 22.74
N ALA B 148 21.38 38.97 21.77
CA ALA B 148 20.04 39.48 22.02
C ALA B 148 19.29 38.60 23.02
N PHE B 149 19.56 37.29 23.00
CA PHE B 149 18.92 36.38 23.94
C PHE B 149 19.30 36.72 25.37
N ALA B 150 20.58 37.02 25.63
CA ALA B 150 21.04 37.29 26.97
C ALA B 150 20.54 38.62 27.52
N SER B 151 20.00 39.49 26.66
CA SER B 151 19.48 40.77 27.10
C SER B 151 17.97 40.76 27.34
N GLY B 152 17.29 39.65 27.05
CA GLY B 152 15.86 39.55 27.25
C GLY B 152 15.01 39.51 26.01
N VAL B 153 15.59 39.39 24.83
CA VAL B 153 14.85 39.31 23.59
C VAL B 153 14.64 37.85 23.23
N THR B 154 13.39 37.48 22.94
CA THR B 154 13.05 36.10 22.58
C THR B 154 12.55 35.93 21.15
N THR B 155 12.28 37.01 20.43
CA THR B 155 11.88 36.94 19.02
C THR B 155 12.70 37.96 18.24
N MET B 156 13.31 37.51 17.16
CA MET B 156 14.02 38.40 16.23
C MET B 156 13.35 38.32 14.88
N ILE B 157 12.96 39.48 14.35
CA ILE B 157 12.37 39.59 13.03
C ILE B 157 13.26 40.51 12.20
N GLY B 158 13.59 40.09 11.00
CA GLY B 158 14.42 40.89 10.13
C GLY B 158 14.77 40.16 8.86
N GLY B 159 15.88 40.53 8.23
CA GLY B 159 16.30 39.86 7.02
C GLY B 159 17.80 39.93 6.86
N GLY B 160 18.30 39.12 5.96
CA GLY B 160 19.72 39.06 5.66
C GLY B 160 20.14 37.66 5.33
N THR B 161 21.33 37.54 4.75
CA THR B 161 21.92 36.26 4.42
C THR B 161 23.27 36.06 5.07
N GLY B 162 23.79 37.07 5.78
CA GLY B 162 25.10 37.00 6.35
C GLY B 162 25.87 38.28 6.14
N PRO B 163 27.18 38.22 6.21
CA PRO B 163 28.00 39.43 6.17
C PRO B 163 28.18 40.00 4.76
N ALA B 164 27.29 39.64 3.85
CA ALA B 164 27.26 40.24 2.53
C ALA B 164 26.89 41.72 2.60
N ASP B 165 27.37 42.48 1.62
CA ASP B 165 27.18 43.92 1.62
C ASP B 165 25.71 44.31 1.54
N GLY B 166 24.90 43.53 0.82
CA GLY B 166 23.47 43.79 0.80
C GLY B 166 22.84 43.65 2.17
N THR B 167 23.28 42.67 2.95
CA THR B 167 22.76 42.50 4.29
C THR B 167 23.33 43.53 5.26
N ASN B 168 24.59 43.93 5.08
CA ASN B 168 25.16 44.96 5.94
C ASN B 168 24.39 46.27 5.85
N ALA B 169 23.64 46.47 4.77
CA ALA B 169 22.83 47.66 4.58
C ALA B 169 21.35 47.42 4.84
N THR B 170 20.82 46.24 4.49
CA THR B 170 19.38 46.03 4.44
C THR B 170 18.99 44.80 5.25
N THR B 171 17.78 44.84 5.81
CA THR B 171 17.19 43.67 6.48
C THR B 171 16.37 42.86 5.48
N ILE B 172 17.05 42.36 4.46
CA ILE B 172 16.40 41.72 3.33
C ILE B 172 16.98 40.33 3.13
N THR B 173 16.10 39.33 3.06
CA THR B 173 16.46 37.99 2.61
C THR B 173 15.87 37.81 1.22
N PRO B 174 16.65 37.99 0.17
CA PRO B 174 16.06 38.10 -1.18
C PRO B 174 15.85 36.76 -1.87
N GLY B 175 14.61 36.42 -2.16
CA GLY B 175 14.30 35.32 -3.05
C GLY B 175 14.10 34.00 -2.32
N ARG B 176 13.51 33.06 -3.06
CA ARG B 176 13.09 31.78 -2.52
C ARG B 176 14.29 30.98 -2.00
N ARG B 177 15.37 30.91 -2.78
CA ARG B 177 16.51 30.08 -2.40
C ARG B 177 17.20 30.63 -1.15
N ASN B 178 17.38 31.95 -1.07
CA ASN B 178 17.97 32.54 0.12
C ASN B 178 17.06 32.40 1.33
N LEU B 179 15.74 32.48 1.13
CA LEU B 179 14.81 32.19 2.21
C LEU B 179 14.97 30.76 2.70
N LYS B 180 15.12 29.81 1.78
CA LYS B 180 15.31 28.43 2.18
C LYS B 180 16.61 28.26 2.97
N TRP B 181 17.68 28.91 2.52
CA TRP B 181 18.94 28.90 3.27
C TRP B 181 18.72 29.36 4.70
N MET B 182 18.08 30.51 4.87
CA MET B 182 17.95 31.07 6.22
C MET B 182 16.97 30.28 7.08
N LEU B 183 15.90 29.76 6.48
CA LEU B 183 14.94 28.96 7.23
C LEU B 183 15.56 27.65 7.71
N ARG B 184 16.43 27.03 6.90
CA ARG B 184 17.09 25.82 7.37
C ARG B 184 18.23 26.14 8.35
N ALA B 185 18.86 27.30 8.23
CA ALA B 185 19.84 27.68 9.23
C ALA B 185 19.18 27.98 10.57
N ALA B 186 17.93 28.45 10.56
CA ALA B 186 17.27 28.88 11.78
C ALA B 186 17.09 27.74 12.78
N GLU B 187 17.07 26.49 12.32
CA GLU B 187 16.94 25.32 13.17
C GLU B 187 18.00 25.24 14.26
N GLU B 188 19.07 26.04 14.16
CA GLU B 188 20.17 26.01 15.10
C GLU B 188 19.85 26.72 16.41
N TYR B 189 19.00 27.74 16.38
CA TYR B 189 19.05 28.82 17.36
C TYR B 189 17.94 28.75 18.39
N SER B 190 18.22 29.34 19.55
CA SER B 190 17.23 29.56 20.61
C SER B 190 16.72 30.98 20.46
N MET B 191 15.73 31.15 19.59
CA MET B 191 15.12 32.43 19.28
C MET B 191 13.94 32.16 18.35
N ASN B 192 12.86 32.90 18.54
CA ASN B 192 11.80 32.92 17.54
C ASN B 192 12.26 33.78 16.36
N LEU B 193 12.08 33.28 15.15
CA LEU B 193 12.62 33.93 13.97
C LEU B 193 11.56 34.08 12.89
N GLY B 194 11.63 35.20 12.18
CA GLY B 194 10.85 35.42 10.98
C GLY B 194 11.64 36.32 10.07
N PHE B 195 11.44 36.15 8.76
CA PHE B 195 12.30 36.78 7.78
C PHE B 195 11.51 37.66 6.82
N LEU B 196 12.08 38.82 6.52
CA LEU B 196 11.50 39.76 5.57
C LEU B 196 12.13 39.59 4.20
N ALA B 197 11.31 39.68 3.16
CA ALA B 197 11.74 39.52 1.78
C ALA B 197 12.11 40.88 1.17
N LYS B 198 12.53 40.86 -0.09
CA LYS B 198 12.83 42.09 -0.80
C LYS B 198 11.55 42.68 -1.36
N GLY B 199 11.22 43.90 -0.95
CA GLY B 199 10.07 44.58 -1.48
C GLY B 199 10.42 45.53 -2.59
N ASN B 200 11.71 45.71 -2.83
CA ASN B 200 12.20 46.67 -3.82
C ASN B 200 12.17 46.06 -5.22
N THR B 201 10.96 45.89 -5.72
CA THR B 201 10.77 45.49 -7.10
C THR B 201 9.38 45.93 -7.52
N SER B 202 9.21 46.08 -8.83
CA SER B 202 7.93 46.41 -9.42
C SER B 202 7.26 45.20 -10.05
N ASN B 203 7.85 44.02 -9.91
CA ASN B 203 7.31 42.79 -10.45
C ASN B 203 6.45 42.12 -9.38
N ASP B 204 5.15 42.03 -9.64
CA ASP B 204 4.24 41.44 -8.65
C ASP B 204 4.49 39.95 -8.47
N ALA B 205 4.82 39.23 -9.54
CA ALA B 205 5.07 37.80 -9.43
C ALA B 205 6.28 37.52 -8.54
N SER B 206 7.34 38.31 -8.70
CA SER B 206 8.52 38.16 -7.87
C SER B 206 8.21 38.44 -6.40
N LEU B 207 7.37 39.44 -6.14
CA LEU B 207 6.97 39.73 -4.76
C LEU B 207 6.17 38.59 -4.17
N ALA B 208 5.21 38.07 -4.93
CA ALA B 208 4.34 37.02 -4.40
C ALA B 208 5.11 35.74 -4.13
N ASP B 209 6.10 35.44 -4.97
CA ASP B 209 6.86 34.21 -4.83
C ASP B 209 7.63 34.18 -3.51
N GLN B 210 8.18 35.32 -3.11
CA GLN B 210 8.93 35.38 -1.85
C GLN B 210 8.02 35.13 -0.65
N ILE B 211 6.79 35.65 -0.68
CA ILE B 211 5.87 35.40 0.41
C ILE B 211 5.49 33.93 0.48
N GLU B 212 5.20 33.33 -0.67
CA GLU B 212 4.87 31.91 -0.72
C GLU B 212 6.06 31.03 -0.37
N ALA B 213 7.27 31.57 -0.41
CA ALA B 213 8.48 30.85 -0.04
C ALA B 213 8.80 30.94 1.45
N GLY B 214 7.97 31.63 2.23
CA GLY B 214 8.11 31.62 3.67
C GLY B 214 8.38 32.95 4.34
N ALA B 215 8.50 34.06 3.61
CA ALA B 215 8.74 35.34 4.25
C ALA B 215 7.48 35.86 4.92
N ILE B 216 7.67 36.59 6.03
CA ILE B 216 6.53 37.16 6.75
C ILE B 216 6.26 38.60 6.34
N GLY B 217 6.99 39.15 5.39
CA GLY B 217 6.74 40.50 4.96
C GLY B 217 7.85 41.00 4.07
N PHE B 218 7.76 42.28 3.75
CA PHE B 218 8.71 42.94 2.87
C PHE B 218 9.49 44.02 3.59
N KCX B 219 10.74 44.20 3.19
CA KCX B 219 11.48 45.39 3.53
CB KCX B 219 12.80 45.04 4.23
CG KCX B 219 13.70 46.22 4.53
CD KCX B 219 13.07 47.18 5.51
CE KCX B 219 14.02 48.29 5.91
NZ KCX B 219 15.28 47.74 6.51
C KCX B 219 11.73 46.19 2.27
O KCX B 219 12.15 45.64 1.25
CX KCX B 219 16.19 48.55 7.04
OQ1 KCX B 219 17.22 48.06 7.53
OQ2 KCX B 219 16.03 49.77 7.04
N ILE B 220 11.42 47.48 2.31
CA ILE B 220 11.77 48.38 1.24
C ILE B 220 12.90 49.26 1.74
N HIS B 221 14.06 49.15 1.10
CA HIS B 221 15.25 49.85 1.54
C HIS B 221 15.81 50.67 0.39
N GLU B 222 16.25 51.90 0.70
CA GLU B 222 16.70 52.80 -0.33
C GLU B 222 17.93 52.28 -1.07
N ASP B 223 18.74 51.43 -0.42
CA ASP B 223 19.90 50.85 -1.08
C ASP B 223 19.52 49.91 -2.21
N TRP B 224 18.31 49.37 -2.21
CA TRP B 224 17.77 48.64 -3.34
C TRP B 224 16.83 49.49 -4.18
N GLY B 225 16.61 50.75 -3.77
CA GLY B 225 15.83 51.71 -4.51
C GLY B 225 14.42 51.86 -3.98
N THR B 226 14.20 52.85 -3.11
CA THR B 226 12.89 53.09 -2.54
C THR B 226 12.19 54.10 -3.44
N THR B 227 11.48 53.59 -4.39
CA THR B 227 10.75 54.40 -5.33
C THR B 227 9.25 54.23 -5.10
N PRO B 228 8.45 55.23 -5.46
CA PRO B 228 6.99 55.09 -5.29
C PRO B 228 6.41 53.88 -6.00
N SER B 229 6.95 53.52 -7.16
CA SER B 229 6.44 52.36 -7.90
C SER B 229 6.62 51.07 -7.11
N ALA B 230 7.82 50.87 -6.55
CA ALA B 230 8.08 49.68 -5.76
C ALA B 230 7.23 49.65 -4.49
N ILE B 231 7.08 50.82 -3.85
CA ILE B 231 6.24 50.90 -2.65
C ILE B 231 4.82 50.49 -2.97
N ASN B 232 4.28 51.03 -4.07
CA ASN B 232 2.91 50.74 -4.46
C ASN B 232 2.71 49.25 -4.73
N HIS B 233 3.61 48.67 -5.52
CA HIS B 233 3.49 47.25 -5.85
C HIS B 233 3.62 46.37 -4.60
N ALA B 234 4.59 46.67 -3.74
CA ALA B 234 4.79 45.86 -2.55
C ALA B 234 3.59 45.93 -1.63
N LEU B 235 3.01 47.12 -1.47
CA LEU B 235 1.82 47.23 -0.64
C LEU B 235 0.65 46.46 -1.23
N ASP B 236 0.49 46.49 -2.55
CA ASP B 236 -0.61 45.73 -3.17
C ASP B 236 -0.45 44.22 -2.89
N VAL B 237 0.75 43.70 -3.09
CA VAL B 237 0.97 42.27 -2.83
C VAL B 237 0.77 41.94 -1.35
N ALA B 238 1.28 42.80 -0.47
CA ALA B 238 1.14 42.56 0.96
C ALA B 238 -0.33 42.55 1.39
N ASP B 239 -1.14 43.44 0.82
CA ASP B 239 -2.57 43.41 1.10
C ASP B 239 -3.19 42.12 0.60
N LYS B 240 -2.73 41.59 -0.52
CA LYS B 240 -3.27 40.31 -0.97
C LYS B 240 -2.83 39.13 -0.11
N TYR B 241 -1.70 39.23 0.58
CA TYR B 241 -1.18 38.10 1.34
C TYR B 241 -1.20 38.29 2.85
N ASP B 242 -1.63 39.46 3.35
CA ASP B 242 -1.75 39.74 4.77
C ASP B 242 -0.39 39.60 5.49
N VAL B 243 0.59 40.34 4.99
CA VAL B 243 1.90 40.41 5.60
C VAL B 243 2.28 41.88 5.75
N GLN B 244 3.21 42.15 6.65
CA GLN B 244 3.59 43.51 6.95
C GLN B 244 4.64 44.03 5.96
N VAL B 245 4.69 45.34 5.80
CA VAL B 245 5.70 46.00 5.00
C VAL B 245 6.46 46.97 5.90
N ALA B 246 7.79 46.88 5.84
CA ALA B 246 8.67 47.83 6.50
C ALA B 246 9.42 48.64 5.45
N ILE B 247 9.71 49.90 5.76
CA ILE B 247 10.29 50.80 4.77
C ILE B 247 11.44 51.60 5.38
N HIS B 248 12.51 51.71 4.61
CA HIS B 248 13.63 52.62 4.83
C HIS B 248 13.63 53.57 3.65
N THR B 249 13.18 54.80 3.87
CA THR B 249 12.83 55.68 2.78
C THR B 249 14.06 56.34 2.16
N ASP B 250 13.84 57.08 1.07
CA ASP B 250 14.91 57.67 0.27
C ASP B 250 15.44 58.93 0.95
N THR B 251 16.66 58.85 1.49
CA THR B 251 17.25 60.02 2.14
C THR B 251 17.61 61.10 1.13
N LEU B 252 17.92 60.72 -0.11
CA LEU B 252 18.39 61.68 -1.10
C LEU B 252 17.26 62.44 -1.79
N ASN B 253 16.01 62.10 -1.51
CA ASN B 253 14.85 62.69 -2.17
C ASN B 253 14.94 62.53 -3.68
N GLU B 254 15.48 61.40 -4.13
CA GLU B 254 15.79 61.22 -5.55
C GLU B 254 14.51 61.17 -6.40
N ALA B 255 13.57 60.32 -6.01
CA ALA B 255 12.32 60.19 -6.75
C ALA B 255 11.22 61.07 -6.16
N GLY B 256 11.46 61.74 -5.06
CA GLY B 256 10.43 62.53 -4.43
C GLY B 256 10.76 62.76 -2.97
N CYS B 257 9.93 63.59 -2.35
CA CYS B 257 10.08 63.93 -0.95
C CYS B 257 9.15 63.07 -0.10
N VAL B 258 9.02 63.41 1.18
CA VAL B 258 8.31 62.54 2.11
C VAL B 258 6.83 62.44 1.75
N GLU B 259 6.25 63.54 1.25
CA GLU B 259 4.84 63.51 0.89
C GLU B 259 4.58 62.64 -0.33
N ASP B 260 5.53 62.55 -1.26
CA ASP B 260 5.42 61.62 -2.37
C ASP B 260 5.42 60.18 -1.89
N THR B 261 6.27 59.88 -0.90
CA THR B 261 6.27 58.55 -0.31
C THR B 261 4.96 58.25 0.38
N MET B 262 4.39 59.22 1.11
CA MET B 262 3.11 59.00 1.74
C MET B 262 2.01 58.82 0.70
N ALA B 263 2.11 59.51 -0.43
CA ALA B 263 1.15 59.31 -1.50
C ALA B 263 1.27 57.92 -2.10
N ALA B 264 2.49 57.41 -2.20
CA ALA B 264 2.67 56.04 -2.69
C ALA B 264 2.13 55.03 -1.70
N ILE B 265 2.26 55.29 -0.40
CA ILE B 265 1.69 54.42 0.61
C ILE B 265 0.18 54.42 0.53
N ALA B 266 -0.41 55.57 0.22
CA ALA B 266 -1.83 55.69 -0.12
C ALA B 266 -2.74 55.24 1.02
N GLY B 267 -2.33 55.51 2.25
CA GLY B 267 -3.16 55.23 3.41
C GLY B 267 -3.21 53.78 3.83
N ARG B 268 -2.24 52.97 3.43
CA ARG B 268 -2.17 51.57 3.82
C ARG B 268 -1.19 51.40 4.98
N THR B 269 -1.31 50.28 5.68
CA THR B 269 -0.50 50.03 6.86
C THR B 269 0.98 49.91 6.50
N MET B 270 1.83 50.63 7.21
CA MET B 270 3.26 50.62 6.96
C MET B 270 4.00 50.73 8.27
N HIS B 271 5.09 49.98 8.40
CA HIS B 271 5.98 50.02 9.55
C HIS B 271 7.26 50.73 9.15
N THR B 272 7.52 51.89 9.74
CA THR B 272 8.68 52.70 9.37
C THR B 272 9.82 52.47 10.36
N PHE B 273 10.99 52.14 9.84
CA PHE B 273 12.19 51.96 10.64
C PHE B 273 12.89 53.30 10.83
N HIS B 274 13.50 53.47 12.01
CA HIS B 274 14.27 54.66 12.40
C HIS B 274 13.61 55.93 11.87
N THR B 275 12.37 56.13 12.31
CA THR B 275 11.53 57.19 11.77
C THR B 275 12.13 58.57 11.99
N GLU B 276 12.99 58.73 13.00
CA GLU B 276 13.62 60.03 13.23
C GLU B 276 14.63 60.36 12.15
N GLY B 277 15.19 59.37 11.47
CA GLY B 277 15.92 59.59 10.24
C GLY B 277 17.43 59.54 10.31
N ALA B 278 18.02 59.45 11.51
CA ALA B 278 19.47 59.28 11.57
C ALA B 278 19.90 57.99 10.91
N GLY B 279 19.08 56.95 10.99
CA GLY B 279 19.34 55.69 10.33
C GLY B 279 18.98 55.66 8.87
N GLY B 280 18.52 56.77 8.33
CA GLY B 280 18.11 56.85 6.94
C GLY B 280 16.69 57.39 6.86
N GLY B 281 16.37 58.01 5.73
CA GLY B 281 15.04 58.56 5.54
C GLY B 281 15.08 59.95 4.97
N HIS B 282 13.95 60.39 4.41
CA HIS B 282 13.88 61.69 3.73
C HIS B 282 14.47 62.79 4.58
N ALA B 283 15.55 63.39 4.09
CA ALA B 283 16.17 64.48 4.81
C ALA B 283 15.46 65.79 4.49
N PRO B 284 15.06 66.58 5.49
CA PRO B 284 15.29 66.32 6.91
C PRO B 284 14.03 65.95 7.67
N ASP B 285 12.99 65.55 6.97
CA ASP B 285 11.64 65.60 7.54
C ASP B 285 10.92 64.26 7.45
N ILE B 286 11.63 63.14 7.54
CA ILE B 286 10.96 61.85 7.59
C ILE B 286 10.16 61.71 8.89
N ILE B 287 10.61 62.38 9.96
CA ILE B 287 10.01 62.20 11.27
C ILE B 287 8.55 62.65 11.30
N LYS B 288 8.10 63.41 10.31
CA LYS B 288 6.73 63.90 10.33
C LYS B 288 5.71 62.78 10.16
N VAL B 289 6.09 61.66 9.53
CA VAL B 289 5.16 60.56 9.33
C VAL B 289 4.77 59.87 10.62
N ALA B 290 5.46 60.16 11.72
CA ALA B 290 5.15 59.52 12.99
C ALA B 290 3.81 59.95 13.57
N GLY B 291 3.18 60.98 13.01
CA GLY B 291 1.86 61.39 13.43
C GLY B 291 0.72 60.84 12.61
N GLU B 292 1.00 60.06 11.57
CA GLU B 292 -0.05 59.56 10.68
C GLU B 292 -0.71 58.32 11.24
N HIS B 293 -1.98 58.14 10.90
CA HIS B 293 -2.76 57.04 11.44
C HIS B 293 -2.28 55.69 10.91
N ASN B 294 -1.91 55.62 9.64
CA ASN B 294 -1.56 54.37 8.99
C ASN B 294 -0.10 53.99 9.18
N ILE B 295 0.68 54.76 9.91
CA ILE B 295 2.09 54.50 10.10
C ILE B 295 2.33 53.89 11.46
N LEU B 296 3.15 52.85 11.51
CA LEU B 296 3.64 52.31 12.78
C LEU B 296 5.07 52.77 12.97
N PRO B 297 5.31 53.83 13.74
CA PRO B 297 6.66 54.41 13.79
C PRO B 297 7.58 53.75 14.82
N ALA B 298 8.74 53.29 14.36
CA ALA B 298 9.73 52.70 15.23
C ALA B 298 10.99 53.55 15.25
N SER B 299 11.75 53.43 16.33
CA SER B 299 13.05 54.06 16.44
C SER B 299 14.10 52.99 16.72
N THR B 300 15.33 53.29 16.33
CA THR B 300 16.46 52.41 16.60
C THR B 300 17.24 52.95 17.79
N ASN B 301 17.86 52.04 18.53
CA ASN B 301 18.44 52.38 19.81
C ASN B 301 19.66 53.32 19.79
N PRO B 302 20.46 53.41 18.71
CA PRO B 302 21.61 54.32 18.76
C PRO B 302 21.25 55.78 19.00
N THR B 303 20.04 56.21 18.65
CA THR B 303 19.66 57.60 18.87
C THR B 303 18.97 57.84 20.20
N ILE B 304 18.67 56.81 20.97
CA ILE B 304 18.04 57.01 22.27
C ILE B 304 18.92 56.40 23.36
N PRO B 305 19.09 57.06 24.50
CA PRO B 305 18.64 58.44 24.69
C PRO B 305 19.62 59.42 24.06
N PHE B 306 19.21 60.67 23.89
CA PHE B 306 20.09 61.68 23.33
C PHE B 306 21.10 62.12 24.38
N THR B 307 22.38 62.02 24.04
CA THR B 307 23.46 62.30 24.98
C THR B 307 24.45 63.29 24.35
N VAL B 308 25.44 63.67 25.14
CA VAL B 308 26.45 64.62 24.67
C VAL B 308 27.33 64.00 23.60
N ASN B 309 27.54 62.69 23.64
CA ASN B 309 28.40 62.00 22.68
C ASN B 309 27.65 61.50 21.47
N THR B 310 26.33 61.68 21.41
CA THR B 310 25.53 61.07 20.36
C THR B 310 25.85 61.64 18.99
N GLU B 311 25.91 62.98 18.87
CA GLU B 311 26.01 63.60 17.56
C GLU B 311 27.35 63.29 16.90
N ALA B 312 28.45 63.49 17.62
CA ALA B 312 29.77 63.23 17.05
C ALA B 312 29.92 61.76 16.69
N GLU B 313 29.42 60.87 17.54
CA GLU B 313 29.50 59.44 17.26
C GLU B 313 28.74 59.10 15.98
N HIS B 314 27.52 59.62 15.83
CA HIS B 314 26.74 59.33 14.64
C HIS B 314 27.37 59.94 13.40
N MET B 315 27.97 61.12 13.53
CA MET B 315 28.64 61.75 12.40
C MET B 315 29.79 60.88 11.92
N ASP B 316 30.66 60.47 12.85
CA ASP B 316 31.80 59.66 12.45
C ASP B 316 31.37 58.29 11.94
N MET B 317 30.32 57.73 12.52
CA MET B 317 29.80 56.45 12.04
C MET B 317 29.28 56.57 10.61
N LEU B 318 28.59 57.66 10.31
CA LEU B 318 28.10 57.87 8.96
C LEU B 318 29.24 58.04 7.98
N MET B 319 30.29 58.78 8.37
CA MET B 319 31.43 58.97 7.48
C MET B 319 32.11 57.65 7.15
N VAL B 320 31.98 56.65 8.02
CA VAL B 320 32.66 55.37 7.82
C VAL B 320 31.83 54.41 6.97
N CYS B 321 30.54 54.27 7.29
CA CYS B 321 29.72 53.29 6.59
C CYS B 321 29.47 53.69 5.15
N HIS B 322 29.42 55.00 4.86
CA HIS B 322 29.20 55.48 3.51
C HIS B 322 30.49 55.92 2.81
N HIS B 323 31.64 55.71 3.44
CA HIS B 323 32.94 56.02 2.84
C HIS B 323 33.02 57.48 2.39
N LEU B 324 32.58 58.38 3.25
CA LEU B 324 32.59 59.80 2.93
C LEU B 324 33.95 60.42 3.24
N ASP B 325 34.19 61.58 2.65
CA ASP B 325 35.44 62.32 2.82
C ASP B 325 35.15 63.70 3.38
N LYS B 326 35.96 64.12 4.35
CA LYS B 326 35.76 65.42 4.99
C LYS B 326 36.20 66.58 4.11
N SER B 327 37.01 66.32 3.08
CA SER B 327 37.48 67.36 2.19
C SER B 327 36.52 67.62 1.03
N ILE B 328 35.42 66.87 0.93
CA ILE B 328 34.43 67.04 -0.12
C ILE B 328 33.22 67.74 0.49
N LYS B 329 32.84 68.88 -0.07
CA LYS B 329 31.74 69.64 0.49
C LYS B 329 30.40 68.94 0.30
N GLU B 330 30.26 68.15 -0.77
CA GLU B 330 29.00 67.44 -0.99
C GLU B 330 28.79 66.34 0.04
N ASP B 331 29.87 65.67 0.44
CA ASP B 331 29.75 64.65 1.48
C ASP B 331 29.41 65.28 2.82
N VAL B 332 29.97 66.46 3.11
CA VAL B 332 29.61 67.18 4.33
C VAL B 332 28.15 67.60 4.28
N GLN B 333 27.69 68.10 3.13
CA GLN B 333 26.30 68.51 3.01
C GLN B 333 25.36 67.33 3.22
N PHE B 334 25.71 66.17 2.68
CA PHE B 334 24.92 64.97 2.93
C PHE B 334 24.90 64.62 4.41
N ALA B 335 26.06 64.68 5.06
CA ALA B 335 26.16 64.28 6.45
C ALA B 335 25.38 65.22 7.35
N ASP B 336 25.45 66.53 7.10
CA ASP B 336 24.73 67.49 7.93
C ASP B 336 23.23 67.35 7.77
N SER B 337 22.76 67.10 6.55
CA SER B 337 21.33 66.91 6.35
C SER B 337 20.82 65.61 6.97
N ARG B 338 21.73 64.72 7.35
CA ARG B 338 21.38 63.38 7.81
C ARG B 338 21.29 63.26 9.32
N ILE B 339 22.20 63.91 10.05
CA ILE B 339 22.32 63.64 11.48
C ILE B 339 21.27 64.42 12.27
N ARG B 340 21.32 65.75 12.19
CA ARG B 340 20.28 66.60 12.78
C ARG B 340 20.04 66.36 14.27
N PRO B 341 20.91 66.89 15.13
CA PRO B 341 20.69 66.75 16.58
C PRO B 341 19.32 67.23 17.03
N GLN B 342 18.67 68.07 16.23
CA GLN B 342 17.34 68.54 16.55
C GLN B 342 16.33 67.39 16.54
N THR B 343 16.31 66.61 15.46
CA THR B 343 15.39 65.48 15.40
C THR B 343 15.75 64.42 16.43
N ILE B 344 17.04 64.22 16.68
CA ILE B 344 17.45 63.25 17.69
C ILE B 344 16.95 63.66 19.05
N ALA B 345 17.06 64.94 19.38
CA ALA B 345 16.51 65.43 20.64
C ALA B 345 15.00 65.27 20.68
N ALA B 346 14.31 65.59 19.58
CA ALA B 346 12.86 65.50 19.55
C ALA B 346 12.37 64.07 19.72
N GLU B 347 13.20 63.09 19.31
CA GLU B 347 12.79 61.70 19.31
C GLU B 347 12.51 61.18 20.72
N ASP B 348 13.34 61.58 21.70
CA ASP B 348 13.11 61.15 23.07
C ASP B 348 11.76 61.63 23.59
N THR B 349 11.46 62.92 23.37
CA THR B 349 10.18 63.46 23.83
C THR B 349 9.03 62.81 23.10
N LEU B 350 9.20 62.51 21.80
CA LEU B 350 8.13 61.83 21.07
C LEU B 350 7.89 60.43 21.62
N HIS B 351 8.95 59.76 22.10
CA HIS B 351 8.75 58.50 22.83
C HIS B 351 7.97 58.73 24.12
N ASP B 352 8.29 59.80 24.84
CA ASP B 352 7.56 60.08 26.08
C ASP B 352 6.10 60.41 25.82
N MET B 353 5.81 61.07 24.69
CA MET B 353 4.45 61.47 24.35
C MET B 353 3.62 60.33 23.78
N GLY B 354 4.23 59.20 23.46
CA GLY B 354 3.52 58.13 22.79
C GLY B 354 3.40 58.28 21.29
N ILE B 355 4.15 59.19 20.68
CA ILE B 355 4.13 59.33 19.23
C ILE B 355 4.89 58.19 18.57
N PHE B 356 6.11 57.94 19.03
CA PHE B 356 6.83 56.74 18.64
C PHE B 356 6.30 55.55 19.45
N SER B 357 6.12 54.43 18.77
CA SER B 357 5.46 53.28 19.38
C SER B 357 6.35 52.05 19.55
N ILE B 358 7.43 51.92 18.80
CA ILE B 358 8.26 50.72 18.82
C ILE B 358 9.72 51.12 18.96
N THR B 359 10.44 50.39 19.80
CA THR B 359 11.90 50.47 19.86
C THR B 359 12.49 49.22 19.23
N SER B 360 13.59 49.38 18.51
CA SER B 360 14.22 48.27 17.81
C SER B 360 15.72 48.50 17.78
N SER B 361 16.44 47.65 17.04
CA SER B 361 17.90 47.59 17.11
C SER B 361 18.59 48.20 15.89
N ASP B 362 18.32 47.70 14.68
CA ASP B 362 19.16 47.95 13.50
C ASP B 362 20.56 47.36 13.71
N SER B 363 20.58 46.07 13.99
CA SER B 363 21.73 45.41 14.58
C SER B 363 22.94 45.34 13.64
N GLN B 364 24.09 45.78 14.14
CA GLN B 364 25.36 45.85 13.40
C GLN B 364 25.21 46.64 12.09
N ALA B 365 24.15 47.43 12.01
CA ALA B 365 23.85 48.35 10.91
C ALA B 365 23.44 49.70 11.48
N MET B 366 24.29 50.25 12.34
CA MET B 366 24.02 51.37 13.25
C MET B 366 22.88 51.01 14.22
N GLY B 367 23.23 50.06 15.08
CA GLY B 367 22.36 49.67 16.18
C GLY B 367 23.01 48.55 16.94
N ARG B 368 22.58 48.40 18.19
CA ARG B 368 23.18 47.46 19.12
C ARG B 368 22.12 46.45 19.56
N VAL B 369 22.29 45.20 19.12
CA VAL B 369 21.26 44.18 19.30
C VAL B 369 21.07 43.80 20.76
N GLY B 370 22.05 44.03 21.62
CA GLY B 370 21.92 43.67 23.01
C GLY B 370 21.56 44.84 23.90
N GLU B 371 21.02 45.92 23.31
CA GLU B 371 20.78 47.14 24.07
C GLU B 371 19.41 47.76 23.83
N VAL B 372 18.51 47.08 23.13
CA VAL B 372 17.19 47.65 22.85
C VAL B 372 16.45 47.95 24.15
N ILE B 373 16.34 46.94 25.02
CA ILE B 373 15.60 47.08 26.26
C ILE B 373 16.30 48.08 27.17
N THR B 374 17.63 47.99 27.27
CA THR B 374 18.37 48.87 28.15
C THR B 374 18.22 50.33 27.73
N ARG B 375 18.32 50.61 26.43
CA ARG B 375 18.19 51.99 25.99
C ARG B 375 16.76 52.48 26.06
N THR B 376 15.77 51.58 25.92
CA THR B 376 14.39 51.97 26.16
C THR B 376 14.19 52.45 27.59
N TRP B 377 14.72 51.70 28.56
CA TRP B 377 14.54 52.11 29.94
C TRP B 377 15.42 53.30 30.31
N GLN B 378 16.57 53.45 29.67
CA GLN B 378 17.36 54.66 29.84
C GLN B 378 16.61 55.89 29.33
N THR B 379 15.92 55.75 28.19
CA THR B 379 15.10 56.85 27.68
C THR B 379 13.97 57.18 28.63
N ALA B 380 13.31 56.15 29.18
CA ALA B 380 12.25 56.39 30.14
C ALA B 380 12.77 57.12 31.38
N ASP B 381 13.94 56.69 31.88
CA ASP B 381 14.52 57.33 33.05
C ASP B 381 14.90 58.78 32.77
N LYS B 382 15.50 59.03 31.61
CA LYS B 382 15.87 60.40 31.24
C LYS B 382 14.64 61.28 31.11
N ASN B 383 13.57 60.76 30.49
CA ASN B 383 12.35 61.54 30.33
C ASN B 383 11.71 61.83 31.67
N LYS B 384 11.72 60.87 32.60
CA LYS B 384 11.18 61.17 33.93
C LYS B 384 12.03 62.20 34.65
N LYS B 385 13.35 62.16 34.46
CA LYS B 385 14.21 63.16 35.08
C LYS B 385 13.92 64.55 34.53
N GLU B 386 13.66 64.65 33.22
CA GLU B 386 13.49 65.97 32.62
C GLU B 386 12.07 66.50 32.81
N PHE B 387 11.07 65.73 32.38
CA PHE B 387 9.68 66.19 32.38
C PHE B 387 8.92 65.81 33.63
N GLY B 388 9.52 65.07 34.54
CA GLY B 388 8.82 64.66 35.73
C GLY B 388 7.85 63.51 35.47
N ARG B 389 6.98 63.30 36.44
CA ARG B 389 6.03 62.20 36.39
C ARG B 389 4.91 62.51 35.40
N LEU B 390 4.48 61.50 34.65
CA LEU B 390 3.45 61.69 33.66
C LEU B 390 2.13 62.07 34.32
N LYS B 391 1.31 62.82 33.57
CA LYS B 391 0.00 63.22 34.09
C LYS B 391 -1.04 62.12 33.98
N GLU B 392 -0.76 61.04 33.27
CA GLU B 392 -1.66 59.90 33.21
C GLU B 392 -1.43 58.90 34.34
N GLU B 393 -0.59 59.25 35.31
CA GLU B 393 -0.35 58.38 36.45
C GLU B 393 -1.52 58.43 37.42
N LYS B 394 -1.78 57.30 38.06
CA LYS B 394 -2.78 57.16 39.12
C LYS B 394 -2.04 56.68 40.37
N GLY B 395 -1.49 57.62 41.13
CA GLY B 395 -0.79 57.31 42.35
C GLY B 395 0.66 57.74 42.32
N ASP B 396 1.33 57.54 43.44
CA ASP B 396 2.71 57.92 43.62
C ASP B 396 3.64 56.87 43.00
N ASN B 397 3.43 56.64 41.71
CA ASN B 397 4.19 55.64 40.98
C ASN B 397 4.34 56.10 39.54
N ASP B 398 5.04 55.30 38.75
CA ASP B 398 5.24 55.54 37.33
C ASP B 398 4.65 54.41 36.50
N ASN B 399 3.56 53.81 36.98
CA ASN B 399 3.02 52.61 36.34
C ASN B 399 2.63 52.87 34.90
N PHE B 400 2.01 54.02 34.62
CA PHE B 400 1.60 54.32 33.25
C PHE B 400 2.80 54.43 32.33
N ARG B 401 3.83 55.16 32.77
CA ARG B 401 5.03 55.30 31.95
C ARG B 401 5.73 53.97 31.77
N ILE B 402 5.73 53.14 32.81
CA ILE B 402 6.32 51.81 32.71
C ILE B 402 5.60 50.99 31.64
N LYS B 403 4.28 51.02 31.65
CA LYS B 403 3.53 50.29 30.64
C LYS B 403 3.79 50.85 29.25
N ARG B 404 3.84 52.19 29.12
CA ARG B 404 4.06 52.81 27.83
C ARG B 404 5.40 52.39 27.23
N TYR B 405 6.45 52.40 28.03
CA TYR B 405 7.76 52.04 27.50
C TYR B 405 7.93 50.54 27.33
N LEU B 406 7.31 49.73 28.20
CA LEU B 406 7.38 48.28 28.06
C LEU B 406 6.67 47.82 26.80
N SER B 407 5.59 48.50 26.40
CA SER B 407 4.89 48.12 25.18
C SER B 407 5.75 48.31 23.95
N LYS B 408 6.72 49.22 24.01
CA LYS B 408 7.51 49.56 22.83
C LYS B 408 8.34 48.39 22.31
N TYR B 409 8.70 47.44 23.17
CA TYR B 409 9.46 46.28 22.71
C TYR B 409 8.79 44.95 23.01
N THR B 410 7.57 44.92 23.53
CA THR B 410 6.91 43.65 23.76
C THR B 410 5.65 43.46 22.91
N ILE B 411 4.64 44.29 23.08
CA ILE B 411 3.33 44.03 22.50
C ILE B 411 3.13 44.78 21.20
N ASN B 412 3.64 46.00 21.10
CA ASN B 412 3.46 46.78 19.87
C ASN B 412 4.19 46.17 18.68
N PRO B 413 5.45 45.76 18.77
CA PRO B 413 6.05 45.04 17.62
C PRO B 413 5.33 43.75 17.27
N ALA B 414 4.81 43.02 18.27
CA ALA B 414 4.08 41.80 17.99
C ALA B 414 2.80 42.08 17.22
N ILE B 415 2.07 43.13 17.60
CA ILE B 415 0.90 43.55 16.84
C ILE B 415 1.30 44.00 15.44
N ALA B 416 2.41 44.72 15.34
CA ALA B 416 2.86 45.24 14.05
C ALA B 416 3.18 44.13 13.07
N HIS B 417 3.77 43.05 13.54
CA HIS B 417 4.15 41.97 12.64
C HIS B 417 3.24 40.76 12.75
N GLY B 418 2.03 40.94 13.28
CA GLY B 418 1.02 39.90 13.23
C GLY B 418 1.33 38.64 14.01
N ILE B 419 2.01 38.75 15.15
CA ILE B 419 2.32 37.61 15.98
C ILE B 419 1.82 37.81 17.40
N SER B 420 0.95 38.79 17.63
CA SER B 420 0.51 39.11 18.97
C SER B 420 -0.52 38.13 19.52
N GLU B 421 -0.90 37.10 18.78
CA GLU B 421 -1.66 36.03 19.37
C GLU B 421 -0.77 34.94 19.96
N TYR B 422 0.52 34.94 19.66
CA TYR B 422 1.45 33.96 20.20
C TYR B 422 2.35 34.53 21.28
N VAL B 423 2.98 35.68 21.02
CA VAL B 423 3.95 36.27 21.92
C VAL B 423 3.54 37.70 22.21
N GLY B 424 4.35 38.39 23.02
CA GLY B 424 4.19 39.80 23.28
C GLY B 424 3.70 40.15 24.66
N SER B 425 3.05 39.23 25.37
CA SER B 425 2.52 39.58 26.69
C SER B 425 2.40 38.34 27.55
N VAL B 426 2.28 38.56 28.86
CA VAL B 426 2.00 37.50 29.82
C VAL B 426 0.48 37.38 29.89
N GLU B 427 -0.08 36.56 29.01
CA GLU B 427 -1.51 36.32 28.99
C GLU B 427 -1.79 34.84 28.82
N VAL B 428 -2.91 34.39 29.37
CA VAL B 428 -3.27 32.98 29.29
C VAL B 428 -3.55 32.61 27.84
N GLY B 429 -2.99 31.50 27.39
CA GLY B 429 -3.13 31.03 26.04
C GLY B 429 -1.95 31.33 25.15
N LYS B 430 -1.08 32.24 25.55
CA LYS B 430 0.06 32.64 24.74
C LYS B 430 1.26 31.75 25.00
N VAL B 431 2.23 31.84 24.09
CA VAL B 431 3.46 31.07 24.21
C VAL B 431 4.24 31.53 25.43
N ALA B 432 4.77 30.57 26.19
CA ALA B 432 5.49 30.86 27.42
C ALA B 432 6.93 31.27 27.09
N ASP B 433 7.05 32.48 26.53
CA ASP B 433 8.33 33.17 26.35
C ASP B 433 8.42 34.23 27.45
N LEU B 434 9.13 33.90 28.53
CA LEU B 434 9.12 34.74 29.73
C LEU B 434 10.56 35.02 30.17
N VAL B 435 10.75 36.19 30.78
CA VAL B 435 12.04 36.62 31.27
C VAL B 435 11.91 36.92 32.76
N LEU B 436 12.83 36.39 33.55
CA LEU B 436 12.87 36.62 34.99
C LEU B 436 13.90 37.70 35.30
N TRP B 437 13.47 38.74 35.99
CA TRP B 437 14.34 39.85 36.36
C TRP B 437 14.36 40.01 37.88
N SER B 438 15.55 40.16 38.43
CA SER B 438 15.63 40.74 39.77
C SER B 438 15.52 42.26 39.66
N PRO B 439 14.70 42.90 40.49
CA PRO B 439 14.44 44.34 40.31
C PRO B 439 15.69 45.20 40.34
N ALA B 440 16.71 44.82 41.10
CA ALA B 440 17.95 45.58 41.10
C ALA B 440 18.63 45.57 39.74
N PHE B 441 18.42 44.52 38.95
CA PHE B 441 19.02 44.40 37.63
C PHE B 441 18.02 44.56 36.50
N PHE B 442 16.85 45.13 36.78
CA PHE B 442 15.79 45.19 35.79
C PHE B 442 16.20 46.03 34.60
N GLY B 443 15.97 45.50 33.41
CA GLY B 443 16.21 46.23 32.19
C GLY B 443 17.62 46.13 31.64
N VAL B 444 18.55 45.52 32.37
CA VAL B 444 19.91 45.40 31.85
C VAL B 444 20.40 43.96 31.86
N LYS B 445 20.20 43.25 32.97
CA LYS B 445 20.71 41.88 33.05
C LYS B 445 19.68 40.94 33.67
N PRO B 446 19.06 40.08 32.88
CA PRO B 446 18.02 39.19 33.42
C PRO B 446 18.59 38.01 34.20
N ASN B 447 17.69 37.32 34.90
CA ASN B 447 18.04 36.12 35.65
C ASN B 447 18.00 34.88 34.76
N MET B 448 16.87 34.62 34.11
CA MET B 448 16.76 33.46 33.25
C MET B 448 15.71 33.71 32.17
N ILE B 449 15.82 32.96 31.09
CA ILE B 449 14.87 33.00 29.99
C ILE B 449 14.12 31.67 29.96
N ILE B 450 12.80 31.73 29.94
CA ILE B 450 11.95 30.57 29.70
C ILE B 450 11.48 30.63 28.25
N LYS B 451 11.79 29.61 27.48
CA LYS B 451 11.51 29.58 26.05
C LYS B 451 10.63 28.37 25.77
N GLY B 452 9.43 28.62 25.25
CA GLY B 452 8.50 27.53 24.99
C GLY B 452 8.10 26.74 26.22
N GLY B 453 8.11 27.38 27.38
CA GLY B 453 7.74 26.68 28.60
C GLY B 453 8.85 25.90 29.26
N PHE B 454 10.11 26.12 28.85
CA PHE B 454 11.25 25.42 29.42
C PHE B 454 12.42 26.40 29.53
N ILE B 455 13.29 26.19 30.51
CA ILE B 455 14.38 27.13 30.75
C ILE B 455 15.44 26.95 29.68
N ALA B 456 15.78 28.05 29.00
CA ALA B 456 16.71 28.01 27.88
C ALA B 456 18.02 28.73 28.15
N LEU B 457 18.01 29.75 29.00
CA LEU B 457 19.22 30.49 29.33
C LEU B 457 19.10 30.94 30.77
N SER B 458 20.22 30.94 31.47
CA SER B 458 20.21 31.49 32.83
C SER B 458 21.61 31.88 33.23
N GLN B 459 21.68 32.77 34.21
CA GLN B 459 22.93 32.98 34.94
C GLN B 459 23.32 31.69 35.64
N MET B 460 24.60 31.38 35.64
CA MET B 460 25.05 30.10 36.17
C MET B 460 26.51 30.23 36.57
N GLY B 461 26.85 29.64 37.71
CA GLY B 461 28.22 29.55 38.15
C GLY B 461 28.92 28.37 37.52
N ASP B 462 30.15 28.14 37.98
CA ASP B 462 30.98 27.11 37.38
C ASP B 462 30.41 25.72 37.64
N ALA B 463 30.55 24.85 36.65
CA ALA B 463 29.89 23.54 36.69
C ALA B 463 30.40 22.66 37.82
N ASN B 464 31.64 22.86 38.26
CA ASN B 464 32.22 22.03 39.30
C ASN B 464 31.89 22.52 40.71
N ALA B 465 31.21 23.66 40.84
CA ALA B 465 30.94 24.20 42.16
C ALA B 465 29.84 23.43 42.88
N SER B 466 29.88 23.48 44.21
CA SER B 466 28.92 22.75 45.03
C SER B 466 27.52 23.34 44.97
N ILE B 467 27.38 24.59 44.52
CA ILE B 467 26.08 25.24 44.36
C ILE B 467 26.13 26.08 43.09
N PRO B 468 24.97 26.50 42.56
CA PRO B 468 24.97 27.20 41.27
C PRO B 468 25.41 28.65 41.33
N THR B 469 25.54 29.23 42.50
CA THR B 469 25.84 30.65 42.69
C THR B 469 27.30 31.10 42.53
N PRO B 470 28.31 30.32 42.92
CA PRO B 470 29.67 30.85 42.95
C PRO B 470 30.25 31.16 41.58
N GLN B 471 31.28 31.98 41.61
CA GLN B 471 31.86 32.62 40.44
C GLN B 471 32.75 31.66 39.66
N PRO B 472 32.98 31.93 38.37
CA PRO B 472 32.38 33.03 37.60
C PRO B 472 30.96 32.72 37.13
N VAL B 473 30.09 33.71 37.22
CA VAL B 473 28.69 33.59 36.81
C VAL B 473 28.50 34.33 35.51
N TYR B 474 28.03 33.64 34.49
CA TYR B 474 27.64 34.29 33.24
C TYR B 474 26.49 33.49 32.62
N TYR B 475 25.99 33.98 31.50
CA TYR B 475 24.82 33.38 30.88
C TYR B 475 25.24 32.14 30.10
N ARG B 476 24.61 31.02 30.40
CA ARG B 476 24.94 29.74 29.80
C ARG B 476 23.68 29.12 29.24
N GLU B 477 23.85 28.34 28.18
CA GLU B 477 22.73 27.66 27.56
C GLU B 477 22.20 26.58 28.49
N MET B 478 20.88 26.55 28.64
CA MET B 478 20.21 25.55 29.44
C MET B 478 19.69 24.44 28.53
N PHE B 479 18.85 23.55 29.08
CA PHE B 479 18.52 22.33 28.38
C PHE B 479 17.56 22.56 27.21
N ALA B 480 16.70 23.56 27.28
CA ALA B 480 15.83 23.87 26.14
C ALA B 480 16.62 24.39 24.94
N HIS B 481 17.89 24.70 25.13
CA HIS B 481 18.80 25.21 24.11
C HIS B 481 19.47 24.09 23.30
N HIS B 482 19.23 22.82 23.62
CA HIS B 482 20.08 21.74 23.14
C HIS B 482 19.26 20.57 22.61
N GLY B 483 19.92 19.75 21.80
CA GLY B 483 19.34 18.51 21.31
C GLY B 483 18.12 18.75 20.44
N LYS B 484 17.14 17.86 20.57
CA LYS B 484 15.86 18.03 19.92
C LYS B 484 14.89 18.84 20.74
N ALA B 485 15.28 19.24 21.95
CA ALA B 485 14.42 20.07 22.79
C ALA B 485 14.25 21.46 22.19
N LYS B 486 15.27 21.98 21.51
CA LYS B 486 15.18 23.32 20.95
C LYS B 486 14.15 23.41 19.84
N TYR B 487 13.85 22.29 19.17
CA TYR B 487 12.81 22.31 18.15
C TYR B 487 11.43 22.49 18.74
N ASP B 488 11.21 22.02 19.96
CA ASP B 488 9.92 22.19 20.61
C ASP B 488 9.76 23.56 21.25
N ALA B 489 10.87 24.23 21.56
CA ALA B 489 10.82 25.48 22.30
C ALA B 489 10.81 26.71 21.40
N ASN B 490 10.99 26.54 20.09
CA ASN B 490 11.25 27.67 19.21
C ASN B 490 10.27 27.65 18.04
N ILE B 491 9.92 28.85 17.59
CA ILE B 491 8.97 29.03 16.49
C ILE B 491 9.70 29.71 15.33
N THR B 492 9.41 29.22 14.13
CA THR B 492 9.72 29.95 12.91
C THR B 492 8.41 30.51 12.36
N PHE B 493 8.29 31.83 12.31
CA PHE B 493 7.09 32.46 11.78
C PHE B 493 7.18 32.54 10.26
N VAL B 494 6.10 32.18 9.58
CA VAL B 494 6.01 32.26 8.14
C VAL B 494 4.70 32.93 7.77
N SER B 495 4.53 33.18 6.48
CA SER B 495 3.26 33.71 6.00
C SER B 495 2.19 32.61 6.00
N GLN B 496 0.93 33.04 6.01
CA GLN B 496 -0.17 32.09 5.94
C GLN B 496 -0.12 31.28 4.66
N ALA B 497 0.25 31.91 3.55
CA ALA B 497 0.34 31.21 2.28
C ALA B 497 1.38 30.10 2.31
N ALA B 498 2.58 30.41 2.80
CA ALA B 498 3.63 29.40 2.89
C ALA B 498 3.23 28.29 3.85
N TYR B 499 2.60 28.65 4.97
CA TYR B 499 2.14 27.65 5.92
C TYR B 499 1.12 26.71 5.29
N ASP B 500 0.20 27.24 4.49
CA ASP B 500 -0.81 26.41 3.86
C ASP B 500 -0.22 25.49 2.79
N LYS B 501 0.89 25.88 2.18
CA LYS B 501 1.55 25.06 1.17
C LYS B 501 2.52 24.06 1.78
N GLY B 502 2.55 23.91 3.09
CA GLY B 502 3.43 22.95 3.74
C GLY B 502 4.91 23.30 3.66
N ILE B 503 5.24 24.55 3.95
CA ILE B 503 6.64 24.98 3.95
C ILE B 503 7.44 24.19 4.97
N LYS B 504 6.81 23.80 6.09
CA LYS B 504 7.50 23.03 7.12
C LYS B 504 7.95 21.67 6.58
N GLU B 505 7.06 20.97 5.89
CA GLU B 505 7.37 19.65 5.39
C GLU B 505 8.23 19.70 4.13
N GLU B 506 8.04 20.73 3.31
CA GLU B 506 8.84 20.86 2.09
C GLU B 506 10.31 21.09 2.42
N LEU B 507 10.60 21.93 3.40
CA LEU B 507 11.97 22.24 3.77
C LEU B 507 12.51 21.37 4.89
N GLY B 508 11.72 20.44 5.41
CA GLY B 508 12.17 19.58 6.48
C GLY B 508 12.49 20.31 7.76
N LEU B 509 11.66 21.27 8.14
CA LEU B 509 11.90 22.07 9.34
C LEU B 509 11.33 21.37 10.56
N GLU B 510 12.13 21.30 11.63
CA GLU B 510 11.70 20.65 12.85
C GLU B 510 11.22 21.60 13.92
N ARG B 511 11.48 22.89 13.79
CA ARG B 511 10.90 23.87 14.69
C ARG B 511 9.39 23.95 14.47
N GLN B 512 8.71 24.53 15.44
CA GLN B 512 7.31 24.90 15.23
C GLN B 512 7.22 25.95 14.14
N VAL B 513 6.24 25.82 13.27
CA VAL B 513 6.02 26.75 12.18
C VAL B 513 4.63 27.34 12.34
N LEU B 514 4.55 28.65 12.49
CA LEU B 514 3.29 29.35 12.73
C LEU B 514 3.10 30.47 11.71
N PRO B 515 1.86 30.72 11.29
CA PRO B 515 1.60 31.82 10.36
C PRO B 515 1.33 33.15 11.05
N VAL B 516 1.84 34.22 10.45
CA VAL B 516 1.49 35.56 10.89
C VAL B 516 0.13 35.93 10.35
N LYS B 517 -0.58 36.80 11.06
CA LYS B 517 -1.94 37.16 10.68
C LYS B 517 -2.29 38.52 11.25
N ASN B 518 -3.26 39.17 10.60
CA ASN B 518 -3.80 40.46 11.02
C ASN B 518 -2.74 41.57 10.92
N CYS B 519 -2.10 41.65 9.75
CA CYS B 519 -1.07 42.65 9.53
C CYS B 519 -1.56 43.88 8.79
N ARG B 520 -2.66 43.77 8.04
CA ARG B 520 -3.07 44.83 7.13
C ARG B 520 -4.16 45.73 7.69
N ASN B 521 -4.85 45.31 8.76
CA ASN B 521 -5.99 46.05 9.27
C ASN B 521 -5.68 46.77 10.57
N ILE B 522 -4.41 47.01 10.86
CA ILE B 522 -4.01 47.68 12.08
C ILE B 522 -3.51 49.07 11.74
N THR B 523 -3.74 50.01 12.64
CA THR B 523 -3.22 51.36 12.48
C THR B 523 -2.48 51.80 13.73
N LYS B 524 -2.08 53.07 13.77
CA LYS B 524 -1.44 53.63 14.94
C LYS B 524 -2.31 53.49 16.18
N LYS B 525 -3.62 53.41 16.01
CA LYS B 525 -4.53 53.26 17.13
C LYS B 525 -4.48 51.87 17.76
N ASP B 526 -3.82 50.91 17.12
CA ASP B 526 -3.71 49.56 17.67
C ASP B 526 -2.48 49.35 18.52
N MET B 527 -1.68 50.38 18.74
CA MET B 527 -0.50 50.28 19.58
C MET B 527 -0.88 50.59 21.03
N GLN B 528 -0.47 49.72 21.94
CA GLN B 528 -0.83 49.89 23.34
C GLN B 528 -0.02 51.02 23.96
N PHE B 529 -0.71 51.98 24.56
CA PHE B 529 -0.12 53.09 25.30
C PHE B 529 0.70 54.02 24.41
N ASN B 530 0.82 53.69 23.13
CA ASN B 530 1.47 54.57 22.15
C ASN B 530 0.56 54.67 20.95
N ASP B 531 -0.47 55.50 21.03
CA ASP B 531 -1.42 55.64 19.94
C ASP B 531 -1.69 57.11 19.62
N THR B 532 -0.75 57.98 19.97
CA THR B 532 -0.95 59.41 19.80
C THR B 532 -0.66 59.81 18.37
N THR B 533 -1.68 60.30 17.68
CA THR B 533 -1.52 60.88 16.35
C THR B 533 -1.54 62.39 16.46
N ALA B 534 -0.69 63.04 15.66
CA ALA B 534 -0.59 64.49 15.73
C ALA B 534 -0.03 65.00 14.42
N HIS B 535 -0.23 66.28 14.17
CA HIS B 535 0.34 66.93 13.01
C HIS B 535 1.76 67.36 13.35
N ILE B 536 2.74 66.77 12.68
CA ILE B 536 4.15 67.03 12.94
C ILE B 536 4.69 67.85 11.79
N GLU B 537 5.28 69.00 12.11
CA GLU B 537 5.91 69.87 11.14
C GLU B 537 7.40 69.97 11.46
N VAL B 538 8.22 69.94 10.42
CA VAL B 538 9.66 70.08 10.54
C VAL B 538 10.10 71.28 9.73
N ASN B 539 10.86 72.17 10.36
CA ASN B 539 11.35 73.36 9.68
C ASN B 539 12.40 72.97 8.66
N PRO B 540 12.23 73.31 7.39
CA PRO B 540 13.25 72.94 6.39
C PRO B 540 14.62 73.54 6.66
N GLU B 541 14.69 74.69 7.34
CA GLU B 541 15.96 75.37 7.57
C GLU B 541 16.56 75.04 8.93
N THR B 542 15.82 75.30 10.01
CA THR B 542 16.36 75.09 11.35
C THR B 542 16.22 73.65 11.82
N TYR B 543 15.50 72.81 11.09
CA TYR B 543 15.28 71.41 11.43
C TYR B 543 14.53 71.23 12.75
N HIS B 544 13.88 72.28 13.23
CA HIS B 544 13.10 72.18 14.45
C HIS B 544 11.83 71.39 14.21
N VAL B 545 11.35 70.72 15.25
CA VAL B 545 10.20 69.83 15.17
C VAL B 545 9.08 70.41 15.99
N PHE B 546 7.91 70.55 15.38
CA PHE B 546 6.72 71.05 16.05
C PHE B 546 5.64 70.00 15.99
N VAL B 547 5.05 69.70 17.16
CA VAL B 547 3.93 68.78 17.26
C VAL B 547 2.70 69.59 17.64
N ASP B 548 1.71 69.60 16.76
CA ASP B 548 0.47 70.35 16.98
C ASP B 548 0.76 71.83 17.26
N GLY B 549 1.76 72.37 16.57
CA GLY B 549 2.09 73.77 16.67
C GLY B 549 3.10 74.13 17.73
N LYS B 550 3.45 73.21 18.63
CA LYS B 550 4.36 73.50 19.72
C LYS B 550 5.68 72.79 19.48
N GLU B 551 6.78 73.50 19.76
CA GLU B 551 8.10 72.93 19.53
C GLU B 551 8.38 71.82 20.53
N VAL B 552 8.96 70.73 20.03
CA VAL B 552 9.28 69.55 20.81
C VAL B 552 10.78 69.34 20.78
N THR B 553 11.38 69.25 21.95
CA THR B 553 12.82 69.04 22.04
C THR B 553 13.14 68.42 23.39
N SER B 554 14.32 67.84 23.48
CA SER B 554 14.83 67.32 24.73
C SER B 554 16.28 67.75 24.88
N LYS B 555 16.76 67.74 26.09
CA LYS B 555 18.15 68.11 26.21
C LYS B 555 19.02 66.87 26.36
N PRO B 556 20.27 66.92 25.92
CA PRO B 556 21.13 65.74 26.00
C PRO B 556 21.50 65.41 27.44
N ALA B 557 21.82 64.15 27.66
CA ALA B 557 22.20 63.64 28.96
C ALA B 557 23.71 63.41 29.01
N ASN B 558 24.36 63.90 30.06
CA ASN B 558 25.78 63.66 30.25
C ASN B 558 26.06 62.36 31.01
N LYS B 559 25.03 61.70 31.51
CA LYS B 559 25.16 60.44 32.22
C LYS B 559 23.80 59.75 32.22
N VAL B 560 23.79 58.45 31.98
CA VAL B 560 22.56 57.68 31.95
C VAL B 560 22.64 56.62 33.04
N SER B 561 21.48 56.09 33.39
CA SER B 561 21.44 54.96 34.30
C SER B 561 21.59 53.66 33.50
N LEU B 562 21.78 52.57 34.24
CA LEU B 562 21.87 51.22 33.68
C LEU B 562 23.05 51.06 32.72
N ALA B 563 24.12 51.85 32.87
CA ALA B 563 25.24 51.75 31.94
C ALA B 563 26.53 51.29 32.60
N GLN B 564 27.16 52.10 33.43
CA GLN B 564 28.49 51.76 33.92
C GLN B 564 28.47 51.09 35.28
N LEU B 565 27.32 51.08 35.93
CA LEU B 565 27.16 50.40 37.20
C LEU B 565 27.08 48.88 37.02
N PHE B 566 26.69 48.41 35.84
CA PHE B 566 26.30 47.03 35.64
C PHE B 566 27.23 46.23 34.74
N SER B 567 28.15 46.88 34.02
CA SER B 567 28.93 46.20 33.01
C SER B 567 30.42 46.48 33.21
N ILE B 568 31.24 45.46 33.00
CA ILE B 568 32.68 45.66 33.08
C ILE B 568 33.22 46.34 31.83
N PHE B 569 32.54 46.24 30.71
CA PHE B 569 32.95 46.90 29.48
C PHE B 569 31.75 47.54 28.81
N MET C 1 16.52 -51.57 28.53
CA MET C 1 17.22 -52.21 27.43
C MET C 1 17.90 -51.19 26.54
N LYS C 2 17.25 -50.04 26.37
CA LYS C 2 17.74 -48.97 25.50
C LYS C 2 18.04 -49.48 24.09
N LEU C 3 17.03 -50.13 23.50
CA LEU C 3 17.18 -50.66 22.15
C LEU C 3 17.29 -49.55 21.13
N THR C 4 18.18 -49.72 20.18
CA THR C 4 18.31 -48.80 19.06
C THR C 4 17.47 -49.27 17.89
N PRO C 5 17.25 -48.42 16.87
CA PRO C 5 16.58 -48.90 15.66
C PRO C 5 17.27 -50.08 15.01
N LYS C 6 18.60 -50.12 15.06
CA LYS C 6 19.33 -51.25 14.52
C LYS C 6 18.98 -52.54 15.24
N GLU C 7 18.84 -52.48 16.56
CA GLU C 7 18.51 -53.68 17.33
C GLU C 7 17.11 -54.19 16.99
N LEU C 8 16.16 -53.28 16.78
CA LEU C 8 14.82 -53.69 16.37
C LEU C 8 14.83 -54.34 14.99
N ASP C 9 15.58 -53.76 14.05
CA ASP C 9 15.68 -54.35 12.72
C ASP C 9 16.32 -55.74 12.78
N LYS C 10 17.38 -55.90 13.57
CA LYS C 10 18.03 -57.19 13.66
C LYS C 10 17.15 -58.22 14.36
N LEU C 11 16.35 -57.80 15.34
CA LEU C 11 15.43 -58.74 15.98
C LEU C 11 14.38 -59.22 14.98
N MET C 12 13.84 -58.31 14.18
CA MET C 12 12.91 -58.73 13.12
C MET C 12 13.58 -59.71 12.17
N LEU C 13 14.82 -59.43 11.78
CA LEU C 13 15.55 -60.33 10.88
C LEU C 13 15.78 -61.70 11.51
N HIS C 14 16.11 -61.73 12.80
CA HIS C 14 16.31 -63.00 13.48
C HIS C 14 15.04 -63.84 13.45
N TYR C 15 13.89 -63.20 13.67
CA TYR C 15 12.68 -64.02 13.68
C TYR C 15 12.20 -64.37 12.27
N ALA C 16 12.53 -63.58 11.26
CA ALA C 16 12.31 -64.03 9.90
C ALA C 16 13.12 -65.28 9.60
N GLY C 17 14.39 -65.28 10.03
CA GLY C 17 15.21 -66.47 9.87
C GLY C 17 14.69 -67.65 10.68
N GLU C 18 14.15 -67.40 11.86
CA GLU C 18 13.56 -68.46 12.66
C GLU C 18 12.38 -69.09 11.94
N LEU C 19 11.52 -68.27 11.34
CA LEU C 19 10.41 -68.79 10.56
C LEU C 19 10.92 -69.62 9.39
N ALA C 20 11.97 -69.14 8.72
CA ALA C 20 12.55 -69.90 7.61
C ALA C 20 13.06 -71.25 8.08
N ARG C 21 13.73 -71.30 9.23
CA ARG C 21 14.25 -72.56 9.75
C ARG C 21 13.11 -73.51 10.13
N LYS C 22 12.05 -72.99 10.73
CA LYS C 22 10.90 -73.83 11.05
C LYS C 22 10.29 -74.43 9.79
N ARG C 23 10.12 -73.61 8.74
CA ARG C 23 9.56 -74.13 7.50
C ARG C 23 10.47 -75.17 6.87
N LYS C 24 11.79 -74.94 6.93
CA LYS C 24 12.73 -75.92 6.43
C LYS C 24 12.63 -77.23 7.19
N GLU C 25 12.39 -77.15 8.50
CA GLU C 25 12.19 -78.35 9.30
C GLU C 25 10.92 -79.08 8.88
N LYS C 26 9.86 -78.34 8.55
CA LYS C 26 8.62 -78.96 8.11
C LYS C 26 8.74 -79.63 6.75
N GLY C 27 9.81 -79.40 6.01
CA GLY C 27 9.98 -79.99 4.70
C GLY C 27 9.61 -79.11 3.54
N ILE C 28 9.29 -77.84 3.78
CA ILE C 28 8.97 -76.90 2.72
C ILE C 28 10.27 -76.46 2.05
N LYS C 29 10.26 -76.39 0.72
CA LYS C 29 11.39 -75.83 -0.01
C LYS C 29 11.36 -74.32 0.09
N LEU C 30 12.46 -73.73 0.52
CA LEU C 30 12.51 -72.31 0.84
C LEU C 30 12.53 -71.46 -0.42
N ASN C 31 11.93 -70.29 -0.32
CA ASN C 31 11.99 -69.32 -1.40
C ASN C 31 13.12 -68.33 -1.15
N TYR C 32 13.15 -67.27 -1.95
CA TYR C 32 14.24 -66.30 -1.91
C TYR C 32 14.37 -65.65 -0.55
N VAL C 33 13.26 -65.11 -0.03
CA VAL C 33 13.27 -64.39 1.24
C VAL C 33 13.69 -65.31 2.38
N GLU C 34 13.13 -66.51 2.41
CA GLU C 34 13.42 -67.44 3.50
C GLU C 34 14.89 -67.85 3.50
N ALA C 35 15.45 -68.11 2.32
CA ALA C 35 16.85 -68.49 2.24
C ALA C 35 17.76 -67.35 2.72
N VAL C 36 17.48 -66.13 2.24
CA VAL C 36 18.30 -64.99 2.63
C VAL C 36 18.25 -64.81 4.15
N ALA C 37 17.05 -64.85 4.72
CA ALA C 37 16.89 -64.63 6.15
C ALA C 37 17.54 -65.73 6.97
N LEU C 38 17.44 -66.98 6.51
CA LEU C 38 18.04 -68.09 7.25
C LEU C 38 19.55 -67.93 7.32
N ILE C 39 20.18 -67.59 6.19
CA ILE C 39 21.62 -67.38 6.20
C ILE C 39 22.00 -66.24 7.13
N SER C 40 21.26 -65.12 7.06
CA SER C 40 21.60 -63.95 7.86
C SER C 40 21.48 -64.24 9.35
N ALA C 41 20.40 -64.92 9.75
CA ALA C 41 20.18 -65.21 11.16
C ALA C 41 21.21 -66.18 11.70
N HIS C 42 21.60 -67.17 10.88
CA HIS C 42 22.65 -68.08 11.32
C HIS C 42 23.95 -67.34 11.56
N ILE C 43 24.31 -66.42 10.65
CA ILE C 43 25.56 -65.69 10.82
C ILE C 43 25.50 -64.84 12.09
N MET C 44 24.37 -64.17 12.34
CA MET C 44 24.27 -63.34 13.52
C MET C 44 24.42 -64.16 14.80
N GLU C 45 23.77 -65.31 14.86
CA GLU C 45 23.88 -66.13 16.07
C GLU C 45 25.30 -66.63 16.26
N GLU C 46 25.95 -67.05 15.17
CA GLU C 46 27.33 -67.52 15.30
C GLU C 46 28.26 -66.42 15.78
N ALA C 47 28.08 -65.20 15.28
CA ALA C 47 28.92 -64.10 15.75
C ALA C 47 28.64 -63.77 17.20
N ARG C 48 27.39 -63.90 17.65
CA ARG C 48 27.09 -63.69 19.06
C ARG C 48 27.80 -64.71 19.92
N ALA C 49 27.86 -65.98 19.47
CA ALA C 49 28.53 -67.00 20.25
C ALA C 49 30.01 -66.68 20.47
N GLY C 50 30.64 -65.98 19.53
CA GLY C 50 31.98 -65.51 19.71
C GLY C 50 33.08 -66.54 19.58
N LYS C 51 32.81 -67.68 18.95
CA LYS C 51 33.79 -68.74 18.83
C LYS C 51 34.40 -68.84 17.44
N LYS C 52 33.97 -68.01 16.50
CA LYS C 52 34.44 -68.11 15.12
C LYS C 52 34.78 -66.71 14.61
N THR C 53 35.70 -66.67 13.65
CA THR C 53 36.07 -65.41 13.03
C THR C 53 35.16 -65.11 11.85
N ALA C 54 35.23 -63.87 11.38
CA ALA C 54 34.35 -63.43 10.30
C ALA C 54 34.60 -64.23 9.03
N ALA C 55 35.86 -64.54 8.73
CA ALA C 55 36.17 -65.33 7.53
C ALA C 55 35.58 -66.73 7.63
N GLU C 56 35.68 -67.34 8.81
CA GLU C 56 35.04 -68.63 9.03
C GLU C 56 33.55 -68.55 8.75
N LEU C 57 32.90 -67.45 9.15
CA LEU C 57 31.47 -67.32 8.90
C LEU C 57 31.18 -67.10 7.42
N MET C 58 32.06 -66.40 6.72
CA MET C 58 31.89 -66.24 5.28
C MET C 58 31.93 -67.59 4.58
N GLN C 59 32.82 -68.47 5.03
CA GLN C 59 32.84 -69.81 4.46
C GLN C 59 31.67 -70.67 4.93
N GLU C 60 31.22 -70.47 6.16
CA GLU C 60 30.18 -71.34 6.73
C GLU C 60 28.81 -70.99 6.18
N GLY C 61 28.60 -69.75 5.76
CA GLY C 61 27.31 -69.37 5.22
C GLY C 61 26.94 -70.11 3.95
N ARG C 62 27.91 -70.76 3.31
CA ARG C 62 27.69 -71.46 2.06
C ARG C 62 27.30 -72.92 2.23
N THR C 63 27.29 -73.43 3.46
CA THR C 63 26.95 -74.81 3.72
C THR C 63 25.61 -74.97 4.42
N LEU C 64 24.89 -73.88 4.66
CA LEU C 64 23.64 -73.97 5.39
C LEU C 64 22.54 -74.62 4.55
N LEU C 65 22.45 -74.25 3.28
CA LEU C 65 21.37 -74.68 2.41
C LEU C 65 21.93 -75.48 1.25
N LYS C 66 21.53 -76.74 1.16
CA LYS C 66 21.81 -77.53 -0.03
C LYS C 66 20.87 -77.12 -1.15
N PRO C 67 21.25 -77.40 -2.41
CA PRO C 67 20.38 -76.99 -3.52
C PRO C 67 18.98 -77.58 -3.45
N ASP C 68 18.81 -78.76 -2.88
CA ASP C 68 17.50 -79.37 -2.78
C ASP C 68 16.62 -78.74 -1.71
N ASP C 69 17.17 -77.85 -0.88
CA ASP C 69 16.41 -77.25 0.20
C ASP C 69 15.63 -76.01 -0.23
N VAL C 70 15.87 -75.49 -1.41
CA VAL C 70 15.24 -74.26 -1.87
C VAL C 70 14.43 -74.55 -3.12
N MET C 71 13.56 -73.60 -3.45
CA MET C 71 12.76 -73.71 -4.66
C MET C 71 13.63 -73.54 -5.89
N ASP C 72 13.12 -74.05 -7.01
CA ASP C 72 13.77 -73.81 -8.29
C ASP C 72 13.83 -72.32 -8.58
N GLY C 73 14.99 -71.85 -9.01
CA GLY C 73 15.21 -70.46 -9.27
C GLY C 73 15.82 -69.67 -8.13
N VAL C 74 15.81 -70.21 -6.91
CA VAL C 74 16.30 -69.46 -5.76
C VAL C 74 17.81 -69.27 -5.83
N ALA C 75 18.53 -70.33 -6.19
CA ALA C 75 19.99 -70.28 -6.14
C ALA C 75 20.53 -69.21 -7.07
N SER C 76 19.97 -69.07 -8.26
CA SER C 76 20.46 -68.08 -9.20
C SER C 76 20.09 -66.66 -8.83
N MET C 77 19.21 -66.46 -7.86
CA MET C 77 18.82 -65.12 -7.46
C MET C 77 19.64 -64.59 -6.28
N ILE C 78 20.29 -65.46 -5.53
CA ILE C 78 21.05 -65.06 -4.36
C ILE C 78 22.53 -65.08 -4.77
N HIS C 79 23.01 -63.92 -5.20
CA HIS C 79 24.43 -63.79 -5.51
C HIS C 79 25.27 -63.69 -4.25
N GLU C 80 24.81 -62.91 -3.28
CA GLU C 80 25.60 -62.63 -2.09
C GLU C 80 24.68 -62.18 -0.97
N VAL C 81 24.87 -62.75 0.22
CA VAL C 81 24.18 -62.32 1.42
C VAL C 81 25.19 -61.60 2.28
N GLY C 82 24.94 -60.31 2.52
CA GLY C 82 25.72 -59.53 3.47
C GLY C 82 24.93 -59.33 4.74
N ILE C 83 25.62 -59.41 5.87
CA ILE C 83 25.01 -59.19 7.17
C ILE C 83 26.07 -58.63 8.11
N GLU C 84 25.72 -57.58 8.84
CA GLU C 84 26.61 -57.01 9.84
C GLU C 84 26.29 -57.62 11.20
N ALA C 85 27.29 -58.20 11.82
CA ALA C 85 27.13 -58.87 13.10
C ALA C 85 28.16 -58.34 14.09
N MET C 86 27.83 -58.43 15.37
CA MET C 86 28.69 -57.93 16.43
C MET C 86 29.46 -59.10 17.01
N PHE C 87 30.77 -59.10 16.81
CA PHE C 87 31.69 -60.09 17.34
C PHE C 87 32.21 -59.56 18.68
N PRO C 88 33.01 -60.33 19.42
CA PRO C 88 33.62 -59.78 20.63
C PRO C 88 34.49 -58.56 20.37
N ASP C 89 35.03 -58.43 19.16
CA ASP C 89 35.86 -57.30 18.78
C ASP C 89 35.10 -56.24 18.00
N GLY C 90 33.77 -56.27 18.04
CA GLY C 90 32.97 -55.21 17.46
C GLY C 90 32.19 -55.65 16.24
N THR C 91 31.64 -54.67 15.55
CA THR C 91 30.79 -54.93 14.40
C THR C 91 31.62 -55.14 13.14
N LYS C 92 31.38 -56.26 12.47
CA LYS C 92 32.05 -56.58 11.21
C LYS C 92 31.01 -57.00 10.19
N LEU C 93 31.30 -56.71 8.93
CA LEU C 93 30.45 -57.13 7.83
C LEU C 93 30.87 -58.51 7.35
N VAL C 94 29.93 -59.44 7.32
CA VAL C 94 30.14 -60.77 6.79
C VAL C 94 29.30 -60.91 5.53
N THR C 95 29.95 -61.23 4.42
CA THR C 95 29.26 -61.46 3.16
C THR C 95 29.50 -62.89 2.70
N VAL C 96 28.44 -63.59 2.38
CA VAL C 96 28.52 -64.95 1.85
C VAL C 96 28.26 -64.87 0.36
N HIS C 97 29.20 -65.37 -0.43
CA HIS C 97 29.11 -65.31 -1.89
C HIS C 97 28.58 -66.62 -2.43
N THR C 98 27.55 -66.51 -3.27
CA THR C 98 26.87 -67.65 -3.90
C THR C 98 26.63 -68.76 -2.89
N PRO C 99 25.84 -68.49 -1.83
CA PRO C 99 25.69 -69.49 -0.77
C PRO C 99 25.12 -70.81 -1.25
N ILE C 100 24.23 -70.77 -2.25
CA ILE C 100 23.52 -71.96 -2.70
C ILE C 100 23.90 -72.23 -4.16
N GLU C 101 24.03 -73.51 -4.50
CA GLU C 101 24.34 -73.91 -5.86
C GLU C 101 23.07 -74.20 -6.63
N ALA C 102 23.10 -73.89 -7.93
CA ALA C 102 21.94 -74.10 -8.79
C ALA C 102 21.78 -75.56 -9.13
N ASN C 103 20.55 -76.04 -9.09
CA ASN C 103 20.24 -77.43 -9.44
C ASN C 103 19.12 -77.58 -10.46
N GLY C 104 18.25 -76.58 -10.62
CA GLY C 104 17.17 -76.64 -11.57
C GLY C 104 17.51 -75.90 -12.86
N LYS C 105 16.45 -75.57 -13.61
CA LYS C 105 16.60 -74.85 -14.86
C LYS C 105 16.02 -73.45 -14.82
N LEU C 106 15.24 -73.11 -13.79
CA LEU C 106 14.58 -71.82 -13.74
C LEU C 106 15.59 -70.72 -13.39
N VAL C 107 15.74 -69.75 -14.27
CA VAL C 107 16.58 -68.59 -14.00
C VAL C 107 15.74 -67.34 -14.19
N PRO C 108 15.27 -66.71 -13.11
CA PRO C 108 14.61 -65.41 -13.26
C PRO C 108 15.54 -64.39 -13.86
N GLY C 109 15.01 -63.58 -14.78
CA GLY C 109 15.81 -62.56 -15.41
C GLY C 109 16.86 -63.08 -16.36
N GLU C 110 16.72 -64.32 -16.80
CA GLU C 110 17.72 -64.97 -17.64
C GLU C 110 17.99 -64.16 -18.91
N LEU C 111 19.26 -64.05 -19.26
CA LEU C 111 19.68 -63.27 -20.42
C LEU C 111 19.96 -64.21 -21.59
N PHE C 112 19.31 -63.94 -22.71
CA PHE C 112 19.51 -64.68 -23.94
C PHE C 112 20.25 -63.76 -24.91
N LEU C 113 21.54 -64.03 -25.10
CA LEU C 113 22.40 -63.12 -25.83
C LEU C 113 22.67 -63.63 -27.24
N LYS C 114 22.77 -62.71 -28.18
CA LYS C 114 23.36 -63.03 -29.47
C LYS C 114 24.83 -63.37 -29.29
N ASN C 115 25.34 -64.27 -30.13
CA ASN C 115 26.73 -64.68 -30.02
C ASN C 115 27.68 -63.81 -30.82
N GLU C 116 27.20 -62.69 -31.39
CA GLU C 116 28.05 -61.78 -32.12
C GLU C 116 28.77 -60.83 -31.17
N ASP C 117 30.02 -60.52 -31.50
CA ASP C 117 30.80 -59.59 -30.70
C ASP C 117 30.39 -58.15 -30.98
N ILE C 118 30.72 -57.27 -30.03
CA ILE C 118 30.47 -55.85 -30.16
C ILE C 118 31.76 -55.18 -30.59
N THR C 119 31.67 -54.30 -31.59
CA THR C 119 32.81 -53.54 -32.07
C THR C 119 32.72 -52.14 -31.49
N ILE C 120 33.64 -51.82 -30.59
CA ILE C 120 33.65 -50.52 -29.94
C ILE C 120 34.63 -49.61 -30.65
N ASN C 121 34.35 -48.30 -30.57
CA ASN C 121 35.21 -47.28 -31.17
C ASN C 121 35.39 -47.52 -32.66
N GLU C 122 34.32 -47.92 -33.34
CA GLU C 122 34.40 -48.20 -34.75
C GLU C 122 34.74 -46.95 -35.53
N GLY C 123 35.59 -47.11 -36.53
CA GLY C 123 36.07 -45.99 -37.32
C GLY C 123 37.23 -45.23 -36.72
N LYS C 124 37.72 -45.65 -35.56
CA LYS C 124 38.85 -45.00 -34.91
C LYS C 124 40.09 -45.86 -35.11
N LYS C 125 41.14 -45.28 -35.70
CA LYS C 125 42.40 -45.98 -35.87
C LYS C 125 43.20 -45.93 -34.58
N ALA C 126 43.76 -47.07 -34.20
CA ALA C 126 44.51 -47.19 -32.96
C ALA C 126 46.00 -47.23 -33.25
N VAL C 127 46.75 -46.41 -32.53
CA VAL C 127 48.20 -46.46 -32.54
C VAL C 127 48.65 -47.21 -31.30
N SER C 128 49.90 -47.68 -31.32
CA SER C 128 50.47 -48.45 -30.22
C SER C 128 51.65 -47.69 -29.64
N VAL C 129 51.64 -47.51 -28.33
CA VAL C 129 52.67 -46.78 -27.61
C VAL C 129 53.18 -47.65 -26.48
N LYS C 130 54.49 -47.70 -26.31
CA LYS C 130 55.11 -48.46 -25.23
C LYS C 130 55.29 -47.56 -24.01
N VAL C 131 54.82 -48.05 -22.86
CA VAL C 131 54.78 -47.26 -21.63
C VAL C 131 55.48 -48.04 -20.52
N LYS C 132 56.30 -47.35 -19.74
CA LYS C 132 56.98 -47.94 -18.59
C LYS C 132 56.73 -47.08 -17.36
N ASN C 133 56.49 -47.74 -16.23
CA ASN C 133 56.30 -47.06 -14.95
C ASN C 133 57.63 -47.04 -14.23
N VAL C 134 58.31 -45.88 -14.25
CA VAL C 134 59.58 -45.74 -13.57
C VAL C 134 59.42 -45.34 -12.10
N GLY C 135 58.19 -45.10 -11.66
CA GLY C 135 57.95 -44.82 -10.26
C GLY C 135 57.84 -46.09 -9.43
N ASP C 136 57.72 -45.89 -8.12
CA ASP C 136 57.66 -46.99 -7.17
C ASP C 136 56.24 -47.29 -6.71
N ARG C 137 55.24 -46.72 -7.37
CA ARG C 137 53.86 -46.90 -6.96
C ARG C 137 53.02 -47.31 -8.16
N PRO C 138 51.99 -48.12 -7.95
CA PRO C 138 51.14 -48.54 -9.07
C PRO C 138 50.33 -47.39 -9.64
N VAL C 139 50.09 -47.45 -10.95
CA VAL C 139 49.34 -46.44 -11.66
C VAL C 139 48.28 -47.14 -12.52
N GLN C 140 47.04 -46.67 -12.44
CA GLN C 140 45.93 -47.25 -13.20
C GLN C 140 45.23 -46.14 -13.97
N ILE C 141 44.98 -46.39 -15.26
CA ILE C 141 44.48 -45.37 -16.17
C ILE C 141 43.18 -45.85 -16.79
N GLY C 142 42.14 -45.00 -16.74
CA GLY C 142 40.85 -45.35 -17.27
C GLY C 142 40.72 -45.12 -18.78
N SER C 143 39.57 -45.54 -19.30
CA SER C 143 39.37 -45.59 -20.75
C SER C 143 39.27 -44.21 -21.38
N HIS C 144 38.78 -43.21 -20.65
CA HIS C 144 38.55 -41.90 -21.22
C HIS C 144 39.45 -40.82 -20.64
N PHE C 145 40.51 -41.19 -19.95
CA PHE C 145 41.50 -40.21 -19.53
C PHE C 145 42.34 -39.77 -20.71
N HIS C 146 42.63 -38.47 -20.76
CA HIS C 146 43.53 -37.94 -21.78
C HIS C 146 44.93 -38.47 -21.52
N PHE C 147 45.37 -39.44 -22.32
CA PHE C 147 46.58 -40.19 -22.00
C PHE C 147 47.83 -39.32 -22.02
N PHE C 148 47.79 -38.17 -22.69
CA PHE C 148 48.91 -37.25 -22.68
C PHE C 148 49.23 -36.75 -21.27
N GLU C 149 48.22 -36.72 -20.38
CA GLU C 149 48.35 -36.08 -19.08
C GLU C 149 48.36 -37.07 -17.93
N VAL C 150 48.76 -38.32 -18.16
CA VAL C 150 48.81 -39.31 -17.10
C VAL C 150 49.95 -38.96 -16.14
N ASN C 151 50.00 -39.68 -15.01
CA ASN C 151 51.04 -39.52 -14.00
C ASN C 151 52.41 -39.29 -14.62
N ARG C 152 53.09 -38.24 -14.14
CA ARG C 152 54.37 -37.85 -14.70
C ARG C 152 55.43 -38.93 -14.51
N CYS C 153 55.19 -39.89 -13.63
CA CYS C 153 56.14 -40.99 -13.44
C CYS C 153 56.11 -42.01 -14.57
N LEU C 154 55.03 -42.06 -15.34
CA LEU C 154 54.99 -42.94 -16.51
C LEU C 154 55.84 -42.33 -17.62
N ASP C 155 56.65 -43.16 -18.27
CA ASP C 155 57.55 -42.70 -19.32
C ASP C 155 57.15 -43.33 -20.64
N PHE C 156 56.90 -42.49 -21.64
CA PHE C 156 56.50 -42.91 -22.97
C PHE C 156 56.58 -41.69 -23.88
N ASP C 157 56.50 -41.94 -25.18
CA ASP C 157 56.60 -40.84 -26.15
C ASP C 157 55.33 -40.00 -26.14
N ARG C 158 55.30 -39.00 -25.26
CA ARG C 158 54.07 -38.26 -25.01
C ARG C 158 53.55 -37.55 -26.26
N GLU C 159 54.45 -37.14 -27.15
CA GLU C 159 54.04 -36.40 -28.34
C GLU C 159 53.05 -37.20 -29.18
N LYS C 160 53.25 -38.52 -29.27
CA LYS C 160 52.36 -39.35 -30.07
C LYS C 160 51.02 -39.60 -29.41
N THR C 161 50.84 -39.22 -28.15
CA THR C 161 49.63 -39.53 -27.40
C THR C 161 48.72 -38.32 -27.19
N PHE C 162 49.05 -37.18 -27.79
CA PHE C 162 48.27 -35.97 -27.58
C PHE C 162 46.89 -36.08 -28.23
N GLY C 163 45.86 -35.71 -27.48
CA GLY C 163 44.50 -35.82 -27.97
C GLY C 163 43.99 -37.24 -28.08
N LYS C 164 44.53 -38.17 -27.30
CA LYS C 164 44.18 -39.57 -27.43
C LYS C 164 43.79 -40.15 -26.09
N ARG C 165 43.08 -41.27 -26.14
CA ARG C 165 42.69 -42.04 -24.97
C ARG C 165 42.88 -43.52 -25.27
N LEU C 166 42.70 -44.35 -24.26
CA LEU C 166 42.90 -45.78 -24.40
C LEU C 166 41.78 -46.41 -25.21
N ASP C 167 42.14 -47.27 -26.17
CA ASP C 167 41.18 -47.95 -27.02
C ASP C 167 40.76 -49.27 -26.35
N ILE C 168 40.08 -49.11 -25.22
CA ILE C 168 39.58 -50.22 -24.42
C ILE C 168 38.11 -49.98 -24.14
N ALA C 169 37.49 -50.98 -23.52
CA ALA C 169 36.07 -50.88 -23.18
C ALA C 169 35.82 -49.74 -22.21
N SER C 170 34.74 -49.01 -22.45
CA SER C 170 34.39 -47.86 -21.63
C SER C 170 34.23 -48.27 -20.18
N GLY C 171 34.90 -47.55 -19.28
CA GLY C 171 34.85 -47.84 -17.87
C GLY C 171 35.82 -48.89 -17.39
N THR C 172 36.66 -49.44 -18.27
CA THR C 172 37.72 -50.34 -17.86
C THR C 172 39.01 -49.55 -17.70
N ALA C 173 40.08 -50.25 -17.30
CA ALA C 173 41.33 -49.56 -17.00
C ALA C 173 42.51 -50.45 -17.32
N VAL C 174 43.66 -49.82 -17.47
CA VAL C 174 44.94 -50.49 -17.67
C VAL C 174 45.82 -50.18 -16.46
N ARG C 175 46.41 -51.22 -15.89
CA ARG C 175 47.24 -51.07 -14.71
C ARG C 175 48.71 -51.12 -15.09
N PHE C 176 49.53 -50.34 -14.37
CA PHE C 176 50.97 -50.30 -14.56
C PHE C 176 51.62 -50.49 -13.20
N GLU C 177 52.15 -51.69 -12.97
CA GLU C 177 52.88 -51.95 -11.75
C GLU C 177 54.21 -51.20 -11.75
N PRO C 178 54.76 -50.92 -10.58
CA PRO C 178 56.07 -50.26 -10.52
C PRO C 178 57.11 -51.05 -11.29
N GLY C 179 57.75 -50.40 -12.24
CA GLY C 179 58.72 -51.04 -13.10
C GLY C 179 58.15 -51.79 -14.27
N GLU C 180 56.82 -51.86 -14.39
CA GLU C 180 56.20 -52.62 -15.45
C GLU C 180 56.27 -51.86 -16.77
N GLU C 181 56.46 -52.60 -17.85
CA GLU C 181 56.55 -52.05 -19.19
C GLU C 181 55.63 -52.83 -20.11
N LYS C 182 54.75 -52.12 -20.81
CA LYS C 182 53.82 -52.75 -21.73
C LYS C 182 53.37 -51.73 -22.75
N SER C 183 52.81 -52.22 -23.84
CA SER C 183 52.31 -51.37 -24.91
C SER C 183 50.80 -51.30 -24.86
N VAL C 184 50.25 -50.14 -25.21
CA VAL C 184 48.81 -49.91 -25.18
C VAL C 184 48.37 -49.30 -26.50
N GLU C 185 47.07 -49.40 -26.75
CA GLU C 185 46.47 -48.84 -27.95
C GLU C 185 45.76 -47.54 -27.62
N LEU C 186 45.95 -46.53 -28.45
CA LEU C 186 45.36 -45.22 -28.24
C LEU C 186 44.57 -44.81 -29.47
N ILE C 187 43.35 -44.34 -29.26
CA ILE C 187 42.53 -43.79 -30.32
C ILE C 187 42.35 -42.30 -30.07
N ASP C 188 41.95 -41.58 -31.12
CA ASP C 188 41.67 -40.16 -30.99
C ASP C 188 40.44 -39.92 -30.13
N ILE C 189 40.50 -38.86 -29.33
CA ILE C 189 39.33 -38.42 -28.57
C ILE C 189 38.31 -37.85 -29.54
N GLY C 190 37.03 -38.15 -29.30
CA GLY C 190 35.96 -37.76 -30.19
C GLY C 190 35.31 -36.44 -29.80
N GLY C 191 34.13 -36.22 -30.38
CA GLY C 191 33.37 -35.03 -30.07
C GLY C 191 34.04 -33.77 -30.55
N ASN C 192 33.96 -32.72 -29.73
CA ASN C 192 34.56 -31.43 -30.06
C ASN C 192 36.05 -31.38 -29.76
N ARG C 193 36.60 -32.41 -29.16
CA ARG C 193 38.02 -32.48 -28.80
C ARG C 193 38.44 -31.27 -27.98
N ARG C 194 37.60 -30.92 -27.01
CA ARG C 194 37.85 -29.83 -26.07
C ARG C 194 38.28 -30.45 -24.75
N ILE C 195 39.57 -30.35 -24.44
CA ILE C 195 40.16 -31.06 -23.32
C ILE C 195 40.34 -30.07 -22.18
N PHE C 196 39.58 -30.26 -21.11
CA PHE C 196 39.64 -29.40 -19.93
C PHE C 196 39.90 -30.25 -18.70
N GLY C 197 40.79 -29.79 -17.84
CA GLY C 197 41.20 -30.55 -16.68
C GLY C 197 42.37 -31.49 -16.92
N PHE C 198 42.37 -32.57 -16.14
CA PHE C 198 43.25 -33.73 -16.17
C PHE C 198 44.68 -33.50 -15.70
N ASN C 199 45.27 -32.36 -16.01
CA ASN C 199 46.47 -31.87 -15.34
C ASN C 199 46.59 -30.38 -15.59
N ALA C 200 45.59 -29.80 -16.25
CA ALA C 200 45.64 -28.44 -16.77
C ALA C 200 46.77 -28.25 -17.77
N LEU C 201 47.06 -29.28 -18.55
CA LEU C 201 48.09 -29.18 -19.57
C LEU C 201 47.58 -28.63 -20.89
N VAL C 202 46.28 -28.80 -21.19
CA VAL C 202 45.72 -28.26 -22.41
C VAL C 202 44.72 -27.16 -22.09
N ASP C 203 43.61 -27.53 -21.46
CA ASP C 203 42.54 -26.60 -21.07
C ASP C 203 42.10 -25.71 -22.23
N ARG C 204 42.00 -26.29 -23.41
CA ARG C 204 41.55 -25.58 -24.60
C ARG C 204 41.27 -26.60 -25.70
N GLN C 205 40.98 -26.10 -26.90
CA GLN C 205 40.81 -26.95 -28.07
C GLN C 205 42.09 -27.72 -28.36
N ALA C 206 41.94 -29.01 -28.68
CA ALA C 206 43.07 -29.86 -29.02
C ALA C 206 43.36 -29.73 -30.51
N ASP C 207 44.58 -29.34 -30.84
CA ASP C 207 45.04 -29.26 -32.22
C ASP C 207 46.56 -29.13 -32.20
N ASN C 208 47.14 -28.98 -33.39
CA ASN C 208 48.59 -28.92 -33.51
C ASN C 208 49.17 -27.69 -32.82
N GLU C 209 48.47 -26.55 -32.92
CA GLU C 209 48.95 -25.34 -32.25
C GLU C 209 48.96 -25.51 -30.73
N SER C 210 47.94 -26.15 -30.18
CA SER C 210 47.90 -26.33 -28.73
C SER C 210 48.75 -27.50 -28.26
N LYS C 211 49.16 -28.39 -29.18
CA LYS C 211 50.06 -29.47 -28.80
C LYS C 211 51.43 -28.94 -28.41
N LYS C 212 51.88 -27.87 -29.07
CA LYS C 212 53.16 -27.26 -28.70
C LYS C 212 53.10 -26.65 -27.30
N ILE C 213 52.03 -25.93 -27.00
CA ILE C 213 51.86 -25.37 -25.67
C ILE C 213 51.82 -26.47 -24.62
N ALA C 214 51.07 -27.55 -24.92
CA ALA C 214 50.97 -28.66 -23.98
C ALA C 214 52.32 -29.32 -23.76
N LEU C 215 53.09 -29.52 -24.82
CA LEU C 215 54.41 -30.14 -24.69
C LEU C 215 55.34 -29.27 -23.86
N HIS C 216 55.32 -27.96 -24.09
CA HIS C 216 56.15 -27.07 -23.30
C HIS C 216 55.75 -27.09 -21.83
N ARG C 217 54.44 -27.03 -21.55
CA ARG C 217 53.98 -27.10 -20.16
C ARG C 217 54.35 -28.41 -19.50
N ALA C 218 54.24 -29.51 -20.25
CA ALA C 218 54.59 -30.82 -19.71
C ALA C 218 56.06 -30.90 -19.37
N LYS C 219 56.91 -30.39 -20.26
CA LYS C 219 58.35 -30.40 -19.99
C LYS C 219 58.69 -29.55 -18.78
N GLU C 220 58.08 -28.38 -18.66
CA GLU C 220 58.35 -27.53 -17.50
C GLU C 220 57.94 -28.19 -16.20
N ARG C 221 56.92 -29.05 -16.24
CA ARG C 221 56.40 -29.68 -15.04
C ARG C 221 56.90 -31.11 -14.86
N GLY C 222 57.92 -31.50 -15.60
CA GLY C 222 58.59 -32.78 -15.39
C GLY C 222 57.78 -34.02 -15.70
N PHE C 223 57.07 -34.04 -16.82
CA PHE C 223 56.37 -35.23 -17.27
C PHE C 223 57.31 -36.04 -18.15
N HIS C 224 57.54 -37.30 -17.77
CA HIS C 224 58.55 -38.11 -18.44
C HIS C 224 58.17 -38.40 -19.88
N GLY C 225 59.19 -38.55 -20.72
CA GLY C 225 58.97 -38.81 -22.12
C GLY C 225 58.52 -37.61 -22.93
N THR C 226 58.59 -36.42 -22.36
CA THR C 226 58.20 -35.20 -23.06
C THR C 226 59.43 -34.57 -23.67
N LYS C 227 59.43 -34.42 -24.99
CA LYS C 227 60.54 -33.82 -25.72
C LYS C 227 59.97 -32.66 -26.54
N SER C 228 59.90 -31.49 -25.91
CA SER C 228 59.51 -30.26 -26.60
C SER C 228 60.77 -29.45 -26.88
N ASP C 229 60.90 -28.98 -28.12
CA ASP C 229 62.15 -28.38 -28.56
C ASP C 229 62.47 -27.13 -27.76
N ASP C 230 63.75 -26.92 -27.50
CA ASP C 230 64.20 -25.72 -26.80
C ASP C 230 64.01 -24.50 -27.70
N ASN C 231 64.33 -23.33 -27.17
CA ASN C 231 64.01 -22.06 -27.82
C ASN C 231 62.52 -21.97 -28.12
N TYR C 232 61.72 -22.34 -27.13
CA TYR C 232 60.28 -22.26 -27.25
C TYR C 232 59.83 -20.82 -27.41
N VAL C 233 58.88 -20.60 -28.31
CA VAL C 233 58.35 -19.28 -28.56
C VAL C 233 56.98 -19.19 -27.90
N LYS C 234 56.84 -18.31 -26.91
CA LYS C 234 55.58 -18.15 -26.21
C LYS C 234 54.56 -17.43 -27.09
N THR C 235 53.29 -17.71 -26.83
CA THR C 235 52.19 -17.00 -27.45
C THR C 235 51.66 -15.94 -26.48
N ILE C 236 50.71 -15.14 -26.96
CA ILE C 236 50.15 -14.09 -26.13
C ILE C 236 49.31 -14.63 -24.97
N LYS C 237 48.81 -15.86 -25.08
CA LYS C 237 48.01 -16.46 -24.01
C LYS C 237 48.52 -17.87 -23.74
N GLU C 238 49.11 -18.06 -22.57
CA GLU C 238 49.69 -19.35 -22.19
C GLU C 238 49.22 -19.77 -20.81
N MET D 1 -48.25 31.69 20.76
CA MET D 1 -48.72 30.73 21.75
C MET D 1 -47.57 29.96 22.37
N LYS D 2 -46.55 29.67 21.56
CA LYS D 2 -45.39 28.90 21.99
C LYS D 2 -45.80 27.57 22.60
N LEU D 3 -46.60 26.81 21.85
CA LEU D 3 -47.06 25.52 22.32
C LEU D 3 -45.91 24.53 22.39
N THR D 4 -45.90 23.73 23.45
CA THR D 4 -44.94 22.65 23.61
C THR D 4 -45.52 21.36 23.07
N PRO D 5 -44.69 20.32 22.88
CA PRO D 5 -45.25 19.01 22.52
C PRO D 5 -46.27 18.49 23.52
N LYS D 6 -46.07 18.78 24.81
CA LYS D 6 -47.04 18.37 25.81
C LYS D 6 -48.39 19.03 25.59
N GLU D 7 -48.39 20.30 25.20
CA GLU D 7 -49.64 21.00 24.97
C GLU D 7 -50.39 20.42 23.77
N LEU D 8 -49.66 20.05 22.72
CA LEU D 8 -50.30 19.42 21.57
C LEU D 8 -50.90 18.08 21.93
N ASP D 9 -50.17 17.26 22.71
CA ASP D 9 -50.70 15.98 23.14
C ASP D 9 -51.95 16.15 24.00
N LYS D 10 -51.92 17.11 24.91
CA LYS D 10 -53.09 17.32 25.77
C LYS D 10 -54.27 17.86 24.99
N LEU D 11 -54.03 18.69 23.97
CA LEU D 11 -55.14 19.16 23.14
C LEU D 11 -55.78 18.00 22.39
N MET D 12 -54.96 17.11 21.83
CA MET D 12 -55.50 15.91 21.19
C MET D 12 -56.32 15.09 22.18
N LEU D 13 -55.82 14.93 23.40
CA LEU D 13 -56.54 14.16 24.42
C LEU D 13 -57.87 14.83 24.77
N HIS D 14 -57.87 16.15 24.89
CA HIS D 14 -59.11 16.86 25.19
C HIS D 14 -60.16 16.63 24.12
N TYR D 15 -59.75 16.63 22.86
CA TYR D 15 -60.77 16.44 21.84
C TYR D 15 -61.17 14.98 21.68
N ALA D 16 -60.29 14.03 22.01
CA ALA D 16 -60.74 12.65 22.11
C ALA D 16 -61.81 12.51 23.19
N GLY D 17 -61.60 13.14 24.34
CA GLY D 17 -62.62 13.13 25.37
C GLY D 17 -63.89 13.84 24.96
N GLU D 18 -63.77 14.91 24.18
CA GLU D 18 -64.95 15.60 23.66
C GLU D 18 -65.77 14.69 22.76
N LEU D 19 -65.08 13.95 21.88
CA LEU D 19 -65.78 12.98 21.04
C LEU D 19 -66.47 11.92 21.88
N ALA D 20 -65.80 11.45 22.93
CA ALA D 20 -66.40 10.47 23.81
C ALA D 20 -67.66 11.02 24.47
N ARG D 21 -67.61 12.26 24.92
CA ARG D 21 -68.77 12.86 25.58
C ARG D 21 -69.92 13.05 24.58
N LYS D 22 -69.62 13.45 23.35
CA LYS D 22 -70.67 13.57 22.34
C LYS D 22 -71.33 12.23 22.07
N ARG D 23 -70.52 11.17 21.94
CA ARG D 23 -71.10 9.85 21.70
C ARG D 23 -71.94 9.39 22.88
N LYS D 24 -71.47 9.67 24.10
CA LYS D 24 -72.27 9.34 25.28
C LYS D 24 -73.59 10.09 25.29
N GLU D 25 -73.58 11.33 24.82
CA GLU D 25 -74.82 12.09 24.72
C GLU D 25 -75.76 11.47 23.68
N LYS D 26 -75.21 10.95 22.59
CA LYS D 26 -76.03 10.31 21.57
C LYS D 26 -76.64 8.99 22.03
N GLY D 27 -76.19 8.44 23.16
CA GLY D 27 -76.71 7.19 23.65
C GLY D 27 -75.87 5.97 23.33
N ILE D 28 -74.70 6.15 22.76
CA ILE D 28 -73.79 5.04 22.45
C ILE D 28 -73.10 4.61 23.73
N LYS D 29 -73.00 3.30 23.94
CA LYS D 29 -72.22 2.77 25.06
C LYS D 29 -70.75 2.86 24.74
N LEU D 30 -69.99 3.48 25.63
CA LEU D 30 -68.59 3.79 25.35
C LEU D 30 -67.72 2.55 25.44
N ASN D 31 -66.67 2.54 24.63
CA ASN D 31 -65.68 1.47 24.69
C ASN D 31 -64.51 1.92 25.57
N TYR D 32 -63.43 1.13 25.53
CA TYR D 32 -62.30 1.36 26.42
C TYR D 32 -61.66 2.73 26.18
N VAL D 33 -61.35 3.04 24.92
CA VAL D 33 -60.68 4.29 24.58
C VAL D 33 -61.53 5.48 24.96
N GLU D 34 -62.83 5.42 24.65
CA GLU D 34 -63.70 6.55 24.91
C GLU D 34 -63.84 6.81 26.39
N ALA D 35 -63.98 5.75 27.19
CA ALA D 35 -64.09 5.91 28.63
C ALA D 35 -62.83 6.52 29.23
N VAL D 36 -61.66 6.00 28.81
CA VAL D 36 -60.40 6.54 29.33
C VAL D 36 -60.27 8.01 29.00
N ALA D 37 -60.55 8.37 27.74
CA ALA D 37 -60.40 9.76 27.30
C ALA D 37 -61.39 10.67 28.00
N LEU D 38 -62.62 10.21 28.20
CA LEU D 38 -63.63 11.05 28.85
C LEU D 38 -63.20 11.37 30.28
N ILE D 39 -62.72 10.36 31.02
CA ILE D 39 -62.26 10.62 32.38
C ILE D 39 -61.08 11.60 32.37
N SER D 40 -60.13 11.40 31.47
CA SER D 40 -58.93 12.24 31.45
C SER D 40 -59.29 13.69 31.13
N ALA D 41 -60.15 13.90 30.14
CA ALA D 41 -60.51 15.25 29.74
C ALA D 41 -61.30 15.96 30.83
N HIS D 42 -62.18 15.24 31.52
CA HIS D 42 -62.90 15.84 32.63
C HIS D 42 -61.94 16.29 33.71
N ILE D 43 -60.96 15.46 34.06
CA ILE D 43 -60.02 15.85 35.09
C ILE D 43 -59.22 17.08 34.67
N MET D 44 -58.78 17.12 33.41
CA MET D 44 -58.01 18.28 32.96
C MET D 44 -58.82 19.56 33.03
N GLU D 45 -60.08 19.51 32.60
CA GLU D 45 -60.90 20.72 32.66
C GLU D 45 -61.13 21.16 34.09
N GLU D 46 -61.39 20.20 34.99
CA GLU D 46 -61.62 20.57 36.39
C GLU D 46 -60.38 21.21 37.00
N ALA D 47 -59.20 20.67 36.70
CA ALA D 47 -57.99 21.27 37.21
C ALA D 47 -57.74 22.66 36.63
N ARG D 48 -58.12 22.88 35.37
CA ARG D 48 -58.00 24.22 34.82
C ARG D 48 -58.91 25.19 35.54
N ALA D 49 -60.12 24.76 35.91
CA ALA D 49 -61.03 25.66 36.61
C ALA D 49 -60.46 26.12 37.94
N GLY D 50 -59.63 25.30 38.59
CA GLY D 50 -58.92 25.71 39.78
C GLY D 50 -59.74 25.77 41.05
N LYS D 51 -60.90 25.11 41.10
CA LYS D 51 -61.76 25.16 42.27
C LYS D 51 -61.71 23.91 43.12
N LYS D 52 -60.95 22.90 42.71
CA LYS D 52 -60.91 21.62 43.40
C LYS D 52 -59.47 21.17 43.58
N THR D 53 -59.24 20.38 44.61
CA THR D 53 -57.91 19.83 44.86
C THR D 53 -57.75 18.51 44.12
N ALA D 54 -56.50 18.06 44.03
CA ALA D 54 -56.19 16.85 43.28
C ALA D 54 -56.90 15.63 43.89
N ALA D 55 -56.97 15.56 45.22
CA ALA D 55 -57.66 14.43 45.86
C ALA D 55 -59.14 14.43 45.55
N GLU D 56 -59.76 15.61 45.54
CA GLU D 56 -61.15 15.72 45.11
C GLU D 56 -61.33 15.19 43.71
N LEU D 57 -60.38 15.47 42.81
CA LEU D 57 -60.50 14.98 41.44
C LEU D 57 -60.30 13.48 41.38
N MET D 58 -59.42 12.94 42.22
CA MET D 58 -59.27 11.48 42.27
C MET D 58 -60.56 10.82 42.67
N GLN D 59 -61.29 11.41 43.61
CA GLN D 59 -62.58 10.85 43.98
C GLN D 59 -63.65 11.12 42.93
N GLU D 60 -63.57 12.26 42.24
CA GLU D 60 -64.61 12.64 41.30
C GLU D 60 -64.51 11.86 40.00
N GLY D 61 -63.31 11.40 39.64
CA GLY D 61 -63.16 10.64 38.42
C GLY D 61 -63.92 9.33 38.41
N ARG D 62 -64.37 8.87 39.57
CA ARG D 62 -65.05 7.60 39.70
C ARG D 62 -66.56 7.71 39.56
N THR D 63 -67.10 8.92 39.43
CA THR D 63 -68.53 9.13 39.31
C THR D 63 -68.95 9.58 37.92
N LEU D 64 -68.01 9.69 36.99
CA LEU D 64 -68.35 10.19 35.67
C LEU D 64 -69.16 9.19 34.87
N LEU D 65 -68.78 7.91 34.93
CA LEU D 65 -69.38 6.88 34.10
C LEU D 65 -70.02 5.83 34.99
N LYS D 66 -71.33 5.67 34.85
CA LYS D 66 -72.03 4.56 35.46
C LYS D 66 -71.76 3.29 34.68
N PRO D 67 -71.93 2.12 35.29
CA PRO D 67 -71.66 0.86 34.57
C PRO D 67 -72.48 0.70 33.31
N ASP D 68 -73.70 1.24 33.27
CA ASP D 68 -74.54 1.11 32.09
C ASP D 68 -74.09 2.00 30.94
N ASP D 69 -73.16 2.91 31.17
CA ASP D 69 -72.72 3.85 30.15
C ASP D 69 -71.64 3.29 29.23
N VAL D 70 -71.05 2.16 29.57
CA VAL D 70 -69.94 1.60 28.82
C VAL D 70 -70.34 0.23 28.30
N MET D 71 -69.55 -0.25 27.35
CA MET D 71 -69.77 -1.57 26.79
C MET D 71 -69.41 -2.65 27.80
N ASP D 72 -69.98 -3.83 27.60
CA ASP D 72 -69.59 -4.98 28.41
C ASP D 72 -68.10 -5.26 28.24
N GLY D 73 -67.42 -5.48 29.36
CA GLY D 73 -66.00 -5.70 29.36
C GLY D 73 -65.15 -4.48 29.61
N VAL D 74 -65.72 -3.29 29.49
CA VAL D 74 -64.92 -2.07 29.63
C VAL D 74 -64.47 -1.88 31.07
N ALA D 75 -65.36 -2.10 32.03
CA ALA D 75 -65.05 -1.80 33.41
C ALA D 75 -63.88 -2.62 33.92
N SER D 76 -63.81 -3.90 33.54
CA SER D 76 -62.72 -4.75 34.01
C SER D 76 -61.39 -4.44 33.33
N MET D 77 -61.39 -3.64 32.26
CA MET D 77 -60.15 -3.31 31.57
C MET D 77 -59.52 -2.02 32.07
N ILE D 78 -60.28 -1.17 32.74
CA ILE D 78 -59.77 0.12 33.20
C ILE D 78 -59.52 -0.03 34.70
N HIS D 79 -58.29 -0.38 35.04
CA HIS D 79 -57.90 -0.44 36.44
C HIS D 79 -57.67 0.95 37.02
N GLU D 80 -57.01 1.82 36.27
CA GLU D 80 -56.64 3.13 36.78
C GLU D 80 -56.39 4.08 35.61
N VAL D 81 -56.95 5.27 35.70
CA VAL D 81 -56.68 6.33 34.74
C VAL D 81 -55.81 7.36 35.43
N GLY D 82 -54.60 7.54 34.93
CA GLY D 82 -53.73 8.61 35.38
C GLY D 82 -53.70 9.74 34.36
N ILE D 83 -53.69 10.96 34.86
CA ILE D 83 -53.61 12.14 34.00
C ILE D 83 -52.91 13.24 34.77
N GLU D 84 -51.96 13.89 34.11
CA GLU D 84 -51.26 15.03 34.70
C GLU D 84 -51.96 16.31 34.27
N ALA D 85 -52.36 17.11 35.25
CA ALA D 85 -53.08 18.34 34.99
C ALA D 85 -52.40 19.48 35.72
N MET D 86 -52.59 20.69 35.19
CA MET D 86 -51.97 21.88 35.76
C MET D 86 -53.01 22.59 36.62
N PHE D 87 -52.76 22.62 37.92
CA PHE D 87 -53.58 23.31 38.90
C PHE D 87 -53.01 24.71 39.09
N PRO D 88 -53.65 25.58 39.88
CA PRO D 88 -53.03 26.88 40.16
C PRO D 88 -51.66 26.77 40.82
N ASP D 89 -51.41 25.67 41.53
CA ASP D 89 -50.13 25.44 42.20
C ASP D 89 -49.20 24.54 41.39
N GLY D 90 -49.47 24.34 40.11
CA GLY D 90 -48.56 23.63 39.23
C GLY D 90 -49.11 22.30 38.78
N THR D 91 -48.22 21.51 38.18
CA THR D 91 -48.59 20.24 37.59
C THR D 91 -48.62 19.14 38.66
N LYS D 92 -49.74 18.44 38.74
CA LYS D 92 -49.90 17.32 39.66
C LYS D 92 -50.47 16.14 38.90
N LEU D 93 -50.09 14.94 39.35
CA LEU D 93 -50.64 13.72 38.78
C LEU D 93 -51.90 13.32 39.52
N VAL D 94 -52.99 13.13 38.78
CA VAL D 94 -54.24 12.65 39.33
C VAL D 94 -54.49 11.26 38.76
N THR D 95 -54.66 10.28 39.63
CA THR D 95 -54.98 8.92 39.21
C THR D 95 -56.32 8.53 39.80
N VAL D 96 -57.20 8.02 38.94
CA VAL D 96 -58.50 7.52 39.34
C VAL D 96 -58.43 6.01 39.34
N HIS D 97 -58.73 5.39 40.48
CA HIS D 97 -58.63 3.95 40.63
C HIS D 97 -60.00 3.32 40.44
N THR D 98 -60.07 2.31 39.57
CA THR D 98 -61.29 1.58 39.22
C THR D 98 -62.46 2.54 39.02
N PRO D 99 -62.36 3.44 38.04
CA PRO D 99 -63.41 4.47 37.89
C PRO D 99 -64.79 3.90 37.64
N ILE D 100 -64.89 2.76 36.96
CA ILE D 100 -66.17 2.19 36.56
C ILE D 100 -66.32 0.84 37.23
N GLU D 101 -67.54 0.53 37.64
CA GLU D 101 -67.85 -0.76 38.25
C GLU D 101 -68.34 -1.75 37.20
N ALA D 102 -68.00 -3.02 37.40
CA ALA D 102 -68.38 -4.06 36.45
C ALA D 102 -69.84 -4.42 36.63
N ASN D 103 -70.54 -4.59 35.51
CA ASN D 103 -71.94 -4.99 35.53
C ASN D 103 -72.27 -6.18 34.64
N GLY D 104 -71.44 -6.49 33.65
CA GLY D 104 -71.66 -7.62 32.77
C GLY D 104 -70.84 -8.83 33.18
N LYS D 105 -70.69 -9.75 32.23
CA LYS D 105 -69.92 -10.96 32.45
C LYS D 105 -68.64 -11.03 31.63
N LEU D 106 -68.47 -10.15 30.64
CA LEU D 106 -67.32 -10.21 29.76
C LEU D 106 -66.08 -9.70 30.47
N VAL D 107 -65.08 -10.55 30.60
CA VAL D 107 -63.79 -10.14 31.14
C VAL D 107 -62.70 -10.47 30.14
N PRO D 108 -62.20 -9.50 29.39
CA PRO D 108 -61.03 -9.76 28.54
C PRO D 108 -59.84 -10.20 29.36
N GLY D 109 -59.12 -11.19 28.85
CA GLY D 109 -57.95 -11.69 29.54
C GLY D 109 -58.25 -12.43 30.82
N GLU D 110 -59.49 -12.90 30.98
CA GLU D 110 -59.92 -13.53 32.22
C GLU D 110 -59.04 -14.75 32.55
N LEU D 111 -58.69 -14.87 33.81
CA LEU D 111 -57.82 -15.95 34.28
C LEU D 111 -58.65 -17.04 34.92
N PHE D 112 -58.48 -18.27 34.44
CA PHE D 112 -59.14 -19.45 34.97
C PHE D 112 -58.08 -20.26 35.69
N LEU D 113 -58.10 -20.24 37.00
CA LEU D 113 -57.03 -20.82 37.80
C LEU D 113 -57.44 -22.14 38.41
N LYS D 114 -56.49 -23.07 38.49
CA LYS D 114 -56.66 -24.23 39.34
C LYS D 114 -56.74 -23.79 40.79
N ASN D 115 -57.51 -24.53 41.59
CA ASN D 115 -57.67 -24.19 43.00
C ASN D 115 -56.61 -24.81 43.89
N GLU D 116 -55.60 -25.45 43.31
CA GLU D 116 -54.52 -26.03 44.10
C GLU D 116 -53.48 -24.98 44.46
N ASP D 117 -52.94 -25.09 45.67
CA ASP D 117 -51.91 -24.17 46.13
C ASP D 117 -50.56 -24.52 45.51
N ILE D 118 -49.67 -23.54 45.51
CA ILE D 118 -48.30 -23.70 45.04
C ILE D 118 -47.40 -23.91 46.23
N THR D 119 -46.53 -24.92 46.16
CA THR D 119 -45.57 -25.20 47.20
C THR D 119 -44.21 -24.64 46.77
N ILE D 120 -43.76 -23.60 47.44
CA ILE D 120 -42.50 -22.96 47.10
C ILE D 120 -41.41 -23.49 48.00
N ASN D 121 -40.18 -23.47 47.49
CA ASN D 121 -38.99 -23.91 48.23
C ASN D 121 -39.16 -25.35 48.71
N GLU D 122 -39.72 -26.20 47.86
CA GLU D 122 -39.96 -27.58 48.22
C GLU D 122 -38.64 -28.29 48.45
N GLY D 123 -38.61 -29.13 49.49
CA GLY D 123 -37.41 -29.83 49.88
C GLY D 123 -36.47 -29.05 50.77
N LYS D 124 -36.82 -27.82 51.12
CA LYS D 124 -36.00 -26.98 51.99
C LYS D 124 -36.62 -26.97 53.38
N LYS D 125 -35.84 -27.36 54.38
CA LYS D 125 -36.29 -27.31 55.76
C LYS D 125 -36.15 -25.90 56.31
N ALA D 126 -37.17 -25.43 57.00
CA ALA D 126 -37.19 -24.07 57.53
C ALA D 126 -36.95 -24.10 59.03
N VAL D 127 -36.02 -23.27 59.49
CA VAL D 127 -35.82 -23.03 60.90
C VAL D 127 -36.52 -21.73 61.26
N SER D 128 -36.75 -21.54 62.56
CA SER D 128 -37.43 -20.35 63.06
C SER D 128 -36.49 -19.58 63.97
N VAL D 129 -36.36 -18.28 63.71
CA VAL D 129 -35.46 -17.41 64.45
C VAL D 129 -36.27 -16.19 64.90
N LYS D 130 -36.08 -15.80 66.16
CA LYS D 130 -36.74 -14.64 66.72
C LYS D 130 -35.87 -13.40 66.52
N VAL D 131 -36.45 -12.35 65.95
CA VAL D 131 -35.73 -11.15 65.57
C VAL D 131 -36.40 -9.94 66.20
N LYS D 132 -35.59 -9.02 66.73
CA LYS D 132 -36.08 -7.78 67.29
C LYS D 132 -35.32 -6.60 66.70
N ASN D 133 -36.04 -5.54 66.39
CA ASN D 133 -35.44 -4.31 65.86
C ASN D 133 -35.20 -3.36 67.02
N VAL D 134 -33.95 -3.27 67.47
CA VAL D 134 -33.60 -2.38 68.56
C VAL D 134 -33.27 -0.97 68.08
N GLY D 135 -33.27 -0.74 66.78
CA GLY D 135 -33.08 0.59 66.25
C GLY D 135 -34.37 1.39 66.24
N ASP D 136 -34.23 2.66 65.87
CA ASP D 136 -35.35 3.60 65.84
C ASP D 136 -35.90 3.80 64.44
N ARG D 137 -35.52 2.98 63.48
CA ARG D 137 -35.96 3.14 62.10
C ARG D 137 -36.47 1.81 61.58
N PRO D 138 -37.46 1.85 60.68
CA PRO D 138 -38.00 0.60 60.13
C PRO D 138 -36.99 -0.11 59.25
N VAL D 139 -37.06 -1.43 59.25
CA VAL D 139 -36.18 -2.27 58.44
C VAL D 139 -37.04 -3.29 57.70
N GLN D 140 -36.81 -3.43 56.40
CA GLN D 140 -37.54 -4.36 55.55
C GLN D 140 -36.56 -5.25 54.81
N ILE D 141 -36.81 -6.56 54.82
CA ILE D 141 -35.88 -7.55 54.31
C ILE D 141 -36.57 -8.38 53.25
N GLY D 142 -35.92 -8.52 52.08
CA GLY D 142 -36.48 -9.27 50.99
C GLY D 142 -36.24 -10.77 51.07
N SER D 143 -36.84 -11.49 50.13
CA SER D 143 -36.88 -12.94 50.19
C SER D 143 -35.52 -13.58 49.95
N HIS D 144 -34.65 -12.95 49.17
CA HIS D 144 -33.39 -13.56 48.80
C HIS D 144 -32.17 -12.85 49.38
N PHE D 145 -32.38 -11.97 50.35
CA PHE D 145 -31.25 -11.38 51.05
C PHE D 145 -30.61 -12.41 51.99
N HIS D 146 -29.30 -12.42 52.05
CA HIS D 146 -28.58 -13.27 52.99
C HIS D 146 -28.86 -12.76 54.41
N PHE D 147 -29.71 -13.47 55.15
CA PHE D 147 -30.24 -12.94 56.40
C PHE D 147 -29.17 -12.76 57.46
N PHE D 148 -28.01 -13.42 57.31
CA PHE D 148 -26.91 -13.22 58.23
C PHE D 148 -26.40 -11.78 58.21
N GLU D 149 -26.58 -11.09 57.09
CA GLU D 149 -25.96 -9.78 56.87
C GLU D 149 -26.96 -8.63 56.86
N VAL D 150 -28.11 -8.80 57.52
CA VAL D 150 -29.11 -7.74 57.57
C VAL D 150 -28.59 -6.60 58.44
N ASN D 151 -29.32 -5.48 58.43
CA ASN D 151 -29.01 -4.30 59.23
C ASN D 151 -28.51 -4.68 60.62
N ARG D 152 -27.37 -4.09 61.00
CA ARG D 152 -26.75 -4.42 62.27
C ARG D 152 -27.61 -4.06 63.46
N CYS D 153 -28.64 -3.22 63.27
CA CYS D 153 -29.54 -2.87 64.34
C CYS D 153 -30.53 -3.98 64.69
N LEU D 154 -30.75 -4.93 63.80
CA LEU D 154 -31.58 -6.08 64.11
C LEU D 154 -30.80 -7.04 65.01
N ASP D 155 -31.46 -7.53 66.06
CA ASP D 155 -30.81 -8.41 67.02
C ASP D 155 -31.47 -9.78 66.97
N PHE D 156 -30.66 -10.80 66.76
CA PHE D 156 -31.11 -12.19 66.67
C PHE D 156 -29.87 -13.07 66.67
N ASP D 157 -30.08 -14.37 66.86
CA ASP D 157 -28.98 -15.31 66.92
C ASP D 157 -28.38 -15.51 65.54
N ARG D 158 -27.41 -14.66 65.18
CA ARG D 158 -26.91 -14.63 63.81
C ARG D 158 -26.28 -15.95 63.40
N GLU D 159 -25.68 -16.67 64.34
CA GLU D 159 -25.00 -17.92 64.02
C GLU D 159 -25.94 -18.92 63.34
N LYS D 160 -27.19 -18.96 63.79
CA LYS D 160 -28.15 -19.89 63.21
C LYS D 160 -28.66 -19.48 61.85
N THR D 161 -28.35 -18.27 61.39
CA THR D 161 -28.89 -17.74 60.15
C THR D 161 -27.88 -17.69 59.02
N PHE D 162 -26.68 -18.24 59.22
CA PHE D 162 -25.64 -18.16 58.21
C PHE D 162 -25.96 -19.05 57.01
N GLY D 163 -25.81 -18.49 55.81
CA GLY D 163 -26.15 -19.20 54.60
C GLY D 163 -27.64 -19.39 54.38
N LYS D 164 -28.48 -18.54 54.95
CA LYS D 164 -29.91 -18.72 54.88
C LYS D 164 -30.59 -17.45 54.38
N ARG D 165 -31.82 -17.63 53.91
CA ARG D 165 -32.67 -16.54 53.47
C ARG D 165 -34.09 -16.80 53.97
N LEU D 166 -34.97 -15.82 53.78
CA LEU D 166 -36.33 -15.93 54.26
C LEU D 166 -37.13 -16.92 53.42
N ASP D 167 -37.88 -17.80 54.10
CA ASP D 167 -38.71 -18.80 53.43
C ASP D 167 -40.09 -18.20 53.15
N ILE D 168 -40.10 -17.22 52.27
CA ILE D 168 -41.29 -16.50 51.86
C ILE D 168 -41.34 -16.48 50.35
N ALA D 169 -42.45 -15.97 49.80
CA ALA D 169 -42.61 -15.89 48.36
C ALA D 169 -41.56 -14.98 47.75
N SER D 170 -41.03 -15.40 46.61
CA SER D 170 -39.99 -14.66 45.93
C SER D 170 -40.46 -13.25 45.59
N GLY D 171 -39.65 -12.26 45.96
CA GLY D 171 -39.99 -10.88 45.73
C GLY D 171 -40.86 -10.24 46.78
N THR D 172 -41.23 -10.95 47.84
CA THR D 172 -41.94 -10.37 48.96
C THR D 172 -40.93 -9.99 50.04
N ALA D 173 -41.43 -9.40 51.13
CA ALA D 173 -40.53 -8.90 52.16
C ALA D 173 -41.20 -9.01 53.53
N VAL D 174 -40.36 -8.96 54.56
CA VAL D 174 -40.78 -8.93 55.95
C VAL D 174 -40.36 -7.59 56.54
N ARG D 175 -41.28 -6.92 57.19
CA ARG D 175 -41.02 -5.61 57.77
C ARG D 175 -40.79 -5.73 59.28
N PHE D 176 -39.91 -4.88 59.80
CA PHE D 176 -39.60 -4.82 61.22
C PHE D 176 -39.71 -3.37 61.66
N GLU D 177 -40.80 -3.05 62.35
CA GLU D 177 -40.96 -1.73 62.90
C GLU D 177 -39.99 -1.50 64.04
N PRO D 178 -39.64 -0.25 64.33
CA PRO D 178 -38.76 0.03 65.47
C PRO D 178 -39.33 -0.53 66.75
N GLY D 179 -38.54 -1.37 67.41
CA GLY D 179 -38.97 -2.05 68.62
C GLY D 179 -39.78 -3.31 68.39
N GLU D 180 -40.08 -3.64 67.14
CA GLU D 180 -40.92 -4.80 66.86
C GLU D 180 -40.12 -6.08 67.01
N GLU D 181 -40.79 -7.12 67.51
CA GLU D 181 -40.19 -8.42 67.74
C GLU D 181 -41.09 -9.48 67.14
N LYS D 182 -40.53 -10.33 66.28
CA LYS D 182 -41.30 -11.39 65.65
C LYS D 182 -40.34 -12.47 65.20
N SER D 183 -40.90 -13.65 64.93
CA SER D 183 -40.13 -14.79 64.48
C SER D 183 -40.33 -15.00 62.99
N VAL D 184 -39.28 -15.45 62.31
CA VAL D 184 -39.30 -15.65 60.87
C VAL D 184 -38.75 -17.03 60.56
N GLU D 185 -39.07 -17.51 59.36
CA GLU D 185 -38.59 -18.80 58.88
C GLU D 185 -37.46 -18.60 57.90
N LEU D 186 -36.40 -19.39 58.04
CA LEU D 186 -35.23 -19.29 57.19
C LEU D 186 -34.94 -20.64 56.57
N ILE D 187 -34.70 -20.64 55.26
CA ILE D 187 -34.28 -21.83 54.54
C ILE D 187 -32.85 -21.62 54.06
N ASP D 188 -32.19 -22.72 53.73
CA ASP D 188 -30.84 -22.65 53.17
C ASP D 188 -30.85 -22.01 51.79
N ILE D 189 -29.82 -21.22 51.51
CA ILE D 189 -29.62 -20.68 50.17
C ILE D 189 -29.22 -21.82 49.24
N GLY D 190 -29.75 -21.79 48.02
CA GLY D 190 -29.53 -22.85 47.06
C GLY D 190 -28.36 -22.60 46.12
N GLY D 191 -28.34 -23.37 45.04
CA GLY D 191 -27.31 -23.20 44.03
C GLY D 191 -25.93 -23.56 44.54
N ASN D 192 -24.95 -22.77 44.13
CA ASN D 192 -23.57 -22.99 44.53
C ASN D 192 -23.25 -22.45 45.91
N ARG D 193 -24.19 -21.74 46.54
CA ARG D 193 -24.01 -21.14 47.87
C ARG D 193 -22.76 -20.26 47.90
N ARG D 194 -22.60 -19.46 46.87
CA ARG D 194 -21.51 -18.50 46.75
C ARG D 194 -22.07 -17.12 47.06
N ILE D 195 -21.76 -16.60 48.23
CA ILE D 195 -22.38 -15.38 48.74
C ILE D 195 -21.40 -14.23 48.53
N PHE D 196 -21.76 -13.30 47.65
CA PHE D 196 -20.94 -12.14 47.36
C PHE D 196 -21.76 -10.88 47.55
N GLY D 197 -21.16 -9.89 48.19
CA GLY D 197 -21.87 -8.67 48.53
C GLY D 197 -22.58 -8.70 49.87
N PHE D 198 -23.65 -7.93 49.94
CA PHE D 198 -24.65 -7.80 51.00
C PHE D 198 -24.18 -7.09 52.27
N ASN D 199 -22.94 -7.30 52.69
CA ASN D 199 -22.26 -6.44 53.63
C ASN D 199 -20.77 -6.66 53.52
N ALA D 200 -20.37 -7.49 52.57
CA ALA D 200 -19.00 -7.99 52.45
C ALA D 200 -18.58 -8.79 53.70
N LEU D 201 -19.52 -9.50 54.29
CA LEU D 201 -19.22 -10.34 55.44
C LEU D 201 -18.72 -11.72 55.06
N VAL D 202 -19.11 -12.24 53.90
CA VAL D 202 -18.65 -13.55 53.46
C VAL D 202 -17.76 -13.40 52.25
N ASP D 203 -18.34 -12.97 51.13
CA ASP D 203 -17.62 -12.77 49.86
C ASP D 203 -16.81 -13.99 49.47
N ARG D 204 -17.37 -15.18 49.67
CA ARG D 204 -16.70 -16.44 49.31
C ARG D 204 -17.73 -17.55 49.41
N GLN D 205 -17.26 -18.78 49.24
CA GLN D 205 -18.09 -19.97 49.44
C GLN D 205 -18.61 -20.03 50.86
N ALA D 206 -19.89 -20.37 51.01
CA ALA D 206 -20.52 -20.51 52.31
C ALA D 206 -20.29 -21.93 52.82
N ASP D 207 -19.68 -22.04 53.99
CA ASP D 207 -19.48 -23.32 54.66
C ASP D 207 -19.08 -23.04 56.10
N ASN D 208 -18.80 -24.11 56.84
CA ASN D 208 -18.47 -23.98 58.26
C ASN D 208 -17.18 -23.20 58.46
N GLU D 209 -16.18 -23.42 57.61
CA GLU D 209 -14.93 -22.69 57.74
C GLU D 209 -15.13 -21.19 57.52
N SER D 210 -15.96 -20.81 56.55
CA SER D 210 -16.19 -19.40 56.30
C SER D 210 -17.19 -18.79 57.26
N LYS D 211 -17.97 -19.61 57.97
CA LYS D 211 -18.89 -19.08 58.97
C LYS D 211 -18.13 -18.46 60.14
N LYS D 212 -16.97 -19.04 60.50
CA LYS D 212 -16.16 -18.47 61.56
C LYS D 212 -15.61 -17.10 61.16
N ILE D 213 -15.10 -16.98 59.93
CA ILE D 213 -14.62 -15.70 59.44
C ILE D 213 -15.74 -14.68 59.41
N ALA D 214 -16.92 -15.09 58.95
CA ALA D 214 -18.06 -14.18 58.89
C ALA D 214 -18.47 -13.73 60.28
N LEU D 215 -18.50 -14.65 61.24
CA LEU D 215 -18.87 -14.28 62.61
C LEU D 215 -17.88 -13.30 63.20
N HIS D 216 -16.59 -13.54 62.99
CA HIS D 216 -15.58 -12.63 63.50
C HIS D 216 -15.71 -11.25 62.86
N ARG D 217 -15.90 -11.19 61.54
CA ARG D 217 -16.08 -9.91 60.87
C ARG D 217 -17.33 -9.20 61.36
N ALA D 218 -18.41 -9.94 61.58
CA ALA D 218 -19.65 -9.34 62.05
C ALA D 218 -19.48 -8.75 63.44
N LYS D 219 -18.78 -9.48 64.32
CA LYS D 219 -18.55 -8.98 65.67
C LYS D 219 -17.69 -7.73 65.64
N GLU D 220 -16.64 -7.72 64.81
CA GLU D 220 -15.80 -6.53 64.73
C GLU D 220 -16.56 -5.31 64.23
N ARG D 221 -17.59 -5.52 63.40
CA ARG D 221 -18.34 -4.44 62.81
C ARG D 221 -19.65 -4.17 63.53
N GLY D 222 -19.83 -4.72 64.72
CA GLY D 222 -20.98 -4.40 65.56
C GLY D 222 -22.34 -4.83 65.05
N PHE D 223 -22.45 -6.06 64.56
CA PHE D 223 -23.74 -6.62 64.17
C PHE D 223 -24.35 -7.32 65.38
N HIS D 224 -25.54 -6.91 65.77
CA HIS D 224 -26.15 -7.38 67.01
C HIS D 224 -26.46 -8.87 66.93
N GLY D 225 -26.39 -9.52 68.09
CA GLY D 225 -26.65 -10.93 68.16
C GLY D 225 -25.54 -11.81 67.65
N THR D 226 -24.37 -11.25 67.41
CA THR D 226 -23.22 -12.00 66.92
C THR D 226 -22.35 -12.40 68.10
N LYS D 227 -22.17 -13.70 68.30
CA LYS D 227 -21.36 -14.24 69.39
C LYS D 227 -20.30 -15.14 68.77
N SER D 228 -19.18 -14.54 68.38
CA SER D 228 -18.03 -15.29 67.90
C SER D 228 -17.00 -15.34 69.02
N ASP D 229 -16.48 -16.54 69.27
CA ASP D 229 -15.64 -16.77 70.45
C ASP D 229 -14.37 -15.92 70.39
N ASP D 230 -13.95 -15.45 71.55
CA ASP D 230 -12.71 -14.69 71.65
C ASP D 230 -11.52 -15.62 71.39
N ASN D 231 -10.32 -15.04 71.40
CA ASN D 231 -9.11 -15.74 70.98
C ASN D 231 -9.29 -16.30 69.56
N TYR D 232 -9.82 -15.46 68.69
CA TYR D 232 -10.01 -15.83 67.29
C TYR D 232 -8.67 -16.05 66.62
N VAL D 233 -8.59 -17.11 65.83
CA VAL D 233 -7.37 -17.44 65.10
C VAL D 233 -7.56 -17.03 63.65
N LYS D 234 -6.75 -16.09 63.20
CA LYS D 234 -6.83 -15.62 61.82
C LYS D 234 -6.29 -16.67 60.86
N THR D 235 -6.79 -16.62 59.63
CA THR D 235 -6.27 -17.43 58.54
C THR D 235 -5.36 -16.57 57.68
N ILE D 236 -4.73 -17.21 56.68
CA ILE D 236 -3.82 -16.50 55.81
C ILE D 236 -4.54 -15.50 54.91
N LYS D 237 -5.83 -15.68 54.65
CA LYS D 237 -6.60 -14.77 53.81
C LYS D 237 -7.90 -14.40 54.51
N GLU D 238 -8.00 -13.14 54.93
CA GLU D 238 -9.18 -12.68 55.65
C GLU D 238 -9.72 -11.40 55.03
N MET E 1 -8.47 -58.36 16.04
CA MET E 1 -7.67 -58.36 17.26
C MET E 1 -7.73 -57.02 17.97
N LYS E 2 -7.78 -55.94 17.19
CA LYS E 2 -7.79 -54.58 17.71
C LYS E 2 -6.62 -54.33 18.65
N LEU E 3 -5.43 -54.63 18.15
CA LEU E 3 -4.22 -54.42 18.94
C LEU E 3 -3.95 -52.94 19.17
N THR E 4 -3.54 -52.61 20.37
CA THR E 4 -3.13 -51.25 20.72
C THR E 4 -1.63 -51.11 20.55
N PRO E 5 -1.11 -49.88 20.56
CA PRO E 5 0.36 -49.72 20.56
C PRO E 5 1.05 -50.42 21.71
N LYS E 6 0.40 -50.45 22.88
CA LYS E 6 0.96 -51.16 24.02
C LYS E 6 1.12 -52.64 23.73
N GLU E 7 0.13 -53.24 23.06
CA GLU E 7 0.20 -54.67 22.75
C GLU E 7 1.33 -54.96 21.78
N LEU E 8 1.55 -54.08 20.80
CA LEU E 8 2.66 -54.27 19.87
C LEU E 8 4.01 -54.16 20.59
N ASP E 9 4.15 -53.18 21.47
CA ASP E 9 5.38 -53.04 22.24
C ASP E 9 5.64 -54.27 23.11
N LYS E 10 4.60 -54.77 23.77
CA LYS E 10 4.78 -55.94 24.63
C LYS E 10 5.07 -57.19 23.82
N LEU E 11 4.51 -57.32 22.62
CA LEU E 11 4.84 -58.46 21.78
C LEU E 11 6.31 -58.43 21.35
N MET E 12 6.80 -57.24 20.98
CA MET E 12 8.22 -57.11 20.68
C MET E 12 9.08 -57.48 21.88
N LEU E 13 8.67 -57.03 23.08
CA LEU E 13 9.42 -57.35 24.28
C LEU E 13 9.42 -58.85 24.57
N HIS E 14 8.28 -59.50 24.36
CA HIS E 14 8.21 -60.94 24.57
C HIS E 14 9.16 -61.67 23.66
N TYR E 15 9.26 -61.25 22.40
CA TYR E 15 10.16 -61.99 21.53
C TYR E 15 11.63 -61.63 21.74
N ALA E 16 11.92 -60.42 22.24
CA ALA E 16 13.28 -60.15 22.69
C ALA E 16 13.66 -61.08 23.84
N GLY E 17 12.74 -61.27 24.79
CA GLY E 17 12.99 -62.22 25.86
C GLY E 17 13.11 -63.65 25.37
N GLU E 18 12.33 -64.02 24.35
CA GLU E 18 12.44 -65.35 23.77
C GLU E 18 13.82 -65.57 23.16
N LEU E 19 14.33 -64.56 22.44
CA LEU E 19 15.68 -64.65 21.90
C LEU E 19 16.70 -64.79 23.01
N ALA E 20 16.52 -64.04 24.09
CA ALA E 20 17.44 -64.15 25.23
C ALA E 20 17.42 -65.55 25.82
N ARG E 21 16.24 -66.13 25.97
CA ARG E 21 16.14 -67.48 26.52
C ARG E 21 16.77 -68.52 25.60
N LYS E 22 16.58 -68.37 24.29
CA LYS E 22 17.22 -69.28 23.34
C LYS E 22 18.74 -69.19 23.45
N ARG E 23 19.28 -67.98 23.51
CA ARG E 23 20.72 -67.82 23.63
C ARG E 23 21.23 -68.41 24.95
N LYS E 24 20.48 -68.22 26.03
CA LYS E 24 20.86 -68.81 27.30
C LYS E 24 20.87 -70.33 27.21
N GLU E 25 19.92 -70.90 26.47
CA GLU E 25 19.92 -72.34 26.27
C GLU E 25 21.13 -72.80 25.48
N LYS E 26 21.57 -72.00 24.50
CA LYS E 26 22.74 -72.36 23.73
C LYS E 26 24.04 -72.27 24.53
N GLY E 27 24.02 -71.69 25.71
CA GLY E 27 25.21 -71.56 26.52
C GLY E 27 25.91 -70.22 26.45
N ILE E 28 25.32 -69.25 25.77
CA ILE E 28 25.90 -67.91 25.68
C ILE E 28 25.62 -67.17 26.98
N LYS E 29 26.63 -66.46 27.48
CA LYS E 29 26.43 -65.59 28.64
C LYS E 29 25.72 -64.32 28.21
N LEU E 30 24.63 -64.01 28.88
CA LEU E 30 23.75 -62.93 28.45
C LEU E 30 24.36 -61.57 28.76
N ASN E 31 24.06 -60.60 27.92
CA ASN E 31 24.46 -59.23 28.16
C ASN E 31 23.32 -58.47 28.83
N TYR E 32 23.46 -57.15 28.91
CA TYR E 32 22.51 -56.31 29.64
C TYR E 32 21.11 -56.41 29.04
N VAL E 33 21.01 -56.22 27.72
CA VAL E 33 19.70 -56.20 27.06
C VAL E 33 19.01 -57.55 27.20
N GLU E 34 19.77 -58.63 26.99
CA GLU E 34 19.18 -59.96 27.04
C GLU E 34 18.68 -60.30 28.43
N ALA E 35 19.44 -59.95 29.46
CA ALA E 35 19.02 -60.21 30.82
C ALA E 35 17.75 -59.44 31.17
N VAL E 36 17.72 -58.14 30.83
CA VAL E 36 16.55 -57.32 31.11
C VAL E 36 15.32 -57.91 30.43
N ALA E 37 15.45 -58.25 29.14
CA ALA E 37 14.31 -58.76 28.38
C ALA E 37 13.85 -60.11 28.91
N LEU E 38 14.79 -60.98 29.29
CA LEU E 38 14.40 -62.29 29.79
C LEU E 38 13.58 -62.16 31.07
N ILE E 39 14.03 -61.31 31.99
CA ILE E 39 13.27 -61.10 33.22
C ILE E 39 11.88 -60.55 32.91
N SER E 40 11.80 -59.56 32.02
CA SER E 40 10.52 -58.93 31.72
C SER E 40 9.54 -59.92 31.08
N ALA E 41 10.02 -60.72 30.13
CA ALA E 41 9.15 -61.66 29.45
C ALA E 41 8.67 -62.75 30.39
N HIS E 42 9.55 -63.21 31.29
CA HIS E 42 9.11 -64.20 32.27
C HIS E 42 8.01 -63.65 33.16
N ILE E 43 8.16 -62.40 33.61
CA ILE E 43 7.12 -61.83 34.47
C ILE E 43 5.81 -61.71 33.71
N MET E 44 5.86 -61.26 32.45
CA MET E 44 4.62 -61.12 31.69
C MET E 44 3.91 -62.45 31.51
N GLU E 45 4.66 -63.50 31.19
CA GLU E 45 4.03 -64.80 31.01
C GLU E 45 3.43 -65.32 32.31
N GLU E 46 4.14 -65.12 33.43
CA GLU E 46 3.62 -65.58 34.70
C GLU E 46 2.34 -64.85 35.07
N ALA E 47 2.29 -63.54 34.82
CA ALA E 47 1.08 -62.79 35.11
C ALA E 47 -0.07 -63.22 34.20
N ARG E 48 0.22 -63.58 32.95
CA ARG E 48 -0.83 -64.09 32.08
C ARG E 48 -1.40 -65.40 32.61
N ALA E 49 -0.53 -66.27 33.14
CA ALA E 49 -1.01 -67.54 33.68
C ALA E 49 -1.99 -67.34 34.83
N GLY E 50 -1.86 -66.25 35.59
CA GLY E 50 -2.82 -65.90 36.60
C GLY E 50 -2.79 -66.73 37.87
N LYS E 51 -1.68 -67.41 38.15
CA LYS E 51 -1.60 -68.27 39.33
C LYS E 51 -0.76 -67.67 40.44
N LYS E 52 -0.19 -66.49 40.24
CA LYS E 52 0.71 -65.89 41.21
C LYS E 52 0.36 -64.42 41.39
N THR E 53 0.66 -63.88 42.56
CA THR E 53 0.43 -62.48 42.84
C THR E 53 1.64 -61.66 42.44
N ALA E 54 1.43 -60.35 42.38
CA ALA E 54 2.49 -59.45 41.92
C ALA E 54 3.71 -59.51 42.84
N ALA E 55 3.49 -59.62 44.15
CA ALA E 55 4.61 -59.71 45.08
C ALA E 55 5.40 -60.99 44.87
N GLU E 56 4.71 -62.10 44.63
CA GLU E 56 5.39 -63.34 44.28
C GLU E 56 6.26 -63.16 43.05
N LEU E 57 5.78 -62.42 42.06
CA LEU E 57 6.58 -62.20 40.86
C LEU E 57 7.77 -61.30 41.14
N MET E 58 7.60 -60.32 42.03
CA MET E 58 8.73 -59.48 42.40
C MET E 58 9.83 -60.31 43.04
N GLN E 59 9.45 -61.29 43.86
CA GLN E 59 10.46 -62.17 44.43
C GLN E 59 11.00 -63.17 43.43
N GLU E 60 10.17 -63.61 42.48
CA GLU E 60 10.57 -64.66 41.55
C GLU E 60 11.49 -64.11 40.45
N GLY E 61 11.38 -62.82 40.14
CA GLY E 61 12.24 -62.25 39.13
C GLY E 61 13.72 -62.28 39.47
N ARG E 62 14.04 -62.53 40.74
CA ARG E 62 15.41 -62.52 41.22
C ARG E 62 16.08 -63.88 41.16
N THR E 63 15.35 -64.92 40.78
CA THR E 63 15.89 -66.27 40.71
C THR E 63 16.04 -66.77 39.29
N LEU E 64 15.72 -65.95 38.29
CA LEU E 64 15.78 -66.41 36.91
C LEU E 64 17.20 -66.58 36.43
N LEU E 65 18.07 -65.64 36.76
CA LEU E 65 19.44 -65.62 36.24
C LEU E 65 20.43 -65.72 37.39
N LYS E 66 21.22 -66.79 37.38
CA LYS E 66 22.35 -66.89 38.29
C LYS E 66 23.48 -65.99 37.81
N PRO E 67 24.41 -65.62 38.69
CA PRO E 67 25.50 -64.74 38.28
C PRO E 67 26.34 -65.30 37.14
N ASP E 68 26.48 -66.62 37.06
CA ASP E 68 27.28 -67.22 36.00
C ASP E 68 26.57 -67.20 34.65
N ASP E 69 25.30 -66.83 34.59
CA ASP E 69 24.54 -66.85 33.34
C ASP E 69 24.72 -65.58 32.52
N VAL E 70 25.31 -64.54 33.08
CA VAL E 70 25.42 -63.25 32.41
C VAL E 70 26.90 -62.91 32.25
N MET E 71 27.15 -61.93 31.40
CA MET E 71 28.50 -61.45 31.19
C MET E 71 29.00 -60.68 32.40
N ASP E 72 30.31 -60.58 32.52
CA ASP E 72 30.91 -59.74 33.55
C ASP E 72 30.45 -58.30 33.35
N GLY E 73 30.05 -57.66 34.44
CA GLY E 73 29.56 -56.30 34.40
C GLY E 73 28.05 -56.18 34.31
N VAL E 74 27.34 -57.25 33.94
CA VAL E 74 25.90 -57.15 33.74
C VAL E 74 25.18 -56.91 35.06
N ALA E 75 25.57 -57.65 36.09
CA ALA E 75 24.84 -57.61 37.35
C ALA E 75 24.84 -56.21 37.96
N SER E 76 25.97 -55.52 37.89
CA SER E 76 26.06 -54.18 38.47
C SER E 76 25.33 -53.13 37.65
N MET E 77 24.91 -53.44 36.43
CA MET E 77 24.19 -52.48 35.60
C MET E 77 22.68 -52.58 35.74
N ILE E 78 22.16 -53.70 36.23
CA ILE E 78 20.73 -53.91 36.33
C ILE E 78 20.37 -53.71 37.81
N HIS E 79 20.00 -52.48 38.14
CA HIS E 79 19.52 -52.19 39.49
C HIS E 79 18.11 -52.70 39.70
N GLU E 80 17.22 -52.50 38.73
CA GLU E 80 15.82 -52.83 38.89
C GLU E 80 15.18 -53.00 37.52
N VAL E 81 14.43 -54.08 37.36
CA VAL E 81 13.63 -54.30 36.16
C VAL E 81 12.18 -54.08 36.53
N GLY E 82 11.57 -53.07 35.92
CA GLY E 82 10.14 -52.85 36.05
C GLY E 82 9.42 -53.31 34.79
N ILE E 83 8.26 -53.93 34.98
CA ILE E 83 7.44 -54.38 33.86
C ILE E 83 5.98 -54.34 34.30
N GLU E 84 5.13 -53.79 33.44
CA GLU E 84 3.70 -53.76 33.70
C GLU E 84 3.05 -54.96 33.02
N ALA E 85 2.34 -55.76 33.81
CA ALA E 85 1.72 -56.97 33.32
C ALA E 85 0.24 -56.97 33.71
N MET E 86 -0.56 -57.69 32.93
CA MET E 86 -1.99 -57.76 33.16
C MET E 86 -2.29 -59.05 33.89
N PHE E 87 -2.75 -58.92 35.12
CA PHE E 87 -3.17 -60.03 35.97
C PHE E 87 -4.67 -60.23 35.77
N PRO E 88 -5.29 -61.24 36.38
CA PRO E 88 -6.75 -61.34 36.29
C PRO E 88 -7.46 -60.14 36.88
N ASP E 89 -6.84 -59.42 37.81
CA ASP E 89 -7.41 -58.23 38.42
C ASP E 89 -6.90 -56.95 37.80
N GLY E 90 -6.31 -57.01 36.62
CA GLY E 90 -5.94 -55.82 35.88
C GLY E 90 -4.44 -55.63 35.79
N THR E 91 -4.07 -54.43 35.33
CA THR E 91 -2.67 -54.11 35.09
C THR E 91 -1.99 -53.67 36.39
N LYS E 92 -0.88 -54.31 36.71
CA LYS E 92 -0.08 -53.97 37.87
C LYS E 92 1.38 -53.85 37.46
N LEU E 93 2.10 -52.98 38.15
CA LEU E 93 3.53 -52.82 37.93
C LEU E 93 4.29 -53.78 38.82
N VAL E 94 5.15 -54.59 38.22
CA VAL E 94 6.03 -55.49 38.95
C VAL E 94 7.46 -55.00 38.73
N THR E 95 8.16 -54.71 39.82
CA THR E 95 9.55 -54.32 39.77
C THR E 95 10.40 -55.33 40.51
N VAL E 96 11.45 -55.81 39.86
CA VAL E 96 12.40 -56.73 40.46
C VAL E 96 13.65 -55.93 40.81
N HIS E 97 14.05 -55.97 42.07
CA HIS E 97 15.18 -55.19 42.56
C HIS E 97 16.41 -56.08 42.61
N THR E 98 17.51 -55.60 42.02
CA THR E 98 18.79 -56.28 41.93
C THR E 98 18.58 -57.77 41.58
N PRO E 99 18.02 -58.06 40.41
CA PRO E 99 17.70 -59.45 40.10
C PRO E 99 18.89 -60.38 40.08
N ILE E 100 20.06 -59.88 39.69
CA ILE E 100 21.26 -60.70 39.53
C ILE E 100 22.32 -60.21 40.51
N GLU E 101 23.07 -61.15 41.07
CA GLU E 101 24.15 -60.83 41.97
C GLU E 101 25.48 -60.73 41.23
N ALA E 102 26.33 -59.82 41.69
CA ALA E 102 27.62 -59.60 41.06
C ALA E 102 28.60 -60.71 41.40
N ASN E 103 29.34 -61.18 40.40
CA ASN E 103 30.35 -62.21 40.61
C ASN E 103 31.72 -61.86 40.05
N GLY E 104 31.82 -60.93 39.11
CA GLY E 104 33.08 -60.53 38.55
C GLY E 104 33.61 -59.25 39.17
N LYS E 105 34.54 -58.62 38.46
CA LYS E 105 35.14 -57.37 38.91
C LYS E 105 34.77 -56.18 38.03
N LEU E 106 34.19 -56.40 36.87
CA LEU E 106 33.90 -55.31 35.94
C LEU E 106 32.69 -54.52 36.43
N VAL E 107 32.90 -53.23 36.69
CA VAL E 107 31.80 -52.35 37.04
C VAL E 107 31.80 -51.17 36.07
N PRO E 108 30.91 -51.16 35.07
CA PRO E 108 30.78 -49.97 34.24
C PRO E 108 30.37 -48.76 35.07
N GLY E 109 30.99 -47.62 34.76
CA GLY E 109 30.68 -46.40 35.47
C GLY E 109 31.15 -46.38 36.90
N GLU E 110 32.09 -47.25 37.26
CA GLU E 110 32.55 -47.38 38.64
C GLU E 110 33.06 -46.05 39.17
N LEU E 111 32.70 -45.76 40.41
CA LEU E 111 33.07 -44.50 41.06
C LEU E 111 34.25 -44.75 41.99
N PHE E 112 35.31 -43.97 41.80
CA PHE E 112 36.49 -44.01 42.65
C PHE E 112 36.50 -42.73 43.46
N LEU E 113 36.18 -42.84 44.74
CA LEU E 113 35.95 -41.67 45.57
C LEU E 113 37.13 -41.43 46.50
N LYS E 114 37.43 -40.16 46.74
CA LYS E 114 38.29 -39.79 47.85
C LYS E 114 37.60 -40.16 49.16
N ASN E 115 38.41 -40.51 50.16
CA ASN E 115 37.87 -40.91 51.45
C ASN E 115 37.67 -39.73 52.40
N GLU E 116 37.86 -38.51 51.92
CA GLU E 116 37.64 -37.33 52.76
C GLU E 116 36.17 -36.96 52.78
N ASP E 117 35.71 -36.50 53.94
CA ASP E 117 34.33 -36.06 54.10
C ASP E 117 34.12 -34.69 53.50
N ILE E 118 32.86 -34.38 53.20
CA ILE E 118 32.46 -33.08 52.69
C ILE E 118 31.91 -32.26 53.85
N THR E 119 32.36 -31.02 53.96
CA THR E 119 31.88 -30.09 54.98
C THR E 119 30.86 -29.15 54.33
N ILE E 120 29.61 -29.29 54.70
CA ILE E 120 28.54 -28.50 54.14
C ILE E 120 28.26 -27.33 55.07
N ASN E 121 27.75 -26.24 54.49
CA ASN E 121 27.39 -25.03 55.24
C ASN E 121 28.56 -24.51 56.05
N GLU E 122 29.75 -24.54 55.45
CA GLU E 122 30.94 -24.09 56.15
C GLU E 122 30.86 -22.61 56.46
N GLY E 123 31.31 -22.25 57.67
CA GLY E 123 31.22 -20.88 58.13
C GLY E 123 29.89 -20.49 58.74
N LYS E 124 28.94 -21.41 58.81
CA LYS E 124 27.63 -21.16 59.40
C LYS E 124 27.58 -21.79 60.78
N LYS E 125 27.31 -20.96 61.80
CA LYS E 125 27.15 -21.47 63.16
C LYS E 125 25.76 -22.05 63.34
N ALA E 126 25.69 -23.22 63.96
CA ALA E 126 24.44 -23.92 64.16
C ALA E 126 23.98 -23.79 65.61
N VAL E 127 22.73 -23.40 65.79
CA VAL E 127 22.09 -23.42 67.09
C VAL E 127 21.24 -24.68 67.19
N SER E 128 20.88 -25.06 68.41
CA SER E 128 20.09 -26.26 68.66
C SER E 128 18.77 -25.86 69.29
N VAL E 129 17.67 -26.35 68.72
CA VAL E 129 16.33 -26.05 69.18
C VAL E 129 15.59 -27.35 69.39
N LYS E 130 14.87 -27.45 70.50
CA LYS E 130 14.07 -28.63 70.80
C LYS E 130 12.66 -28.45 70.26
N VAL E 131 12.18 -29.44 69.50
CA VAL E 131 10.91 -29.35 68.80
C VAL E 131 10.06 -30.56 69.17
N LYS E 132 8.78 -30.33 69.41
CA LYS E 132 7.82 -31.39 69.70
C LYS E 132 6.61 -31.26 68.79
N ASN E 133 6.13 -32.39 68.29
CA ASN E 133 4.94 -32.43 67.44
C ASN E 133 3.74 -32.74 68.33
N VAL E 134 2.96 -31.71 68.66
CA VAL E 134 1.77 -31.90 69.49
C VAL E 134 0.55 -32.27 68.67
N GLY E 135 0.66 -32.31 67.34
CA GLY E 135 -0.42 -32.75 66.51
C GLY E 135 -0.48 -34.27 66.39
N ASP E 136 -1.53 -34.73 65.72
CA ASP E 136 -1.77 -36.15 65.55
C ASP E 136 -1.34 -36.67 64.18
N ARG E 137 -0.61 -35.88 63.41
CA ARG E 137 -0.20 -36.25 62.08
C ARG E 137 1.29 -36.03 61.91
N PRO E 138 1.95 -36.86 61.10
CA PRO E 138 3.40 -36.70 60.90
C PRO E 138 3.72 -35.42 60.14
N VAL E 139 4.87 -34.84 60.46
CA VAL E 139 5.35 -33.61 59.82
C VAL E 139 6.79 -33.83 59.40
N GLN E 140 7.11 -33.48 58.16
CA GLN E 140 8.45 -33.64 57.60
C GLN E 140 8.90 -32.29 57.03
N ILE E 141 10.13 -31.88 57.37
CA ILE E 141 10.64 -30.56 57.06
C ILE E 141 11.93 -30.70 56.26
N GLY E 142 12.00 -30.00 55.11
CA GLY E 142 13.17 -30.06 54.27
C GLY E 142 14.29 -29.13 54.69
N SER E 143 15.42 -29.26 53.98
CA SER E 143 16.64 -28.60 54.39
C SER E 143 16.60 -27.09 54.22
N HIS E 144 15.83 -26.59 53.26
CA HIS E 144 15.82 -25.16 52.96
C HIS E 144 14.49 -24.49 53.27
N PHE E 145 13.62 -25.14 54.02
CA PHE E 145 12.41 -24.48 54.49
C PHE E 145 12.75 -23.49 55.60
N HIS E 146 12.11 -22.33 55.57
CA HIS E 146 12.26 -21.35 56.64
C HIS E 146 11.62 -21.92 57.91
N PHE E 147 12.45 -22.37 58.85
CA PHE E 147 11.97 -23.16 59.97
C PHE E 147 11.04 -22.37 60.89
N PHE E 148 11.08 -21.04 60.82
CA PHE E 148 10.16 -20.22 61.60
C PHE E 148 8.72 -20.47 61.20
N GLU E 149 8.47 -20.90 59.96
CA GLU E 149 7.13 -20.97 59.40
C GLU E 149 6.65 -22.40 59.18
N VAL E 150 7.18 -23.36 59.94
CA VAL E 150 6.75 -24.75 59.81
C VAL E 150 5.34 -24.90 60.34
N ASN E 151 4.74 -26.07 60.11
CA ASN E 151 3.41 -26.41 60.59
C ASN E 151 3.16 -25.88 62.00
N ARG E 152 2.03 -25.19 62.16
CA ARG E 152 1.70 -24.55 63.42
C ARG E 152 1.53 -25.57 64.54
N CYS E 153 1.36 -26.85 64.22
CA CYS E 153 1.24 -27.88 65.24
C CYS E 153 2.57 -28.23 65.90
N LEU E 154 3.69 -27.91 65.27
CA LEU E 154 4.98 -28.10 65.92
C LEU E 154 5.20 -27.01 66.96
N ASP E 155 5.68 -27.40 68.13
CA ASP E 155 5.89 -26.47 69.23
C ASP E 155 7.37 -26.38 69.56
N PHE E 156 7.90 -25.16 69.53
CA PHE E 156 9.30 -24.88 69.80
C PHE E 156 9.44 -23.38 69.94
N ASP E 157 10.59 -22.94 70.44
CA ASP E 157 10.84 -21.52 70.66
C ASP E 157 11.05 -20.82 69.32
N ARG E 158 9.95 -20.36 68.71
CA ARG E 158 10.02 -19.87 67.34
C ARG E 158 10.91 -18.65 67.21
N GLU E 159 11.02 -17.83 68.26
CA GLU E 159 11.82 -16.62 68.19
C GLU E 159 13.27 -16.92 67.83
N LYS E 160 13.81 -18.02 68.35
CA LYS E 160 15.19 -18.38 68.09
C LYS E 160 15.42 -18.94 66.70
N THR E 161 14.36 -19.22 65.95
CA THR E 161 14.47 -19.88 64.65
C THR E 161 14.21 -18.95 63.49
N PHE E 162 14.05 -17.65 63.73
CA PHE E 162 13.71 -16.71 62.67
C PHE E 162 14.91 -16.51 61.73
N GLY E 163 14.65 -16.57 60.43
CA GLY E 163 15.71 -16.45 59.45
C GLY E 163 16.63 -17.65 59.38
N LYS E 164 16.18 -18.82 59.78
CA LYS E 164 17.04 -20.00 59.86
C LYS E 164 16.42 -21.17 59.11
N ARG E 165 17.27 -22.13 58.78
CA ARG E 165 16.87 -23.38 58.15
C ARG E 165 17.65 -24.51 58.79
N LEU E 166 17.30 -25.74 58.42
CA LEU E 166 17.93 -26.91 59.01
C LEU E 166 19.36 -27.08 58.49
N ASP E 167 20.28 -27.35 59.40
CA ASP E 167 21.69 -27.56 59.04
C ASP E 167 21.92 -29.03 58.72
N ILE E 168 21.30 -29.46 57.63
CA ILE E 168 21.38 -30.83 57.15
C ILE E 168 21.75 -30.79 55.67
N ALA E 169 21.97 -31.97 55.10
CA ALA E 169 22.33 -32.07 53.70
C ALA E 169 21.21 -31.56 52.82
N SER E 170 21.58 -30.83 51.77
CA SER E 170 20.62 -30.23 50.87
C SER E 170 19.73 -31.30 50.24
N GLY E 171 18.42 -31.10 50.32
CA GLY E 171 17.48 -32.05 49.79
C GLY E 171 17.10 -33.19 50.72
N THR E 172 17.63 -33.21 51.93
CA THR E 172 17.21 -34.18 52.93
C THR E 172 16.14 -33.55 53.81
N ALA E 173 15.63 -34.33 54.76
CA ALA E 173 14.53 -33.86 55.58
C ALA E 173 14.62 -34.46 56.98
N VAL E 174 13.93 -33.81 57.91
CA VAL E 174 13.78 -34.28 59.28
C VAL E 174 12.30 -34.59 59.50
N ARG E 175 12.02 -35.76 60.04
CA ARG E 175 10.65 -36.19 60.29
C ARG E 175 10.28 -36.03 61.76
N PHE E 176 9.02 -35.69 62.00
CA PHE E 176 8.48 -35.53 63.34
C PHE E 176 7.21 -36.36 63.43
N GLU E 177 7.29 -37.50 64.10
CA GLU E 177 6.12 -38.32 64.33
C GLU E 177 5.19 -37.64 65.32
N PRO E 178 3.90 -37.97 65.27
CA PRO E 178 2.98 -37.39 66.26
C PRO E 178 3.42 -37.70 67.67
N GLY E 179 3.58 -36.63 68.46
CA GLY E 179 4.07 -36.77 69.81
C GLY E 179 5.58 -36.84 69.94
N GLU E 180 6.31 -36.88 68.84
CA GLU E 180 7.75 -37.03 68.88
C GLU E 180 8.41 -35.73 69.30
N GLU E 181 9.48 -35.83 70.06
CA GLU E 181 10.24 -34.69 70.55
C GLU E 181 11.72 -34.93 70.28
N LYS E 182 12.37 -33.99 69.61
CA LYS E 182 13.78 -34.11 69.31
C LYS E 182 14.34 -32.72 69.06
N SER E 183 15.66 -32.62 69.11
CA SER E 183 16.36 -31.37 68.89
C SER E 183 16.99 -31.37 67.51
N VAL E 184 17.02 -30.19 66.90
CA VAL E 184 17.56 -30.03 65.54
C VAL E 184 18.53 -28.87 65.54
N GLU E 185 19.37 -28.84 64.51
CA GLU E 185 20.34 -27.78 64.32
C GLU E 185 19.86 -26.82 63.24
N LEU E 186 19.97 -25.53 63.50
CA LEU E 186 19.53 -24.50 62.57
C LEU E 186 20.68 -23.55 62.27
N ILE E 187 20.87 -23.27 60.99
CA ILE E 187 21.85 -22.29 60.54
C ILE E 187 21.10 -21.11 59.93
N ASP E 188 21.79 -19.98 59.83
CA ASP E 188 21.21 -18.81 59.18
C ASP E 188 21.01 -19.05 57.70
N ILE E 189 19.91 -18.52 57.17
CA ILE E 189 19.68 -18.52 55.73
C ILE E 189 20.66 -17.56 55.07
N GLY E 190 21.20 -17.96 53.91
CA GLY E 190 22.21 -17.20 53.22
C GLY E 190 21.66 -16.26 52.18
N GLY E 191 22.55 -15.80 51.31
CA GLY E 191 22.15 -14.93 50.22
C GLY E 191 21.68 -13.58 50.71
N ASN E 192 20.63 -13.06 50.06
CA ASN E 192 20.06 -11.78 50.41
C ASN E 192 19.11 -11.84 51.60
N ARG E 193 18.83 -13.04 52.11
CA ARG E 193 17.92 -13.25 53.23
C ARG E 193 16.57 -12.59 52.98
N ARG E 194 16.06 -12.78 51.77
CA ARG E 194 14.75 -12.28 51.36
C ARG E 194 13.79 -13.46 51.37
N ILE E 195 12.91 -13.50 52.37
CA ILE E 195 12.06 -14.66 52.61
C ILE E 195 10.68 -14.35 52.08
N PHE E 196 10.27 -15.06 51.03
CA PHE E 196 8.98 -14.88 50.41
C PHE E 196 8.25 -16.22 50.35
N GLY E 197 6.97 -16.22 50.70
CA GLY E 197 6.21 -17.44 50.78
C GLY E 197 6.25 -18.12 52.14
N PHE E 198 6.12 -19.45 52.10
CA PHE E 198 6.23 -20.44 53.16
C PHE E 198 5.10 -20.45 54.19
N ASN E 199 4.58 -19.29 54.56
CA ASN E 199 3.30 -19.17 55.23
C ASN E 199 2.79 -17.74 55.08
N ALA E 200 3.53 -16.94 54.33
CA ALA E 200 3.32 -15.49 54.24
C ALA E 200 3.50 -14.81 55.60
N LEU E 201 4.41 -15.33 56.41
CA LEU E 201 4.68 -14.73 57.71
C LEU E 201 5.71 -13.61 57.64
N VAL E 202 6.60 -13.63 56.66
CA VAL E 202 7.59 -12.57 56.51
C VAL E 202 7.33 -11.78 55.23
N ASP E 203 7.51 -12.43 54.09
CA ASP E 203 7.32 -11.84 52.76
C ASP E 203 8.04 -10.50 52.62
N ARG E 204 9.25 -10.43 53.13
CA ARG E 204 10.08 -9.23 53.04
C ARG E 204 11.50 -9.59 53.46
N GLN E 205 12.36 -8.57 53.57
CA GLN E 205 13.70 -8.74 54.09
C GLN E 205 13.67 -9.25 55.52
N ALA E 206 14.52 -10.21 55.82
CA ALA E 206 14.64 -10.77 57.16
C ALA E 206 15.60 -9.91 57.98
N ASP E 207 15.12 -9.40 59.11
CA ASP E 207 15.94 -8.64 60.04
C ASP E 207 15.17 -8.51 61.34
N ASN E 208 15.77 -7.79 62.29
CA ASN E 208 15.16 -7.65 63.61
C ASN E 208 13.83 -6.91 63.54
N GLU E 209 13.74 -5.88 62.70
CA GLU E 209 12.49 -5.15 62.57
C GLU E 209 11.37 -6.04 62.02
N SER E 210 11.69 -6.88 61.04
CA SER E 210 10.66 -7.76 60.48
C SER E 210 10.41 -8.98 61.34
N LYS E 211 11.30 -9.31 62.27
CA LYS E 211 11.07 -10.42 63.17
C LYS E 211 9.90 -10.12 64.10
N LYS E 212 9.74 -8.86 64.52
CA LYS E 212 8.61 -8.49 65.36
C LYS E 212 7.29 -8.65 64.61
N ILE E 213 7.24 -8.18 63.36
CA ILE E 213 6.04 -8.34 62.54
C ILE E 213 5.72 -9.82 62.36
N ALA E 214 6.75 -10.63 62.08
CA ALA E 214 6.55 -12.06 61.88
C ALA E 214 6.03 -12.72 63.15
N LEU E 215 6.59 -12.36 64.31
CA LEU E 215 6.14 -12.94 65.57
C LEU E 215 4.69 -12.59 65.84
N HIS E 216 4.32 -11.33 65.61
CA HIS E 216 2.94 -10.91 65.81
C HIS E 216 1.99 -11.66 64.88
N ARG E 217 2.35 -11.77 63.60
CA ARG E 217 1.52 -12.51 62.65
C ARG E 217 1.40 -13.98 63.04
N ALA E 218 2.50 -14.57 63.50
CA ALA E 218 2.48 -15.98 63.90
C ALA E 218 1.58 -16.19 65.10
N LYS E 219 1.65 -15.29 66.09
CA LYS E 219 0.78 -15.40 67.25
C LYS E 219 -0.69 -15.25 66.88
N GLU E 220 -0.99 -14.29 66.00
CA GLU E 220 -2.38 -14.12 65.58
C GLU E 220 -2.92 -15.35 64.85
N ARG E 221 -2.05 -16.09 64.17
CA ARG E 221 -2.47 -17.24 63.39
C ARG E 221 -2.24 -18.56 64.11
N GLY E 222 -1.97 -18.53 65.41
CA GLY E 222 -1.89 -19.73 66.22
C GLY E 222 -0.74 -20.68 65.92
N PHE E 223 0.46 -20.15 65.74
CA PHE E 223 1.64 -20.98 65.59
C PHE E 223 2.24 -21.24 66.96
N HIS E 224 2.38 -22.52 67.31
CA HIS E 224 2.77 -22.88 68.67
C HIS E 224 4.20 -22.43 68.98
N GLY E 225 4.43 -22.13 70.25
CA GLY E 225 5.74 -21.68 70.67
C GLY E 225 6.06 -20.26 70.31
N THR E 226 5.08 -19.49 69.86
CA THR E 226 5.28 -18.09 69.49
C THR E 226 4.91 -17.22 70.68
N LYS E 227 5.88 -16.44 71.15
CA LYS E 227 5.67 -15.54 72.28
C LYS E 227 6.07 -14.14 71.84
N SER E 228 5.12 -13.42 71.24
CA SER E 228 5.32 -12.02 70.87
C SER E 228 4.61 -11.16 71.90
N ASP E 229 5.30 -10.14 72.40
CA ASP E 229 4.80 -9.38 73.54
C ASP E 229 3.50 -8.67 73.19
N ASP E 230 2.61 -8.60 74.18
CA ASP E 230 1.35 -7.89 74.02
C ASP E 230 1.63 -6.39 73.91
N ASN E 231 0.56 -5.62 73.70
CA ASN E 231 0.67 -4.20 73.38
C ASN E 231 1.56 -4.01 72.15
N TYR E 232 1.31 -4.83 71.14
CA TYR E 232 2.05 -4.72 69.89
C TYR E 232 1.76 -3.40 69.20
N VAL E 233 2.81 -2.77 68.67
CA VAL E 233 2.67 -1.51 67.97
C VAL E 233 2.76 -1.79 66.48
N LYS E 234 1.68 -1.51 65.76
CA LYS E 234 1.65 -1.73 64.33
C LYS E 234 2.51 -0.69 63.60
N THR E 235 3.00 -1.08 62.44
CA THR E 235 3.69 -0.18 61.54
C THR E 235 2.74 0.26 60.42
N ILE E 236 3.20 1.17 59.57
CA ILE E 236 2.37 1.69 58.51
C ILE E 236 2.09 0.62 57.44
N LYS E 237 2.93 -0.41 57.32
CA LYS E 237 2.73 -1.46 56.34
C LYS E 237 2.88 -2.81 57.02
N GLU E 238 1.78 -3.54 57.14
CA GLU E 238 1.77 -4.84 57.80
C GLU E 238 1.10 -5.90 56.94
N MET F 1 3.54 -10.33 -60.02
CA MET F 1 4.87 -9.79 -60.25
C MET F 1 5.78 -10.00 -59.05
N LYS F 2 5.19 -9.90 -57.86
CA LYS F 2 5.93 -10.03 -56.60
C LYS F 2 7.11 -9.07 -56.55
N LEU F 3 6.83 -7.79 -56.78
CA LEU F 3 7.86 -6.77 -56.76
C LEU F 3 8.39 -6.57 -55.35
N THR F 4 9.69 -6.40 -55.24
CA THR F 4 10.34 -6.09 -53.98
C THR F 4 10.49 -4.58 -53.84
N PRO F 5 10.82 -4.08 -52.64
CA PRO F 5 11.14 -2.65 -52.52
C PRO F 5 12.27 -2.20 -53.43
N LYS F 6 13.25 -3.07 -53.65
CA LYS F 6 14.35 -2.73 -54.55
C LYS F 6 13.84 -2.52 -55.97
N GLU F 7 12.90 -3.34 -56.41
CA GLU F 7 12.37 -3.21 -57.76
C GLU F 7 11.59 -1.90 -57.93
N LEU F 8 10.85 -1.50 -56.90
CA LEU F 8 10.15 -0.22 -56.96
C LEU F 8 11.12 0.95 -57.01
N ASP F 9 12.17 0.90 -56.19
CA ASP F 9 13.18 1.97 -56.23
C ASP F 9 13.86 2.05 -57.59
N LYS F 10 14.21 0.90 -58.17
CA LYS F 10 14.86 0.91 -59.46
C LYS F 10 13.93 1.37 -60.58
N LEU F 11 12.63 1.06 -60.48
CA LEU F 11 11.69 1.57 -61.47
C LEU F 11 11.58 3.09 -61.40
N MET F 12 11.53 3.63 -60.18
CA MET F 12 11.53 5.09 -60.04
C MET F 12 12.81 5.68 -60.63
N LEU F 13 13.96 5.05 -60.39
CA LEU F 13 15.21 5.55 -60.93
C LEU F 13 15.22 5.50 -62.45
N HIS F 14 14.69 4.42 -63.03
CA HIS F 14 14.63 4.32 -64.47
C HIS F 14 13.80 5.45 -65.07
N TYR F 15 12.69 5.79 -64.45
CA TYR F 15 11.89 6.85 -65.05
C TYR F 15 12.45 8.24 -64.77
N ALA F 16 13.20 8.42 -63.67
CA ALA F 16 13.96 9.66 -63.52
C ALA F 16 14.98 9.81 -64.65
N GLY F 17 15.67 8.72 -64.97
CA GLY F 17 16.60 8.76 -66.09
C GLY F 17 15.90 8.99 -67.43
N GLU F 18 14.70 8.43 -67.58
CA GLU F 18 13.93 8.66 -68.81
C GLU F 18 13.58 10.13 -68.95
N LEU F 19 13.16 10.77 -67.86
CA LEU F 19 12.89 12.20 -67.90
C LEU F 19 14.14 12.98 -68.25
N ALA F 20 15.28 12.59 -67.68
CA ALA F 20 16.54 13.26 -68.01
C ALA F 20 16.86 13.13 -69.49
N ARG F 21 16.67 11.95 -70.06
CA ARG F 21 16.95 11.75 -71.47
C ARG F 21 16.00 12.56 -72.35
N LYS F 22 14.73 12.63 -71.98
CA LYS F 22 13.79 13.45 -72.74
C LYS F 22 14.21 14.92 -72.71
N ARG F 23 14.59 15.42 -71.55
CA ARG F 23 15.01 16.81 -71.45
C ARG F 23 16.28 17.05 -72.26
N LYS F 24 17.21 16.10 -72.24
CA LYS F 24 18.42 16.23 -73.05
C LYS F 24 18.07 16.26 -74.53
N GLU F 25 17.07 15.49 -74.94
CA GLU F 25 16.62 15.54 -76.33
C GLU F 25 16.03 16.88 -76.67
N LYS F 26 15.30 17.50 -75.74
CA LYS F 26 14.72 18.81 -75.99
C LYS F 26 15.77 19.92 -76.07
N GLY F 27 17.01 19.65 -75.70
CA GLY F 27 18.05 20.66 -75.74
C GLY F 27 18.34 21.35 -74.43
N ILE F 28 17.74 20.91 -73.34
CA ILE F 28 18.01 21.47 -72.03
C ILE F 28 19.33 20.94 -71.51
N LYS F 29 20.13 21.82 -70.93
CA LYS F 29 21.36 21.39 -70.27
C LYS F 29 21.03 20.77 -68.93
N LEU F 30 21.51 19.56 -68.70
CA LEU F 30 21.11 18.79 -67.53
C LEU F 30 21.77 19.31 -66.27
N ASN F 31 21.06 19.17 -65.16
CA ASN F 31 21.60 19.51 -63.86
C ASN F 31 22.15 18.25 -63.20
N TYR F 32 22.49 18.37 -61.91
CA TYR F 32 23.14 17.29 -61.19
C TYR F 32 22.29 16.04 -61.14
N VAL F 33 21.02 16.19 -60.72
CA VAL F 33 20.13 15.05 -60.56
C VAL F 33 19.89 14.36 -61.89
N GLU F 34 19.65 15.14 -62.94
CA GLU F 34 19.35 14.57 -64.25
C GLU F 34 20.54 13.80 -64.79
N ALA F 35 21.74 14.34 -64.64
CA ALA F 35 22.94 13.65 -65.13
C ALA F 35 23.14 12.33 -64.38
N VAL F 36 23.03 12.37 -63.05
CA VAL F 36 23.21 11.15 -62.27
C VAL F 36 22.21 10.09 -62.69
N ALA F 37 20.94 10.48 -62.81
CA ALA F 37 19.89 9.53 -63.15
C ALA F 37 20.07 8.98 -64.56
N LEU F 38 20.48 9.82 -65.50
CA LEU F 38 20.66 9.36 -66.88
C LEU F 38 21.75 8.30 -66.94
N ILE F 39 22.87 8.54 -66.27
CA ILE F 39 23.95 7.55 -66.26
C ILE F 39 23.46 6.24 -65.62
N SER F 40 22.76 6.35 -64.49
CA SER F 40 22.33 5.14 -63.78
C SER F 40 21.35 4.32 -64.61
N ALA F 41 20.39 4.99 -65.26
CA ALA F 41 19.39 4.27 -66.05
C ALA F 41 20.02 3.62 -67.27
N HIS F 42 20.99 4.30 -67.90
CA HIS F 42 21.66 3.69 -69.03
C HIS F 42 22.40 2.43 -68.61
N ILE F 43 23.09 2.48 -67.46
CA ILE F 43 23.80 1.29 -67.01
C ILE F 43 22.83 0.15 -66.72
N MET F 44 21.70 0.44 -66.07
CA MET F 44 20.75 -0.62 -65.77
C MET F 44 20.21 -1.26 -67.04
N GLU F 45 19.86 -0.45 -68.03
CA GLU F 45 19.34 -1.04 -69.27
C GLU F 45 20.40 -1.87 -69.98
N GLU F 46 21.64 -1.40 -69.99
CA GLU F 46 22.69 -2.18 -70.65
C GLU F 46 22.92 -3.51 -69.95
N ALA F 47 22.90 -3.51 -68.63
CA ALA F 47 23.05 -4.76 -67.91
C ALA F 47 21.88 -5.71 -68.14
N ARG F 48 20.67 -5.16 -68.29
CA ARG F 48 19.54 -6.01 -68.62
C ARG F 48 19.71 -6.67 -69.98
N ALA F 49 20.25 -5.92 -70.94
CA ALA F 49 20.45 -6.50 -72.27
C ALA F 49 21.40 -7.69 -72.25
N GLY F 50 22.34 -7.71 -71.32
CA GLY F 50 23.19 -8.86 -71.11
C GLY F 50 24.28 -9.07 -72.14
N LYS F 51 24.65 -8.04 -72.90
CA LYS F 51 25.65 -8.19 -73.94
C LYS F 51 27.00 -7.59 -73.56
N LYS F 52 27.12 -7.00 -72.38
CA LYS F 52 28.34 -6.32 -71.98
C LYS F 52 28.70 -6.71 -70.55
N THR F 53 29.98 -6.65 -70.25
CA THR F 53 30.45 -6.95 -68.90
C THR F 53 30.44 -5.69 -68.06
N ALA F 54 30.56 -5.88 -66.74
CA ALA F 54 30.49 -4.76 -65.81
C ALA F 54 31.60 -3.75 -66.06
N ALA F 55 32.81 -4.22 -66.38
CA ALA F 55 33.91 -3.31 -66.66
C ALA F 55 33.65 -2.48 -67.91
N GLU F 56 33.08 -3.11 -68.95
CA GLU F 56 32.67 -2.38 -70.13
C GLU F 56 31.69 -1.27 -69.77
N LEU F 57 30.77 -1.55 -68.85
CA LEU F 57 29.81 -0.53 -68.46
C LEU F 57 30.46 0.57 -67.64
N MET F 58 31.46 0.23 -66.83
CA MET F 58 32.19 1.26 -66.10
C MET F 58 32.87 2.21 -67.06
N GLN F 59 33.43 1.68 -68.15
CA GLN F 59 34.03 2.56 -69.14
C GLN F 59 32.99 3.29 -69.97
N GLU F 60 31.83 2.68 -70.22
CA GLU F 60 30.84 3.27 -71.10
C GLU F 60 30.06 4.38 -70.41
N GLY F 61 29.96 4.33 -69.08
CA GLY F 61 29.24 5.37 -68.37
C GLY F 61 29.87 6.74 -68.50
N ARG F 62 31.12 6.81 -68.97
CA ARG F 62 31.85 8.06 -69.08
C ARG F 62 31.69 8.73 -70.43
N THR F 63 31.00 8.10 -71.37
CA THR F 63 30.80 8.66 -72.69
C THR F 63 29.37 9.10 -72.95
N LEU F 64 28.49 8.97 -71.96
CA LEU F 64 27.08 9.30 -72.18
C LEU F 64 26.88 10.81 -72.31
N LEU F 65 27.54 11.58 -71.46
CA LEU F 65 27.31 13.02 -71.39
C LEU F 65 28.60 13.75 -71.72
N LYS F 66 28.56 14.55 -72.79
CA LYS F 66 29.64 15.47 -73.08
C LYS F 66 29.56 16.67 -72.13
N PRO F 67 30.66 17.39 -71.95
CA PRO F 67 30.62 18.54 -71.04
C PRO F 67 29.60 19.60 -71.43
N ASP F 68 29.32 19.76 -72.71
CA ASP F 68 28.35 20.75 -73.15
C ASP F 68 26.91 20.35 -72.88
N ASP F 69 26.67 19.10 -72.46
CA ASP F 69 25.31 18.61 -72.24
C ASP F 69 24.77 18.93 -70.87
N VAL F 70 25.62 19.40 -69.94
CA VAL F 70 25.21 19.63 -68.58
C VAL F 70 25.40 21.10 -68.25
N MET F 71 24.80 21.52 -67.15
CA MET F 71 24.94 22.89 -66.67
C MET F 71 26.35 23.12 -66.13
N ASP F 72 26.74 24.39 -66.10
CA ASP F 72 28.00 24.74 -65.47
C ASP F 72 27.97 24.34 -64.00
N GLY F 73 29.05 23.72 -63.55
CA GLY F 73 29.15 23.23 -62.19
C GLY F 73 28.77 21.78 -62.00
N VAL F 74 28.10 21.17 -62.98
CA VAL F 74 27.64 19.80 -62.80
C VAL F 74 28.81 18.83 -62.78
N ALA F 75 29.76 19.00 -63.69
CA ALA F 75 30.84 18.03 -63.84
C ALA F 75 31.66 17.91 -62.57
N SER F 76 31.93 19.03 -61.90
CA SER F 76 32.74 18.98 -60.69
C SER F 76 31.98 18.42 -59.49
N MET F 77 30.67 18.26 -59.59
CA MET F 77 29.90 17.71 -58.48
C MET F 77 29.71 16.21 -58.55
N ILE F 78 29.89 15.61 -59.73
CA ILE F 78 29.67 14.18 -59.91
C ILE F 78 31.06 13.54 -59.95
N HIS F 79 31.52 13.09 -58.79
CA HIS F 79 32.77 12.36 -58.71
C HIS F 79 32.62 10.93 -59.23
N GLU F 80 31.54 10.27 -58.83
CA GLU F 80 31.35 8.86 -59.14
C GLU F 80 29.87 8.51 -59.07
N VAL F 81 29.38 7.81 -60.07
CA VAL F 81 28.03 7.27 -60.07
C VAL F 81 28.14 5.77 -59.87
N GLY F 82 27.59 5.29 -58.76
CA GLY F 82 27.48 3.86 -58.52
C GLY F 82 26.04 3.41 -58.75
N ILE F 83 25.89 2.24 -59.35
CA ILE F 83 24.58 1.65 -59.58
C ILE F 83 24.72 0.15 -59.57
N GLU F 84 23.82 -0.52 -58.86
CA GLU F 84 23.78 -1.97 -58.84
C GLU F 84 22.79 -2.47 -59.89
N ALA F 85 23.27 -3.31 -60.78
CA ALA F 85 22.47 -3.82 -61.88
C ALA F 85 22.55 -5.33 -61.91
N MET F 86 21.52 -5.96 -62.46
CA MET F 86 21.44 -7.41 -62.53
C MET F 86 21.86 -7.85 -63.92
N PHE F 87 22.98 -8.55 -63.98
CA PHE F 87 23.52 -9.11 -65.21
C PHE F 87 23.00 -10.54 -65.33
N PRO F 88 23.29 -11.26 -66.42
CA PRO F 88 22.91 -12.68 -66.46
C PRO F 88 23.54 -13.51 -65.36
N ASP F 89 24.68 -13.07 -64.83
CA ASP F 89 25.36 -13.77 -63.75
C ASP F 89 25.08 -13.17 -62.38
N GLY F 90 24.06 -12.34 -62.26
CA GLY F 90 23.62 -11.85 -60.97
C GLY F 90 23.86 -10.35 -60.80
N THR F 91 23.70 -9.91 -59.57
CA THR F 91 23.80 -8.49 -59.24
C THR F 91 25.26 -8.08 -59.04
N LYS F 92 25.68 -7.05 -59.76
CA LYS F 92 27.03 -6.51 -59.65
C LYS F 92 26.93 -5.01 -59.50
N LEU F 93 27.88 -4.44 -58.78
CA LEU F 93 27.99 -3.00 -58.63
C LEU F 93 28.84 -2.42 -59.75
N VAL F 94 28.29 -1.45 -60.46
CA VAL F 94 29.01 -0.72 -61.50
C VAL F 94 29.17 0.71 -61.02
N THR F 95 30.41 1.17 -60.96
CA THR F 95 30.70 2.55 -60.59
C THR F 95 31.41 3.23 -61.74
N VAL F 96 30.91 4.41 -62.12
CA VAL F 96 31.52 5.22 -63.16
C VAL F 96 32.24 6.37 -62.47
N HIS F 97 33.53 6.50 -62.72
CA HIS F 97 34.35 7.52 -62.08
C HIS F 97 34.50 8.71 -63.01
N THR F 98 34.23 9.90 -62.46
CA THR F 98 34.28 11.18 -63.16
C THR F 98 33.65 11.06 -64.54
N PRO F 99 32.35 10.75 -64.62
CA PRO F 99 31.74 10.50 -65.93
C PRO F 99 31.81 11.69 -66.86
N ILE F 100 31.75 12.91 -66.34
CA ILE F 100 31.68 14.11 -67.15
C ILE F 100 32.93 14.95 -66.88
N GLU F 101 33.45 15.58 -67.92
CA GLU F 101 34.60 16.46 -67.79
C GLU F 101 34.15 17.90 -67.59
N ALA F 102 34.93 18.64 -66.80
CA ALA F 102 34.61 20.03 -66.52
C ALA F 102 34.95 20.93 -67.70
N ASN F 103 34.05 21.85 -68.00
CA ASN F 103 34.27 22.81 -69.08
C ASN F 103 34.07 24.26 -68.68
N GLY F 104 33.33 24.54 -67.61
CA GLY F 104 33.11 25.89 -67.16
C GLY F 104 34.03 26.27 -66.01
N LYS F 105 33.65 27.32 -65.30
CA LYS F 105 34.41 27.81 -64.16
C LYS F 105 33.71 27.62 -62.83
N LEU F 106 32.42 27.29 -62.83
CA LEU F 106 31.67 27.17 -61.59
C LEU F 106 32.04 25.89 -60.87
N VAL F 107 32.55 26.03 -59.65
CA VAL F 107 32.82 24.87 -58.80
C VAL F 107 32.09 25.06 -57.48
N PRO F 108 30.95 24.39 -57.27
CA PRO F 108 30.32 24.43 -55.95
C PRO F 108 31.25 23.85 -54.89
N GLY F 109 31.27 24.50 -53.73
CA GLY F 109 32.11 24.05 -52.64
C GLY F 109 33.59 24.23 -52.88
N GLU F 110 33.96 25.08 -53.83
CA GLU F 110 35.36 25.25 -54.19
C GLU F 110 36.22 25.64 -53.00
N LEU F 111 37.39 25.04 -52.90
CA LEU F 111 38.30 25.28 -51.80
C LEU F 111 39.39 26.23 -52.22
N PHE F 112 39.56 27.31 -51.46
CA PHE F 112 40.60 28.30 -51.68
C PHE F 112 41.61 28.14 -50.55
N LEU F 113 42.76 27.56 -50.86
CA LEU F 113 43.72 27.17 -49.86
C LEU F 113 44.88 28.13 -49.80
N LYS F 114 45.40 28.37 -48.60
CA LYS F 114 46.71 28.99 -48.46
C LYS F 114 47.77 28.06 -49.03
N ASN F 115 48.83 28.65 -49.57
CA ASN F 115 49.90 27.86 -50.16
C ASN F 115 50.98 27.48 -49.16
N GLU F 116 50.77 27.75 -47.87
CA GLU F 116 51.73 27.35 -46.85
C GLU F 116 51.53 25.90 -46.45
N ASP F 117 52.64 25.22 -46.18
CA ASP F 117 52.59 23.84 -45.75
C ASP F 117 52.21 23.74 -44.27
N ILE F 118 51.73 22.56 -43.89
CA ILE F 118 51.38 22.26 -42.51
C ILE F 118 52.53 21.49 -41.88
N THR F 119 52.93 21.89 -40.68
CA THR F 119 53.98 21.22 -39.94
C THR F 119 53.32 20.34 -38.87
N ILE F 120 53.41 19.04 -39.05
CA ILE F 120 52.78 18.10 -38.13
C ILE F 120 53.82 17.63 -37.13
N ASN F 121 53.35 17.25 -35.95
CA ASN F 121 54.21 16.73 -34.88
C ASN F 121 55.32 17.71 -34.54
N GLU F 122 54.98 18.99 -34.50
CA GLU F 122 55.97 20.02 -34.21
C GLU F 122 56.50 19.87 -32.80
N GLY F 123 57.81 20.06 -32.65
CA GLY F 123 58.48 19.88 -31.38
C GLY F 123 58.88 18.44 -31.07
N LYS F 124 58.61 17.51 -31.96
CA LYS F 124 58.95 16.11 -31.78
C LYS F 124 60.17 15.78 -32.62
N LYS F 125 61.23 15.30 -31.99
CA LYS F 125 62.43 14.89 -32.71
C LYS F 125 62.23 13.49 -33.27
N ALA F 126 62.61 13.31 -34.53
CA ALA F 126 62.44 12.04 -35.22
C ALA F 126 63.76 11.31 -35.32
N VAL F 127 63.75 10.04 -34.94
CA VAL F 127 64.88 9.15 -35.16
C VAL F 127 64.59 8.32 -36.40
N SER F 128 65.63 7.72 -36.96
CA SER F 128 65.51 6.90 -38.16
C SER F 128 65.93 5.48 -37.85
N VAL F 129 65.07 4.52 -38.20
CA VAL F 129 65.30 3.10 -37.94
C VAL F 129 65.13 2.35 -39.24
N LYS F 130 66.04 1.42 -39.51
CA LYS F 130 65.97 0.58 -40.70
C LYS F 130 65.20 -0.69 -40.39
N VAL F 131 64.21 -0.99 -41.22
CA VAL F 131 63.29 -2.10 -40.99
C VAL F 131 63.27 -3.00 -42.21
N LYS F 132 63.28 -4.30 -42.00
CA LYS F 132 63.20 -5.29 -43.06
C LYS F 132 62.09 -6.29 -42.74
N ASN F 133 61.32 -6.65 -43.75
CA ASN F 133 60.27 -7.66 -43.62
C ASN F 133 60.84 -9.01 -44.04
N VAL F 134 61.17 -9.85 -43.06
CA VAL F 134 61.70 -11.17 -43.36
C VAL F 134 60.61 -12.20 -43.54
N GLY F 135 59.35 -11.83 -43.36
CA GLY F 135 58.24 -12.71 -43.63
C GLY F 135 57.86 -12.74 -45.09
N ASP F 136 56.92 -13.63 -45.41
CA ASP F 136 56.45 -13.82 -46.78
C ASP F 136 55.13 -13.13 -47.06
N ARG F 137 54.68 -12.27 -46.16
CA ARG F 137 53.40 -11.59 -46.32
C ARG F 137 53.58 -10.10 -46.12
N PRO F 138 52.79 -9.28 -46.81
CA PRO F 138 52.91 -7.83 -46.66
C PRO F 138 52.46 -7.37 -45.28
N VAL F 139 53.10 -6.31 -44.80
CA VAL F 139 52.79 -5.72 -43.50
C VAL F 139 52.63 -4.22 -43.67
N GLN F 140 51.55 -3.66 -43.14
CA GLN F 140 51.26 -2.23 -43.22
C GLN F 140 51.02 -1.69 -41.83
N ILE F 141 51.67 -0.56 -41.51
CA ILE F 141 51.69 0.00 -40.16
C ILE F 141 51.15 1.41 -40.20
N GLY F 142 50.20 1.71 -39.32
CA GLY F 142 49.59 3.02 -39.27
C GLY F 142 50.38 4.03 -38.45
N SER F 143 49.90 5.28 -38.49
CA SER F 143 50.66 6.40 -37.95
C SER F 143 50.75 6.37 -36.42
N HIS F 144 49.74 5.81 -35.75
CA HIS F 144 49.70 5.85 -34.29
C HIS F 144 49.86 4.49 -33.64
N PHE F 145 50.30 3.48 -34.38
CA PHE F 145 50.62 2.20 -33.78
C PHE F 145 51.94 2.31 -33.00
N HIS F 146 51.98 1.67 -31.84
CA HIS F 146 53.21 1.59 -31.07
C HIS F 146 54.21 0.73 -31.83
N PHE F 147 55.21 1.37 -32.45
CA PHE F 147 56.05 0.65 -33.41
C PHE F 147 56.89 -0.44 -32.76
N PHE F 148 57.07 -0.39 -31.44
CA PHE F 148 57.76 -1.46 -30.74
C PHE F 148 57.06 -2.79 -30.88
N GLU F 149 55.73 -2.77 -31.08
CA GLU F 149 54.92 -3.98 -31.02
C GLU F 149 54.37 -4.40 -32.37
N VAL F 150 55.03 -4.01 -33.46
CA VAL F 150 54.57 -4.41 -34.80
C VAL F 150 54.79 -5.90 -35.00
N ASN F 151 54.25 -6.42 -36.10
CA ASN F 151 54.40 -7.82 -36.49
C ASN F 151 55.79 -8.36 -36.18
N ARG F 152 55.83 -9.50 -35.51
CA ARG F 152 57.10 -10.08 -35.09
C ARG F 152 57.98 -10.48 -36.27
N CYS F 153 57.41 -10.56 -37.47
CA CYS F 153 58.19 -10.88 -38.66
C CYS F 153 59.04 -9.70 -39.15
N LEU F 154 58.71 -8.48 -38.76
CA LEU F 154 59.55 -7.34 -39.08
C LEU F 154 60.78 -7.34 -38.20
N ASP F 155 61.94 -7.10 -38.79
CA ASP F 155 63.21 -7.12 -38.08
C ASP F 155 63.83 -5.74 -38.08
N PHE F 156 64.13 -5.22 -36.90
CA PHE F 156 64.72 -3.91 -36.70
C PHE F 156 65.14 -3.81 -35.25
N ASP F 157 65.92 -2.78 -34.94
CA ASP F 157 66.41 -2.59 -33.58
C ASP F 157 65.29 -2.13 -32.68
N ARG F 158 64.56 -3.08 -32.09
CA ARG F 158 63.34 -2.76 -31.36
C ARG F 158 63.61 -1.85 -30.17
N GLU F 159 64.78 -1.96 -29.55
CA GLU F 159 65.07 -1.17 -28.36
C GLU F 159 64.97 0.32 -28.64
N LYS F 160 65.39 0.75 -29.83
CA LYS F 160 65.35 2.17 -30.17
C LYS F 160 63.95 2.66 -30.48
N THR F 161 62.97 1.78 -30.61
CA THR F 161 61.63 2.15 -31.05
C THR F 161 60.61 2.13 -29.92
N PHE F 162 61.04 1.90 -28.68
CA PHE F 162 60.10 1.79 -27.57
C PHE F 162 59.48 3.14 -27.24
N GLY F 163 58.16 3.15 -27.07
CA GLY F 163 57.45 4.38 -26.82
C GLY F 163 57.35 5.31 -28.00
N LYS F 164 57.45 4.80 -29.22
CA LYS F 164 57.48 5.63 -30.41
C LYS F 164 56.45 5.18 -31.43
N ARG F 165 56.13 6.09 -32.34
CA ARG F 165 55.22 5.83 -33.45
C ARG F 165 55.80 6.48 -34.70
N LEU F 166 55.17 6.21 -35.84
CA LEU F 166 55.66 6.72 -37.11
C LEU F 166 55.41 8.22 -37.23
N ASP F 167 56.42 8.96 -37.67
CA ASP F 167 56.33 10.40 -37.85
C ASP F 167 55.80 10.71 -39.26
N ILE F 168 54.55 10.31 -39.47
CA ILE F 168 53.87 10.50 -40.74
C ILE F 168 52.53 11.15 -40.46
N ALA F 169 51.82 11.50 -41.54
CA ALA F 169 50.51 12.13 -41.40
C ALA F 169 49.53 11.20 -40.71
N SER F 170 48.73 11.78 -39.83
CA SER F 170 47.76 11.00 -39.06
C SER F 170 46.80 10.27 -39.98
N GLY F 171 46.64 8.97 -39.76
CA GLY F 171 45.78 8.15 -40.58
C GLY F 171 46.40 7.61 -41.85
N THR F 172 47.68 7.88 -42.10
CA THR F 172 48.38 7.28 -43.21
C THR F 172 49.15 6.06 -42.71
N ALA F 173 49.82 5.38 -43.63
CA ALA F 173 50.48 4.12 -43.27
C ALA F 173 51.74 3.93 -44.10
N VAL F 174 52.61 3.06 -43.61
CA VAL F 174 53.83 2.64 -44.29
C VAL F 174 53.70 1.16 -44.60
N ARG F 175 53.96 0.79 -45.83
CA ARG F 175 53.84 -0.60 -46.26
C ARG F 175 55.22 -1.26 -46.34
N PHE F 176 55.26 -2.55 -46.01
CA PHE F 176 56.47 -3.34 -46.07
C PHE F 176 56.17 -4.60 -46.86
N GLU F 177 56.62 -4.64 -48.11
CA GLU F 177 56.48 -5.83 -48.92
C GLU F 177 57.36 -6.95 -48.40
N PRO F 178 57.01 -8.20 -48.66
CA PRO F 178 57.87 -9.31 -48.24
C PRO F 178 59.27 -9.16 -48.80
N GLY F 179 60.25 -9.16 -47.90
CA GLY F 179 61.63 -8.96 -48.26
C GLY F 179 62.04 -7.51 -48.41
N GLU F 180 61.11 -6.57 -48.27
CA GLU F 180 61.42 -5.16 -48.48
C GLU F 180 62.17 -4.60 -47.28
N GLU F 181 63.11 -3.70 -47.54
CA GLU F 181 63.92 -3.06 -46.52
C GLU F 181 63.92 -1.56 -46.76
N LYS F 182 63.56 -0.81 -45.73
CA LYS F 182 63.52 0.64 -45.84
C LYS F 182 63.64 1.23 -44.44
N SER F 183 63.97 2.52 -44.39
CA SER F 183 64.11 3.24 -43.14
C SER F 183 62.90 4.13 -42.92
N VAL F 184 62.52 4.27 -41.65
CA VAL F 184 61.36 5.07 -41.28
C VAL F 184 61.73 6.01 -40.16
N GLU F 185 60.92 7.05 -39.98
CA GLU F 185 61.11 8.03 -38.93
C GLU F 185 60.13 7.76 -37.79
N LEU F 186 60.64 7.81 -36.56
CA LEU F 186 59.82 7.56 -35.39
C LEU F 186 59.92 8.74 -34.43
N ILE F 187 58.78 9.18 -33.93
CA ILE F 187 58.71 10.22 -32.92
C ILE F 187 58.17 9.61 -31.64
N ASP F 188 58.40 10.29 -30.53
CA ASP F 188 57.88 9.84 -29.25
C ASP F 188 56.35 9.95 -29.22
N ILE F 189 55.72 8.97 -28.58
CA ILE F 189 54.29 9.04 -28.33
C ILE F 189 54.01 10.12 -27.30
N GLY F 190 52.94 10.88 -27.51
CA GLY F 190 52.60 12.00 -26.67
C GLY F 190 51.65 11.66 -25.55
N GLY F 191 51.07 12.71 -24.97
CA GLY F 191 50.09 12.53 -23.92
C GLY F 191 50.69 11.96 -22.65
N ASN F 192 49.95 11.06 -22.02
CA ASN F 192 50.39 10.43 -20.79
C ASN F 192 51.34 9.26 -21.03
N ARG F 193 51.57 8.88 -22.29
CA ARG F 193 52.43 7.77 -22.66
C ARG F 193 52.04 6.50 -21.93
N ARG F 194 50.74 6.23 -21.90
CA ARG F 194 50.18 5.03 -21.30
C ARG F 194 49.78 4.09 -22.43
N ILE F 195 50.57 3.04 -22.62
CA ILE F 195 50.44 2.17 -23.79
C ILE F 195 49.70 0.91 -23.35
N PHE F 196 48.48 0.73 -23.86
CA PHE F 196 47.66 -0.42 -23.54
C PHE F 196 47.23 -1.10 -24.83
N GLY F 197 47.31 -2.42 -24.85
CA GLY F 197 47.03 -3.18 -26.06
C GLY F 197 48.23 -3.40 -26.96
N PHE F 198 47.93 -3.53 -28.25
CA PHE F 198 48.81 -3.62 -29.41
C PHE F 198 49.58 -4.92 -29.55
N ASN F 199 50.03 -5.52 -28.46
CA ASN F 199 50.44 -6.91 -28.43
C ASN F 199 50.44 -7.39 -26.98
N ALA F 200 50.00 -6.51 -26.08
CA ALA F 200 50.13 -6.71 -24.63
C ALA F 200 51.59 -6.83 -24.21
N LEU F 201 52.46 -6.08 -24.88
CA LEU F 201 53.88 -6.07 -24.51
C LEU F 201 54.20 -5.08 -23.43
N VAL F 202 53.43 -4.00 -23.30
CA VAL F 202 53.67 -3.01 -22.27
C VAL F 202 52.52 -3.01 -21.27
N ASP F 203 51.34 -2.60 -21.72
CA ASP F 203 50.13 -2.54 -20.89
C ASP F 203 50.36 -1.80 -19.58
N ARG F 204 51.11 -0.72 -19.63
CA ARG F 204 51.39 0.10 -18.46
C ARG F 204 52.02 1.41 -18.92
N GLN F 205 52.46 2.22 -17.96
CA GLN F 205 53.20 3.43 -18.25
C GLN F 205 54.49 3.11 -19.00
N ALA F 206 54.79 3.91 -20.02
CA ALA F 206 56.01 3.75 -20.79
C ALA F 206 57.13 4.53 -20.12
N ASP F 207 58.21 3.83 -19.79
CA ASP F 207 59.40 4.45 -19.23
C ASP F 207 60.53 3.43 -19.30
N ASN F 208 61.70 3.81 -18.77
CA ASN F 208 62.87 2.94 -18.84
C ASN F 208 62.67 1.66 -18.06
N GLU F 209 62.01 1.73 -16.90
CA GLU F 209 61.76 0.53 -16.12
C GLU F 209 60.87 -0.45 -16.88
N SER F 210 59.83 0.07 -17.55
CA SER F 210 58.94 -0.82 -18.29
C SER F 210 59.50 -1.24 -19.64
N LYS F 211 60.52 -0.54 -20.14
CA LYS F 211 61.15 -0.96 -21.38
C LYS F 211 61.88 -2.29 -21.22
N LYS F 212 62.46 -2.53 -20.04
CA LYS F 212 63.11 -3.81 -19.79
C LYS F 212 62.10 -4.95 -19.77
N ILE F 213 60.96 -4.75 -19.11
CA ILE F 213 59.91 -5.77 -19.09
C ILE F 213 59.42 -6.03 -20.50
N ALA F 214 59.21 -4.96 -21.28
CA ALA F 214 58.73 -5.10 -22.65
C ALA F 214 59.74 -5.86 -23.51
N LEU F 215 61.02 -5.55 -23.36
CA LEU F 215 62.06 -6.23 -24.14
C LEU F 215 62.10 -7.72 -23.79
N HIS F 216 62.01 -8.04 -22.50
CA HIS F 216 62.01 -9.44 -22.09
C HIS F 216 60.79 -10.18 -22.64
N ARG F 217 59.61 -9.56 -22.54
CA ARG F 217 58.40 -10.19 -23.09
C ARG F 217 58.50 -10.37 -24.59
N ALA F 218 59.06 -9.38 -25.29
CA ALA F 218 59.20 -9.48 -26.74
C ALA F 218 60.14 -10.60 -27.13
N LYS F 219 61.26 -10.73 -26.41
CA LYS F 219 62.19 -11.81 -26.69
C LYS F 219 61.57 -13.17 -26.44
N GLU F 220 60.82 -13.31 -25.34
CA GLU F 220 60.18 -14.58 -25.06
C GLU F 220 59.16 -14.96 -26.13
N ARG F 221 58.55 -13.97 -26.76
CA ARG F 221 57.51 -14.20 -27.76
C ARG F 221 58.02 -14.11 -29.19
N GLY F 222 59.33 -14.11 -29.38
CA GLY F 222 59.92 -14.19 -30.71
C GLY F 222 59.70 -13.00 -31.62
N PHE F 223 59.85 -11.79 -31.11
CA PHE F 223 59.80 -10.59 -31.94
C PHE F 223 61.19 -10.28 -32.44
N HIS F 224 61.35 -10.20 -33.76
CA HIS F 224 62.66 -10.09 -34.36
C HIS F 224 63.33 -8.76 -34.00
N GLY F 225 64.64 -8.78 -33.94
CA GLY F 225 65.40 -7.60 -33.60
C GLY F 225 65.35 -7.22 -32.14
N THR F 226 64.86 -8.09 -31.28
CA THR F 226 64.78 -7.82 -29.85
C THR F 226 66.01 -8.43 -29.18
N LYS F 227 66.80 -7.59 -28.53
CA LYS F 227 68.00 -8.02 -27.82
C LYS F 227 67.88 -7.55 -26.38
N SER F 228 67.25 -8.36 -25.55
CA SER F 228 67.17 -8.12 -24.12
C SER F 228 68.17 -9.02 -23.41
N ASP F 229 68.96 -8.45 -22.52
CA ASP F 229 70.10 -9.17 -21.95
C ASP F 229 69.63 -10.38 -21.16
N ASP F 230 70.42 -11.45 -21.23
CA ASP F 230 70.13 -12.65 -20.47
C ASP F 230 70.35 -12.38 -18.98
N ASN F 231 70.06 -13.39 -18.15
CA ASN F 231 70.01 -13.22 -16.70
C ASN F 231 69.05 -12.11 -16.33
N TYR F 232 67.88 -12.14 -16.95
CA TYR F 232 66.83 -11.16 -16.67
C TYR F 232 66.34 -11.33 -15.23
N VAL F 233 66.15 -10.20 -14.56
CA VAL F 233 65.66 -10.20 -13.18
C VAL F 233 64.19 -9.81 -13.21
N LYS F 234 63.33 -10.73 -12.78
CA LYS F 234 61.90 -10.47 -12.75
C LYS F 234 61.55 -9.49 -11.63
N THR F 235 60.46 -8.77 -11.83
CA THR F 235 59.88 -7.92 -10.81
C THR F 235 58.70 -8.64 -10.16
N ILE F 236 58.13 -8.02 -9.13
CA ILE F 236 57.01 -8.63 -8.42
C ILE F 236 55.75 -8.68 -9.27
N LYS F 237 55.62 -7.83 -10.29
CA LYS F 237 54.45 -7.81 -11.16
C LYS F 237 54.92 -7.79 -12.61
N GLU F 238 54.67 -8.89 -13.32
CA GLU F 238 55.10 -9.01 -14.71
C GLU F 238 53.94 -9.50 -15.58
N MET G 1 21.46 11.38 -55.86
CA MET G 1 20.42 12.29 -56.31
C MET G 1 19.86 13.12 -55.16
N LYS G 2 19.77 12.50 -53.98
CA LYS G 2 19.22 13.14 -52.79
C LYS G 2 17.83 13.70 -53.06
N LEU G 3 16.95 12.84 -53.57
CA LEU G 3 15.59 13.25 -53.86
C LEU G 3 14.81 13.54 -52.58
N THR G 4 14.03 14.59 -52.61
CA THR G 4 13.14 14.93 -51.51
C THR G 4 11.77 14.33 -51.75
N PRO G 5 10.90 14.31 -50.73
CA PRO G 5 9.50 13.88 -50.98
C PRO G 5 8.81 14.70 -52.05
N LYS G 6 9.10 15.99 -52.13
CA LYS G 6 8.52 16.82 -53.17
C LYS G 6 8.92 16.35 -54.56
N GLU G 7 10.17 15.95 -54.71
CA GLU G 7 10.64 15.49 -56.01
C GLU G 7 9.96 14.19 -56.43
N LEU G 8 9.73 13.29 -55.47
CA LEU G 8 9.02 12.06 -55.76
C LEU G 8 7.58 12.34 -56.17
N ASP G 9 6.90 13.23 -55.45
CA ASP G 9 5.54 13.61 -55.80
C ASP G 9 5.46 14.22 -57.20
N LYS G 10 6.40 15.11 -57.52
CA LYS G 10 6.39 15.75 -58.82
C LYS G 10 6.72 14.76 -59.93
N LEU G 11 7.59 13.79 -59.67
CA LEU G 11 7.87 12.76 -60.68
C LEU G 11 6.62 11.92 -60.96
N MET G 12 5.89 11.54 -59.91
CA MET G 12 4.63 10.84 -60.10
C MET G 12 3.66 11.69 -60.92
N LEU G 13 3.57 12.98 -60.61
CA LEU G 13 2.68 13.87 -61.35
C LEU G 13 3.09 13.98 -62.82
N HIS G 14 4.39 14.06 -63.08
CA HIS G 14 4.86 14.14 -64.47
C HIS G 14 4.45 12.90 -65.24
N TYR G 15 4.55 11.73 -64.63
CA TYR G 15 4.19 10.55 -65.41
C TYR G 15 2.68 10.34 -65.51
N ALA G 16 1.90 10.85 -64.54
CA ALA G 16 0.46 10.90 -64.74
C ALA G 16 0.11 11.77 -65.95
N GLY G 17 0.77 12.93 -66.06
CA GLY G 17 0.56 13.77 -67.22
C GLY G 17 1.03 13.12 -68.52
N GLU G 18 2.12 12.35 -68.45
CA GLU G 18 2.59 11.63 -69.63
C GLU G 18 1.56 10.62 -70.10
N LEU G 19 0.96 9.89 -69.15
CA LEU G 19 -0.10 8.95 -69.50
C LEU G 19 -1.28 9.68 -70.13
N ALA G 20 -1.63 10.84 -69.57
CA ALA G 20 -2.73 11.62 -70.14
C ALA G 20 -2.43 12.03 -71.56
N ARG G 21 -1.19 12.48 -71.82
CA ARG G 21 -0.82 12.89 -73.17
C ARG G 21 -0.83 11.72 -74.14
N LYS G 22 -0.36 10.55 -73.70
CA LYS G 22 -0.42 9.37 -74.56
C LYS G 22 -1.86 9.02 -74.91
N ARG G 23 -2.75 9.05 -73.92
CA ARG G 23 -4.15 8.74 -74.20
C ARG G 23 -4.77 9.77 -75.13
N LYS G 24 -4.42 11.04 -74.95
CA LYS G 24 -4.91 12.06 -75.86
C LYS G 24 -4.41 11.83 -77.28
N GLU G 25 -3.18 11.35 -77.42
CA GLU G 25 -2.67 11.01 -78.74
C GLU G 25 -3.43 9.84 -79.35
N LYS G 26 -3.82 8.87 -78.53
CA LYS G 26 -4.59 7.74 -79.04
C LYS G 26 -6.00 8.11 -79.46
N GLY G 27 -6.47 9.31 -79.13
CA GLY G 27 -7.81 9.73 -79.49
C GLY G 27 -8.85 9.58 -78.41
N ILE G 28 -8.45 9.21 -77.20
CA ILE G 28 -9.38 9.10 -76.08
C ILE G 28 -9.69 10.49 -75.55
N LYS G 29 -10.97 10.73 -75.26
CA LYS G 29 -11.36 11.98 -74.61
C LYS G 29 -11.00 11.91 -73.13
N LEU G 30 -10.27 12.92 -72.67
CA LEU G 30 -9.71 12.88 -71.33
C LEU G 30 -10.77 13.14 -70.27
N ASN G 31 -10.58 12.53 -69.11
CA ASN G 31 -11.45 12.78 -67.97
C ASN G 31 -10.82 13.85 -67.08
N TYR G 32 -11.39 14.01 -65.89
CA TYR G 32 -10.98 15.08 -64.98
C TYR G 32 -9.52 14.92 -64.57
N VAL G 33 -9.14 13.73 -64.11
CA VAL G 33 -7.78 13.50 -63.61
C VAL G 33 -6.76 13.69 -64.73
N GLU G 34 -7.04 13.15 -65.90
CA GLU G 34 -6.11 13.24 -67.01
C GLU G 34 -5.90 14.68 -67.45
N ALA G 35 -6.98 15.46 -67.52
CA ALA G 35 -6.86 16.86 -67.92
C ALA G 35 -6.03 17.65 -66.91
N VAL G 36 -6.33 17.46 -65.61
CA VAL G 36 -5.59 18.17 -64.58
C VAL G 36 -4.10 17.84 -64.67
N ALA G 37 -3.79 16.54 -64.78
CA ALA G 37 -2.39 16.12 -64.80
C ALA G 37 -1.68 16.62 -66.06
N LEU G 38 -2.36 16.61 -67.20
CA LEU G 38 -1.72 17.06 -68.44
C LEU G 38 -1.35 18.53 -68.33
N ILE G 39 -2.25 19.36 -67.82
CA ILE G 39 -1.94 20.78 -67.65
C ILE G 39 -0.76 20.96 -66.69
N SER G 40 -0.78 20.23 -65.56
CA SER G 40 0.27 20.41 -64.57
C SER G 40 1.64 20.00 -65.11
N ALA G 41 1.70 18.88 -65.81
CA ALA G 41 2.96 18.39 -66.33
C ALA G 41 3.50 19.32 -67.42
N HIS G 42 2.62 19.86 -68.25
CA HIS G 42 3.08 20.81 -69.25
C HIS G 42 3.69 22.04 -68.60
N ILE G 43 3.03 22.56 -67.55
CA ILE G 43 3.57 23.74 -66.90
C ILE G 43 4.94 23.43 -66.28
N MET G 44 5.07 22.27 -65.63
CA MET G 44 6.35 21.95 -65.01
C MET G 44 7.47 21.86 -66.05
N GLU G 45 7.20 21.21 -67.18
CA GLU G 45 8.24 21.10 -68.19
C GLU G 45 8.60 22.46 -68.76
N GLU G 46 7.60 23.31 -69.00
CA GLU G 46 7.91 24.64 -69.52
C GLU G 46 8.75 25.45 -68.55
N ALA G 47 8.44 25.37 -67.25
CA ALA G 47 9.24 26.08 -66.27
C ALA G 47 10.65 25.53 -66.19
N ARG G 48 10.82 24.21 -66.37
CA ARG G 48 12.17 23.66 -66.40
C ARG G 48 12.96 24.20 -67.58
N ALA G 49 12.31 24.36 -68.74
CA ALA G 49 13.01 24.88 -69.91
C ALA G 49 13.55 26.28 -69.67
N GLY G 50 12.89 27.07 -68.83
CA GLY G 50 13.40 28.36 -68.43
C GLY G 50 13.30 29.46 -69.45
N LYS G 51 12.44 29.33 -70.46
CA LYS G 51 12.33 30.32 -71.51
C LYS G 51 11.08 31.18 -71.39
N LYS G 52 10.24 30.95 -70.40
CA LYS G 52 8.98 31.65 -70.26
C LYS G 52 8.79 32.09 -68.81
N THR G 53 8.04 33.16 -68.62
CA THR G 53 7.75 33.65 -67.28
C THR G 53 6.48 32.97 -66.76
N ALA G 54 6.26 33.12 -65.45
CA ALA G 54 5.13 32.45 -64.81
C ALA G 54 3.80 32.95 -65.38
N ALA G 55 3.70 34.24 -65.66
CA ALA G 55 2.46 34.78 -66.23
C ALA G 55 2.20 34.21 -67.62
N GLU G 56 3.25 34.07 -68.43
CA GLU G 56 3.11 33.41 -69.72
C GLU G 56 2.57 32.00 -69.55
N LEU G 57 3.03 31.28 -68.53
CA LEU G 57 2.54 29.93 -68.32
C LEU G 57 1.10 29.92 -67.84
N MET G 58 0.71 30.91 -67.04
CA MET G 58 -0.69 31.02 -66.64
C MET G 58 -1.59 31.20 -67.84
N GLN G 59 -1.14 31.99 -68.82
CA GLN G 59 -1.93 32.14 -70.03
C GLN G 59 -1.85 30.91 -70.93
N GLU G 60 -0.70 30.23 -70.94
CA GLU G 60 -0.50 29.11 -71.85
C GLU G 60 -1.23 27.86 -71.39
N GLY G 61 -1.45 27.73 -70.08
CA GLY G 61 -2.16 26.56 -69.58
C GLY G 61 -3.59 26.45 -70.09
N ARG G 62 -4.14 27.52 -70.64
CA ARG G 62 -5.51 27.56 -71.09
C ARG G 62 -5.67 27.15 -72.56
N THR G 63 -4.58 26.91 -73.26
CA THR G 63 -4.64 26.54 -74.67
C THR G 63 -4.25 25.09 -74.91
N LEU G 64 -3.95 24.33 -73.86
CA LEU G 64 -3.50 22.95 -74.04
C LEU G 64 -4.63 22.06 -74.51
N LEU G 65 -5.81 22.20 -73.92
CA LEU G 65 -6.93 21.30 -74.17
C LEU G 65 -8.08 22.08 -74.76
N LYS G 66 -8.47 21.72 -75.97
CA LYS G 66 -9.70 22.22 -76.56
C LYS G 66 -10.90 21.52 -75.93
N PRO G 67 -12.08 22.12 -75.99
CA PRO G 67 -13.26 21.48 -75.38
C PRO G 67 -13.56 20.10 -75.92
N ASP G 68 -13.25 19.83 -77.19
CA ASP G 68 -13.51 18.53 -77.77
C ASP G 68 -12.53 17.45 -77.30
N ASP G 69 -11.47 17.83 -76.60
CA ASP G 69 -10.46 16.88 -76.17
C ASP G 69 -10.80 16.18 -74.86
N VAL G 70 -11.82 16.64 -74.15
CA VAL G 70 -12.15 16.10 -72.84
C VAL G 70 -13.56 15.54 -72.89
N MET G 71 -13.89 14.75 -71.87
CA MET G 71 -15.22 14.19 -71.75
C MET G 71 -16.23 15.27 -71.39
N ASP G 72 -17.48 15.00 -71.68
CA ASP G 72 -18.55 15.88 -71.25
C ASP G 72 -18.56 15.98 -69.73
N GLY G 73 -18.67 17.20 -69.22
CA GLY G 73 -18.64 17.45 -67.80
C GLY G 73 -17.28 17.83 -67.25
N VAL G 74 -16.20 17.59 -67.99
CA VAL G 74 -14.86 17.85 -67.46
C VAL G 74 -14.62 19.33 -67.31
N ALA G 75 -15.01 20.12 -68.31
CA ALA G 75 -14.68 21.55 -68.30
C ALA G 75 -15.28 22.25 -67.10
N SER G 76 -16.52 21.91 -66.74
CA SER G 76 -17.16 22.59 -65.62
C SER G 76 -16.61 22.14 -64.27
N MET G 77 -15.82 21.08 -64.22
CA MET G 77 -15.26 20.62 -62.95
C MET G 77 -13.88 21.18 -62.67
N ILE G 78 -13.18 21.70 -63.67
CA ILE G 78 -11.83 22.21 -63.50
C ILE G 78 -11.95 23.74 -63.49
N HIS G 79 -12.08 24.29 -62.29
CA HIS G 79 -12.09 25.74 -62.14
C HIS G 79 -10.69 26.33 -62.29
N GLU G 80 -9.70 25.69 -61.67
CA GLU G 80 -8.35 26.22 -61.63
C GLU G 80 -7.36 25.11 -61.36
N VAL G 81 -6.28 25.07 -62.13
CA VAL G 81 -5.19 24.16 -61.90
C VAL G 81 -4.02 24.97 -61.36
N GLY G 82 -3.62 24.68 -60.13
CA GLY G 82 -2.42 25.26 -59.55
C GLY G 82 -1.29 24.24 -59.55
N ILE G 83 -0.09 24.70 -59.85
CA ILE G 83 1.09 23.85 -59.84
C ILE G 83 2.29 24.71 -59.49
N GLU G 84 3.12 24.22 -58.58
CA GLU G 84 4.35 24.90 -58.20
C GLU G 84 5.49 24.33 -59.03
N ALA G 85 6.20 25.20 -59.74
CA ALA G 85 7.27 24.80 -60.61
C ALA G 85 8.51 25.62 -60.30
N MET G 86 9.67 25.05 -60.60
CA MET G 86 10.94 25.69 -60.32
C MET G 86 11.45 26.34 -61.60
N PHE G 87 11.51 27.67 -61.59
CA PHE G 87 12.02 28.47 -62.68
C PHE G 87 13.50 28.72 -62.41
N PRO G 88 14.22 29.37 -63.32
CA PRO G 88 15.62 29.74 -63.00
C PRO G 88 15.74 30.64 -61.78
N ASP G 89 14.70 31.40 -61.45
CA ASP G 89 14.68 32.27 -60.30
C ASP G 89 13.98 31.66 -59.09
N GLY G 90 13.76 30.36 -59.10
CA GLY G 90 13.24 29.68 -57.93
C GLY G 90 11.83 29.14 -58.14
N THR G 91 11.23 28.73 -57.04
CA THR G 91 9.91 28.11 -57.06
C THR G 91 8.82 29.17 -57.07
N LYS G 92 7.92 29.08 -58.05
CA LYS G 92 6.79 29.98 -58.16
C LYS G 92 5.53 29.16 -58.37
N LEU G 93 4.42 29.67 -57.88
CA LEU G 93 3.12 29.05 -58.08
C LEU G 93 2.49 29.57 -59.36
N VAL G 94 2.12 28.65 -60.25
CA VAL G 94 1.40 28.97 -61.47
C VAL G 94 0.00 28.39 -61.36
N THR G 95 -1.00 29.24 -61.50
CA THR G 95 -2.38 28.80 -61.49
C THR G 95 -3.03 29.15 -62.82
N VAL G 96 -3.67 28.16 -63.43
CA VAL G 96 -4.40 28.35 -64.67
C VAL G 96 -5.88 28.39 -64.33
N HIS G 97 -6.56 29.47 -64.71
CA HIS G 97 -7.96 29.65 -64.39
C HIS G 97 -8.82 29.24 -65.57
N THR G 98 -9.82 28.40 -65.29
CA THR G 98 -10.75 27.86 -66.28
C THR G 98 -10.00 27.43 -67.55
N PRO G 99 -9.10 26.46 -67.45
CA PRO G 99 -8.28 26.12 -68.62
C PRO G 99 -9.08 25.65 -69.81
N ILE G 100 -10.20 24.96 -69.59
CA ILE G 100 -10.99 24.37 -70.65
C ILE G 100 -12.36 25.02 -70.67
N GLU G 101 -12.89 25.22 -71.87
CA GLU G 101 -14.22 25.80 -72.03
C GLU G 101 -15.27 24.70 -72.15
N ALA G 102 -16.46 24.97 -71.63
CA ALA G 102 -17.54 23.99 -71.64
C ALA G 102 -18.16 23.92 -73.03
N ASN G 103 -18.44 22.69 -73.48
CA ASN G 103 -19.09 22.48 -74.76
C ASN G 103 -20.31 21.57 -74.71
N GLY G 104 -20.44 20.74 -73.68
CA GLY G 104 -21.58 19.86 -73.54
C GLY G 104 -22.63 20.44 -72.59
N LYS G 105 -23.50 19.54 -72.11
CA LYS G 105 -24.55 19.91 -71.19
C LYS G 105 -24.37 19.32 -69.81
N LEU G 106 -23.47 18.37 -69.63
CA LEU G 106 -23.31 17.70 -68.34
C LEU G 106 -22.59 18.61 -67.36
N VAL G 107 -23.25 18.92 -66.25
CA VAL G 107 -22.62 19.68 -65.18
C VAL G 107 -22.74 18.89 -63.89
N PRO G 108 -21.68 18.22 -63.45
CA PRO G 108 -21.71 17.59 -62.13
C PRO G 108 -21.94 18.62 -61.04
N GLY G 109 -22.77 18.26 -60.07
CA GLY G 109 -23.07 19.15 -58.97
C GLY G 109 -23.88 20.37 -59.35
N GLU G 110 -24.55 20.33 -60.49
CA GLU G 110 -25.27 21.48 -61.00
C GLU G 110 -26.30 21.97 -60.00
N LEU G 111 -26.39 23.29 -59.85
CA LEU G 111 -27.29 23.92 -58.91
C LEU G 111 -28.53 24.42 -59.62
N PHE G 112 -29.70 24.00 -59.15
CA PHE G 112 -30.98 24.44 -59.67
C PHE G 112 -31.61 25.33 -58.62
N LEU G 113 -31.60 26.63 -58.88
CA LEU G 113 -31.98 27.61 -57.88
C LEU G 113 -33.38 28.16 -58.15
N LYS G 114 -34.11 28.42 -57.07
CA LYS G 114 -35.30 29.25 -57.18
C LYS G 114 -34.90 30.66 -57.59
N ASN G 115 -35.78 31.33 -58.34
CA ASN G 115 -35.49 32.68 -58.81
C ASN G 115 -35.93 33.75 -57.82
N GLU G 116 -36.36 33.38 -56.62
CA GLU G 116 -36.75 34.35 -55.61
C GLU G 116 -35.53 34.87 -54.86
N ASP G 117 -35.55 36.15 -54.53
CA ASP G 117 -34.48 36.77 -53.78
C ASP G 117 -34.57 36.41 -52.30
N ILE G 118 -33.44 36.54 -51.62
CA ILE G 118 -33.35 36.31 -50.18
C ILE G 118 -33.41 37.66 -49.48
N THR G 119 -34.23 37.75 -48.45
CA THR G 119 -34.35 38.95 -47.64
C THR G 119 -33.55 38.74 -46.35
N ILE G 120 -32.46 39.47 -46.22
CA ILE G 120 -31.60 39.34 -45.06
C ILE G 120 -31.94 40.42 -44.06
N ASN G 121 -31.67 40.15 -42.78
CA ASN G 121 -31.92 41.09 -41.69
C ASN G 121 -33.37 41.57 -41.68
N GLU G 122 -34.28 40.63 -41.92
CA GLU G 122 -35.70 40.98 -41.96
C GLU G 122 -36.17 41.45 -40.59
N GLY G 123 -37.00 42.50 -40.60
CA GLY G 123 -37.47 43.09 -39.37
C GLY G 123 -36.55 44.12 -38.77
N LYS G 124 -35.40 44.39 -39.38
CA LYS G 124 -34.45 45.36 -38.90
C LYS G 124 -34.56 46.63 -39.74
N LYS G 125 -34.82 47.75 -39.09
CA LYS G 125 -34.87 49.03 -39.78
C LYS G 125 -33.47 49.57 -39.98
N ALA G 126 -33.19 50.07 -41.18
CA ALA G 126 -31.87 50.56 -41.54
C ALA G 126 -31.88 52.08 -41.57
N VAL G 127 -30.89 52.67 -40.90
CA VAL G 127 -30.64 54.10 -40.99
C VAL G 127 -29.50 54.31 -41.96
N SER G 128 -29.37 55.54 -42.45
CA SER G 128 -28.33 55.89 -43.41
C SER G 128 -27.40 56.94 -42.81
N VAL G 129 -26.11 56.67 -42.86
CA VAL G 129 -25.09 57.55 -42.28
C VAL G 129 -24.05 57.83 -43.36
N LYS G 130 -23.66 59.10 -43.47
CA LYS G 130 -22.63 59.50 -44.41
C LYS G 130 -21.25 59.43 -43.75
N VAL G 131 -20.32 58.76 -44.42
CA VAL G 131 -19.00 58.49 -43.86
C VAL G 131 -17.94 58.97 -44.83
N LYS G 132 -16.90 59.61 -44.31
CA LYS G 132 -15.77 60.07 -45.11
C LYS G 132 -14.47 59.58 -44.48
N ASN G 133 -13.55 59.13 -45.32
CA ASN G 133 -12.23 58.70 -44.87
C ASN G 133 -11.27 59.87 -45.01
N VAL G 134 -10.96 60.52 -43.88
CA VAL G 134 -10.03 61.64 -43.89
C VAL G 134 -8.58 61.20 -43.75
N GLY G 135 -8.34 59.92 -43.57
CA GLY G 135 -6.99 59.40 -43.53
C GLY G 135 -6.44 59.15 -44.92
N ASP G 136 -5.16 58.78 -44.95
CA ASP G 136 -4.44 58.55 -46.19
C ASP G 136 -4.31 57.06 -46.52
N ARG G 137 -5.03 56.20 -45.83
CA ARG G 137 -4.95 54.77 -46.04
C ARG G 137 -6.33 54.18 -46.21
N PRO G 138 -6.47 53.13 -47.02
CA PRO G 138 -7.79 52.52 -47.22
C PRO G 138 -8.29 51.83 -45.96
N VAL G 139 -9.61 51.85 -45.79
CA VAL G 139 -10.26 51.23 -44.65
C VAL G 139 -11.41 50.37 -45.16
N GLN G 140 -11.48 49.13 -44.68
CA GLN G 140 -12.53 48.18 -45.08
C GLN G 140 -13.20 47.64 -43.84
N ILE G 141 -14.54 47.63 -43.86
CA ILE G 141 -15.35 47.32 -42.68
C ILE G 141 -16.26 46.16 -43.01
N GLY G 142 -16.27 45.13 -42.15
CA GLY G 142 -17.09 43.96 -42.37
C GLY G 142 -18.52 44.12 -41.88
N SER G 143 -19.33 43.09 -42.17
CA SER G 143 -20.77 43.18 -41.97
C SER G 143 -21.15 43.19 -40.49
N HIS G 144 -20.37 42.56 -39.62
CA HIS G 144 -20.73 42.43 -38.22
C HIS G 144 -19.81 43.19 -37.29
N PHE G 145 -19.00 44.11 -37.80
CA PHE G 145 -18.23 44.98 -36.94
C PHE G 145 -19.14 46.03 -36.31
N HIS G 146 -18.91 46.32 -35.03
CA HIS G 146 -19.63 47.39 -34.36
C HIS G 146 -19.20 48.72 -34.96
N PHE G 147 -20.07 49.32 -35.79
CA PHE G 147 -19.65 50.45 -36.61
C PHE G 147 -19.29 51.68 -35.80
N PHE G 148 -19.74 51.74 -34.55
CA PHE G 148 -19.35 52.84 -33.67
C PHE G 148 -17.85 52.88 -33.44
N GLU G 149 -17.17 51.72 -33.53
CA GLU G 149 -15.78 51.59 -33.13
C GLU G 149 -14.84 51.39 -34.30
N VAL G 150 -15.21 51.84 -35.51
CA VAL G 150 -14.35 51.70 -36.67
C VAL G 150 -13.15 52.63 -36.53
N ASN G 151 -12.18 52.47 -37.43
CA ASN G 151 -10.97 53.29 -37.48
C ASN G 151 -11.27 54.76 -37.17
N ARG G 152 -10.50 55.32 -36.24
CA ARG G 152 -10.73 56.69 -35.79
C ARG G 152 -10.54 57.69 -36.92
N CYS G 153 -9.90 57.31 -38.01
CA CYS G 153 -9.72 58.20 -39.15
C CYS G 153 -11.00 58.39 -39.96
N LEU G 154 -11.96 57.49 -39.85
CA LEU G 154 -13.25 57.68 -40.50
C LEU G 154 -14.06 58.71 -39.73
N ASP G 155 -14.67 59.64 -40.45
CA ASP G 155 -15.44 60.72 -39.85
C ASP G 155 -16.91 60.59 -40.23
N PHE G 156 -17.76 60.54 -39.22
CA PHE G 156 -19.21 60.39 -39.40
C PHE G 156 -19.85 60.63 -38.04
N ASP G 157 -21.17 60.80 -38.04
CA ASP G 157 -21.89 61.08 -36.81
C ASP G 157 -21.96 59.82 -35.95
N ARG G 158 -20.95 59.62 -35.10
CA ARG G 158 -20.81 58.37 -34.39
C ARG G 158 -21.99 58.09 -33.46
N GLU G 159 -22.61 59.14 -32.93
CA GLU G 159 -23.70 58.95 -31.98
C GLU G 159 -24.84 58.14 -32.59
N LYS G 160 -25.12 58.36 -33.88
CA LYS G 160 -26.21 57.66 -34.54
C LYS G 160 -25.88 56.21 -34.86
N THR G 161 -24.62 55.80 -34.70
CA THR G 161 -24.18 54.47 -35.11
C THR G 161 -23.93 53.53 -33.93
N PHE G 162 -24.27 53.94 -32.72
CA PHE G 162 -23.98 53.14 -31.54
C PHE G 162 -24.89 51.91 -31.49
N GLY G 163 -24.31 50.75 -31.23
CA GLY G 163 -25.06 49.52 -31.22
C GLY G 163 -25.50 49.04 -32.58
N LYS G 164 -24.82 49.43 -33.65
CA LYS G 164 -25.26 49.12 -35.00
C LYS G 164 -24.13 48.49 -35.80
N ARG G 165 -24.52 47.81 -36.87
CA ARG G 165 -23.59 47.21 -37.82
C ARG G 165 -24.11 47.47 -39.23
N LEU G 166 -23.30 47.11 -40.22
CA LEU G 166 -23.66 47.35 -41.60
C LEU G 166 -24.77 46.40 -42.05
N ASP G 167 -25.78 46.95 -42.74
CA ASP G 167 -26.90 46.16 -43.24
C ASP G 167 -26.57 45.63 -44.63
N ILE G 168 -25.57 44.74 -44.66
CA ILE G 168 -25.09 44.12 -45.89
C ILE G 168 -25.06 42.61 -45.66
N ALA G 169 -24.75 41.89 -46.74
CA ALA G 169 -24.68 40.44 -46.66
C ALA G 169 -23.58 40.00 -45.70
N SER G 170 -23.89 38.98 -44.91
CA SER G 170 -22.97 38.47 -43.91
C SER G 170 -21.66 38.03 -44.56
N GLY G 171 -20.54 38.52 -44.03
CA GLY G 171 -19.24 38.20 -44.56
C GLY G 171 -18.78 39.08 -45.71
N THR G 172 -19.56 40.07 -46.11
CA THR G 172 -19.13 41.04 -47.10
C THR G 172 -18.59 42.27 -46.38
N ALA G 173 -18.12 43.25 -47.16
CA ALA G 173 -17.48 44.40 -46.57
C ALA G 173 -17.72 45.63 -47.42
N VAL G 174 -17.54 46.80 -46.81
CA VAL G 174 -17.61 48.09 -47.46
C VAL G 174 -16.23 48.72 -47.39
N ARG G 175 -15.73 49.20 -48.53
CA ARG G 175 -14.41 49.79 -48.62
C ARG G 175 -14.51 51.32 -48.63
N PHE G 176 -13.53 51.95 -48.02
CA PHE G 176 -13.43 53.41 -47.98
C PHE G 176 -12.02 53.80 -48.43
N GLU G 177 -11.91 54.28 -49.66
CA GLU G 177 -10.65 54.77 -50.16
C GLU G 177 -10.26 56.06 -49.44
N PRO G 178 -8.97 56.38 -49.39
CA PRO G 178 -8.55 57.65 -48.78
C PRO G 178 -9.24 58.83 -49.46
N GLY G 179 -9.92 59.63 -48.66
CA GLY G 179 -10.68 60.75 -49.17
C GLY G 179 -12.06 60.41 -49.68
N GLU G 180 -12.43 59.14 -49.70
CA GLU G 180 -13.71 58.73 -50.25
C GLU G 180 -14.84 59.05 -49.28
N GLU G 181 -15.98 59.44 -49.83
CA GLU G 181 -17.15 59.79 -49.04
C GLU G 181 -18.35 59.06 -49.62
N LYS G 182 -19.07 58.33 -48.78
CA LYS G 182 -20.25 57.60 -49.22
C LYS G 182 -21.14 57.34 -48.02
N SER G 183 -22.39 57.00 -48.30
CA SER G 183 -23.36 56.71 -47.26
C SER G 183 -23.59 55.22 -47.17
N VAL G 184 -23.83 54.74 -45.95
CA VAL G 184 -24.01 53.32 -45.69
C VAL G 184 -25.27 53.14 -44.85
N GLU G 185 -25.78 51.91 -44.86
CA GLU G 185 -26.96 51.55 -44.09
C GLU G 185 -26.54 50.77 -42.85
N LEU G 186 -27.12 51.12 -41.71
CA LEU G 186 -26.81 50.47 -40.45
C LEU G 186 -28.07 49.94 -39.81
N ILE G 187 -28.01 48.69 -39.35
CA ILE G 187 -29.10 48.07 -38.60
C ILE G 187 -28.63 47.85 -37.17
N ASP G 188 -29.59 47.66 -36.28
CA ASP G 188 -29.27 47.35 -34.90
C ASP G 188 -28.62 45.97 -34.77
N ILE G 189 -27.65 45.87 -33.87
CA ILE G 189 -27.07 44.58 -33.54
C ILE G 189 -28.10 43.75 -32.78
N GLY G 190 -28.17 42.45 -33.08
CA GLY G 190 -29.15 41.57 -32.51
C GLY G 190 -28.68 40.85 -31.27
N GLY G 191 -29.41 39.80 -30.92
CA GLY G 191 -29.04 38.97 -29.77
C GLY G 191 -29.17 39.73 -28.46
N ASN G 192 -28.20 39.48 -27.58
CA ASN G 192 -28.18 40.11 -26.27
C ASN G 192 -27.60 41.52 -26.30
N ARG G 193 -27.10 41.97 -27.46
CA ARG G 193 -26.49 43.28 -27.61
C ARG G 193 -25.40 43.53 -26.58
N ARG G 194 -24.56 42.52 -26.38
CA ARG G 194 -23.41 42.58 -25.47
C ARG G 194 -22.16 42.76 -26.32
N ILE G 195 -21.61 43.96 -26.32
CA ILE G 195 -20.54 44.33 -27.23
C ILE G 195 -19.22 44.27 -26.46
N PHE G 196 -18.36 43.32 -26.82
CA PHE G 196 -17.07 43.16 -26.17
C PHE G 196 -15.98 43.18 -27.23
N GLY G 197 -14.91 43.90 -26.95
CA GLY G 197 -13.84 44.08 -27.91
C GLY G 197 -14.02 45.28 -28.82
N PHE G 198 -13.45 45.14 -30.02
CA PHE G 198 -13.52 46.02 -31.19
C PHE G 198 -12.76 47.33 -31.09
N ASN G 199 -12.75 47.96 -29.92
CA ASN G 199 -11.78 49.00 -29.58
C ASN G 199 -11.73 49.16 -28.08
N ALA G 200 -12.47 48.30 -27.37
CA ALA G 200 -12.71 48.44 -25.94
C ALA G 200 -13.43 49.75 -25.60
N LEU G 201 -14.32 50.18 -26.50
CA LEU G 201 -15.09 51.38 -26.25
C LEU G 201 -16.36 51.12 -25.46
N VAL G 202 -16.92 49.92 -25.54
CA VAL G 202 -18.11 49.59 -24.78
C VAL G 202 -17.80 48.55 -23.72
N ASP G 203 -17.47 47.34 -24.17
CA ASP G 203 -17.13 46.21 -23.30
C ASP G 203 -18.18 45.98 -22.21
N ARG G 204 -19.44 46.12 -22.57
CA ARG G 204 -20.55 45.90 -21.65
C ARG G 204 -21.84 45.83 -22.45
N GLN G 205 -22.96 45.77 -21.75
CA GLN G 205 -24.28 45.84 -22.38
C GLN G 205 -24.46 47.16 -23.12
N ALA G 206 -25.02 47.08 -24.31
CA ALA G 206 -25.29 48.26 -25.13
C ALA G 206 -26.65 48.84 -24.74
N ASP G 207 -26.66 50.09 -24.34
CA ASP G 207 -27.90 50.81 -24.03
C ASP G 207 -27.56 52.29 -23.94
N ASN G 208 -28.59 53.09 -23.60
CA ASN G 208 -28.40 54.53 -23.56
C ASN G 208 -27.41 54.96 -22.49
N GLU G 209 -27.43 54.28 -21.34
CA GLU G 209 -26.50 54.62 -20.27
C GLU G 209 -25.06 54.34 -20.71
N SER G 210 -24.82 53.23 -21.41
CA SER G 210 -23.47 52.92 -21.84
C SER G 210 -23.06 53.69 -23.08
N LYS G 211 -24.02 54.25 -23.82
CA LYS G 211 -23.68 55.07 -24.97
C LYS G 211 -22.95 56.34 -24.56
N LYS G 212 -23.32 56.91 -23.40
CA LYS G 212 -22.62 58.09 -22.90
C LYS G 212 -21.17 57.77 -22.54
N ILE G 213 -20.95 56.64 -21.85
CA ILE G 213 -19.59 56.21 -21.52
C ILE G 213 -18.79 55.99 -22.80
N ALA G 214 -19.39 55.32 -23.78
CA ALA G 214 -18.71 55.05 -25.04
C ALA G 214 -18.36 56.34 -25.77
N LEU G 215 -19.28 57.30 -25.80
CA LEU G 215 -19.01 58.57 -26.46
C LEU G 215 -17.87 59.31 -25.78
N HIS G 216 -17.87 59.33 -24.45
CA HIS G 216 -16.79 59.99 -23.73
C HIS G 216 -15.45 59.31 -23.99
N ARG G 217 -15.41 57.98 -23.96
CA ARG G 217 -14.18 57.26 -24.24
C ARG G 217 -13.70 57.52 -25.66
N ALA G 218 -14.64 57.55 -26.62
CA ALA G 218 -14.28 57.79 -28.01
C ALA G 218 -13.69 59.18 -28.19
N LYS G 219 -14.30 60.19 -27.54
CA LYS G 219 -13.77 61.54 -27.64
C LYS G 219 -12.38 61.64 -27.03
N GLU G 220 -12.17 61.00 -25.87
CA GLU G 220 -10.86 61.05 -25.25
C GLU G 220 -9.79 60.40 -26.12
N ARG G 221 -10.17 59.42 -26.93
CA ARG G 221 -9.23 58.67 -27.75
C ARG G 221 -9.21 59.15 -29.19
N GLY G 222 -9.80 60.30 -29.48
CA GLY G 222 -9.70 60.92 -30.79
C GLY G 222 -10.36 60.19 -31.95
N PHE G 223 -11.59 59.71 -31.75
CA PHE G 223 -12.37 59.12 -32.82
C PHE G 223 -13.18 60.22 -33.49
N HIS G 224 -13.00 60.38 -34.80
CA HIS G 224 -13.59 61.50 -35.51
C HIS G 224 -15.11 61.41 -35.52
N GLY G 225 -15.75 62.57 -35.55
CA GLY G 225 -17.19 62.63 -35.56
C GLY G 225 -17.84 62.33 -34.23
N THR G 226 -17.08 62.28 -33.16
CA THR G 226 -17.60 62.01 -31.83
C THR G 226 -17.85 63.34 -31.13
N LYS G 227 -19.10 63.58 -30.75
CA LYS G 227 -19.49 64.81 -30.06
C LYS G 227 -20.18 64.41 -28.76
N SER G 228 -19.39 64.21 -27.71
CA SER G 228 -19.92 63.95 -26.39
C SER G 228 -19.80 65.23 -25.57
N ASP G 229 -20.88 65.59 -24.90
CA ASP G 229 -20.97 66.89 -24.26
C ASP G 229 -19.92 67.04 -23.17
N ASP G 230 -19.38 68.26 -23.05
CA ASP G 230 -18.42 68.56 -22.00
C ASP G 230 -19.11 68.53 -20.64
N ASN G 231 -18.32 68.73 -19.59
CA ASN G 231 -18.79 68.54 -18.21
C ASN G 231 -19.35 67.13 -18.04
N TYR G 232 -18.60 66.16 -18.55
CA TYR G 232 -18.99 64.76 -18.42
C TYR G 232 -18.96 64.34 -16.96
N VAL G 233 -19.98 63.58 -16.56
CA VAL G 233 -20.08 63.09 -15.20
C VAL G 233 -19.68 61.62 -15.19
N LYS G 234 -18.61 61.30 -14.50
CA LYS G 234 -18.14 59.93 -14.43
C LYS G 234 -19.06 59.09 -13.54
N THR G 235 -19.08 57.79 -13.83
CA THR G 235 -19.77 56.82 -12.98
C THR G 235 -18.75 56.11 -12.11
N ILE G 236 -19.25 55.26 -11.21
CA ILE G 236 -18.37 54.54 -10.29
C ILE G 236 -17.51 53.51 -11.01
N LYS G 237 -17.92 53.04 -12.19
CA LYS G 237 -17.14 52.06 -12.94
C LYS G 237 -17.03 52.52 -14.40
N GLU G 238 -15.83 52.88 -14.80
CA GLU G 238 -15.58 53.38 -16.15
C GLU G 238 -14.41 52.66 -16.80
N MET H 1 41.90 42.58 13.84
CA MET H 1 42.97 41.70 14.28
C MET H 1 42.96 40.39 13.51
N LYS H 2 41.76 39.91 13.18
CA LYS H 2 41.56 38.65 12.47
C LYS H 2 42.26 37.50 13.20
N LEU H 3 41.96 37.37 14.48
CA LEU H 3 42.54 36.31 15.29
C LEU H 3 42.03 34.94 14.85
N THR H 4 42.94 33.98 14.80
CA THR H 4 42.59 32.59 14.51
C THR H 4 42.36 31.84 15.82
N PRO H 5 41.77 30.64 15.75
CA PRO H 5 41.68 29.82 16.97
C PRO H 5 43.03 29.54 17.61
N LYS H 6 44.08 29.38 16.81
CA LYS H 6 45.41 29.18 17.35
C LYS H 6 45.85 30.37 18.18
N GLU H 7 45.56 31.59 17.71
CA GLU H 7 45.97 32.77 18.44
C GLU H 7 45.24 32.88 19.78
N LEU H 8 43.96 32.52 19.80
CA LEU H 8 43.23 32.53 21.07
C LEU H 8 43.79 31.50 22.04
N ASP H 9 44.10 30.30 21.56
CA ASP H 9 44.70 29.29 22.43
C ASP H 9 46.05 29.74 22.97
N LYS H 10 46.88 30.34 22.13
CA LYS H 10 48.19 30.79 22.58
C LYS H 10 48.08 31.96 23.55
N LEU H 11 47.08 32.84 23.38
CA LEU H 11 46.88 33.91 24.33
C LEU H 11 46.47 33.37 25.70
N MET H 12 45.58 32.37 25.72
CA MET H 12 45.24 31.72 26.97
C MET H 12 46.47 31.09 27.62
N LEU H 13 47.31 30.44 26.82
CA LEU H 13 48.52 29.82 27.35
C LEU H 13 49.48 30.86 27.91
N HIS H 14 49.62 31.99 27.22
CA HIS H 14 50.49 33.05 27.72
C HIS H 14 50.03 33.55 29.07
N TYR H 15 48.72 33.70 29.26
CA TYR H 15 48.29 34.22 30.56
C TYR H 15 48.30 33.15 31.64
N ALA H 16 48.16 31.87 31.28
CA ALA H 16 48.42 30.82 32.26
C ALA H 16 49.86 30.87 32.74
N GLY H 17 50.80 31.06 31.81
CA GLY H 17 52.19 31.22 32.19
C GLY H 17 52.45 32.47 33.00
N GLU H 18 51.72 33.56 32.71
CA GLU H 18 51.86 34.77 33.49
C GLU H 18 51.41 34.54 34.93
N LEU H 19 50.29 33.83 35.11
CA LEU H 19 49.85 33.49 36.45
C LEU H 19 50.89 32.64 37.17
N ALA H 20 51.48 31.69 36.45
CA ALA H 20 52.51 30.86 37.06
C ALA H 20 53.70 31.70 37.51
N ARG H 21 54.12 32.65 36.68
CA ARG H 21 55.25 33.50 37.04
C ARG H 21 54.92 34.39 38.22
N LYS H 22 53.71 34.93 38.29
CA LYS H 22 53.31 35.72 39.45
C LYS H 22 53.35 34.89 40.71
N ARG H 23 52.82 33.66 40.66
CA ARG H 23 52.84 32.81 41.84
C ARG H 23 54.26 32.46 42.25
N LYS H 24 55.13 32.22 41.27
CA LYS H 24 56.54 31.95 41.57
C LYS H 24 57.19 33.16 42.24
N GLU H 25 56.81 34.37 41.81
CA GLU H 25 57.32 35.56 42.46
C GLU H 25 56.82 35.67 43.90
N LYS H 26 55.58 35.27 44.15
CA LYS H 26 55.06 35.31 45.51
C LYS H 26 55.71 34.28 46.44
N GLY H 27 56.48 33.34 45.91
CA GLY H 27 57.12 32.33 46.72
C GLY H 27 56.41 31.00 46.79
N ILE H 28 55.35 30.82 46.02
CA ILE H 28 54.64 29.55 45.97
C ILE H 28 55.42 28.56 45.14
N LYS H 29 55.52 27.31 45.62
CA LYS H 29 56.14 26.26 44.83
C LYS H 29 55.15 25.80 43.76
N LEU H 30 55.60 25.80 42.51
CA LEU H 30 54.71 25.56 41.39
C LEU H 30 54.35 24.08 41.28
N ASN H 31 53.14 23.83 40.79
CA ASN H 31 52.69 22.49 40.51
C ASN H 31 52.93 22.16 39.04
N TYR H 32 52.37 21.04 38.59
CA TYR H 32 52.62 20.54 37.24
C TYR H 32 52.16 21.53 36.18
N VAL H 33 50.91 21.99 36.30
CA VAL H 33 50.33 22.87 35.30
C VAL H 33 51.10 24.18 35.23
N GLU H 34 51.42 24.76 36.39
CA GLU H 34 52.10 26.04 36.42
C GLU H 34 53.49 25.94 35.81
N ALA H 35 54.22 24.88 36.12
CA ALA H 35 55.55 24.70 35.55
C ALA H 35 55.49 24.56 34.03
N VAL H 36 54.57 23.72 33.54
CA VAL H 36 54.44 23.53 32.10
C VAL H 36 54.14 24.85 31.41
N ALA H 37 53.17 25.59 31.95
CA ALA H 37 52.75 26.85 31.34
C ALA H 37 53.86 27.89 31.39
N LEU H 38 54.61 27.96 32.49
CA LEU H 38 55.67 28.94 32.60
C LEU H 38 56.75 28.70 31.54
N ILE H 39 57.14 27.43 31.37
CA ILE H 39 58.13 27.11 30.34
C ILE H 39 57.61 27.49 28.95
N SER H 40 56.34 27.13 28.66
CA SER H 40 55.80 27.38 27.33
C SER H 40 55.72 28.87 27.03
N ALA H 41 55.26 29.66 28.01
CA ALA H 41 55.11 31.09 27.78
C ALA H 41 56.47 31.77 27.62
N HIS H 42 57.47 31.32 28.38
CA HIS H 42 58.80 31.88 28.20
C HIS H 42 59.33 31.61 26.80
N ILE H 43 59.13 30.38 26.30
CA ILE H 43 59.62 30.07 24.97
C ILE H 43 58.91 30.92 23.93
N MET H 44 57.59 31.09 24.07
CA MET H 44 56.86 31.89 23.07
C MET H 44 57.35 33.32 23.06
N GLU H 45 57.56 33.92 24.24
CA GLU H 45 58.02 35.29 24.26
C GLU H 45 59.42 35.43 23.67
N GLU H 46 60.30 34.47 23.96
CA GLU H 46 61.65 34.54 23.42
C GLU H 46 61.63 34.42 21.90
N ALA H 47 60.79 33.54 21.36
CA ALA H 47 60.70 33.42 19.91
C ALA H 47 60.12 34.68 19.29
N ARG H 48 59.18 35.35 19.96
CA ARG H 48 58.67 36.60 19.45
C ARG H 48 59.76 37.66 19.39
N ALA H 49 60.64 37.69 20.39
CA ALA H 49 61.72 38.68 20.39
C ALA H 49 62.65 38.51 19.19
N GLY H 50 62.79 37.28 18.69
CA GLY H 50 63.52 37.04 17.47
C GLY H 50 65.02 37.12 17.57
N LYS H 51 65.60 37.02 18.77
CA LYS H 51 67.04 37.13 18.94
C LYS H 51 67.72 35.80 19.18
N LYS H 52 66.98 34.69 19.24
CA LYS H 52 67.53 33.40 19.55
C LYS H 52 66.99 32.36 18.58
N THR H 53 67.78 31.31 18.38
CA THR H 53 67.36 30.22 17.51
C THR H 53 66.60 29.18 18.32
N ALA H 54 65.92 28.29 17.60
CA ALA H 54 65.08 27.29 18.26
C ALA H 54 65.90 26.37 19.15
N ALA H 55 67.12 26.00 18.71
CA ALA H 55 67.97 25.14 19.53
C ALA H 55 68.39 25.84 20.82
N GLU H 56 68.71 27.13 20.73
CA GLU H 56 68.99 27.92 21.92
C GLU H 56 67.82 27.88 22.89
N LEU H 57 66.59 27.95 22.37
CA LEU H 57 65.43 27.91 23.24
C LEU H 57 65.23 26.53 23.84
N MET H 58 65.55 25.48 23.09
CA MET H 58 65.47 24.14 23.65
C MET H 58 66.43 24.00 24.83
N GLN H 59 67.60 24.58 24.72
CA GLN H 59 68.53 24.54 25.86
C GLN H 59 68.10 25.48 26.97
N GLU H 60 67.49 26.61 26.63
CA GLU H 60 67.16 27.62 27.65
C GLU H 60 65.95 27.23 28.46
N GLY H 61 65.05 26.41 27.89
CA GLY H 61 63.88 25.99 28.62
C GLY H 61 64.19 25.18 29.85
N ARG H 62 65.42 24.66 29.96
CA ARG H 62 65.82 23.80 31.07
C ARG H 62 66.41 24.57 32.24
N THR H 63 66.58 25.88 32.12
CA THR H 63 67.16 26.69 33.18
C THR H 63 66.14 27.61 33.84
N LEU H 64 64.87 27.55 33.43
CA LEU H 64 63.88 28.46 33.97
C LEU H 64 63.53 28.11 35.41
N LEU H 65 63.37 26.83 35.71
CA LEU H 65 62.89 26.39 37.01
C LEU H 65 63.95 25.52 37.67
N LYS H 66 64.43 25.96 38.82
CA LYS H 66 65.27 25.13 39.65
C LYS H 66 64.41 24.10 40.38
N PRO H 67 65.01 23.00 40.85
CA PRO H 67 64.21 21.97 41.52
C PRO H 67 63.47 22.49 42.74
N ASP H 68 64.03 23.47 43.45
CA ASP H 68 63.37 24.01 44.63
C ASP H 68 62.18 24.89 44.30
N ASP H 69 61.96 25.23 43.04
CA ASP H 69 60.88 26.13 42.66
C ASP H 69 59.56 25.42 42.46
N VAL H 70 59.54 24.10 42.42
CA VAL H 70 58.34 23.35 42.12
C VAL H 70 58.03 22.44 43.30
N MET H 71 56.80 21.92 43.30
CA MET H 71 56.38 21.00 44.34
C MET H 71 57.08 19.66 44.18
N ASP H 72 57.13 18.91 45.27
CA ASP H 72 57.63 17.54 45.21
C ASP H 72 56.77 16.72 44.25
N GLY H 73 57.42 15.97 43.39
CA GLY H 73 56.75 15.18 42.39
C GLY H 73 56.62 15.83 41.03
N VAL H 74 56.81 17.14 40.94
CA VAL H 74 56.59 17.83 39.67
C VAL H 74 57.65 17.44 38.66
N ALA H 75 58.91 17.39 39.08
CA ALA H 75 60.00 17.17 38.14
C ALA H 75 59.87 15.84 37.42
N SER H 76 59.47 14.79 38.14
CA SER H 76 59.34 13.48 37.52
C SER H 76 58.13 13.37 36.62
N MET H 77 57.21 14.32 36.65
CA MET H 77 56.03 14.26 35.79
C MET H 77 56.20 15.00 34.48
N ILE H 78 57.18 15.90 34.39
CA ILE H 78 57.39 16.71 33.19
C ILE H 78 58.58 16.09 32.46
N HIS H 79 58.29 15.18 31.54
CA HIS H 79 59.34 14.61 30.71
C HIS H 79 59.80 15.59 29.63
N GLU H 80 58.84 16.27 28.99
CA GLU H 80 59.15 17.12 27.86
C GLU H 80 58.04 18.14 27.67
N VAL H 81 58.41 19.39 27.49
CA VAL H 81 57.48 20.45 27.15
C VAL H 81 57.71 20.81 25.69
N GLY H 82 56.70 20.59 24.86
CA GLY H 82 56.71 21.04 23.49
C GLY H 82 55.83 22.28 23.32
N ILE H 83 56.30 23.21 22.52
CA ILE H 83 55.55 24.43 22.24
C ILE H 83 55.92 24.90 20.85
N GLU H 84 54.91 25.24 20.04
CA GLU H 84 55.14 25.79 18.72
C GLU H 84 55.13 27.31 18.81
N ALA H 85 56.19 27.93 18.34
CA ALA H 85 56.34 29.37 18.42
C ALA H 85 56.70 29.91 17.04
N MET H 86 56.36 31.17 16.80
CA MET H 86 56.61 31.81 15.52
C MET H 86 57.88 32.65 15.64
N PHE H 87 58.90 32.25 14.91
CA PHE H 87 60.17 32.94 14.83
C PHE H 87 60.11 33.89 13.63
N PRO H 88 61.13 34.71 13.38
CA PRO H 88 61.12 35.52 12.15
C PRO H 88 61.07 34.68 10.89
N ASP H 89 61.53 33.43 10.94
CA ASP H 89 61.52 32.54 9.80
C ASP H 89 60.34 31.57 9.83
N GLY H 90 59.33 31.82 10.65
CA GLY H 90 58.11 31.05 10.62
C GLY H 90 57.93 30.22 11.89
N THR H 91 56.95 29.32 11.82
CA THR H 91 56.58 28.50 12.96
C THR H 91 57.50 27.29 13.09
N LYS H 92 58.08 27.13 14.27
CA LYS H 92 58.94 25.98 14.56
C LYS H 92 58.50 25.38 15.89
N LEU H 93 58.68 24.07 16.01
CA LEU H 93 58.41 23.36 17.25
C LEU H 93 59.65 23.36 18.12
N VAL H 94 59.49 23.84 19.36
CA VAL H 94 60.56 23.80 20.36
C VAL H 94 60.12 22.84 21.44
N THR H 95 60.94 21.83 21.70
CA THR H 95 60.68 20.88 22.78
C THR H 95 61.82 20.95 23.79
N VAL H 96 61.46 21.09 25.06
CA VAL H 96 62.42 21.09 26.14
C VAL H 96 62.34 19.74 26.83
N HIS H 97 63.47 19.04 26.91
CA HIS H 97 63.51 17.71 27.48
C HIS H 97 63.97 17.78 28.93
N THR H 98 63.21 17.14 29.82
CA THR H 98 63.46 17.09 31.26
C THR H 98 63.85 18.48 31.77
N PRO H 99 62.97 19.47 31.66
CA PRO H 99 63.36 20.83 32.03
C PRO H 99 63.77 20.98 33.48
N ILE H 100 63.18 20.21 34.39
CA ILE H 100 63.42 20.34 35.81
C ILE H 100 64.03 19.05 36.33
N GLU H 101 64.97 19.18 37.27
CA GLU H 101 65.61 18.04 37.88
C GLU H 101 64.89 17.65 39.16
N ALA H 102 64.86 16.34 39.43
CA ALA H 102 64.18 15.82 40.61
C ALA H 102 65.02 16.08 41.86
N ASN H 103 64.35 16.50 42.93
CA ASN H 103 65.01 16.73 44.20
C ASN H 103 64.34 16.04 45.39
N GLY H 104 63.07 15.68 45.30
CA GLY H 104 62.38 15.01 46.37
C GLY H 104 62.32 13.51 46.15
N LYS H 105 61.38 12.88 46.85
CA LYS H 105 61.17 11.45 46.76
C LYS H 105 59.85 11.06 46.12
N LEU H 106 58.92 12.01 45.97
CA LEU H 106 57.60 11.69 45.45
C LEU H 106 57.66 11.45 43.95
N VAL H 107 57.27 10.25 43.53
CA VAL H 107 57.17 9.93 42.11
C VAL H 107 55.76 9.43 41.82
N PRO H 108 54.89 10.27 41.27
CA PRO H 108 53.59 9.77 40.83
C PRO H 108 53.73 8.68 39.78
N GLY H 109 52.91 7.64 39.91
CA GLY H 109 52.97 6.54 38.96
C GLY H 109 54.21 5.69 39.06
N GLU H 110 54.93 5.77 40.17
CA GLU H 110 56.20 5.07 40.32
C GLU H 110 56.04 3.58 40.10
N LEU H 111 56.98 3.00 39.39
CA LEU H 111 56.95 1.58 39.05
C LEU H 111 57.88 0.81 39.97
N PHE H 112 57.34 -0.21 40.63
CA PHE H 112 58.09 -1.09 41.49
C PHE H 112 58.20 -2.44 40.78
N LEU H 113 59.38 -2.74 40.26
CA LEU H 113 59.55 -3.88 39.39
C LEU H 113 60.24 -5.02 40.12
N LYS H 114 59.84 -6.25 39.79
CA LYS H 114 60.64 -7.40 40.16
C LYS H 114 61.97 -7.36 39.42
N ASN H 115 63.02 -7.89 40.06
CA ASN H 115 64.35 -7.87 39.46
C ASN H 115 64.62 -9.08 38.59
N GLU H 116 63.62 -9.91 38.34
CA GLU H 116 63.79 -11.07 37.46
C GLU H 116 63.65 -10.67 36.01
N ASP H 117 64.45 -11.30 35.15
CA ASP H 117 64.41 -11.05 33.73
C ASP H 117 63.22 -11.75 33.09
N ILE H 118 62.82 -11.27 31.92
CA ILE H 118 61.75 -11.86 31.13
C ILE H 118 62.39 -12.73 30.05
N THR H 119 61.88 -13.94 29.90
CA THR H 119 62.34 -14.85 28.85
C THR H 119 61.34 -14.82 27.71
N ILE H 120 61.74 -14.27 26.59
CA ILE H 120 60.87 -14.15 25.43
C ILE H 120 61.14 -15.30 24.48
N ASN H 121 60.11 -15.67 23.71
CA ASN H 121 60.20 -16.74 22.72
C ASN H 121 60.66 -18.03 23.35
N GLU H 122 60.14 -18.32 24.54
CA GLU H 122 60.54 -19.53 25.25
C GLU H 122 60.10 -20.77 24.48
N GLY H 123 60.97 -21.77 24.45
CA GLY H 123 60.73 -22.98 23.70
C GLY H 123 61.09 -22.91 22.23
N LYS H 124 61.61 -21.78 21.76
CA LYS H 124 62.02 -21.60 20.38
C LYS H 124 63.54 -21.68 20.30
N LYS H 125 64.03 -22.61 19.49
CA LYS H 125 65.47 -22.72 19.27
C LYS H 125 65.93 -21.68 18.25
N ALA H 126 67.03 -21.01 18.54
CA ALA H 126 67.55 -19.96 17.69
C ALA H 126 68.75 -20.46 16.92
N VAL H 127 68.75 -20.23 15.61
CA VAL H 127 69.90 -20.46 14.77
C VAL H 127 70.59 -19.13 14.53
N SER H 128 71.85 -19.18 14.10
CA SER H 128 72.65 -17.99 13.86
C SER H 128 73.02 -17.93 12.39
N VAL H 129 72.76 -16.79 11.77
CA VAL H 129 73.03 -16.58 10.35
C VAL H 129 73.85 -15.31 10.20
N LYS H 130 74.88 -15.36 9.36
CA LYS H 130 75.71 -14.20 9.08
C LYS H 130 75.16 -13.44 7.89
N VAL H 131 74.97 -12.13 8.06
CA VAL H 131 74.33 -11.29 7.06
C VAL H 131 75.22 -10.11 6.74
N LYS H 132 75.34 -9.78 5.46
CA LYS H 132 76.11 -8.63 5.00
C LYS H 132 75.26 -7.78 4.09
N ASN H 133 75.35 -6.46 4.26
CA ASN H 133 74.64 -5.51 3.41
C ASN H 133 75.58 -5.08 2.29
N VAL H 134 75.38 -5.64 1.09
CA VAL H 134 76.22 -5.27 -0.06
C VAL H 134 75.68 -4.06 -0.79
N GLY H 135 74.54 -3.53 -0.39
CA GLY H 135 74.02 -2.32 -0.97
C GLY H 135 74.63 -1.08 -0.36
N ASP H 136 74.28 0.07 -0.93
CA ASP H 136 74.80 1.35 -0.51
C ASP H 136 73.84 2.13 0.39
N ARG H 137 72.78 1.48 0.86
CA ARG H 137 71.78 2.15 1.68
C ARG H 137 71.51 1.34 2.93
N PRO H 138 71.19 2.00 4.04
CA PRO H 138 70.93 1.28 5.28
C PRO H 138 69.65 0.47 5.19
N VAL H 139 69.65 -0.67 5.89
CA VAL H 139 68.50 -1.57 5.94
C VAL H 139 68.22 -1.91 7.40
N GLN H 140 66.95 -1.79 7.80
CA GLN H 140 66.54 -2.09 9.16
C GLN H 140 65.39 -3.09 9.13
N ILE H 141 65.49 -4.14 9.95
CA ILE H 141 64.57 -5.27 9.91
C ILE H 141 63.92 -5.44 11.28
N GLY H 142 62.59 -5.54 11.30
CA GLY H 142 61.86 -5.68 12.54
C GLY H 142 61.78 -7.11 13.05
N SER H 143 61.21 -7.25 14.25
CA SER H 143 61.24 -8.52 14.96
C SER H 143 60.37 -9.59 14.31
N HIS H 144 59.29 -9.21 13.63
CA HIS H 144 58.36 -10.17 13.10
C HIS H 144 58.32 -10.19 11.57
N PHE H 145 59.30 -9.59 10.92
CA PHE H 145 59.40 -9.73 9.48
C PHE H 145 59.90 -11.12 9.12
N HIS H 146 59.33 -11.69 8.06
CA HIS H 146 59.81 -12.98 7.54
C HIS H 146 61.20 -12.77 6.95
N PHE H 147 62.23 -13.23 7.66
CA PHE H 147 63.60 -12.85 7.32
C PHE H 147 64.04 -13.41 5.97
N PHE H 148 63.35 -14.42 5.46
CA PHE H 148 63.64 -14.94 4.14
C PHE H 148 63.43 -13.89 3.05
N GLU H 149 62.54 -12.93 3.29
CA GLU H 149 62.10 -12.00 2.27
C GLU H 149 62.59 -10.57 2.50
N VAL H 150 63.70 -10.40 3.21
CA VAL H 150 64.25 -9.07 3.45
C VAL H 150 64.81 -8.51 2.15
N ASN H 151 65.17 -7.23 2.16
CA ASN H 151 65.77 -6.52 1.03
C ASN H 151 66.75 -7.42 0.27
N ARG H 152 66.57 -7.47 -1.05
CA ARG H 152 67.39 -8.34 -1.88
C ARG H 152 68.86 -7.95 -1.85
N CYS H 153 69.18 -6.75 -1.39
CA CYS H 153 70.57 -6.33 -1.29
C CYS H 153 71.30 -6.98 -0.12
N LEU H 154 70.60 -7.50 0.87
CA LEU H 154 71.23 -8.24 1.96
C LEU H 154 71.63 -9.61 1.45
N ASP H 155 72.85 -10.03 1.78
CA ASP H 155 73.37 -11.32 1.33
C ASP H 155 73.60 -12.23 2.53
N PHE H 156 72.99 -13.41 2.48
CA PHE H 156 73.09 -14.40 3.54
C PHE H 156 72.48 -15.70 3.00
N ASP H 157 72.71 -16.78 3.72
CA ASP H 157 72.22 -18.09 3.28
C ASP H 157 70.72 -18.16 3.48
N ARG H 158 69.97 -17.74 2.45
CA ARG H 158 68.53 -17.58 2.60
C ARG H 158 67.83 -18.89 2.91
N GLU H 159 68.36 -20.01 2.42
CA GLU H 159 67.71 -21.29 2.62
C GLU H 159 67.53 -21.60 4.11
N LYS H 160 68.51 -21.23 4.93
CA LYS H 160 68.43 -21.50 6.35
C LYS H 160 67.47 -20.59 7.09
N THR H 161 66.96 -19.54 6.45
CA THR H 161 66.14 -18.54 7.11
C THR H 161 64.67 -18.65 6.74
N PHE H 162 64.26 -19.67 6.00
CA PHE H 162 62.89 -19.79 5.55
C PHE H 162 61.96 -20.12 6.72
N GLY H 163 60.85 -19.40 6.80
CA GLY H 163 59.92 -19.58 7.91
C GLY H 163 60.41 -19.07 9.24
N LYS H 164 61.33 -18.11 9.25
CA LYS H 164 61.94 -17.65 10.48
C LYS H 164 61.86 -16.14 10.59
N ARG H 165 62.02 -15.66 11.82
CA ARG H 165 62.06 -14.24 12.13
C ARG H 165 63.16 -14.01 13.15
N LEU H 166 63.43 -12.73 13.44
CA LEU H 166 64.49 -12.38 14.36
C LEU H 166 64.10 -12.71 15.80
N ASP H 167 65.02 -13.32 16.53
CA ASP H 167 64.79 -13.69 17.93
C ASP H 167 65.22 -12.52 18.83
N ILE H 168 64.46 -11.43 18.70
CA ILE H 168 64.70 -10.21 19.46
C ILE H 168 63.37 -9.79 20.08
N ALA H 169 63.43 -8.75 20.91
CA ALA H 169 62.24 -8.25 21.58
C ALA H 169 61.23 -7.74 20.55
N SER H 170 59.96 -8.04 20.81
CA SER H 170 58.90 -7.66 19.91
C SER H 170 58.86 -6.14 19.72
N GLY H 171 58.84 -5.71 18.47
CA GLY H 171 58.83 -4.30 18.16
C GLY H 171 60.18 -3.64 18.10
N THR H 172 61.26 -4.38 18.31
CA THR H 172 62.61 -3.86 18.13
C THR H 172 63.10 -4.21 16.73
N ALA H 173 64.31 -3.77 16.40
CA ALA H 173 64.82 -3.96 15.05
C ALA H 173 66.33 -4.12 15.08
N VAL H 174 66.84 -4.69 13.98
CA VAL H 174 68.28 -4.83 13.75
C VAL H 174 68.63 -4.00 12.53
N ARG H 175 69.67 -3.17 12.66
CA ARG H 175 70.09 -2.30 11.58
C ARG H 175 71.31 -2.88 10.88
N PHE H 176 71.37 -2.63 9.56
CA PHE H 176 72.48 -3.07 8.73
C PHE H 176 72.97 -1.86 7.94
N GLU H 177 74.10 -1.30 8.35
CA GLU H 177 74.70 -0.20 7.62
C GLU H 177 75.25 -0.71 6.30
N PRO H 178 75.38 0.17 5.30
CA PRO H 178 75.97 -0.24 4.03
C PRO H 178 77.36 -0.82 4.23
N GLY H 179 77.55 -2.04 3.76
CA GLY H 179 78.80 -2.75 3.94
C GLY H 179 78.93 -3.46 5.27
N GLU H 180 77.97 -3.31 6.17
CA GLU H 180 78.08 -3.91 7.50
C GLU H 180 77.80 -5.39 7.44
N GLU H 181 78.53 -6.15 8.27
CA GLU H 181 78.40 -7.59 8.34
C GLU H 181 78.27 -8.00 9.80
N LYS H 182 77.23 -8.74 10.12
CA LYS H 182 77.00 -9.20 11.48
C LYS H 182 76.13 -10.44 11.44
N SER H 183 76.11 -11.16 12.55
CA SER H 183 75.32 -12.37 12.69
C SER H 183 74.10 -12.09 13.54
N VAL H 184 72.99 -12.75 13.21
CA VAL H 184 71.73 -12.56 13.90
C VAL H 184 71.15 -13.92 14.28
N GLU H 185 70.23 -13.90 15.23
CA GLU H 185 69.55 -15.10 15.69
C GLU H 185 68.15 -15.15 15.09
N LEU H 186 67.76 -16.32 14.59
CA LEU H 186 66.46 -16.51 13.97
C LEU H 186 65.73 -17.66 14.65
N ILE H 187 64.47 -17.43 14.98
CA ILE H 187 63.60 -18.46 15.52
C ILE H 187 62.51 -18.75 14.50
N ASP H 188 61.87 -19.91 14.65
CA ASP H 188 60.76 -20.26 13.79
C ASP H 188 59.56 -19.36 14.04
N ILE H 189 58.86 -19.02 12.96
CA ILE H 189 57.60 -18.31 13.08
C ILE H 189 56.55 -19.24 13.68
N GLY H 190 55.73 -18.69 14.58
CA GLY H 190 54.74 -19.46 15.30
C GLY H 190 53.38 -19.49 14.65
N GLY H 191 52.39 -19.90 15.43
CA GLY H 191 51.02 -19.93 14.96
C GLY H 191 50.81 -20.96 13.86
N ASN H 192 50.01 -20.57 12.86
CA ASN H 192 49.71 -21.44 11.75
C ASN H 192 50.79 -21.44 10.68
N ARG H 193 51.81 -20.60 10.82
CA ARG H 193 52.91 -20.48 9.86
C ARG H 193 52.38 -20.24 8.45
N ARG H 194 51.41 -19.34 8.35
CA ARG H 194 50.83 -18.93 7.08
C ARG H 194 51.40 -17.56 6.72
N ILE H 195 52.31 -17.54 5.75
CA ILE H 195 53.08 -16.35 5.45
C ILE H 195 52.48 -15.70 4.20
N PHE H 196 51.89 -14.51 4.38
CA PHE H 196 51.27 -13.77 3.30
C PHE H 196 51.87 -12.38 3.24
N GLY H 197 52.19 -11.92 2.05
CA GLY H 197 52.85 -10.64 1.87
C GLY H 197 54.36 -10.71 1.90
N PHE H 198 54.95 -9.60 2.34
CA PHE H 198 56.37 -9.35 2.62
C PHE H 198 57.28 -9.23 1.41
N ASN H 199 57.05 -10.04 0.38
CA ASN H 199 57.60 -9.81 -0.94
C ASN H 199 56.79 -10.60 -1.96
N ALA H 200 55.74 -11.26 -1.48
CA ALA H 200 54.98 -12.23 -2.26
C ALA H 200 55.86 -13.41 -2.69
N LEU H 201 56.80 -13.80 -1.84
CA LEU H 201 57.66 -14.93 -2.14
C LEU H 201 57.05 -16.25 -1.70
N VAL H 202 56.19 -16.25 -0.69
CA VAL H 202 55.55 -17.48 -0.23
C VAL H 202 54.06 -17.43 -0.51
N ASP H 203 53.35 -16.52 0.18
CA ASP H 203 51.91 -16.33 0.04
C ASP H 203 51.14 -17.64 0.15
N ARG H 204 51.55 -18.49 1.07
CA ARG H 204 50.88 -19.77 1.31
C ARG H 204 51.42 -20.35 2.62
N GLN H 205 51.01 -21.58 2.92
CA GLN H 205 51.54 -22.31 4.06
C GLN H 205 53.05 -22.51 3.93
N ALA H 206 53.76 -22.30 5.03
CA ALA H 206 55.21 -22.50 5.06
C ALA H 206 55.52 -23.95 5.37
N ASP H 207 56.26 -24.60 4.49
CA ASP H 207 56.71 -25.97 4.69
C ASP H 207 57.80 -26.26 3.66
N ASN H 208 58.29 -27.49 3.67
CA ASN H 208 59.39 -27.87 2.79
C ASN H 208 58.99 -27.78 1.33
N GLU H 209 57.75 -28.17 0.99
CA GLU H 209 57.30 -28.09 -0.38
C GLU H 209 57.26 -26.64 -0.87
N SER H 210 56.80 -25.73 -0.02
CA SER H 210 56.73 -24.33 -0.43
C SER H 210 58.06 -23.62 -0.33
N LYS H 211 59.03 -24.19 0.40
CA LYS H 211 60.35 -23.60 0.45
C LYS H 211 61.05 -23.67 -0.90
N LYS H 212 60.81 -24.74 -1.67
CA LYS H 212 61.38 -24.85 -3.00
C LYS H 212 60.80 -23.79 -3.93
N ILE H 213 59.49 -23.58 -3.90
CA ILE H 213 58.86 -22.54 -4.71
C ILE H 213 59.40 -21.17 -4.32
N ALA H 214 59.52 -20.92 -3.02
CA ALA H 214 60.04 -19.64 -2.54
C ALA H 214 61.47 -19.42 -2.99
N LEU H 215 62.32 -20.46 -2.91
CA LEU H 215 63.70 -20.32 -3.34
C LEU H 215 63.80 -20.04 -4.83
N HIS H 216 62.99 -20.73 -5.63
CA HIS H 216 62.99 -20.47 -7.06
C HIS H 216 62.52 -19.05 -7.39
N ARG H 217 61.45 -18.59 -6.74
CA ARG H 217 60.97 -17.23 -6.94
C ARG H 217 62.01 -16.20 -6.52
N ALA H 218 62.69 -16.46 -5.40
CA ALA H 218 63.72 -15.55 -4.92
C ALA H 218 64.88 -15.45 -5.89
N LYS H 219 65.31 -16.60 -6.42
CA LYS H 219 66.40 -16.59 -7.39
C LYS H 219 66.01 -15.86 -8.66
N GLU H 220 64.78 -16.07 -9.14
CA GLU H 220 64.36 -15.37 -10.35
C GLU H 220 64.30 -13.86 -10.14
N ARG H 221 64.05 -13.42 -8.92
CA ARG H 221 63.91 -11.99 -8.62
C ARG H 221 65.16 -11.39 -8.02
N GLY H 222 66.29 -12.10 -8.09
CA GLY H 222 67.57 -11.54 -7.69
C GLY H 222 67.76 -11.23 -6.22
N PHE H 223 67.34 -12.14 -5.34
CA PHE H 223 67.59 -11.99 -3.92
C PHE H 223 68.91 -12.66 -3.58
N HIS H 224 69.84 -11.89 -2.99
CA HIS H 224 71.19 -12.37 -2.80
C HIS H 224 71.24 -13.52 -1.80
N GLY H 225 72.21 -14.40 -2.00
CA GLY H 225 72.35 -15.54 -1.14
C GLY H 225 71.35 -16.65 -1.37
N THR H 226 70.60 -16.59 -2.46
CA THR H 226 69.61 -17.60 -2.79
C THR H 226 70.24 -18.60 -3.74
N LYS H 227 70.28 -19.87 -3.34
CA LYS H 227 70.85 -20.94 -4.13
C LYS H 227 69.78 -22.02 -4.28
N SER H 228 68.93 -21.87 -5.28
CA SER H 228 67.94 -22.88 -5.62
C SER H 228 68.43 -23.64 -6.84
N ASP H 229 68.39 -24.97 -6.76
CA ASP H 229 69.03 -25.81 -7.77
C ASP H 229 68.41 -25.58 -9.15
N ASP H 230 69.24 -25.64 -10.17
CA ASP H 230 68.77 -25.52 -11.54
C ASP H 230 67.96 -26.77 -11.91
N ASN H 231 67.41 -26.76 -13.13
CA ASN H 231 66.46 -27.78 -13.56
C ASN H 231 65.27 -27.83 -12.60
N TYR H 232 64.78 -26.65 -12.24
CA TYR H 232 63.62 -26.54 -11.35
C TYR H 232 62.40 -27.14 -12.02
N VAL H 233 61.62 -27.89 -11.25
CA VAL H 233 60.40 -28.52 -11.74
C VAL H 233 59.22 -27.70 -11.22
N LYS H 234 58.47 -27.11 -12.13
CA LYS H 234 57.31 -26.32 -11.74
C LYS H 234 56.17 -27.22 -11.27
N THR H 235 55.33 -26.67 -10.41
CA THR H 235 54.10 -27.31 -9.99
C THR H 235 52.92 -26.73 -10.78
N ILE H 236 51.74 -27.29 -10.56
CA ILE H 236 50.56 -26.83 -11.28
C ILE H 236 50.13 -25.43 -10.84
N LYS H 237 50.51 -25.00 -9.65
CA LYS H 237 50.15 -23.66 -9.15
C LYS H 237 51.39 -22.98 -8.60
N GLU H 238 51.84 -21.94 -9.28
CA GLU H 238 53.05 -21.23 -8.90
C GLU H 238 52.80 -19.72 -8.85
N MET I 1 -59.39 14.87 0.16
CA MET I 1 -59.27 16.22 0.73
C MET I 1 -57.98 16.88 0.29
N LYS I 2 -56.92 16.09 0.18
CA LYS I 2 -55.59 16.58 -0.19
C LYS I 2 -55.14 17.71 0.73
N LEU I 3 -55.20 17.45 2.02
CA LEU I 3 -54.79 18.44 3.01
C LEU I 3 -53.30 18.69 2.94
N THR I 4 -52.91 19.95 3.07
CA THR I 4 -51.52 20.34 3.14
C THR I 4 -51.10 20.45 4.60
N PRO I 5 -49.78 20.53 4.86
CA PRO I 5 -49.35 20.79 6.24
C PRO I 5 -49.93 22.06 6.84
N LYS I 6 -50.12 23.09 6.01
CA LYS I 6 -50.73 24.32 6.49
C LYS I 6 -52.15 24.08 6.97
N GLU I 7 -52.90 23.25 6.25
CA GLU I 7 -54.28 22.99 6.64
C GLU I 7 -54.34 22.23 7.96
N LEU I 8 -53.42 21.30 8.18
CA LEU I 8 -53.37 20.59 9.45
C LEU I 8 -53.03 21.53 10.61
N ASP I 9 -52.06 22.42 10.39
CA ASP I 9 -51.71 23.39 11.43
C ASP I 9 -52.88 24.31 11.75
N LYS I 10 -53.58 24.78 10.72
CA LYS I 10 -54.71 25.67 10.96
C LYS I 10 -55.87 24.95 11.63
N LEU I 11 -56.08 23.67 11.33
CA LEU I 11 -57.12 22.91 12.02
C LEU I 11 -56.80 22.76 13.49
N MET I 12 -55.54 22.47 13.82
CA MET I 12 -55.12 22.42 15.21
C MET I 12 -55.35 23.77 15.89
N LEU I 13 -55.02 24.85 15.21
CA LEU I 13 -55.22 26.19 15.77
C LEU I 13 -56.70 26.48 16.00
N HIS I 14 -57.56 26.08 15.06
CA HIS I 14 -58.99 26.30 15.23
C HIS I 14 -59.50 25.58 16.45
N TYR I 15 -59.04 24.36 16.69
CA TYR I 15 -59.58 23.66 17.86
C TYR I 15 -58.94 24.14 19.16
N ALA I 16 -57.72 24.66 19.12
CA ALA I 16 -57.21 25.36 20.31
C ALA I 16 -58.08 26.56 20.65
N GLY I 17 -58.46 27.33 19.62
CA GLY I 17 -59.37 28.44 19.86
C GLY I 17 -60.74 28.00 20.33
N GLU I 18 -61.22 26.86 19.82
CA GLU I 18 -62.49 26.33 20.30
C GLU I 18 -62.43 25.99 21.77
N LEU I 19 -61.34 25.35 22.21
CA LEU I 19 -61.16 25.06 23.62
C LEU I 19 -61.14 26.34 24.44
N ALA I 20 -60.45 27.36 23.93
CA ALA I 20 -60.41 28.64 24.63
C ALA I 20 -61.80 29.24 24.77
N ARG I 21 -62.60 29.18 23.71
CA ARG I 21 -63.95 29.72 23.77
C ARG I 21 -64.83 28.94 24.74
N LYS I 22 -64.70 27.61 24.76
CA LYS I 22 -65.45 26.82 25.72
C LYS I 22 -65.09 27.20 27.16
N ARG I 23 -63.79 27.34 27.43
CA ARG I 23 -63.37 27.72 28.78
C ARG I 23 -63.87 29.11 29.14
N LYS I 24 -63.86 30.04 28.19
CA LYS I 24 -64.39 31.37 28.43
C LYS I 24 -65.88 31.30 28.74
N GLU I 25 -66.60 30.41 28.07
CA GLU I 25 -68.02 30.22 28.38
C GLU I 25 -68.22 29.68 29.78
N LYS I 26 -67.33 28.78 30.23
CA LYS I 26 -67.44 28.23 31.57
C LYS I 26 -67.13 29.25 32.66
N GLY I 27 -66.59 30.41 32.31
CA GLY I 27 -66.26 31.42 33.29
C GLY I 27 -64.81 31.45 33.73
N ILE I 28 -63.95 30.67 33.11
CA ILE I 28 -62.53 30.67 33.42
C ILE I 28 -61.88 31.88 32.78
N LYS I 29 -61.01 32.55 33.53
CA LYS I 29 -60.22 33.64 32.97
C LYS I 29 -59.10 33.08 32.13
N LEU I 30 -59.01 33.54 30.89
CA LEU I 30 -58.10 32.93 29.91
C LEU I 30 -56.66 33.35 30.19
N ASN I 31 -55.74 32.44 29.87
CA ASN I 31 -54.33 32.73 29.95
C ASN I 31 -53.81 33.18 28.58
N TYR I 32 -52.49 33.27 28.46
CA TYR I 32 -51.87 33.80 27.27
C TYR I 32 -52.20 32.96 26.03
N VAL I 33 -52.01 31.65 26.12
CA VAL I 33 -52.23 30.76 24.99
C VAL I 33 -53.68 30.79 24.55
N GLU I 34 -54.60 30.73 25.52
CA GLU I 34 -56.02 30.68 25.20
C GLU I 34 -56.47 31.97 24.52
N ALA I 35 -56.00 33.12 25.01
CA ALA I 35 -56.36 34.39 24.40
C ALA I 35 -55.85 34.49 22.97
N VAL I 36 -54.58 34.13 22.76
CA VAL I 36 -54.01 34.19 21.42
C VAL I 36 -54.80 33.30 20.46
N ALA I 37 -55.08 32.06 20.89
CA ALA I 37 -55.77 31.12 20.03
C ALA I 37 -57.20 31.57 19.74
N LEU I 38 -57.89 32.12 20.74
CA LEU I 38 -59.26 32.56 20.52
C LEU I 38 -59.32 33.68 19.49
N ILE I 39 -58.41 34.65 19.58
CA ILE I 39 -58.38 35.71 18.59
C ILE I 39 -58.10 35.15 17.20
N SER I 40 -57.11 34.25 17.10
CA SER I 40 -56.72 33.72 15.80
C SER I 40 -57.87 32.93 15.15
N ALA I 41 -58.54 32.09 15.94
CA ALA I 41 -59.62 31.28 15.39
C ALA I 41 -60.80 32.13 14.97
N HIS I 42 -61.11 33.17 15.75
CA HIS I 42 -62.19 34.07 15.33
C HIS I 42 -61.86 34.74 14.00
N ILE I 43 -60.62 35.20 13.84
CA ILE I 43 -60.27 35.84 12.57
C ILE I 43 -60.38 34.86 11.42
N MET I 44 -59.91 33.63 11.61
CA MET I 44 -59.98 32.65 10.52
C MET I 44 -61.43 32.37 10.13
N GLU I 45 -62.31 32.19 11.10
CA GLU I 45 -63.70 31.92 10.77
C GLU I 45 -64.34 33.11 10.05
N GLU I 46 -64.05 34.32 10.51
CA GLU I 46 -64.63 35.49 9.85
C GLU I 46 -64.15 35.62 8.42
N ALA I 47 -62.87 35.35 8.17
CA ALA I 47 -62.37 35.39 6.80
C ALA I 47 -62.98 34.30 5.94
N ARG I 48 -63.26 33.13 6.51
CA ARG I 48 -63.94 32.09 5.75
C ARG I 48 -65.34 32.53 5.35
N ALA I 49 -66.05 33.23 6.25
CA ALA I 49 -67.39 33.68 5.94
C ALA I 49 -67.40 34.63 4.74
N GLY I 50 -66.34 35.38 4.53
CA GLY I 50 -66.20 36.20 3.35
C GLY I 50 -67.02 37.47 3.31
N LYS I 51 -67.50 37.95 4.46
CA LYS I 51 -68.34 39.13 4.49
C LYS I 51 -67.62 40.38 5.00
N LYS I 52 -66.34 40.26 5.36
CA LYS I 52 -65.61 41.37 5.94
C LYS I 52 -64.24 41.47 5.28
N THR I 53 -63.69 42.67 5.27
CA THR I 53 -62.36 42.89 4.72
C THR I 53 -61.32 42.69 5.82
N ALA I 54 -60.06 42.58 5.38
CA ALA I 54 -58.98 42.31 6.31
C ALA I 54 -58.83 43.44 7.34
N ALA I 55 -58.99 44.69 6.91
CA ALA I 55 -58.89 45.81 7.84
C ALA I 55 -60.01 45.76 8.89
N GLU I 56 -61.22 45.41 8.47
CA GLU I 56 -62.30 45.20 9.42
C GLU I 56 -61.94 44.16 10.45
N LEU I 57 -61.27 43.08 10.03
CA LEU I 57 -60.88 42.04 10.97
C LEU I 57 -59.78 42.52 11.90
N MET I 58 -58.87 43.35 11.39
CA MET I 58 -57.85 43.91 12.26
C MET I 58 -58.47 44.75 13.36
N GLN I 59 -59.52 45.50 13.03
CA GLN I 59 -60.21 46.26 14.07
C GLN I 59 -61.06 45.37 14.96
N GLU I 60 -61.63 44.30 14.41
CA GLU I 60 -62.55 43.46 15.17
C GLU I 60 -61.83 42.55 16.14
N GLY I 61 -60.57 42.21 15.85
CA GLY I 61 -59.83 41.35 16.76
C GLY I 61 -59.60 41.97 18.13
N ARG I 62 -59.80 43.28 18.25
CA ARG I 62 -59.54 43.99 19.50
C ARG I 62 -60.76 44.07 20.41
N THR I 63 -61.91 43.58 19.96
CA THR I 63 -63.12 43.62 20.76
C THR I 63 -63.56 42.26 21.26
N LEU I 64 -62.79 41.20 20.96
CA LEU I 64 -63.20 39.86 21.35
C LEU I 64 -63.09 39.66 22.86
N LEU I 65 -62.01 40.12 23.46
CA LEU I 65 -61.72 39.86 24.86
C LEU I 65 -61.67 41.17 25.63
N LYS I 66 -62.56 41.32 26.59
CA LYS I 66 -62.47 42.41 27.54
C LYS I 66 -61.37 42.14 28.55
N PRO I 67 -60.85 43.17 29.21
CA PRO I 67 -59.76 42.94 30.18
C PRO I 67 -60.14 41.98 31.30
N ASP I 68 -61.40 41.95 31.70
CA ASP I 68 -61.82 41.06 32.77
C ASP I 68 -61.90 39.60 32.34
N ASP I 69 -61.78 39.31 31.04
CA ASP I 69 -61.90 37.95 30.55
C ASP I 69 -60.61 37.15 30.62
N VAL I 70 -59.49 37.80 30.89
CA VAL I 70 -58.20 37.14 30.88
C VAL I 70 -57.57 37.25 32.25
N MET I 71 -56.54 36.44 32.48
CA MET I 71 -55.82 36.47 33.73
C MET I 71 -54.99 37.74 33.84
N ASP I 72 -54.65 38.09 35.07
CA ASP I 72 -53.74 39.21 35.30
C ASP I 72 -52.41 38.91 34.64
N GLY I 73 -51.87 39.90 33.92
CA GLY I 73 -50.64 39.76 33.20
C GLY I 73 -50.78 39.39 31.74
N VAL I 74 -51.96 38.92 31.32
CA VAL I 74 -52.13 38.45 29.95
C VAL I 74 -52.07 39.62 28.98
N ALA I 75 -52.74 40.73 29.30
CA ALA I 75 -52.86 41.83 28.36
C ALA I 75 -51.50 42.40 27.99
N SER I 76 -50.60 42.53 28.97
CA SER I 76 -49.30 43.09 28.69
C SER I 76 -48.38 42.15 27.93
N MET I 77 -48.74 40.88 27.80
CA MET I 77 -47.91 39.93 27.08
C MET I 77 -48.30 39.78 25.61
N ILE I 78 -49.50 40.19 25.25
CA ILE I 78 -49.98 40.04 23.88
C ILE I 78 -49.88 41.41 23.23
N HIS I 79 -48.76 41.66 22.57
CA HIS I 79 -48.58 42.90 21.83
C HIS I 79 -49.36 42.86 20.52
N GLU I 80 -49.31 41.75 19.80
CA GLU I 80 -49.91 41.65 18.48
C GLU I 80 -50.16 40.19 18.14
N VAL I 81 -51.36 39.91 17.64
CA VAL I 81 -51.70 38.59 17.13
C VAL I 81 -51.75 38.69 15.62
N GLY I 82 -50.88 37.96 14.95
CA GLY I 82 -50.93 37.82 13.51
C GLY I 82 -51.49 36.47 13.12
N ILE I 83 -52.31 36.45 12.09
CA ILE I 83 -52.88 35.22 11.58
C ILE I 83 -53.13 35.38 10.09
N GLU I 84 -52.73 34.38 9.31
CA GLU I 84 -52.98 34.37 7.88
C GLU I 84 -54.27 33.61 7.60
N ALA I 85 -55.19 34.27 6.93
CA ALA I 85 -56.49 33.68 6.64
C ALA I 85 -56.78 33.80 5.15
N MET I 86 -57.61 32.90 4.65
CA MET I 86 -57.96 32.86 3.24
C MET I 86 -59.30 33.55 3.06
N PHE I 87 -59.29 34.68 2.37
CA PHE I 87 -60.48 35.44 2.03
C PHE I 87 -60.95 34.99 0.65
N PRO I 88 -62.07 35.48 0.14
CA PRO I 88 -62.44 35.14 -1.25
C PRO I 88 -61.40 35.57 -2.26
N ASP I 89 -60.60 36.59 -1.96
CA ASP I 89 -59.56 37.07 -2.85
C ASP I 89 -58.19 36.53 -2.49
N GLY I 90 -58.11 35.48 -1.69
CA GLY I 90 -56.85 34.81 -1.43
C GLY I 90 -56.39 34.98 0.00
N THR I 91 -55.13 34.58 0.22
CA THR I 91 -54.54 34.60 1.55
C THR I 91 -54.01 35.99 1.89
N LYS I 92 -54.44 36.51 3.02
CA LYS I 92 -53.98 37.80 3.52
C LYS I 92 -53.58 37.65 4.97
N LEU I 93 -52.60 38.45 5.39
CA LEU I 93 -52.17 38.49 6.78
C LEU I 93 -52.99 39.52 7.54
N VAL I 94 -53.61 39.09 8.63
CA VAL I 94 -54.35 39.97 9.52
C VAL I 94 -53.60 40.02 10.84
N THR I 95 -53.21 41.21 11.27
CA THR I 95 -52.57 41.40 12.55
C THR I 95 -53.42 42.30 13.43
N VAL I 96 -53.67 41.86 14.64
CA VAL I 96 -54.41 42.63 15.63
C VAL I 96 -53.40 43.19 16.62
N HIS I 97 -53.39 44.51 16.79
CA HIS I 97 -52.43 45.17 17.65
C HIS I 97 -53.06 45.46 19.00
N THR I 98 -52.38 45.06 20.06
CA THR I 98 -52.81 45.23 21.45
C THR I 98 -54.29 44.86 21.60
N PRO I 99 -54.66 43.61 21.31
CA PRO I 99 -56.08 43.25 21.32
C PRO I 99 -56.75 43.48 22.66
N ILE I 100 -56.04 43.29 23.76
CA ILE I 100 -56.62 43.35 25.10
C ILE I 100 -55.96 44.51 25.85
N GLU I 101 -56.76 45.20 26.66
CA GLU I 101 -56.26 46.29 27.47
C GLU I 101 -55.90 45.79 28.87
N ALA I 102 -54.86 46.39 29.45
CA ALA I 102 -54.37 45.99 30.76
C ALA I 102 -55.29 46.53 31.84
N ASN I 103 -55.59 45.67 32.83
CA ASN I 103 -56.42 46.08 33.96
C ASN I 103 -55.81 45.78 35.32
N GLY I 104 -54.87 44.85 35.41
CA GLY I 104 -54.22 44.53 36.66
C GLY I 104 -52.88 45.21 36.81
N LYS I 105 -52.06 44.67 37.72
CA LYS I 105 -50.74 45.20 37.99
C LYS I 105 -49.62 44.27 37.57
N LEU I 106 -49.92 43.01 37.25
CA LEU I 106 -48.88 42.05 36.93
C LEU I 106 -48.34 42.31 35.53
N VAL I 107 -47.04 42.57 35.43
CA VAL I 107 -46.38 42.71 34.14
C VAL I 107 -45.21 41.74 34.09
N PRO I 108 -45.35 40.61 33.42
CA PRO I 108 -44.18 39.74 33.21
C PRO I 108 -43.09 40.46 32.44
N GLY I 109 -41.84 40.25 32.87
CA GLY I 109 -40.73 40.89 32.23
C GLY I 109 -40.65 42.38 32.42
N GLU I 110 -41.33 42.91 33.43
CA GLU I 110 -41.41 44.34 33.64
C GLU I 110 -40.02 44.95 33.79
N LEU I 111 -39.82 46.11 33.16
CA LEU I 111 -38.53 46.79 33.18
C LEU I 111 -38.57 47.93 34.19
N PHE I 112 -37.61 47.92 35.10
CA PHE I 112 -37.44 48.97 36.10
C PHE I 112 -36.20 49.75 35.71
N LEU I 113 -36.40 50.95 35.20
CA LEU I 113 -35.31 51.72 34.61
C LEU I 113 -34.87 52.83 35.54
N LYS I 114 -33.57 53.11 35.54
CA LYS I 114 -33.08 54.36 36.11
C LYS I 114 -33.59 55.53 35.28
N ASN I 115 -33.82 56.66 35.94
CA ASN I 115 -34.33 57.83 35.26
C ASN I 115 -33.23 58.71 34.68
N GLU I 116 -31.98 58.27 34.72
CA GLU I 116 -30.88 59.03 34.13
C GLU I 116 -30.79 58.78 32.64
N ASP I 117 -30.46 59.84 31.90
CA ASP I 117 -30.30 59.74 30.46
C ASP I 117 -28.97 59.10 30.10
N ILE I 118 -28.89 58.58 28.88
CA ILE I 118 -27.69 57.98 28.34
C ILE I 118 -27.00 59.01 27.45
N THR I 119 -25.70 59.17 27.63
CA THR I 119 -24.92 60.09 26.80
C THR I 119 -24.16 59.25 25.76
N ILE I 120 -24.56 59.40 24.52
CA ILE I 120 -23.95 58.63 23.43
C ILE I 120 -22.88 59.49 22.76
N ASN I 121 -21.89 58.81 22.19
CA ASN I 121 -20.79 59.46 21.47
C ASN I 121 -20.07 60.47 22.36
N GLU I 122 -19.88 60.10 23.62
CA GLU I 122 -19.22 60.99 24.57
C GLU I 122 -17.79 61.27 24.14
N GLY I 123 -17.37 62.53 24.28
CA GLY I 123 -16.06 62.95 23.86
C GLY I 123 -15.94 63.31 22.41
N LYS I 124 -17.03 63.22 21.65
CA LYS I 124 -17.03 63.56 20.23
C LYS I 124 -17.69 64.92 20.05
N LYS I 125 -16.96 65.86 19.45
CA LYS I 125 -17.51 67.17 19.15
C LYS I 125 -18.35 67.11 17.88
N ALA I 126 -19.52 67.73 17.93
CA ALA I 126 -20.46 67.70 16.80
C ALA I 126 -20.43 69.04 16.08
N VAL I 127 -20.30 68.98 14.76
CA VAL I 127 -20.46 70.15 13.92
C VAL I 127 -21.87 70.11 13.33
N SER I 128 -22.32 71.24 12.83
CA SER I 128 -23.66 71.37 12.24
C SER I 128 -23.53 71.75 10.78
N VAL I 129 -24.20 70.99 9.92
CA VAL I 129 -24.16 71.20 8.48
C VAL I 129 -25.60 71.28 7.98
N LYS I 130 -25.86 72.25 7.09
CA LYS I 130 -27.16 72.42 6.49
C LYS I 130 -27.25 71.62 5.19
N VAL I 131 -28.29 70.81 5.06
CA VAL I 131 -28.42 69.89 3.94
C VAL I 131 -29.79 70.11 3.29
N LYS I 132 -29.80 70.11 1.95
CA LYS I 132 -31.03 70.25 1.19
C LYS I 132 -31.10 69.12 0.15
N ASN I 133 -32.29 68.56 -0.01
CA ASN I 133 -32.54 67.52 -1.00
C ASN I 133 -33.09 68.18 -2.25
N VAL I 134 -32.23 68.35 -3.27
CA VAL I 134 -32.66 68.95 -4.52
C VAL I 134 -33.23 67.93 -5.49
N GLY I 135 -33.22 66.65 -5.13
CA GLY I 135 -33.85 65.63 -5.94
C GLY I 135 -35.33 65.52 -5.70
N ASP I 136 -35.98 64.68 -6.49
CA ASP I 136 -37.41 64.49 -6.43
C ASP I 136 -37.81 63.23 -5.67
N ARG I 137 -36.87 62.60 -4.98
CA ARG I 137 -37.14 61.36 -4.28
C ARG I 137 -36.64 61.46 -2.85
N PRO I 138 -37.31 60.79 -1.91
CA PRO I 138 -36.87 60.85 -0.51
C PRO I 138 -35.54 60.15 -0.30
N VAL I 139 -34.76 60.67 0.64
CA VAL I 139 -33.46 60.11 0.99
C VAL I 139 -33.39 59.96 2.50
N GLN I 140 -32.97 58.79 2.97
CA GLN I 140 -32.84 58.49 4.38
C GLN I 140 -31.44 57.99 4.67
N ILE I 141 -30.81 58.54 5.71
CA ILE I 141 -29.41 58.30 6.02
C ILE I 141 -29.29 57.75 7.43
N GLY I 142 -28.56 56.64 7.57
CA GLY I 142 -28.38 56.02 8.86
C GLY I 142 -27.26 56.62 9.70
N SER I 143 -27.16 56.13 10.93
CA SER I 143 -26.29 56.74 11.93
C SER I 143 -24.81 56.55 11.62
N HIS I 144 -24.45 55.45 10.95
CA HIS I 144 -23.04 55.15 10.73
C HIS I 144 -22.63 55.20 9.27
N PHE I 145 -23.45 55.79 8.41
CA PHE I 145 -23.04 56.03 7.04
C PHE I 145 -22.03 57.17 6.98
N HIS I 146 -21.01 57.01 6.15
CA HIS I 146 -20.05 58.08 5.91
C HIS I 146 -20.76 59.22 5.19
N PHE I 147 -21.05 60.29 5.90
CA PHE I 147 -21.95 61.32 5.37
C PHE I 147 -21.36 62.04 4.17
N PHE I 148 -20.05 61.97 3.97
CA PHE I 148 -19.44 62.56 2.79
C PHE I 148 -19.95 61.91 1.50
N GLU I 149 -20.38 60.65 1.58
CA GLU I 149 -20.70 59.86 0.40
C GLU I 149 -22.19 59.58 0.24
N VAL I 150 -23.05 60.41 0.80
CA VAL I 150 -24.49 60.24 0.68
C VAL I 150 -24.92 60.51 -0.76
N ASN I 151 -26.17 60.19 -1.07
CA ASN I 151 -26.77 60.43 -2.38
C ASN I 151 -26.33 61.76 -2.98
N ARG I 152 -25.87 61.70 -4.23
CA ARG I 152 -25.33 62.88 -4.89
C ARG I 152 -26.38 63.97 -5.07
N CYS I 153 -27.66 63.63 -4.93
CA CYS I 153 -28.72 64.63 -5.03
C CYS I 153 -28.82 65.52 -3.80
N LEU I 154 -28.28 65.10 -2.67
CA LEU I 154 -28.24 65.97 -1.50
C LEU I 154 -27.15 67.02 -1.68
N ASP I 155 -27.47 68.26 -1.36
CA ASP I 155 -26.55 69.37 -1.53
C ASP I 155 -26.18 69.96 -0.18
N PHE I 156 -24.89 70.01 0.10
CA PHE I 156 -24.36 70.53 1.36
C PHE I 156 -22.85 70.68 1.19
N ASP I 157 -22.23 71.36 2.13
CA ASP I 157 -20.79 71.60 2.06
C ASP I 157 -20.03 70.32 2.37
N ARG I 158 -19.77 69.51 1.34
CA ARG I 158 -19.25 68.18 1.55
C ARG I 158 -17.88 68.19 2.22
N GLU I 159 -17.09 69.24 1.97
CA GLU I 159 -15.74 69.29 2.52
C GLU I 159 -15.75 69.21 4.05
N LYS I 160 -16.74 69.84 4.69
CA LYS I 160 -16.82 69.83 6.14
C LYS I 160 -17.30 68.51 6.70
N THR I 161 -17.77 67.58 5.87
CA THR I 161 -18.37 66.34 6.34
C THR I 161 -17.47 65.13 6.12
N PHE I 162 -16.24 65.32 5.67
CA PHE I 162 -15.36 64.20 5.37
C PHE I 162 -14.91 63.50 6.64
N GLY I 163 -14.99 62.17 6.64
CA GLY I 163 -14.66 61.40 7.81
C GLY I 163 -15.66 61.50 8.95
N LYS I 164 -16.91 61.83 8.66
CA LYS I 164 -17.89 62.08 9.70
C LYS I 164 -19.14 61.25 9.45
N ARG I 165 -19.92 61.09 10.52
CA ARG I 165 -21.21 60.42 10.48
C ARG I 165 -22.19 61.20 11.34
N LEU I 166 -23.45 60.79 11.29
CA LEU I 166 -24.49 61.50 12.02
C LEU I 166 -24.39 61.24 13.52
N ASP I 167 -24.49 62.30 14.31
CA ASP I 167 -24.42 62.22 15.77
C ASP I 167 -25.82 61.96 16.32
N ILE I 168 -26.34 60.78 15.99
CA ILE I 168 -27.65 60.34 16.42
C ILE I 168 -27.51 58.95 17.03
N ALA I 169 -28.62 58.46 17.58
CA ALA I 169 -28.61 57.13 18.19
C ALA I 169 -28.31 56.05 17.16
N SER I 170 -27.50 55.09 17.58
CA SER I 170 -27.07 54.02 16.69
C SER I 170 -28.28 53.26 16.15
N GLY I 171 -28.32 53.08 14.84
CA GLY I 171 -29.43 52.40 14.20
C GLY I 171 -30.63 53.27 13.88
N THR I 172 -30.59 54.55 14.18
CA THR I 172 -31.63 55.47 13.79
C THR I 172 -31.24 56.15 12.47
N ALA I 173 -32.12 57.00 11.96
CA ALA I 173 -31.88 57.61 10.66
C ALA I 173 -32.49 58.99 10.60
N VAL I 174 -32.00 59.78 9.65
CA VAL I 174 -32.52 61.11 9.35
C VAL I 174 -33.10 61.07 7.94
N ARG I 175 -34.32 61.56 7.79
CA ARG I 175 -35.01 61.55 6.51
C ARG I 175 -34.94 62.93 5.86
N PHE I 176 -34.85 62.94 4.54
CA PHE I 176 -34.83 64.16 3.75
C PHE I 176 -35.89 64.03 2.66
N GLU I 177 -37.01 64.71 2.83
CA GLU I 177 -38.04 64.74 1.82
C GLU I 177 -37.56 65.54 0.61
N PRO I 178 -38.12 65.27 -0.57
CA PRO I 178 -37.75 66.05 -1.76
C PRO I 178 -38.00 67.54 -1.52
N GLY I 179 -36.95 68.32 -1.70
CA GLY I 179 -37.00 69.74 -1.44
C GLY I 179 -36.81 70.15 -0.01
N GLU I 180 -36.68 69.19 0.91
CA GLU I 180 -36.56 69.50 2.32
C GLU I 180 -35.16 70.01 2.64
N GLU I 181 -35.09 70.96 3.57
CA GLU I 181 -33.84 71.56 3.99
C GLU I 181 -33.79 71.57 5.51
N LYS I 182 -32.73 71.01 6.08
CA LYS I 182 -32.57 70.96 7.52
C LYS I 182 -31.10 70.80 7.85
N SER I 183 -30.76 71.10 9.09
CA SER I 183 -29.39 70.99 9.57
C SER I 183 -29.23 69.75 10.42
N VAL I 184 -28.05 69.13 10.34
CA VAL I 184 -27.77 67.90 11.06
C VAL I 184 -26.44 68.04 11.79
N GLU I 185 -26.24 67.18 12.78
CA GLU I 185 -25.01 67.16 13.55
C GLU I 185 -24.14 66.00 13.10
N LEU I 186 -22.85 66.27 12.92
CA LEU I 186 -21.91 65.26 12.47
C LEU I 186 -20.75 65.15 13.45
N ILE I 187 -20.41 63.92 13.82
CA ILE I 187 -19.25 63.65 14.65
C ILE I 187 -18.23 62.90 13.81
N ASP I 188 -16.99 62.91 14.29
CA ASP I 188 -15.93 62.16 13.62
C ASP I 188 -16.17 60.66 13.74
N ILE I 189 -15.84 59.93 12.67
CA ILE I 189 -15.86 58.48 12.71
C ILE I 189 -14.72 57.99 13.59
N GLY I 190 -14.98 56.97 14.40
CA GLY I 190 -14.03 56.46 15.35
C GLY I 190 -13.19 55.32 14.82
N GLY I 191 -12.55 54.62 15.76
CA GLY I 191 -11.74 53.46 15.41
C GLY I 191 -10.51 53.84 14.61
N ASN I 192 -10.19 53.01 13.62
CA ASN I 192 -9.05 53.24 12.76
C ASN I 192 -9.31 54.23 11.64
N ARG I 193 -10.55 54.70 11.50
CA ARG I 193 -10.96 55.64 10.47
C ARG I 193 -10.55 55.14 9.08
N ARG I 194 -10.81 53.86 8.84
CA ARG I 194 -10.56 53.22 7.55
C ARG I 194 -11.89 53.06 6.84
N ILE I 195 -12.13 53.89 5.83
CA ILE I 195 -13.42 53.99 5.19
C ILE I 195 -13.37 53.21 3.89
N PHE I 196 -14.13 52.12 3.82
CA PHE I 196 -14.18 51.27 2.63
C PHE I 196 -15.63 51.10 2.22
N GLY I 197 -15.87 51.22 0.91
CA GLY I 197 -17.22 51.18 0.39
C GLY I 197 -17.92 52.52 0.32
N PHE I 198 -19.24 52.47 0.44
CA PHE I 198 -20.21 53.56 0.55
C PHE I 198 -20.45 54.36 -0.73
N ASN I 199 -19.41 54.62 -1.51
CA ASN I 199 -19.55 55.04 -2.90
C ASN I 199 -18.25 54.78 -3.63
N ALA I 200 -17.30 54.17 -2.93
CA ALA I 200 -15.92 54.02 -3.39
C ALA I 200 -15.25 55.39 -3.59
N LEU I 201 -15.61 56.35 -2.76
CA LEU I 201 -14.99 57.68 -2.84
C LEU I 201 -13.70 57.77 -2.05
N VAL I 202 -13.53 56.97 -1.01
CA VAL I 202 -12.29 57.00 -0.23
C VAL I 202 -11.55 55.68 -0.40
N ASP I 203 -12.13 54.59 0.11
CA ASP I 203 -11.55 53.25 0.04
C ASP I 203 -10.09 53.22 0.52
N ARG I 204 -9.82 53.95 1.59
CA ARG I 204 -8.47 53.98 2.17
C ARG I 204 -8.57 54.67 3.53
N GLN I 205 -7.42 54.90 4.15
CA GLN I 205 -7.34 55.67 5.38
C GLN I 205 -7.88 57.08 5.19
N ALA I 206 -8.66 57.54 6.15
CA ALA I 206 -9.22 58.88 6.12
C ALA I 206 -8.22 59.85 6.75
N ASP I 207 -7.83 60.86 5.99
CA ASP I 207 -6.95 61.92 6.47
C ASP I 207 -6.99 63.06 5.46
N ASN I 208 -6.20 64.09 5.72
CA ASN I 208 -6.21 65.28 4.87
C ASN I 208 -5.72 64.97 3.47
N GLU I 209 -4.72 64.10 3.34
CA GLU I 209 -4.22 63.74 2.01
C GLU I 209 -5.30 63.01 1.21
N SER I 210 -6.04 62.12 1.85
CA SER I 210 -7.08 61.39 1.13
C SER I 210 -8.35 62.20 0.95
N LYS I 211 -8.52 63.28 1.71
CA LYS I 211 -9.69 64.14 1.53
C LYS I 211 -9.63 64.85 0.17
N LYS I 212 -8.43 65.21 -0.29
CA LYS I 212 -8.30 65.83 -1.60
C LYS I 212 -8.69 64.85 -2.71
N ILE I 213 -8.21 63.61 -2.62
CA ILE I 213 -8.58 62.60 -3.61
C ILE I 213 -10.09 62.38 -3.59
N ALA I 214 -10.67 62.29 -2.40
CA ALA I 214 -12.12 62.08 -2.29
C ALA I 214 -12.90 63.24 -2.89
N LEU I 215 -12.46 64.47 -2.63
CA LEU I 215 -13.13 65.64 -3.18
C LEU I 215 -13.07 65.65 -4.69
N HIS I 216 -11.89 65.34 -5.25
CA HIS I 216 -11.75 65.28 -6.70
C HIS I 216 -12.64 64.20 -7.31
N ARG I 217 -12.66 63.02 -6.70
CA ARG I 217 -13.52 61.94 -7.20
C ARG I 217 -14.99 62.32 -7.11
N ALA I 218 -15.38 62.97 -6.02
CA ALA I 218 -16.76 63.39 -5.84
C ALA I 218 -17.18 64.40 -6.89
N LYS I 219 -16.29 65.37 -7.17
CA LYS I 219 -16.59 66.36 -8.19
C LYS I 219 -16.71 65.73 -9.57
N GLU I 220 -15.81 64.80 -9.89
CA GLU I 220 -15.90 64.14 -11.19
C GLU I 220 -17.18 63.35 -11.35
N ARG I 221 -17.74 62.84 -10.25
CA ARG I 221 -18.92 62.00 -10.29
C ARG I 221 -20.19 62.77 -9.94
N GLY I 222 -20.14 64.10 -9.92
CA GLY I 222 -21.32 64.92 -9.77
C GLY I 222 -22.03 64.85 -8.43
N PHE I 223 -21.29 64.88 -7.34
CA PHE I 223 -21.88 64.96 -6.01
C PHE I 223 -22.05 66.42 -5.63
N HIS I 224 -23.28 66.81 -5.31
CA HIS I 224 -23.60 68.21 -5.11
C HIS I 224 -22.89 68.76 -3.88
N GLY I 225 -22.58 70.05 -3.93
CA GLY I 225 -21.91 70.70 -2.83
C GLY I 225 -20.43 70.38 -2.73
N THR I 226 -19.85 69.76 -3.74
CA THR I 226 -18.44 69.41 -3.74
C THR I 226 -17.67 70.50 -4.47
N LYS I 227 -16.74 71.13 -3.78
CA LYS I 227 -15.92 72.21 -4.35
C LYS I 227 -14.46 71.81 -4.14
N SER I 228 -13.92 71.05 -5.09
CA SER I 228 -12.51 70.70 -5.10
C SER I 228 -11.82 71.57 -6.14
N ASP I 229 -10.70 72.18 -5.75
CA ASP I 229 -10.07 73.19 -6.57
C ASP I 229 -9.61 72.62 -7.90
N ASP I 230 -9.73 73.43 -8.95
CA ASP I 230 -9.26 73.03 -10.27
C ASP I 230 -7.74 72.95 -10.27
N ASN I 231 -7.17 72.55 -11.42
CA ASN I 231 -5.75 72.23 -11.52
C ASN I 231 -5.36 71.18 -10.47
N TYR I 232 -6.19 70.14 -10.37
CA TYR I 232 -5.93 69.05 -9.45
C TYR I 232 -4.67 68.31 -9.86
N VAL I 233 -3.85 67.97 -8.88
CA VAL I 233 -2.61 67.23 -9.12
C VAL I 233 -2.84 65.79 -8.71
N LYS I 234 -2.75 64.89 -9.68
CA LYS I 234 -2.94 63.48 -9.41
C LYS I 234 -1.74 62.91 -8.65
N THR I 235 -2.01 61.85 -7.88
CA THR I 235 -0.97 61.07 -7.23
C THR I 235 -0.70 59.81 -8.04
N ILE I 236 0.31 59.05 -7.60
CA ILE I 236 0.67 57.83 -8.32
C ILE I 236 -0.40 56.75 -8.19
N LYS I 237 -1.25 56.80 -7.16
CA LYS I 237 -2.30 55.81 -6.99
C LYS I 237 -3.61 56.52 -6.71
N GLU I 238 -4.54 56.45 -7.66
CA GLU I 238 -5.83 57.12 -7.53
C GLU I 238 -6.98 56.15 -7.83
N MET J 1 28.60 37.79 38.57
CA MET J 1 29.07 38.79 37.60
C MET J 1 28.09 38.94 36.45
N LYS J 2 27.48 37.82 36.05
CA LYS J 2 26.55 37.78 34.93
C LYS J 2 27.17 38.36 33.66
N LEU J 3 28.35 37.83 33.31
CA LEU J 3 29.05 38.29 32.12
C LEU J 3 28.30 37.90 30.86
N THR J 4 28.25 38.81 29.90
CA THR J 4 27.67 38.56 28.59
C THR J 4 28.76 38.10 27.63
N PRO J 5 28.39 37.57 26.46
CA PRO J 5 29.41 37.27 25.45
C PRO J 5 30.23 38.49 25.06
N LYS J 6 29.61 39.67 25.02
CA LYS J 6 30.34 40.89 24.71
C LYS J 6 31.42 41.16 25.74
N GLU J 7 31.12 40.92 27.03
CA GLU J 7 32.10 41.18 28.07
C GLU J 7 33.29 40.22 27.95
N LEU J 8 33.03 38.96 27.60
CA LEU J 8 34.12 38.02 27.39
C LEU J 8 34.99 38.42 26.22
N ASP J 9 34.38 38.84 25.11
CA ASP J 9 35.14 39.29 23.96
C ASP J 9 35.99 40.51 24.30
N LYS J 10 35.43 41.46 25.02
CA LYS J 10 36.18 42.66 25.37
C LYS J 10 37.30 42.35 26.36
N LEU J 11 37.10 41.39 27.27
CA LEU J 11 38.18 41.00 28.17
C LEU J 11 39.33 40.38 27.40
N MET J 12 39.02 39.51 26.44
CA MET J 12 40.07 38.97 25.57
C MET J 12 40.81 40.07 24.83
N LEU J 13 40.06 41.05 24.31
CA LEU J 13 40.69 42.15 23.60
C LEU J 13 41.58 42.99 24.51
N HIS J 14 41.14 43.22 25.75
CA HIS J 14 41.95 43.98 26.69
C HIS J 14 43.26 43.27 26.96
N TYR J 15 43.24 41.95 27.09
CA TYR J 15 44.51 41.28 27.39
C TYR J 15 45.38 41.12 26.14
N ALA J 16 44.78 41.07 24.94
CA ALA J 16 45.61 41.17 23.74
C ALA J 16 46.34 42.51 23.69
N GLY J 17 45.63 43.59 24.02
CA GLY J 17 46.27 44.89 24.11
C GLY J 17 47.32 44.97 25.20
N GLU J 18 47.09 44.29 26.32
CA GLU J 18 48.08 44.26 27.39
C GLU J 18 49.35 43.57 26.92
N LEU J 19 49.21 42.46 26.20
CA LEU J 19 50.38 41.78 25.64
C LEU J 19 51.11 42.69 24.67
N ALA J 20 50.36 43.43 23.84
CA ALA J 20 50.98 44.35 22.91
C ALA J 20 51.77 45.42 23.64
N ARG J 21 51.21 45.96 24.72
CA ARG J 21 51.90 47.00 25.48
C ARG J 21 53.15 46.45 26.16
N LYS J 22 53.09 45.23 26.69
CA LYS J 22 54.27 44.62 27.28
C LYS J 22 55.38 44.45 26.24
N ARG J 23 55.02 43.96 25.05
CA ARG J 23 56.02 43.79 24.01
C ARG J 23 56.61 45.13 23.58
N LYS J 24 55.76 46.16 23.49
CA LYS J 24 56.26 47.49 23.17
C LYS J 24 57.24 47.98 24.23
N GLU J 25 56.96 47.67 25.49
CA GLU J 25 57.87 48.03 26.56
C GLU J 25 59.20 47.30 26.42
N LYS J 26 59.16 46.03 26.00
CA LYS J 26 60.39 45.27 25.81
C LYS J 26 61.23 45.78 24.64
N GLY J 27 60.70 46.64 23.79
CA GLY J 27 61.43 47.15 22.65
C GLY J 27 61.15 46.45 21.33
N ILE J 28 60.17 45.56 21.30
CA ILE J 28 59.79 44.89 20.07
C ILE J 28 58.94 45.83 19.22
N LYS J 29 59.21 45.87 17.92
CA LYS J 29 58.37 46.62 17.01
C LYS J 29 57.08 45.86 16.74
N LEU J 30 55.96 46.52 16.95
CA LEU J 30 54.67 45.86 16.91
C LEU J 30 54.25 45.54 15.49
N ASN J 31 53.52 44.45 15.35
CA ASN J 31 52.94 44.08 14.07
C ASN J 31 51.50 44.59 13.99
N TYR J 32 50.78 44.13 12.97
CA TYR J 32 49.43 44.63 12.71
C TYR J 32 48.48 44.33 13.87
N VAL J 33 48.45 43.08 14.32
CA VAL J 33 47.53 42.67 15.37
C VAL J 33 47.82 43.41 16.67
N GLU J 34 49.10 43.51 17.02
CA GLU J 34 49.48 44.16 18.27
C GLU J 34 49.11 45.63 18.27
N ALA J 35 49.35 46.31 17.15
CA ALA J 35 49.02 47.72 17.07
C ALA J 35 47.51 47.94 17.19
N VAL J 36 46.73 47.14 16.46
CA VAL J 36 45.27 47.27 16.52
C VAL J 36 44.78 47.07 17.95
N ALA J 37 45.25 46.00 18.59
CA ALA J 37 44.81 45.67 19.94
C ALA J 37 45.23 46.74 20.95
N LEU J 38 46.44 47.28 20.81
CA LEU J 38 46.90 48.29 21.75
C LEU J 38 46.03 49.54 21.68
N ILE J 39 45.71 49.98 20.45
CA ILE J 39 44.83 51.14 20.31
C ILE J 39 43.46 50.86 20.92
N SER J 40 42.90 49.68 20.63
CA SER J 40 41.56 49.37 21.11
C SER J 40 41.51 49.31 22.64
N ALA J 41 42.50 48.68 23.25
CA ALA J 41 42.50 48.55 24.70
C ALA J 41 42.69 49.90 25.38
N HIS J 42 43.54 50.76 24.80
CA HIS J 42 43.70 52.09 25.36
C HIS J 42 42.39 52.86 25.33
N ILE J 43 41.67 52.78 24.21
CA ILE J 43 40.40 53.50 24.12
C ILE J 43 39.41 52.97 25.15
N MET J 44 39.34 51.65 25.30
CA MET J 44 38.39 51.09 26.26
C MET J 44 38.70 51.55 27.68
N GLU J 45 39.98 51.52 28.06
CA GLU J 45 40.33 51.95 29.42
C GLU J 45 40.01 53.44 29.63
N GLU J 46 40.31 54.26 28.62
CA GLU J 46 40.02 55.69 28.76
C GLU J 46 38.52 55.94 28.91
N ALA J 47 37.71 55.22 28.14
CA ALA J 47 36.26 55.39 28.28
C ALA J 47 35.77 54.90 29.64
N ARG J 48 36.38 53.85 30.18
CA ARG J 48 36.00 53.42 31.52
C ARG J 48 36.31 54.49 32.56
N ALA J 49 37.46 55.17 32.40
CA ALA J 49 37.80 56.22 33.36
C ALA J 49 36.77 57.34 33.39
N GLY J 50 36.11 57.59 32.26
CA GLY J 50 35.02 58.54 32.24
C GLY J 50 35.39 60.00 32.28
N LYS J 51 36.63 60.35 31.96
CA LYS J 51 37.09 61.73 32.03
C LYS J 51 37.21 62.39 30.67
N LYS J 52 36.95 61.67 29.59
CA LYS J 52 37.13 62.18 28.24
C LYS J 52 35.92 61.85 27.39
N THR J 53 35.68 62.67 26.38
CA THR J 53 34.57 62.44 25.46
C THR J 53 35.04 61.56 24.31
N ALA J 54 34.08 61.05 23.56
CA ALA J 54 34.39 60.12 22.47
C ALA J 54 35.25 60.79 21.40
N ALA J 55 34.98 62.07 21.11
CA ALA J 55 35.78 62.78 20.11
C ALA J 55 37.22 62.94 20.58
N GLU J 56 37.41 63.26 21.86
CA GLU J 56 38.75 63.31 22.42
C GLU J 56 39.46 61.98 22.22
N LEU J 57 38.76 60.87 22.40
CA LEU J 57 39.39 59.57 22.23
C LEU J 57 39.71 59.29 20.77
N MET J 58 38.86 59.76 19.86
CA MET J 58 39.15 59.61 18.44
C MET J 58 40.44 60.33 18.08
N GLN J 59 40.65 61.51 18.66
CA GLN J 59 41.90 62.22 18.42
C GLN J 59 43.07 61.59 19.17
N GLU J 60 42.82 61.02 20.35
CA GLU J 60 43.92 60.50 21.16
C GLU J 60 44.42 59.16 20.66
N GLY J 61 43.57 58.40 19.96
CA GLY J 61 44.00 57.13 19.43
C GLY J 61 45.12 57.23 18.41
N ARG J 62 45.35 58.43 17.88
CA ARG J 62 46.34 58.64 16.84
C ARG J 62 47.72 59.00 17.38
N THR J 63 47.86 59.17 18.69
CA THR J 63 49.13 59.53 19.30
C THR J 63 49.73 58.39 20.10
N LEU J 64 49.10 57.22 20.12
CA LEU J 64 49.61 56.13 20.95
C LEU J 64 50.88 55.53 20.36
N LEU J 65 50.93 55.35 19.05
CA LEU J 65 52.03 54.66 18.39
C LEU J 65 52.70 55.59 17.41
N LYS J 66 53.97 55.86 17.65
CA LYS J 66 54.80 56.56 16.67
C LYS J 66 55.16 55.60 15.55
N PRO J 67 55.53 56.13 14.37
CA PRO J 67 55.87 55.24 13.26
C PRO J 67 57.02 54.29 13.56
N ASP J 68 57.96 54.70 14.40
CA ASP J 68 59.09 53.82 14.74
C ASP J 68 58.71 52.69 15.67
N ASP J 69 57.51 52.70 16.24
CA ASP J 69 57.10 51.69 17.20
C ASP J 69 56.55 50.43 16.55
N VAL J 70 56.27 50.45 15.24
CA VAL J 70 55.64 49.33 14.57
C VAL J 70 56.58 48.84 13.48
N MET J 71 56.28 47.65 12.98
CA MET J 71 57.05 47.06 11.90
C MET J 71 56.78 47.80 10.60
N ASP J 72 57.72 47.67 9.67
CA ASP J 72 57.52 48.20 8.33
C ASP J 72 56.31 47.54 7.71
N GLY J 73 55.45 48.35 7.09
CA GLY J 73 54.23 47.88 6.49
C GLY J 73 53.01 47.98 7.37
N VAL J 74 53.17 48.16 8.68
CA VAL J 74 52.02 48.16 9.58
C VAL J 74 51.16 49.38 9.36
N ALA J 75 51.78 50.55 9.22
CA ALA J 75 51.04 51.80 9.15
C ALA J 75 50.09 51.81 7.96
N SER J 76 50.53 51.31 6.81
CA SER J 76 49.69 51.32 5.63
C SER J 76 48.57 50.30 5.68
N MET J 77 48.60 49.37 6.64
CA MET J 77 47.55 48.36 6.74
C MET J 77 46.44 48.75 7.69
N ILE J 78 46.67 49.71 8.58
CA ILE J 78 45.68 50.11 9.57
C ILE J 78 45.09 51.42 9.08
N HIS J 79 43.99 51.32 8.35
CA HIS J 79 43.28 52.51 7.92
C HIS J 79 42.48 53.13 9.06
N GLU J 80 41.80 52.30 9.84
CA GLU J 80 40.91 52.78 10.88
C GLU J 80 40.70 51.70 11.92
N VAL J 81 40.81 52.07 13.19
CA VAL J 81 40.49 51.19 14.30
C VAL J 81 39.18 51.67 14.90
N GLY J 82 38.16 50.82 14.84
CA GLY J 82 36.90 51.08 15.52
C GLY J 82 36.80 50.21 16.77
N ILE J 83 36.27 50.80 17.83
CA ILE J 83 36.06 50.09 19.08
C ILE J 83 34.86 50.70 19.78
N GLU J 84 33.97 49.84 20.26
CA GLU J 84 32.82 50.28 21.03
C GLU J 84 33.16 50.22 22.52
N ALA J 85 33.01 51.35 23.19
CA ALA J 85 33.34 51.45 24.60
C ALA J 85 32.17 52.04 25.36
N MET J 86 32.10 51.72 26.65
CA MET J 86 31.01 52.18 27.49
C MET J 86 31.49 53.39 28.28
N PHE J 87 30.89 54.53 28.00
CA PHE J 87 31.17 55.79 28.68
C PHE J 87 30.15 55.92 29.82
N PRO J 88 30.23 56.95 30.66
CA PRO J 88 29.17 57.14 31.67
C PRO J 88 27.80 57.33 31.07
N ASP J 89 27.72 57.81 29.83
CA ASP J 89 26.46 58.01 29.14
C ASP J 89 26.12 56.87 28.18
N GLY J 90 26.77 55.72 28.31
CA GLY J 90 26.40 54.55 27.56
C GLY J 90 27.46 54.15 26.54
N THR J 91 27.05 53.23 25.67
CA THR J 91 27.96 52.67 24.67
C THR J 91 28.04 53.58 23.45
N LYS J 92 29.25 53.94 23.07
CA LYS J 92 29.50 54.75 21.89
C LYS J 92 30.60 54.10 21.07
N LEU J 93 30.52 54.29 19.76
CA LEU J 93 31.55 53.80 18.85
C LEU J 93 32.63 54.87 18.68
N VAL J 94 33.88 54.49 18.94
CA VAL J 94 35.02 55.35 18.73
C VAL J 94 35.84 54.76 17.60
N THR J 95 36.07 55.54 16.54
CA THR J 95 36.91 55.12 15.44
C THR J 95 38.09 56.06 15.31
N VAL J 96 39.28 55.48 15.24
CA VAL J 96 40.51 56.22 15.04
C VAL J 96 40.92 56.05 13.59
N HIS J 97 41.09 57.16 12.88
CA HIS J 97 41.42 57.13 11.46
C HIS J 97 42.91 57.32 11.29
N THR J 98 43.53 56.43 10.52
CA THR J 98 44.96 56.41 10.22
C THR J 98 45.76 56.68 11.49
N PRO J 99 45.68 55.82 12.49
CA PRO J 99 46.33 56.11 13.77
C PRO J 99 47.84 56.25 13.66
N ILE J 100 48.48 55.53 12.75
CA ILE J 100 49.92 55.50 12.63
C ILE J 100 50.31 56.05 11.27
N GLU J 101 51.41 56.80 11.23
CA GLU J 101 51.93 57.35 9.98
C GLU J 101 52.97 56.42 9.38
N ALA J 102 53.01 56.36 8.05
CA ALA J 102 53.94 55.50 7.36
C ALA J 102 55.34 56.09 7.37
N ASN J 103 56.33 55.23 7.61
CA ASN J 103 57.73 55.65 7.62
C ASN J 103 58.63 54.81 6.76
N GLY J 104 58.26 53.58 6.43
CA GLY J 104 59.05 52.72 5.58
C GLY J 104 58.58 52.72 4.14
N LYS J 105 58.99 51.69 3.41
CA LYS J 105 58.61 51.53 2.01
C LYS J 105 57.70 50.34 1.76
N LEU J 106 57.54 49.44 2.73
CA LEU J 106 56.75 48.24 2.52
C LEU J 106 55.27 48.58 2.54
N VAL J 107 54.59 48.29 1.44
CA VAL J 107 53.14 48.44 1.37
C VAL J 107 52.53 47.11 0.95
N PRO J 108 51.98 46.33 1.88
CA PRO J 108 51.23 45.14 1.47
C PRO J 108 50.05 45.50 0.58
N GLY J 109 49.85 44.69 -0.45
CA GLY J 109 48.76 44.93 -1.38
C GLY J 109 48.93 46.16 -2.24
N GLU J 110 50.15 46.66 -2.37
CA GLU J 110 50.40 47.89 -3.10
C GLU J 110 49.90 47.81 -4.53
N LEU J 111 49.28 48.88 -4.99
CA LEU J 111 48.71 48.93 -6.33
C LEU J 111 49.64 49.70 -7.25
N PHE J 112 50.00 49.07 -8.37
CA PHE J 112 50.82 49.68 -9.39
C PHE J 112 49.92 49.92 -10.59
N LEU J 113 49.58 51.19 -10.82
CA LEU J 113 48.57 51.54 -11.80
C LEU J 113 49.20 52.11 -13.05
N LYS J 114 48.61 51.80 -14.20
CA LYS J 114 48.91 52.55 -15.41
C LYS J 114 48.44 53.98 -15.25
N ASN J 115 49.15 54.90 -15.89
CA ASN J 115 48.82 56.32 -15.78
C ASN J 115 47.80 56.77 -16.83
N GLU J 116 47.23 55.84 -17.61
CA GLU J 116 46.23 56.18 -18.60
C GLU J 116 44.85 56.30 -17.95
N ASP J 117 44.07 57.26 -18.43
CA ASP J 117 42.72 57.45 -17.94
C ASP J 117 41.77 56.41 -18.51
N ILE J 118 40.65 56.22 -17.82
CA ILE J 118 39.58 55.32 -18.26
C ILE J 118 38.51 56.16 -18.94
N THR J 119 38.06 55.70 -20.10
CA THR J 119 36.98 56.36 -20.83
C THR J 119 35.70 55.57 -20.59
N ILE J 120 34.77 56.16 -19.86
CA ILE J 120 33.52 55.50 -19.53
C ILE J 120 32.46 55.96 -20.50
N ASN J 121 31.46 55.09 -20.72
CA ASN J 121 30.33 55.37 -21.60
C ASN J 121 30.80 55.74 -23.00
N GLU J 122 31.81 55.03 -23.48
CA GLU J 122 32.36 55.31 -24.80
C GLU J 122 31.32 55.04 -25.88
N GLY J 123 31.29 55.93 -26.88
CA GLY J 123 30.30 55.84 -27.93
C GLY J 123 28.97 56.46 -27.62
N LYS J 124 28.80 57.03 -26.42
CA LYS J 124 27.56 57.67 -26.02
C LYS J 124 27.73 59.18 -26.09
N LYS J 125 26.88 59.84 -26.87
CA LYS J 125 26.90 61.29 -26.97
C LYS J 125 26.17 61.90 -25.78
N ALA J 126 26.76 62.92 -25.18
CA ALA J 126 26.21 63.56 -24.00
C ALA J 126 25.59 64.90 -24.37
N VAL J 127 24.37 65.11 -23.93
CA VAL J 127 23.71 66.40 -24.03
C VAL J 127 23.84 67.10 -22.68
N SER J 128 23.63 68.41 -22.68
CA SER J 128 23.74 69.22 -21.47
C SER J 128 22.39 69.85 -21.16
N VAL J 129 21.94 69.69 -19.93
CA VAL J 129 20.65 70.19 -19.48
C VAL J 129 20.87 71.00 -18.21
N LYS J 130 20.23 72.16 -18.13
CA LYS J 130 20.31 73.01 -16.94
C LYS J 130 19.19 72.66 -15.98
N VAL J 131 19.54 72.42 -14.73
CA VAL J 131 18.59 71.94 -13.72
C VAL J 131 18.65 72.87 -12.51
N LYS J 132 17.49 73.20 -11.97
CA LYS J 132 17.37 74.02 -10.77
C LYS J 132 16.48 73.32 -9.76
N ASN J 133 16.88 73.36 -8.49
CA ASN J 133 16.10 72.80 -7.40
C ASN J 133 15.26 73.91 -6.80
N VAL J 134 13.97 73.93 -7.14
CA VAL J 134 13.06 74.95 -6.60
C VAL J 134 12.46 74.53 -5.27
N GLY J 135 12.74 73.32 -4.80
CA GLY J 135 12.29 72.89 -3.50
C GLY J 135 13.20 73.37 -2.38
N ASP J 136 12.79 73.09 -1.16
CA ASP J 136 13.50 73.51 0.03
C ASP J 136 14.33 72.39 0.65
N ARG J 137 14.50 71.28 -0.05
CA ARG J 137 15.22 70.14 0.47
C ARG J 137 16.25 69.67 -0.54
N PRO J 138 17.38 69.15 -0.07
CA PRO J 138 18.41 68.68 -0.99
C PRO J 138 17.96 67.44 -1.77
N VAL J 139 18.45 67.35 -3.00
CA VAL J 139 18.13 66.23 -3.88
C VAL J 139 19.43 65.69 -4.48
N GLN J 140 19.63 64.38 -4.41
CA GLN J 140 20.82 63.73 -4.94
C GLN J 140 20.41 62.63 -5.90
N ILE J 141 21.05 62.59 -7.06
CA ILE J 141 20.65 61.72 -8.17
C ILE J 141 21.83 60.85 -8.56
N GLY J 142 21.60 59.53 -8.64
CA GLY J 142 22.64 58.60 -8.99
C GLY J 142 22.88 58.46 -10.49
N SER J 143 23.91 57.69 -10.82
CA SER J 143 24.40 57.62 -12.19
C SER J 143 23.43 56.90 -13.13
N HIS J 144 22.65 55.95 -12.61
CA HIS J 144 21.79 55.15 -13.48
C HIS J 144 20.32 55.38 -13.23
N PHE J 145 19.95 56.45 -12.54
CA PHE J 145 18.55 56.81 -12.43
C PHE J 145 18.05 57.39 -13.74
N HIS J 146 16.83 57.03 -14.12
CA HIS J 146 16.20 57.62 -15.30
C HIS J 146 15.90 59.08 -15.01
N PHE J 147 16.70 59.98 -15.59
CA PHE J 147 16.67 61.38 -15.18
C PHE J 147 15.35 62.06 -15.50
N PHE J 148 14.55 61.49 -16.41
CA PHE J 148 13.24 62.03 -16.69
C PHE J 148 12.33 61.99 -15.47
N GLU J 149 12.57 61.05 -14.55
CA GLU J 149 11.65 60.77 -13.45
C GLU J 149 12.21 61.19 -12.10
N VAL J 150 13.12 62.16 -12.06
CA VAL J 150 13.68 62.63 -10.79
C VAL J 150 12.62 63.41 -10.02
N ASN J 151 12.92 63.73 -8.77
CA ASN J 151 12.04 64.50 -7.90
C ASN J 151 11.34 65.62 -8.65
N ARG J 152 10.01 65.68 -8.48
CA ARG J 152 9.20 66.65 -9.20
C ARG J 152 9.55 68.08 -8.84
N CYS J 153 10.27 68.29 -7.74
CA CYS J 153 10.69 69.64 -7.36
C CYS J 153 11.84 70.17 -8.20
N LEU J 154 12.59 69.30 -8.88
CA LEU J 154 13.62 69.75 -9.80
C LEU J 154 12.98 70.26 -11.08
N ASP J 155 13.43 71.40 -11.56
CA ASP J 155 12.87 72.02 -12.75
C ASP J 155 13.91 72.05 -13.86
N PHE J 156 13.56 71.50 -15.01
CA PHE J 156 14.44 71.41 -16.17
C PHE J 156 13.58 70.94 -17.33
N ASP J 157 14.13 71.05 -18.54
CA ASP J 157 13.40 70.67 -19.74
C ASP J 157 13.31 69.16 -19.84
N ARG J 158 12.25 68.60 -19.23
CA ARG J 158 12.16 67.15 -19.08
C ARG J 158 12.12 66.43 -20.42
N GLU J 159 11.55 67.07 -21.45
CA GLU J 159 11.42 66.42 -22.74
C GLU J 159 12.77 65.98 -23.29
N LYS J 160 13.80 66.79 -23.08
CA LYS J 160 15.13 66.48 -23.59
C LYS J 160 15.82 65.37 -22.81
N THR J 161 15.28 64.97 -21.66
CA THR J 161 15.95 64.03 -20.78
C THR J 161 15.31 62.64 -20.80
N PHE J 162 14.35 62.39 -21.68
CA PHE J 162 13.65 61.12 -21.70
C PHE J 162 14.55 60.01 -22.22
N GLY J 163 14.56 58.89 -21.52
CA GLY J 163 15.43 57.78 -21.86
C GLY J 163 16.90 58.02 -21.60
N LYS J 164 17.24 58.90 -20.66
CA LYS J 164 18.62 59.28 -20.43
C LYS J 164 18.97 59.15 -18.96
N ARG J 165 20.28 59.08 -18.70
CA ARG J 165 20.82 59.04 -17.35
C ARG J 165 22.06 59.93 -17.32
N LEU J 166 22.60 60.12 -16.11
CA LEU J 166 23.74 61.00 -15.93
C LEU J 166 25.01 60.37 -16.49
N ASP J 167 25.78 61.15 -17.24
CA ASP J 167 27.03 60.68 -17.84
C ASP J 167 28.18 60.92 -16.85
N ILE J 168 28.10 60.18 -15.74
CA ILE J 168 29.08 60.24 -14.67
C ILE J 168 29.53 58.83 -14.35
N ALA J 169 30.52 58.73 -13.47
CA ALA J 169 31.04 57.42 -13.08
C ALA J 169 29.96 56.60 -12.39
N SER J 170 29.93 55.31 -12.71
CA SER J 170 28.93 54.42 -12.17
C SER J 170 29.00 54.39 -10.65
N GLY J 171 27.85 54.57 -10.00
CA GLY J 171 27.78 54.59 -8.56
C GLY J 171 28.09 55.93 -7.92
N THR J 172 28.35 56.97 -8.69
CA THR J 172 28.50 58.31 -8.16
C THR J 172 27.18 59.05 -8.27
N ALA J 173 27.15 60.29 -7.80
CA ALA J 173 25.90 61.03 -7.76
C ALA J 173 26.17 62.52 -7.94
N VAL J 174 25.11 63.23 -8.31
CA VAL J 174 25.11 64.68 -8.44
C VAL J 174 24.14 65.23 -7.40
N ARG J 175 24.58 66.21 -6.63
CA ARG J 175 23.77 66.81 -5.59
C ARG J 175 23.19 68.14 -6.04
N PHE J 176 21.98 68.42 -5.58
CA PHE J 176 21.30 69.68 -5.88
C PHE J 176 20.82 70.27 -4.56
N GLU J 177 21.52 71.30 -4.10
CA GLU J 177 21.10 72.00 -2.90
C GLU J 177 19.83 72.79 -3.18
N PRO J 178 19.03 73.07 -2.13
CA PRO J 178 17.84 73.89 -2.33
C PRO J 178 18.19 75.24 -2.95
N GLY J 179 17.55 75.52 -4.08
CA GLY J 179 17.83 76.73 -4.82
C GLY J 179 19.02 76.65 -5.76
N GLU J 180 19.75 75.54 -5.75
CA GLU J 180 20.95 75.42 -6.56
C GLU J 180 20.59 75.19 -8.02
N GLU J 181 21.39 75.77 -8.90
CA GLU J 181 21.20 75.66 -10.34
C GLU J 181 22.51 75.28 -10.99
N LYS J 182 22.51 74.22 -11.77
CA LYS J 182 23.71 73.76 -12.44
C LYS J 182 23.31 72.93 -13.65
N SER J 183 24.25 72.73 -14.55
CA SER J 183 24.04 71.94 -15.75
C SER J 183 24.70 70.59 -15.62
N VAL J 184 24.07 69.58 -16.20
CA VAL J 184 24.55 68.21 -16.11
C VAL J 184 24.58 67.60 -17.50
N GLU J 185 25.34 66.52 -17.64
CA GLU J 185 25.45 65.79 -18.89
C GLU J 185 24.62 64.53 -18.83
N LEU J 186 23.86 64.26 -19.89
CA LEU J 186 23.00 63.08 -19.95
C LEU J 186 23.33 62.27 -21.19
N ILE J 187 23.47 60.96 -21.01
CA ILE J 187 23.66 60.03 -22.11
C ILE J 187 22.43 59.14 -22.21
N ASP J 188 22.27 58.51 -23.37
CA ASP J 188 21.18 57.58 -23.57
C ASP J 188 21.36 56.34 -22.70
N ILE J 189 20.25 55.83 -22.18
CA ILE J 189 20.26 54.56 -21.47
C ILE J 189 20.50 53.43 -22.48
N GLY J 190 21.31 52.45 -22.08
CA GLY J 190 21.71 51.38 -22.96
C GLY J 190 20.82 50.16 -22.86
N GLY J 191 21.34 49.05 -23.39
CA GLY J 191 20.62 47.79 -23.31
C GLY J 191 19.35 47.79 -24.13
N ASN J 192 18.32 47.17 -23.58
CA ASN J 192 17.02 47.09 -24.24
C ASN J 192 16.18 48.34 -24.07
N ARG J 193 16.65 49.30 -23.27
CA ARG J 193 15.93 50.55 -23.00
C ARG J 193 14.51 50.28 -22.52
N ARG J 194 14.39 49.33 -21.61
CA ARG J 194 13.12 48.97 -20.98
C ARG J 194 13.12 49.57 -19.58
N ILE J 195 12.35 50.63 -19.40
CA ILE J 195 12.39 51.43 -18.18
C ILE J 195 11.19 51.04 -17.32
N PHE J 196 11.47 50.41 -16.18
CA PHE J 196 10.43 49.98 -15.26
C PHE J 196 10.72 50.54 -13.87
N GLY J 197 9.69 51.06 -13.22
CA GLY J 197 9.86 51.72 -11.94
C GLY J 197 10.15 53.21 -12.03
N PHE J 198 10.86 53.69 -11.03
CA PHE J 198 11.43 55.02 -10.84
C PHE J 198 10.44 56.14 -10.53
N ASN J 199 9.27 56.11 -11.14
CA ASN J 199 8.12 56.88 -10.69
C ASN J 199 6.86 56.29 -11.29
N ALA J 200 7.02 55.18 -12.01
CA ALA J 200 5.96 54.58 -12.83
C ALA J 200 5.50 55.54 -13.92
N LEU J 201 6.43 56.33 -14.46
CA LEU J 201 6.09 57.25 -15.54
C LEU J 201 6.18 56.59 -16.92
N VAL J 202 7.02 55.57 -17.07
CA VAL J 202 7.14 54.88 -18.35
C VAL J 202 6.61 53.46 -18.23
N ASP J 203 7.30 52.64 -17.45
CA ASP J 203 6.94 51.23 -17.23
C ASP J 203 6.68 50.48 -18.53
N ARG J 204 7.52 50.74 -19.53
CA ARG J 204 7.41 50.06 -20.82
C ARG J 204 8.67 50.37 -21.62
N GLN J 205 8.68 49.94 -22.88
CA GLN J 205 9.75 50.28 -23.80
C GLN J 205 9.86 51.78 -23.99
N ALA J 206 11.09 52.29 -23.99
CA ALA J 206 11.34 53.71 -24.20
C ALA J 206 11.45 53.98 -25.69
N ASP J 207 10.62 54.89 -26.18
CA ASP J 207 10.66 55.32 -27.57
C ASP J 207 9.80 56.58 -27.69
N ASN J 208 9.69 57.08 -28.92
CA ASN J 208 8.97 58.33 -29.14
C ASN J 208 7.49 58.20 -28.81
N GLU J 209 6.89 57.04 -29.12
CA GLU J 209 5.49 56.84 -28.80
C GLU J 209 5.25 56.86 -27.29
N SER J 210 6.15 56.23 -26.53
CA SER J 210 5.99 56.21 -25.08
C SER J 210 6.43 57.50 -24.41
N LYS J 211 7.22 58.32 -25.11
CA LYS J 211 7.61 59.61 -24.55
C LYS J 211 6.40 60.53 -24.40
N LYS J 212 5.44 60.45 -25.32
CA LYS J 212 4.23 61.25 -25.19
C LYS J 212 3.40 60.83 -23.99
N ILE J 213 3.24 59.52 -23.78
CA ILE J 213 2.52 59.03 -22.61
C ILE J 213 3.23 59.47 -21.33
N ALA J 214 4.55 59.35 -21.32
CA ALA J 214 5.32 59.76 -20.13
C ALA J 214 5.18 61.24 -19.86
N LEU J 215 5.23 62.07 -20.90
CA LEU J 215 5.08 63.51 -20.72
C LEU J 215 3.71 63.86 -20.18
N HIS J 216 2.67 63.22 -20.70
CA HIS J 216 1.32 63.46 -20.21
C HIS J 216 1.17 63.04 -18.75
N ARG J 217 1.70 61.86 -18.40
CA ARG J 217 1.64 61.41 -17.02
C ARG J 217 2.41 62.33 -16.09
N ALA J 218 3.57 62.81 -16.54
CA ALA J 218 4.37 63.71 -15.73
C ALA J 218 3.65 65.03 -15.49
N LYS J 219 3.02 65.57 -16.54
CA LYS J 219 2.28 66.81 -16.37
C LYS J 219 1.10 66.64 -15.42
N GLU J 220 0.37 65.52 -15.55
CA GLU J 220 -0.74 65.30 -14.63
C GLU J 220 -0.30 65.18 -13.19
N ARG J 221 0.92 64.71 -12.95
CA ARG J 221 1.42 64.48 -11.61
C ARG J 221 2.34 65.60 -11.13
N GLY J 222 2.36 66.74 -11.82
CA GLY J 222 3.06 67.92 -11.37
C GLY J 222 4.57 67.83 -11.31
N PHE J 223 5.20 67.28 -12.35
CA PHE J 223 6.65 67.28 -12.45
C PHE J 223 7.09 68.54 -13.18
N HIS J 224 7.95 69.32 -12.53
CA HIS J 224 8.30 70.63 -13.05
C HIS J 224 9.08 70.52 -14.36
N GLY J 225 8.91 71.53 -15.20
CA GLY J 225 9.58 71.55 -16.49
C GLY J 225 8.98 70.62 -17.52
N THR J 226 7.81 70.07 -17.26
CA THR J 226 7.13 69.18 -18.19
C THR J 226 6.15 69.98 -19.03
N LYS J 227 6.35 69.97 -20.34
CA LYS J 227 5.48 70.70 -21.27
C LYS J 227 4.97 69.69 -22.29
N SER J 228 3.87 69.03 -21.97
CA SER J 228 3.19 68.13 -22.89
C SER J 228 1.96 68.85 -23.43
N ASP J 229 1.81 68.81 -24.76
CA ASP J 229 0.80 69.64 -25.41
C ASP J 229 -0.60 69.26 -24.95
N ASP J 230 -1.46 70.28 -24.85
CA ASP J 230 -2.85 70.05 -24.49
C ASP J 230 -3.57 69.34 -25.63
N ASN J 231 -4.84 69.03 -25.42
CA ASN J 231 -5.60 68.18 -26.33
C ASN J 231 -4.88 66.84 -26.54
N TYR J 232 -4.43 66.26 -25.44
CA TYR J 232 -3.77 64.97 -25.46
C TYR J 232 -4.73 63.89 -25.92
N VAL J 233 -4.24 63.02 -26.80
CA VAL J 233 -5.04 61.91 -27.31
C VAL J 233 -4.61 60.65 -26.59
N LYS J 234 -5.52 60.05 -25.83
CA LYS J 234 -5.22 58.83 -25.11
C LYS J 234 -5.12 57.64 -26.06
N THR J 235 -4.35 56.65 -25.65
CA THR J 235 -4.26 55.38 -26.35
C THR J 235 -5.12 54.35 -25.62
N ILE J 236 -5.22 53.15 -26.20
CA ILE J 236 -6.05 52.11 -25.61
C ILE J 236 -5.47 51.58 -24.31
N LYS J 237 -4.17 51.74 -24.08
CA LYS J 237 -3.52 51.27 -22.85
C LYS J 237 -2.65 52.38 -22.28
N GLU J 238 -3.06 52.93 -21.15
CA GLU J 238 -2.34 54.03 -20.52
C GLU J 238 -2.09 53.75 -19.05
N MET K 1 -6.64 16.25 -58.71
CA MET K 1 -6.77 14.91 -59.28
C MET K 1 -7.48 13.96 -58.32
N LYS K 2 -7.22 14.13 -57.04
CA LYS K 2 -7.77 13.28 -55.99
C LYS K 2 -7.48 11.80 -56.26
N LEU K 3 -6.22 11.50 -56.49
CA LEU K 3 -5.81 10.13 -56.75
C LEU K 3 -5.99 9.25 -55.52
N THR K 4 -6.47 8.04 -55.73
CA THR K 4 -6.60 7.04 -54.68
C THR K 4 -5.36 6.16 -54.66
N PRO K 5 -5.18 5.38 -53.60
CA PRO K 5 -4.08 4.39 -53.62
C PRO K 5 -4.14 3.43 -54.80
N LYS K 6 -5.35 3.06 -55.20
CA LYS K 6 -5.51 2.18 -56.36
C LYS K 6 -4.96 2.84 -57.62
N GLU K 7 -5.21 4.13 -57.79
CA GLU K 7 -4.73 4.83 -58.98
C GLU K 7 -3.21 4.90 -59.00
N LEU K 8 -2.59 5.10 -57.84
CA LEU K 8 -1.13 5.10 -57.79
C LEU K 8 -0.56 3.73 -58.13
N ASP K 9 -1.16 2.66 -57.58
CA ASP K 9 -0.71 1.32 -57.91
C ASP K 9 -0.85 1.02 -59.40
N LYS K 10 -1.97 1.41 -59.99
CA LYS K 10 -2.18 1.15 -61.41
C LYS K 10 -1.24 1.98 -62.28
N LEU K 11 -0.90 3.20 -61.86
CA LEU K 11 0.06 3.99 -62.62
C LEU K 11 1.44 3.34 -62.59
N MET K 12 1.85 2.84 -61.42
CA MET K 12 3.11 2.10 -61.35
C MET K 12 3.08 0.89 -62.25
N LEU K 13 1.96 0.16 -62.26
CA LEU K 13 1.84 -1.01 -63.12
C LEU K 13 1.90 -0.64 -64.59
N HIS K 14 1.27 0.46 -64.98
CA HIS K 14 1.31 0.89 -66.36
C HIS K 14 2.74 1.18 -66.79
N TYR K 15 3.52 1.83 -65.93
CA TYR K 15 4.86 2.13 -66.37
C TYR K 15 5.80 0.92 -66.30
N ALA K 16 5.53 -0.04 -65.42
CA ALA K 16 6.24 -1.32 -65.52
C ALA K 16 5.98 -1.98 -66.86
N GLY K 17 4.72 -1.98 -67.29
CA GLY K 17 4.40 -2.52 -68.60
C GLY K 17 5.03 -1.73 -69.73
N GLU K 18 5.13 -0.41 -69.58
CA GLU K 18 5.79 0.41 -70.58
C GLU K 18 7.26 0.04 -70.71
N LEU K 19 7.93 -0.16 -69.57
CA LEU K 19 9.32 -0.60 -69.61
C LEU K 19 9.44 -1.96 -70.29
N ALA K 20 8.51 -2.86 -70.00
CA ALA K 20 8.52 -4.17 -70.64
C ALA K 20 8.38 -4.05 -72.15
N ARG K 21 7.48 -3.18 -72.60
CA ARG K 21 7.27 -3.00 -74.04
C ARG K 21 8.50 -2.38 -74.70
N LYS K 22 9.14 -1.42 -74.03
CA LYS K 22 10.37 -0.84 -74.57
C LYS K 22 11.45 -1.90 -74.72
N ARG K 23 11.63 -2.74 -73.70
CA ARG K 23 12.64 -3.78 -73.78
C ARG K 23 12.31 -4.79 -74.87
N LYS K 24 11.03 -5.11 -75.04
CA LYS K 24 10.63 -6.00 -76.12
C LYS K 24 10.94 -5.39 -77.47
N GLU K 25 10.77 -4.07 -77.59
CA GLU K 25 11.13 -3.40 -78.83
C GLU K 25 12.62 -3.45 -79.09
N LYS K 26 13.43 -3.35 -78.03
CA LYS K 26 14.88 -3.43 -78.19
C LYS K 26 15.36 -4.82 -78.58
N GLY K 27 14.51 -5.85 -78.51
CA GLY K 27 14.91 -7.19 -78.84
C GLY K 27 15.27 -8.08 -77.67
N ILE K 28 15.08 -7.61 -76.45
CA ILE K 28 15.35 -8.40 -75.26
C ILE K 28 14.22 -9.39 -75.05
N LYS K 29 14.57 -10.64 -74.72
CA LYS K 29 13.56 -11.63 -74.37
C LYS K 29 13.07 -11.36 -72.96
N LEU K 30 11.75 -11.24 -72.79
CA LEU K 30 11.18 -10.79 -71.53
C LEU K 30 11.23 -11.90 -70.49
N ASN K 31 11.36 -11.49 -69.24
CA ASN K 31 11.29 -12.42 -68.13
C ASN K 31 9.87 -12.45 -67.56
N TYR K 32 9.73 -13.08 -66.40
CA TYR K 32 8.41 -13.29 -65.81
C TYR K 32 7.72 -11.97 -65.50
N VAL K 33 8.42 -11.07 -64.80
CA VAL K 33 7.83 -9.81 -64.37
C VAL K 33 7.43 -8.97 -65.58
N GLU K 34 8.32 -8.89 -66.57
CA GLU K 34 8.05 -8.06 -67.73
C GLU K 34 6.86 -8.57 -68.52
N ALA K 35 6.76 -9.89 -68.69
CA ALA K 35 5.62 -10.46 -69.41
C ALA K 35 4.31 -10.18 -68.68
N VAL K 36 4.29 -10.41 -67.37
CA VAL K 36 3.08 -10.16 -66.60
C VAL K 36 2.65 -8.71 -66.72
N ALA K 37 3.60 -7.78 -66.54
CA ALA K 37 3.29 -6.37 -66.59
C ALA K 37 2.84 -5.93 -67.96
N LEU K 38 3.45 -6.45 -69.02
CA LEU K 38 3.06 -6.07 -70.37
C LEU K 38 1.62 -6.47 -70.66
N ILE K 39 1.25 -7.70 -70.27
CA ILE K 39 -0.13 -8.13 -70.48
C ILE K 39 -1.09 -7.25 -69.69
N SER K 40 -0.76 -6.97 -68.42
CA SER K 40 -1.67 -6.19 -67.58
C SER K 40 -1.86 -4.77 -68.12
N ALA K 41 -0.77 -4.13 -68.54
CA ALA K 41 -0.87 -2.77 -69.03
C ALA K 41 -1.64 -2.70 -70.34
N HIS K 42 -1.44 -3.70 -71.22
CA HIS K 42 -2.22 -3.71 -72.44
C HIS K 42 -3.70 -3.83 -72.15
N ILE K 43 -4.08 -4.70 -71.21
CA ILE K 43 -5.49 -4.84 -70.90
C ILE K 43 -6.06 -3.55 -70.33
N MET K 44 -5.31 -2.88 -69.45
CA MET K 44 -5.82 -1.64 -68.87
C MET K 44 -6.04 -0.58 -69.94
N GLU K 45 -5.08 -0.44 -70.86
CA GLU K 45 -5.24 0.57 -71.90
C GLU K 45 -6.43 0.24 -72.81
N GLU K 46 -6.60 -1.03 -73.15
CA GLU K 46 -7.72 -1.41 -74.00
C GLU K 46 -9.05 -1.12 -73.32
N ALA K 47 -9.15 -1.41 -72.02
CA ALA K 47 -10.38 -1.12 -71.30
C ALA K 47 -10.63 0.38 -71.21
N ARG K 48 -9.58 1.19 -71.08
CA ARG K 48 -9.76 2.63 -71.10
C ARG K 48 -10.31 3.11 -72.43
N ALA K 49 -9.84 2.52 -73.53
CA ALA K 49 -10.33 2.94 -74.84
C ALA K 49 -11.83 2.70 -75.00
N GLY K 50 -12.36 1.69 -74.31
CA GLY K 50 -13.80 1.48 -74.28
C GLY K 50 -14.42 0.89 -75.52
N LYS K 51 -13.63 0.27 -76.40
CA LYS K 51 -14.15 -0.28 -77.63
C LYS K 51 -14.29 -1.79 -77.63
N LYS K 52 -13.92 -2.46 -76.53
CA LYS K 52 -13.93 -3.90 -76.47
C LYS K 52 -14.56 -4.34 -75.15
N THR K 53 -15.14 -5.54 -75.17
CA THR K 53 -15.72 -6.11 -73.97
C THR K 53 -14.68 -6.89 -73.20
N ALA K 54 -15.01 -7.21 -71.94
CA ALA K 54 -14.06 -7.90 -71.08
C ALA K 54 -13.69 -9.27 -71.64
N ALA K 55 -14.64 -9.99 -72.22
CA ALA K 55 -14.35 -11.30 -72.79
C ALA K 55 -13.39 -11.17 -73.98
N GLU K 56 -13.60 -10.16 -74.81
CA GLU K 56 -12.67 -9.88 -75.89
C GLU K 56 -11.26 -9.67 -75.35
N LEU K 57 -11.14 -8.96 -74.23
CA LEU K 57 -9.82 -8.72 -73.66
C LEU K 57 -9.22 -10.00 -73.08
N MET K 58 -10.06 -10.87 -72.52
CA MET K 58 -9.56 -12.15 -72.04
C MET K 58 -8.98 -12.97 -73.17
N GLN K 59 -9.61 -12.92 -74.34
CA GLN K 59 -9.05 -13.62 -75.48
C GLN K 59 -7.85 -12.90 -76.08
N GLU K 60 -7.83 -11.56 -76.00
CA GLU K 60 -6.77 -10.79 -76.65
C GLU K 60 -5.48 -10.83 -75.84
N GLY K 61 -5.58 -11.03 -74.52
CA GLY K 61 -4.38 -11.09 -73.70
C GLY K 61 -3.46 -12.24 -74.04
N ARG K 62 -3.96 -13.22 -74.80
CA ARG K 62 -3.20 -14.42 -75.14
C ARG K 62 -2.43 -14.28 -76.44
N THR K 63 -2.58 -13.18 -77.16
CA THR K 63 -1.90 -12.97 -78.43
C THR K 63 -0.82 -11.91 -78.35
N LEU K 64 -0.58 -11.33 -77.17
CA LEU K 64 0.38 -10.25 -77.06
C LEU K 64 1.81 -10.76 -77.20
N LEU K 65 2.12 -11.89 -76.57
CA LEU K 65 3.48 -12.41 -76.51
C LEU K 65 3.54 -13.77 -77.18
N LYS K 66 4.33 -13.87 -78.24
CA LYS K 66 4.66 -15.15 -78.82
C LYS K 66 5.67 -15.87 -77.94
N PRO K 67 5.78 -17.20 -78.06
CA PRO K 67 6.73 -17.93 -77.22
C PRO K 67 8.17 -17.47 -77.39
N ASP K 68 8.55 -17.01 -78.58
CA ASP K 68 9.92 -16.56 -78.81
C ASP K 68 10.21 -15.22 -78.19
N ASP K 69 9.20 -14.51 -77.67
CA ASP K 69 9.40 -13.18 -77.12
C ASP K 69 9.84 -13.20 -75.66
N VAL K 70 9.76 -14.34 -74.99
CA VAL K 70 10.06 -14.43 -73.57
C VAL K 70 11.23 -15.38 -73.37
N MET K 71 11.80 -15.32 -72.18
CA MET K 71 12.89 -16.21 -71.81
C MET K 71 12.39 -17.63 -71.63
N ASP K 72 13.31 -18.58 -71.75
CA ASP K 72 12.99 -19.96 -71.45
C ASP K 72 12.53 -20.09 -70.01
N GLY K 73 11.44 -20.81 -69.80
CA GLY K 73 10.87 -20.98 -68.49
C GLY K 73 9.75 -20.01 -68.15
N VAL K 74 9.61 -18.93 -68.90
CA VAL K 74 8.61 -17.92 -68.56
C VAL K 74 7.21 -18.45 -68.78
N ALA K 75 6.98 -19.12 -69.91
CA ALA K 75 5.63 -19.54 -70.26
C ALA K 75 5.03 -20.46 -69.22
N SER K 76 5.83 -21.39 -68.70
CA SER K 76 5.31 -22.34 -67.72
C SER K 76 5.08 -21.71 -66.35
N MET K 77 5.57 -20.49 -66.11
CA MET K 77 5.37 -19.84 -64.83
C MET K 77 4.15 -18.94 -64.79
N ILE K 78 3.63 -18.55 -65.94
CA ILE K 78 2.49 -17.63 -66.01
C ILE K 78 1.28 -18.48 -66.35
N HIS K 79 0.58 -18.94 -65.31
CA HIS K 79 -0.67 -19.67 -65.52
C HIS K 79 -1.80 -18.73 -65.90
N GLU K 80 -1.90 -17.59 -65.23
CA GLU K 80 -3.03 -16.69 -65.44
C GLU K 80 -2.64 -15.29 -64.98
N VAL K 81 -2.95 -14.30 -65.81
CA VAL K 81 -2.78 -12.90 -65.45
C VAL K 81 -4.16 -12.33 -65.22
N GLY K 82 -4.42 -11.89 -64.00
CA GLY K 82 -5.63 -11.16 -63.66
C GLY K 82 -5.33 -9.68 -63.51
N ILE K 83 -6.24 -8.85 -64.01
CA ILE K 83 -6.11 -7.40 -63.90
C ILE K 83 -7.50 -6.80 -63.86
N GLU K 84 -7.71 -5.89 -62.92
CA GLU K 84 -8.98 -5.17 -62.82
C GLU K 84 -8.86 -3.86 -63.58
N ALA K 85 -9.76 -3.65 -64.52
CA ALA K 85 -9.73 -2.47 -65.36
C ALA K 85 -11.11 -1.81 -65.34
N MET K 86 -11.12 -0.50 -65.60
CA MET K 86 -12.36 0.27 -65.59
C MET K 86 -12.83 0.44 -67.02
N PHE K 87 -13.96 -0.16 -67.33
CA PHE K 87 -14.62 -0.05 -68.62
C PHE K 87 -15.63 1.09 -68.54
N PRO K 88 -16.31 1.44 -69.63
CA PRO K 88 -17.37 2.45 -69.52
C PRO K 88 -18.48 2.06 -68.56
N ASP K 89 -18.69 0.77 -68.34
CA ASP K 89 -19.70 0.26 -67.43
C ASP K 89 -19.14 -0.10 -66.07
N GLY K 90 -17.94 0.34 -65.75
CA GLY K 90 -17.40 0.18 -64.40
C GLY K 90 -16.21 -0.78 -64.37
N THR K 91 -15.84 -1.14 -63.15
CA THR K 91 -14.67 -1.99 -62.93
C THR K 91 -15.02 -3.46 -63.10
N LYS K 92 -14.26 -4.15 -63.95
CA LYS K 92 -14.43 -5.56 -64.19
C LYS K 92 -13.08 -6.24 -64.09
N LEU K 93 -13.09 -7.49 -63.64
CA LEU K 93 -11.88 -8.30 -63.59
C LEU K 93 -11.69 -9.04 -64.90
N VAL K 94 -10.53 -8.86 -65.51
CA VAL K 94 -10.15 -9.58 -66.71
C VAL K 94 -9.01 -10.51 -66.36
N THR K 95 -9.19 -11.80 -66.61
CA THR K 95 -8.14 -12.78 -66.39
C THR K 95 -7.79 -13.45 -67.71
N VAL K 96 -6.50 -13.49 -68.01
CA VAL K 96 -5.99 -14.15 -69.20
C VAL K 96 -5.38 -15.47 -68.75
N HIS K 97 -5.86 -16.57 -69.32
CA HIS K 97 -5.41 -17.91 -68.95
C HIS K 97 -4.35 -18.38 -69.92
N THR K 98 -3.22 -18.85 -69.38
CA THR K 98 -2.07 -19.34 -70.13
C THR K 98 -1.77 -18.43 -71.32
N PRO K 99 -1.43 -17.16 -71.07
CA PRO K 99 -1.25 -16.23 -72.17
C PRO K 99 -0.17 -16.63 -73.15
N ILE K 100 0.89 -17.29 -72.69
CA ILE K 100 2.05 -17.61 -73.51
C ILE K 100 2.17 -19.12 -73.57
N GLU K 101 2.56 -19.64 -74.74
CA GLU K 101 2.76 -21.06 -74.93
C GLU K 101 4.23 -21.42 -74.70
N ALA K 102 4.45 -22.61 -74.15
CA ALA K 102 5.79 -23.07 -73.86
C ALA K 102 6.51 -23.51 -75.13
N ASN K 103 7.78 -23.12 -75.24
CA ASN K 103 8.60 -23.51 -76.39
C ASN K 103 9.93 -24.13 -76.03
N GLY K 104 10.45 -23.88 -74.82
CA GLY K 104 11.70 -24.45 -74.39
C GLY K 104 11.51 -25.68 -73.52
N LYS K 105 12.56 -26.01 -72.77
CA LYS K 105 12.54 -27.16 -71.88
C LYS K 105 12.60 -26.79 -70.41
N LEU K 106 12.92 -25.53 -70.08
CA LEU K 106 13.09 -25.13 -68.70
C LEU K 106 11.72 -25.00 -68.02
N VAL K 107 11.51 -25.79 -66.97
CA VAL K 107 10.30 -25.66 -66.17
C VAL K 107 10.71 -25.44 -64.71
N PRO K 108 10.64 -24.21 -64.21
CA PRO K 108 10.87 -23.99 -62.78
C PRO K 108 9.85 -24.75 -61.95
N GLY K 109 10.32 -25.35 -60.86
CA GLY K 109 9.44 -26.10 -59.99
C GLY K 109 8.91 -27.38 -60.58
N GLU K 110 9.56 -27.89 -61.62
CA GLU K 110 9.08 -29.07 -62.34
C GLU K 110 8.92 -30.25 -61.39
N LEU K 111 7.83 -30.98 -61.56
CA LEU K 111 7.50 -32.13 -60.72
C LEU K 111 7.87 -33.41 -61.43
N PHE K 112 8.68 -34.24 -60.79
CA PHE K 112 9.07 -35.54 -61.29
C PHE K 112 8.37 -36.58 -60.44
N LEU K 113 7.34 -37.22 -61.00
CA LEU K 113 6.46 -38.07 -60.23
C LEU K 113 6.76 -39.54 -60.51
N LYS K 114 6.63 -40.36 -59.47
CA LYS K 114 6.54 -41.80 -59.68
C LYS K 114 5.26 -42.13 -60.44
N ASN K 115 5.32 -43.18 -61.25
CA ASN K 115 4.17 -43.58 -62.05
C ASN K 115 3.24 -44.54 -61.32
N GLU K 116 3.47 -44.78 -60.03
CA GLU K 116 2.60 -45.65 -59.26
C GLU K 116 1.39 -44.88 -58.75
N ASP K 117 0.25 -45.56 -58.73
CA ASP K 117 -0.99 -44.96 -58.23
C ASP K 117 -1.00 -44.93 -56.71
N ILE K 118 -1.83 -44.05 -56.17
CA ILE K 118 -2.04 -43.93 -54.73
C ILE K 118 -3.31 -44.68 -54.37
N THR K 119 -3.23 -45.50 -53.33
CA THR K 119 -4.39 -46.22 -52.83
C THR K 119 -4.92 -45.50 -51.60
N ILE K 120 -6.09 -44.91 -51.72
CA ILE K 120 -6.69 -44.15 -50.64
C ILE K 120 -7.68 -45.04 -49.90
N ASN K 121 -7.88 -44.74 -48.63
CA ASN K 121 -8.82 -45.46 -47.77
C ASN K 121 -8.52 -46.95 -47.75
N GLU K 122 -7.23 -47.28 -47.69
CA GLU K 122 -6.81 -48.68 -47.70
C GLU K 122 -7.32 -49.39 -46.45
N GLY K 123 -7.78 -50.62 -46.63
CA GLY K 123 -8.35 -51.39 -45.55
C GLY K 123 -9.82 -51.12 -45.28
N LYS K 124 -10.45 -50.23 -46.04
CA LYS K 124 -11.85 -49.90 -45.87
C LYS K 124 -12.65 -50.58 -46.98
N LYS K 125 -13.62 -51.40 -46.60
CA LYS K 125 -14.50 -52.05 -47.57
C LYS K 125 -15.58 -51.08 -48.01
N ALA K 126 -15.83 -51.03 -49.31
CA ALA K 126 -16.81 -50.11 -49.88
C ALA K 126 -18.07 -50.86 -50.26
N VAL K 127 -19.21 -50.34 -49.83
CA VAL K 127 -20.50 -50.81 -50.28
C VAL K 127 -21.00 -49.88 -51.37
N SER K 128 -21.98 -50.35 -52.14
CA SER K 128 -22.55 -49.58 -53.24
C SER K 128 -24.02 -49.32 -52.97
N VAL K 129 -24.42 -48.06 -53.07
CA VAL K 129 -25.79 -47.64 -52.80
C VAL K 129 -26.28 -46.83 -53.99
N LYS K 130 -27.50 -47.10 -54.44
CA LYS K 130 -28.11 -46.36 -55.53
C LYS K 130 -28.88 -45.17 -54.99
N VAL K 131 -28.62 -43.99 -55.54
CA VAL K 131 -29.17 -42.74 -55.04
C VAL K 131 -29.85 -42.01 -56.19
N LYS K 132 -31.02 -41.45 -55.92
CA LYS K 132 -31.76 -40.65 -56.88
C LYS K 132 -32.15 -39.31 -56.26
N ASN K 133 -32.02 -38.25 -57.05
CA ASN K 133 -32.41 -36.91 -56.61
C ASN K 133 -33.83 -36.65 -57.09
N VAL K 134 -34.80 -36.76 -56.19
CA VAL K 134 -36.20 -36.51 -56.55
C VAL K 134 -36.57 -35.04 -56.42
N GLY K 135 -35.66 -34.20 -55.95
CA GLY K 135 -35.89 -32.77 -55.90
C GLY K 135 -35.62 -32.10 -57.23
N ASP K 136 -35.93 -30.81 -57.27
CA ASP K 136 -35.78 -30.01 -58.48
C ASP K 136 -34.51 -29.15 -58.47
N ARG K 137 -33.61 -29.39 -57.53
CA ARG K 137 -32.41 -28.59 -57.40
C ARG K 137 -31.19 -29.50 -57.31
N PRO K 138 -30.05 -29.06 -57.84
CA PRO K 138 -28.84 -29.88 -57.77
C PRO K 138 -28.33 -30.04 -56.35
N VAL K 139 -27.74 -31.21 -56.08
CA VAL K 139 -27.18 -31.53 -54.78
C VAL K 139 -25.77 -32.08 -54.98
N GLN K 140 -24.82 -31.54 -54.22
CA GLN K 140 -23.43 -31.97 -54.30
C GLN K 140 -22.94 -32.35 -52.91
N ILE K 141 -22.28 -33.51 -52.81
CA ILE K 141 -21.91 -34.10 -51.54
C ILE K 141 -20.41 -34.32 -51.50
N GLY K 142 -19.76 -33.86 -50.44
CA GLY K 142 -18.32 -33.98 -50.30
C GLY K 142 -17.87 -35.32 -49.75
N SER K 143 -16.55 -35.51 -49.72
CA SER K 143 -15.96 -36.80 -49.43
C SER K 143 -16.14 -37.22 -47.97
N HIS K 144 -16.22 -36.27 -47.05
CA HIS K 144 -16.28 -36.59 -45.63
C HIS K 144 -17.60 -36.21 -44.98
N PHE K 145 -18.64 -35.93 -45.76
CA PHE K 145 -19.95 -35.74 -45.20
C PHE K 145 -20.54 -37.08 -44.76
N HIS K 146 -21.21 -37.08 -43.62
CA HIS K 146 -21.92 -38.27 -43.16
C HIS K 146 -23.10 -38.53 -44.09
N PHE K 147 -22.97 -39.54 -44.97
CA PHE K 147 -23.91 -39.69 -46.07
C PHE K 147 -25.32 -40.02 -45.60
N PHE K 148 -25.47 -40.50 -44.36
CA PHE K 148 -26.79 -40.76 -43.80
C PHE K 148 -27.61 -39.47 -43.71
N GLU K 149 -26.96 -38.32 -43.59
CA GLU K 149 -27.63 -37.07 -43.27
C GLU K 149 -27.63 -36.08 -44.44
N VAL K 150 -27.52 -36.57 -45.67
CA VAL K 150 -27.54 -35.70 -46.84
C VAL K 150 -28.94 -35.12 -47.02
N ASN K 151 -29.06 -34.16 -47.93
CA ASN K 151 -30.33 -33.51 -48.28
C ASN K 151 -31.48 -34.50 -48.30
N ARG K 152 -32.55 -34.16 -47.60
CA ARG K 152 -33.70 -35.06 -47.47
C ARG K 152 -34.36 -35.34 -48.81
N CYS K 153 -34.08 -34.53 -49.84
CA CYS K 153 -34.64 -34.77 -51.16
C CYS K 153 -33.97 -35.94 -51.89
N LEU K 154 -32.76 -36.33 -51.48
CA LEU K 154 -32.14 -37.51 -52.07
C LEU K 154 -32.80 -38.77 -51.50
N ASP K 155 -33.09 -39.72 -52.37
CA ASP K 155 -33.77 -40.95 -51.97
C ASP K 155 -32.84 -42.14 -52.20
N PHE K 156 -32.63 -42.91 -51.13
CA PHE K 156 -31.76 -44.08 -51.15
C PHE K 156 -31.99 -44.82 -49.84
N ASP K 157 -31.47 -46.05 -49.78
CA ASP K 157 -31.66 -46.87 -48.59
C ASP K 157 -30.79 -46.36 -47.46
N ARG K 158 -31.32 -45.42 -46.68
CA ARG K 158 -30.51 -44.71 -45.69
C ARG K 158 -29.93 -45.65 -44.64
N GLU K 159 -30.64 -46.73 -44.32
CA GLU K 159 -30.18 -47.64 -43.28
C GLU K 159 -28.80 -48.19 -43.59
N LYS K 160 -28.52 -48.49 -44.86
CA LYS K 160 -27.24 -49.04 -45.24
C LYS K 160 -26.11 -48.01 -45.24
N THR K 161 -26.42 -46.74 -45.08
CA THR K 161 -25.43 -45.68 -45.20
C THR K 161 -25.05 -45.06 -43.85
N PHE K 162 -25.54 -45.61 -42.75
CA PHE K 162 -25.29 -45.02 -41.44
C PHE K 162 -23.83 -45.22 -41.03
N GLY K 163 -23.21 -44.14 -40.55
CA GLY K 163 -21.82 -44.18 -40.19
C GLY K 163 -20.85 -44.27 -41.35
N LYS K 164 -21.26 -43.82 -42.53
CA LYS K 164 -20.45 -43.97 -43.73
C LYS K 164 -20.28 -42.64 -44.45
N ARG K 165 -19.26 -42.60 -45.29
CA ARG K 165 -18.97 -41.45 -46.15
C ARG K 165 -18.59 -41.96 -47.53
N LEU K 166 -18.43 -41.02 -48.46
CA LEU K 166 -18.12 -41.39 -49.83
C LEU K 166 -16.68 -41.87 -49.95
N ASP K 167 -16.48 -42.97 -50.66
CA ASP K 167 -15.14 -43.54 -50.88
C ASP K 167 -14.53 -42.93 -52.13
N ILE K 168 -14.26 -41.62 -52.02
CA ILE K 168 -13.68 -40.84 -53.10
C ILE K 168 -12.48 -40.07 -52.53
N ALA K 169 -11.76 -39.39 -53.41
CA ALA K 169 -10.61 -38.62 -53.00
C ALA K 169 -11.01 -37.49 -52.05
N SER K 170 -10.20 -37.29 -51.03
CA SER K 170 -10.48 -36.29 -50.02
C SER K 170 -10.59 -34.91 -50.65
N GLY K 171 -11.67 -34.21 -50.33
CA GLY K 171 -11.92 -32.90 -50.88
C GLY K 171 -12.59 -32.87 -52.23
N THR K 172 -12.94 -34.02 -52.80
CA THR K 172 -13.71 -34.08 -54.02
C THR K 172 -15.19 -34.25 -53.67
N ALA K 173 -16.04 -34.29 -54.69
CA ALA K 173 -17.47 -34.33 -54.44
C ALA K 173 -18.16 -35.11 -55.54
N VAL K 174 -19.38 -35.55 -55.23
CA VAL K 174 -20.27 -36.22 -56.17
C VAL K 174 -21.50 -35.33 -56.37
N ARG K 175 -21.84 -35.08 -57.62
CA ARG K 175 -22.98 -34.22 -57.94
C ARG K 175 -24.20 -35.06 -58.31
N PHE K 176 -25.37 -34.55 -57.95
CA PHE K 176 -26.65 -35.19 -58.27
C PHE K 176 -27.54 -34.14 -58.91
N GLU K 177 -27.70 -34.22 -60.23
CA GLU K 177 -28.60 -33.34 -60.93
C GLU K 177 -30.04 -33.68 -60.58
N PRO K 178 -30.96 -32.72 -60.70
CA PRO K 178 -32.37 -33.01 -60.45
C PRO K 178 -32.85 -34.15 -61.33
N GLY K 179 -33.39 -35.18 -60.69
CA GLY K 179 -33.84 -36.37 -61.39
C GLY K 179 -32.75 -37.38 -61.69
N GLU K 180 -31.50 -37.06 -61.38
CA GLU K 180 -30.39 -37.95 -61.71
C GLU K 180 -30.35 -39.13 -60.75
N GLU K 181 -29.98 -40.29 -61.28
CA GLU K 181 -29.89 -41.52 -60.52
C GLU K 181 -28.55 -42.18 -60.82
N LYS K 182 -27.80 -42.48 -59.76
CA LYS K 182 -26.50 -43.12 -59.93
C LYS K 182 -26.15 -43.82 -58.63
N SER K 183 -25.17 -44.72 -58.72
CA SER K 183 -24.71 -45.48 -57.57
C SER K 183 -23.37 -44.94 -57.10
N VAL K 184 -23.16 -44.97 -55.78
CA VAL K 184 -21.95 -44.45 -55.18
C VAL K 184 -21.38 -45.49 -54.22
N GLU K 185 -20.10 -45.32 -53.90
CA GLU K 185 -19.41 -46.21 -52.97
C GLU K 185 -19.27 -45.52 -51.63
N LEU K 186 -19.56 -46.25 -50.56
CA LEU K 186 -19.48 -45.73 -49.21
C LEU K 186 -18.57 -46.59 -48.35
N ILE K 187 -17.68 -45.95 -47.62
CA ILE K 187 -16.81 -46.62 -46.67
C ILE K 187 -17.21 -46.17 -45.27
N ASP K 188 -16.79 -46.95 -44.28
CA ASP K 188 -17.04 -46.59 -42.89
C ASP K 188 -16.22 -45.36 -42.50
N ILE K 189 -16.84 -44.50 -41.68
CA ILE K 189 -16.12 -43.37 -41.09
C ILE K 189 -15.12 -43.90 -40.08
N GLY K 190 -13.93 -43.31 -40.06
CA GLY K 190 -12.84 -43.75 -39.22
C GLY K 190 -12.77 -43.04 -37.88
N GLY K 191 -11.63 -43.18 -37.23
CA GLY K 191 -11.40 -42.51 -35.96
C GLY K 191 -12.29 -43.05 -34.86
N ASN K 192 -12.78 -42.14 -34.02
CA ASN K 192 -13.64 -42.49 -32.91
C ASN K 192 -15.09 -42.69 -33.32
N ARG K 193 -15.42 -42.41 -34.58
CA ARG K 193 -16.79 -42.53 -35.10
C ARG K 193 -17.78 -41.75 -34.24
N ARG K 194 -17.40 -40.53 -33.88
CA ARG K 194 -18.22 -39.62 -33.11
C ARG K 194 -18.77 -38.58 -34.07
N ILE K 195 -20.06 -38.69 -34.40
CA ILE K 195 -20.67 -37.90 -35.45
C ILE K 195 -21.45 -36.77 -34.80
N PHE K 196 -20.99 -35.54 -35.00
CA PHE K 196 -21.65 -34.36 -34.43
C PHE K 196 -21.93 -33.38 -35.55
N GLY K 197 -23.13 -32.81 -35.53
CA GLY K 197 -23.58 -31.93 -36.59
C GLY K 197 -24.28 -32.62 -37.75
N PHE K 198 -24.13 -32.01 -38.92
CA PHE K 198 -24.54 -32.44 -40.26
C PHE K 198 -26.04 -32.43 -40.53
N ASN K 199 -26.86 -32.79 -39.55
CA ASN K 199 -28.29 -32.48 -39.55
C ASN K 199 -28.81 -32.60 -38.14
N ALA K 200 -27.91 -32.84 -37.19
CA ALA K 200 -28.26 -33.19 -35.80
C ALA K 200 -29.08 -34.48 -35.74
N LEU K 201 -28.78 -35.42 -36.64
CA LEU K 201 -29.47 -36.70 -36.62
C LEU K 201 -28.84 -37.71 -35.70
N VAL K 202 -27.54 -37.60 -35.44
CA VAL K 202 -26.86 -38.52 -34.53
C VAL K 202 -26.40 -37.77 -33.28
N ASP K 203 -25.44 -36.86 -33.45
CA ASP K 203 -24.87 -36.06 -32.37
C ASP K 203 -24.45 -36.91 -31.18
N ARG K 204 -23.84 -38.06 -31.46
CA ARG K 204 -23.35 -38.96 -30.43
C ARG K 204 -22.46 -40.00 -31.09
N GLN K 205 -22.04 -40.99 -30.30
CA GLN K 205 -21.30 -42.13 -30.81
C GLN K 205 -22.13 -42.90 -31.83
N ALA K 206 -21.50 -43.29 -32.93
CA ALA K 206 -22.15 -44.06 -33.97
C ALA K 206 -22.05 -45.54 -33.63
N ASP K 207 -23.20 -46.21 -33.54
CA ASP K 207 -23.27 -47.64 -33.31
C ASP K 207 -24.69 -48.09 -33.60
N ASN K 208 -24.95 -49.39 -33.39
CA ASN K 208 -26.25 -49.95 -33.70
C ASN K 208 -27.36 -49.35 -32.84
N GLU K 209 -27.07 -49.09 -31.56
CA GLU K 209 -28.07 -48.48 -30.69
C GLU K 209 -28.44 -47.08 -31.16
N SER K 210 -27.45 -46.30 -31.59
CA SER K 210 -27.75 -44.95 -32.04
C SER K 210 -28.28 -44.91 -33.47
N LYS K 211 -28.11 -46.00 -34.23
CA LYS K 211 -28.67 -46.04 -35.57
C LYS K 211 -30.19 -46.06 -35.53
N LYS K 212 -30.78 -46.71 -34.51
CA LYS K 212 -32.22 -46.71 -34.37
C LYS K 212 -32.75 -45.31 -34.06
N ILE K 213 -32.09 -44.59 -33.15
CA ILE K 213 -32.48 -43.22 -32.84
C ILE K 213 -32.36 -42.35 -34.08
N ALA K 214 -31.27 -42.50 -34.83
CA ALA K 214 -31.07 -41.71 -36.03
C ALA K 214 -32.14 -42.00 -37.07
N LEU K 215 -32.49 -43.28 -37.25
CA LEU K 215 -33.51 -43.64 -38.22
C LEU K 215 -34.86 -43.06 -37.83
N HIS K 216 -35.21 -43.12 -36.55
CA HIS K 216 -36.47 -42.55 -36.08
C HIS K 216 -36.50 -41.03 -36.28
N ARG K 217 -35.40 -40.35 -35.94
CA ARG K 217 -35.33 -38.91 -36.15
C ARG K 217 -35.43 -38.55 -37.62
N ALA K 218 -34.77 -39.33 -38.48
CA ALA K 218 -34.80 -39.07 -39.91
C ALA K 218 -36.21 -39.25 -40.47
N LYS K 219 -36.92 -40.29 -40.03
CA LYS K 219 -38.28 -40.50 -40.48
C LYS K 219 -39.20 -39.38 -40.03
N GLU K 220 -39.05 -38.93 -38.78
CA GLU K 220 -39.89 -37.85 -38.30
C GLU K 220 -39.64 -36.56 -39.07
N ARG K 221 -38.44 -36.37 -39.58
CA ARG K 221 -38.08 -35.14 -40.28
C ARG K 221 -38.12 -35.29 -41.79
N GLY K 222 -38.72 -36.35 -42.30
CA GLY K 222 -38.98 -36.51 -43.72
C GLY K 222 -37.76 -36.67 -44.60
N PHE K 223 -36.81 -37.50 -44.21
CA PHE K 223 -35.67 -37.84 -45.05
C PHE K 223 -36.02 -39.05 -45.89
N HIS K 224 -35.92 -38.91 -47.20
CA HIS K 224 -36.39 -39.94 -48.11
C HIS K 224 -35.57 -41.21 -47.98
N GLY K 225 -36.22 -42.34 -48.23
CA GLY K 225 -35.55 -43.62 -48.14
C GLY K 225 -35.32 -44.10 -46.74
N THR K 226 -35.92 -43.47 -45.74
CA THR K 226 -35.76 -43.87 -44.35
C THR K 226 -36.93 -44.76 -43.97
N LYS K 227 -36.61 -45.98 -43.56
CA LYS K 227 -37.61 -46.97 -43.15
C LYS K 227 -37.26 -47.43 -41.75
N SER K 228 -37.74 -46.70 -40.75
CA SER K 228 -37.59 -47.08 -39.36
C SER K 228 -38.92 -47.65 -38.87
N ASP K 229 -38.85 -48.81 -38.22
CA ASP K 229 -40.06 -49.56 -37.91
C ASP K 229 -40.97 -48.77 -36.98
N ASP K 230 -42.28 -48.91 -37.19
CA ASP K 230 -43.26 -48.28 -36.33
C ASP K 230 -43.24 -48.93 -34.95
N ASN K 231 -44.04 -48.40 -34.03
CA ASN K 231 -43.99 -48.78 -32.62
C ASN K 231 -42.58 -48.57 -32.07
N TYR K 232 -42.01 -47.42 -32.40
CA TYR K 232 -40.68 -47.07 -31.91
C TYR K 232 -40.70 -46.91 -30.40
N VAL K 233 -39.68 -47.45 -29.74
CA VAL K 233 -39.55 -47.35 -28.30
C VAL K 233 -38.51 -46.28 -27.98
N LYS K 234 -38.95 -45.23 -27.32
CA LYS K 234 -38.03 -44.14 -26.96
C LYS K 234 -37.10 -44.57 -25.84
N THR K 235 -35.94 -43.94 -25.79
CA THR K 235 -35.00 -44.10 -24.69
C THR K 235 -35.12 -42.91 -23.76
N ILE K 236 -34.38 -42.97 -22.65
CA ILE K 236 -34.44 -41.89 -21.66
C ILE K 236 -33.83 -40.59 -22.18
N LYS K 237 -32.94 -40.66 -23.18
CA LYS K 237 -32.31 -39.47 -23.74
C LYS K 237 -32.39 -39.52 -25.25
N GLU K 238 -33.19 -38.64 -25.84
CA GLU K 238 -33.39 -38.61 -27.28
C GLU K 238 -33.20 -37.21 -27.83
N MET L 1 -55.17 4.13 26.47
CA MET L 1 -55.98 4.12 25.26
C MET L 1 -55.35 3.26 24.18
N LYS L 2 -54.02 3.27 24.11
CA LYS L 2 -53.26 2.53 23.10
C LYS L 2 -53.74 2.88 21.69
N LEU L 3 -53.75 4.18 21.40
CA LEU L 3 -54.17 4.64 20.09
C LEU L 3 -53.16 4.24 19.02
N THR L 4 -53.68 3.82 17.88
CA THR L 4 -52.85 3.51 16.72
C THR L 4 -52.74 4.73 15.82
N PRO L 5 -51.83 4.72 14.86
CA PRO L 5 -51.81 5.83 13.87
C PRO L 5 -53.11 5.99 13.12
N LYS L 6 -53.81 4.88 12.85
CA LYS L 6 -55.10 4.97 12.20
C LYS L 6 -56.10 5.74 13.05
N GLU L 7 -56.09 5.52 14.36
CA GLU L 7 -57.03 6.20 15.24
C GLU L 7 -56.75 7.70 15.28
N LEU L 8 -55.48 8.08 15.27
CA LEU L 8 -55.14 9.51 15.23
C LEU L 8 -55.59 10.16 13.93
N ASP L 9 -55.37 9.46 12.80
CA ASP L 9 -55.83 9.99 11.52
C ASP L 9 -57.34 10.15 11.48
N LYS L 10 -58.07 9.16 11.99
CA LYS L 10 -59.52 9.23 11.98
C LYS L 10 -60.04 10.31 12.93
N LEU L 11 -59.36 10.54 14.05
CA LEU L 11 -59.76 11.62 14.94
C LEU L 11 -59.59 12.97 14.26
N MET L 12 -58.47 13.17 13.57
CA MET L 12 -58.27 14.39 12.80
C MET L 12 -59.37 14.56 11.76
N LEU L 13 -59.72 13.47 11.07
CA LEU L 13 -60.76 13.53 10.06
C LEU L 13 -62.12 13.88 10.68
N HIS L 14 -62.42 13.31 11.84
CA HIS L 14 -63.68 13.62 12.51
C HIS L 14 -63.77 15.09 12.85
N TYR L 15 -62.67 15.68 13.31
CA TYR L 15 -62.78 17.09 13.66
C TYR L 15 -62.74 18.01 12.44
N ALA L 16 -62.11 17.58 11.34
CA ALA L 16 -62.29 18.32 10.09
C ALA L 16 -63.75 18.33 9.66
N GLY L 17 -64.42 17.18 9.77
CA GLY L 17 -65.83 17.13 9.47
C GLY L 17 -66.68 17.95 10.43
N GLU L 18 -66.27 18.00 11.70
CA GLU L 18 -66.98 18.84 12.67
C GLU L 18 -66.88 20.30 12.30
N LEU L 19 -65.68 20.75 11.89
CA LEU L 19 -65.53 22.12 11.44
C LEU L 19 -66.39 22.39 10.21
N ALA L 20 -66.45 21.42 9.28
CA ALA L 20 -67.29 21.59 8.11
C ALA L 20 -68.76 21.74 8.50
N ARG L 21 -69.22 20.93 9.45
CA ARG L 21 -70.61 21.01 9.88
C ARG L 21 -70.91 22.33 10.58
N LYS L 22 -69.98 22.81 11.40
CA LYS L 22 -70.17 24.11 12.03
C LYS L 22 -70.28 25.22 10.99
N ARG L 23 -69.40 25.20 9.99
CA ARG L 23 -69.47 26.22 8.95
C ARG L 23 -70.76 26.14 8.16
N LYS L 24 -71.22 24.91 7.89
CA LYS L 24 -72.49 24.74 7.21
C LYS L 24 -73.64 25.30 8.05
N GLU L 25 -73.56 25.13 9.37
CA GLU L 25 -74.57 25.71 10.24
C GLU L 25 -74.53 27.23 10.19
N LYS L 26 -73.34 27.82 10.10
CA LYS L 26 -73.24 29.27 10.01
C LYS L 26 -73.75 29.83 8.70
N GLY L 27 -74.03 29.00 7.70
CA GLY L 27 -74.50 29.47 6.42
C GLY L 27 -73.45 29.62 5.35
N ILE L 28 -72.23 29.19 5.60
CA ILE L 28 -71.18 29.24 4.60
C ILE L 28 -71.36 28.11 3.61
N LYS L 29 -71.19 28.39 2.33
CA LYS L 29 -71.20 27.35 1.31
C LYS L 29 -69.89 26.59 1.34
N LEU L 30 -69.97 25.27 1.46
CA LEU L 30 -68.79 24.46 1.69
C LEU L 30 -67.96 24.32 0.42
N ASN L 31 -66.66 24.20 0.60
CA ASN L 31 -65.75 23.93 -0.50
C ASN L 31 -65.49 22.44 -0.60
N TYR L 32 -64.50 22.07 -1.42
CA TYR L 32 -64.22 20.67 -1.70
C TYR L 32 -63.83 19.91 -0.43
N VAL L 33 -62.86 20.45 0.31
CA VAL L 33 -62.34 19.77 1.50
C VAL L 33 -63.44 19.60 2.53
N GLU L 34 -64.22 20.66 2.77
CA GLU L 34 -65.25 20.62 3.80
C GLU L 34 -66.33 19.61 3.45
N ALA L 35 -66.74 19.55 2.18
CA ALA L 35 -67.76 18.59 1.77
C ALA L 35 -67.26 17.16 1.95
N VAL L 36 -66.03 16.89 1.50
CA VAL L 36 -65.48 15.54 1.63
C VAL L 36 -65.42 15.13 3.09
N ALA L 37 -64.91 16.02 3.94
CA ALA L 37 -64.76 15.70 5.36
C ALA L 37 -66.11 15.51 6.04
N LEU L 38 -67.10 16.33 5.69
CA LEU L 38 -68.41 16.21 6.30
C LEU L 38 -69.03 14.86 5.99
N ILE L 39 -68.96 14.44 4.72
CA ILE L 39 -69.49 13.12 4.36
C ILE L 39 -68.76 12.01 5.11
N SER L 40 -67.42 12.09 5.16
CA SER L 40 -66.65 11.03 5.81
C SER L 40 -66.96 10.92 7.30
N ALA L 41 -67.05 12.06 7.98
CA ALA L 41 -67.31 12.06 9.41
C ALA L 41 -68.71 11.54 9.72
N HIS L 42 -69.69 11.91 8.89
CA HIS L 42 -71.02 11.39 9.09
C HIS L 42 -71.06 9.88 8.96
N ILE L 43 -70.37 9.34 7.95
CA ILE L 43 -70.36 7.89 7.78
C ILE L 43 -69.70 7.22 8.97
N MET L 44 -68.59 7.76 9.45
CA MET L 44 -67.91 7.15 10.59
C MET L 44 -68.80 7.12 11.82
N GLU L 45 -69.48 8.23 12.11
CA GLU L 45 -70.35 8.26 13.28
C GLU L 45 -71.50 7.28 13.14
N GLU L 46 -72.10 7.20 11.94
CA GLU L 46 -73.19 6.26 11.75
C GLU L 46 -72.74 4.83 11.93
N ALA L 47 -71.56 4.48 11.43
CA ALA L 47 -71.06 3.13 11.62
C ALA L 47 -70.76 2.85 13.08
N ARG L 48 -70.29 3.85 13.83
CA ARG L 48 -70.08 3.65 15.26
C ARG L 48 -71.40 3.36 15.97
N ALA L 49 -72.47 4.05 15.58
CA ALA L 49 -73.76 3.82 16.21
C ALA L 49 -74.24 2.38 16.04
N GLY L 50 -73.86 1.73 14.95
CA GLY L 50 -74.13 0.32 14.76
C GLY L 50 -75.56 -0.03 14.40
N LYS L 51 -76.36 0.91 13.93
CA LYS L 51 -77.75 0.64 13.61
C LYS L 51 -78.02 0.53 12.12
N LYS L 52 -77.01 0.68 11.28
CA LYS L 52 -77.21 0.68 9.83
C LYS L 52 -76.14 -0.17 9.19
N THR L 53 -76.46 -0.72 8.03
CA THR L 53 -75.51 -1.53 7.27
C THR L 53 -74.71 -0.64 6.34
N ALA L 54 -73.62 -1.20 5.82
CA ALA L 54 -72.71 -0.43 4.97
C ALA L 54 -73.42 0.07 3.71
N ALA L 55 -74.29 -0.75 3.13
CA ALA L 55 -75.01 -0.34 1.93
C ALA L 55 -75.95 0.82 2.24
N GLU L 56 -76.63 0.77 3.38
CA GLU L 56 -77.44 1.90 3.82
C GLU L 56 -76.61 3.17 3.92
N LEU L 57 -75.38 3.07 4.41
CA LEU L 57 -74.54 4.24 4.52
C LEU L 57 -74.08 4.73 3.15
N MET L 58 -73.85 3.81 2.21
CA MET L 58 -73.50 4.23 0.86
C MET L 58 -74.64 5.04 0.24
N GLN L 59 -75.88 4.62 0.51
CA GLN L 59 -77.00 5.41 -0.01
C GLN L 59 -77.21 6.70 0.79
N GLU L 60 -76.91 6.69 2.09
CA GLU L 60 -77.19 7.84 2.93
C GLU L 60 -76.16 8.94 2.73
N GLY L 61 -74.95 8.59 2.32
CA GLY L 61 -73.94 9.61 2.09
C GLY L 61 -74.29 10.60 0.99
N ARG L 62 -75.28 10.27 0.17
CA ARG L 62 -75.67 11.10 -0.96
C ARG L 62 -76.76 12.10 -0.63
N THR L 63 -77.29 12.08 0.59
CA THR L 63 -78.35 12.99 1.00
C THR L 63 -77.88 14.02 2.02
N LEU L 64 -76.59 14.02 2.37
CA LEU L 64 -76.12 14.93 3.40
C LEU L 64 -76.06 16.36 2.89
N LEU L 65 -75.60 16.56 1.66
CA LEU L 65 -75.36 17.89 1.12
C LEU L 65 -76.23 18.10 -0.11
N LYS L 66 -77.11 19.08 -0.05
CA LYS L 66 -77.83 19.53 -1.21
C LYS L 66 -76.92 20.37 -2.09
N PRO L 67 -77.24 20.50 -3.39
CA PRO L 67 -76.36 21.29 -4.27
C PRO L 67 -76.18 22.73 -3.81
N ASP L 68 -77.18 23.33 -3.17
CA ASP L 68 -77.06 24.70 -2.72
C ASP L 68 -76.16 24.85 -1.50
N ASP L 69 -75.75 23.76 -0.87
CA ASP L 69 -74.94 23.83 0.34
C ASP L 69 -73.45 23.97 0.07
N VAL L 70 -73.01 23.79 -1.18
CA VAL L 70 -71.60 23.80 -1.51
C VAL L 70 -71.35 24.92 -2.51
N MET L 71 -70.07 25.25 -2.67
CA MET L 71 -69.66 26.26 -3.62
C MET L 71 -69.83 25.75 -5.05
N ASP L 72 -69.94 26.70 -5.98
CA ASP L 72 -69.94 26.35 -7.39
C ASP L 72 -68.66 25.62 -7.75
N GLY L 73 -68.79 24.52 -8.48
CA GLY L 73 -67.67 23.70 -8.85
C GLY L 73 -67.40 22.53 -7.94
N VAL L 74 -67.95 22.52 -6.74
CA VAL L 74 -67.65 21.45 -5.78
C VAL L 74 -68.22 20.13 -6.24
N ALA L 75 -69.46 20.14 -6.71
CA ALA L 75 -70.15 18.88 -7.02
C ALA L 75 -69.42 18.11 -8.11
N SER L 76 -68.91 18.81 -9.13
CA SER L 76 -68.23 18.12 -10.21
C SER L 76 -66.85 17.63 -9.82
N MET L 77 -66.31 18.03 -8.68
CA MET L 77 -64.99 17.58 -8.26
C MET L 77 -65.05 16.37 -7.35
N ILE L 78 -66.18 16.08 -6.76
CA ILE L 78 -66.31 14.96 -5.82
C ILE L 78 -67.02 13.85 -6.58
N HIS L 79 -66.23 12.97 -7.18
CA HIS L 79 -66.79 11.79 -7.85
C HIS L 79 -67.22 10.75 -6.84
N GLU L 80 -66.40 10.50 -5.82
CA GLU L 80 -66.65 9.42 -4.87
C GLU L 80 -65.90 9.69 -3.59
N VAL L 81 -66.59 9.54 -2.46
CA VAL L 81 -65.98 9.61 -1.15
C VAL L 81 -65.91 8.20 -0.60
N GLY L 82 -64.70 7.71 -0.37
CA GLY L 82 -64.50 6.45 0.32
C GLY L 82 -64.04 6.69 1.75
N ILE L 83 -64.55 5.89 2.66
CA ILE L 83 -64.16 5.98 4.06
C ILE L 83 -64.29 4.59 4.68
N GLU L 84 -63.27 4.18 5.42
CA GLU L 84 -63.29 2.92 6.14
C GLU L 84 -63.78 3.16 7.55
N ALA L 85 -64.82 2.46 7.95
CA ALA L 85 -65.43 2.63 9.25
C ALA L 85 -65.56 1.27 9.93
N MET L 86 -65.59 1.30 11.25
CA MET L 86 -65.68 0.07 12.03
C MET L 86 -67.12 -0.13 12.47
N PHE L 87 -67.74 -1.17 11.95
CA PHE L 87 -69.10 -1.56 12.28
C PHE L 87 -69.02 -2.58 13.42
N PRO L 88 -70.14 -3.04 13.97
CA PRO L 88 -70.06 -4.11 14.97
C PRO L 88 -69.42 -5.39 14.43
N ASP L 89 -69.47 -5.61 13.13
CA ASP L 89 -68.87 -6.78 12.50
C ASP L 89 -67.51 -6.49 11.89
N GLY L 90 -66.88 -5.38 12.25
CA GLY L 90 -65.53 -5.11 11.84
C GLY L 90 -65.42 -3.94 10.88
N THR L 91 -64.24 -3.81 10.30
CA THR L 91 -63.94 -2.69 9.41
C THR L 91 -64.43 -2.98 8.00
N LYS L 92 -65.23 -2.05 7.45
CA LYS L 92 -65.73 -2.16 6.10
C LYS L 92 -65.49 -0.84 5.39
N LEU L 93 -65.28 -0.92 4.08
CA LEU L 93 -65.13 0.26 3.25
C LEU L 93 -66.49 0.72 2.74
N VAL L 94 -66.83 1.98 2.99
CA VAL L 94 -68.04 2.59 2.49
C VAL L 94 -67.64 3.66 1.49
N THR L 95 -68.14 3.54 0.26
CA THR L 95 -67.89 4.53 -0.76
C THR L 95 -69.22 5.15 -1.20
N VAL L 96 -69.26 6.47 -1.21
CA VAL L 96 -70.42 7.21 -1.67
C VAL L 96 -70.11 7.74 -3.06
N HIS L 97 -70.94 7.40 -4.04
CA HIS L 97 -70.71 7.78 -5.42
C HIS L 97 -71.53 9.02 -5.76
N THR L 98 -70.87 10.03 -6.32
CA THR L 98 -71.46 11.30 -6.70
C THR L 98 -72.40 11.81 -5.60
N PRO L 99 -71.87 12.09 -4.41
CA PRO L 99 -72.74 12.47 -3.30
C PRO L 99 -73.55 13.72 -3.55
N ILE L 100 -73.00 14.67 -4.29
CA ILE L 100 -73.64 15.96 -4.50
C ILE L 100 -73.94 16.12 -5.99
N GLU L 101 -75.08 16.74 -6.29
CA GLU L 101 -75.46 17.01 -7.67
C GLU L 101 -75.03 18.40 -8.08
N ALA L 102 -74.66 18.53 -9.36
CA ALA L 102 -74.19 19.79 -9.89
C ALA L 102 -75.35 20.75 -10.12
N ASN L 103 -75.16 22.01 -9.74
CA ASN L 103 -76.17 23.03 -9.95
C ASN L 103 -75.67 24.29 -10.64
N GLY L 104 -74.37 24.55 -10.62
CA GLY L 104 -73.80 25.70 -11.27
C GLY L 104 -73.21 25.37 -12.64
N LYS L 105 -72.35 26.26 -13.12
CA LYS L 105 -71.68 26.08 -14.40
C LYS L 105 -70.19 25.85 -14.29
N LEU L 106 -69.60 26.08 -13.11
CA LEU L 106 -68.16 25.97 -12.96
C LEU L 106 -67.75 24.50 -12.92
N VAL L 107 -66.91 24.11 -13.87
CA VAL L 107 -66.35 22.77 -13.86
C VAL L 107 -64.83 22.88 -13.89
N PRO L 108 -64.15 22.69 -12.77
CA PRO L 108 -62.68 22.63 -12.81
C PRO L 108 -62.20 21.48 -13.68
N GLY L 109 -61.16 21.75 -14.46
CA GLY L 109 -60.62 20.72 -15.34
C GLY L 109 -61.52 20.34 -16.49
N GLU L 110 -62.48 21.18 -16.82
CA GLU L 110 -63.47 20.86 -17.85
C GLU L 110 -62.79 20.54 -19.18
N LEU L 111 -63.29 19.51 -19.84
CA LEU L 111 -62.74 19.06 -21.10
C LEU L 111 -63.58 19.56 -22.26
N PHE L 112 -62.94 20.25 -23.20
CA PHE L 112 -63.58 20.75 -24.41
C PHE L 112 -63.08 19.90 -25.56
N LEU L 113 -63.91 19.01 -26.06
CA LEU L 113 -63.49 18.01 -27.03
C LEU L 113 -63.96 18.37 -28.43
N LYS L 114 -63.13 18.06 -29.42
CA LYS L 114 -63.59 18.03 -30.79
C LYS L 114 -64.63 16.93 -30.96
N ASN L 115 -65.58 17.16 -31.86
CA ASN L 115 -66.64 16.19 -32.08
C ASN L 115 -66.28 15.15 -33.13
N GLU L 116 -65.05 15.13 -33.61
CA GLU L 116 -64.61 14.14 -34.58
C GLU L 116 -64.22 12.84 -33.88
N ASP L 117 -64.53 11.72 -34.53
CA ASP L 117 -64.19 10.42 -34.00
C ASP L 117 -62.72 10.10 -34.23
N ILE L 118 -62.21 9.17 -33.44
CA ILE L 118 -60.84 8.69 -33.57
C ILE L 118 -60.86 7.38 -34.35
N THR L 119 -59.98 7.26 -35.33
CA THR L 119 -59.84 6.05 -36.11
C THR L 119 -58.64 5.28 -35.60
N ILE L 120 -58.89 4.15 -34.98
CA ILE L 120 -57.82 3.34 -34.40
C ILE L 120 -57.46 2.23 -35.38
N ASN L 121 -56.21 1.79 -35.30
CA ASN L 121 -55.68 0.70 -36.14
C ASN L 121 -55.87 1.03 -37.62
N GLU L 122 -55.62 2.28 -37.98
CA GLU L 122 -55.79 2.71 -39.36
C GLU L 122 -54.80 1.98 -40.27
N GLY L 123 -55.27 1.59 -41.44
CA GLY L 123 -54.48 0.82 -42.37
C GLY L 123 -54.45 -0.67 -42.13
N LYS L 124 -55.15 -1.16 -41.10
CA LYS L 124 -55.22 -2.57 -40.78
C LYS L 124 -56.55 -3.12 -41.24
N LYS L 125 -56.51 -4.14 -42.10
CA LYS L 125 -57.73 -4.81 -42.55
C LYS L 125 -58.19 -5.80 -41.50
N ALA L 126 -59.49 -5.79 -41.22
CA ALA L 126 -60.07 -6.65 -40.19
C ALA L 126 -60.81 -7.80 -40.84
N VAL L 127 -60.53 -9.01 -40.37
CA VAL L 127 -61.29 -10.19 -40.75
C VAL L 127 -62.28 -10.48 -39.63
N SER L 128 -63.29 -11.29 -39.93
CA SER L 128 -64.33 -11.63 -38.97
C SER L 128 -64.30 -13.14 -38.73
N VAL L 129 -64.26 -13.53 -37.47
CA VAL L 129 -64.20 -14.93 -37.07
C VAL L 129 -65.30 -15.18 -36.06
N LYS L 130 -66.01 -16.30 -36.22
CA LYS L 130 -67.06 -16.70 -35.29
C LYS L 130 -66.48 -17.58 -34.20
N VAL L 131 -66.75 -17.22 -32.95
CA VAL L 131 -66.16 -17.88 -31.79
C VAL L 131 -67.28 -18.34 -30.86
N LYS L 132 -67.14 -19.55 -30.33
CA LYS L 132 -68.09 -20.10 -29.37
C LYS L 132 -67.33 -20.62 -28.15
N ASN L 133 -67.88 -20.35 -26.97
CA ASN L 133 -67.30 -20.83 -25.72
C ASN L 133 -68.00 -22.13 -25.35
N VAL L 134 -67.33 -23.27 -25.59
CA VAL L 134 -67.90 -24.57 -25.26
C VAL L 134 -67.59 -24.98 -23.82
N GLY L 135 -66.82 -24.19 -23.09
CA GLY L 135 -66.58 -24.45 -21.69
C GLY L 135 -67.69 -23.92 -20.81
N ASP L 136 -67.57 -24.24 -19.52
CA ASP L 136 -68.56 -23.87 -18.53
C ASP L 136 -68.16 -22.65 -17.72
N ARG L 137 -67.12 -21.94 -18.13
CA ARG L 137 -66.62 -20.79 -17.39
C ARG L 137 -66.47 -19.61 -18.32
N PRO L 138 -66.67 -18.40 -17.82
CA PRO L 138 -66.52 -17.21 -18.67
C PRO L 138 -65.08 -16.98 -19.09
N VAL L 139 -64.90 -16.44 -20.29
CA VAL L 139 -63.60 -16.14 -20.84
C VAL L 139 -63.61 -14.70 -21.36
N GLN L 140 -62.60 -13.92 -21.00
CA GLN L 140 -62.48 -12.54 -21.43
C GLN L 140 -61.12 -12.32 -22.05
N ILE L 141 -61.09 -11.68 -23.22
CA ILE L 141 -59.89 -11.55 -24.04
C ILE L 141 -59.61 -10.08 -24.28
N GLY L 142 -58.37 -9.65 -24.03
CA GLY L 142 -57.98 -8.28 -24.21
C GLY L 142 -57.59 -7.92 -25.63
N SER L 143 -57.35 -6.63 -25.84
CA SER L 143 -57.17 -6.10 -27.18
C SER L 143 -55.87 -6.55 -27.83
N HIS L 144 -54.82 -6.82 -27.06
CA HIS L 144 -53.52 -7.14 -27.61
C HIS L 144 -53.08 -8.57 -27.34
N PHE L 145 -53.99 -9.44 -26.91
CA PHE L 145 -53.67 -10.85 -26.78
C PHE L 145 -53.59 -11.49 -28.16
N HIS L 146 -52.62 -12.36 -28.36
CA HIS L 146 -52.52 -13.13 -29.59
C HIS L 146 -53.69 -14.10 -29.65
N PHE L 147 -54.69 -13.79 -30.50
CA PHE L 147 -55.96 -14.50 -30.44
C PHE L 147 -55.83 -15.97 -30.83
N PHE L 148 -54.75 -16.34 -31.50
CA PHE L 148 -54.51 -17.74 -31.82
C PHE L 148 -54.35 -18.59 -30.57
N GLU L 149 -53.91 -17.99 -29.46
CA GLU L 149 -53.52 -18.72 -28.27
C GLU L 149 -54.48 -18.51 -27.10
N VAL L 150 -55.74 -18.16 -27.37
CA VAL L 150 -56.72 -17.98 -26.31
C VAL L 150 -57.06 -19.31 -25.67
N ASN L 151 -57.79 -19.27 -24.57
CA ASN L 151 -58.26 -20.45 -23.85
C ASN L 151 -58.68 -21.56 -24.80
N ARG L 152 -58.16 -22.77 -24.56
CA ARG L 152 -58.40 -23.89 -25.44
C ARG L 152 -59.87 -24.28 -25.47
N CYS L 153 -60.67 -23.82 -24.51
CA CYS L 153 -62.09 -24.11 -24.51
C CYS L 153 -62.87 -23.30 -25.54
N LEU L 154 -62.31 -22.19 -26.02
CA LEU L 154 -62.96 -21.44 -27.10
C LEU L 154 -62.77 -22.18 -28.41
N ASP L 155 -63.82 -22.29 -29.20
CA ASP L 155 -63.78 -23.01 -30.47
C ASP L 155 -64.03 -22.05 -31.62
N PHE L 156 -63.09 -22.03 -32.56
CA PHE L 156 -63.14 -21.16 -33.73
C PHE L 156 -62.05 -21.62 -34.68
N ASP L 157 -62.10 -21.12 -35.91
CA ASP L 157 -61.14 -21.51 -36.92
C ASP L 157 -59.78 -20.88 -36.63
N ARG L 158 -58.97 -21.57 -35.84
CA ARG L 158 -57.74 -20.98 -35.32
C ARG L 158 -56.77 -20.60 -36.43
N GLU L 159 -56.78 -21.34 -37.54
CA GLU L 159 -55.84 -21.09 -38.62
C GLU L 159 -55.97 -19.66 -39.14
N LYS L 160 -57.19 -19.15 -39.22
CA LYS L 160 -57.42 -17.80 -39.73
C LYS L 160 -57.02 -16.71 -38.74
N THR L 161 -56.70 -17.06 -37.50
CA THR L 161 -56.44 -16.07 -36.46
C THR L 161 -54.97 -15.98 -36.09
N PHE L 162 -54.09 -16.66 -36.81
CA PHE L 162 -52.67 -16.67 -36.47
C PHE L 162 -52.03 -15.32 -36.75
N GLY L 163 -51.26 -14.83 -35.80
CA GLY L 163 -50.65 -13.52 -35.92
C GLY L 163 -51.61 -12.36 -35.82
N LYS L 164 -52.75 -12.53 -35.17
CA LYS L 164 -53.78 -11.50 -35.14
C LYS L 164 -54.20 -11.21 -33.70
N ARG L 165 -54.82 -10.05 -33.53
CA ARG L 165 -55.38 -9.62 -32.27
C ARG L 165 -56.73 -8.97 -32.53
N LEU L 166 -57.45 -8.65 -31.46
CA LEU L 166 -58.77 -8.07 -31.59
C LEU L 166 -58.69 -6.62 -32.06
N ASP L 167 -59.53 -6.28 -33.04
CA ASP L 167 -59.58 -4.91 -33.58
C ASP L 167 -60.56 -4.08 -32.77
N ILE L 168 -60.18 -3.85 -31.51
CA ILE L 168 -60.97 -3.08 -30.56
C ILE L 168 -60.06 -2.04 -29.93
N ALA L 169 -60.66 -1.16 -29.13
CA ALA L 169 -59.90 -0.12 -28.47
C ALA L 169 -58.87 -0.71 -27.51
N SER L 170 -57.68 -0.12 -27.51
CA SER L 170 -56.59 -0.60 -26.69
C SER L 170 -56.98 -0.61 -25.22
N GLY L 171 -56.76 -1.74 -24.56
CA GLY L 171 -57.12 -1.89 -23.17
C GLY L 171 -58.55 -2.29 -22.89
N THR L 172 -59.36 -2.51 -23.92
CA THR L 172 -60.70 -3.03 -23.75
C THR L 172 -60.67 -4.54 -23.95
N ALA L 173 -61.83 -5.18 -23.80
CA ALA L 173 -61.88 -6.63 -23.85
C ALA L 173 -63.21 -7.10 -24.42
N VAL L 174 -63.22 -8.34 -24.88
CA VAL L 174 -64.41 -9.02 -25.35
C VAL L 174 -64.68 -10.19 -24.42
N ARG L 175 -65.92 -10.30 -23.95
CA ARG L 175 -66.31 -11.36 -23.02
C ARG L 175 -67.04 -12.47 -23.76
N PHE L 176 -66.83 -13.70 -23.31
CA PHE L 176 -67.50 -14.88 -23.85
C PHE L 176 -68.10 -15.65 -22.69
N GLU L 177 -69.42 -15.55 -22.54
CA GLU L 177 -70.12 -16.32 -21.54
C GLU L 177 -70.12 -17.80 -21.90
N PRO L 178 -70.24 -18.68 -20.91
CA PRO L 178 -70.32 -20.10 -21.22
C PRO L 178 -71.47 -20.40 -22.18
N GLY L 179 -71.13 -21.03 -23.29
CA GLY L 179 -72.10 -21.32 -24.33
C GLY L 179 -72.36 -20.18 -25.28
N GLU L 180 -71.75 -19.02 -25.06
CA GLU L 180 -72.01 -17.85 -25.91
C GLU L 180 -71.29 -17.98 -27.24
N GLU L 181 -71.93 -17.50 -28.29
CA GLU L 181 -71.38 -17.54 -29.63
C GLU L 181 -71.52 -16.17 -30.26
N LYS L 182 -70.42 -15.62 -30.75
CA LYS L 182 -70.43 -14.31 -31.38
C LYS L 182 -69.23 -14.20 -32.30
N SER L 183 -69.28 -13.23 -33.20
CA SER L 183 -68.22 -12.98 -34.15
C SER L 183 -67.41 -11.76 -33.72
N VAL L 184 -66.11 -11.81 -33.99
CA VAL L 184 -65.21 -10.74 -33.61
C VAL L 184 -64.34 -10.36 -34.79
N GLU L 185 -63.77 -9.17 -34.72
CA GLU L 185 -62.89 -8.65 -35.76
C GLU L 185 -61.43 -8.80 -35.32
N LEU L 186 -60.58 -9.27 -36.23
CA LEU L 186 -59.18 -9.47 -35.93
C LEU L 186 -58.33 -8.73 -36.96
N ILE L 187 -57.34 -7.99 -36.46
CA ILE L 187 -56.36 -7.32 -37.31
C ILE L 187 -55.01 -7.99 -37.10
N ASP L 188 -54.11 -7.77 -38.05
CA ASP L 188 -52.75 -8.28 -37.93
C ASP L 188 -52.01 -7.57 -36.80
N ILE L 189 -51.18 -8.35 -36.08
CA ILE L 189 -50.29 -7.77 -35.09
C ILE L 189 -49.20 -6.98 -35.80
N GLY L 190 -48.85 -5.82 -35.24
CA GLY L 190 -47.91 -4.92 -35.84
C GLY L 190 -46.49 -5.12 -35.37
N GLY L 191 -45.65 -4.11 -35.65
CA GLY L 191 -44.28 -4.14 -35.22
C GLY L 191 -43.47 -5.22 -35.92
N ASN L 192 -42.60 -5.87 -35.16
CA ASN L 192 -41.75 -6.93 -35.68
C ASN L 192 -42.47 -8.27 -35.77
N ARG L 193 -43.70 -8.36 -35.27
CA ARG L 193 -44.48 -9.59 -35.27
C ARG L 193 -43.70 -10.74 -34.63
N ARG L 194 -43.08 -10.45 -33.51
CA ARG L 194 -42.33 -11.43 -32.72
C ARG L 194 -43.18 -11.80 -31.51
N ILE L 195 -43.77 -12.99 -31.54
CA ILE L 195 -44.77 -13.40 -30.57
C ILE L 195 -44.10 -14.32 -29.56
N PHE L 196 -43.98 -13.84 -28.32
CA PHE L 196 -43.36 -14.61 -27.24
C PHE L 196 -44.32 -14.68 -26.07
N GLY L 197 -44.45 -15.87 -25.49
CA GLY L 197 -45.40 -16.11 -24.43
C GLY L 197 -46.77 -16.56 -24.91
N PHE L 198 -47.77 -16.21 -24.11
CA PHE L 198 -49.22 -16.34 -24.29
C PHE L 198 -49.77 -17.76 -24.21
N ASN L 199 -49.04 -18.75 -24.71
CA ASN L 199 -49.26 -20.16 -24.38
C ASN L 199 -48.01 -20.94 -24.72
N ALA L 200 -46.97 -20.24 -25.15
CA ALA L 200 -45.76 -20.83 -25.72
C ALA L 200 -46.08 -21.64 -26.98
N LEU L 201 -47.05 -21.17 -27.76
CA LEU L 201 -47.39 -21.84 -29.01
C LEU L 201 -46.54 -21.37 -30.18
N VAL L 202 -46.02 -20.14 -30.13
CA VAL L 202 -45.18 -19.64 -31.21
C VAL L 202 -43.75 -19.44 -30.71
N ASP L 203 -43.58 -18.49 -29.80
CA ASP L 203 -42.28 -18.15 -29.21
C ASP L 203 -41.20 -17.95 -30.26
N ARG L 204 -41.56 -17.28 -31.35
CA ARG L 204 -40.62 -16.99 -32.43
C ARG L 204 -41.26 -15.97 -33.36
N GLN L 205 -40.59 -15.70 -34.47
CA GLN L 205 -41.14 -14.85 -35.53
C GLN L 205 -42.42 -15.47 -36.09
N ALA L 206 -43.42 -14.63 -36.30
CA ALA L 206 -44.69 -15.05 -36.87
C ALA L 206 -44.60 -15.00 -38.39
N ASP L 207 -44.85 -16.14 -39.03
CA ASP L 207 -44.88 -16.23 -40.49
C ASP L 207 -45.52 -17.57 -40.84
N ASN L 208 -45.58 -17.84 -42.15
CA ASN L 208 -46.24 -19.05 -42.63
C ASN L 208 -45.52 -20.31 -42.16
N GLU L 209 -44.18 -20.27 -42.13
CA GLU L 209 -43.43 -21.43 -41.67
C GLU L 209 -43.71 -21.73 -40.21
N SER L 210 -43.80 -20.69 -39.37
CA SER L 210 -44.06 -20.91 -37.96
C SER L 210 -45.53 -21.16 -37.67
N LYS L 211 -46.42 -20.82 -38.60
CA LYS L 211 -47.83 -21.12 -38.41
C LYS L 211 -48.09 -22.62 -38.40
N LYS L 212 -47.34 -23.38 -39.21
CA LYS L 212 -47.47 -24.83 -39.20
C LYS L 212 -47.04 -25.42 -37.86
N ILE L 213 -45.90 -24.95 -37.33
CA ILE L 213 -45.44 -25.42 -36.03
C ILE L 213 -46.47 -25.08 -34.95
N ALA L 214 -47.00 -23.86 -35.00
CA ALA L 214 -47.99 -23.44 -34.02
C ALA L 214 -49.26 -24.29 -34.11
N LEU L 215 -49.72 -24.57 -35.32
CA LEU L 215 -50.91 -25.40 -35.49
C LEU L 215 -50.70 -26.79 -34.95
N HIS L 216 -49.53 -27.38 -35.24
CA HIS L 216 -49.24 -28.71 -34.72
C HIS L 216 -49.17 -28.72 -33.20
N ARG L 217 -48.51 -27.73 -32.60
CA ARG L 217 -48.45 -27.64 -31.15
C ARG L 217 -49.82 -27.45 -30.54
N ALA L 218 -50.66 -26.63 -31.18
CA ALA L 218 -52.01 -26.39 -30.67
C ALA L 218 -52.84 -27.66 -30.72
N LYS L 219 -52.74 -28.42 -31.82
CA LYS L 219 -53.48 -29.66 -31.91
C LYS L 219 -53.02 -30.66 -30.86
N GLU L 220 -51.71 -30.77 -30.66
CA GLU L 220 -51.22 -31.70 -29.64
C GLU L 220 -51.69 -31.33 -28.25
N ARG L 221 -51.92 -30.06 -27.99
CA ARG L 221 -52.31 -29.58 -26.67
C ARG L 221 -53.81 -29.34 -26.55
N GLY L 222 -54.60 -29.82 -27.50
CA GLY L 222 -56.05 -29.78 -27.40
C GLY L 222 -56.69 -28.41 -27.44
N PHE L 223 -56.27 -27.54 -28.35
CA PHE L 223 -56.92 -26.26 -28.55
C PHE L 223 -58.01 -26.42 -29.60
N HIS L 224 -59.23 -26.07 -29.23
CA HIS L 224 -60.38 -26.35 -30.08
C HIS L 224 -60.32 -25.55 -31.37
N GLY L 225 -60.88 -26.12 -32.42
CA GLY L 225 -60.89 -25.47 -33.72
C GLY L 225 -59.57 -25.50 -34.45
N THR L 226 -58.61 -26.30 -33.97
CA THR L 226 -57.31 -26.40 -34.60
C THR L 226 -57.32 -27.61 -35.54
N LYS L 227 -57.08 -27.36 -36.82
CA LYS L 227 -57.04 -28.41 -37.84
C LYS L 227 -55.69 -28.33 -38.54
N SER L 228 -54.70 -29.00 -37.97
CA SER L 228 -53.38 -29.12 -38.61
C SER L 228 -53.28 -30.51 -39.22
N ASP L 229 -52.84 -30.55 -40.47
CA ASP L 229 -52.90 -31.80 -41.24
C ASP L 229 -52.04 -32.87 -40.61
N ASP L 230 -52.52 -34.11 -40.68
CA ASP L 230 -51.76 -35.25 -40.19
C ASP L 230 -50.54 -35.48 -41.06
N ASN L 231 -49.73 -36.47 -40.68
CA ASN L 231 -48.42 -36.68 -41.30
C ASN L 231 -47.58 -35.41 -41.23
N TYR L 232 -47.59 -34.80 -40.05
CA TYR L 232 -46.79 -33.59 -39.81
C TYR L 232 -45.31 -33.91 -39.91
N VAL L 233 -44.57 -33.02 -40.57
CA VAL L 233 -43.14 -33.17 -40.73
C VAL L 233 -42.45 -32.23 -39.76
N LYS L 234 -41.71 -32.80 -38.81
CA LYS L 234 -41.00 -31.99 -37.83
C LYS L 234 -39.80 -31.29 -38.47
N THR L 235 -39.43 -30.17 -37.88
CA THR L 235 -38.22 -29.45 -38.24
C THR L 235 -37.13 -29.78 -37.22
N ILE L 236 -35.92 -29.26 -37.48
CA ILE L 236 -34.80 -29.53 -36.60
C ILE L 236 -34.96 -28.83 -35.25
N LYS L 237 -35.76 -27.77 -35.16
CA LYS L 237 -35.97 -27.06 -33.90
C LYS L 237 -37.47 -26.86 -33.69
N GLU L 238 -38.03 -27.53 -32.71
CA GLU L 238 -39.45 -27.45 -32.42
C GLU L 238 -39.70 -27.18 -30.95
N MET M 1 16.09 -58.82 0.84
CA MET M 1 14.77 -59.40 1.05
C MET M 1 13.69 -58.57 0.38
N LYS M 2 13.86 -57.25 0.38
CA LYS M 2 12.91 -56.31 -0.17
C LYS M 2 11.51 -56.53 0.42
N LEU M 3 11.44 -56.53 1.74
CA LEU M 3 10.18 -56.72 2.43
C LEU M 3 9.25 -55.54 2.21
N THR M 4 7.98 -55.82 1.99
CA THR M 4 6.95 -54.80 1.88
C THR M 4 6.31 -54.56 3.23
N PRO M 5 5.53 -53.49 3.39
CA PRO M 5 4.77 -53.31 4.63
C PRO M 5 3.84 -54.47 4.94
N LYS M 6 3.26 -55.09 3.91
CA LYS M 6 2.41 -56.25 4.11
C LYS M 6 3.19 -57.40 4.72
N GLU M 7 4.43 -57.61 4.27
CA GLU M 7 5.22 -58.70 4.81
C GLU M 7 5.57 -58.47 6.27
N LEU M 8 5.85 -57.22 6.66
CA LEU M 8 6.11 -56.92 8.06
C LEU M 8 4.88 -57.15 8.92
N ASP M 9 3.71 -56.72 8.44
CA ASP M 9 2.48 -56.96 9.17
C ASP M 9 2.20 -58.44 9.35
N LYS M 10 2.39 -59.22 8.29
CA LYS M 10 2.14 -60.65 8.38
C LYS M 10 3.14 -61.35 9.27
N LEU M 11 4.40 -60.89 9.30
CA LEU M 11 5.37 -61.47 10.22
C LEU M 11 4.98 -61.21 11.67
N MET M 12 4.54 -59.99 11.97
CA MET M 12 4.03 -59.69 13.31
C MET M 12 2.85 -60.59 13.66
N LEU M 13 1.94 -60.79 12.70
CA LEU M 13 0.78 -61.64 12.95
C LEU M 13 1.20 -63.08 13.20
N HIS M 14 2.17 -63.58 12.43
CA HIS M 14 2.65 -64.94 12.63
C HIS M 14 3.21 -65.12 14.04
N TYR M 15 3.95 -64.14 14.52
CA TYR M 15 4.51 -64.34 15.85
C TYR M 15 3.50 -64.10 16.96
N ALA M 16 2.46 -63.29 16.72
CA ALA M 16 1.35 -63.25 17.67
C ALA M 16 0.67 -64.62 17.77
N GLY M 17 0.46 -65.26 16.62
CA GLY M 17 -0.08 -66.61 16.63
C GLY M 17 0.83 -67.62 17.28
N GLU M 18 2.14 -67.45 17.11
CA GLU M 18 3.10 -68.34 17.76
C GLU M 18 3.00 -68.20 19.28
N LEU M 19 2.90 -66.97 19.78
CA LEU M 19 2.71 -66.76 21.21
C LEU M 19 1.43 -67.41 21.69
N ALA M 20 0.35 -67.27 20.90
CA ALA M 20 -0.91 -67.90 21.26
C ALA M 20 -0.78 -69.42 21.36
N ARG M 21 -0.07 -70.02 20.40
CA ARG M 21 0.12 -71.47 20.41
C ARG M 21 0.96 -71.92 21.59
N LYS M 22 2.00 -71.15 21.92
CA LYS M 22 2.81 -71.48 23.11
C LYS M 22 1.96 -71.44 24.37
N ARG M 23 1.14 -70.39 24.52
CA ARG M 23 0.30 -70.29 25.70
C ARG M 23 -0.71 -71.43 25.76
N LYS M 24 -1.26 -71.80 24.60
CA LYS M 24 -2.18 -72.93 24.56
C LYS M 24 -1.49 -74.22 24.98
N GLU M 25 -0.21 -74.37 24.59
CA GLU M 25 0.55 -75.53 25.02
C GLU M 25 0.77 -75.53 26.53
N LYS M 26 0.99 -74.35 27.11
CA LYS M 26 1.17 -74.27 28.56
C LYS M 26 -0.10 -74.56 29.34
N GLY M 27 -1.26 -74.63 28.68
CA GLY M 27 -2.50 -74.88 29.37
C GLY M 27 -3.33 -73.66 29.70
N ILE M 28 -2.94 -72.49 29.22
CA ILE M 28 -3.71 -71.28 29.43
C ILE M 28 -4.89 -71.26 28.47
N LYS M 29 -6.06 -70.87 28.99
CA LYS M 29 -7.22 -70.69 28.13
C LYS M 29 -7.08 -69.38 27.37
N LEU M 30 -7.21 -69.44 26.05
CA LEU M 30 -6.92 -68.30 25.20
C LEU M 30 -8.02 -67.26 25.27
N ASN M 31 -7.63 -66.01 25.12
CA ASN M 31 -8.59 -64.92 25.03
C ASN M 31 -8.88 -64.60 23.57
N TYR M 32 -9.56 -63.48 23.34
CA TYR M 32 -10.03 -63.12 22.01
C TYR M 32 -8.86 -62.94 21.04
N VAL M 33 -7.88 -62.13 21.43
CA VAL M 33 -6.75 -61.82 20.57
C VAL M 33 -5.96 -63.09 20.23
N GLU M 34 -5.69 -63.91 21.24
CA GLU M 34 -4.89 -65.10 21.04
C GLU M 34 -5.60 -66.08 20.10
N ALA M 35 -6.90 -66.26 20.26
CA ALA M 35 -7.64 -67.17 19.40
C ALA M 35 -7.62 -66.67 17.95
N VAL M 36 -7.90 -65.38 17.75
CA VAL M 36 -7.89 -64.82 16.41
C VAL M 36 -6.53 -65.03 15.75
N ALA M 37 -5.47 -64.69 16.47
CA ALA M 37 -4.13 -64.79 15.91
C ALA M 37 -3.74 -66.23 15.62
N LEU M 38 -4.11 -67.16 16.49
CA LEU M 38 -3.77 -68.55 16.28
C LEU M 38 -4.42 -69.08 15.01
N ILE M 39 -5.71 -68.77 14.81
CA ILE M 39 -6.38 -69.20 13.58
C ILE M 39 -5.70 -68.59 12.35
N SER M 40 -5.39 -67.29 12.41
CA SER M 40 -4.81 -66.62 11.25
C SER M 40 -3.44 -67.18 10.89
N ALA M 41 -2.60 -67.42 11.90
CA ALA M 41 -1.27 -67.93 11.64
C ALA M 41 -1.31 -69.35 11.10
N HIS M 42 -2.23 -70.17 11.61
CA HIS M 42 -2.35 -71.52 11.08
C HIS M 42 -2.75 -71.48 9.60
N ILE M 43 -3.70 -70.61 9.25
CA ILE M 43 -4.11 -70.54 7.85
C ILE M 43 -2.94 -70.08 6.97
N MET M 44 -2.18 -69.09 7.43
CA MET M 44 -1.07 -68.61 6.61
C MET M 44 -0.03 -69.71 6.39
N GLU M 45 0.31 -70.45 7.44
CA GLU M 45 1.29 -71.51 7.27
C GLU M 45 0.78 -72.60 6.33
N GLU M 46 -0.49 -72.96 6.47
CA GLU M 46 -1.04 -74.00 5.59
C GLU M 46 -1.02 -73.55 4.13
N ALA M 47 -1.36 -72.29 3.87
CA ALA M 47 -1.31 -71.79 2.50
C ALA M 47 0.12 -71.75 1.97
N ARG M 48 1.09 -71.45 2.83
CA ARG M 48 2.48 -71.49 2.38
C ARG M 48 2.89 -72.90 1.99
N ALA M 49 2.43 -73.91 2.74
CA ALA M 49 2.78 -75.29 2.42
C ALA M 49 2.28 -75.69 1.03
N GLY M 50 1.17 -75.11 0.58
CA GLY M 50 0.71 -75.30 -0.78
C GLY M 50 0.05 -76.64 -1.06
N LYS M 51 -0.40 -77.37 -0.04
CA LYS M 51 -0.99 -78.67 -0.23
C LYS M 51 -2.50 -78.68 -0.10
N LYS M 52 -3.11 -77.54 0.20
CA LYS M 52 -4.54 -77.47 0.44
C LYS M 52 -5.14 -76.28 -0.30
N THR M 53 -6.41 -76.39 -0.65
CA THR M 53 -7.10 -75.30 -1.31
C THR M 53 -7.71 -74.36 -0.28
N ALA M 54 -8.13 -73.18 -0.76
CA ALA M 54 -8.65 -72.16 0.14
C ALA M 54 -9.92 -72.64 0.86
N ALA M 55 -10.78 -73.38 0.15
CA ALA M 55 -11.99 -73.89 0.78
C ALA M 55 -11.68 -74.90 1.87
N GLU M 56 -10.69 -75.76 1.63
CA GLU M 56 -10.21 -76.67 2.67
C GLU M 56 -9.77 -75.90 3.90
N LEU M 57 -9.08 -74.77 3.70
CA LEU M 57 -8.62 -73.99 4.84
C LEU M 57 -9.78 -73.30 5.55
N MET M 58 -10.80 -72.89 4.80
CA MET M 58 -11.99 -72.33 5.44
C MET M 58 -12.65 -73.34 6.34
N GLN M 59 -12.69 -74.60 5.91
CA GLN M 59 -13.25 -75.63 6.79
C GLN M 59 -12.30 -76.01 7.92
N GLU M 60 -10.99 -75.95 7.68
CA GLU M 60 -10.02 -76.39 8.68
C GLU M 60 -9.85 -75.38 9.79
N GLY M 61 -10.10 -74.10 9.51
CA GLY M 61 -9.96 -73.09 10.54
C GLY M 61 -10.92 -73.27 11.70
N ARG M 62 -11.96 -74.09 11.52
CA ARG M 62 -12.97 -74.29 12.54
C ARG M 62 -12.67 -75.45 13.48
N THR M 63 -11.60 -76.18 13.25
CA THR M 63 -11.24 -77.32 14.09
C THR M 63 -9.99 -77.06 14.93
N LEU M 64 -9.42 -75.86 14.85
CA LEU M 64 -8.18 -75.59 15.57
C LEU M 64 -8.42 -75.49 17.07
N LEU M 65 -9.50 -74.81 17.47
CA LEU M 65 -9.76 -74.52 18.87
C LEU M 65 -11.06 -75.15 19.29
N LYS M 66 -10.99 -76.06 20.25
CA LYS M 66 -12.18 -76.57 20.90
C LYS M 66 -12.73 -75.54 21.87
N PRO M 67 -14.01 -75.63 22.24
CA PRO M 67 -14.58 -74.63 23.15
C PRO M 67 -13.87 -74.55 24.49
N ASP M 68 -13.32 -75.67 24.97
CA ASP M 68 -12.63 -75.66 26.25
C ASP M 68 -11.25 -75.00 26.18
N ASP M 69 -10.76 -74.67 24.99
CA ASP M 69 -9.43 -74.09 24.85
C ASP M 69 -9.41 -72.59 25.03
N VAL M 70 -10.57 -71.94 25.06
CA VAL M 70 -10.64 -70.49 25.13
C VAL M 70 -11.36 -70.09 26.39
N MET M 71 -11.23 -68.81 26.73
CA MET M 71 -11.92 -68.26 27.89
C MET M 71 -13.41 -68.17 27.64
N ASP M 72 -14.17 -68.13 28.73
CA ASP M 72 -15.60 -67.88 28.62
C ASP M 72 -15.84 -66.54 27.96
N GLY M 73 -16.76 -66.51 27.00
CA GLY M 73 -17.07 -65.31 26.24
C GLY M 73 -16.33 -65.18 24.93
N VAL M 74 -15.26 -65.95 24.72
CA VAL M 74 -14.46 -65.78 23.51
C VAL M 74 -15.23 -66.24 22.28
N ALA M 75 -15.91 -67.38 22.38
CA ALA M 75 -16.55 -67.96 21.21
C ALA M 75 -17.61 -67.04 20.62
N SER M 76 -18.38 -66.38 21.48
CA SER M 76 -19.42 -65.49 20.98
C SER M 76 -18.88 -64.19 20.42
N MET M 77 -17.61 -63.88 20.62
CA MET M 77 -17.04 -62.64 20.10
C MET M 77 -16.38 -62.83 18.74
N ILE M 78 -16.05 -64.05 18.36
CA ILE M 78 -15.36 -64.31 17.11
C ILE M 78 -16.41 -64.85 16.14
N HIS M 79 -17.00 -63.94 15.37
CA HIS M 79 -17.94 -64.35 14.33
C HIS M 79 -17.22 -64.94 13.13
N GLU M 80 -16.13 -64.29 12.71
CA GLU M 80 -15.45 -64.69 11.48
C GLU M 80 -14.02 -64.18 11.53
N VAL M 81 -13.07 -65.06 11.19
CA VAL M 81 -11.67 -64.68 11.04
C VAL M 81 -11.37 -64.68 9.55
N GLY M 82 -11.02 -63.53 9.02
CA GLY M 82 -10.53 -63.42 7.66
C GLY M 82 -9.02 -63.22 7.66
N ILE M 83 -8.36 -63.87 6.71
CA ILE M 83 -6.92 -63.74 6.55
C ILE M 83 -6.58 -63.93 5.08
N GLU M 84 -5.74 -63.05 4.55
CA GLU M 84 -5.27 -63.18 3.18
C GLU M 84 -3.94 -63.91 3.18
N ALA M 85 -3.87 -65.00 2.43
CA ALA M 85 -2.69 -65.82 2.37
C ALA M 85 -2.28 -66.04 0.93
N MET M 86 -1.00 -66.30 0.72
CA MET M 86 -0.46 -66.50 -0.63
C MET M 86 -0.34 -67.99 -0.87
N PHE M 87 -1.12 -68.49 -1.81
CA PHE M 87 -1.11 -69.87 -2.25
C PHE M 87 -0.16 -69.97 -3.44
N PRO M 88 0.09 -71.17 -3.99
CA PRO M 88 0.88 -71.24 -5.22
C PRO M 88 0.27 -70.48 -6.38
N ASP M 89 -1.04 -70.29 -6.38
CA ASP M 89 -1.74 -69.57 -7.42
C ASP M 89 -2.04 -68.13 -7.04
N GLY M 90 -1.40 -67.60 -6.02
CA GLY M 90 -1.50 -66.19 -5.69
C GLY M 90 -2.22 -65.95 -4.38
N THR M 91 -2.55 -64.69 -4.15
CA THR M 91 -3.17 -64.27 -2.90
C THR M 91 -4.67 -64.49 -2.94
N LYS M 92 -5.19 -65.19 -1.94
CA LYS M 92 -6.61 -65.45 -1.80
C LYS M 92 -7.03 -65.12 -0.38
N LEU M 93 -8.27 -64.68 -0.24
CA LEU M 93 -8.84 -64.41 1.07
C LEU M 93 -9.51 -65.68 1.61
N VAL M 94 -9.11 -66.08 2.81
CA VAL M 94 -9.71 -67.20 3.51
C VAL M 94 -10.43 -66.64 4.73
N THR M 95 -11.72 -66.92 4.83
CA THR M 95 -12.51 -66.52 5.98
C THR M 95 -13.06 -67.76 6.67
N VAL M 96 -12.86 -67.83 7.98
CA VAL M 96 -13.39 -68.91 8.79
C VAL M 96 -14.59 -68.37 9.54
N HIS M 97 -15.74 -69.00 9.38
CA HIS M 97 -16.98 -68.55 10.00
C HIS M 97 -17.24 -69.33 11.28
N THR M 98 -17.49 -68.60 12.36
CA THR M 98 -17.76 -69.13 13.69
C THR M 98 -16.77 -70.27 14.02
N PRO M 99 -15.47 -69.96 14.08
CA PRO M 99 -14.49 -71.03 14.26
C PRO M 99 -14.66 -71.81 15.54
N ILE M 100 -15.13 -71.16 16.61
CA ILE M 100 -15.22 -71.78 17.92
C ILE M 100 -16.68 -71.82 18.33
N GLU M 101 -17.08 -72.89 19.00
CA GLU M 101 -18.43 -73.04 19.50
C GLU M 101 -18.53 -72.56 20.94
N ALA M 102 -19.67 -71.99 21.28
CA ALA M 102 -19.89 -71.46 22.62
C ALA M 102 -20.16 -72.59 23.60
N ASN M 103 -19.54 -72.50 24.78
CA ASN M 103 -19.75 -73.47 25.83
C ASN M 103 -20.12 -72.89 27.18
N GLY M 104 -19.83 -71.61 27.44
CA GLY M 104 -20.17 -70.96 28.68
C GLY M 104 -21.44 -70.14 28.57
N LYS M 105 -21.60 -69.22 29.53
CA LYS M 105 -22.75 -68.34 29.57
C LYS M 105 -22.41 -66.89 29.31
N LEU M 106 -21.13 -66.52 29.34
CA LEU M 106 -20.74 -65.13 29.19
C LEU M 106 -20.89 -64.69 27.73
N VAL M 107 -21.72 -63.68 27.49
CA VAL M 107 -21.85 -63.10 26.16
C VAL M 107 -21.59 -61.61 26.27
N PRO M 108 -20.40 -61.13 25.90
CA PRO M 108 -20.18 -59.68 25.83
C PRO M 108 -21.14 -59.03 24.84
N GLY M 109 -21.67 -57.87 25.23
CA GLY M 109 -22.59 -57.16 24.37
C GLY M 109 -23.93 -57.83 24.19
N GLU M 110 -24.29 -58.75 25.08
CA GLU M 110 -25.51 -59.52 24.96
C GLU M 110 -26.73 -58.61 24.87
N LEU M 111 -27.64 -58.96 23.97
CA LEU M 111 -28.84 -58.18 23.73
C LEU M 111 -30.02 -58.83 24.44
N PHE M 112 -30.71 -58.05 25.25
CA PHE M 112 -31.90 -58.47 25.96
C PHE M 112 -33.08 -57.74 25.32
N LEU M 113 -33.87 -58.47 24.55
CA LEU M 113 -34.90 -57.85 23.71
C LEU M 113 -36.27 -58.07 24.32
N LYS M 114 -37.13 -57.07 24.16
CA LYS M 114 -38.56 -57.28 24.38
C LYS M 114 -39.09 -58.25 23.34
N ASN M 115 -40.09 -59.02 23.72
CA ASN M 115 -40.67 -60.01 22.81
C ASN M 115 -41.79 -59.45 21.95
N GLU M 116 -42.04 -58.14 22.02
CA GLU M 116 -43.07 -57.52 21.20
C GLU M 116 -42.54 -57.23 19.79
N ASP M 117 -43.41 -57.40 18.81
CA ASP M 117 -43.06 -57.12 17.43
C ASP M 117 -43.08 -55.63 17.15
N ILE M 118 -42.38 -55.25 16.09
CA ILE M 118 -42.34 -53.86 15.63
C ILE M 118 -43.32 -53.71 14.48
N THR M 119 -44.13 -52.67 14.53
CA THR M 119 -45.08 -52.37 13.45
C THR M 119 -44.49 -51.25 12.60
N ILE M 120 -44.12 -51.58 11.38
CA ILE M 120 -43.52 -50.62 10.48
C ILE M 120 -44.59 -50.07 9.56
N ASN M 121 -44.36 -48.83 9.09
CA ASN M 121 -45.26 -48.15 8.16
C ASN M 121 -46.67 -48.07 8.73
N GLU M 122 -46.77 -47.79 10.03
CA GLU M 122 -48.06 -47.72 10.69
C GLU M 122 -48.89 -46.57 10.12
N GLY M 123 -50.17 -46.83 9.93
CA GLY M 123 -51.07 -45.87 9.33
C GLY M 123 -51.08 -45.85 7.82
N LYS M 124 -50.29 -46.70 7.18
CA LYS M 124 -50.23 -46.78 5.73
C LYS M 124 -51.01 -48.00 5.27
N LYS M 125 -52.00 -47.79 4.41
CA LYS M 125 -52.77 -48.89 3.85
C LYS M 125 -52.00 -49.51 2.69
N ALA M 126 -51.97 -50.84 2.66
CA ALA M 126 -51.22 -51.57 1.64
C ALA M 126 -52.18 -52.16 0.62
N VAL M 127 -51.88 -51.93 -0.65
CA VAL M 127 -52.57 -52.58 -1.74
C VAL M 127 -51.72 -53.75 -2.21
N SER M 128 -52.33 -54.68 -2.95
CA SER M 128 -51.64 -55.86 -3.45
C SER M 128 -51.66 -55.84 -4.97
N VAL M 129 -50.49 -56.01 -5.57
CA VAL M 129 -50.33 -55.99 -7.02
C VAL M 129 -49.60 -57.25 -7.44
N LYS M 130 -50.07 -57.89 -8.50
CA LYS M 130 -49.42 -59.08 -9.05
C LYS M 130 -48.40 -58.67 -10.10
N VAL M 131 -47.19 -59.18 -9.97
CA VAL M 131 -46.06 -58.79 -10.82
C VAL M 131 -45.44 -60.04 -11.42
N LYS M 132 -45.11 -59.97 -12.70
CA LYS M 132 -44.43 -61.05 -13.40
C LYS M 132 -43.21 -60.52 -14.12
N ASN M 133 -42.12 -61.27 -14.06
CA ASN M 133 -40.88 -60.91 -14.76
C ASN M 133 -40.88 -61.64 -16.09
N VAL M 134 -41.18 -60.92 -17.18
CA VAL M 134 -41.18 -61.50 -18.51
C VAL M 134 -39.80 -61.44 -19.16
N GLY M 135 -38.82 -60.83 -18.51
CA GLY M 135 -37.47 -60.83 -19.01
C GLY M 135 -36.71 -62.10 -18.64
N ASP M 136 -35.51 -62.20 -19.17
CA ASP M 136 -34.66 -63.36 -18.97
C ASP M 136 -33.58 -63.13 -17.90
N ARG M 137 -33.68 -62.06 -17.15
CA ARG M 137 -32.69 -61.73 -16.15
C ARG M 137 -33.36 -61.43 -14.81
N PRO M 138 -32.70 -61.75 -13.71
CA PRO M 138 -33.30 -61.49 -12.39
C PRO M 138 -33.41 -60.00 -12.11
N VAL M 139 -34.45 -59.63 -11.37
CA VAL M 139 -34.70 -58.24 -10.99
C VAL M 139 -34.97 -58.19 -9.49
N GLN M 140 -34.30 -57.29 -8.79
CA GLN M 140 -34.45 -57.13 -7.35
C GLN M 140 -34.79 -55.67 -7.04
N ILE M 141 -35.81 -55.46 -6.20
CA ILE M 141 -36.36 -54.14 -5.95
C ILE M 141 -36.30 -53.86 -4.46
N GLY M 142 -35.75 -52.69 -4.10
CA GLY M 142 -35.63 -52.31 -2.70
C GLY M 142 -36.89 -51.68 -2.12
N SER M 143 -36.82 -51.43 -0.82
CA SER M 143 -37.99 -51.03 -0.06
C SER M 143 -38.48 -49.63 -0.40
N HIS M 144 -37.58 -48.73 -0.81
CA HIS M 144 -37.94 -47.34 -1.03
C HIS M 144 -37.83 -46.94 -2.50
N PHE M 145 -37.72 -47.88 -3.42
CA PHE M 145 -37.79 -47.55 -4.83
C PHE M 145 -39.23 -47.22 -5.22
N HIS M 146 -39.38 -46.20 -6.07
CA HIS M 146 -40.69 -45.87 -6.62
C HIS M 146 -41.12 -46.99 -7.55
N PHE M 147 -42.06 -47.82 -7.09
CA PHE M 147 -42.37 -49.07 -7.79
C PHE M 147 -42.96 -48.84 -9.17
N PHE M 148 -43.49 -47.65 -9.43
CA PHE M 148 -43.99 -47.32 -10.76
C PHE M 148 -42.89 -47.37 -11.81
N GLU M 149 -41.64 -47.14 -11.41
CA GLU M 149 -40.54 -46.95 -12.34
C GLU M 149 -39.53 -48.11 -12.32
N VAL M 150 -39.97 -49.31 -11.93
CA VAL M 150 -39.08 -50.47 -11.91
C VAL M 150 -38.76 -50.88 -13.34
N ASN M 151 -37.81 -51.80 -13.48
CA ASN M 151 -37.39 -52.36 -14.76
C ASN M 151 -38.58 -52.57 -15.69
N ARG M 152 -38.46 -52.07 -16.92
CA ARG M 152 -39.55 -52.14 -17.88
C ARG M 152 -39.90 -53.57 -18.25
N CYS M 153 -39.04 -54.53 -17.94
CA CYS M 153 -39.34 -55.94 -18.22
C CYS M 153 -40.34 -56.53 -17.24
N LEU M 154 -40.52 -55.93 -16.07
CA LEU M 154 -41.55 -56.39 -15.15
C LEU M 154 -42.91 -55.94 -15.65
N ASP M 155 -43.88 -56.85 -15.62
CA ASP M 155 -45.23 -56.56 -16.11
C ASP M 155 -46.22 -56.62 -14.97
N PHE M 156 -46.97 -55.53 -14.80
CA PHE M 156 -47.96 -55.40 -13.74
C PHE M 156 -48.76 -54.15 -14.04
N ASP M 157 -49.88 -53.99 -13.33
CA ASP M 157 -50.76 -52.85 -13.55
C ASP M 157 -50.13 -51.59 -12.99
N ARG M 158 -49.33 -50.91 -13.82
CA ARG M 158 -48.50 -49.80 -13.32
C ARG M 158 -49.34 -48.66 -12.77
N GLU M 159 -50.55 -48.46 -13.31
CA GLU M 159 -51.39 -47.35 -12.87
C GLU M 159 -51.67 -47.42 -11.39
N LYS M 160 -51.87 -48.62 -10.86
CA LYS M 160 -52.18 -48.78 -9.44
C LYS M 160 -50.97 -48.59 -8.54
N THR M 161 -49.77 -48.49 -9.09
CA THR M 161 -48.55 -48.44 -8.31
C THR M 161 -47.92 -47.05 -8.29
N PHE M 162 -48.57 -46.05 -8.84
CA PHE M 162 -47.98 -44.72 -8.93
C PHE M 162 -47.92 -44.06 -7.56
N GLY M 163 -46.76 -43.49 -7.23
CA GLY M 163 -46.56 -42.90 -5.92
C GLY M 163 -46.44 -43.88 -4.79
N LYS M 164 -46.04 -45.12 -5.06
CA LYS M 164 -46.02 -46.17 -4.05
C LYS M 164 -44.66 -46.83 -4.00
N ARG M 165 -44.40 -47.51 -2.88
CA ARG M 165 -43.20 -48.29 -2.67
C ARG M 165 -43.59 -49.58 -1.97
N LEU M 166 -42.63 -50.49 -1.84
CA LEU M 166 -42.89 -51.78 -1.23
C LEU M 166 -43.08 -51.65 0.27
N ASP M 167 -44.12 -52.32 0.79
CA ASP M 167 -44.44 -52.30 2.22
C ASP M 167 -43.68 -53.43 2.91
N ILE M 168 -42.35 -53.28 2.92
CA ILE M 168 -41.44 -54.24 3.51
C ILE M 168 -40.49 -53.48 4.43
N ALA M 169 -39.67 -54.24 5.16
CA ALA M 169 -38.71 -53.64 6.07
C ALA M 169 -37.71 -52.78 5.31
N SER M 170 -37.39 -51.63 5.90
CA SER M 170 -36.48 -50.68 5.26
C SER M 170 -35.13 -51.33 5.01
N GLY M 171 -34.64 -51.20 3.78
CA GLY M 171 -33.38 -51.80 3.40
C GLY M 171 -33.44 -53.25 2.97
N THR M 172 -34.62 -53.85 2.94
CA THR M 172 -34.79 -55.18 2.40
C THR M 172 -35.22 -55.09 0.94
N ALA M 173 -35.39 -56.24 0.30
CA ALA M 173 -35.69 -56.24 -1.12
C ALA M 173 -36.56 -57.45 -1.47
N VAL M 174 -37.23 -57.35 -2.62
CA VAL M 174 -38.01 -58.42 -3.20
C VAL M 174 -37.36 -58.83 -4.51
N ARG M 175 -37.14 -60.12 -4.69
CA ARG M 175 -36.50 -60.63 -5.89
C ARG M 175 -37.53 -61.20 -6.85
N PHE M 176 -37.25 -61.05 -8.14
CA PHE M 176 -38.10 -61.57 -9.21
C PHE M 176 -37.22 -62.37 -10.16
N GLU M 177 -37.29 -63.69 -10.08
CA GLU M 177 -36.56 -64.54 -11.00
C GLU M 177 -37.17 -64.44 -12.39
N PRO M 178 -36.39 -64.71 -13.43
CA PRO M 178 -36.94 -64.70 -14.79
C PRO M 178 -38.12 -65.65 -14.90
N GLY M 179 -39.25 -65.11 -15.34
CA GLY M 179 -40.47 -65.87 -15.43
C GLY M 179 -41.26 -65.97 -14.14
N GLU M 180 -40.74 -65.46 -13.04
CA GLU M 180 -41.40 -65.59 -11.75
C GLU M 180 -42.58 -64.63 -11.66
N GLU M 181 -43.64 -65.10 -11.00
CA GLU M 181 -44.85 -64.32 -10.81
C GLU M 181 -45.25 -64.38 -9.35
N LYS M 182 -45.44 -63.21 -8.73
CA LYS M 182 -45.83 -63.15 -7.33
C LYS M 182 -46.49 -61.81 -7.09
N SER M 183 -47.20 -61.73 -5.97
CA SER M 183 -47.89 -60.51 -5.57
C SER M 183 -47.12 -59.82 -4.45
N VAL M 184 -47.16 -58.50 -4.46
CA VAL M 184 -46.45 -57.69 -3.48
C VAL M 184 -47.39 -56.65 -2.90
N GLU M 185 -47.00 -56.11 -1.75
CA GLU M 185 -47.77 -55.08 -1.08
C GLU M 185 -47.11 -53.73 -1.30
N LEU M 186 -47.90 -52.72 -1.62
CA LEU M 186 -47.40 -51.38 -1.87
C LEU M 186 -48.11 -50.38 -0.97
N ILE M 187 -47.35 -49.51 -0.35
CA ILE M 187 -47.88 -48.42 0.46
C ILE M 187 -47.54 -47.11 -0.25
N ASP M 188 -48.27 -46.06 0.13
CA ASP M 188 -47.99 -44.73 -0.40
C ASP M 188 -46.64 -44.22 0.09
N ILE M 189 -45.94 -43.52 -0.79
CA ILE M 189 -44.72 -42.83 -0.40
C ILE M 189 -45.07 -41.65 0.50
N GLY M 190 -44.27 -41.43 1.53
CA GLY M 190 -44.53 -40.42 2.53
C GLY M 190 -43.87 -39.09 2.24
N GLY M 191 -43.81 -38.25 3.26
CA GLY M 191 -43.15 -36.97 3.14
C GLY M 191 -43.87 -36.03 2.19
N ASN M 192 -43.09 -35.29 1.43
CA ASN M 192 -43.62 -34.34 0.46
C ASN M 192 -44.05 -34.99 -0.84
N ARG M 193 -43.81 -36.29 -1.00
CA ARG M 193 -44.16 -37.03 -2.22
C ARG M 193 -43.60 -36.35 -3.46
N ARG M 194 -42.35 -35.94 -3.37
CA ARG M 194 -41.62 -35.33 -4.47
C ARG M 194 -40.66 -36.37 -5.03
N ILE M 195 -41.00 -36.92 -6.21
CA ILE M 195 -40.30 -38.06 -6.77
C ILE M 195 -39.36 -37.56 -7.84
N PHE M 196 -38.06 -37.67 -7.59
CA PHE M 196 -37.03 -37.24 -8.53
C PHE M 196 -36.08 -38.39 -8.80
N GLY M 197 -35.74 -38.59 -10.07
CA GLY M 197 -34.92 -39.71 -10.48
C GLY M 197 -35.71 -40.96 -10.82
N PHE M 198 -35.04 -42.09 -10.61
CA PHE M 198 -35.51 -43.48 -10.71
C PHE M 198 -35.77 -44.01 -12.12
N ASN M 199 -36.29 -43.18 -13.01
CA ASN M 199 -36.25 -43.42 -14.44
C ASN M 199 -36.48 -42.11 -15.17
N ALA M 200 -36.60 -41.02 -14.41
CA ALA M 200 -37.04 -39.72 -14.91
C ALA M 200 -38.46 -39.79 -15.49
N LEU M 201 -39.30 -40.62 -14.88
CA LEU M 201 -40.69 -40.72 -15.31
C LEU M 201 -41.59 -39.69 -14.67
N VAL M 202 -41.25 -39.21 -13.47
CA VAL M 202 -42.05 -38.21 -12.80
C VAL M 202 -41.27 -36.90 -12.71
N ASP M 203 -40.21 -36.92 -11.91
CA ASP M 203 -39.34 -35.74 -11.69
C ASP M 203 -40.14 -34.50 -11.32
N ARG M 204 -41.14 -34.67 -10.47
CA ARG M 204 -41.96 -33.56 -10.01
C ARG M 204 -42.82 -34.06 -8.85
N GLN M 205 -43.73 -33.21 -8.39
CA GLN M 205 -44.71 -33.58 -7.38
C GLN M 205 -45.58 -34.72 -7.87
N ALA M 206 -45.81 -35.70 -7.00
CA ALA M 206 -46.67 -36.83 -7.32
C ALA M 206 -48.13 -36.47 -7.01
N ASP M 207 -48.98 -36.57 -8.02
CA ASP M 207 -50.41 -36.35 -7.86
C ASP M 207 -51.10 -36.88 -9.11
N ASN M 208 -52.42 -36.71 -9.15
CA ASN M 208 -53.21 -37.24 -10.26
C ASN M 208 -52.84 -36.58 -11.59
N GLU M 209 -52.57 -35.27 -11.56
CA GLU M 209 -52.19 -34.59 -12.80
C GLU M 209 -50.86 -35.11 -13.32
N SER M 210 -49.89 -35.37 -12.44
CA SER M 210 -48.61 -35.88 -12.90
C SER M 210 -48.63 -37.37 -13.18
N LYS M 211 -49.64 -38.09 -12.69
CA LYS M 211 -49.75 -39.51 -13.00
C LYS M 211 -50.04 -39.72 -14.49
N LYS M 212 -50.82 -38.82 -15.10
CA LYS M 212 -51.08 -38.93 -16.53
C LYS M 212 -49.81 -38.72 -17.35
N ILE M 213 -49.02 -37.71 -16.99
CA ILE M 213 -47.75 -37.48 -17.67
C ILE M 213 -46.83 -38.68 -17.50
N ALA M 214 -46.77 -39.23 -16.30
CA ALA M 214 -45.92 -40.39 -16.05
C ALA M 214 -46.37 -41.59 -16.85
N LEU M 215 -47.68 -41.83 -16.93
CA LEU M 215 -48.20 -42.96 -17.69
C LEU M 215 -47.88 -42.81 -19.17
N HIS M 216 -48.05 -41.59 -19.71
CA HIS M 216 -47.71 -41.36 -21.10
C HIS M 216 -46.23 -41.57 -21.38
N ARG M 217 -45.36 -41.04 -20.50
CA ARG M 217 -43.93 -41.24 -20.66
C ARG M 217 -43.56 -42.72 -20.57
N ALA M 218 -44.18 -43.45 -19.65
CA ALA M 218 -43.89 -44.85 -19.49
C ALA M 218 -44.30 -45.64 -20.72
N LYS M 219 -45.47 -45.33 -21.29
CA LYS M 219 -45.91 -46.02 -22.50
C LYS M 219 -44.99 -45.72 -23.67
N GLU M 220 -44.56 -44.46 -23.81
CA GLU M 220 -43.66 -44.14 -24.91
C GLU M 220 -42.32 -44.86 -24.78
N ARG M 221 -41.90 -45.17 -23.55
CA ARG M 221 -40.61 -45.80 -23.32
C ARG M 221 -40.72 -47.30 -23.08
N GLY M 222 -41.86 -47.89 -23.38
CA GLY M 222 -42.03 -49.33 -23.36
C GLY M 222 -41.94 -50.00 -22.00
N PHE M 223 -42.60 -49.43 -21.00
CA PHE M 223 -42.69 -50.07 -19.69
C PHE M 223 -43.93 -50.95 -19.67
N HIS M 224 -43.73 -52.24 -19.37
CA HIS M 224 -44.81 -53.21 -19.50
C HIS M 224 -45.91 -52.94 -18.48
N GLY M 225 -47.13 -53.29 -18.86
CA GLY M 225 -48.28 -53.08 -18.01
C GLY M 225 -48.75 -51.65 -17.92
N THR M 226 -48.26 -50.78 -18.78
CA THR M 226 -48.65 -49.37 -18.80
C THR M 226 -49.76 -49.19 -19.82
N LYS M 227 -50.92 -48.73 -19.36
CA LYS M 227 -52.07 -48.49 -20.22
C LYS M 227 -52.51 -47.04 -20.03
N SER M 228 -51.90 -46.15 -20.79
CA SER M 228 -52.29 -44.74 -20.82
C SER M 228 -53.10 -44.50 -22.07
N ASP M 229 -54.25 -43.85 -21.92
CA ASP M 229 -55.21 -43.74 -23.00
C ASP M 229 -54.63 -42.98 -24.18
N ASP M 230 -54.99 -43.41 -25.38
CA ASP M 230 -54.57 -42.72 -26.60
C ASP M 230 -55.25 -41.36 -26.68
N ASN M 231 -54.89 -40.60 -27.72
CA ASN M 231 -55.30 -39.20 -27.84
C ASN M 231 -54.86 -38.43 -26.61
N TYR M 232 -53.61 -38.65 -26.21
CA TYR M 232 -53.04 -37.94 -25.07
C TYR M 232 -52.93 -36.45 -25.37
N VAL M 233 -53.28 -35.64 -24.39
CA VAL M 233 -53.21 -34.19 -24.53
C VAL M 233 -51.98 -33.71 -23.77
N LYS M 234 -51.03 -33.13 -24.49
CA LYS M 234 -49.82 -32.62 -23.87
C LYS M 234 -50.10 -31.36 -23.08
N THR M 235 -49.27 -31.13 -22.07
CA THR M 235 -49.28 -29.88 -21.32
C THR M 235 -48.16 -28.98 -21.82
N ILE M 236 -48.11 -27.77 -21.27
CA ILE M 236 -47.09 -26.81 -21.69
C ILE M 236 -45.70 -27.22 -21.24
N LYS M 237 -45.57 -28.05 -20.20
CA LYS M 237 -44.28 -28.50 -19.72
C LYS M 237 -44.31 -30.01 -19.54
N GLU M 238 -43.56 -30.71 -20.37
CA GLU M 238 -43.53 -32.17 -20.33
C GLU M 238 -42.09 -32.68 -20.31
N MET N 1 58.66 15.94 -36.65
CA MET N 1 58.31 17.17 -37.36
C MET N 1 58.45 16.98 -38.86
N LYS N 2 57.32 17.06 -39.56
CA LYS N 2 57.28 16.88 -41.01
C LYS N 2 56.42 17.99 -41.60
N LYS N 3 56.69 18.30 -42.87
CA LYS N 3 55.92 19.30 -43.62
C LYS N 3 54.90 18.61 -44.50
N ILE N 4 53.67 19.11 -44.47
CA ILE N 4 52.58 18.59 -45.30
C ILE N 4 52.02 19.73 -46.12
N SER N 5 51.90 19.50 -47.43
CA SER N 5 51.31 20.52 -48.29
C SER N 5 49.85 20.75 -47.93
N ARG N 6 49.42 22.01 -48.04
CA ARG N 6 48.06 22.37 -47.67
C ARG N 6 47.04 21.58 -48.47
N LYS N 7 47.33 21.29 -49.73
CA LYS N 7 46.37 20.58 -50.57
C LYS N 7 46.07 19.19 -50.02
N GLU N 8 47.12 18.40 -49.75
CA GLU N 8 46.87 17.05 -49.26
C GLU N 8 46.35 17.06 -47.83
N TYR N 9 46.77 18.04 -47.02
CA TYR N 9 46.22 18.16 -45.68
C TYR N 9 44.72 18.40 -45.72
N VAL N 10 44.28 19.32 -46.58
CA VAL N 10 42.86 19.63 -46.66
C VAL N 10 42.09 18.45 -47.25
N SER N 11 42.69 17.73 -48.20
CA SER N 11 42.03 16.55 -48.73
C SER N 11 41.87 15.47 -47.67
N MET N 12 42.79 15.40 -46.71
CA MET N 12 42.68 14.37 -45.68
C MET N 12 41.77 14.78 -44.53
N TYR N 13 41.84 16.03 -44.08
CA TYR N 13 41.16 16.43 -42.86
C TYR N 13 40.22 17.62 -43.01
N GLY N 14 40.09 18.17 -44.21
CA GLY N 14 39.25 19.34 -44.40
C GLY N 14 40.04 20.63 -44.30
N PRO N 15 39.37 21.76 -44.57
CA PRO N 15 40.06 23.04 -44.50
C PRO N 15 40.50 23.38 -43.09
N THR N 16 41.59 24.13 -42.99
CA THR N 16 42.15 24.53 -41.71
C THR N 16 42.17 26.07 -41.65
N THR N 17 42.79 26.62 -40.62
CA THR N 17 42.75 28.06 -40.39
C THR N 17 43.30 28.82 -41.60
N GLY N 18 42.55 29.83 -42.04
CA GLY N 18 42.91 30.64 -43.17
C GLY N 18 42.39 30.16 -44.49
N ASP N 19 41.97 28.89 -44.58
CA ASP N 19 41.37 28.40 -45.81
C ASP N 19 39.96 28.95 -45.96
N LYS N 20 39.50 28.99 -47.20
CA LYS N 20 38.20 29.52 -47.55
C LYS N 20 37.44 28.50 -48.39
N VAL N 21 36.13 28.46 -48.20
CA VAL N 21 35.28 27.52 -48.93
C VAL N 21 34.05 28.24 -49.45
N ARG N 22 33.70 27.99 -50.70
CA ARG N 22 32.47 28.51 -51.27
C ARG N 22 31.27 27.75 -50.71
N LEU N 23 30.19 28.47 -50.45
CA LEU N 23 28.96 27.88 -49.93
C LEU N 23 28.02 27.63 -51.10
N GLY N 24 27.77 26.36 -51.40
CA GLY N 24 26.92 26.01 -52.51
C GLY N 24 27.44 26.58 -53.82
N ASP N 25 26.53 26.97 -54.69
CA ASP N 25 26.88 27.66 -55.93
C ASP N 25 26.75 29.16 -55.81
N THR N 26 26.78 29.69 -54.59
CA THR N 26 26.64 31.13 -54.36
C THR N 26 27.99 31.82 -54.50
N ASP N 27 28.04 33.10 -54.14
CA ASP N 27 29.28 33.84 -54.09
C ASP N 27 29.76 34.07 -52.67
N LEU N 28 29.09 33.52 -51.67
CA LEU N 28 29.49 33.69 -50.28
C LEU N 28 30.68 32.80 -49.95
N ILE N 29 31.71 33.39 -49.36
CA ILE N 29 32.95 32.70 -49.08
C ILE N 29 33.14 32.65 -47.57
N ALA N 30 33.29 31.46 -47.02
CA ALA N 30 33.49 31.26 -45.60
C ALA N 30 34.96 30.98 -45.33
N GLU N 31 35.53 31.67 -44.36
CA GLU N 31 36.92 31.49 -43.97
C GLU N 31 36.98 30.85 -42.59
N VAL N 32 37.79 29.80 -42.47
CA VAL N 32 37.98 29.15 -41.17
C VAL N 32 38.75 30.09 -40.27
N GLU N 33 38.15 30.45 -39.13
CA GLU N 33 38.74 31.43 -38.24
C GLU N 33 39.76 30.81 -37.29
N HIS N 34 39.50 29.60 -36.81
CA HIS N 34 40.33 28.96 -35.80
C HIS N 34 40.21 27.45 -35.96
N ASP N 35 41.22 26.75 -35.46
CA ASP N 35 41.26 25.30 -35.50
C ASP N 35 41.63 24.78 -34.12
N TYR N 36 40.86 23.81 -33.62
CA TYR N 36 41.10 23.23 -32.31
C TYR N 36 42.02 22.02 -32.37
N THR N 37 42.58 21.70 -33.53
CA THR N 37 43.32 20.46 -33.68
C THR N 37 44.79 20.67 -33.36
N ILE N 38 45.46 19.58 -33.00
CA ILE N 38 46.91 19.54 -32.92
C ILE N 38 47.41 18.86 -34.18
N TYR N 39 48.20 19.59 -34.96
CA TYR N 39 48.66 19.08 -36.24
C TYR N 39 49.49 17.83 -36.06
N GLY N 40 49.07 16.74 -36.70
CA GLY N 40 49.66 15.44 -36.50
C GLY N 40 48.89 14.54 -35.57
N GLU N 41 47.78 15.01 -34.98
CA GLU N 41 47.00 14.21 -34.04
C GLU N 41 45.53 14.12 -34.46
N GLU N 42 45.24 14.32 -35.73
CA GLU N 42 43.85 14.35 -36.19
C GLU N 42 43.18 12.99 -36.04
N LEU N 43 41.88 13.01 -35.81
CA LEU N 43 41.09 11.79 -35.67
C LEU N 43 40.58 11.36 -37.04
N LYS N 44 40.98 10.17 -37.46
CA LYS N 44 40.52 9.59 -38.71
C LYS N 44 40.03 8.18 -38.44
N PHE N 45 38.90 7.82 -39.05
CA PHE N 45 38.34 6.49 -38.90
C PHE N 45 38.49 5.71 -40.19
N GLY N 46 38.83 4.44 -40.06
CA GLY N 46 39.03 3.58 -41.20
C GLY N 46 40.04 2.49 -40.86
N GLY N 47 40.38 1.71 -41.88
CA GLY N 47 41.35 0.65 -41.71
C GLY N 47 42.75 1.22 -41.59
N GLY N 48 43.45 0.87 -40.51
CA GLY N 48 44.80 1.33 -40.30
C GLY N 48 44.93 2.77 -39.85
N LYS N 49 43.82 3.41 -39.47
CA LYS N 49 43.82 4.81 -39.10
C LYS N 49 43.88 4.97 -37.59
N THR N 50 43.64 6.20 -37.13
CA THR N 50 43.94 6.54 -35.74
C THR N 50 42.86 6.10 -34.77
N LEU N 51 41.59 6.14 -35.17
CA LEU N 51 40.50 5.86 -34.25
C LEU N 51 40.38 4.38 -33.92
N ARG N 52 41.38 3.84 -33.24
CA ARG N 52 41.45 2.42 -32.95
C ARG N 52 41.84 2.21 -31.50
N GLU N 53 41.56 1.01 -31.02
CA GLU N 53 41.82 0.65 -29.63
C GLU N 53 43.27 0.91 -29.27
N GLY N 54 43.48 1.75 -28.26
CA GLY N 54 44.80 2.04 -27.77
C GLY N 54 45.52 3.21 -28.41
N MET N 55 44.96 3.79 -29.48
CA MET N 55 45.60 4.93 -30.12
C MET N 55 44.80 6.22 -29.98
N SER N 56 43.58 6.26 -30.51
CA SER N 56 42.70 7.40 -30.35
C SER N 56 41.42 7.05 -29.61
N GLN N 57 41.01 5.79 -29.63
CA GLN N 57 40.04 5.28 -28.67
C GLN N 57 40.79 4.83 -27.44
N SER N 58 40.39 5.33 -26.29
CA SER N 58 41.09 5.03 -25.05
C SER N 58 40.75 3.65 -24.54
N ASN N 59 41.76 2.96 -24.03
CA ASN N 59 41.55 1.72 -23.28
C ASN N 59 41.26 1.97 -21.81
N ASN N 60 41.47 3.21 -21.34
CA ASN N 60 41.12 3.62 -19.98
C ASN N 60 40.39 4.94 -20.08
N PRO N 61 39.15 4.94 -20.59
CA PRO N 61 38.46 6.19 -20.87
C PRO N 61 38.04 6.90 -19.59
N SER N 62 37.82 8.21 -19.72
CA SER N 62 37.22 8.95 -18.63
C SER N 62 35.78 8.48 -18.42
N LYS N 63 35.19 8.93 -17.32
CA LYS N 63 33.81 8.57 -17.04
C LYS N 63 32.80 9.38 -17.85
N GLU N 64 33.22 10.47 -18.47
CA GLU N 64 32.39 11.26 -19.37
C GLU N 64 32.60 10.86 -20.81
N GLU N 65 32.81 9.56 -21.02
CA GLU N 65 33.06 9.02 -22.35
C GLU N 65 31.91 9.34 -23.31
N LEU N 66 32.27 9.72 -24.54
CA LEU N 66 31.31 10.16 -25.52
C LEU N 66 30.52 9.00 -26.11
N ASP N 67 29.27 9.27 -26.49
CA ASP N 67 28.51 8.30 -27.27
C ASP N 67 28.84 8.43 -28.75
N LEU N 68 29.03 9.66 -29.23
CA LEU N 68 29.24 9.96 -30.62
C LEU N 68 30.23 11.10 -30.72
N ILE N 69 31.15 11.01 -31.67
CA ILE N 69 32.07 12.10 -31.95
C ILE N 69 32.07 12.37 -33.45
N ILE N 70 32.04 13.65 -33.81
CA ILE N 70 32.14 14.08 -35.19
C ILE N 70 33.52 14.70 -35.36
N THR N 71 34.34 14.08 -36.19
CA THR N 71 35.74 14.47 -36.32
C THR N 71 35.94 15.45 -37.45
N ASN N 72 36.78 16.45 -37.20
CA ASN N 72 37.28 17.37 -38.23
C ASN N 72 36.15 18.13 -38.90
N ALA N 73 35.17 18.54 -38.11
CA ALA N 73 34.00 19.25 -38.62
C ALA N 73 34.28 20.73 -38.73
N LEU N 74 33.83 21.33 -39.83
CA LEU N 74 33.81 22.78 -39.98
C LEU N 74 32.48 23.27 -39.44
N ILE N 75 32.52 23.95 -38.30
CA ILE N 75 31.31 24.46 -37.65
C ILE N 75 30.99 25.83 -38.22
N VAL N 76 29.79 26.00 -38.73
CA VAL N 76 29.26 27.30 -39.13
C VAL N 76 28.13 27.63 -38.18
N ASP N 77 28.38 28.59 -37.30
CA ASP N 77 27.48 28.95 -36.23
C ASP N 77 27.56 30.46 -36.07
N TYR N 78 26.60 31.04 -35.35
CA TYR N 78 26.71 32.46 -35.08
C TYR N 78 27.85 32.77 -34.12
N THR N 79 28.29 31.79 -33.34
CA THR N 79 29.43 31.98 -32.47
C THR N 79 30.77 31.91 -33.20
N GLY N 80 30.79 31.48 -34.45
CA GLY N 80 32.02 31.51 -35.22
C GLY N 80 32.03 30.43 -36.29
N ILE N 81 33.03 30.54 -37.16
CA ILE N 81 33.25 29.58 -38.25
C ILE N 81 34.64 28.99 -38.02
N TYR N 82 34.68 27.74 -37.54
CA TYR N 82 35.93 27.17 -37.07
C TYR N 82 35.89 25.65 -37.18
N LYS N 83 37.07 25.04 -37.07
CA LYS N 83 37.22 23.59 -37.15
C LYS N 83 37.39 23.02 -35.75
N ALA N 84 36.66 21.95 -35.46
CA ALA N 84 36.75 21.28 -34.17
C ALA N 84 36.18 19.87 -34.30
N ASP N 85 36.27 19.12 -33.22
CA ASP N 85 35.55 17.87 -33.06
C ASP N 85 34.36 18.11 -32.13
N ILE N 86 33.22 17.55 -32.48
CA ILE N 86 32.01 17.68 -31.69
C ILE N 86 31.74 16.35 -31.02
N GLY N 87 31.65 16.37 -29.69
CA GLY N 87 31.32 15.19 -28.91
C GLY N 87 29.89 15.27 -28.41
N ILE N 88 29.18 14.16 -28.53
CA ILE N 88 27.77 14.07 -28.14
C ILE N 88 27.66 13.02 -27.05
N LYS N 89 27.03 13.38 -25.94
CA LYS N 89 26.78 12.44 -24.85
C LYS N 89 25.39 12.69 -24.30
N ASP N 90 24.55 11.64 -24.35
CA ASP N 90 23.21 11.66 -23.75
C ASP N 90 22.32 12.72 -24.38
N GLY N 91 22.38 12.83 -25.71
CA GLY N 91 21.52 13.74 -26.43
C GLY N 91 21.94 15.19 -26.40
N LYS N 92 22.95 15.53 -25.63
CA LYS N 92 23.46 16.90 -25.55
C LYS N 92 24.81 16.99 -26.25
N ILE N 93 25.21 18.22 -26.57
CA ILE N 93 26.56 18.47 -27.03
C ILE N 93 27.45 18.53 -25.80
N ALA N 94 28.33 17.53 -25.67
CA ALA N 94 29.17 17.42 -24.48
C ALA N 94 30.46 18.22 -24.58
N GLY N 95 31.03 18.38 -25.77
CA GLY N 95 32.26 19.11 -25.90
C GLY N 95 32.53 19.52 -27.33
N ILE N 96 33.28 20.61 -27.47
CA ILE N 96 33.74 21.10 -28.76
C ILE N 96 35.23 21.35 -28.62
N GLY N 97 36.03 20.68 -29.45
CA GLY N 97 37.46 20.88 -29.35
C GLY N 97 38.29 19.79 -29.98
N LYS N 98 39.29 19.30 -29.25
CA LYS N 98 40.27 18.41 -29.85
C LYS N 98 39.74 16.98 -29.95
N GLY N 99 39.43 16.36 -28.83
CA GLY N 99 38.88 15.01 -28.87
C GLY N 99 39.91 13.93 -29.13
N GLY N 100 39.81 12.81 -28.43
CA GLY N 100 40.76 11.75 -28.63
C GLY N 100 41.08 10.94 -27.39
N ASN N 101 42.31 10.46 -27.30
CA ASN N 101 42.74 9.58 -26.22
C ASN N 101 43.86 10.27 -25.44
N LYS N 102 43.63 10.46 -24.15
CA LYS N 102 44.60 11.12 -23.29
C LYS N 102 45.84 10.27 -23.05
N ASP N 103 45.76 8.95 -23.23
CA ASP N 103 46.92 8.09 -23.05
C ASP N 103 47.98 8.33 -24.11
N MET N 104 47.59 8.72 -25.32
CA MET N 104 48.52 8.83 -26.42
C MET N 104 48.58 10.21 -27.06
N GLN N 105 47.78 11.16 -26.60
CA GLN N 105 47.68 12.47 -27.23
C GLN N 105 47.60 13.56 -26.16
N ASP N 106 48.09 14.75 -26.52
CA ASP N 106 48.38 15.77 -25.51
C ASP N 106 47.12 16.52 -25.05
N GLY N 107 46.46 17.21 -25.97
CA GLY N 107 45.43 18.14 -25.54
C GLY N 107 44.00 17.64 -25.49
N VAL N 108 43.74 16.59 -24.70
CA VAL N 108 42.43 15.96 -24.64
C VAL N 108 41.85 16.19 -23.25
N LYS N 109 40.68 16.82 -23.18
CA LYS N 109 39.98 17.06 -21.93
C LYS N 109 38.94 15.97 -21.69
N ASN N 110 38.55 15.83 -20.42
CA ASN N 110 37.73 14.69 -20.02
C ASN N 110 36.39 14.65 -20.73
N ASN N 111 35.87 15.80 -21.14
CA ASN N 111 34.57 15.82 -21.81
C ASN N 111 34.66 15.44 -23.28
N LEU N 112 35.85 15.29 -23.83
CA LEU N 112 36.03 14.95 -25.23
C LEU N 112 36.76 13.61 -25.40
N SER N 113 36.61 12.72 -24.43
CA SER N 113 37.33 11.45 -24.43
C SER N 113 36.61 10.42 -25.30
N VAL N 114 37.35 9.83 -26.22
CA VAL N 114 36.85 8.75 -27.06
C VAL N 114 37.22 7.43 -26.42
N GLY N 115 36.21 6.62 -26.15
CA GLY N 115 36.44 5.31 -25.58
C GLY N 115 35.73 4.24 -26.35
N PRO N 116 35.62 3.05 -25.76
CA PRO N 116 34.95 1.94 -26.46
C PRO N 116 33.46 2.14 -26.68
N ALA N 117 32.83 3.07 -25.98
CA ALA N 117 31.40 3.32 -26.14
C ALA N 117 31.09 4.39 -27.19
N THR N 118 32.08 4.88 -27.90
CA THR N 118 31.91 6.02 -28.80
C THR N 118 31.71 5.55 -30.24
N GLU N 119 30.72 6.12 -30.90
CA GLU N 119 30.53 5.95 -32.33
C GLU N 119 31.27 7.08 -33.07
N ALA N 120 31.78 6.75 -34.25
CA ALA N 120 32.56 7.68 -35.05
C ALA N 120 31.76 8.17 -36.24
N LEU N 121 31.70 9.49 -36.42
CA LEU N 121 31.11 10.11 -37.60
C LEU N 121 32.14 11.02 -38.21
N ALA N 122 32.51 10.75 -39.47
CA ALA N 122 33.52 11.54 -40.15
C ALA N 122 32.92 12.83 -40.67
N GLY N 123 33.56 13.95 -40.36
CA GLY N 123 33.08 15.23 -40.81
C GLY N 123 34.09 16.01 -41.63
N GLU N 124 35.21 15.38 -41.98
CA GLU N 124 36.22 16.07 -42.75
C GLU N 124 35.67 16.48 -44.11
N GLY N 125 35.89 17.74 -44.46
CA GLY N 125 35.33 18.29 -45.67
C GLY N 125 33.86 18.59 -45.60
N LEU N 126 33.25 18.55 -44.43
CA LEU N 126 31.83 18.82 -44.26
C LEU N 126 31.61 20.00 -43.32
N ILE N 127 30.40 20.54 -43.39
CA ILE N 127 29.98 21.66 -42.57
C ILE N 127 28.94 21.17 -41.58
N VAL N 128 29.04 21.61 -40.34
CA VAL N 128 28.05 21.34 -39.31
C VAL N 128 27.42 22.66 -38.90
N THR N 129 26.10 22.75 -39.04
CA THR N 129 25.32 23.84 -38.50
C THR N 129 24.28 23.28 -37.53
N ALA N 130 23.69 24.18 -36.75
CA ALA N 130 22.55 23.80 -35.94
C ALA N 130 21.34 23.51 -36.82
N GLY N 131 20.44 22.69 -36.30
CA GLY N 131 19.18 22.48 -37.00
C GLY N 131 18.39 23.77 -37.11
N GLY N 132 17.72 23.92 -38.24
CA GLY N 132 16.90 25.10 -38.46
C GLY N 132 15.66 25.11 -37.59
N ILE N 133 15.16 26.31 -37.35
CA ILE N 133 13.96 26.50 -36.54
C ILE N 133 12.97 27.32 -37.35
N ASP N 134 11.82 26.74 -37.63
CA ASP N 134 10.77 27.39 -38.40
C ASP N 134 9.64 27.75 -37.44
N THR N 135 9.33 29.04 -37.34
CA THR N 135 8.41 29.55 -36.34
C THR N 135 7.09 30.04 -36.91
N HIS N 136 6.80 29.76 -38.17
CA HIS N 136 5.56 30.18 -38.82
C HIS N 136 4.91 29.02 -39.56
N ILE N 137 4.71 27.91 -38.86
CA ILE N 137 4.14 26.71 -39.44
C ILE N 137 2.62 26.75 -39.33
N HIS N 138 1.94 26.59 -40.48
CA HIS N 138 0.53 26.23 -40.49
C HIS N 138 0.45 24.71 -40.53
N PHE N 139 0.00 24.11 -39.43
CA PHE N 139 -0.10 22.65 -39.35
C PHE N 139 -1.31 22.21 -40.17
N ILE N 140 -1.13 22.21 -41.48
CA ILE N 140 -2.17 21.89 -42.43
C ILE N 140 -2.13 20.43 -42.84
N SER N 141 -0.95 19.88 -43.08
CA SER N 141 -0.79 18.48 -43.39
C SER N 141 0.43 17.94 -42.67
N PRO N 142 0.35 16.71 -42.15
CA PRO N 142 1.54 16.11 -41.53
C PRO N 142 2.70 15.94 -42.48
N GLN N 143 2.45 15.87 -43.79
CA GLN N 143 3.51 15.69 -44.77
C GLN N 143 4.46 16.89 -44.85
N GLN N 144 4.07 18.04 -44.28
CA GLN N 144 5.00 19.16 -44.18
C GLN N 144 6.21 18.82 -43.32
N ILE N 145 6.02 18.01 -42.28
CA ILE N 145 7.09 17.75 -41.33
C ILE N 145 8.26 17.01 -41.97
N PRO N 146 8.07 15.91 -42.71
CA PRO N 146 9.21 15.32 -43.42
C PRO N 146 9.83 16.23 -44.45
N THR N 147 9.04 17.08 -45.10
CA THR N 147 9.58 18.00 -46.09
C THR N 147 10.52 19.02 -45.47
N ALA N 148 10.10 19.60 -44.34
CA ALA N 148 10.97 20.54 -43.64
C ALA N 148 12.17 19.83 -43.03
N PHE N 149 11.99 18.59 -42.59
CA PHE N 149 13.10 17.83 -42.03
C PHE N 149 14.20 17.61 -43.06
N ALA N 150 13.82 17.27 -44.30
CA ALA N 150 14.80 16.98 -45.33
C ALA N 150 15.55 18.22 -45.81
N SER N 151 15.07 19.41 -45.48
CA SER N 151 15.74 20.64 -45.86
C SER N 151 16.66 21.20 -44.78
N GLY N 152 16.69 20.59 -43.60
CA GLY N 152 17.55 21.05 -42.53
C GLY N 152 16.86 21.69 -41.34
N VAL N 153 15.53 21.62 -41.27
CA VAL N 153 14.78 22.17 -40.15
C VAL N 153 14.53 21.07 -39.13
N THR N 154 14.85 21.34 -37.87
CA THR N 154 14.66 20.38 -36.80
C THR N 154 13.64 20.80 -35.75
N THR N 155 13.16 22.03 -35.77
CA THR N 155 12.10 22.48 -34.87
C THR N 155 11.06 23.23 -35.68
N MET N 156 9.79 22.85 -35.51
CA MET N 156 8.67 23.55 -36.12
C MET N 156 7.79 24.11 -35.02
N ILE N 157 7.54 25.41 -35.07
CA ILE N 157 6.65 26.09 -34.13
C ILE N 157 5.53 26.72 -34.94
N GLY N 158 4.30 26.52 -34.50
CA GLY N 158 3.16 27.08 -35.20
C GLY N 158 1.85 26.62 -34.60
N GLY N 159 0.79 26.63 -35.39
CA GLY N 159 -0.50 26.17 -34.90
C GLY N 159 -1.34 25.65 -36.04
N GLY N 160 -2.39 24.95 -35.68
CA GLY N 160 -3.32 24.39 -36.63
C GLY N 160 -3.85 23.05 -36.13
N THR N 161 -4.93 22.60 -36.77
CA THR N 161 -5.52 21.32 -36.47
C THR N 161 -5.59 20.42 -37.70
N GLY N 162 -5.19 20.91 -38.87
CA GLY N 162 -5.30 20.15 -40.08
C GLY N 162 -5.82 21.01 -41.22
N PRO N 163 -6.38 20.38 -42.23
CA PRO N 163 -6.77 21.12 -43.44
C PRO N 163 -8.07 21.89 -43.29
N ALA N 164 -8.47 22.16 -42.06
CA ALA N 164 -9.61 23.03 -41.80
C ALA N 164 -9.33 24.46 -42.26
N ASP N 165 -10.40 25.17 -42.60
CA ASP N 165 -10.26 26.50 -43.16
C ASP N 165 -9.64 27.49 -42.18
N GLY N 166 -9.91 27.32 -40.89
CA GLY N 166 -9.25 28.15 -39.89
C GLY N 166 -7.75 27.96 -39.87
N THR N 167 -7.30 26.72 -40.05
CA THR N 167 -5.87 26.45 -40.10
C THR N 167 -5.26 26.88 -41.44
N ASN N 168 -6.01 26.74 -42.54
CA ASN N 168 -5.49 27.19 -43.83
C ASN N 168 -5.17 28.67 -43.83
N ALA N 169 -5.76 29.43 -42.92
CA ALA N 169 -5.52 30.86 -42.79
C ALA N 169 -4.60 31.20 -41.62
N THR N 170 -4.69 30.48 -40.51
CA THR N 170 -4.07 30.91 -39.27
C THR N 170 -3.19 29.80 -38.69
N THR N 171 -2.13 30.20 -37.99
CA THR N 171 -1.29 29.26 -37.24
C THR N 171 -1.82 29.14 -35.80
N ILE N 172 -3.05 28.68 -35.69
CA ILE N 172 -3.74 28.67 -34.40
C ILE N 172 -4.23 27.26 -34.11
N THR N 173 -3.90 26.78 -32.91
CA THR N 173 -4.50 25.57 -32.36
C THR N 173 -5.46 26.00 -31.26
N PRO N 174 -6.74 26.11 -31.52
CA PRO N 174 -7.64 26.76 -30.57
C PRO N 174 -8.20 25.86 -29.48
N GLY N 175 -7.87 26.16 -28.23
CA GLY N 175 -8.54 25.55 -27.11
C GLY N 175 -7.83 24.30 -26.59
N ARG N 176 -8.24 23.91 -25.38
CA ARG N 176 -7.60 22.82 -24.67
C ARG N 176 -7.73 21.49 -25.41
N ARG N 177 -8.93 21.18 -25.90
CA ARG N 177 -9.14 19.89 -26.55
C ARG N 177 -8.35 19.76 -27.84
N ASN N 178 -8.32 20.83 -28.65
CA ASN N 178 -7.55 20.80 -29.88
C ASN N 178 -6.06 20.74 -29.59
N LEU N 179 -5.62 21.43 -28.52
CA LEU N 179 -4.23 21.30 -28.09
C LEU N 179 -3.90 19.87 -27.71
N LYS N 180 -4.81 19.19 -27.01
CA LYS N 180 -4.59 17.80 -26.64
C LYS N 180 -4.51 16.91 -27.88
N TRP N 181 -5.39 17.15 -28.86
CA TRP N 181 -5.32 16.43 -30.12
C TRP N 181 -3.94 16.56 -30.74
N MET N 182 -3.46 17.79 -30.89
CA MET N 182 -2.20 18.00 -31.59
C MET N 182 -1.00 17.51 -30.78
N LEU N 183 -1.04 17.64 -29.46
CA LEU N 183 0.06 17.16 -28.64
C LEU N 183 0.15 15.64 -28.67
N ARG N 184 -0.99 14.94 -28.72
CA ARG N 184 -0.92 13.49 -28.84
C ARG N 184 -0.58 13.05 -30.26
N ALA N 185 -0.95 13.83 -31.26
CA ALA N 185 -0.52 13.51 -32.63
C ALA N 185 0.98 13.69 -32.79
N ALA N 186 1.57 14.65 -32.05
CA ALA N 186 2.98 14.99 -32.23
C ALA N 186 3.91 13.82 -31.94
N GLU N 187 3.48 12.86 -31.12
CA GLU N 187 4.26 11.68 -30.80
C GLU N 187 4.72 10.89 -32.02
N GLU N 188 4.15 11.17 -33.19
CA GLU N 188 4.46 10.44 -34.42
C GLU N 188 5.79 10.87 -35.04
N TYR N 189 6.19 12.13 -34.87
CA TYR N 189 7.06 12.80 -35.83
C TYR N 189 8.49 12.96 -35.34
N SER N 190 9.39 13.06 -36.30
CA SER N 190 10.79 13.41 -36.07
C SER N 190 10.95 14.90 -36.30
N MET N 191 10.64 15.67 -35.27
CA MET N 191 10.69 17.12 -35.28
C MET N 191 10.41 17.61 -33.87
N ASN N 192 11.11 18.67 -33.46
CA ASN N 192 10.73 19.38 -32.25
C ASN N 192 9.50 20.23 -32.56
N LEU N 193 8.50 20.17 -31.69
CA LEU N 193 7.22 20.80 -31.95
C LEU N 193 6.77 21.64 -30.77
N GLY N 194 6.15 22.77 -31.09
CA GLY N 194 5.45 23.59 -30.11
C GLY N 194 4.29 24.28 -30.79
N PHE N 195 3.24 24.52 -30.03
CA PHE N 195 1.97 24.97 -30.60
C PHE N 195 1.55 26.30 -30.04
N LEU N 196 1.03 27.16 -30.91
CA LEU N 196 0.48 28.46 -30.55
C LEU N 196 -1.02 28.37 -30.40
N ALA N 197 -1.55 29.06 -29.39
CA ALA N 197 -2.97 29.08 -29.10
C ALA N 197 -3.65 30.26 -29.80
N LYS N 198 -4.96 30.38 -29.62
CA LYS N 198 -5.69 31.52 -30.17
C LYS N 198 -5.57 32.70 -29.23
N GLY N 199 -5.03 33.81 -29.73
CA GLY N 199 -4.92 35.02 -28.96
C GLY N 199 -6.06 35.97 -29.23
N ASN N 200 -6.87 35.65 -30.23
CA ASN N 200 -7.95 36.53 -30.69
C ASN N 200 -9.17 36.36 -29.82
N THR N 201 -9.06 36.84 -28.59
CA THR N 201 -10.19 36.92 -27.69
C THR N 201 -9.91 37.98 -26.65
N SER N 202 -10.98 38.52 -26.08
CA SER N 202 -10.87 39.49 -24.99
C SER N 202 -11.15 38.87 -23.64
N ASN N 203 -11.33 37.54 -23.59
CA ASN N 203 -11.58 36.83 -22.34
C ASN N 203 -10.26 36.34 -21.78
N ASP N 204 -9.87 36.87 -20.62
CA ASP N 204 -8.60 36.50 -20.02
C ASP N 204 -8.58 35.04 -19.57
N ALA N 205 -9.70 34.55 -19.04
CA ALA N 205 -9.75 33.17 -18.59
C ALA N 205 -9.55 32.20 -19.74
N SER N 206 -10.17 32.48 -20.89
CA SER N 206 -10.00 31.63 -22.07
C SER N 206 -8.55 31.65 -22.55
N LEU N 207 -7.89 32.81 -22.49
CA LEU N 207 -6.49 32.89 -22.88
C LEU N 207 -5.61 32.08 -21.93
N ALA N 208 -5.84 32.22 -20.63
CA ALA N 208 -5.00 31.54 -19.65
C ALA N 208 -5.16 30.03 -19.74
N ASP N 209 -6.38 29.56 -20.02
CA ASP N 209 -6.63 28.13 -20.07
C ASP N 209 -5.84 27.46 -21.19
N GLN N 210 -5.71 28.12 -22.34
CA GLN N 210 -4.95 27.55 -23.44
C GLN N 210 -3.47 27.41 -23.10
N ILE N 211 -2.91 28.39 -22.39
CA ILE N 211 -1.52 28.29 -21.99
C ILE N 211 -1.32 27.14 -21.01
N GLU N 212 -2.20 27.02 -20.03
CA GLU N 212 -2.12 25.93 -19.06
C GLU N 212 -2.40 24.58 -19.70
N ALA N 213 -3.01 24.56 -20.88
CA ALA N 213 -3.26 23.33 -21.62
C ALA N 213 -2.10 22.91 -22.51
N GLY N 214 -1.00 23.66 -22.52
CA GLY N 214 0.21 23.23 -23.19
C GLY N 214 0.70 24.12 -24.31
N ALA N 215 0.03 25.21 -24.65
CA ALA N 215 0.51 26.07 -25.72
C ALA N 215 1.70 26.90 -25.27
N ILE N 216 2.62 27.17 -26.21
CA ILE N 216 3.80 27.97 -25.90
C ILE N 216 3.62 29.44 -26.22
N GLY N 217 2.44 29.85 -26.68
CA GLY N 217 2.21 31.24 -26.97
C GLY N 217 0.91 31.44 -27.71
N PHE N 218 0.71 32.67 -28.15
CA PHE N 218 -0.50 33.06 -28.85
C PHE N 218 -0.20 33.50 -30.26
N KCX N 219 -1.14 33.24 -31.16
CA KCX N 219 -1.15 33.88 -32.45
CB KCX N 219 -1.18 32.85 -33.58
CG KCX N 219 -1.30 33.43 -34.98
CD KCX N 219 -0.11 34.29 -35.35
CE KCX N 219 -0.18 34.76 -36.79
NZ KCX N 219 -0.25 33.61 -37.74
C KCX N 219 -2.37 34.79 -32.52
O KCX N 219 -3.47 34.40 -32.18
CX KCX N 219 -0.21 33.79 -39.05
OQ1 KCX N 219 -0.26 32.82 -39.81
OQ2 KCX N 219 -0.10 34.93 -39.52
N ILE N 220 -2.14 36.03 -32.94
CA ILE N 220 -3.24 36.95 -33.21
C ILE N 220 -3.31 37.12 -34.72
N HIS N 221 -4.41 36.70 -35.31
CA HIS N 221 -4.58 36.69 -36.76
C HIS N 221 -5.83 37.48 -37.12
N GLU N 222 -5.73 38.27 -38.19
CA GLU N 222 -6.84 39.13 -38.56
C GLU N 222 -8.07 38.35 -38.97
N ASP N 223 -7.90 37.11 -39.43
CA ASP N 223 -9.05 36.29 -39.80
C ASP N 223 -9.89 35.91 -38.59
N TRP N 224 -9.33 35.92 -37.38
CA TRP N 224 -10.10 35.80 -36.17
C TRP N 224 -10.37 37.15 -35.51
N GLY N 225 -9.88 38.23 -36.11
CA GLY N 225 -10.13 39.59 -35.68
C GLY N 225 -8.99 40.17 -34.88
N THR N 226 -8.10 40.91 -35.53
CA THR N 226 -6.97 41.54 -34.85
C THR N 226 -7.41 42.93 -34.44
N THR N 227 -7.94 43.02 -33.26
CA THR N 227 -8.40 44.26 -32.71
C THR N 227 -7.50 44.68 -31.56
N PRO N 228 -7.41 45.98 -31.27
CA PRO N 228 -6.58 46.43 -30.15
C PRO N 228 -6.96 45.80 -28.82
N SER N 229 -8.25 45.54 -28.60
CA SER N 229 -8.68 44.93 -27.34
C SER N 229 -8.10 43.52 -27.18
N ALA N 230 -8.18 42.71 -28.23
CA ALA N 230 -7.64 41.36 -28.17
C ALA N 230 -6.13 41.38 -28.02
N ILE N 231 -5.45 42.30 -28.72
CA ILE N 231 -4.00 42.42 -28.59
C ILE N 231 -3.62 42.75 -27.15
N ASN N 232 -4.32 43.72 -26.56
CA ASN N 232 -4.02 44.13 -25.19
C ASN N 232 -4.21 42.99 -24.20
N HIS N 233 -5.35 42.29 -24.30
CA HIS N 233 -5.62 41.18 -23.39
C HIS N 233 -4.61 40.05 -23.56
N ALA N 234 -4.29 39.69 -24.80
CA ALA N 234 -3.36 38.60 -25.05
C ALA N 234 -1.98 38.94 -24.52
N LEU N 235 -1.53 40.17 -24.71
CA LEU N 235 -0.23 40.57 -24.17
C LEU N 235 -0.22 40.54 -22.65
N ASP N 236 -1.32 40.96 -22.01
CA ASP N 236 -1.37 40.90 -20.54
C ASP N 236 -1.23 39.46 -20.04
N VAL N 237 -1.99 38.54 -20.65
CA VAL N 237 -1.90 37.14 -20.22
C VAL N 237 -0.51 36.57 -20.50
N ALA N 238 0.06 36.88 -21.67
CA ALA N 238 1.38 36.37 -22.01
C ALA N 238 2.44 36.88 -21.04
N ASP N 239 2.34 38.14 -20.62
CA ASP N 239 3.26 38.64 -19.61
C ASP N 239 3.09 37.90 -18.29
N LYS N 240 1.86 37.51 -17.94
CA LYS N 240 1.69 36.74 -16.72
C LYS N 240 2.22 35.32 -16.83
N TYR N 241 2.30 34.75 -18.04
CA TYR N 241 2.69 33.35 -18.20
C TYR N 241 4.04 33.16 -18.88
N ASP N 242 4.70 34.24 -19.32
CA ASP N 242 6.02 34.17 -19.93
C ASP N 242 6.02 33.31 -21.19
N VAL N 243 5.13 33.67 -22.12
CA VAL N 243 5.05 33.03 -23.42
C VAL N 243 5.05 34.11 -24.49
N GLN N 244 5.40 33.74 -25.71
CA GLN N 244 5.53 34.69 -26.78
C GLN N 244 4.17 34.96 -27.45
N VAL N 245 4.04 36.12 -28.06
CA VAL N 245 2.88 36.48 -28.85
C VAL N 245 3.33 36.77 -30.27
N ALA N 246 2.66 36.17 -31.24
CA ALA N 246 2.85 36.46 -32.65
C ALA N 246 1.58 37.11 -33.20
N ILE N 247 1.75 38.00 -34.16
CA ILE N 247 0.64 38.79 -34.65
C ILE N 247 0.65 38.86 -36.18
N HIS N 248 -0.54 38.70 -36.75
CA HIS N 248 -0.84 38.97 -38.16
C HIS N 248 -1.85 40.11 -38.15
N THR N 249 -1.42 41.31 -38.48
CA THR N 249 -2.20 42.50 -38.20
C THR N 249 -3.32 42.71 -39.23
N ASP N 250 -4.14 43.72 -38.98
CA ASP N 250 -5.34 43.99 -39.78
C ASP N 250 -4.95 44.70 -41.07
N THR N 251 -5.06 44.00 -42.19
CA THR N 251 -4.74 44.59 -43.49
C THR N 251 -5.76 45.64 -43.89
N LEU N 252 -7.01 45.49 -43.45
CA LEU N 252 -8.09 46.38 -43.87
C LEU N 252 -8.14 47.68 -43.09
N ASN N 253 -7.31 47.84 -42.07
CA ASN N 253 -7.33 49.01 -41.19
C ASN N 253 -8.71 49.21 -40.57
N GLU N 254 -9.39 48.10 -40.27
CA GLU N 254 -10.79 48.18 -39.86
C GLU N 254 -10.94 48.87 -38.50
N ALA N 255 -10.18 48.42 -37.51
CA ALA N 255 -10.24 49.02 -36.18
C ALA N 255 -9.19 50.11 -35.98
N GLY N 256 -8.31 50.32 -36.94
CA GLY N 256 -7.24 51.28 -36.79
C GLY N 256 -6.11 50.98 -37.73
N CYS N 257 -5.15 51.90 -37.74
CA CYS N 257 -3.98 51.78 -38.58
C CYS N 257 -2.82 51.20 -37.78
N VAL N 258 -1.62 51.24 -38.36
CA VAL N 258 -0.48 50.55 -37.76
C VAL N 258 -0.10 51.18 -36.42
N GLU N 259 -0.25 52.49 -36.29
CA GLU N 259 0.10 53.15 -35.04
C GLU N 259 -0.88 52.80 -33.93
N ASP N 260 -2.15 52.55 -34.26
CA ASP N 260 -3.10 52.07 -33.26
C ASP N 260 -2.70 50.68 -32.76
N THR N 261 -2.25 49.82 -33.67
CA THR N 261 -1.76 48.51 -33.26
C THR N 261 -0.54 48.63 -32.37
N MET N 262 0.39 49.53 -32.71
CA MET N 262 1.56 49.73 -31.85
C MET N 262 1.15 50.27 -30.49
N ALA N 263 0.13 51.13 -30.45
CA ALA N 263 -0.38 51.63 -29.18
C ALA N 263 -1.00 50.51 -28.36
N ALA N 264 -1.69 49.57 -29.02
CA ALA N 264 -2.22 48.43 -28.30
C ALA N 264 -1.11 47.52 -27.77
N ILE N 265 -0.03 47.38 -28.53
CA ILE N 265 1.11 46.59 -28.07
C ILE N 265 1.74 47.25 -26.85
N ALA N 266 1.78 48.58 -26.84
CA ALA N 266 2.15 49.36 -25.66
C ALA N 266 3.57 49.06 -25.20
N GLY N 267 4.48 48.82 -26.14
CA GLY N 267 5.87 48.63 -25.82
C GLY N 267 6.23 47.29 -25.25
N ARG N 268 5.40 46.27 -25.44
CA ARG N 268 5.69 44.93 -24.98
C ARG N 268 6.24 44.08 -26.12
N THR N 269 6.89 42.97 -25.76
CA THR N 269 7.54 42.13 -26.75
C THR N 269 6.52 41.49 -27.67
N MET N 270 6.77 41.58 -28.98
CA MET N 270 5.87 41.04 -29.98
C MET N 270 6.68 40.50 -31.15
N HIS N 271 6.26 39.35 -31.67
CA HIS N 271 6.86 38.73 -32.85
C HIS N 271 5.91 38.92 -34.02
N THR N 272 6.34 39.68 -35.03
CA THR N 272 5.49 39.99 -36.18
C THR N 272 5.84 39.07 -37.33
N PHE N 273 4.81 38.42 -37.88
CA PHE N 273 4.94 37.57 -39.05
C PHE N 273 4.82 38.38 -40.32
N HIS N 274 5.57 37.98 -41.35
CA HIS N 274 5.58 38.61 -42.67
C HIS N 274 5.45 40.12 -42.57
N THR N 275 6.43 40.71 -41.88
CA THR N 275 6.38 42.13 -41.54
C THR N 275 6.34 43.02 -42.76
N GLU N 276 6.81 42.55 -43.91
CA GLU N 276 6.76 43.36 -45.11
C GLU N 276 5.33 43.51 -45.63
N GLY N 277 4.45 42.57 -45.31
CA GLY N 277 3.02 42.76 -45.49
C GLY N 277 2.38 42.07 -46.68
N ALA N 278 3.14 41.44 -47.56
CA ALA N 278 2.51 40.68 -48.63
C ALA N 278 1.69 39.52 -48.08
N GLY N 279 2.13 38.95 -46.97
CA GLY N 279 1.39 37.91 -46.29
C GLY N 279 0.28 38.39 -45.41
N GLY N 280 0.04 39.69 -45.38
CA GLY N 280 -0.99 40.28 -44.54
C GLY N 280 -0.37 41.36 -43.66
N GLY N 281 -1.20 42.31 -43.26
CA GLY N 281 -0.74 43.39 -42.42
C GLY N 281 -1.20 44.74 -42.90
N HIS N 282 -1.18 45.74 -42.01
CA HIS N 282 -1.70 47.07 -42.31
C HIS N 282 -1.20 47.57 -43.65
N ALA N 283 -2.12 47.77 -44.58
CA ALA N 283 -1.76 48.29 -45.89
C ALA N 283 -1.67 49.80 -45.83
N PRO N 284 -0.58 50.40 -46.31
CA PRO N 284 0.56 49.73 -46.94
C PRO N 284 1.82 49.74 -46.09
N ASP N 285 1.68 50.02 -44.80
CA ASP N 285 2.81 50.47 -44.01
C ASP N 285 3.04 49.63 -42.75
N ILE N 286 2.75 48.33 -42.81
CA ILE N 286 3.09 47.48 -41.68
C ILE N 286 4.60 47.36 -41.52
N ILE N 287 5.35 47.49 -42.61
CA ILE N 287 6.79 47.27 -42.58
C ILE N 287 7.52 48.26 -41.68
N LYS N 288 6.87 49.35 -41.31
CA LYS N 288 7.54 50.35 -40.48
C LYS N 288 7.85 49.83 -39.08
N VAL N 289 7.09 48.85 -38.59
CA VAL N 289 7.32 48.35 -37.24
C VAL N 289 8.62 47.57 -37.12
N ALA N 290 9.27 47.27 -38.23
CA ALA N 290 10.53 46.52 -38.20
C ALA N 290 11.68 47.32 -37.61
N GLY N 291 11.51 48.62 -37.39
CA GLY N 291 12.51 49.42 -36.72
C GLY N 291 12.31 49.63 -35.24
N GLU N 292 11.24 49.09 -34.66
CA GLU N 292 10.93 49.32 -33.26
C GLU N 292 11.71 48.35 -32.37
N HIS N 293 12.00 48.82 -31.15
CA HIS N 293 12.82 48.04 -30.23
C HIS N 293 12.09 46.80 -29.73
N ASN N 294 10.79 46.91 -29.48
CA ASN N 294 10.03 45.83 -28.88
C ASN N 294 9.48 44.84 -29.91
N ILE N 295 9.79 45.01 -31.17
CA ILE N 295 9.28 44.14 -32.23
C ILE N 295 10.37 43.17 -32.65
N LEU N 296 9.99 41.90 -32.81
CA LEU N 296 10.86 40.91 -33.43
C LEU N 296 10.38 40.67 -34.85
N PRO N 297 10.95 41.29 -35.86
CA PRO N 297 10.39 41.23 -37.20
C PRO N 297 10.84 40.02 -38.01
N ALA N 298 9.89 39.24 -38.50
CA ALA N 298 10.17 38.08 -39.34
C ALA N 298 9.61 38.30 -40.73
N SER N 299 10.20 37.61 -41.70
CA SER N 299 9.70 37.59 -43.06
C SER N 299 9.42 36.15 -43.47
N THR N 300 8.51 36.00 -44.41
CA THR N 300 8.19 34.69 -44.97
C THR N 300 8.90 34.54 -46.31
N ASN N 301 9.23 33.30 -46.65
CA ASN N 301 10.10 33.03 -47.79
C ASN N 301 9.52 33.34 -49.18
N PRO N 302 8.20 33.36 -49.40
CA PRO N 302 7.72 33.66 -50.76
C PRO N 302 8.15 35.02 -51.29
N THR N 303 8.41 36.00 -50.42
CA THR N 303 8.82 37.32 -50.89
C THR N 303 10.32 37.48 -51.01
N ILE N 304 11.12 36.52 -50.57
CA ILE N 304 12.57 36.63 -50.71
C ILE N 304 13.10 35.46 -51.53
N PRO N 305 14.05 35.69 -52.44
CA PRO N 305 14.46 37.03 -52.84
C PRO N 305 13.47 37.63 -53.82
N PHE N 306 13.54 38.94 -54.04
CA PHE N 306 12.65 39.59 -55.00
C PHE N 306 13.12 39.29 -56.41
N THR N 307 12.21 38.74 -57.23
CA THR N 307 12.53 38.31 -58.58
C THR N 307 11.54 38.92 -59.57
N VAL N 308 11.78 38.63 -60.84
CA VAL N 308 10.92 39.16 -61.90
C VAL N 308 9.54 38.51 -61.86
N ASN N 309 9.45 37.28 -61.40
CA ASN N 309 8.18 36.55 -61.35
C ASN N 309 7.44 36.74 -60.03
N THR N 310 8.03 37.46 -59.08
CA THR N 310 7.46 37.52 -57.73
C THR N 310 6.11 38.23 -57.72
N GLU N 311 6.02 39.38 -58.36
CA GLU N 311 4.83 40.22 -58.22
C GLU N 311 3.61 39.56 -58.84
N ALA N 312 3.73 39.09 -60.08
CA ALA N 312 2.60 38.45 -60.74
C ALA N 312 2.16 37.20 -60.00
N GLU N 313 3.14 36.41 -59.52
CA GLU N 313 2.81 35.21 -58.78
C GLU N 313 2.04 35.54 -57.51
N HIS N 314 2.49 36.54 -56.75
CA HIS N 314 1.80 36.91 -55.52
C HIS N 314 0.41 37.49 -55.82
N MET N 315 0.29 38.24 -56.91
CA MET N 315 -1.01 38.79 -57.29
C MET N 315 -1.99 37.66 -57.56
N ASP N 316 -1.60 36.71 -58.41
CA ASP N 316 -2.51 35.62 -58.75
C ASP N 316 -2.78 34.74 -57.54
N MET N 317 -1.79 34.54 -56.68
CA MET N 317 -2.00 33.77 -55.46
C MET N 317 -3.02 34.44 -54.55
N LEU N 318 -2.93 35.76 -54.42
CA LEU N 318 -3.88 36.48 -53.59
C LEU N 318 -5.29 36.41 -54.18
N MET N 319 -5.40 36.50 -55.50
CA MET N 319 -6.73 36.41 -56.13
C MET N 319 -7.38 35.06 -55.88
N VAL N 320 -6.57 34.02 -55.64
CA VAL N 320 -7.10 32.67 -55.47
C VAL N 320 -7.48 32.39 -54.02
N CYS N 321 -6.60 32.72 -53.08
CA CYS N 321 -6.85 32.39 -51.68
C CYS N 321 -8.00 33.21 -51.10
N HIS N 322 -8.19 34.44 -51.59
CA HIS N 322 -9.27 35.29 -51.11
C HIS N 322 -10.48 35.30 -52.03
N HIS N 323 -10.47 34.49 -53.09
CA HIS N 323 -11.60 34.37 -54.00
C HIS N 323 -12.02 35.72 -54.60
N LEU N 324 -11.02 36.47 -55.04
CA LEU N 324 -11.26 37.78 -55.62
C LEU N 324 -11.61 37.68 -57.09
N ASP N 325 -12.23 38.74 -57.60
CA ASP N 325 -12.65 38.82 -59.00
C ASP N 325 -11.98 40.01 -59.67
N LYS N 326 -11.49 39.79 -60.89
CA LYS N 326 -10.80 40.86 -61.62
C LYS N 326 -11.76 41.90 -62.18
N SER N 327 -13.05 41.60 -62.27
CA SER N 327 -14.03 42.54 -62.78
C SER N 327 -14.59 43.46 -61.70
N ILE N 328 -14.19 43.28 -60.45
CA ILE N 328 -14.64 44.10 -59.33
C ILE N 328 -13.51 45.07 -58.98
N LYS N 329 -13.81 46.36 -59.02
CA LYS N 329 -12.77 47.35 -58.75
C LYS N 329 -12.32 47.33 -57.30
N GLU N 330 -13.22 46.98 -56.38
CA GLU N 330 -12.84 46.94 -54.96
C GLU N 330 -11.87 45.81 -54.68
N ASP N 331 -12.04 44.67 -55.34
CA ASP N 331 -11.09 43.57 -55.18
C ASP N 331 -9.73 43.93 -55.76
N VAL N 332 -9.71 44.66 -56.88
CA VAL N 332 -8.45 45.13 -57.44
C VAL N 332 -7.79 46.12 -56.50
N GLN N 333 -8.57 47.03 -55.93
CA GLN N 333 -8.01 48.01 -54.99
C GLN N 333 -7.41 47.32 -53.77
N PHE N 334 -8.09 46.29 -53.26
CA PHE N 334 -7.52 45.52 -52.16
C PHE N 334 -6.22 44.85 -52.58
N ALA N 335 -6.19 44.25 -53.76
CA ALA N 335 -5.01 43.51 -54.20
C ALA N 335 -3.83 44.45 -54.42
N ASP N 336 -4.07 45.62 -55.01
CA ASP N 336 -2.97 46.54 -55.25
C ASP N 336 -2.39 47.10 -53.95
N SER N 337 -3.25 47.38 -52.98
CA SER N 337 -2.76 47.85 -51.68
C SER N 337 -2.01 46.78 -50.92
N ARG N 338 -2.13 45.53 -51.33
CA ARG N 338 -1.60 44.40 -50.60
C ARG N 338 -0.23 43.96 -51.08
N ILE N 339 0.01 43.96 -52.39
CA ILE N 339 1.21 43.31 -52.93
C ILE N 339 2.42 44.23 -52.82
N ARG N 340 2.36 45.40 -53.45
CA ARG N 340 3.38 46.43 -53.30
C ARG N 340 4.80 45.95 -53.60
N PRO N 341 5.18 45.84 -54.87
CA PRO N 341 6.55 45.45 -55.22
C PRO N 341 7.61 46.32 -54.58
N GLN N 342 7.23 47.53 -54.16
CA GLN N 342 8.15 48.42 -53.47
C GLN N 342 8.59 47.85 -52.13
N THR N 343 7.62 47.43 -51.31
CA THR N 343 7.97 46.84 -50.01
C THR N 343 8.69 45.51 -50.19
N ILE N 344 8.29 44.73 -51.20
CA ILE N 344 8.96 43.46 -51.45
C ILE N 344 10.42 43.69 -51.80
N ALA N 345 10.69 44.70 -52.64
CA ALA N 345 12.07 45.03 -52.96
C ALA N 345 12.81 45.52 -51.72
N ALA N 346 12.16 46.35 -50.91
CA ALA N 346 12.83 46.89 -49.73
C ALA N 346 13.16 45.80 -48.72
N GLU N 347 12.40 44.71 -48.72
CA GLU N 347 12.55 43.66 -47.72
C GLU N 347 13.92 42.97 -47.82
N ASP N 348 14.40 42.73 -49.05
CA ASP N 348 15.71 42.11 -49.21
C ASP N 348 16.82 42.96 -48.61
N THR N 349 16.79 44.26 -48.90
CA THR N 349 17.80 45.17 -48.37
C THR N 349 17.69 45.27 -46.85
N LEU N 350 16.47 45.25 -46.33
CA LEU N 350 16.31 45.28 -44.88
C LEU N 350 16.86 44.01 -44.23
N HIS N 351 16.78 42.88 -44.92
CA HIS N 351 17.48 41.69 -44.44
C HIS N 351 18.98 41.90 -44.46
N ASP N 352 19.51 42.51 -45.52
CA ASP N 352 20.94 42.75 -45.59
C ASP N 352 21.41 43.72 -44.51
N MET N 353 20.57 44.70 -44.16
CA MET N 353 20.92 45.70 -43.16
C MET N 353 20.77 45.19 -41.73
N GLY N 354 20.18 44.02 -41.52
CA GLY N 354 19.90 43.55 -40.18
C GLY N 354 18.64 44.10 -39.56
N ILE N 355 17.76 44.75 -40.35
CA ILE N 355 16.50 45.24 -39.81
C ILE N 355 15.54 44.08 -39.59
N PHE N 356 15.36 43.23 -40.60
CA PHE N 356 14.65 41.99 -40.43
C PHE N 356 15.57 40.97 -39.75
N SER N 357 15.03 40.23 -38.79
CA SER N 357 15.86 39.35 -37.98
C SER N 357 15.56 37.86 -38.13
N ILE N 358 14.38 37.49 -38.59
CA ILE N 358 13.98 36.09 -38.67
C ILE N 358 13.43 35.79 -40.06
N THR N 359 13.80 34.64 -40.60
CA THR N 359 13.17 34.09 -41.79
C THR N 359 12.32 32.90 -41.39
N SER N 360 11.16 32.76 -42.04
CA SER N 360 10.21 31.70 -41.70
C SER N 360 9.48 31.28 -42.98
N SER N 361 8.47 30.42 -42.82
CA SER N 361 7.85 29.75 -43.95
C SER N 361 6.47 30.28 -44.30
N ASP N 362 5.51 30.27 -43.36
CA ASP N 362 4.08 30.44 -43.65
C ASP N 362 3.58 29.28 -44.53
N SER N 363 3.79 28.07 -44.03
CA SER N 363 3.76 26.86 -44.86
C SER N 363 2.36 26.52 -45.37
N GLN N 364 2.27 26.31 -46.69
CA GLN N 364 1.02 26.04 -47.40
C GLN N 364 -0.04 27.10 -47.15
N ALA N 365 0.39 28.26 -46.68
CA ALA N 365 -0.40 29.45 -46.45
C ALA N 365 0.34 30.67 -47.02
N MET N 366 0.70 30.58 -48.30
CA MET N 366 1.66 31.45 -49.00
C MET N 366 3.04 31.36 -48.33
N GLY N 367 3.61 30.18 -48.47
CA GLY N 367 4.97 29.94 -48.05
C GLY N 367 5.32 28.48 -48.31
N ARG N 368 6.62 28.23 -48.41
CA ARG N 368 7.13 26.91 -48.79
C ARG N 368 7.98 26.37 -47.66
N VAL N 369 7.49 25.32 -47.00
CA VAL N 369 8.11 24.81 -45.78
C VAL N 369 9.48 24.20 -46.03
N GLY N 370 9.77 23.77 -47.25
CA GLY N 370 11.05 23.17 -47.54
C GLY N 370 12.03 24.13 -48.18
N GLU N 371 11.80 25.43 -48.06
CA GLU N 371 12.62 26.42 -48.76
C GLU N 371 13.06 27.59 -47.90
N VAL N 372 12.85 27.54 -46.58
CA VAL N 372 13.24 28.67 -45.73
C VAL N 372 14.74 28.91 -45.81
N ILE N 373 15.53 27.86 -45.59
CA ILE N 373 16.99 27.99 -45.59
C ILE N 373 17.49 28.34 -46.98
N THR N 374 16.94 27.68 -48.00
CA THR N 374 17.39 27.92 -49.36
C THR N 374 17.13 29.36 -49.79
N ARG N 375 15.95 29.89 -49.49
CA ARG N 375 15.65 31.26 -49.87
C ARG N 375 16.41 32.26 -49.02
N THR N 376 16.71 31.92 -47.77
CA THR N 376 17.59 32.79 -46.98
C THR N 376 18.96 32.93 -47.64
N TRP N 377 19.54 31.81 -48.07
CA TRP N 377 20.86 31.91 -48.68
C TRP N 377 20.80 32.49 -50.09
N GLN N 378 19.68 32.30 -50.79
CA GLN N 378 19.50 32.98 -52.07
C GLN N 378 19.45 34.49 -51.88
N THR N 379 18.76 34.94 -50.82
CA THR N 379 18.72 36.37 -50.51
C THR N 379 20.11 36.89 -50.18
N ALA N 380 20.86 36.15 -49.39
CA ALA N 380 22.23 36.56 -49.07
C ALA N 380 23.08 36.67 -50.32
N ASP N 381 22.97 35.69 -51.22
CA ASP N 381 23.74 35.70 -52.46
C ASP N 381 23.35 36.88 -53.34
N LYS N 382 22.05 37.14 -53.47
CA LYS N 382 21.59 38.27 -54.26
C LYS N 382 22.07 39.59 -53.68
N ASN N 383 22.00 39.73 -52.35
CA ASN N 383 22.47 40.96 -51.72
C ASN N 383 23.97 41.16 -51.91
N LYS N 384 24.75 40.08 -51.82
CA LYS N 384 26.18 40.23 -52.08
C LYS N 384 26.45 40.60 -53.53
N LYS N 385 25.66 40.06 -54.46
CA LYS N 385 25.83 40.42 -55.85
C LYS N 385 25.51 41.89 -56.09
N GLU N 386 24.48 42.41 -55.42
CA GLU N 386 24.07 43.78 -55.68
C GLU N 386 24.91 44.80 -54.90
N PHE N 387 24.99 44.65 -53.59
CA PHE N 387 25.64 45.63 -52.73
C PHE N 387 27.10 45.31 -52.45
N GLY N 388 27.61 44.18 -52.93
CA GLY N 388 28.97 43.83 -52.66
C GLY N 388 29.17 43.29 -51.25
N ARG N 389 30.44 43.23 -50.86
CA ARG N 389 30.80 42.68 -49.57
C ARG N 389 30.48 43.67 -48.45
N LEU N 390 29.99 43.14 -47.33
CA LEU N 390 29.60 43.99 -46.22
C LEU N 390 30.81 44.72 -45.64
N LYS N 391 30.57 45.90 -45.07
CA LYS N 391 31.65 46.67 -44.45
C LYS N 391 32.02 46.17 -43.06
N GLU N 392 31.23 45.28 -42.47
CA GLU N 392 31.57 44.68 -41.20
C GLU N 392 32.44 43.44 -41.35
N GLU N 393 32.90 43.14 -42.56
CA GLU N 393 33.77 42.01 -42.77
C GLU N 393 35.19 42.29 -42.27
N LYS N 394 35.84 41.25 -41.78
CA LYS N 394 37.24 41.29 -41.38
C LYS N 394 37.97 40.24 -42.21
N GLY N 395 38.41 40.64 -43.40
CA GLY N 395 39.15 39.78 -44.27
C GLY N 395 38.45 39.56 -45.60
N ASP N 396 39.13 38.82 -46.48
CA ASP N 396 38.63 38.53 -47.81
C ASP N 396 37.63 37.37 -47.76
N ASN N 397 36.58 37.58 -46.97
CA ASN N 397 35.55 36.57 -46.79
C ASN N 397 34.23 37.27 -46.54
N ASP N 398 33.19 36.47 -46.39
CA ASP N 398 31.85 36.95 -46.09
C ASP N 398 31.36 36.42 -44.76
N ASN N 399 32.28 36.24 -43.81
CA ASN N 399 31.95 35.57 -42.55
C ASN N 399 30.86 36.32 -41.79
N PHE N 400 30.93 37.65 -41.76
CA PHE N 400 29.93 38.43 -41.03
C PHE N 400 28.56 38.26 -41.65
N ARG N 401 28.47 38.35 -42.98
CA ARG N 401 27.19 38.17 -43.66
C ARG N 401 26.66 36.76 -43.48
N ILE N 402 27.56 35.78 -43.49
CA ILE N 402 27.16 34.40 -43.27
C ILE N 402 26.54 34.25 -41.89
N LYS N 403 27.17 34.82 -40.87
CA LYS N 403 26.61 34.75 -39.52
C LYS N 403 25.27 35.48 -39.45
N ARG N 404 25.18 36.65 -40.08
CA ARG N 404 23.95 37.43 -40.04
C ARG N 404 22.78 36.65 -40.63
N TYR N 405 22.99 36.02 -41.78
CA TYR N 405 21.90 35.29 -42.40
C TYR N 405 21.64 33.95 -41.73
N LEU N 406 22.67 33.30 -41.21
CA LEU N 406 22.47 32.04 -40.51
C LEU N 406 21.69 32.24 -39.22
N SER N 407 21.86 33.38 -38.55
CA SER N 407 21.10 33.65 -37.34
C SER N 407 19.61 33.76 -37.61
N LYS N 408 19.23 34.13 -38.83
CA LYS N 408 17.83 34.40 -39.14
C LYS N 408 16.96 33.15 -39.00
N TYR N 409 17.52 31.96 -39.17
CA TYR N 409 16.73 30.74 -39.01
C TYR N 409 17.28 29.78 -37.96
N THR N 410 18.30 30.14 -37.20
CA THR N 410 18.79 29.25 -36.16
C THR N 410 18.63 29.82 -34.76
N ILE N 411 19.27 30.93 -34.44
CA ILE N 411 19.37 31.39 -33.07
C ILE N 411 18.34 32.46 -32.75
N ASN N 412 18.04 33.33 -33.71
CA ASN N 412 17.07 34.39 -33.45
C ASN N 412 15.66 33.85 -33.23
N PRO N 413 15.12 32.94 -34.06
CA PRO N 413 13.82 32.34 -33.72
C PRO N 413 13.81 31.60 -32.39
N ALA N 414 14.92 30.94 -32.03
CA ALA N 414 14.99 30.25 -30.75
C ALA N 414 14.92 31.23 -29.59
N ILE N 415 15.62 32.36 -29.70
CA ILE N 415 15.52 33.40 -28.67
C ILE N 415 14.10 33.97 -28.65
N ALA N 416 13.50 34.16 -29.83
CA ALA N 416 12.18 34.75 -29.91
C ALA N 416 11.14 33.89 -29.22
N HIS N 417 11.24 32.57 -29.34
CA HIS N 417 10.24 31.70 -28.74
C HIS N 417 10.73 30.99 -27.50
N GLY N 418 11.77 31.52 -26.86
CA GLY N 418 12.19 31.04 -25.55
C GLY N 418 12.70 29.63 -25.49
N ILE N 419 13.38 29.16 -26.53
CA ILE N 419 13.93 27.83 -26.55
C ILE N 419 15.44 27.86 -26.83
N SER N 420 16.06 29.02 -26.71
CA SER N 420 17.47 29.15 -27.07
C SER N 420 18.42 28.59 -26.01
N GLU N 421 17.90 28.03 -24.93
CA GLU N 421 18.76 27.26 -24.04
C GLU N 421 18.84 25.79 -24.44
N TYR N 422 17.97 25.34 -25.33
CA TYR N 422 17.97 23.95 -25.79
C TYR N 422 18.52 23.81 -27.20
N VAL N 423 18.03 24.61 -28.15
CA VAL N 423 18.37 24.49 -29.55
C VAL N 423 18.86 25.85 -30.04
N GLY N 424 19.21 25.90 -31.32
CA GLY N 424 19.54 27.14 -31.99
C GLY N 424 21.01 27.31 -32.33
N SER N 425 21.91 26.60 -31.67
CA SER N 425 23.33 26.80 -31.95
C SER N 425 24.12 25.56 -31.60
N VAL N 426 25.33 25.48 -32.14
CA VAL N 426 26.28 24.42 -31.80
C VAL N 426 27.06 24.93 -30.59
N GLU N 427 26.54 24.68 -29.40
CA GLU N 427 27.18 25.07 -28.16
C GLU N 427 27.13 23.93 -27.17
N VAL N 428 28.13 23.87 -26.28
CA VAL N 428 28.18 22.81 -25.29
C VAL N 428 27.04 22.97 -24.31
N GLY N 429 26.34 21.87 -24.03
CA GLY N 429 25.21 21.86 -23.15
C GLY N 429 23.87 21.84 -23.86
N LYS N 430 23.84 22.18 -25.13
CA LYS N 430 22.61 22.25 -25.89
C LYS N 430 22.23 20.90 -26.48
N VAL N 431 20.98 20.80 -26.91
CA VAL N 431 20.49 19.60 -27.56
C VAL N 431 21.22 19.36 -28.87
N ALA N 432 21.61 18.11 -29.11
CA ALA N 432 22.35 17.76 -30.32
C ALA N 432 21.41 17.60 -31.50
N ASP N 433 20.88 18.74 -31.95
CA ASP N 433 20.15 18.85 -33.21
C ASP N 433 21.10 19.47 -34.24
N LEU N 434 21.71 18.62 -35.06
CA LEU N 434 22.78 19.05 -35.95
C LEU N 434 22.51 18.58 -37.38
N VAL N 435 22.98 19.37 -38.34
CA VAL N 435 22.82 19.09 -39.74
C VAL N 435 24.20 19.03 -40.38
N LEU N 436 24.45 17.99 -41.16
CA LEU N 436 25.71 17.82 -41.88
C LEU N 436 25.52 18.25 -43.32
N TRP N 437 26.36 19.17 -43.78
CA TRP N 437 26.31 19.69 -45.14
C TRP N 437 27.63 19.43 -45.84
N SER N 438 27.57 18.94 -47.06
CA SER N 438 28.71 19.07 -47.94
C SER N 438 28.71 20.47 -48.55
N PRO N 439 29.86 21.17 -48.55
CA PRO N 439 29.85 22.58 -48.99
C PRO N 439 29.31 22.80 -50.39
N ALA N 440 29.49 21.85 -51.30
CA ALA N 440 28.92 22.00 -52.63
C ALA N 440 27.40 22.05 -52.60
N PHE N 441 26.78 21.40 -51.61
CA PHE N 441 25.33 21.39 -51.50
C PHE N 441 24.82 22.22 -50.34
N PHE N 442 25.63 23.15 -49.83
CA PHE N 442 25.25 23.88 -48.64
C PHE N 442 24.03 24.74 -48.89
N GLY N 443 23.08 24.68 -47.97
CA GLY N 443 21.90 25.51 -48.02
C GLY N 443 20.75 24.97 -48.84
N VAL N 444 20.93 23.87 -49.57
CA VAL N 444 19.84 23.33 -50.36
C VAL N 444 19.58 21.86 -50.04
N LYS N 445 20.64 21.05 -49.99
CA LYS N 445 20.43 19.62 -49.75
C LYS N 445 21.45 19.07 -48.74
N PRO N 446 21.02 18.77 -47.53
CA PRO N 446 21.95 18.30 -46.50
C PRO N 446 22.35 16.84 -46.68
N ASN N 447 23.37 16.44 -45.93
CA ASN N 447 23.83 15.05 -45.92
C ASN N 447 23.04 14.20 -44.93
N MET N 448 22.99 14.61 -43.67
CA MET N 448 22.25 13.86 -42.67
C MET N 448 21.82 14.79 -41.55
N ILE N 449 20.78 14.36 -40.82
CA ILE N 449 20.26 15.07 -39.67
C ILE N 449 20.56 14.23 -38.42
N ILE N 450 21.16 14.84 -37.42
CA ILE N 450 21.32 14.23 -36.11
C ILE N 450 20.27 14.85 -35.19
N LYS N 451 19.41 14.02 -34.62
CA LYS N 451 18.28 14.47 -33.82
C LYS N 451 18.41 13.85 -32.44
N GLY N 452 18.53 14.69 -31.41
CA GLY N 452 18.71 14.20 -30.06
C GLY N 452 19.96 13.37 -29.86
N GLY N 453 21.01 13.63 -30.64
CA GLY N 453 22.24 12.87 -30.51
C GLY N 453 22.27 11.56 -31.26
N PHE N 454 21.33 11.33 -32.17
CA PHE N 454 21.28 10.10 -32.94
C PHE N 454 20.84 10.44 -34.36
N ILE N 455 21.29 9.65 -35.34
CA ILE N 455 21.01 9.96 -36.74
C ILE N 455 19.56 9.63 -37.05
N ALA N 456 18.83 10.60 -37.57
CA ALA N 456 17.41 10.46 -37.82
C ALA N 456 17.04 10.48 -39.30
N LEU N 457 17.82 11.16 -40.13
CA LEU N 457 17.57 11.22 -41.55
C LEU N 457 18.89 11.30 -42.27
N SER N 458 19.00 10.66 -43.42
CA SER N 458 20.21 10.81 -44.22
C SER N 458 19.91 10.46 -45.66
N GLN N 459 20.76 10.96 -46.54
CA GLN N 459 20.83 10.44 -47.90
C GLN N 459 21.24 8.97 -47.86
N MET N 460 20.61 8.17 -48.70
CA MET N 460 20.84 6.74 -48.65
C MET N 460 20.51 6.13 -49.99
N GLY N 461 21.34 5.19 -50.42
CA GLY N 461 21.08 4.43 -51.62
C GLY N 461 20.16 3.27 -51.35
N ASP N 462 19.98 2.44 -52.37
CA ASP N 462 19.04 1.33 -52.28
C ASP N 462 19.50 0.30 -51.27
N ALA N 463 18.54 -0.28 -50.55
CA ALA N 463 18.86 -1.14 -49.42
C ALA N 463 19.59 -2.40 -49.85
N ASN N 464 19.39 -2.87 -51.08
CA ASN N 464 20.01 -4.09 -51.54
C ASN N 464 21.42 -3.87 -52.09
N ALA N 465 21.90 -2.63 -52.16
CA ALA N 465 23.20 -2.37 -52.75
C ALA N 465 24.33 -2.77 -51.80
N SER N 466 25.49 -3.08 -52.40
CA SER N 466 26.64 -3.50 -51.63
C SER N 466 27.26 -2.39 -50.80
N ILE N 467 26.97 -1.13 -51.13
CA ILE N 467 27.45 0.02 -50.37
C ILE N 467 26.32 1.05 -50.30
N PRO N 468 26.43 2.03 -49.39
CA PRO N 468 25.30 2.96 -49.21
C PRO N 468 25.18 4.03 -50.28
N THR N 469 26.17 4.20 -51.15
CA THR N 469 26.23 5.27 -52.14
C THR N 469 25.42 5.08 -53.42
N PRO N 470 25.27 3.88 -53.98
CA PRO N 470 24.66 3.76 -55.31
C PRO N 470 23.19 4.14 -55.36
N GLN N 471 22.75 4.42 -56.58
CA GLN N 471 21.46 5.02 -56.87
C GLN N 471 20.33 4.01 -56.78
N PRO N 472 19.08 4.47 -56.57
CA PRO N 472 18.72 5.87 -56.33
C PRO N 472 18.97 6.31 -54.89
N VAL N 473 19.49 7.53 -54.72
CA VAL N 473 19.78 8.10 -53.42
C VAL N 473 18.74 9.16 -53.11
N TYR N 474 18.04 9.00 -52.00
CA TYR N 474 17.15 10.03 -51.51
C TYR N 474 17.12 9.97 -49.99
N TYR N 475 16.38 10.89 -49.39
CA TYR N 475 16.36 11.01 -47.93
C TYR N 475 15.45 9.95 -47.35
N ARG N 476 15.99 9.16 -46.44
CA ARG N 476 15.28 8.05 -45.83
C ARG N 476 15.35 8.17 -44.32
N GLU N 477 14.32 7.68 -43.66
CA GLU N 477 14.28 7.72 -42.21
C GLU N 477 15.33 6.76 -41.63
N MET N 478 16.08 7.24 -40.66
CA MET N 478 17.07 6.46 -39.98
C MET N 478 16.49 5.93 -38.66
N PHE N 479 17.35 5.38 -37.81
CA PHE N 479 16.86 4.61 -36.66
C PHE N 479 16.27 5.50 -35.57
N ALA N 480 16.77 6.73 -35.42
CA ALA N 480 16.18 7.64 -34.44
C ALA N 480 14.77 8.06 -34.81
N HIS N 481 14.35 7.77 -36.04
CA HIS N 481 13.02 8.07 -36.57
C HIS N 481 11.98 7.02 -36.23
N HIS N 482 12.33 5.93 -35.55
CA HIS N 482 11.48 4.75 -35.49
C HIS N 482 11.37 4.21 -34.08
N GLY N 483 10.33 3.41 -33.86
CA GLY N 483 10.13 2.70 -32.62
C GLY N 483 9.95 3.63 -31.44
N LYS N 484 10.50 3.23 -30.31
CA LYS N 484 10.53 4.07 -29.12
C LYS N 484 11.74 4.99 -29.09
N ALA N 485 12.64 4.87 -30.08
CA ALA N 485 13.80 5.75 -30.14
C ALA N 485 13.39 7.19 -30.45
N LYS N 486 12.32 7.38 -31.22
CA LYS N 486 11.91 8.73 -31.58
C LYS N 486 11.41 9.51 -30.38
N TYR N 487 10.93 8.83 -29.33
CA TYR N 487 10.52 9.53 -28.12
C TYR N 487 11.70 10.12 -27.38
N ASP N 488 12.87 9.50 -27.47
CA ASP N 488 14.06 10.03 -26.82
C ASP N 488 14.73 11.13 -27.61
N ALA N 489 14.50 11.17 -28.92
CA ALA N 489 15.19 12.11 -29.78
C ALA N 489 14.44 13.41 -30.01
N ASN N 490 13.20 13.50 -29.55
CA ASN N 490 12.32 14.60 -29.93
C ASN N 490 11.75 15.29 -28.70
N ILE N 491 11.55 16.59 -28.83
CA ILE N 491 11.03 17.42 -27.75
C ILE N 491 9.70 18.00 -28.18
N THR N 492 8.75 18.00 -27.24
CA THR N 492 7.55 18.81 -27.33
C THR N 492 7.70 19.97 -26.37
N PHE N 493 7.75 21.18 -26.90
CA PHE N 493 7.85 22.38 -26.07
C PHE N 493 6.47 22.78 -25.56
N VAL N 494 6.38 23.09 -24.27
CA VAL N 494 5.15 23.56 -23.67
C VAL N 494 5.46 24.79 -22.83
N SER N 495 4.42 25.40 -22.30
CA SER N 495 4.60 26.51 -21.38
C SER N 495 5.07 25.99 -20.01
N GLN N 496 5.68 26.89 -19.26
CA GLN N 496 6.13 26.55 -17.91
C GLN N 496 4.94 26.13 -17.04
N ALA N 497 3.80 26.80 -17.19
CA ALA N 497 2.63 26.48 -16.39
C ALA N 497 2.13 25.06 -16.68
N ALA N 498 2.01 24.71 -17.97
CA ALA N 498 1.58 23.36 -18.33
C ALA N 498 2.58 22.32 -17.86
N TYR N 499 3.87 22.61 -17.99
CA TYR N 499 4.90 21.70 -17.53
C TYR N 499 4.80 21.46 -16.03
N ASP N 500 4.54 22.51 -15.25
CA ASP N 500 4.43 22.37 -13.81
C ASP N 500 3.20 21.59 -13.40
N LYS N 501 2.14 21.61 -14.20
CA LYS N 501 0.93 20.88 -13.91
C LYS N 501 0.98 19.43 -14.42
N GLY N 502 2.12 18.97 -14.91
CA GLY N 502 2.25 17.61 -15.39
C GLY N 502 1.50 17.31 -16.65
N ILE N 503 1.63 18.19 -17.65
CA ILE N 503 0.98 17.98 -18.94
C ILE N 503 1.48 16.69 -19.59
N LYS N 504 2.75 16.34 -19.36
CA LYS N 504 3.31 15.13 -19.93
C LYS N 504 2.59 13.89 -19.41
N GLU N 505 2.39 13.81 -18.10
CA GLU N 505 1.76 12.66 -17.48
C GLU N 505 0.25 12.66 -17.68
N GLU N 506 -0.36 13.83 -17.71
CA GLU N 506 -1.80 13.93 -17.90
C GLU N 506 -2.21 13.43 -19.28
N LEU N 507 -1.45 13.79 -20.31
CA LEU N 507 -1.76 13.41 -21.68
C LEU N 507 -1.06 12.13 -22.12
N GLY N 508 -0.24 11.53 -21.26
CA GLY N 508 0.45 10.32 -21.62
C GLY N 508 1.47 10.49 -22.74
N LEU N 509 2.21 11.59 -22.72
CA LEU N 509 3.17 11.90 -23.77
C LEU N 509 4.50 11.22 -23.47
N GLU N 510 5.06 10.56 -24.48
CA GLU N 510 6.32 9.85 -24.33
C GLU N 510 7.52 10.63 -24.84
N ARG N 511 7.32 11.68 -25.64
CA ARG N 511 8.41 12.56 -26.01
C ARG N 511 8.93 13.31 -24.80
N GLN N 512 10.13 13.86 -24.93
CA GLN N 512 10.60 14.82 -23.93
C GLN N 512 9.72 16.05 -23.95
N VAL N 513 9.40 16.56 -22.77
CA VAL N 513 8.57 17.74 -22.62
C VAL N 513 9.38 18.79 -21.88
N LEU N 514 9.59 19.94 -22.53
CA LEU N 514 10.40 21.02 -21.98
C LEU N 514 9.63 22.32 -21.97
N PRO N 515 9.84 23.17 -20.97
CA PRO N 515 9.17 24.47 -20.92
C PRO N 515 9.94 25.57 -21.63
N VAL N 516 9.20 26.44 -22.30
CA VAL N 516 9.78 27.65 -22.87
C VAL N 516 9.97 28.68 -21.76
N LYS N 517 10.95 29.56 -21.93
CA LYS N 517 11.27 30.52 -20.89
C LYS N 517 11.96 31.72 -21.51
N ASN N 518 11.86 32.86 -20.81
CA ASN N 518 12.51 34.11 -21.19
C ASN N 518 11.96 34.66 -22.51
N CYS N 519 10.64 34.75 -22.59
CA CYS N 519 9.98 35.25 -23.78
C CYS N 519 9.57 36.71 -23.69
N ARG N 520 9.43 37.27 -22.49
CA ARG N 520 8.86 38.59 -22.33
C ARG N 520 9.89 39.69 -22.13
N ASN N 521 11.14 39.35 -21.84
CA ASN N 521 12.15 40.35 -21.51
C ASN N 521 13.18 40.52 -22.62
N ILE N 522 12.84 40.13 -23.84
CA ILE N 522 13.74 40.24 -24.97
C ILE N 522 13.23 41.34 -25.89
N THR N 523 14.16 42.03 -26.53
CA THR N 523 13.81 43.03 -27.52
C THR N 523 14.58 42.79 -28.81
N LYS N 524 14.45 43.72 -29.76
CA LYS N 524 15.20 43.65 -31.01
C LYS N 524 16.70 43.58 -30.76
N LYS N 525 17.16 44.11 -29.63
CA LYS N 525 18.58 44.08 -29.29
C LYS N 525 19.07 42.69 -28.92
N ASP N 526 18.18 41.73 -28.70
CA ASP N 526 18.56 40.37 -28.35
C ASP N 526 18.74 39.46 -29.55
N MET N 527 18.58 39.97 -30.76
CA MET N 527 18.76 39.17 -31.96
C MET N 527 20.22 39.25 -32.40
N GLN N 528 20.82 38.09 -32.66
CA GLN N 528 22.22 38.04 -33.03
C GLN N 528 22.41 38.53 -34.45
N PHE N 529 23.30 39.52 -34.62
CA PHE N 529 23.70 40.06 -35.91
C PHE N 529 22.55 40.74 -36.64
N ASN N 530 21.35 40.73 -36.06
CA ASN N 530 20.21 41.46 -36.61
C ASN N 530 19.57 42.23 -35.46
N ASP N 531 20.16 43.36 -35.11
CA ASP N 531 19.65 44.16 -33.99
C ASP N 531 19.53 45.63 -34.37
N THR N 532 19.42 45.92 -35.66
CA THR N 532 19.40 47.29 -36.13
C THR N 532 18.01 47.87 -35.98
N THR N 533 17.89 48.91 -35.15
CA THR N 533 16.67 49.66 -35.02
C THR N 533 16.81 50.97 -35.79
N ALA N 534 15.73 51.39 -36.44
CA ALA N 534 15.77 52.59 -37.26
C ALA N 534 14.36 53.12 -37.40
N HIS N 535 14.28 54.39 -37.78
CA HIS N 535 12.99 55.00 -38.07
C HIS N 535 12.64 54.70 -39.53
N ILE N 536 11.57 53.95 -39.72
CA ILE N 536 11.15 53.52 -41.05
C ILE N 536 9.89 54.30 -41.41
N GLU N 537 9.93 54.98 -42.55
CA GLU N 537 8.79 55.71 -43.08
C GLU N 537 8.37 55.10 -44.41
N VAL N 538 7.07 54.99 -44.62
CA VAL N 538 6.52 54.46 -45.86
C VAL N 538 5.62 55.54 -46.46
N ASN N 539 5.84 55.84 -47.72
CA ASN N 539 5.04 56.84 -48.41
C ASN N 539 3.64 56.31 -48.63
N PRO N 540 2.59 57.00 -48.16
CA PRO N 540 1.23 56.49 -48.37
C PRO N 540 0.83 56.38 -49.83
N GLU N 541 1.43 57.18 -50.71
CA GLU N 541 1.05 57.20 -52.12
C GLU N 541 1.96 56.32 -52.97
N THR N 542 3.27 56.58 -52.96
CA THR N 542 4.19 55.84 -53.81
C THR N 542 4.64 54.53 -53.19
N TYR N 543 4.31 54.28 -51.93
CA TYR N 543 4.68 53.06 -51.22
C TYR N 543 6.18 52.89 -51.07
N HIS N 544 6.95 53.96 -51.28
CA HIS N 544 8.39 53.89 -51.11
C HIS N 544 8.75 53.80 -49.63
N VAL N 545 9.88 53.14 -49.36
CA VAL N 545 10.32 52.87 -48.00
C VAL N 545 11.60 53.64 -47.74
N PHE N 546 11.62 54.41 -46.66
CA PHE N 546 12.77 55.19 -46.26
C PHE N 546 13.21 54.73 -44.87
N VAL N 547 14.50 54.42 -44.73
CA VAL N 547 15.10 54.06 -43.46
C VAL N 547 16.03 55.19 -43.06
N ASP N 548 15.73 55.83 -41.94
CA ASP N 548 16.51 56.96 -41.42
C ASP N 548 16.67 58.05 -42.48
N GLY N 549 15.60 58.28 -43.25
CA GLY N 549 15.58 59.34 -44.22
C GLY N 549 16.05 58.97 -45.61
N LYS N 550 16.64 57.80 -45.79
CA LYS N 550 17.18 57.39 -47.08
C LYS N 550 16.33 56.28 -47.67
N GLU N 551 16.07 56.37 -48.97
CA GLU N 551 15.24 55.38 -49.64
C GLU N 551 15.95 54.04 -49.71
N VAL N 552 15.21 52.98 -49.43
CA VAL N 552 15.74 51.61 -49.41
C VAL N 552 14.99 50.81 -50.46
N THR N 553 15.73 50.19 -51.37
CA THR N 553 15.12 49.38 -52.41
C THR N 553 16.16 48.38 -52.90
N SER N 554 15.66 47.34 -53.57
CA SER N 554 16.52 46.37 -54.22
C SER N 554 15.97 46.09 -55.61
N LYS N 555 16.82 45.60 -56.45
CA LYS N 555 16.27 45.31 -57.77
C LYS N 555 15.97 43.82 -57.91
N PRO N 556 14.99 43.44 -58.72
CA PRO N 556 14.63 42.04 -58.85
C PRO N 556 15.72 41.24 -59.56
N ALA N 557 15.72 39.95 -59.27
CA ALA N 557 16.68 39.01 -59.84
C ALA N 557 16.00 38.17 -60.92
N ASN N 558 16.64 38.07 -62.08
CA ASN N 558 16.13 37.21 -63.15
C ASN N 558 16.63 35.78 -63.03
N LYS N 559 17.54 35.50 -62.11
CA LYS N 559 18.08 34.17 -61.89
C LYS N 559 18.70 34.14 -60.51
N VAL N 560 18.46 33.07 -59.76
CA VAL N 560 18.99 32.91 -58.43
C VAL N 560 19.88 31.68 -58.40
N SER N 561 20.73 31.61 -57.39
CA SER N 561 21.52 30.42 -57.16
C SER N 561 20.71 29.42 -56.34
N LEU N 562 21.24 28.20 -56.24
CA LEU N 562 20.68 27.14 -55.44
C LEU N 562 19.27 26.73 -55.90
N ALA N 563 18.92 26.95 -57.17
CA ALA N 563 17.57 26.62 -57.61
C ALA N 563 17.53 25.52 -58.65
N GLN N 564 17.99 25.74 -59.88
CA GLN N 564 17.78 24.78 -60.94
C GLN N 564 18.97 23.86 -61.13
N LEU N 565 20.10 24.18 -60.51
CA LEU N 565 21.27 23.32 -60.57
C LEU N 565 21.11 22.08 -59.69
N PHE N 566 20.24 22.13 -58.68
CA PHE N 566 20.21 21.13 -57.63
C PHE N 566 18.96 20.28 -57.60
N SER N 567 17.92 20.63 -58.34
CA SER N 567 16.63 19.96 -58.22
C SER N 567 16.12 19.54 -59.58
N ILE N 568 15.52 18.35 -59.65
CA ILE N 568 14.92 17.90 -60.90
C ILE N 568 13.58 18.58 -61.15
N PHE N 569 12.91 19.06 -60.11
CA PHE N 569 11.65 19.77 -60.26
C PHE N 569 11.63 21.00 -59.36
N MET O 1 39.38 -49.31 -32.85
CA MET O 1 38.43 -50.36 -33.18
C MET O 1 38.83 -51.68 -32.55
N LYS O 2 38.00 -52.16 -31.63
CA LYS O 2 38.25 -53.40 -30.91
C LYS O 2 36.97 -54.21 -30.89
N LYS O 3 37.12 -55.53 -30.75
CA LYS O 3 35.99 -56.46 -30.66
C LYS O 3 35.75 -56.83 -29.21
N ILE O 4 34.49 -56.78 -28.79
CA ILE O 4 34.09 -57.15 -27.44
C ILE O 4 33.04 -58.24 -27.54
N SER O 5 33.24 -59.32 -26.79
CA SER O 5 32.26 -60.40 -26.77
C SER O 5 30.94 -59.91 -26.18
N ARG O 6 29.83 -60.42 -26.72
CA ARG O 6 28.52 -59.97 -26.26
C ARG O 6 28.33 -60.23 -24.77
N LYS O 7 28.88 -61.32 -24.25
CA LYS O 7 28.70 -61.65 -22.85
C LYS O 7 29.28 -60.56 -21.95
N GLU O 8 30.55 -60.20 -22.16
CA GLU O 8 31.15 -59.20 -21.28
C GLU O 8 30.57 -57.82 -21.54
N TYR O 9 30.18 -57.53 -22.78
CA TYR O 9 29.53 -56.26 -23.06
C TYR O 9 28.23 -56.13 -22.28
N VAL O 10 27.41 -57.19 -22.29
CA VAL O 10 26.14 -57.14 -21.59
C VAL O 10 26.36 -57.10 -20.08
N SER O 11 27.39 -57.79 -19.59
CA SER O 11 27.69 -57.71 -18.16
C SER O 11 28.12 -56.31 -17.75
N MET O 12 28.75 -55.57 -18.66
CA MET O 12 29.19 -54.22 -18.30
C MET O 12 28.10 -53.17 -18.48
N TYR O 13 27.32 -53.25 -19.54
CA TYR O 13 26.39 -52.17 -19.88
C TYR O 13 24.94 -52.61 -20.05
N GLY O 14 24.62 -53.88 -19.86
CA GLY O 14 23.29 -54.37 -20.06
C GLY O 14 23.05 -54.89 -21.46
N PRO O 15 21.87 -55.45 -21.70
CA PRO O 15 21.57 -56.00 -23.03
C PRO O 15 21.53 -54.91 -24.09
N THR O 16 21.88 -55.29 -25.31
CA THR O 16 21.91 -54.37 -26.44
C THR O 16 20.95 -54.92 -27.51
N THR O 17 20.95 -54.28 -28.68
CA THR O 17 19.98 -54.62 -29.71
C THR O 17 20.07 -56.09 -30.09
N GLY O 18 18.92 -56.75 -30.13
CA GLY O 18 18.82 -58.14 -30.46
C GLY O 18 18.88 -59.09 -29.29
N ASP O 19 19.37 -58.62 -28.14
CA ASP O 19 19.36 -59.44 -26.94
C ASP O 19 17.95 -59.55 -26.37
N LYS O 20 17.73 -60.62 -25.63
CA LYS O 20 16.43 -60.91 -25.05
C LYS O 20 16.59 -61.16 -23.56
N VAL O 21 15.59 -60.75 -22.79
CA VAL O 21 15.63 -60.91 -21.33
C VAL O 21 14.28 -61.44 -20.85
N ARG O 22 14.33 -62.43 -19.97
CA ARG O 22 13.12 -62.94 -19.34
C ARG O 22 12.62 -61.93 -18.30
N LEU O 23 11.30 -61.79 -18.22
CA LEU O 23 10.67 -60.88 -17.27
C LEU O 23 10.24 -61.69 -16.05
N GLY O 24 10.90 -61.45 -14.92
CA GLY O 24 10.58 -62.18 -13.71
C GLY O 24 10.79 -63.66 -13.91
N ASP O 25 9.95 -64.46 -13.25
CA ASP O 25 9.93 -65.89 -13.44
C ASP O 25 8.86 -66.34 -14.43
N THR O 26 8.41 -65.45 -15.30
CA THR O 26 7.37 -65.76 -16.26
C THR O 26 7.99 -66.37 -17.52
N ASP O 27 7.18 -66.53 -18.56
CA ASP O 27 7.65 -66.98 -19.85
C ASP O 27 7.71 -65.86 -20.87
N LEU O 28 7.42 -64.63 -20.47
CA LEU O 28 7.45 -63.50 -21.39
C LEU O 28 8.89 -63.06 -21.65
N ILE O 29 9.24 -62.93 -22.93
CA ILE O 29 10.59 -62.61 -23.34
C ILE O 29 10.58 -61.26 -24.03
N ALA O 30 11.39 -60.33 -23.53
CA ALA O 30 11.49 -59.00 -24.08
C ALA O 30 12.77 -58.90 -24.91
N GLU O 31 12.65 -58.37 -26.12
CA GLU O 31 13.78 -58.19 -27.01
C GLU O 31 14.06 -56.70 -27.16
N VAL O 32 15.33 -56.32 -27.01
CA VAL O 32 15.73 -54.93 -27.20
C VAL O 32 15.63 -54.59 -28.67
N GLU O 33 14.80 -53.59 -28.99
CA GLU O 33 14.52 -53.26 -30.38
C GLU O 33 15.58 -52.33 -30.97
N HIS O 34 16.08 -51.39 -30.17
CA HIS O 34 17.01 -50.38 -30.66
C HIS O 34 17.89 -49.93 -29.51
N ASP O 35 19.04 -49.38 -29.86
CA ASP O 35 20.00 -48.87 -28.88
C ASP O 35 20.44 -47.48 -29.31
N TYR O 36 20.40 -46.53 -28.38
CA TYR O 36 20.80 -45.16 -28.65
C TYR O 36 22.27 -44.90 -28.39
N THR O 37 23.03 -45.93 -28.03
CA THR O 37 24.40 -45.72 -27.60
C THR O 37 25.37 -45.77 -28.78
N ILE O 38 26.51 -45.14 -28.60
CA ILE O 38 27.65 -45.29 -29.50
C ILE O 38 28.62 -46.26 -28.86
N TYR O 39 28.84 -47.39 -29.52
CA TYR O 39 29.68 -48.44 -28.95
C TYR O 39 31.09 -47.94 -28.69
N GLY O 40 31.52 -48.04 -27.44
CA GLY O 40 32.76 -47.45 -27.00
C GLY O 40 32.64 -46.13 -26.27
N GLU O 41 31.43 -45.59 -26.16
CA GLU O 41 31.20 -44.31 -25.50
C GLU O 41 30.20 -44.40 -24.37
N GLU O 42 29.99 -45.59 -23.81
CA GLU O 42 28.96 -45.77 -22.80
C GLU O 42 29.29 -45.02 -21.52
N LEU O 43 28.25 -44.58 -20.81
CA LEU O 43 28.40 -43.87 -19.56
C LEU O 43 28.45 -44.86 -18.40
N LYS O 44 29.55 -44.86 -17.68
CA LYS O 44 29.72 -45.70 -16.50
C LYS O 44 30.20 -44.83 -15.34
N PHE O 45 29.64 -45.07 -14.17
CA PHE O 45 30.03 -44.33 -12.99
C PHE O 45 30.80 -45.23 -12.02
N GLY O 46 31.83 -44.69 -11.44
CA GLY O 46 32.67 -45.43 -10.52
C GLY O 46 34.08 -44.88 -10.54
N GLY O 47 34.96 -45.57 -9.82
CA GLY O 47 36.35 -45.17 -9.77
C GLY O 47 37.05 -45.52 -11.07
N GLY O 48 37.68 -44.52 -11.69
CA GLY O 48 38.39 -44.74 -12.93
C GLY O 48 37.53 -44.89 -14.15
N LYS O 49 36.24 -44.60 -14.06
CA LYS O 49 35.31 -44.80 -15.15
C LYS O 49 35.07 -43.50 -15.90
N THR O 50 34.06 -43.50 -16.77
CA THR O 50 33.91 -42.43 -17.74
C THR O 50 33.24 -41.18 -17.16
N LEU O 51 32.29 -41.35 -16.24
CA LEU O 51 31.51 -40.22 -15.74
C LEU O 51 32.31 -39.35 -14.80
N ARG O 52 33.34 -38.69 -15.33
CA ARG O 52 34.26 -37.90 -14.52
C ARG O 52 34.51 -36.56 -15.20
N GLU O 53 34.99 -35.62 -14.40
CA GLU O 53 35.26 -34.27 -14.86
C GLU O 53 36.17 -34.28 -16.08
N GLY O 54 35.67 -33.73 -17.18
CA GLY O 54 36.44 -33.61 -18.40
C GLY O 54 36.33 -34.76 -19.37
N MET O 55 35.67 -35.86 -19.00
CA MET O 55 35.52 -36.99 -19.92
C MET O 55 34.07 -37.20 -20.34
N SER O 56 33.18 -37.50 -19.41
CA SER O 56 31.76 -37.63 -19.70
C SER O 56 30.91 -36.61 -18.96
N GLN O 57 31.40 -36.08 -17.85
CA GLN O 57 30.86 -34.86 -17.29
C GLN O 57 31.57 -33.68 -17.94
N SER O 58 30.81 -32.76 -18.49
CA SER O 58 31.39 -31.65 -19.21
C SER O 58 31.94 -30.60 -18.26
N ASN O 59 33.09 -30.04 -18.63
CA ASN O 59 33.61 -28.86 -17.96
C ASN O 59 33.05 -27.57 -18.54
N ASN O 60 32.38 -27.65 -19.68
CA ASN O 60 31.70 -26.51 -20.29
C ASN O 60 30.30 -26.97 -20.68
N PRO O 61 29.43 -27.22 -19.72
CA PRO O 61 28.14 -27.83 -20.03
C PRO O 61 27.22 -26.87 -20.76
N SER O 62 26.24 -27.45 -21.45
CA SER O 62 25.18 -26.64 -22.01
C SER O 62 24.34 -26.02 -20.90
N LYS O 63 23.46 -25.09 -21.28
CA LYS O 63 22.61 -24.47 -20.28
C LYS O 63 21.43 -25.34 -19.88
N GLU O 64 21.13 -26.39 -20.64
CA GLU O 64 20.11 -27.37 -20.31
C GLU O 64 20.69 -28.56 -19.59
N GLU O 65 21.69 -28.30 -18.75
CA GLU O 65 22.39 -29.33 -18.01
C GLU O 65 21.42 -30.14 -17.14
N LEU O 66 21.61 -31.46 -17.13
CA LEU O 66 20.70 -32.35 -16.44
C LEU O 66 20.91 -32.32 -14.93
N ASP O 67 19.83 -32.55 -14.19
CA ASP O 67 19.94 -32.77 -12.76
C ASP O 67 20.30 -34.22 -12.46
N LEU O 68 19.72 -35.14 -13.21
CA LEU O 68 19.86 -36.57 -12.98
C LEU O 68 19.92 -37.26 -14.34
N ILE O 69 20.79 -38.25 -14.47
CA ILE O 69 20.84 -39.07 -15.67
C ILE O 69 20.86 -40.54 -15.25
N ILE O 70 20.06 -41.35 -15.95
CA ILE O 70 20.04 -42.78 -15.77
C ILE O 70 20.72 -43.41 -16.96
N THR O 71 21.85 -44.07 -16.72
CA THR O 71 22.69 -44.55 -17.80
C THR O 71 22.35 -45.99 -18.14
N ASN O 72 22.34 -46.29 -19.44
CA ASN O 72 22.26 -47.66 -19.95
C ASN O 72 21.00 -48.38 -19.50
N ALA O 73 19.89 -47.64 -19.49
CA ALA O 73 18.62 -48.18 -19.04
C ALA O 73 17.91 -48.89 -20.18
N LEU O 74 17.32 -50.04 -19.87
CA LEU O 74 16.41 -50.72 -20.77
C LEU O 74 15.01 -50.19 -20.50
N ILE O 75 14.47 -49.41 -21.44
CA ILE O 75 13.16 -48.83 -21.29
C ILE O 75 12.12 -49.80 -21.81
N VAL O 76 11.14 -50.12 -20.96
CA VAL O 76 9.98 -50.89 -21.37
C VAL O 76 8.78 -49.96 -21.26
N ASP O 77 8.26 -49.57 -22.41
CA ASP O 77 7.21 -48.58 -22.53
C ASP O 77 6.31 -49.03 -23.66
N TYR O 78 5.12 -48.42 -23.75
CA TYR O 78 4.26 -48.73 -24.89
C TYR O 78 4.84 -48.18 -26.19
N THR O 79 5.70 -47.18 -26.10
CA THR O 79 6.36 -46.64 -27.28
C THR O 79 7.51 -47.51 -27.77
N GLY O 80 7.94 -48.49 -27.00
CA GLY O 80 8.96 -49.41 -27.47
C GLY O 80 9.78 -49.96 -26.33
N ILE O 81 10.59 -50.97 -26.67
CA ILE O 81 11.48 -51.64 -25.73
C ILE O 81 12.89 -51.44 -26.27
N TYR O 82 13.65 -50.54 -25.65
CA TYR O 82 14.92 -50.10 -26.22
C TYR O 82 15.85 -49.62 -25.12
N LYS O 83 17.12 -49.49 -25.48
CA LYS O 83 18.17 -49.04 -24.57
C LYS O 83 18.49 -47.57 -24.84
N ALA O 84 18.57 -46.77 -23.78
CA ALA O 84 18.92 -45.37 -23.90
C ALA O 84 19.38 -44.85 -22.54
N ASP O 85 19.79 -43.60 -22.51
CA ASP O 85 20.00 -42.86 -21.28
C ASP O 85 18.83 -41.91 -21.09
N ILE O 86 18.36 -41.82 -19.85
CA ILE O 86 17.24 -40.94 -19.51
C ILE O 86 17.79 -39.78 -18.71
N GLY O 87 17.55 -38.57 -19.19
CA GLY O 87 17.95 -37.35 -18.51
C GLY O 87 16.75 -36.68 -17.87
N ILE O 88 16.90 -36.26 -16.63
CA ILE O 88 15.84 -35.63 -15.86
C ILE O 88 16.29 -34.22 -15.51
N LYS O 89 15.45 -33.24 -15.80
CA LYS O 89 15.72 -31.85 -15.45
C LYS O 89 14.43 -31.21 -14.97
N ASP O 90 14.45 -30.71 -13.73
CA ASP O 90 13.34 -29.95 -13.15
C ASP O 90 12.06 -30.77 -13.06
N GLY O 91 12.19 -32.03 -12.65
CA GLY O 91 11.05 -32.88 -12.44
C GLY O 91 10.46 -33.48 -13.69
N LYS O 92 10.93 -33.09 -14.87
CA LYS O 92 10.45 -33.62 -16.12
C LYS O 92 11.51 -34.51 -16.75
N ILE O 93 11.08 -35.34 -17.69
CA ILE O 93 12.00 -36.09 -18.53
C ILE O 93 12.51 -35.13 -19.61
N ALA O 94 13.79 -34.78 -19.54
CA ALA O 94 14.38 -33.81 -20.44
C ALA O 94 14.86 -34.42 -21.75
N GLY O 95 15.34 -35.66 -21.73
CA GLY O 95 15.84 -36.26 -22.94
C GLY O 95 15.96 -37.76 -22.82
N ILE O 96 15.87 -38.43 -23.96
CA ILE O 96 16.07 -39.87 -24.06
C ILE O 96 17.03 -40.10 -25.21
N GLY O 97 18.16 -40.73 -24.92
CA GLY O 97 19.12 -40.95 -25.97
C GLY O 97 20.53 -41.25 -25.50
N LYS O 98 21.51 -40.58 -26.09
CA LYS O 98 22.90 -40.94 -25.85
C LYS O 98 23.41 -40.40 -24.52
N GLY O 99 23.43 -39.10 -24.34
CA GLY O 99 23.85 -38.53 -23.08
C GLY O 99 25.36 -38.53 -22.88
N GLY O 100 25.91 -37.45 -22.34
CA GLY O 100 27.34 -37.39 -22.12
C GLY O 100 27.93 -36.01 -22.27
N ASN O 101 29.17 -35.95 -22.74
CA ASN O 101 29.93 -34.71 -22.85
C ASN O 101 30.25 -34.45 -24.31
N LYS O 102 29.80 -33.31 -24.81
CA LYS O 102 30.02 -32.95 -26.20
C LYS O 102 31.48 -32.62 -26.50
N ASP O 103 32.27 -32.27 -25.47
CA ASP O 103 33.68 -31.98 -25.68
C ASP O 103 34.48 -33.21 -26.08
N MET O 104 34.08 -34.39 -25.63
CA MET O 104 34.86 -35.59 -25.82
C MET O 104 34.12 -36.71 -26.55
N GLN O 105 32.84 -36.52 -26.88
CA GLN O 105 32.02 -37.57 -27.46
C GLN O 105 31.15 -37.00 -28.56
N ASP O 106 30.81 -37.85 -29.54
CA ASP O 106 30.26 -37.38 -30.81
C ASP O 106 28.78 -37.03 -30.71
N GLY O 107 27.93 -38.00 -30.41
CA GLY O 107 26.50 -37.80 -30.58
C GLY O 107 25.72 -37.31 -29.37
N VAL O 108 26.08 -36.16 -28.81
CA VAL O 108 25.48 -35.64 -27.60
C VAL O 108 24.72 -34.36 -27.95
N LYS O 109 23.42 -34.35 -27.68
CA LYS O 109 22.58 -33.19 -27.90
C LYS O 109 22.43 -32.38 -26.62
N ASN O 110 22.08 -31.10 -26.79
CA ASN O 110 22.12 -30.16 -25.67
C ASN O 110 21.20 -30.56 -24.53
N ASN O 111 20.12 -31.29 -24.82
CA ASN O 111 19.20 -31.68 -23.77
C ASN O 111 19.67 -32.90 -22.99
N LEU O 112 20.76 -33.54 -23.40
CA LEU O 112 21.28 -34.71 -22.72
C LEU O 112 22.70 -34.48 -22.20
N SER O 113 23.03 -33.24 -21.89
CA SER O 113 24.37 -32.87 -21.47
C SER O 113 24.58 -33.15 -19.99
N VAL O 114 25.63 -33.89 -19.67
CA VAL O 114 26.02 -34.17 -18.30
C VAL O 114 27.06 -33.15 -17.89
N GLY O 115 26.78 -32.41 -16.83
CA GLY O 115 27.70 -31.44 -16.32
C GLY O 115 27.93 -31.61 -14.83
N PRO O 116 28.52 -30.61 -14.19
CA PRO O 116 28.79 -30.71 -12.76
C PRO O 116 27.56 -30.73 -11.89
N ALA O 117 26.39 -30.35 -12.39
CA ALA O 117 25.16 -30.34 -11.62
C ALA O 117 24.38 -31.65 -11.72
N THR O 118 24.91 -32.66 -12.40
CA THR O 118 24.16 -33.87 -12.70
C THR O 118 24.48 -34.97 -11.69
N GLU O 119 23.44 -35.62 -11.19
CA GLU O 119 23.58 -36.83 -10.40
C GLU O 119 23.53 -38.05 -11.31
N ALA O 120 24.27 -39.09 -10.95
CA ALA O 120 24.37 -40.30 -11.75
C ALA O 120 23.60 -41.43 -11.11
N LEU O 121 22.74 -42.08 -11.88
CA LEU O 121 22.04 -43.29 -11.47
C LEU O 121 22.33 -44.38 -12.48
N ALA O 122 22.94 -45.46 -12.03
CA ALA O 122 23.29 -46.56 -12.92
C ALA O 122 22.08 -47.41 -13.22
N GLY O 123 21.83 -47.68 -14.50
CA GLY O 123 20.70 -48.49 -14.88
C GLY O 123 21.09 -49.70 -15.71
N GLU O 124 22.38 -49.97 -15.83
CA GLU O 124 22.83 -51.10 -16.62
C GLU O 124 22.30 -52.40 -16.02
N GLY O 125 21.71 -53.25 -16.87
CA GLY O 125 21.09 -54.45 -16.41
C GLY O 125 19.75 -54.26 -15.74
N LEU O 126 19.18 -53.06 -15.80
CA LEU O 126 17.90 -52.77 -15.16
C LEU O 126 16.88 -52.34 -16.19
N ILE O 127 15.62 -52.39 -15.80
CA ILE O 127 14.48 -52.00 -16.62
C ILE O 127 13.88 -50.74 -16.04
N VAL O 128 13.53 -49.80 -16.90
CA VAL O 128 12.82 -48.59 -16.51
C VAL O 128 11.44 -48.62 -17.17
N THR O 129 10.41 -48.54 -16.36
CA THR O 129 9.04 -48.34 -16.83
C THR O 129 8.49 -47.08 -16.20
N ALA O 130 7.38 -46.60 -16.74
CA ALA O 130 6.64 -45.52 -16.10
C ALA O 130 6.00 -46.02 -14.81
N GLY O 131 5.78 -45.08 -13.90
CA GLY O 131 5.02 -45.41 -12.70
C GLY O 131 3.61 -45.87 -13.04
N GLY O 132 3.14 -46.85 -12.28
CA GLY O 132 1.80 -47.35 -12.50
C GLY O 132 0.73 -46.36 -12.07
N ILE O 133 -0.43 -46.51 -12.67
CA ILE O 133 -1.58 -45.64 -12.38
C ILE O 133 -2.75 -46.52 -12.00
N ASP O 134 -3.23 -46.36 -10.78
CA ASP O 134 -4.36 -47.12 -10.26
C ASP O 134 -5.57 -46.20 -10.20
N THR O 135 -6.63 -46.55 -10.91
CA THR O 135 -7.78 -45.67 -11.09
C THR O 135 -9.03 -46.16 -10.37
N HIS O 136 -8.92 -47.14 -9.49
CA HIS O 136 -10.06 -47.69 -8.77
C HIS O 136 -9.74 -47.81 -7.28
N ILE O 137 -9.29 -46.71 -6.69
CA ILE O 137 -8.89 -46.68 -5.29
C ILE O 137 -10.09 -46.36 -4.41
N HIS O 138 -10.38 -47.21 -3.44
CA HIS O 138 -11.22 -46.86 -2.31
C HIS O 138 -10.33 -46.30 -1.22
N PHE O 139 -10.42 -44.99 -0.97
CA PHE O 139 -9.59 -44.36 0.05
C PHE O 139 -10.14 -44.72 1.43
N ILE O 140 -9.84 -45.94 1.83
CA ILE O 140 -10.34 -46.52 3.07
C ILE O 140 -9.33 -46.34 4.20
N SER O 141 -8.05 -46.54 3.93
CA SER O 141 -7.01 -46.32 4.92
C SER O 141 -5.82 -45.66 4.24
N PRO O 142 -5.16 -44.71 4.90
CA PRO O 142 -3.94 -44.12 4.34
C PRO O 142 -2.84 -45.13 4.11
N GLN O 143 -2.82 -46.24 4.83
CA GLN O 143 -1.78 -47.25 4.68
C GLN O 143 -1.80 -47.94 3.32
N GLN O 144 -2.88 -47.79 2.56
CA GLN O 144 -2.89 -48.29 1.18
C GLN O 144 -1.86 -47.58 0.31
N ILE O 145 -1.62 -46.30 0.58
CA ILE O 145 -0.75 -45.52 -0.30
C ILE O 145 0.69 -46.02 -0.27
N PRO O 146 1.33 -46.23 0.90
CA PRO O 146 2.67 -46.85 0.87
C PRO O 146 2.69 -48.24 0.28
N THR O 147 1.61 -49.02 0.45
CA THR O 147 1.57 -50.36 -0.11
C THR O 147 1.58 -50.33 -1.63
N ALA O 148 0.76 -49.46 -2.22
CA ALA O 148 0.74 -49.32 -3.67
C ALA O 148 2.03 -48.70 -4.18
N PHE O 149 2.64 -47.80 -3.40
CA PHE O 149 3.90 -47.20 -3.79
C PHE O 149 5.00 -48.25 -3.92
N ALA O 150 5.07 -49.17 -2.96
CA ALA O 150 6.14 -50.17 -2.96
C ALA O 150 5.98 -51.20 -4.06
N SER O 151 4.82 -51.27 -4.72
CA SER O 151 4.60 -52.20 -5.80
C SER O 151 4.83 -51.59 -7.18
N GLY O 152 5.10 -50.29 -7.26
CA GLY O 152 5.34 -49.63 -8.53
C GLY O 152 4.26 -48.68 -9.00
N VAL O 153 3.27 -48.36 -8.17
CA VAL O 153 2.21 -47.42 -8.52
C VAL O 153 2.60 -46.04 -8.02
N THR O 154 2.52 -45.04 -8.91
CA THR O 154 2.86 -43.67 -8.56
C THR O 154 1.68 -42.70 -8.63
N THR O 155 0.53 -43.12 -9.15
CA THR O 155 -0.66 -42.29 -9.18
C THR O 155 -1.84 -43.12 -8.71
N MET O 156 -2.59 -42.62 -7.74
CA MET O 156 -3.82 -43.24 -7.28
C MET O 156 -4.99 -42.30 -7.55
N ILE O 157 -5.99 -42.79 -8.26
CA ILE O 157 -7.21 -42.05 -8.53
C ILE O 157 -8.38 -42.84 -7.95
N GLY O 158 -9.24 -42.16 -7.22
CA GLY O 158 -10.38 -42.81 -6.62
C GLY O 158 -11.16 -41.86 -5.73
N GLY O 159 -11.89 -42.41 -4.76
CA GLY O 159 -12.64 -41.58 -3.86
C GLY O 159 -12.83 -42.27 -2.52
N GLY O 160 -13.24 -41.49 -1.55
CA GLY O 160 -13.48 -41.99 -0.21
C GLY O 160 -13.11 -40.94 0.82
N THR O 161 -13.57 -41.17 2.04
CA THR O 161 -13.26 -40.30 3.17
C THR O 161 -12.59 -41.07 4.30
N GLY O 162 -12.46 -42.38 4.19
CA GLY O 162 -11.92 -43.19 5.25
C GLY O 162 -12.71 -44.46 5.45
N PRO O 163 -12.63 -45.04 6.62
CA PRO O 163 -13.25 -46.36 6.84
C PRO O 163 -14.75 -46.29 7.07
N ALA O 164 -15.38 -45.20 6.64
CA ALA O 164 -16.83 -45.11 6.65
C ALA O 164 -17.45 -46.12 5.70
N ASP O 165 -18.69 -46.52 6.01
CA ASP O 165 -19.36 -47.57 5.25
C ASP O 165 -19.61 -47.14 3.81
N GLY O 166 -19.88 -45.86 3.57
CA GLY O 166 -20.02 -45.38 2.21
C GLY O 166 -18.75 -45.55 1.41
N THR O 167 -17.59 -45.31 2.03
CA THR O 167 -16.33 -45.50 1.35
C THR O 167 -15.97 -46.98 1.21
N ASN O 168 -16.32 -47.81 2.21
CA ASN O 168 -16.05 -49.23 2.09
C ASN O 168 -16.74 -49.85 0.89
N ALA O 169 -17.79 -49.21 0.38
CA ALA O 169 -18.50 -49.67 -0.79
C ALA O 169 -18.16 -48.90 -2.05
N THR O 170 -17.91 -47.60 -1.96
CA THR O 170 -17.85 -46.74 -3.12
C THR O 170 -16.55 -45.93 -3.14
N THR O 171 -16.07 -45.64 -4.35
CA THR O 171 -14.93 -44.73 -4.52
C THR O 171 -15.42 -43.29 -4.70
N ILE O 172 -16.09 -42.80 -3.67
CA ILE O 172 -16.78 -41.52 -3.74
C ILE O 172 -16.30 -40.63 -2.61
N THR O 173 -15.89 -39.41 -2.95
CA THR O 173 -15.65 -38.35 -1.98
C THR O 173 -16.78 -37.35 -2.13
N PRO O 174 -17.80 -37.42 -1.29
CA PRO O 174 -19.03 -36.65 -1.55
C PRO O 174 -19.01 -35.23 -1.04
N GLY O 175 -19.10 -34.26 -1.94
CA GLY O 175 -19.35 -32.89 -1.56
C GLY O 175 -18.10 -32.06 -1.35
N ARG O 176 -18.31 -30.74 -1.32
CA ARG O 176 -17.21 -29.79 -1.26
C ARG O 176 -16.39 -29.93 0.01
N ARG O 177 -17.04 -30.06 1.15
CA ARG O 177 -16.32 -30.13 2.42
C ARG O 177 -15.48 -31.39 2.53
N ASN O 178 -16.03 -32.54 2.12
CA ASN O 178 -15.27 -33.77 2.15
C ASN O 178 -14.13 -33.74 1.14
N LEU O 179 -14.35 -33.10 -0.01
CA LEU O 179 -13.26 -32.89 -0.96
C LEU O 179 -12.14 -32.07 -0.34
N LYS O 180 -12.50 -31.00 0.39
CA LYS O 180 -11.50 -30.19 1.05
C LYS O 180 -10.73 -31.00 2.10
N TRP O 181 -11.44 -31.81 2.88
CA TRP O 181 -10.79 -32.71 3.83
C TRP O 181 -9.73 -33.56 3.12
N MET O 182 -10.12 -34.24 2.05
CA MET O 182 -9.20 -35.17 1.41
C MET O 182 -8.07 -34.46 0.69
N LEU O 183 -8.34 -33.30 0.09
CA LEU O 183 -7.30 -32.55 -0.59
C LEU O 183 -6.26 -32.02 0.39
N ARG O 184 -6.69 -31.61 1.59
CA ARG O 184 -5.71 -31.18 2.57
C ARG O 184 -5.00 -32.35 3.23
N ALA O 185 -5.65 -33.50 3.34
CA ALA O 185 -4.95 -34.68 3.83
C ALA O 185 -3.91 -35.17 2.83
N ALA O 186 -4.14 -34.95 1.54
CA ALA O 186 -3.26 -35.48 0.50
C ALA O 186 -1.84 -34.93 0.60
N GLU O 187 -1.67 -33.75 1.19
CA GLU O 187 -0.35 -33.15 1.37
C GLU O 187 0.64 -34.04 2.11
N GLU O 188 0.17 -35.11 2.75
CA GLU O 188 1.00 -36.01 3.52
C GLU O 188 1.82 -36.96 2.66
N TYR O 189 1.32 -37.34 1.50
CA TYR O 189 1.68 -38.62 0.89
C TYR O 189 2.62 -38.47 -0.29
N SER O 190 3.36 -39.55 -0.54
CA SER O 190 4.19 -39.70 -1.73
C SER O 190 3.40 -40.52 -2.75
N MET O 191 2.55 -39.82 -3.50
CA MET O 191 1.67 -40.38 -4.50
C MET O 191 0.99 -39.24 -5.23
N ASN O 192 0.82 -39.38 -6.54
CA ASN O 192 -0.08 -38.49 -7.26
C ASN O 192 -1.52 -38.89 -6.96
N LEU O 193 -2.35 -37.90 -6.64
CA LEU O 193 -3.70 -38.16 -6.18
C LEU O 193 -4.72 -37.33 -6.93
N GLY O 194 -5.87 -37.94 -7.18
CA GLY O 194 -7.03 -37.24 -7.71
C GLY O 194 -8.27 -37.92 -7.18
N PHE O 195 -9.34 -37.15 -6.99
CA PHE O 195 -10.51 -37.63 -6.28
C PHE O 195 -11.76 -37.55 -7.15
N LEU O 196 -12.58 -38.59 -7.05
CA LEU O 196 -13.85 -38.65 -7.74
C LEU O 196 -14.99 -38.23 -6.81
N ALA O 197 -15.94 -37.49 -7.35
CA ALA O 197 -17.08 -36.98 -6.61
C ALA O 197 -18.25 -37.96 -6.71
N LYS O 198 -19.36 -37.61 -6.05
CA LYS O 198 -20.57 -38.41 -6.14
C LYS O 198 -21.34 -38.04 -7.40
N GLY O 199 -21.56 -39.00 -8.28
CA GLY O 199 -22.34 -38.78 -9.48
C GLY O 199 -23.78 -39.20 -9.31
N ASN O 200 -24.08 -39.85 -8.19
CA ASN O 200 -25.40 -40.42 -7.94
C ASN O 200 -26.34 -39.34 -7.41
N THR O 201 -26.70 -38.42 -8.31
CA THR O 201 -27.73 -37.45 -8.00
C THR O 201 -28.30 -36.96 -9.32
N SER O 202 -29.52 -36.45 -9.25
CA SER O 202 -30.19 -35.86 -10.39
C SER O 202 -30.17 -34.34 -10.34
N ASN O 203 -29.49 -33.77 -9.36
CA ASN O 203 -29.38 -32.32 -9.21
C ASN O 203 -28.12 -31.84 -9.92
N ASP O 204 -28.30 -31.06 -10.99
CA ASP O 204 -27.15 -30.58 -11.76
C ASP O 204 -26.29 -29.63 -10.96
N ALA O 205 -26.89 -28.77 -10.15
CA ALA O 205 -26.12 -27.82 -9.36
C ALA O 205 -25.21 -28.54 -8.36
N SER O 206 -25.73 -29.59 -7.72
CA SER O 206 -24.92 -30.36 -6.79
C SER O 206 -23.77 -31.05 -7.50
N LEU O 207 -24.00 -31.55 -8.71
CA LEU O 207 -22.93 -32.17 -9.48
C LEU O 207 -21.85 -31.15 -9.86
N ALA O 208 -22.27 -29.98 -10.32
CA ALA O 208 -21.32 -28.97 -10.78
C ALA O 208 -20.48 -28.45 -9.62
N ASP O 209 -21.08 -28.34 -8.44
CA ASP O 209 -20.37 -27.80 -7.29
C ASP O 209 -19.20 -28.68 -6.88
N GLN O 210 -19.39 -30.01 -6.95
CA GLN O 210 -18.31 -30.93 -6.60
C GLN O 210 -17.13 -30.81 -7.55
N ILE O 211 -17.40 -30.62 -8.84
CA ILE O 211 -16.31 -30.47 -9.80
C ILE O 211 -15.56 -29.18 -9.53
N GLU O 212 -16.28 -28.08 -9.29
CA GLU O 212 -15.65 -26.80 -9.00
C GLU O 212 -14.93 -26.82 -7.65
N ALA O 213 -15.24 -27.78 -6.79
CA ALA O 213 -14.57 -27.95 -5.51
C ALA O 213 -13.31 -28.80 -5.59
N GLY O 214 -12.94 -29.27 -6.77
CA GLY O 214 -11.66 -29.93 -6.96
C GLY O 214 -11.71 -31.37 -7.43
N ALA O 215 -12.87 -31.98 -7.61
CA ALA O 215 -12.91 -33.36 -8.07
C ALA O 215 -12.57 -33.46 -9.55
N ILE O 216 -11.94 -34.57 -9.93
CA ILE O 216 -11.57 -34.80 -11.32
C ILE O 216 -12.60 -35.62 -12.07
N GLY O 217 -13.70 -35.98 -11.44
CA GLY O 217 -14.72 -36.75 -12.13
C GLY O 217 -15.75 -37.28 -11.16
N PHE O 218 -16.64 -38.10 -11.70
CA PHE O 218 -17.72 -38.68 -10.93
C PHE O 218 -17.61 -40.18 -10.86
N KCX O 219 -18.05 -40.74 -9.74
CA KCX O 219 -18.31 -42.16 -9.64
CB KCX O 219 -17.53 -42.80 -8.49
CG KCX O 219 -17.84 -44.26 -8.24
CD KCX O 219 -17.42 -45.13 -9.41
CE KCX O 219 -17.60 -46.61 -9.11
NZ KCX O 219 -16.82 -47.01 -7.91
C KCX O 219 -19.81 -42.36 -9.48
O KCX O 219 -20.44 -41.72 -8.66
CX KCX O 219 -16.73 -48.29 -7.55
OQ1 KCX O 219 -16.07 -48.61 -6.55
OQ2 KCX O 219 -17.30 -49.17 -8.20
N ILE O 220 -20.37 -43.25 -10.30
CA ILE O 220 -21.75 -43.66 -10.13
C ILE O 220 -21.73 -45.08 -9.61
N HIS O 221 -22.24 -45.28 -8.40
CA HIS O 221 -22.19 -46.55 -7.72
C HIS O 221 -23.59 -46.98 -7.33
N GLU O 222 -23.90 -48.27 -7.51
CA GLU O 222 -25.25 -48.75 -7.26
C GLU O 222 -25.65 -48.61 -5.80
N ASP O 223 -24.68 -48.59 -4.88
CA ASP O 223 -24.99 -48.41 -3.46
C ASP O 223 -25.55 -47.03 -3.16
N TRP O 224 -25.28 -46.04 -4.01
CA TRP O 224 -25.94 -44.75 -3.92
C TRP O 224 -27.07 -44.63 -4.94
N GLY O 225 -27.31 -45.66 -5.73
CA GLY O 225 -28.41 -45.74 -6.67
C GLY O 225 -27.99 -45.42 -8.09
N THR O 226 -27.70 -46.45 -8.88
CA THR O 226 -27.30 -46.26 -10.27
C THR O 226 -28.57 -46.35 -11.11
N THR O 227 -29.17 -45.21 -11.32
CA THR O 227 -30.38 -45.11 -12.09
C THR O 227 -30.08 -44.37 -13.39
N PRO O 228 -30.87 -44.62 -14.44
CA PRO O 228 -30.66 -43.91 -15.71
C PRO O 228 -30.72 -42.40 -15.57
N SER O 229 -31.56 -41.88 -14.69
CA SER O 229 -31.66 -40.43 -14.50
C SER O 229 -30.35 -39.85 -13.98
N ALA O 230 -29.77 -40.48 -12.95
CA ALA O 230 -28.52 -40.00 -12.41
C ALA O 230 -27.38 -40.13 -13.41
N ILE O 231 -27.36 -41.23 -14.18
CA ILE O 231 -26.35 -41.41 -15.21
C ILE O 231 -26.43 -40.29 -16.24
N ASN O 232 -27.65 -39.99 -16.69
CA ASN O 232 -27.85 -38.96 -17.71
C ASN O 232 -27.38 -37.59 -17.20
N HIS O 233 -27.81 -37.23 -15.99
CA HIS O 233 -27.43 -35.93 -15.43
C HIS O 233 -25.91 -35.83 -15.23
N ALA O 234 -25.30 -36.88 -14.68
CA ALA O 234 -23.86 -36.84 -14.42
C ALA O 234 -23.08 -36.73 -15.72
N LEU O 235 -23.49 -37.44 -16.77
CA LEU O 235 -22.81 -37.32 -18.04
C LEU O 235 -22.97 -35.93 -18.63
N ASP O 236 -24.15 -35.32 -18.50
CA ASP O 236 -24.33 -33.97 -19.00
C ASP O 236 -23.38 -32.98 -18.32
N VAL O 237 -23.30 -33.05 -16.98
CA VAL O 237 -22.41 -32.14 -16.27
C VAL O 237 -20.94 -32.42 -16.63
N ALA O 238 -20.57 -33.69 -16.73
CA ALA O 238 -19.19 -34.04 -17.05
C ALA O 238 -18.81 -33.53 -18.45
N ASP O 239 -19.73 -33.61 -19.41
CA ASP O 239 -19.46 -33.03 -20.71
C ASP O 239 -19.29 -31.52 -20.64
N LYS O 240 -20.04 -30.86 -19.75
CA LYS O 240 -19.82 -29.42 -19.61
C LYS O 240 -18.50 -29.07 -18.92
N TYR O 241 -17.94 -29.97 -18.11
CA TYR O 241 -16.74 -29.65 -17.35
C TYR O 241 -15.50 -30.43 -17.78
N ASP O 242 -15.62 -31.33 -18.74
CA ASP O 242 -14.49 -32.10 -19.27
C ASP O 242 -13.81 -32.92 -18.17
N VAL O 243 -14.60 -33.76 -17.50
CA VAL O 243 -14.10 -34.68 -16.51
C VAL O 243 -14.66 -36.06 -16.82
N GLN O 244 -13.99 -37.08 -16.28
CA GLN O 244 -14.38 -38.45 -16.59
C GLN O 244 -15.50 -38.92 -15.67
N VAL O 245 -16.26 -39.90 -16.14
CA VAL O 245 -17.29 -40.56 -15.33
C VAL O 245 -16.95 -42.04 -15.25
N ALA O 246 -16.97 -42.57 -14.03
CA ALA O 246 -16.84 -44.00 -13.79
C ALA O 246 -18.15 -44.53 -13.23
N ILE O 247 -18.47 -45.77 -13.56
CA ILE O 247 -19.77 -46.33 -13.21
C ILE O 247 -19.61 -47.74 -12.65
N HIS O 248 -20.36 -48.01 -11.58
CA HIS O 248 -20.59 -49.34 -11.02
C HIS O 248 -22.09 -49.58 -11.16
N THR O 249 -22.47 -50.42 -12.11
CA THR O 249 -23.86 -50.49 -12.55
C THR O 249 -24.72 -51.31 -11.59
N ASP O 250 -26.01 -51.33 -11.86
CA ASP O 250 -27.01 -51.95 -10.99
C ASP O 250 -27.01 -53.47 -11.20
N THR O 251 -26.51 -54.19 -10.20
CA THR O 251 -26.48 -55.65 -10.29
C THR O 251 -27.88 -56.24 -10.20
N LEU O 252 -28.80 -55.57 -9.51
CA LEU O 252 -30.13 -56.12 -9.27
C LEU O 252 -31.09 -55.89 -10.43
N ASN O 253 -30.67 -55.16 -11.46
CA ASN O 253 -31.54 -54.80 -12.59
C ASN O 253 -32.79 -54.08 -12.12
N GLU O 254 -32.66 -53.27 -11.06
CA GLU O 254 -33.82 -52.69 -10.41
C GLU O 254 -34.53 -51.70 -11.33
N ALA O 255 -33.80 -50.75 -11.90
CA ALA O 255 -34.37 -49.76 -12.79
C ALA O 255 -34.28 -50.17 -14.25
N GLY O 256 -33.62 -51.27 -14.55
CA GLY O 256 -33.42 -51.68 -15.93
C GLY O 256 -32.25 -52.61 -16.06
N CYS O 257 -32.09 -53.13 -17.26
CA CYS O 257 -31.03 -54.05 -17.58
C CYS O 257 -29.87 -53.29 -18.22
N VAL O 258 -28.90 -54.04 -18.76
CA VAL O 258 -27.66 -53.43 -19.24
C VAL O 258 -27.93 -52.51 -20.42
N GLU O 259 -28.89 -52.88 -21.28
CA GLU O 259 -29.19 -52.04 -22.45
C GLU O 259 -29.85 -50.73 -22.04
N ASP O 260 -30.63 -50.72 -20.95
CA ASP O 260 -31.17 -49.47 -20.44
C ASP O 260 -30.06 -48.56 -19.93
N THR O 261 -29.05 -49.14 -19.29
CA THR O 261 -27.90 -48.36 -18.85
C THR O 261 -27.14 -47.79 -20.05
N MET O 262 -26.96 -48.59 -21.10
CA MET O 262 -26.29 -48.08 -22.29
C MET O 262 -27.11 -46.99 -22.96
N ALA O 263 -28.44 -47.11 -22.92
CA ALA O 263 -29.29 -46.05 -23.45
C ALA O 263 -29.16 -44.78 -22.62
N ALA O 264 -29.02 -44.90 -21.30
CA ALA O 264 -28.80 -43.72 -20.48
C ALA O 264 -27.44 -43.08 -20.77
N ILE O 265 -26.42 -43.91 -21.04
CA ILE O 265 -25.12 -43.38 -21.39
C ILE O 265 -25.18 -42.63 -22.71
N ALA O 266 -26.00 -43.13 -23.66
CA ALA O 266 -26.35 -42.42 -24.88
C ALA O 266 -25.12 -42.12 -25.74
N GLY O 267 -24.17 -43.05 -25.76
CA GLY O 267 -23.03 -42.92 -26.63
C GLY O 267 -21.96 -41.95 -26.17
N ARG O 268 -21.93 -41.61 -24.88
CA ARG O 268 -20.92 -40.71 -24.34
C ARG O 268 -19.83 -41.53 -23.65
N THR O 269 -18.68 -40.89 -23.44
CA THR O 269 -17.53 -41.58 -22.89
C THR O 269 -17.80 -42.00 -21.45
N MET O 270 -17.51 -43.26 -21.15
CA MET O 270 -17.73 -43.82 -19.83
C MET O 270 -16.63 -44.82 -19.50
N HIS O 271 -16.17 -44.79 -18.26
CA HIS O 271 -15.18 -45.72 -17.74
C HIS O 271 -15.88 -46.70 -16.81
N THR O 272 -15.91 -47.98 -17.18
CA THR O 272 -16.61 -48.99 -16.42
C THR O 272 -15.64 -49.75 -15.53
N PHE O 273 -15.95 -49.83 -14.24
CA PHE O 273 -15.17 -50.59 -13.28
C PHE O 273 -15.62 -52.04 -13.26
N HIS O 274 -14.67 -52.95 -13.04
CA HIS O 274 -14.90 -54.40 -12.94
C HIS O 274 -15.96 -54.85 -13.93
N THR O 275 -15.66 -54.62 -15.22
CA THR O 275 -16.64 -54.83 -16.28
C THR O 275 -17.10 -56.28 -16.37
N GLU O 276 -16.29 -57.22 -15.89
CA GLU O 276 -16.70 -58.62 -15.93
C GLU O 276 -17.82 -58.90 -14.93
N GLY O 277 -17.94 -58.10 -13.88
CA GLY O 277 -19.14 -58.10 -13.06
C GLY O 277 -19.05 -58.80 -11.72
N ALA O 278 -17.97 -59.50 -11.41
CA ALA O 278 -17.83 -60.08 -10.08
C ALA O 278 -17.81 -58.99 -9.01
N GLY O 279 -17.24 -57.84 -9.33
CA GLY O 279 -17.23 -56.71 -8.45
C GLY O 279 -18.50 -55.90 -8.43
N GLY O 280 -19.51 -56.33 -9.18
CA GLY O 280 -20.77 -55.61 -9.27
C GLY O 280 -21.07 -55.33 -10.73
N GLY O 281 -22.36 -55.18 -11.02
CA GLY O 281 -22.78 -54.91 -12.38
C GLY O 281 -23.94 -55.77 -12.81
N HIS O 282 -24.65 -55.36 -13.86
CA HIS O 282 -25.85 -56.04 -14.32
C HIS O 282 -25.63 -57.54 -14.43
N ALA O 283 -26.35 -58.30 -13.63
CA ALA O 283 -26.24 -59.75 -13.68
C ALA O 283 -27.14 -60.29 -14.78
N PRO O 284 -26.62 -61.14 -15.67
CA PRO O 284 -25.25 -61.64 -15.67
C PRO O 284 -24.39 -61.09 -16.80
N ASP O 285 -24.82 -59.99 -17.41
CA ASP O 285 -24.34 -59.64 -18.74
C ASP O 285 -23.78 -58.22 -18.81
N ILE O 286 -23.17 -57.73 -17.73
CA ILE O 286 -22.52 -56.43 -17.81
C ILE O 286 -21.30 -56.49 -18.73
N ILE O 287 -20.68 -57.66 -18.85
CA ILE O 287 -19.44 -57.80 -19.59
C ILE O 287 -19.61 -57.48 -21.07
N LYS O 288 -20.85 -57.45 -21.57
CA LYS O 288 -21.05 -57.19 -22.99
C LYS O 288 -20.66 -55.78 -23.39
N VAL O 289 -20.70 -54.83 -22.44
CA VAL O 289 -20.35 -53.45 -22.77
C VAL O 289 -18.89 -53.26 -23.11
N ALA O 290 -18.06 -54.27 -22.87
CA ALA O 290 -16.63 -54.16 -23.15
C ALA O 290 -16.32 -54.12 -24.64
N GLY O 291 -17.30 -54.40 -25.50
CA GLY O 291 -17.12 -54.27 -26.93
C GLY O 291 -17.58 -52.96 -27.53
N GLU O 292 -18.13 -52.04 -26.74
CA GLU O 292 -18.68 -50.80 -27.26
C GLU O 292 -17.58 -49.76 -27.45
N HIS O 293 -17.79 -48.88 -28.43
CA HIS O 293 -16.79 -47.89 -28.77
C HIS O 293 -16.62 -46.84 -27.68
N ASN O 294 -17.72 -46.43 -27.05
CA ASN O 294 -17.69 -45.35 -26.08
C ASN O 294 -17.36 -45.81 -24.66
N ILE O 295 -17.08 -47.08 -24.47
CA ILE O 295 -16.80 -47.62 -23.15
C ILE O 295 -15.30 -47.82 -22.98
N LEU O 296 -14.77 -47.42 -21.83
CA LEU O 296 -13.40 -47.75 -21.45
C LEU O 296 -13.46 -48.87 -20.42
N PRO O 297 -13.28 -50.13 -20.81
CA PRO O 297 -13.52 -51.23 -19.87
C PRO O 297 -12.31 -51.57 -19.01
N ALA O 298 -12.50 -51.57 -17.70
CA ALA O 298 -11.45 -51.94 -16.76
C ALA O 298 -11.85 -53.19 -16.01
N SER O 299 -10.84 -53.91 -15.52
CA SER O 299 -11.05 -55.05 -14.65
C SER O 299 -10.31 -54.84 -13.35
N THR O 300 -10.80 -55.48 -12.30
CA THR O 300 -10.15 -55.43 -11.00
C THR O 300 -9.35 -56.72 -10.79
N ASN O 301 -8.28 -56.61 -10.03
CA ASN O 301 -7.30 -57.70 -9.94
C ASN O 301 -7.77 -58.97 -9.23
N PRO O 302 -8.77 -58.96 -8.34
CA PRO O 302 -9.16 -60.24 -7.71
C PRO O 302 -9.64 -61.30 -8.68
N THR O 303 -10.14 -60.93 -9.85
CA THR O 303 -10.61 -61.92 -10.81
C THR O 303 -9.55 -62.36 -11.80
N ILE O 304 -8.37 -61.72 -11.82
CA ILE O 304 -7.33 -62.14 -12.74
C ILE O 304 -6.08 -62.52 -11.94
N PRO O 305 -5.38 -63.61 -12.33
CA PRO O 305 -5.87 -64.55 -13.33
C PRO O 305 -6.89 -65.50 -12.74
N PHE O 306 -7.64 -66.21 -13.57
CA PHE O 306 -8.60 -67.18 -13.09
C PHE O 306 -7.89 -68.42 -12.60
N THR O 307 -8.15 -68.80 -11.36
CA THR O 307 -7.47 -69.92 -10.72
C THR O 307 -8.49 -70.88 -10.13
N VAL O 308 -7.98 -71.98 -9.58
CA VAL O 308 -8.85 -72.99 -8.97
C VAL O 308 -9.50 -72.47 -7.70
N ASN O 309 -8.84 -71.58 -6.98
CA ASN O 309 -9.36 -71.04 -5.74
C ASN O 309 -10.21 -69.78 -5.93
N THR O 310 -10.32 -69.29 -7.15
CA THR O 310 -10.96 -67.99 -7.38
C THR O 310 -12.44 -68.02 -7.03
N GLU O 311 -13.16 -69.03 -7.51
CA GLU O 311 -14.62 -69.02 -7.39
C GLU O 311 -15.06 -69.13 -5.94
N ALA O 312 -14.52 -70.09 -5.21
CA ALA O 312 -14.91 -70.26 -3.81
C ALA O 312 -14.54 -69.04 -2.99
N GLU O 313 -13.37 -68.47 -3.24
CA GLU O 313 -12.94 -67.28 -2.52
C GLU O 313 -13.90 -66.12 -2.77
N HIS O 314 -14.27 -65.89 -4.03
CA HIS O 314 -15.18 -64.80 -4.35
C HIS O 314 -16.57 -65.06 -3.76
N MET O 315 -17.02 -66.31 -3.76
CA MET O 315 -18.31 -66.63 -3.18
C MET O 315 -18.32 -66.29 -1.69
N ASP O 316 -17.32 -66.77 -0.95
CA ASP O 316 -17.28 -66.51 0.47
C ASP O 316 -17.08 -65.03 0.77
N MET O 317 -16.30 -64.34 -0.06
CA MET O 317 -16.12 -62.90 0.11
C MET O 317 -17.43 -62.16 -0.07
N LEU O 318 -18.22 -62.55 -1.08
CA LEU O 318 -19.51 -61.92 -1.31
C LEU O 318 -20.46 -62.18 -0.15
N MET O 319 -20.45 -63.40 0.38
CA MET O 319 -21.34 -63.71 1.51
C MET O 319 -21.01 -62.86 2.73
N VAL O 320 -19.77 -62.38 2.84
CA VAL O 320 -19.34 -61.63 4.02
C VAL O 320 -19.64 -60.14 3.86
N CYS O 321 -19.27 -59.56 2.71
CA CYS O 321 -19.43 -58.12 2.54
C CYS O 321 -20.90 -57.71 2.47
N HIS O 322 -21.76 -58.58 1.95
CA HIS O 322 -23.19 -58.29 1.85
C HIS O 322 -24.01 -58.92 2.95
N HIS O 323 -23.36 -59.59 3.92
CA HIS O 323 -24.03 -60.18 5.07
C HIS O 323 -25.13 -61.16 4.65
N LEU O 324 -24.79 -62.02 3.69
CA LEU O 324 -25.74 -63.00 3.18
C LEU O 324 -25.76 -64.24 4.06
N ASP O 325 -26.84 -65.01 3.92
CA ASP O 325 -27.04 -66.23 4.69
C ASP O 325 -27.21 -67.40 3.73
N LYS O 326 -26.55 -68.52 4.06
CA LYS O 326 -26.60 -69.70 3.20
C LYS O 326 -27.92 -70.44 3.31
N SER O 327 -28.72 -70.19 4.35
CA SER O 327 -30.00 -70.84 4.53
C SER O 327 -31.14 -70.12 3.82
N ILE O 328 -30.86 -68.98 3.20
CA ILE O 328 -31.87 -68.20 2.48
C ILE O 328 -31.66 -68.43 0.99
N LYS O 329 -32.69 -68.92 0.30
CA LYS O 329 -32.55 -69.22 -1.12
C LYS O 329 -32.37 -67.97 -1.96
N GLU O 330 -32.94 -66.84 -1.53
CA GLU O 330 -32.80 -65.61 -2.30
C GLU O 330 -31.38 -65.08 -2.25
N ASP O 331 -30.71 -65.23 -1.10
CA ASP O 331 -29.30 -64.83 -1.02
C ASP O 331 -28.42 -65.72 -1.88
N VAL O 332 -28.73 -67.02 -1.92
CA VAL O 332 -28.00 -67.92 -2.80
C VAL O 332 -28.22 -67.55 -4.26
N GLN O 333 -29.47 -67.25 -4.62
CA GLN O 333 -29.77 -66.86 -6.00
C GLN O 333 -29.03 -65.59 -6.39
N PHE O 334 -28.95 -64.62 -5.48
CA PHE O 334 -28.16 -63.42 -5.74
C PHE O 334 -26.69 -63.76 -5.93
N ALA O 335 -26.16 -64.63 -5.07
CA ALA O 335 -24.73 -64.95 -5.12
C ALA O 335 -24.38 -65.70 -6.41
N ASP O 336 -25.23 -66.64 -6.82
CA ASP O 336 -24.95 -67.40 -8.03
C ASP O 336 -25.01 -66.52 -9.27
N SER O 337 -25.97 -65.59 -9.33
CA SER O 337 -26.05 -64.68 -10.46
C SER O 337 -24.89 -63.71 -10.50
N ARG O 338 -24.14 -63.59 -9.42
CA ARG O 338 -23.10 -62.57 -9.27
C ARG O 338 -21.71 -63.08 -9.63
N ILE O 339 -21.37 -64.32 -9.26
CA ILE O 339 -19.98 -64.76 -9.35
C ILE O 339 -19.64 -65.21 -10.76
N ARG O 340 -20.35 -66.23 -11.26
CA ARG O 340 -20.23 -66.65 -12.66
C ARG O 340 -18.81 -66.99 -13.09
N PRO O 341 -18.31 -68.17 -12.74
CA PRO O 341 -16.96 -68.57 -13.18
C PRO O 341 -16.78 -68.49 -14.69
N GLN O 342 -17.88 -68.51 -15.44
CA GLN O 342 -17.81 -68.38 -16.89
C GLN O 342 -17.28 -67.01 -17.30
N THR O 343 -17.86 -65.94 -16.75
CA THR O 343 -17.38 -64.60 -17.09
C THR O 343 -15.96 -64.37 -16.55
N ILE O 344 -15.65 -64.93 -15.38
CA ILE O 344 -14.31 -64.78 -14.83
C ILE O 344 -13.29 -65.44 -15.76
N ALA O 345 -13.62 -66.63 -16.26
CA ALA O 345 -12.74 -67.29 -17.22
C ALA O 345 -12.62 -66.47 -18.50
N ALA O 346 -13.74 -65.95 -18.99
CA ALA O 346 -13.71 -65.18 -20.23
C ALA O 346 -12.89 -63.91 -20.11
N GLU O 347 -12.79 -63.36 -18.89
CA GLU O 347 -12.13 -62.09 -18.68
C GLU O 347 -10.64 -62.15 -19.01
N ASP O 348 -9.97 -63.24 -18.67
CA ASP O 348 -8.56 -63.39 -18.99
C ASP O 348 -8.32 -63.35 -20.49
N THR O 349 -9.11 -64.12 -21.24
CA THR O 349 -8.97 -64.14 -22.69
C THR O 349 -9.31 -62.77 -23.28
N LEU O 350 -10.30 -62.08 -22.73
CA LEU O 350 -10.61 -60.75 -23.22
C LEU O 350 -9.46 -59.78 -22.98
N HIS O 351 -8.73 -59.96 -21.87
CA HIS O 351 -7.50 -59.19 -21.69
C HIS O 351 -6.48 -59.54 -22.76
N ASP O 352 -6.33 -60.83 -23.08
CA ASP O 352 -5.38 -61.22 -24.10
C ASP O 352 -5.77 -60.68 -25.47
N MET O 353 -7.06 -60.59 -25.76
CA MET O 353 -7.54 -60.12 -27.05
C MET O 353 -7.51 -58.61 -27.19
N GLY O 354 -7.26 -57.88 -26.11
CA GLY O 354 -7.33 -56.44 -26.15
C GLY O 354 -8.73 -55.87 -26.00
N ILE O 355 -9.70 -56.67 -25.57
CA ILE O 355 -11.04 -56.16 -25.34
C ILE O 355 -11.09 -55.36 -24.05
N PHE O 356 -10.57 -55.92 -22.96
CA PHE O 356 -10.35 -55.16 -21.74
C PHE O 356 -9.08 -54.33 -21.89
N SER O 357 -9.14 -53.08 -21.44
CA SER O 357 -8.05 -52.15 -21.68
C SER O 357 -7.33 -51.67 -20.43
N ILE O 358 -7.93 -51.75 -19.25
CA ILE O 358 -7.35 -51.21 -18.03
C ILE O 358 -7.41 -52.27 -16.94
N THR O 359 -6.34 -52.40 -16.18
CA THR O 359 -6.33 -53.16 -14.94
C THR O 359 -6.28 -52.20 -13.76
N SER O 360 -7.00 -52.54 -12.70
CA SER O 360 -7.11 -51.67 -11.52
C SER O 360 -7.25 -52.55 -10.28
N SER O 361 -7.49 -51.91 -9.14
CA SER O 361 -7.42 -52.57 -7.85
C SER O 361 -8.78 -52.86 -7.22
N ASP O 362 -9.60 -51.83 -6.98
CA ASP O 362 -10.78 -51.93 -6.10
C ASP O 362 -10.32 -52.21 -4.66
N SER O 363 -9.46 -51.32 -4.16
CA SER O 363 -8.62 -51.60 -2.99
C SER O 363 -9.42 -51.71 -1.70
N GLN O 364 -9.20 -52.82 -0.97
CA GLN O 364 -9.90 -53.15 0.27
C GLN O 364 -11.41 -53.14 0.10
N ALA O 365 -11.87 -53.24 -1.14
CA ALA O 365 -13.26 -53.34 -1.54
C ALA O 365 -13.40 -54.43 -2.59
N MET O 366 -12.90 -55.63 -2.25
CA MET O 366 -12.63 -56.76 -3.15
C MET O 366 -11.60 -56.35 -4.22
N GLY O 367 -10.39 -56.14 -3.71
CA GLY O 367 -9.24 -55.89 -4.56
C GLY O 367 -8.03 -55.63 -3.69
N ARG O 368 -6.87 -55.84 -4.28
CA ARG O 368 -5.60 -55.78 -3.55
C ARG O 368 -4.73 -54.69 -4.17
N VAL O 369 -4.54 -53.61 -3.42
CA VAL O 369 -3.89 -52.41 -3.93
C VAL O 369 -2.41 -52.64 -4.27
N GLY O 370 -1.78 -53.64 -3.67
CA GLY O 370 -0.39 -53.89 -3.95
C GLY O 370 -0.15 -55.00 -4.95
N GLU O 371 -1.17 -55.33 -5.73
CA GLU O 371 -1.08 -56.49 -6.62
C GLU O 371 -1.59 -56.23 -8.03
N VAL O 372 -1.87 -54.98 -8.40
CA VAL O 372 -2.39 -54.70 -9.74
C VAL O 372 -1.37 -55.12 -10.81
N ILE O 373 -0.14 -54.65 -10.67
CA ILE O 373 0.89 -54.95 -11.66
C ILE O 373 1.22 -56.44 -11.66
N THR O 374 1.34 -57.02 -10.47
CA THR O 374 1.70 -58.43 -10.36
C THR O 374 0.65 -59.32 -11.01
N ARG O 375 -0.63 -59.04 -10.75
CA ARG O 375 -1.68 -59.86 -11.34
C ARG O 375 -1.83 -59.59 -12.83
N THR O 376 -1.54 -58.38 -13.29
CA THR O 376 -1.50 -58.15 -14.73
C THR O 376 -0.46 -59.02 -15.41
N TRP O 377 0.74 -59.09 -14.83
CA TRP O 377 1.77 -59.91 -15.48
C TRP O 377 1.52 -61.39 -15.27
N GLN O 378 0.87 -61.77 -14.18
CA GLN O 378 0.45 -63.17 -14.02
C GLN O 378 -0.57 -63.55 -15.09
N THR O 379 -1.50 -62.65 -15.38
CA THR O 379 -2.47 -62.91 -16.44
C THR O 379 -1.78 -63.04 -17.79
N ALA O 380 -0.82 -62.15 -18.07
CA ALA O 380 -0.08 -62.25 -19.32
C ALA O 380 0.67 -63.58 -19.42
N ASP O 381 1.31 -64.00 -18.33
CA ASP O 381 2.04 -65.26 -18.33
C ASP O 381 1.10 -66.46 -18.52
N LYS O 382 -0.05 -66.44 -17.85
CA LYS O 382 -1.02 -67.52 -18.01
C LYS O 382 -1.55 -67.58 -19.44
N ASN O 383 -1.84 -66.41 -20.03
CA ASN O 383 -2.34 -66.38 -21.39
C ASN O 383 -1.29 -66.88 -22.38
N LYS O 384 -0.03 -66.53 -22.17
CA LYS O 384 1.00 -67.06 -23.06
C LYS O 384 1.15 -68.56 -22.90
N LYS O 385 1.00 -69.07 -21.67
CA LYS O 385 1.08 -70.50 -21.47
C LYS O 385 -0.08 -71.22 -22.17
N GLU O 386 -1.27 -70.63 -22.15
CA GLU O 386 -2.42 -71.32 -22.72
C GLU O 386 -2.51 -71.15 -24.24
N PHE O 387 -2.51 -69.90 -24.71
CA PHE O 387 -2.72 -69.61 -26.12
C PHE O 387 -1.43 -69.48 -26.91
N GLY O 388 -0.29 -69.57 -26.28
CA GLY O 388 0.95 -69.42 -26.99
C GLY O 388 1.27 -67.97 -27.32
N ARG O 389 2.24 -67.81 -28.21
CA ARG O 389 2.71 -66.48 -28.57
C ARG O 389 1.70 -65.79 -29.49
N LEU O 390 1.52 -64.49 -29.27
CA LEU O 390 0.55 -63.73 -30.05
C LEU O 390 0.96 -63.68 -31.53
N LYS O 391 -0.04 -63.57 -32.40
CA LYS O 391 0.23 -63.49 -33.83
C LYS O 391 0.66 -62.11 -34.28
N GLU O 392 0.54 -61.09 -33.42
CA GLU O 392 1.03 -59.76 -33.73
C GLU O 392 2.50 -59.58 -33.37
N GLU O 393 3.18 -60.64 -32.98
CA GLU O 393 4.60 -60.55 -32.66
C GLU O 393 5.43 -60.45 -33.92
N LYS O 394 6.54 -59.73 -33.81
CA LYS O 394 7.53 -59.60 -34.88
C LYS O 394 8.85 -60.09 -34.29
N GLY O 395 9.08 -61.39 -34.35
CA GLY O 395 10.30 -61.99 -33.88
C GLY O 395 10.06 -62.99 -32.77
N ASP O 396 11.15 -63.62 -32.34
CA ASP O 396 11.11 -64.64 -31.31
C ASP O 396 11.07 -63.98 -29.92
N ASN O 397 10.04 -63.18 -29.74
CA ASN O 397 9.87 -62.45 -28.48
C ASN O 397 8.38 -62.27 -28.24
N ASP O 398 8.06 -61.64 -27.11
CA ASP O 398 6.70 -61.33 -26.73
C ASP O 398 6.50 -59.82 -26.60
N ASN O 399 7.21 -59.05 -27.42
CA ASN O 399 7.22 -57.60 -27.27
C ASN O 399 5.82 -57.00 -27.40
N PHE O 400 5.04 -57.49 -28.36
CA PHE O 400 3.69 -56.96 -28.55
C PHE O 400 2.82 -57.24 -27.34
N ARG O 401 2.86 -58.46 -26.82
CA ARG O 401 2.06 -58.79 -25.64
C ARG O 401 2.53 -58.00 -24.43
N ILE O 402 3.84 -57.80 -24.31
CA ILE O 402 4.37 -57.00 -23.21
C ILE O 402 3.83 -55.58 -23.28
N LYS O 403 3.84 -54.98 -24.47
CA LYS O 403 3.28 -53.63 -24.61
C LYS O 403 1.79 -53.61 -24.31
N ARG O 404 1.05 -54.62 -24.79
CA ARG O 404 -0.39 -54.67 -24.57
C ARG O 404 -0.72 -54.71 -23.08
N TYR O 405 -0.02 -55.55 -22.33
CA TYR O 405 -0.33 -55.66 -20.91
C TYR O 405 0.23 -54.49 -20.11
N LEU O 406 1.39 -53.94 -20.52
CA LEU O 406 1.94 -52.79 -19.81
C LEU O 406 1.06 -51.56 -19.97
N SER O 407 0.39 -51.42 -21.12
CA SER O 407 -0.50 -50.29 -21.32
C SER O 407 -1.69 -50.32 -20.37
N LYS O 408 -2.07 -51.52 -19.89
CA LYS O 408 -3.27 -51.65 -19.09
C LYS O 408 -3.17 -50.91 -17.76
N TYR O 409 -1.96 -50.71 -17.23
CA TYR O 409 -1.83 -49.97 -15.98
C TYR O 409 -0.93 -48.74 -16.08
N THR O 410 -0.46 -48.37 -17.27
CA THR O 410 0.36 -47.16 -17.38
C THR O 410 -0.30 -46.07 -18.21
N ILE O 411 -0.54 -46.31 -19.50
CA ILE O 411 -0.92 -45.25 -20.42
C ILE O 411 -2.42 -45.20 -20.63
N ASN O 412 -3.09 -46.36 -20.66
CA ASN O 412 -4.54 -46.35 -20.87
C ASN O 412 -5.30 -45.72 -19.72
N PRO O 413 -5.04 -46.03 -18.44
CA PRO O 413 -5.71 -45.26 -17.38
C PRO O 413 -5.40 -43.78 -17.39
N ALA O 414 -4.18 -43.39 -17.77
CA ALA O 414 -3.84 -41.97 -17.86
C ALA O 414 -4.65 -41.27 -18.94
N ILE O 415 -4.82 -41.91 -20.10
CA ILE O 415 -5.67 -41.37 -21.14
C ILE O 415 -7.11 -41.32 -20.66
N ALA O 416 -7.55 -42.37 -19.95
CA ALA O 416 -8.93 -42.44 -19.50
C ALA O 416 -9.28 -41.31 -18.55
N HIS O 417 -8.35 -40.94 -17.67
CA HIS O 417 -8.64 -39.90 -16.70
C HIS O 417 -7.97 -38.57 -17.02
N GLY O 418 -7.58 -38.37 -18.28
CA GLY O 418 -7.13 -37.07 -18.74
C GLY O 418 -5.85 -36.56 -18.11
N ILE O 419 -4.91 -37.45 -17.80
CA ILE O 419 -3.63 -37.05 -17.24
C ILE O 419 -2.46 -37.58 -18.07
N SER O 420 -2.73 -38.02 -19.29
CA SER O 420 -1.69 -38.63 -20.12
C SER O 420 -0.74 -37.61 -20.74
N GLU O 421 -0.92 -36.33 -20.47
CA GLU O 421 0.12 -35.37 -20.83
C GLU O 421 1.16 -35.19 -19.74
N TYR O 422 0.88 -35.68 -18.53
CA TYR O 422 1.82 -35.57 -17.41
C TYR O 422 2.50 -36.89 -17.10
N VAL O 423 1.73 -37.98 -16.96
CA VAL O 423 2.23 -39.26 -16.53
C VAL O 423 1.82 -40.31 -17.56
N GLY O 424 2.20 -41.55 -17.30
CA GLY O 424 1.77 -42.69 -18.08
C GLY O 424 2.82 -43.32 -18.96
N SER O 425 3.89 -42.60 -19.31
CA SER O 425 4.87 -43.18 -20.20
C SER O 425 6.22 -42.52 -19.99
N VAL O 426 7.26 -43.18 -20.48
CA VAL O 426 8.61 -42.63 -20.49
C VAL O 426 8.75 -41.86 -21.79
N GLU O 427 8.37 -40.59 -21.77
CA GLU O 427 8.46 -39.72 -22.93
C GLU O 427 9.02 -38.37 -22.51
N VAL O 428 9.72 -37.72 -23.44
CA VAL O 428 10.31 -36.42 -23.15
C VAL O 428 9.21 -35.39 -22.95
N GLY O 429 9.33 -34.61 -21.89
CA GLY O 429 8.37 -33.61 -21.53
C GLY O 429 7.44 -34.01 -20.41
N LYS O 430 7.36 -35.30 -20.11
CA LYS O 430 6.46 -35.80 -19.09
C LYS O 430 7.10 -35.77 -17.71
N VAL O 431 6.25 -35.92 -16.70
CA VAL O 431 6.71 -35.96 -15.32
C VAL O 431 7.57 -37.18 -15.09
N ALA O 432 8.68 -37.00 -14.38
CA ALA O 432 9.63 -38.08 -14.14
C ALA O 432 9.13 -38.95 -12.97
N ASP O 433 8.08 -39.70 -13.23
CA ASP O 433 7.59 -40.77 -12.35
C ASP O 433 8.06 -42.09 -12.94
N LEU O 434 9.16 -42.62 -12.43
CA LEU O 434 9.81 -43.78 -13.03
C LEU O 434 10.06 -44.84 -11.98
N VAL O 435 10.05 -46.09 -12.42
CA VAL O 435 10.28 -47.24 -11.57
C VAL O 435 11.44 -48.03 -12.13
N LEU O 436 12.39 -48.39 -11.27
CA LEU O 436 13.55 -49.19 -11.65
C LEU O 436 13.31 -50.64 -11.25
N TRP O 437 13.42 -51.54 -12.21
CA TRP O 437 13.22 -52.97 -11.98
C TRP O 437 14.48 -53.74 -12.36
N SER O 438 14.89 -54.64 -11.50
CA SER O 438 15.80 -55.69 -11.95
C SER O 438 14.98 -56.77 -12.65
N PRO O 439 15.42 -57.24 -13.82
CA PRO O 439 14.58 -58.17 -14.60
C PRO O 439 14.19 -59.44 -13.87
N ALA O 440 15.03 -59.93 -12.97
CA ALA O 440 14.67 -61.11 -12.19
C ALA O 440 13.47 -60.84 -11.29
N PHE O 441 13.27 -59.59 -10.87
CA PHE O 441 12.17 -59.23 -9.99
C PHE O 441 11.10 -58.42 -10.71
N PHE O 442 11.09 -58.43 -12.04
CA PHE O 442 10.19 -57.56 -12.78
C PHE O 442 8.74 -57.90 -12.50
N GLY O 443 7.94 -56.89 -12.24
CA GLY O 443 6.52 -57.06 -12.05
C GLY O 443 6.08 -57.40 -10.66
N VAL O 444 7.00 -57.68 -9.73
CA VAL O 444 6.60 -58.01 -8.37
C VAL O 444 7.29 -57.11 -7.34
N LYS O 445 8.59 -56.93 -7.47
CA LYS O 445 9.31 -56.13 -6.48
C LYS O 445 10.31 -55.19 -7.12
N PRO O 446 10.03 -53.89 -7.14
CA PRO O 446 10.92 -52.93 -7.81
C PRO O 446 12.17 -52.62 -6.99
N ASN O 447 13.12 -51.95 -7.66
CA ASN O 447 14.34 -51.50 -7.01
C ASN O 447 14.15 -50.15 -6.34
N MET O 448 13.70 -49.15 -7.09
CA MET O 448 13.49 -47.83 -6.51
C MET O 448 12.44 -47.08 -7.32
N ILE O 449 11.82 -46.08 -6.68
CA ILE O 449 10.84 -45.21 -7.30
C ILE O 449 11.45 -43.82 -7.40
N ILE O 450 11.40 -43.23 -8.59
CA ILE O 450 11.74 -41.84 -8.79
C ILE O 450 10.45 -41.06 -8.93
N LYS O 451 10.24 -40.08 -8.07
CA LYS O 451 9.00 -39.33 -7.99
C LYS O 451 9.32 -37.86 -8.20
N GLY O 452 8.76 -37.27 -9.25
CA GLY O 452 9.05 -35.89 -9.56
C GLY O 452 10.51 -35.60 -9.86
N GLY O 453 11.23 -36.58 -10.38
CA GLY O 453 12.64 -36.39 -10.67
C GLY O 453 13.59 -36.58 -9.51
N PHE O 454 13.12 -37.15 -8.40
CA PHE O 454 13.95 -37.39 -7.23
C PHE O 454 13.57 -38.74 -6.63
N ILE O 455 14.52 -39.39 -5.98
CA ILE O 455 14.30 -40.74 -5.47
C ILE O 455 13.43 -40.65 -4.22
N ALA O 456 12.31 -41.37 -4.22
CA ALA O 456 11.34 -41.31 -3.14
C ALA O 456 11.22 -42.59 -2.34
N LEU O 457 11.49 -43.74 -2.96
CA LEU O 457 11.43 -45.01 -2.27
C LEU O 457 12.48 -45.92 -2.87
N SER O 458 13.10 -46.74 -2.04
CA SER O 458 14.04 -47.72 -2.56
C SER O 458 14.19 -48.86 -1.57
N GLN O 459 14.64 -49.99 -2.09
CA GLN O 459 15.18 -51.04 -1.24
C GLN O 459 16.42 -50.52 -0.51
N MET O 460 16.54 -50.87 0.75
CA MET O 460 17.61 -50.31 1.56
C MET O 460 17.90 -51.26 2.71
N GLY O 461 19.19 -51.44 3.00
CA GLY O 461 19.61 -52.19 4.16
C GLY O 461 19.61 -51.34 5.41
N ASP O 462 20.12 -51.93 6.48
CA ASP O 462 20.07 -51.26 7.78
C ASP O 462 20.97 -50.03 7.79
N ALA O 463 20.51 -49.00 8.49
CA ALA O 463 21.16 -47.70 8.43
C ALA O 463 22.57 -47.73 9.01
N ASN O 464 22.85 -48.64 9.93
CA ASN O 464 24.16 -48.70 10.56
C ASN O 464 25.17 -49.53 9.76
N ALA O 465 24.76 -50.13 8.65
CA ALA O 465 25.66 -50.99 7.90
C ALA O 465 26.66 -50.18 7.10
N SER O 466 27.81 -50.80 6.82
CA SER O 466 28.88 -50.13 6.10
C SER O 466 28.56 -49.90 4.63
N ILE O 467 27.58 -50.62 4.08
CA ILE O 467 27.13 -50.45 2.70
C ILE O 467 25.60 -50.59 2.68
N PRO O 468 24.96 -50.15 1.59
CA PRO O 468 23.49 -50.15 1.58
C PRO O 468 22.84 -51.52 1.36
N THR O 469 23.61 -52.53 0.98
CA THR O 469 23.09 -53.85 0.61
C THR O 469 22.74 -54.80 1.75
N PRO O 470 23.45 -54.83 2.88
CA PRO O 470 23.22 -55.90 3.86
C PRO O 470 21.86 -55.84 4.54
N GLN O 471 21.50 -56.97 5.11
CA GLN O 471 20.16 -57.26 5.62
C GLN O 471 19.92 -56.58 6.97
N PRO O 472 18.65 -56.36 7.34
CA PRO O 472 17.46 -56.62 6.51
C PRO O 472 17.20 -55.52 5.49
N VAL O 473 16.81 -55.91 4.29
CA VAL O 473 16.53 -55.00 3.20
C VAL O 473 15.02 -54.94 3.00
N TYR O 474 14.45 -53.75 3.09
CA TYR O 474 13.05 -53.54 2.76
C TYR O 474 12.89 -52.14 2.21
N TYR O 475 11.67 -51.81 1.81
CA TYR O 475 11.41 -50.53 1.16
C TYR O 475 11.30 -49.44 2.21
N ARG O 476 12.11 -48.41 2.04
CA ARG O 476 12.19 -47.31 3.00
C ARG O 476 11.98 -46.00 2.27
N GLU O 477 11.42 -45.03 2.98
CA GLU O 477 11.20 -43.72 2.40
C GLU O 477 12.53 -43.02 2.16
N MET O 478 12.68 -42.44 0.98
CA MET O 478 13.86 -41.68 0.63
C MET O 478 13.59 -40.19 0.83
N PHE O 479 14.49 -39.35 0.34
CA PHE O 479 14.46 -37.94 0.70
C PHE O 479 13.32 -37.19 0.02
N ALA O 480 12.90 -37.59 -1.18
CA ALA O 480 11.77 -36.95 -1.82
C ALA O 480 10.47 -37.21 -1.08
N HIS O 481 10.48 -38.13 -0.13
CA HIS O 481 9.33 -38.51 0.68
C HIS O 481 9.15 -37.64 1.92
N HIS O 482 10.03 -36.66 2.16
CA HIS O 482 10.12 -36.02 3.47
C HIS O 482 10.20 -34.50 3.33
N GLY O 483 9.87 -33.83 4.43
CA GLY O 483 10.02 -32.39 4.55
C GLY O 483 9.16 -31.64 3.57
N LYS O 484 9.69 -30.55 3.03
CA LYS O 484 9.04 -29.80 1.98
C LYS O 484 9.40 -30.32 0.59
N ALA O 485 10.27 -31.33 0.52
CA ALA O 485 10.61 -31.92 -0.77
C ALA O 485 9.43 -32.68 -1.37
N LYS O 486 8.59 -33.27 -0.53
CA LYS O 486 7.46 -34.03 -1.04
C LYS O 486 6.44 -33.15 -1.75
N TYR O 487 6.38 -31.87 -1.41
CA TYR O 487 5.47 -30.96 -2.10
C TYR O 487 5.91 -30.71 -3.54
N ASP O 488 7.22 -30.75 -3.80
CA ASP O 488 7.72 -30.56 -5.16
C ASP O 488 7.63 -31.81 -5.99
N ALA O 489 7.59 -32.97 -5.37
CA ALA O 489 7.64 -34.24 -6.08
C ALA O 489 6.26 -34.81 -6.41
N ASN O 490 5.20 -34.22 -5.89
CA ASN O 490 3.88 -34.84 -5.95
C ASN O 490 2.86 -33.88 -6.54
N ILE O 491 1.90 -34.46 -7.25
CA ILE O 491 0.85 -33.71 -7.92
C ILE O 491 -0.49 -34.08 -7.31
N THR O 492 -1.33 -33.07 -7.09
CA THR O 492 -2.74 -33.26 -6.86
C THR O 492 -3.48 -32.85 -8.13
N PHE O 493 -4.14 -33.80 -8.77
CA PHE O 493 -4.91 -33.50 -9.97
C PHE O 493 -6.29 -32.98 -9.60
N VAL O 494 -6.71 -31.91 -10.26
CA VAL O 494 -8.02 -31.32 -10.05
C VAL O 494 -8.66 -31.08 -11.42
N SER O 495 -9.92 -30.65 -11.39
CA SER O 495 -10.58 -30.26 -12.62
C SER O 495 -10.06 -28.91 -13.11
N GLN O 496 -10.25 -28.66 -14.40
CA GLN O 496 -9.85 -27.38 -14.98
C GLN O 496 -10.59 -26.23 -14.31
N ALA O 497 -11.88 -26.43 -14.00
CA ALA O 497 -12.67 -25.38 -13.36
C ALA O 497 -12.12 -25.03 -11.99
N ALA O 498 -11.83 -26.04 -11.16
CA ALA O 498 -11.28 -25.79 -9.84
C ALA O 498 -9.91 -25.13 -9.94
N TYR O 499 -9.09 -25.59 -10.88
CA TYR O 499 -7.78 -24.99 -11.08
C TYR O 499 -7.89 -23.52 -11.45
N ASP O 500 -8.84 -23.18 -12.32
CA ASP O 500 -9.00 -21.78 -12.74
C ASP O 500 -9.51 -20.90 -11.61
N LYS O 501 -10.23 -21.47 -10.65
CA LYS O 501 -10.73 -20.71 -9.51
C LYS O 501 -9.73 -20.64 -8.36
N GLY O 502 -8.51 -21.09 -8.56
CA GLY O 502 -7.49 -21.04 -7.53
C GLY O 502 -7.72 -21.95 -6.35
N ILE O 503 -8.07 -23.21 -6.64
CA ILE O 503 -8.27 -24.19 -5.58
C ILE O 503 -7.00 -24.39 -4.76
N LYS O 504 -5.84 -24.25 -5.40
CA LYS O 504 -4.57 -24.41 -4.69
C LYS O 504 -4.41 -23.35 -3.62
N GLU O 505 -4.67 -22.09 -3.97
CA GLU O 505 -4.49 -20.99 -3.03
C GLU O 505 -5.63 -20.91 -2.02
N GLU O 506 -6.84 -21.27 -2.44
CA GLU O 506 -7.98 -21.24 -1.52
C GLU O 506 -7.80 -22.25 -0.39
N LEU O 507 -7.33 -23.44 -0.69
CA LEU O 507 -7.16 -24.49 0.30
C LEU O 507 -5.76 -24.53 0.91
N GLY O 508 -4.87 -23.65 0.47
CA GLY O 508 -3.52 -23.64 1.00
C GLY O 508 -2.72 -24.90 0.70
N LEU O 509 -2.85 -25.42 -0.51
CA LEU O 509 -2.17 -26.66 -0.89
C LEU O 509 -0.76 -26.35 -1.37
N GLU O 510 0.20 -27.12 -0.87
CA GLU O 510 1.60 -26.93 -1.24
C GLU O 510 2.09 -27.89 -2.30
N ARG O 511 1.37 -28.97 -2.57
CA ARG O 511 1.70 -29.83 -3.69
C ARG O 511 1.47 -29.10 -5.01
N GLN O 512 2.06 -29.63 -6.07
CA GLN O 512 1.71 -29.18 -7.40
C GLN O 512 0.25 -29.51 -7.68
N VAL O 513 -0.45 -28.57 -8.31
CA VAL O 513 -1.86 -28.74 -8.65
C VAL O 513 -1.98 -28.61 -10.16
N LEU O 514 -2.47 -29.66 -10.80
CA LEU O 514 -2.59 -29.71 -12.25
C LEU O 514 -4.01 -30.07 -12.67
N PRO O 515 -4.50 -29.50 -13.77
CA PRO O 515 -5.84 -29.85 -14.26
C PRO O 515 -5.86 -31.05 -15.19
N VAL O 516 -6.91 -31.87 -15.05
CA VAL O 516 -7.15 -32.93 -16.02
C VAL O 516 -7.79 -32.34 -17.27
N LYS O 517 -7.57 -33.00 -18.40
CA LYS O 517 -8.06 -32.48 -19.66
C LYS O 517 -8.20 -33.61 -20.66
N ASN O 518 -9.08 -33.39 -21.64
CA ASN O 518 -9.33 -34.33 -22.74
C ASN O 518 -9.94 -35.64 -22.25
N CYS O 519 -11.00 -35.52 -21.46
CA CYS O 519 -11.67 -36.68 -20.92
C CYS O 519 -12.92 -37.09 -21.70
N ARG O 520 -13.52 -36.19 -22.46
CA ARG O 520 -14.82 -36.44 -23.06
C ARG O 520 -14.74 -36.86 -24.52
N ASN O 521 -13.60 -36.67 -25.18
CA ASN O 521 -13.50 -36.92 -26.61
C ASN O 521 -12.69 -38.17 -26.93
N ILE O 522 -12.55 -39.07 -25.97
CA ILE O 522 -11.79 -40.30 -26.15
C ILE O 522 -12.77 -41.46 -26.20
N THR O 523 -12.41 -42.46 -27.00
CA THR O 523 -13.19 -43.69 -27.06
C THR O 523 -12.30 -44.90 -26.86
N LYS O 524 -12.87 -46.09 -27.04
CA LYS O 524 -12.11 -47.33 -26.96
C LYS O 524 -10.95 -47.33 -27.94
N LYS O 525 -11.05 -46.58 -29.04
CA LYS O 525 -9.98 -46.50 -30.02
C LYS O 525 -8.77 -45.72 -29.53
N ASP O 526 -8.88 -45.01 -28.41
CA ASP O 526 -7.78 -44.24 -27.89
C ASP O 526 -6.92 -45.01 -26.89
N MET O 527 -7.22 -46.28 -26.66
CA MET O 527 -6.44 -47.11 -25.76
C MET O 527 -5.30 -47.78 -26.53
N GLN O 528 -4.09 -47.68 -26.02
CA GLN O 528 -2.94 -48.22 -26.70
C GLN O 528 -2.93 -49.74 -26.59
N PHE O 529 -2.85 -50.42 -27.74
CA PHE O 529 -2.73 -51.86 -27.83
C PHE O 529 -3.96 -52.59 -27.29
N ASN O 530 -4.94 -51.86 -26.78
CA ASN O 530 -6.20 -52.43 -26.35
C ASN O 530 -7.32 -51.58 -26.93
N ASP O 531 -7.62 -51.78 -28.21
CA ASP O 531 -8.65 -50.99 -28.86
C ASP O 531 -9.62 -51.88 -29.64
N THR O 532 -9.73 -53.13 -29.25
CA THR O 532 -10.56 -54.09 -29.99
C THR O 532 -12.01 -53.93 -29.58
N THR O 533 -12.85 -53.55 -30.53
CA THR O 533 -14.29 -53.51 -30.34
C THR O 533 -14.91 -54.72 -31.01
N ALA O 534 -15.92 -55.30 -30.36
CA ALA O 534 -16.55 -56.50 -30.88
C ALA O 534 -17.95 -56.60 -30.30
N HIS O 535 -18.76 -57.41 -30.97
CA HIS O 535 -20.10 -57.69 -30.47
C HIS O 535 -20.00 -58.83 -29.47
N ILE O 536 -20.32 -58.55 -28.21
CA ILE O 536 -20.23 -59.52 -27.14
C ILE O 536 -21.64 -59.94 -26.75
N GLU O 537 -21.90 -61.23 -26.77
CA GLU O 537 -23.17 -61.80 -26.36
C GLU O 537 -22.94 -62.70 -25.15
N VAL O 538 -23.84 -62.63 -24.19
CA VAL O 538 -23.80 -63.46 -22.99
C VAL O 538 -25.08 -64.27 -22.93
N ASN O 539 -24.95 -65.58 -22.76
CA ASN O 539 -26.12 -66.44 -22.68
C ASN O 539 -26.84 -66.20 -21.36
N PRO O 540 -28.13 -65.86 -21.37
CA PRO O 540 -28.82 -65.62 -20.10
C PRO O 540 -28.89 -66.85 -19.20
N GLU O 541 -28.82 -68.06 -19.76
CA GLU O 541 -28.95 -69.27 -18.97
C GLU O 541 -27.60 -69.86 -18.60
N THR O 542 -26.78 -70.18 -19.59
CA THR O 542 -25.50 -70.83 -19.33
C THR O 542 -24.39 -69.85 -18.95
N TYR O 543 -24.64 -68.54 -19.09
CA TYR O 543 -23.67 -67.49 -18.77
C TYR O 543 -22.44 -67.55 -19.65
N HIS O 544 -22.50 -68.28 -20.76
CA HIS O 544 -21.37 -68.34 -21.68
C HIS O 544 -21.21 -67.02 -22.42
N VAL O 545 -19.97 -66.72 -22.78
CA VAL O 545 -19.61 -65.46 -23.42
C VAL O 545 -19.15 -65.73 -24.83
N PHE O 546 -19.76 -65.04 -25.79
CA PHE O 546 -19.40 -65.16 -27.20
C PHE O 546 -18.94 -63.81 -27.71
N VAL O 547 -17.78 -63.78 -28.35
CA VAL O 547 -17.25 -62.59 -28.99
C VAL O 547 -17.30 -62.81 -30.49
N ASP O 548 -18.07 -61.99 -31.19
CA ASP O 548 -18.23 -62.07 -32.64
C ASP O 548 -18.67 -63.47 -33.05
N GLY O 549 -19.54 -64.08 -32.25
CA GLY O 549 -20.12 -65.36 -32.55
C GLY O 549 -19.36 -66.57 -32.05
N LYS O 550 -18.14 -66.39 -31.55
CA LYS O 550 -17.32 -67.49 -31.10
C LYS O 550 -17.19 -67.47 -29.58
N GLU O 551 -17.29 -68.64 -28.96
CA GLU O 551 -17.23 -68.73 -27.51
C GLU O 551 -15.82 -68.41 -27.02
N VAL O 552 -15.75 -67.62 -25.96
CA VAL O 552 -14.50 -67.18 -25.36
C VAL O 552 -14.44 -67.70 -23.93
N THR O 553 -13.37 -68.41 -23.61
CA THR O 553 -13.20 -68.96 -22.27
C THR O 553 -11.71 -69.19 -22.04
N SER O 554 -11.36 -69.32 -20.77
CA SER O 554 -10.02 -69.69 -20.38
C SER O 554 -10.09 -70.76 -19.30
N LYS O 555 -9.04 -71.48 -19.15
CA LYS O 555 -9.11 -72.48 -18.09
C LYS O 555 -8.39 -71.99 -16.85
N PRO O 556 -8.81 -72.42 -15.66
CA PRO O 556 -8.18 -71.94 -14.42
C PRO O 556 -6.75 -72.46 -14.28
N ALA O 557 -5.96 -71.72 -13.52
CA ALA O 557 -4.58 -72.05 -13.25
C ALA O 557 -4.44 -72.59 -11.84
N ASN O 558 -3.75 -73.72 -11.70
CA ASN O 558 -3.46 -74.28 -10.39
C ASN O 558 -2.19 -73.71 -9.77
N LYS O 559 -1.43 -72.91 -10.52
CA LYS O 559 -0.21 -72.30 -10.03
C LYS O 559 0.12 -71.14 -10.95
N VAL O 560 0.52 -70.02 -10.36
CA VAL O 560 0.88 -68.83 -11.12
C VAL O 560 2.32 -68.49 -10.85
N SER O 561 2.89 -67.70 -11.74
CA SER O 561 4.22 -67.17 -11.50
C SER O 561 4.14 -65.90 -10.65
N LEU O 562 5.31 -65.45 -10.20
CA LEU O 562 5.45 -64.21 -9.44
C LEU O 562 4.68 -64.24 -8.12
N ALA O 563 4.42 -65.41 -7.54
CA ALA O 563 3.65 -65.46 -6.30
C ALA O 563 4.44 -65.99 -5.12
N GLN O 564 4.79 -67.26 -5.07
CA GLN O 564 5.38 -67.83 -3.86
C GLN O 564 6.89 -67.86 -3.90
N LEU O 565 7.48 -67.60 -5.06
CA LEU O 565 8.92 -67.52 -5.19
C LEU O 565 9.47 -66.23 -4.60
N PHE O 566 8.65 -65.18 -4.50
CA PHE O 566 9.14 -63.84 -4.22
C PHE O 566 8.71 -63.29 -2.87
N SER O 567 7.78 -63.91 -2.18
CA SER O 567 7.20 -63.33 -0.97
C SER O 567 7.24 -64.32 0.17
N ILE O 568 7.53 -63.83 1.37
CA ILE O 568 7.51 -64.69 2.54
C ILE O 568 6.08 -64.95 3.01
N PHE O 569 5.14 -64.07 2.69
CA PHE O 569 3.75 -64.27 3.05
C PHE O 569 2.86 -63.91 1.87
N MET P 1 -40.26 -24.59 53.04
CA MET P 1 -41.45 -25.08 52.37
C MET P 1 -42.69 -24.37 52.89
N LYS P 2 -43.33 -23.61 52.02
CA LYS P 2 -44.52 -22.84 52.37
C LYS P 2 -45.57 -23.04 51.28
N LYS P 3 -46.83 -22.87 51.65
CA LYS P 3 -47.96 -22.98 50.73
C LYS P 3 -48.40 -21.59 50.30
N ILE P 4 -48.60 -21.40 49.00
CA ILE P 4 -49.06 -20.14 48.44
C ILE P 4 -50.33 -20.41 47.65
N SER P 5 -51.37 -19.63 47.92
CA SER P 5 -52.62 -19.79 47.17
C SER P 5 -52.40 -19.43 45.70
N ARG P 6 -53.09 -20.15 44.82
CA ARG P 6 -52.92 -19.95 43.39
C ARG P 6 -53.24 -18.51 42.98
N LYS P 7 -54.21 -17.89 43.64
CA LYS P 7 -54.60 -16.54 43.27
C LYS P 7 -53.46 -15.56 43.46
N GLU P 8 -52.86 -15.55 44.66
CA GLU P 8 -51.78 -14.59 44.90
C GLU P 8 -50.52 -14.96 44.13
N TYR P 9 -50.28 -16.25 43.92
CA TYR P 9 -49.15 -16.66 43.09
C TYR P 9 -49.28 -16.13 41.67
N VAL P 10 -50.47 -16.26 41.08
CA VAL P 10 -50.69 -15.80 39.72
C VAL P 10 -50.64 -14.28 39.66
N SER P 11 -51.14 -13.61 40.69
CA SER P 11 -51.04 -12.15 40.72
C SER P 11 -49.59 -11.69 40.79
N MET P 12 -48.72 -12.47 41.43
CA MET P 12 -47.33 -12.06 41.53
C MET P 12 -46.50 -12.44 40.31
N TYR P 13 -46.70 -13.63 39.76
CA TYR P 13 -45.81 -14.14 38.73
C TYR P 13 -46.50 -14.55 37.44
N GLY P 14 -47.82 -14.41 37.34
CA GLY P 14 -48.53 -14.84 36.17
C GLY P 14 -49.06 -16.26 36.30
N PRO P 15 -49.82 -16.71 35.30
CA PRO P 15 -50.38 -18.06 35.36
C PRO P 15 -49.30 -19.12 35.30
N THR P 16 -49.58 -20.25 35.93
CA THR P 16 -48.65 -21.37 35.97
C THR P 16 -49.33 -22.58 35.35
N THR P 17 -48.68 -23.75 35.44
CA THR P 17 -49.17 -24.93 34.74
C THR P 17 -50.60 -25.27 35.18
N GLY P 18 -51.46 -25.52 34.20
CA GLY P 18 -52.83 -25.84 34.42
C GLY P 18 -53.77 -24.66 34.45
N ASP P 19 -53.25 -23.45 34.62
CA ASP P 19 -54.09 -22.27 34.56
C ASP P 19 -54.47 -21.96 33.12
N LYS P 20 -55.58 -21.26 32.98
CA LYS P 20 -56.13 -20.91 31.68
C LYS P 20 -56.38 -19.42 31.62
N VAL P 21 -56.18 -18.84 30.43
CA VAL P 21 -56.37 -17.41 30.23
C VAL P 21 -57.15 -17.17 28.95
N ARG P 22 -58.14 -16.28 29.03
CA ARG P 22 -58.87 -15.86 27.84
C ARG P 22 -58.01 -14.95 26.99
N LEU P 23 -58.11 -15.10 25.68
CA LEU P 23 -57.37 -14.29 24.72
C LEU P 23 -58.27 -13.16 24.24
N GLY P 24 -57.93 -11.93 24.63
CA GLY P 24 -58.74 -10.79 24.26
C GLY P 24 -60.16 -10.93 24.76
N ASP P 25 -61.11 -10.43 23.98
CA ASP P 25 -62.52 -10.61 24.28
C ASP P 25 -63.14 -11.77 23.51
N THR P 26 -62.31 -12.71 23.05
CA THR P 26 -62.80 -13.85 22.28
C THR P 26 -63.25 -14.96 23.22
N ASP P 27 -63.54 -16.12 22.65
CA ASP P 27 -63.86 -17.31 23.43
C ASP P 27 -62.73 -18.32 23.45
N LEU P 28 -61.57 -17.99 22.86
CA LEU P 28 -60.44 -18.90 22.83
C LEU P 28 -59.74 -18.90 24.19
N ILE P 29 -59.51 -20.09 24.72
CA ILE P 29 -58.94 -20.26 26.06
C ILE P 29 -57.59 -20.95 25.91
N ALA P 30 -56.55 -20.32 26.42
CA ALA P 30 -55.20 -20.87 26.37
C ALA P 30 -54.85 -21.46 27.73
N GLU P 31 -54.32 -22.67 27.73
CA GLU P 31 -53.90 -23.35 28.95
C GLU P 31 -52.39 -23.47 28.97
N VAL P 32 -51.78 -23.09 30.09
CA VAL P 32 -50.34 -23.21 30.26
C VAL P 32 -49.99 -24.69 30.35
N GLU P 33 -49.16 -25.16 29.42
CA GLU P 33 -48.85 -26.58 29.34
C GLU P 33 -47.73 -26.98 30.28
N HIS P 34 -46.73 -26.12 30.46
CA HIS P 34 -45.55 -26.45 31.23
C HIS P 34 -44.96 -25.16 31.80
N ASP P 35 -44.20 -25.30 32.88
CA ASP P 35 -43.54 -24.18 33.53
C ASP P 35 -42.08 -24.52 33.77
N TYR P 36 -41.19 -23.63 33.38
CA TYR P 36 -39.75 -23.83 33.56
C TYR P 36 -39.24 -23.32 34.89
N THR P 37 -40.11 -22.83 35.76
CA THR P 37 -39.65 -22.16 36.96
C THR P 37 -39.50 -23.14 38.11
N ILE P 38 -38.67 -22.76 39.07
CA ILE P 38 -38.58 -23.45 40.35
C ILE P 38 -39.37 -22.62 41.35
N TYR P 39 -40.42 -23.23 41.91
CA TYR P 39 -41.31 -22.50 42.81
C TYR P 39 -40.55 -22.01 44.03
N GLY P 40 -40.60 -20.70 44.25
CA GLY P 40 -39.80 -20.05 45.26
C GLY P 40 -38.55 -19.37 44.75
N GLU P 41 -38.25 -19.47 43.46
CA GLU P 41 -37.05 -18.89 42.89
C GLU P 41 -37.35 -17.95 41.73
N GLU P 42 -38.57 -17.42 41.65
CA GLU P 42 -38.97 -16.61 40.52
C GLU P 42 -38.19 -15.30 40.47
N LEU P 43 -37.98 -14.81 39.25
CA LEU P 43 -37.28 -13.55 39.04
C LEU P 43 -38.27 -12.39 39.07
N LYS P 44 -38.08 -11.48 40.01
CA LYS P 44 -38.90 -10.28 40.12
C LYS P 44 -38.00 -9.07 40.21
N PHE P 45 -38.35 -8.01 39.50
CA PHE P 45 -37.58 -6.77 39.52
C PHE P 45 -38.35 -5.70 40.26
N GLY P 46 -37.63 -4.93 41.06
CA GLY P 46 -38.23 -3.87 41.85
C GLY P 46 -37.42 -3.65 43.11
N GLY P 47 -37.94 -2.77 43.96
CA GLY P 47 -37.30 -2.48 45.22
C GLY P 47 -37.47 -3.62 46.20
N GLY P 48 -36.37 -4.14 46.73
CA GLY P 48 -36.41 -5.23 47.68
C GLY P 48 -36.70 -6.58 47.08
N LYS P 49 -36.65 -6.72 45.78
CA LYS P 49 -37.01 -7.96 45.11
C LYS P 49 -35.75 -8.76 44.76
N THR P 50 -35.92 -9.78 43.94
CA THR P 50 -34.87 -10.78 43.76
C THR P 50 -33.79 -10.34 42.77
N LEU P 51 -34.16 -9.61 41.73
CA LEU P 51 -33.20 -9.27 40.68
C LEU P 51 -32.22 -8.21 41.12
N ARG P 52 -31.36 -8.55 42.08
CA ARG P 52 -30.44 -7.60 42.67
C ARG P 52 -29.07 -8.24 42.79
N GLU P 53 -28.07 -7.37 42.95
CA GLU P 53 -26.68 -7.80 43.02
C GLU P 53 -26.49 -8.84 44.12
N GLY P 54 -26.01 -10.01 43.73
CA GLY P 54 -25.72 -11.07 44.67
C GLY P 54 -26.85 -12.03 44.96
N MET P 55 -28.06 -11.78 44.45
CA MET P 55 -29.18 -12.69 44.67
C MET P 55 -29.65 -13.37 43.40
N SER P 56 -30.14 -12.60 42.43
CA SER P 56 -30.52 -13.15 41.14
C SER P 56 -29.70 -12.58 40.00
N GLN P 57 -29.11 -11.41 40.16
CA GLN P 57 -28.02 -10.97 39.31
C GLN P 57 -26.72 -11.48 39.89
N SER P 58 -25.94 -12.18 39.08
CA SER P 58 -24.73 -12.80 39.56
C SER P 58 -23.62 -11.77 39.73
N ASN P 59 -22.84 -11.94 40.80
CA ASN P 59 -21.60 -11.20 40.95
C ASN P 59 -20.43 -11.87 40.28
N ASN P 60 -20.60 -13.12 39.84
CA ASN P 60 -19.59 -13.85 39.08
C ASN P 60 -20.31 -14.50 37.89
N PRO P 61 -20.73 -13.70 36.92
CA PRO P 61 -21.57 -14.23 35.85
C PRO P 61 -20.78 -15.13 34.90
N SER P 62 -21.52 -15.97 34.19
CA SER P 62 -20.90 -16.72 33.11
C SER P 62 -20.49 -15.78 31.99
N LYS P 63 -19.73 -16.32 31.04
CA LYS P 63 -19.29 -15.50 29.92
C LYS P 63 -20.38 -15.32 28.87
N GLU P 64 -21.45 -16.10 28.92
CA GLU P 64 -22.61 -15.94 28.05
C GLU P 64 -23.69 -15.11 28.72
N GLU P 65 -23.27 -14.12 29.48
CA GLU P 65 -24.18 -13.24 30.22
C GLU P 65 -25.17 -12.56 29.29
N LEU P 66 -26.42 -12.50 29.70
CA LEU P 66 -27.49 -11.98 28.88
C LEU P 66 -27.45 -10.45 28.81
N ASP P 67 -27.90 -9.92 27.67
CA ASP P 67 -28.13 -8.49 27.56
C ASP P 67 -29.49 -8.11 28.12
N LEU P 68 -30.49 -8.95 27.88
CA LEU P 68 -31.88 -8.69 28.25
C LEU P 68 -32.51 -10.01 28.67
N ILE P 69 -33.32 -9.96 29.73
CA ILE P 69 -34.08 -11.13 30.14
C ILE P 69 -35.53 -10.70 30.35
N ILE P 70 -36.45 -11.52 29.87
CA ILE P 70 -37.87 -11.32 30.08
C ILE P 70 -38.32 -12.38 31.08
N THR P 71 -38.77 -11.93 32.25
CA THR P 71 -39.07 -12.82 33.34
C THR P 71 -40.53 -13.22 33.36
N ASN P 72 -40.80 -14.50 33.62
CA ASN P 72 -42.15 -14.99 33.91
C ASN P 72 -43.09 -14.77 32.73
N ALA P 73 -42.58 -14.97 31.52
CA ALA P 73 -43.35 -14.75 30.32
C ALA P 73 -44.17 -15.98 29.97
N LEU P 74 -45.41 -15.78 29.57
CA LEU P 74 -46.22 -16.82 28.97
C LEU P 74 -45.97 -16.81 27.47
N ILE P 75 -45.29 -17.84 26.97
CA ILE P 75 -44.96 -17.93 25.57
C ILE P 75 -46.10 -18.61 24.83
N VAL P 76 -46.62 -17.95 23.80
CA VAL P 76 -47.58 -18.55 22.89
C VAL P 76 -46.90 -18.67 21.55
N ASP P 77 -46.58 -19.91 21.17
CA ASP P 77 -45.80 -20.22 20.00
C ASP P 77 -46.39 -21.49 19.40
N TYR P 78 -46.01 -21.80 18.16
CA TYR P 78 -46.46 -23.07 17.60
C TYR P 78 -45.78 -24.25 18.27
N THR P 79 -44.64 -24.02 18.90
CA THR P 79 -43.95 -25.07 19.65
C THR P 79 -44.58 -25.34 21.02
N GLY P 80 -45.48 -24.48 21.48
CA GLY P 80 -46.18 -24.76 22.72
C GLY P 80 -46.59 -23.48 23.42
N ILE P 81 -47.42 -23.66 24.44
CA ILE P 81 -47.93 -22.56 25.26
C ILE P 81 -47.46 -22.85 26.69
N TYR P 82 -46.45 -22.11 27.14
CA TYR P 82 -45.77 -22.46 28.38
C TYR P 82 -45.15 -21.21 29.00
N LYS P 83 -44.78 -21.34 30.27
CA LYS P 83 -44.15 -20.26 31.03
C LYS P 83 -42.65 -20.48 31.11
N ALA P 84 -41.88 -19.43 30.84
CA ALA P 84 -40.43 -19.50 30.94
C ALA P 84 -39.87 -18.08 31.04
N ASP P 85 -38.56 -18.00 31.20
CA ASP P 85 -37.82 -16.76 31.05
C ASP P 85 -37.11 -16.78 29.70
N ILE P 86 -37.15 -15.66 29.01
CA ILE P 86 -36.50 -15.54 27.70
C ILE P 86 -35.28 -14.65 27.88
N GLY P 87 -34.12 -15.19 27.50
CA GLY P 87 -32.87 -14.45 27.54
C GLY P 87 -32.45 -14.06 26.13
N ILE P 88 -32.03 -12.81 25.98
CA ILE P 88 -31.63 -12.24 24.70
C ILE P 88 -30.17 -11.84 24.81
N LYS P 89 -29.36 -12.29 23.85
CA LYS P 89 -27.95 -11.91 23.80
C LYS P 89 -27.57 -11.66 22.34
N ASP P 90 -27.11 -10.45 22.05
CA ASP P 90 -26.58 -10.08 20.73
C ASP P 90 -27.63 -10.22 19.63
N GLY P 91 -28.85 -9.78 19.92
CA GLY P 91 -29.92 -9.77 18.95
C GLY P 91 -30.59 -11.10 18.72
N LYS P 92 -30.07 -12.18 19.29
CA LYS P 92 -30.67 -13.49 19.15
C LYS P 92 -31.33 -13.91 20.45
N ILE P 93 -32.19 -14.91 20.37
CA ILE P 93 -32.73 -15.55 21.55
C ILE P 93 -31.68 -16.54 22.06
N ALA P 94 -31.09 -16.24 23.22
CA ALA P 94 -30.01 -17.04 23.74
C ALA P 94 -30.48 -18.22 24.57
N GLY P 95 -31.61 -18.11 25.26
CA GLY P 95 -32.08 -19.20 26.08
C GLY P 95 -33.53 -19.05 26.45
N ILE P 96 -34.19 -20.18 26.69
CA ILE P 96 -35.56 -20.23 27.17
C ILE P 96 -35.57 -21.18 28.35
N GLY P 97 -35.99 -20.69 29.52
CA GLY P 97 -36.00 -21.55 30.67
C GLY P 97 -36.04 -20.84 32.00
N LYS P 98 -35.18 -21.24 32.93
CA LYS P 98 -35.29 -20.75 34.30
C LYS P 98 -34.70 -19.35 34.45
N GLY P 99 -33.41 -19.19 34.18
CA GLY P 99 -32.80 -17.88 34.27
C GLY P 99 -32.54 -17.42 35.69
N GLY P 100 -31.38 -16.80 35.91
CA GLY P 100 -31.06 -16.32 37.24
C GLY P 100 -29.58 -16.38 37.59
N ASN P 101 -29.29 -16.63 38.87
CA ASN P 101 -27.93 -16.60 39.37
C ASN P 101 -27.58 -17.98 39.90
N LYS P 102 -26.52 -18.57 39.34
CA LYS P 102 -26.09 -19.90 39.73
C LYS P 102 -25.48 -19.94 41.12
N ASP P 103 -25.02 -18.80 41.64
CA ASP P 103 -24.46 -18.75 42.98
C ASP P 103 -25.52 -18.99 44.06
N MET P 104 -26.76 -18.60 43.81
CA MET P 104 -27.80 -18.64 44.83
C MET P 104 -29.00 -19.47 44.45
N GLN P 105 -29.05 -20.03 43.24
CA GLN P 105 -30.23 -20.74 42.74
C GLN P 105 -29.81 -21.99 42.00
N ASP P 106 -30.68 -22.99 42.01
CA ASP P 106 -30.29 -24.35 41.61
C ASP P 106 -30.23 -24.53 40.10
N GLY P 107 -31.36 -24.36 39.42
CA GLY P 107 -31.41 -24.79 38.03
C GLY P 107 -31.12 -23.75 36.96
N VAL P 108 -29.93 -23.15 37.00
CA VAL P 108 -29.56 -22.06 36.10
C VAL P 108 -28.43 -22.56 35.19
N LYS P 109 -28.67 -22.53 33.88
CA LYS P 109 -27.69 -22.92 32.89
C LYS P 109 -26.94 -21.68 32.37
N ASN P 110 -25.76 -21.93 31.81
CA ASN P 110 -24.84 -20.83 31.48
C ASN P 110 -25.44 -19.87 30.45
N ASN P 111 -26.35 -20.34 29.61
CA ASN P 111 -26.94 -19.46 28.60
C ASN P 111 -28.06 -18.59 29.15
N LEU P 112 -28.47 -18.80 30.39
CA LEU P 112 -29.55 -18.02 31.00
C LEU P 112 -29.07 -17.27 32.24
N SER P 113 -27.79 -16.91 32.26
CA SER P 113 -27.19 -16.27 33.42
C SER P 113 -27.47 -14.77 33.41
N VAL P 114 -28.00 -14.26 34.51
CA VAL P 114 -28.23 -12.84 34.69
C VAL P 114 -27.04 -12.26 35.43
N GLY P 115 -26.39 -11.28 34.83
CA GLY P 115 -25.28 -10.61 35.45
C GLY P 115 -25.46 -9.11 35.43
N PRO P 116 -24.36 -8.39 35.69
CA PRO P 116 -24.45 -6.92 35.72
C PRO P 116 -24.73 -6.29 34.37
N ALA P 117 -24.54 -7.00 33.28
CA ALA P 117 -24.79 -6.46 31.95
C ALA P 117 -26.21 -6.69 31.46
N THR P 118 -27.09 -7.25 32.28
CA THR P 118 -28.42 -7.66 31.84
C THR P 118 -29.45 -6.59 32.18
N GLU P 119 -30.31 -6.29 31.21
CA GLU P 119 -31.48 -5.48 31.43
C GLU P 119 -32.68 -6.37 31.77
N ALA P 120 -33.57 -5.87 32.61
CA ALA P 120 -34.71 -6.63 33.09
C ALA P 120 -35.99 -6.12 32.44
N LEU P 121 -36.76 -7.03 31.88
CA LEU P 121 -38.09 -6.74 31.35
C LEU P 121 -39.08 -7.68 32.02
N ALA P 122 -40.05 -7.10 32.73
CA ALA P 122 -41.04 -7.91 33.43
C ALA P 122 -42.10 -8.40 32.47
N GLY P 123 -42.36 -9.70 32.51
CA GLY P 123 -43.37 -10.28 31.65
C GLY P 123 -44.46 -11.01 32.39
N GLU P 124 -44.49 -10.90 33.71
CA GLU P 124 -45.50 -11.58 34.49
C GLU P 124 -46.89 -11.07 34.13
N GLY P 125 -47.80 -12.00 33.88
CA GLY P 125 -49.12 -11.65 33.41
C GLY P 125 -49.20 -11.22 31.97
N LEU P 126 -48.13 -11.41 31.20
CA LEU P 126 -48.09 -11.00 29.80
C LEU P 126 -47.83 -12.21 28.91
N ILE P 127 -48.14 -12.05 27.63
CA ILE P 127 -47.95 -13.07 26.61
C ILE P 127 -46.84 -12.61 25.68
N VAL P 128 -45.95 -13.53 25.32
CA VAL P 128 -44.91 -13.29 24.34
C VAL P 128 -45.18 -14.19 23.14
N THR P 129 -45.33 -13.58 21.97
CA THR P 129 -45.37 -14.29 20.71
C THR P 129 -44.24 -13.78 19.82
N ALA P 130 -43.97 -14.52 18.75
CA ALA P 130 -43.07 -14.03 17.73
C ALA P 130 -43.70 -12.87 16.98
N GLY P 131 -42.84 -12.03 16.41
CA GLY P 131 -43.33 -10.97 15.53
C GLY P 131 -44.05 -11.56 14.32
N GLY P 132 -45.12 -10.89 13.91
CA GLY P 132 -45.85 -11.33 12.75
C GLY P 132 -45.09 -11.11 11.46
N ILE P 133 -45.44 -11.91 10.46
CA ILE P 133 -44.81 -11.84 9.15
C ILE P 133 -45.90 -11.67 8.12
N ASP P 134 -45.86 -10.56 7.39
CA ASP P 134 -46.84 -10.24 6.36
C ASP P 134 -46.16 -10.40 5.01
N THR P 135 -46.69 -11.29 4.17
CA THR P 135 -46.03 -11.67 2.93
C THR P 135 -46.77 -11.20 1.69
N HIS P 136 -47.74 -10.31 1.82
CA HIS P 136 -48.50 -9.79 0.69
C HIS P 136 -48.59 -8.27 0.77
N ILE P 137 -47.44 -7.61 0.89
CA ILE P 137 -47.39 -6.16 1.02
C ILE P 137 -47.29 -5.53 -0.36
N HIS P 138 -48.22 -4.61 -0.64
CA HIS P 138 -48.05 -3.66 -1.74
C HIS P 138 -47.35 -2.42 -1.17
N PHE P 139 -46.10 -2.21 -1.55
CA PHE P 139 -45.34 -1.06 -1.05
C PHE P 139 -45.84 0.19 -1.76
N ILE P 140 -47.00 0.66 -1.30
CA ILE P 140 -47.67 1.80 -1.90
C ILE P 140 -47.35 3.09 -1.16
N SER P 141 -47.30 3.06 0.16
CA SER P 141 -46.91 4.20 0.95
C SER P 141 -46.03 3.74 2.10
N PRO P 142 -44.98 4.50 2.43
CA PRO P 142 -44.16 4.16 3.59
C PRO P 142 -44.94 4.14 4.90
N GLN P 143 -46.05 4.87 4.99
CA GLN P 143 -46.84 4.93 6.22
C GLN P 143 -47.48 3.59 6.57
N GLN P 144 -47.53 2.63 5.63
CA GLN P 144 -47.98 1.29 5.96
C GLN P 144 -47.07 0.62 6.97
N ILE P 145 -45.76 0.90 6.92
CA ILE P 145 -44.81 0.19 7.77
C ILE P 145 -45.04 0.49 9.25
N PRO P 146 -45.16 1.74 9.70
CA PRO P 146 -45.52 1.97 11.11
C PRO P 146 -46.87 1.40 11.50
N THR P 147 -47.83 1.39 10.58
CA THR P 147 -49.15 0.85 10.90
C THR P 147 -49.09 -0.66 11.16
N ALA P 148 -48.36 -1.38 10.31
CA ALA P 148 -48.20 -2.82 10.53
C ALA P 148 -47.34 -3.10 11.75
N PHE P 149 -46.36 -2.23 12.02
CA PHE P 149 -45.52 -2.40 13.19
C PHE P 149 -46.33 -2.31 14.48
N ALA P 150 -47.25 -1.34 14.56
CA ALA P 150 -48.03 -1.15 15.77
C ALA P 150 -49.04 -2.24 16.01
N SER P 151 -49.31 -3.09 15.03
CA SER P 151 -50.25 -4.20 15.18
C SER P 151 -49.57 -5.51 15.53
N GLY P 152 -48.25 -5.56 15.56
CA GLY P 152 -47.53 -6.77 15.89
C GLY P 152 -46.77 -7.44 14.75
N VAL P 153 -46.67 -6.79 13.60
CA VAL P 153 -45.94 -7.35 12.46
C VAL P 153 -44.52 -6.81 12.48
N THR P 154 -43.53 -7.70 12.37
CA THR P 154 -42.14 -7.31 12.37
C THR P 154 -41.40 -7.60 11.07
N THR P 155 -42.01 -8.32 10.14
CA THR P 155 -41.42 -8.56 8.82
C THR P 155 -42.47 -8.30 7.76
N MET P 156 -42.14 -7.49 6.77
CA MET P 156 -43.00 -7.25 5.61
C MET P 156 -42.28 -7.73 4.37
N ILE P 157 -42.94 -8.60 3.61
CA ILE P 157 -42.43 -9.11 2.34
C ILE P 157 -43.44 -8.73 1.27
N GLY P 158 -42.95 -8.17 0.17
CA GLY P 158 -43.81 -7.78 -0.92
C GLY P 158 -43.05 -7.06 -2.01
N GLY P 159 -43.75 -6.24 -2.78
CA GLY P 159 -43.10 -5.48 -3.82
C GLY P 159 -43.84 -4.20 -4.10
N GLY P 160 -43.18 -3.32 -4.83
CA GLY P 160 -43.74 -2.05 -5.21
C GLY P 160 -42.67 -0.97 -5.23
N THR P 161 -43.00 0.14 -5.86
CA THR P 161 -42.13 1.30 -5.90
C THR P 161 -42.78 2.54 -5.32
N GLY P 162 -44.04 2.47 -4.92
CA GLY P 162 -44.76 3.62 -4.44
C GLY P 162 -46.16 3.68 -5.01
N PRO P 163 -46.74 4.86 -5.02
CA PRO P 163 -48.15 4.99 -5.41
C PRO P 163 -48.38 4.94 -6.91
N ALA P 164 -47.43 4.39 -7.65
CA ALA P 164 -47.60 4.14 -9.07
C ALA P 164 -48.68 3.10 -9.31
N ASP P 165 -49.32 3.20 -10.49
CA ASP P 165 -50.45 2.34 -10.81
C ASP P 165 -50.05 0.87 -10.87
N GLY P 166 -48.83 0.57 -11.33
CA GLY P 166 -48.35 -0.80 -11.31
C GLY P 166 -48.26 -1.36 -9.91
N THR P 167 -47.84 -0.54 -8.95
CA THR P 167 -47.77 -0.98 -7.56
C THR P 167 -49.15 -1.03 -6.92
N ASN P 168 -50.04 -0.11 -7.27
CA ASN P 168 -51.40 -0.16 -6.73
C ASN P 168 -52.10 -1.46 -7.06
N ALA P 169 -51.65 -2.16 -8.11
CA ALA P 169 -52.22 -3.43 -8.51
C ALA P 169 -51.37 -4.62 -8.10
N THR P 170 -50.05 -4.50 -8.11
CA THR P 170 -49.16 -5.64 -8.00
C THR P 170 -48.13 -5.43 -6.90
N THR P 171 -47.71 -6.54 -6.28
CA THR P 171 -46.61 -6.52 -5.32
C THR P 171 -45.29 -6.79 -6.04
N ILE P 172 -44.95 -5.91 -6.96
CA ILE P 172 -43.82 -6.11 -7.85
C ILE P 172 -42.88 -4.93 -7.75
N THR P 173 -41.60 -5.20 -7.53
CA THR P 173 -40.53 -4.21 -7.67
C THR P 173 -39.76 -4.57 -8.94
N PRO P 174 -40.04 -3.92 -10.05
CA PRO P 174 -39.51 -4.42 -11.34
C PRO P 174 -38.12 -3.92 -11.68
N GLY P 175 -37.17 -4.83 -11.79
CA GLY P 175 -35.88 -4.52 -12.36
C GLY P 175 -34.83 -4.10 -11.34
N ARG P 176 -33.58 -4.12 -11.79
CA ARG P 176 -32.44 -3.88 -10.92
C ARG P 176 -32.45 -2.48 -10.32
N ARG P 177 -32.73 -1.47 -11.14
CA ARG P 177 -32.68 -0.09 -10.66
C ARG P 177 -33.78 0.18 -9.62
N ASN P 178 -34.99 -0.31 -9.88
CA ASN P 178 -36.07 -0.12 -8.91
C ASN P 178 -35.80 -0.92 -7.63
N LEU P 179 -35.19 -2.10 -7.76
CA LEU P 179 -34.76 -2.83 -6.57
C LEU P 179 -33.75 -2.04 -5.77
N LYS P 180 -32.79 -1.39 -6.44
CA LYS P 180 -31.82 -0.56 -5.74
C LYS P 180 -32.49 0.60 -5.03
N TRP P 181 -33.45 1.25 -5.71
CA TRP P 181 -34.22 2.31 -5.06
C TRP P 181 -34.85 1.82 -3.77
N MET P 182 -35.56 0.70 -3.82
CA MET P 182 -36.28 0.25 -2.64
C MET P 182 -35.36 -0.27 -1.56
N LEU P 183 -34.26 -0.92 -1.93
CA LEU P 183 -33.30 -1.41 -0.95
C LEU P 183 -32.61 -0.27 -0.22
N ARG P 184 -32.32 0.84 -0.92
CA ARG P 184 -31.74 1.98 -0.23
C ARG P 184 -32.78 2.76 0.55
N ALA P 185 -34.03 2.76 0.12
CA ALA P 185 -35.07 3.38 0.94
C ALA P 185 -35.33 2.59 2.22
N ALA P 186 -35.12 1.27 2.18
CA ALA P 186 -35.46 0.42 3.32
C ALA P 186 -34.66 0.77 4.56
N GLU P 187 -33.47 1.37 4.40
CA GLU P 187 -32.64 1.78 5.52
C GLU P 187 -33.35 2.69 6.52
N GLU P 188 -34.50 3.24 6.15
CA GLU P 188 -35.24 4.17 7.00
C GLU P 188 -36.01 3.48 8.12
N TYR P 189 -36.46 2.24 7.91
CA TYR P 189 -37.61 1.72 8.60
C TYR P 189 -37.27 0.72 9.70
N SER P 190 -38.19 0.62 10.66
CA SER P 190 -38.15 -0.40 11.70
C SER P 190 -39.07 -1.53 11.27
N MET P 191 -38.53 -2.42 10.45
CA MET P 191 -39.23 -3.56 9.89
C MET P 191 -38.21 -4.42 9.15
N ASN P 192 -38.36 -5.73 9.23
CA ASN P 192 -37.62 -6.61 8.33
C ASN P 192 -38.29 -6.56 6.96
N LEU P 193 -37.48 -6.42 5.92
CA LEU P 193 -38.01 -6.19 4.57
C LEU P 193 -37.37 -7.14 3.57
N GLY P 194 -38.17 -7.58 2.62
CA GLY P 194 -37.69 -8.31 1.46
C GLY P 194 -38.61 -8.01 0.30
N PHE P 195 -38.05 -8.02 -0.90
CA PHE P 195 -38.76 -7.53 -2.07
C PHE P 195 -38.90 -8.61 -3.14
N LEU P 196 -40.07 -8.65 -3.76
CA LEU P 196 -40.36 -9.56 -4.85
C LEU P 196 -40.19 -8.85 -6.19
N ALA P 197 -39.61 -9.56 -7.16
CA ALA P 197 -39.36 -9.04 -8.48
C ALA P 197 -40.53 -9.34 -9.42
N LYS P 198 -40.41 -8.89 -10.67
CA LYS P 198 -41.43 -9.19 -11.68
C LYS P 198 -41.16 -10.57 -12.26
N GLY P 199 -42.14 -11.46 -12.13
CA GLY P 199 -42.03 -12.78 -12.71
C GLY P 199 -42.72 -12.87 -14.06
N ASN P 200 -43.44 -11.81 -14.42
CA ASN P 200 -44.26 -11.80 -15.64
C ASN P 200 -43.38 -11.46 -16.84
N THR P 201 -42.53 -12.41 -17.20
CA THR P 201 -41.77 -12.31 -18.43
C THR P 201 -41.38 -13.72 -18.85
N SER P 202 -41.10 -13.86 -20.14
CA SER P 202 -40.62 -15.12 -20.69
C SER P 202 -39.12 -15.08 -20.96
N ASN P 203 -38.46 -14.00 -20.59
CA ASN P 203 -37.01 -13.85 -20.79
C ASN P 203 -36.30 -14.33 -19.53
N ASP P 204 -35.53 -15.41 -19.66
CA ASP P 204 -34.84 -15.98 -18.51
C ASP P 204 -33.75 -15.04 -17.98
N ALA P 205 -33.05 -14.36 -18.88
CA ALA P 205 -31.99 -13.46 -18.45
C ALA P 205 -32.54 -12.31 -17.62
N SER P 206 -33.69 -11.75 -18.04
CA SER P 206 -34.33 -10.69 -17.28
C SER P 206 -34.76 -11.17 -15.90
N LEU P 207 -35.27 -12.41 -15.82
CA LEU P 207 -35.66 -12.97 -14.53
C LEU P 207 -34.45 -13.15 -13.63
N ALA P 208 -33.36 -13.69 -14.16
CA ALA P 208 -32.19 -13.97 -13.34
C ALA P 208 -31.55 -12.70 -12.85
N ASP P 209 -31.56 -11.64 -13.66
CA ASP P 209 -30.93 -10.38 -13.28
C ASP P 209 -31.60 -9.77 -12.06
N GLN P 210 -32.93 -9.86 -11.97
CA GLN P 210 -33.64 -9.31 -10.82
C GLN P 210 -33.28 -10.04 -9.53
N ILE P 211 -33.12 -11.36 -9.60
CA ILE P 211 -32.73 -12.11 -8.41
C ILE P 211 -31.33 -11.72 -7.97
N GLU P 212 -30.40 -11.63 -8.92
CA GLU P 212 -29.03 -11.23 -8.61
C GLU P 212 -28.94 -9.79 -8.14
N ALA P 213 -29.96 -8.98 -8.41
CA ALA P 213 -30.04 -7.60 -7.97
C ALA P 213 -30.64 -7.44 -6.58
N GLY P 214 -30.99 -8.54 -5.92
CA GLY P 214 -31.40 -8.49 -4.52
C GLY P 214 -32.81 -8.93 -4.21
N ALA P 215 -33.63 -9.32 -5.18
CA ALA P 215 -34.98 -9.76 -4.89
C ALA P 215 -34.98 -11.15 -4.27
N ILE P 216 -35.94 -11.41 -3.38
CA ILE P 216 -36.06 -12.70 -2.74
C ILE P 216 -37.05 -13.63 -3.44
N GLY P 217 -37.62 -13.20 -4.55
CA GLY P 217 -38.54 -14.04 -5.27
C GLY P 217 -39.29 -13.27 -6.34
N PHE P 218 -40.25 -13.95 -6.95
CA PHE P 218 -41.04 -13.39 -8.02
C PHE P 218 -42.49 -13.28 -7.64
N KCX P 219 -43.15 -12.25 -8.15
CA KCX P 219 -44.60 -12.19 -8.15
CB KCX P 219 -45.10 -10.90 -7.50
CG KCX P 219 -46.61 -10.70 -7.55
CD KCX P 219 -47.35 -11.78 -6.78
CE KCX P 219 -48.83 -11.49 -6.73
NZ KCX P 219 -49.13 -10.16 -6.11
C KCX P 219 -45.08 -12.29 -9.59
O KCX P 219 -44.58 -11.61 -10.48
CX KCX P 219 -50.37 -9.77 -5.85
OQ1 KCX P 219 -51.32 -10.51 -6.12
OQ2 KCX P 219 -50.58 -8.68 -5.34
N ILE P 220 -46.03 -13.18 -9.83
CA ILE P 220 -46.71 -13.27 -11.11
C ILE P 220 -48.11 -12.73 -10.92
N HIS P 221 -48.42 -11.63 -11.59
CA HIS P 221 -49.69 -10.94 -11.42
C HIS P 221 -50.37 -10.80 -12.77
N GLU P 222 -51.69 -11.02 -12.79
CA GLU P 222 -52.42 -11.02 -14.04
C GLU P 222 -52.40 -9.65 -14.71
N ASP P 223 -52.22 -8.58 -13.94
CA ASP P 223 -52.13 -7.24 -14.53
C ASP P 223 -50.89 -7.05 -15.39
N TRP P 224 -49.84 -7.85 -15.15
CA TRP P 224 -48.70 -7.90 -16.06
C TRP P 224 -48.76 -9.10 -16.99
N GLY P 225 -49.81 -9.92 -16.87
CA GLY P 225 -50.07 -11.04 -17.76
C GLY P 225 -49.65 -12.36 -17.18
N THR P 226 -50.59 -13.07 -16.55
CA THR P 226 -50.30 -14.38 -15.96
C THR P 226 -50.60 -15.42 -17.02
N THR P 227 -49.59 -15.75 -17.77
CA THR P 227 -49.69 -16.72 -18.82
C THR P 227 -48.89 -17.97 -18.45
N PRO P 228 -49.25 -19.13 -18.98
CA PRO P 228 -48.48 -20.35 -18.67
C PRO P 228 -47.01 -20.24 -19.03
N SER P 229 -46.68 -19.52 -20.12
CA SER P 229 -45.29 -19.38 -20.51
C SER P 229 -44.48 -18.64 -19.45
N ALA P 230 -45.02 -17.52 -18.95
CA ALA P 230 -44.32 -16.76 -17.93
C ALA P 230 -44.21 -17.55 -16.63
N ILE P 231 -45.27 -18.28 -16.27
CA ILE P 231 -45.23 -19.11 -15.06
C ILE P 231 -44.13 -20.15 -15.18
N ASN P 232 -44.05 -20.82 -16.32
CA ASN P 232 -43.06 -21.86 -16.54
C ASN P 232 -41.63 -21.29 -16.44
N HIS P 233 -41.38 -20.18 -17.12
CA HIS P 233 -40.05 -19.58 -17.10
C HIS P 233 -39.67 -19.12 -15.70
N ALA P 234 -40.60 -18.46 -15.00
CA ALA P 234 -40.30 -17.94 -13.68
C ALA P 234 -40.01 -19.08 -12.70
N LEU P 235 -40.76 -20.17 -12.79
CA LEU P 235 -40.49 -21.31 -11.93
C LEU P 235 -39.13 -21.93 -12.24
N ASP P 236 -38.77 -22.01 -13.51
CA ASP P 236 -37.45 -22.56 -13.85
C ASP P 236 -36.32 -21.72 -13.24
N VAL P 237 -36.41 -20.40 -13.38
CA VAL P 237 -35.37 -19.54 -12.82
C VAL P 237 -35.36 -19.64 -11.30
N ALA P 238 -36.54 -19.65 -10.68
CA ALA P 238 -36.61 -19.72 -9.22
C ALA P 238 -36.01 -21.02 -8.71
N ASP P 239 -36.23 -22.13 -9.41
CA ASP P 239 -35.59 -23.38 -9.03
C ASP P 239 -34.07 -23.29 -9.16
N LYS P 240 -33.58 -22.56 -10.15
CA LYS P 240 -32.13 -22.40 -10.24
C LYS P 240 -31.57 -21.49 -9.16
N TYR P 241 -32.35 -20.57 -8.60
CA TYR P 241 -31.84 -19.62 -7.64
C TYR P 241 -32.36 -19.81 -6.21
N ASP P 242 -33.24 -20.77 -5.98
CA ASP P 242 -33.77 -21.08 -4.65
C ASP P 242 -34.47 -19.86 -4.03
N VAL P 243 -35.45 -19.34 -4.76
CA VAL P 243 -36.30 -18.26 -4.27
C VAL P 243 -37.75 -18.65 -4.50
N GLN P 244 -38.64 -18.00 -3.76
CA GLN P 244 -40.05 -18.35 -3.83
C GLN P 244 -40.75 -17.64 -4.98
N VAL P 245 -41.84 -18.23 -5.45
CA VAL P 245 -42.69 -17.62 -6.46
C VAL P 245 -44.09 -17.46 -5.87
N ALA P 246 -44.65 -16.26 -6.00
CA ALA P 246 -46.03 -15.98 -5.66
C ALA P 246 -46.81 -15.66 -6.92
N ILE P 247 -48.08 -16.03 -6.94
CA ILE P 247 -48.88 -15.92 -8.15
C ILE P 247 -50.25 -15.33 -7.83
N HIS P 248 -50.67 -14.40 -8.69
CA HIS P 248 -52.03 -13.88 -8.76
C HIS P 248 -52.56 -14.28 -10.14
N THR P 249 -53.43 -15.27 -10.18
CA THR P 249 -53.74 -15.95 -11.43
C THR P 249 -54.74 -15.16 -12.27
N ASP P 250 -54.99 -15.66 -13.48
CA ASP P 250 -55.81 -14.97 -14.47
C ASP P 250 -57.29 -15.15 -14.15
N THR P 251 -57.94 -14.08 -13.71
CA THR P 251 -59.36 -14.15 -13.40
C THR P 251 -60.21 -14.30 -14.65
N LEU P 252 -59.73 -13.79 -15.78
CA LEU P 252 -60.52 -13.79 -17.00
C LEU P 252 -60.46 -15.10 -17.76
N ASN P 253 -59.64 -16.06 -17.32
CA ASN P 253 -59.42 -17.32 -18.02
C ASN P 253 -58.95 -17.09 -19.45
N GLU P 254 -58.16 -16.05 -19.66
CA GLU P 254 -57.82 -15.62 -21.02
C GLU P 254 -56.96 -16.66 -21.73
N ALA P 255 -55.88 -17.08 -21.09
CA ALA P 255 -55.00 -18.08 -21.68
C ALA P 255 -55.34 -19.50 -21.25
N GLY P 256 -56.30 -19.67 -20.34
CA GLY P 256 -56.62 -20.98 -19.84
C GLY P 256 -57.32 -20.89 -18.51
N CYS P 257 -57.77 -22.04 -18.04
CA CYS P 257 -58.46 -22.15 -16.78
C CYS P 257 -57.50 -22.58 -15.68
N VAL P 258 -58.03 -22.92 -14.52
CA VAL P 258 -57.19 -23.18 -13.36
C VAL P 258 -56.31 -24.41 -13.58
N GLU P 259 -56.83 -25.42 -14.28
CA GLU P 259 -56.03 -26.62 -14.52
C GLU P 259 -54.88 -26.36 -15.47
N ASP P 260 -55.05 -25.44 -16.42
CA ASP P 260 -53.93 -25.03 -17.27
C ASP P 260 -52.84 -24.35 -16.46
N THR P 261 -53.23 -23.52 -15.50
CA THR P 261 -52.26 -22.91 -14.61
C THR P 261 -51.53 -23.95 -13.77
N MET P 262 -52.27 -24.94 -13.25
CA MET P 262 -51.61 -26.00 -12.49
C MET P 262 -50.67 -26.81 -13.38
N ALA P 263 -51.03 -27.01 -14.64
CA ALA P 263 -50.15 -27.69 -15.58
C ALA P 263 -48.89 -26.88 -15.84
N ALA P 264 -49.02 -25.55 -15.90
CA ALA P 264 -47.84 -24.72 -16.06
C ALA P 264 -46.96 -24.76 -14.82
N ILE P 265 -47.57 -24.83 -13.63
CA ILE P 265 -46.79 -24.95 -12.41
C ILE P 265 -46.04 -26.27 -12.38
N ALA P 266 -46.66 -27.34 -12.91
CA ALA P 266 -45.99 -28.61 -13.15
C ALA P 266 -45.45 -29.24 -11.88
N GLY P 267 -46.18 -29.08 -10.78
CA GLY P 267 -45.82 -29.73 -9.54
C GLY P 267 -44.69 -29.09 -8.77
N ARG P 268 -44.37 -27.84 -9.04
CA ARG P 268 -43.32 -27.12 -8.34
C ARG P 268 -43.93 -26.25 -7.25
N THR P 269 -43.09 -25.85 -6.29
CA THR P 269 -43.56 -25.08 -5.15
C THR P 269 -44.07 -23.71 -5.59
N MET P 270 -45.25 -23.35 -5.13
CA MET P 270 -45.88 -22.08 -5.48
C MET P 270 -46.65 -21.55 -4.28
N HIS P 271 -46.57 -20.24 -4.06
CA HIS P 271 -47.31 -19.56 -3.02
C HIS P 271 -48.43 -18.75 -3.68
N THR P 272 -49.67 -19.11 -3.39
CA THR P 272 -50.82 -18.47 -4.02
C THR P 272 -51.41 -17.43 -3.09
N PHE P 273 -51.57 -16.21 -3.61
CA PHE P 273 -52.19 -15.12 -2.88
C PHE P 273 -53.71 -15.16 -3.05
N HIS P 274 -54.42 -14.76 -2.00
CA HIS P 274 -55.89 -14.70 -1.96
C HIS P 274 -56.52 -15.85 -2.73
N THR P 275 -56.21 -17.06 -2.26
CA THR P 275 -56.57 -18.28 -2.97
C THR P 275 -58.07 -18.44 -3.13
N GLU P 276 -58.85 -17.81 -2.25
CA GLU P 276 -60.30 -17.91 -2.38
C GLU P 276 -60.82 -17.13 -3.59
N GLY P 277 -60.08 -16.12 -4.05
CA GLY P 277 -60.32 -15.53 -5.34
C GLY P 277 -61.03 -14.19 -5.37
N ALA P 278 -61.52 -13.68 -4.24
CA ALA P 278 -62.09 -12.34 -4.24
C ALA P 278 -61.04 -11.30 -4.61
N GLY P 279 -59.80 -11.52 -4.22
CA GLY P 279 -58.71 -10.66 -4.58
C GLY P 279 -58.14 -10.88 -5.96
N GLY P 280 -58.74 -11.79 -6.72
CA GLY P 280 -58.27 -12.12 -8.06
C GLY P 280 -58.02 -13.61 -8.16
N GLY P 281 -58.11 -14.13 -9.37
CA GLY P 281 -57.89 -15.54 -9.58
C GLY P 281 -58.94 -16.17 -10.46
N HIS P 282 -58.65 -17.33 -11.04
CA HIS P 282 -59.53 -17.99 -12.00
C HIS P 282 -60.97 -18.05 -11.47
N ALA P 283 -61.86 -17.37 -12.16
CA ALA P 283 -63.25 -17.39 -11.77
C ALA P 283 -63.93 -18.63 -12.35
N PRO P 284 -64.65 -19.41 -11.53
CA PRO P 284 -64.89 -19.15 -10.11
C PRO P 284 -64.16 -20.11 -9.18
N ASP P 285 -63.14 -20.81 -9.70
CA ASP P 285 -62.68 -22.03 -9.06
C ASP P 285 -61.18 -22.01 -8.78
N ILE P 286 -60.60 -20.84 -8.48
CA ILE P 286 -59.20 -20.82 -8.07
C ILE P 286 -59.02 -21.51 -6.73
N ILE P 287 -60.05 -21.50 -5.89
CA ILE P 287 -59.93 -22.01 -4.53
C ILE P 287 -59.61 -23.51 -4.49
N LYS P 288 -59.79 -24.21 -5.60
CA LYS P 288 -59.56 -25.65 -5.59
C LYS P 288 -58.08 -25.98 -5.41
N VAL P 289 -57.18 -25.07 -5.79
CA VAL P 289 -55.75 -25.36 -5.67
C VAL P 289 -55.29 -25.42 -4.23
N ALA P 290 -56.12 -25.02 -3.27
CA ALA P 290 -55.75 -25.05 -1.86
C ALA P 290 -55.62 -26.45 -1.31
N GLY P 291 -56.04 -27.47 -2.05
CA GLY P 291 -55.85 -28.85 -1.65
C GLY P 291 -54.64 -29.54 -2.23
N GLU P 292 -53.86 -28.86 -3.07
CA GLU P 292 -52.73 -29.49 -3.74
C GLU P 292 -51.49 -29.49 -2.85
N HIS P 293 -50.65 -30.50 -3.05
CA HIS P 293 -49.48 -30.67 -2.20
C HIS P 293 -48.44 -29.58 -2.44
N ASN P 294 -48.27 -29.16 -3.67
CA ASN P 294 -47.22 -28.21 -4.03
C ASN P 294 -47.64 -26.76 -3.87
N ILE P 295 -48.85 -26.49 -3.40
CA ILE P 295 -49.36 -25.13 -3.26
C ILE P 295 -49.28 -24.71 -1.81
N LEU P 296 -48.81 -23.48 -1.58
CA LEU P 296 -48.89 -22.87 -0.26
C LEU P 296 -50.02 -21.85 -0.28
N PRO P 297 -51.21 -22.19 0.19
CA PRO P 297 -52.36 -21.29 0.00
C PRO P 297 -52.50 -20.22 1.08
N ALA P 298 -52.56 -18.97 0.67
CA ALA P 298 -52.74 -17.86 1.58
C ALA P 298 -54.07 -17.17 1.29
N SER P 299 -54.60 -16.51 2.32
CA SER P 299 -55.78 -15.68 2.19
C SER P 299 -55.45 -14.26 2.63
N THR P 300 -56.19 -13.31 2.09
CA THR P 300 -56.07 -11.92 2.48
C THR P 300 -57.19 -11.56 3.45
N ASN P 301 -56.89 -10.61 4.33
CA ASN P 301 -57.78 -10.33 5.46
C ASN P 301 -59.14 -9.72 5.12
N PRO P 302 -59.34 -9.01 3.99
CA PRO P 302 -60.68 -8.45 3.74
C PRO P 302 -61.79 -9.48 3.66
N THR P 303 -61.49 -10.73 3.30
CA THR P 303 -62.52 -11.75 3.22
C THR P 303 -62.73 -12.53 4.51
N ILE P 304 -61.89 -12.34 5.51
CA ILE P 304 -62.08 -13.05 6.78
C ILE P 304 -62.25 -12.04 7.91
N PRO P 305 -63.16 -12.28 8.85
CA PRO P 305 -64.16 -13.35 8.74
C PRO P 305 -65.30 -12.93 7.82
N PHE P 306 -66.12 -13.89 7.39
CA PHE P 306 -67.26 -13.57 6.55
C PHE P 306 -68.37 -12.95 7.38
N THR P 307 -68.81 -11.77 6.99
CA THR P 307 -69.80 -11.01 7.74
C THR P 307 -70.95 -10.60 6.83
N VAL P 308 -71.95 -9.96 7.43
CA VAL P 308 -73.11 -9.51 6.68
C VAL P 308 -72.76 -8.37 5.73
N ASN P 309 -71.77 -7.56 6.07
CA ASN P 309 -71.37 -6.44 5.24
C ASN P 309 -70.30 -6.78 4.22
N THR P 310 -69.79 -8.02 4.23
CA THR P 310 -68.64 -8.37 3.42
C THR P 310 -68.95 -8.29 1.92
N GLU P 311 -70.06 -8.88 1.50
CA GLU P 311 -70.33 -9.03 0.07
C GLU P 311 -70.55 -7.68 -0.59
N ALA P 312 -71.42 -6.84 -0.02
CA ALA P 312 -71.69 -5.54 -0.61
C ALA P 312 -70.44 -4.68 -0.63
N GLU P 313 -69.65 -4.73 0.45
CA GLU P 313 -68.42 -3.96 0.50
C GLU P 313 -67.46 -4.38 -0.60
N HIS P 314 -67.27 -5.69 -0.77
CA HIS P 314 -66.37 -6.18 -1.81
C HIS P 314 -66.89 -5.84 -3.20
N MET P 315 -68.21 -5.92 -3.40
CA MET P 315 -68.78 -5.56 -4.69
C MET P 315 -68.49 -4.11 -5.03
N ASP P 316 -68.78 -3.20 -4.11
CA ASP P 316 -68.55 -1.79 -4.38
C ASP P 316 -67.07 -1.48 -4.52
N MET P 317 -66.22 -2.17 -3.74
CA MET P 317 -64.78 -1.97 -3.86
C MET P 317 -64.29 -2.41 -5.24
N LEU P 318 -64.80 -3.53 -5.74
CA LEU P 318 -64.42 -3.99 -7.07
C LEU P 318 -64.87 -3.02 -8.14
N MET P 319 -66.09 -2.48 -8.01
CA MET P 319 -66.58 -1.53 -9.00
C MET P 319 -65.73 -0.28 -9.06
N VAL P 320 -65.03 0.04 -7.97
CA VAL P 320 -64.22 1.27 -7.91
C VAL P 320 -62.82 1.05 -8.45
N CYS P 321 -62.15 -0.01 -8.01
CA CYS P 321 -60.77 -0.24 -8.39
C CYS P 321 -60.63 -0.57 -9.88
N HIS P 322 -61.64 -1.23 -10.46
CA HIS P 322 -61.62 -1.59 -11.87
C HIS P 322 -62.43 -0.64 -12.74
N HIS P 323 -62.97 0.44 -12.17
CA HIS P 323 -63.71 1.45 -12.91
C HIS P 323 -64.87 0.85 -13.71
N LEU P 324 -65.63 -0.02 -13.04
CA LEU P 324 -66.74 -0.68 -13.69
C LEU P 324 -68.00 0.19 -13.63
N ASP P 325 -68.95 -0.13 -14.50
CA ASP P 325 -70.21 0.60 -14.60
C ASP P 325 -71.37 -0.36 -14.37
N LYS P 326 -72.35 0.09 -13.58
CA LYS P 326 -73.49 -0.74 -13.25
C LYS P 326 -74.47 -0.87 -14.42
N SER P 327 -74.40 0.02 -15.40
CA SER P 327 -75.29 -0.03 -16.56
C SER P 327 -74.77 -0.94 -17.66
N ILE P 328 -73.58 -1.52 -17.51
CA ILE P 328 -73.00 -2.42 -18.49
C ILE P 328 -73.15 -3.84 -17.98
N LYS P 329 -73.80 -4.71 -18.77
CA LYS P 329 -74.04 -6.06 -18.31
C LYS P 329 -72.76 -6.88 -18.23
N GLU P 330 -71.77 -6.57 -19.08
CA GLU P 330 -70.51 -7.31 -19.04
C GLU P 330 -69.73 -7.01 -17.76
N ASP P 331 -69.77 -5.76 -17.30
CA ASP P 331 -69.12 -5.44 -16.04
C ASP P 331 -69.82 -6.11 -14.86
N VAL P 332 -71.14 -6.20 -14.91
CA VAL P 332 -71.87 -6.92 -13.86
C VAL P 332 -71.51 -8.40 -13.90
N GLN P 333 -71.44 -8.98 -15.10
CA GLN P 333 -71.09 -10.39 -15.22
C GLN P 333 -69.68 -10.66 -14.67
N PHE P 334 -68.74 -9.76 -14.94
CA PHE P 334 -67.42 -9.89 -14.36
C PHE P 334 -67.47 -9.81 -12.84
N ALA P 335 -68.23 -8.85 -12.30
CA ALA P 335 -68.29 -8.65 -10.86
C ALA P 335 -68.92 -9.84 -10.16
N ASP P 336 -70.00 -10.39 -10.73
CA ASP P 336 -70.66 -11.53 -10.09
C ASP P 336 -69.79 -12.76 -10.10
N SER P 337 -69.06 -13.00 -11.18
CA SER P 337 -68.14 -14.14 -11.24
C SER P 337 -66.96 -13.98 -10.29
N ARG P 338 -66.73 -12.78 -9.78
CA ARG P 338 -65.55 -12.46 -8.99
C ARG P 338 -65.78 -12.56 -7.50
N ILE P 339 -66.93 -12.12 -7.00
CA ILE P 339 -67.12 -11.95 -5.56
C ILE P 339 -67.46 -13.29 -4.90
N ARG P 340 -68.58 -13.89 -5.29
CA ARG P 340 -68.94 -15.23 -4.86
C ARG P 340 -68.99 -15.40 -3.34
N PRO P 341 -70.06 -14.95 -2.69
CA PRO P 341 -70.19 -15.15 -1.24
C PRO P 341 -70.05 -16.60 -0.81
N GLN P 342 -70.24 -17.53 -1.74
CA GLN P 342 -70.07 -18.95 -1.44
C GLN P 342 -68.62 -19.27 -1.11
N THR P 343 -67.70 -18.85 -1.97
CA THR P 343 -66.28 -19.11 -1.70
C THR P 343 -65.81 -18.33 -0.47
N ILE P 344 -66.33 -17.12 -0.27
CA ILE P 344 -65.95 -16.34 0.90
C ILE P 344 -66.37 -17.05 2.17
N ALA P 345 -67.59 -17.59 2.17
CA ALA P 345 -68.05 -18.37 3.31
C ALA P 345 -67.20 -19.63 3.50
N ALA P 346 -66.87 -20.32 2.41
CA ALA P 346 -66.09 -21.54 2.51
C ALA P 346 -64.68 -21.27 3.05
N GLU P 347 -64.17 -20.08 2.82
CA GLU P 347 -62.79 -19.76 3.18
C GLU P 347 -62.56 -19.81 4.69
N ASP P 348 -63.52 -19.34 5.48
CA ASP P 348 -63.39 -19.41 6.93
C ASP P 348 -63.28 -20.84 7.42
N THR P 349 -64.15 -21.72 6.93
CA THR P 349 -64.11 -23.12 7.33
C THR P 349 -62.83 -23.78 6.86
N LEU P 350 -62.35 -23.42 5.67
CA LEU P 350 -61.08 -23.97 5.20
C LEU P 350 -59.92 -23.53 6.08
N HIS P 351 -59.98 -22.31 6.62
CA HIS P 351 -59.00 -21.92 7.64
C HIS P 351 -59.14 -22.78 8.89
N ASP P 352 -60.36 -23.06 9.32
CA ASP P 352 -60.54 -23.89 10.50
C ASP P 352 -60.06 -25.32 10.28
N MET P 353 -60.20 -25.83 9.05
CA MET P 353 -59.80 -27.19 8.74
C MET P 353 -58.31 -27.34 8.51
N GLY P 354 -57.57 -26.24 8.42
CA GLY P 354 -56.16 -26.31 8.07
C GLY P 354 -55.86 -26.41 6.60
N ILE P 355 -56.86 -26.17 5.73
CA ILE P 355 -56.61 -26.17 4.30
C ILE P 355 -55.85 -24.92 3.87
N PHE P 356 -56.35 -23.75 4.29
CA PHE P 356 -55.59 -22.52 4.14
C PHE P 356 -54.52 -22.45 5.23
N SER P 357 -53.32 -22.03 4.86
CA SER P 357 -52.19 -22.08 5.78
C SER P 357 -51.62 -20.73 6.17
N ILE P 358 -51.84 -19.68 5.39
CA ILE P 358 -51.24 -18.37 5.63
C ILE P 358 -52.31 -17.30 5.56
N THR P 359 -52.25 -16.36 6.50
CA THR P 359 -53.02 -15.13 6.43
C THR P 359 -52.10 -13.97 6.08
N SER P 360 -52.59 -13.05 5.26
CA SER P 360 -51.79 -11.93 4.79
C SER P 360 -52.71 -10.72 4.60
N SER P 361 -52.16 -9.65 4.03
CA SER P 361 -52.82 -8.35 4.01
C SER P 361 -53.38 -7.98 2.63
N ASP P 362 -52.53 -7.91 1.60
CA ASP P 362 -52.86 -7.24 0.33
C ASP P 362 -53.08 -5.75 0.57
N SER P 363 -52.06 -5.11 1.15
CA SER P 363 -52.21 -3.81 1.79
C SER P 363 -52.50 -2.68 0.81
N GLN P 364 -53.55 -1.91 1.10
CA GLN P 364 -54.04 -0.81 0.27
C GLN P 364 -54.32 -1.25 -1.16
N ALA P 365 -54.46 -2.55 -1.36
CA ALA P 365 -54.83 -3.20 -2.61
C ALA P 365 -55.89 -4.24 -2.35
N MET P 366 -56.98 -3.80 -1.70
CA MET P 366 -58.01 -4.63 -1.07
C MET P 366 -57.40 -5.50 0.03
N GLY P 367 -56.98 -4.79 1.06
CA GLY P 367 -56.50 -5.42 2.28
C GLY P 367 -56.04 -4.34 3.25
N ARG P 368 -56.02 -4.72 4.52
CA ARG P 368 -55.74 -3.78 5.60
C ARG P 368 -54.49 -4.24 6.35
N VAL P 369 -53.40 -3.47 6.20
CA VAL P 369 -52.09 -3.88 6.69
C VAL P 369 -52.03 -3.94 8.21
N GLY P 370 -52.91 -3.23 8.91
CA GLY P 370 -52.88 -3.25 10.36
C GLY P 370 -53.91 -4.18 10.96
N GLU P 371 -54.41 -5.13 10.19
CA GLU P 371 -55.51 -5.97 10.65
C GLU P 371 -55.32 -7.46 10.37
N VAL P 372 -54.14 -7.89 9.92
CA VAL P 372 -53.92 -9.30 9.61
C VAL P 372 -54.13 -10.16 10.85
N ILE P 373 -53.43 -9.82 11.93
CA ILE P 373 -53.50 -10.59 13.16
C ILE P 373 -54.90 -10.51 13.77
N THR P 374 -55.48 -9.31 13.78
CA THR P 374 -56.80 -9.14 14.37
C THR P 374 -57.85 -9.94 13.63
N ARG P 375 -57.83 -9.93 12.30
CA ARG P 375 -58.81 -10.68 11.54
C ARG P 375 -58.55 -12.18 11.61
N THR P 376 -57.29 -12.60 11.75
CA THR P 376 -57.02 -14.01 11.99
C THR P 376 -57.67 -14.48 13.28
N TRP P 377 -57.53 -13.71 14.36
CA TRP P 377 -58.12 -14.14 15.63
C TRP P 377 -59.63 -13.97 15.63
N GLN P 378 -60.15 -13.00 14.88
CA GLN P 378 -61.60 -12.90 14.70
C GLN P 378 -62.14 -14.13 13.98
N THR P 379 -61.43 -14.61 12.97
CA THR P 379 -61.84 -15.81 12.27
C THR P 379 -61.80 -17.02 13.20
N ALA P 380 -60.75 -17.13 14.01
CA ALA P 380 -60.68 -18.23 14.97
C ALA P 380 -61.83 -18.18 15.96
N ASP P 381 -62.16 -16.99 16.46
CA ASP P 381 -63.26 -16.83 17.41
C ASP P 381 -64.60 -17.19 16.76
N LYS P 382 -64.82 -16.73 15.52
CA LYS P 382 -66.05 -17.06 14.82
C LYS P 382 -66.18 -18.55 14.57
N ASN P 383 -65.07 -19.20 14.17
CA ASN P 383 -65.10 -20.63 13.93
C ASN P 383 -65.37 -21.40 15.20
N LYS P 384 -64.79 -20.97 16.33
CA LYS P 384 -65.10 -21.65 17.58
C LYS P 384 -66.55 -21.45 17.98
N LYS P 385 -67.11 -20.27 17.71
CA LYS P 385 -68.51 -20.04 18.02
C LYS P 385 -69.41 -20.93 17.16
N GLU P 386 -69.06 -21.13 15.90
CA GLU P 386 -69.94 -21.89 15.02
C GLU P 386 -69.75 -23.40 15.17
N PHE P 387 -68.52 -23.88 15.02
CA PHE P 387 -68.24 -25.31 15.00
C PHE P 387 -67.85 -25.86 16.37
N GLY P 388 -67.74 -25.03 17.38
CA GLY P 388 -67.34 -25.51 18.68
C GLY P 388 -65.86 -25.78 18.76
N ARG P 389 -65.48 -26.49 19.83
CA ARG P 389 -64.09 -26.78 20.10
C ARG P 389 -63.58 -27.87 19.17
N LEU P 390 -62.33 -27.71 18.70
CA LEU P 390 -61.76 -28.65 17.77
C LEU P 390 -61.60 -30.03 18.41
N LYS P 391 -61.66 -31.07 17.58
CA LYS P 391 -61.49 -32.43 18.07
C LYS P 391 -60.04 -32.81 18.31
N GLU P 392 -59.09 -31.99 17.85
CA GLU P 392 -57.68 -32.23 18.13
C GLU P 392 -57.23 -31.62 19.45
N GLU P 393 -58.16 -31.09 20.24
CA GLU P 393 -57.83 -30.53 21.53
C GLU P 393 -57.53 -31.63 22.55
N LYS P 394 -56.61 -31.33 23.45
CA LYS P 394 -56.27 -32.19 24.59
C LYS P 394 -56.52 -31.37 25.85
N GLY P 395 -57.76 -31.39 26.32
CA GLY P 395 -58.12 -30.70 27.54
C GLY P 395 -59.18 -29.63 27.29
N ASP P 396 -59.60 -29.01 28.39
CA ASP P 396 -60.65 -27.99 28.36
C ASP P 396 -60.04 -26.64 27.94
N ASN P 397 -59.44 -26.64 26.77
CA ASN P 397 -58.79 -25.45 26.23
C ASN P 397 -58.90 -25.48 24.72
N ASP P 398 -58.37 -24.43 24.10
CA ASP P 398 -58.33 -24.30 22.65
C ASP P 398 -56.89 -24.23 22.16
N ASN P 399 -55.97 -24.92 22.84
CA ASN P 399 -54.56 -24.77 22.55
C ASN P 399 -54.23 -25.17 21.11
N PHE P 400 -54.83 -26.25 20.61
CA PHE P 400 -54.56 -26.68 19.25
C PHE P 400 -55.01 -25.65 18.24
N ARG P 401 -56.22 -25.11 18.41
CA ARG P 401 -56.73 -24.10 17.51
C ARG P 401 -55.90 -22.83 17.59
N ILE P 402 -55.45 -22.48 18.80
CA ILE P 402 -54.59 -21.32 18.97
C ILE P 402 -53.30 -21.50 18.19
N LYS P 403 -52.68 -22.67 18.29
CA LYS P 403 -51.46 -22.92 17.52
C LYS P 403 -51.72 -22.89 16.03
N ARG P 404 -52.84 -23.47 15.60
CA ARG P 404 -53.16 -23.52 14.17
C ARG P 404 -53.29 -22.12 13.59
N TYR P 405 -54.01 -21.24 14.29
CA TYR P 405 -54.20 -19.91 13.76
C TYR P 405 -52.98 -19.03 13.95
N LEU P 406 -52.22 -19.22 15.02
CA LEU P 406 -51.00 -18.45 15.21
C LEU P 406 -49.95 -18.78 14.16
N SER P 407 -49.91 -20.03 13.70
CA SER P 407 -48.96 -20.40 12.65
C SER P 407 -49.24 -19.67 11.34
N LYS P 408 -50.50 -19.26 11.12
CA LYS P 408 -50.87 -18.68 9.84
C LYS P 408 -50.16 -17.37 9.56
N TYR P 409 -49.74 -16.63 10.59
CA TYR P 409 -49.02 -15.38 10.37
C TYR P 409 -47.65 -15.33 11.01
N THR P 410 -47.16 -16.42 11.61
CA THR P 410 -45.82 -16.39 12.19
C THR P 410 -44.86 -17.35 11.50
N ILE P 411 -45.11 -18.65 11.54
CA ILE P 411 -44.12 -19.63 11.14
C ILE P 411 -44.34 -20.11 9.72
N ASN P 412 -45.59 -20.25 9.29
CA ASN P 412 -45.86 -20.71 7.93
C ASN P 412 -45.41 -19.72 6.86
N PRO P 413 -45.69 -18.43 6.96
CA PRO P 413 -45.10 -17.50 5.98
C PRO P 413 -43.58 -17.47 6.00
N ALA P 414 -42.96 -17.64 7.17
CA ALA P 414 -41.51 -17.67 7.24
C ALA P 414 -40.95 -18.89 6.52
N ILE P 415 -41.58 -20.05 6.69
CA ILE P 415 -41.18 -21.24 5.95
C ILE P 415 -41.42 -21.03 4.46
N ALA P 416 -42.54 -20.40 4.11
CA ALA P 416 -42.88 -20.21 2.70
C ALA P 416 -41.85 -19.34 1.99
N HIS P 417 -41.34 -18.31 2.66
CA HIS P 417 -40.40 -17.42 2.01
C HIS P 417 -38.95 -17.64 2.47
N GLY P 418 -38.66 -18.80 3.02
CA GLY P 418 -37.29 -19.17 3.31
C GLY P 418 -36.56 -18.34 4.33
N ILE P 419 -37.26 -17.86 5.35
CA ILE P 419 -36.64 -17.08 6.41
C ILE P 419 -36.92 -17.68 7.79
N SER P 420 -37.38 -18.94 7.83
CA SER P 420 -37.76 -19.55 9.09
C SER P 420 -36.57 -20.00 9.92
N GLU P 421 -35.35 -19.78 9.48
CA GLU P 421 -34.21 -19.96 10.36
C GLU P 421 -33.87 -18.70 11.13
N TYR P 422 -34.41 -17.56 10.74
CA TYR P 422 -34.17 -16.29 11.42
C TYR P 422 -35.35 -15.84 12.26
N VAL P 423 -36.55 -15.84 11.71
CA VAL P 423 -37.74 -15.31 12.37
C VAL P 423 -38.82 -16.38 12.34
N GLY P 424 -39.98 -16.04 12.90
CA GLY P 424 -41.15 -16.88 12.83
C GLY P 424 -41.55 -17.56 14.13
N SER P 425 -40.64 -17.70 15.07
CA SER P 425 -40.99 -18.41 16.30
C SER P 425 -40.10 -17.96 17.44
N VAL P 426 -40.55 -18.24 18.66
CA VAL P 426 -39.75 -18.02 19.86
C VAL P 426 -38.93 -19.30 20.08
N GLU P 427 -37.76 -19.35 19.46
CA GLU P 427 -36.87 -20.48 19.60
C GLU P 427 -35.44 -19.99 19.81
N VAL P 428 -34.66 -20.78 20.53
CA VAL P 428 -33.27 -20.41 20.80
C VAL P 428 -32.47 -20.41 19.52
N GLY P 429 -31.71 -19.36 19.30
CA GLY P 429 -30.91 -19.18 18.11
C GLY P 429 -31.51 -18.24 17.09
N LYS P 430 -32.80 -17.95 17.21
CA LYS P 430 -33.49 -17.11 16.25
C LYS P 430 -33.37 -15.64 16.61
N VAL P 431 -33.69 -14.79 15.64
CA VAL P 431 -33.68 -13.34 15.84
C VAL P 431 -34.73 -12.95 16.86
N ALA P 432 -34.36 -12.06 17.78
CA ALA P 432 -35.25 -11.64 18.85
C ALA P 432 -36.21 -10.57 18.34
N ASP P 433 -37.15 -11.01 17.51
CA ASP P 433 -38.30 -10.22 17.08
C ASP P 433 -39.50 -10.71 17.88
N LEU P 434 -39.83 -9.99 18.95
CA LEU P 434 -40.83 -10.46 19.91
C LEU P 434 -41.86 -9.37 20.17
N VAL P 435 -43.08 -9.79 20.46
CA VAL P 435 -44.18 -8.90 20.75
C VAL P 435 -44.73 -9.24 22.13
N LEU P 436 -44.91 -8.21 22.95
CA LEU P 436 -45.48 -8.37 24.29
C LEU P 436 -46.95 -8.01 24.26
N TRP P 437 -47.80 -8.92 24.72
CA TRP P 437 -49.24 -8.72 24.75
C TRP P 437 -49.75 -8.85 26.18
N SER P 438 -50.59 -7.93 26.59
CA SER P 438 -51.43 -8.19 27.74
C SER P 438 -52.63 -9.03 27.29
N PRO P 439 -52.98 -10.09 28.00
CA PRO P 439 -54.03 -11.00 27.51
C PRO P 439 -55.36 -10.33 27.24
N ALA P 440 -55.71 -9.29 28.00
CA ALA P 440 -56.95 -8.57 27.72
C ALA P 440 -56.94 -7.91 26.35
N PHE P 441 -55.76 -7.54 25.85
CA PHE P 441 -55.63 -6.89 24.56
C PHE P 441 -55.01 -7.78 23.51
N PHE P 442 -55.00 -9.10 23.73
CA PHE P 442 -54.30 -10.00 22.83
C PHE P 442 -54.92 -9.98 21.45
N GLY P 443 -54.07 -9.88 20.44
CA GLY P 443 -54.51 -9.95 19.06
C GLY P 443 -54.96 -8.64 18.45
N VAL P 444 -55.08 -7.57 19.23
CA VAL P 444 -55.51 -6.30 18.66
C VAL P 444 -54.53 -5.17 18.98
N LYS P 445 -54.11 -5.07 20.23
CA LYS P 445 -53.21 -3.97 20.59
C LYS P 445 -52.08 -4.44 21.49
N PRO P 446 -50.86 -4.52 20.98
CA PRO P 446 -49.74 -5.03 21.78
C PRO P 446 -49.20 -4.00 22.78
N ASN P 447 -48.37 -4.49 23.69
CA ASN P 447 -47.70 -3.64 24.67
C ASN P 447 -46.43 -3.02 24.11
N MET P 448 -45.51 -3.86 23.62
CA MET P 448 -44.27 -3.34 23.06
C MET P 448 -43.71 -4.33 22.05
N ILE P 449 -42.87 -3.82 21.15
CA ILE P 449 -42.18 -4.62 20.16
C ILE P 449 -40.70 -4.63 20.49
N ILE P 450 -40.11 -5.81 20.55
CA ILE P 450 -38.66 -5.97 20.66
C ILE P 450 -38.14 -6.35 19.28
N LYS P 451 -37.24 -5.53 18.75
CA LYS P 451 -36.73 -5.69 17.39
C LYS P 451 -35.22 -5.86 17.47
N GLY P 452 -34.73 -7.00 17.00
CA GLY P 452 -33.30 -7.27 17.07
C GLY P 452 -32.75 -7.30 18.47
N GLY P 453 -33.56 -7.67 19.46
CA GLY P 453 -33.10 -7.71 20.82
C GLY P 453 -33.14 -6.40 21.57
N PHE P 454 -33.81 -5.39 21.02
CA PHE P 454 -33.92 -4.08 21.66
C PHE P 454 -35.32 -3.54 21.44
N ILE P 455 -35.81 -2.73 22.39
CA ILE P 455 -37.19 -2.25 22.32
C ILE P 455 -37.29 -1.17 21.23
N ALA P 456 -38.21 -1.37 20.29
CA ALA P 456 -38.35 -0.48 19.16
C ALA P 456 -39.66 0.30 19.15
N LEU P 457 -40.71 -0.24 19.73
CA LEU P 457 -41.99 0.43 19.78
C LEU P 457 -42.67 0.04 21.08
N SER P 458 -43.38 0.98 21.69
CA SER P 458 -44.16 0.64 22.87
C SER P 458 -45.26 1.66 23.06
N GLN P 459 -46.29 1.23 23.80
CA GLN P 459 -47.23 2.18 24.36
C GLN P 459 -46.50 3.11 25.32
N MET P 460 -46.86 4.39 25.29
CA MET P 460 -46.13 5.37 26.08
C MET P 460 -47.03 6.56 26.33
N GLY P 461 -46.97 7.08 27.55
CA GLY P 461 -47.66 8.30 27.90
C GLY P 461 -46.86 9.52 27.51
N ASP P 462 -47.37 10.67 27.92
CA ASP P 462 -46.75 11.93 27.53
C ASP P 462 -45.37 12.09 28.15
N ALA P 463 -44.46 12.69 27.38
CA ALA P 463 -43.06 12.73 27.78
C ALA P 463 -42.83 13.55 29.05
N ASN P 464 -43.70 14.52 29.33
CA ASN P 464 -43.54 15.37 30.50
C ASN P 464 -44.13 14.78 31.76
N ALA P 465 -44.78 13.62 31.68
CA ALA P 465 -45.43 13.05 32.85
C ALA P 465 -44.43 12.43 33.81
N SER P 466 -44.82 12.37 35.08
CA SER P 466 -43.94 11.85 36.12
C SER P 466 -43.75 10.34 36.02
N ILE P 467 -44.62 9.63 35.30
CA ILE P 467 -44.51 8.20 35.08
C ILE P 467 -44.93 7.89 33.66
N PRO P 468 -44.59 6.71 33.14
CA PRO P 468 -44.87 6.44 31.72
C PRO P 468 -46.33 6.12 31.40
N THR P 469 -47.17 5.88 32.39
CA THR P 469 -48.55 5.45 32.21
C THR P 469 -49.58 6.52 31.84
N PRO P 470 -49.51 7.75 32.34
CA PRO P 470 -50.62 8.70 32.15
C PRO P 470 -50.82 9.12 30.69
N GLN P 471 -52.02 9.62 30.45
CA GLN P 471 -52.56 9.88 29.13
C GLN P 471 -51.98 11.16 28.53
N PRO P 472 -52.00 11.30 27.19
CA PRO P 472 -52.46 10.28 26.24
C PRO P 472 -51.40 9.21 25.97
N VAL P 473 -51.85 7.96 25.87
CA VAL P 473 -50.97 6.83 25.62
C VAL P 473 -51.19 6.36 24.19
N TYR P 474 -50.13 6.35 23.40
CA TYR P 474 -50.18 5.75 22.06
C TYR P 474 -48.82 5.17 21.74
N TYR P 475 -48.72 4.55 20.58
CA TYR P 475 -47.50 3.85 20.20
C TYR P 475 -46.47 4.86 19.70
N ARG P 476 -45.29 4.84 20.31
CA ARG P 476 -44.23 5.77 20.01
C ARG P 476 -42.96 5.00 19.70
N GLU P 477 -42.13 5.59 18.85
CA GLU P 477 -40.88 4.97 18.49
C GLU P 477 -39.93 4.97 19.68
N MET P 478 -39.31 3.83 19.94
CA MET P 478 -38.33 3.69 21.00
C MET P 478 -36.93 3.81 20.42
N PHE P 479 -35.92 3.48 21.22
CA PHE P 479 -34.55 3.82 20.85
C PHE P 479 -34.01 2.94 19.73
N ALA P 480 -34.46 1.70 19.62
CA ALA P 480 -34.02 0.85 18.51
C ALA P 480 -34.54 1.34 17.17
N HIS P 481 -35.47 2.29 17.19
CA HIS P 481 -36.07 2.90 16.01
C HIS P 481 -35.27 4.06 15.44
N HIS P 482 -34.16 4.45 16.07
CA HIS P 482 -33.53 5.74 15.80
C HIS P 482 -32.03 5.61 15.62
N GLY P 483 -31.46 6.63 14.98
CA GLY P 483 -30.02 6.75 14.83
C GLY P 483 -29.43 5.62 14.03
N LYS P 484 -28.24 5.19 14.44
CA LYS P 484 -27.60 4.02 13.86
C LYS P 484 -28.02 2.73 14.54
N ALA P 485 -28.83 2.82 15.59
CA ALA P 485 -29.32 1.62 16.26
C ALA P 485 -30.27 0.82 15.38
N LYS P 486 -31.03 1.51 14.52
CA LYS P 486 -31.99 0.81 13.66
C LYS P 486 -31.30 -0.08 12.64
N TYR P 487 -30.05 0.24 12.28
CA TYR P 487 -29.32 -0.62 11.35
C TYR P 487 -28.95 -1.96 11.99
N ASP P 488 -28.74 -1.98 13.31
CA ASP P 488 -28.43 -3.22 13.99
C ASP P 488 -29.65 -4.05 14.29
N ALA P 489 -30.82 -3.43 14.36
CA ALA P 489 -32.04 -4.12 14.78
C ALA P 489 -32.85 -4.67 13.61
N ASN P 490 -32.48 -4.36 12.37
CA ASN P 490 -33.34 -4.64 11.24
C ASN P 490 -32.57 -5.42 10.18
N ILE P 491 -33.30 -6.29 9.48
CA ILE P 491 -32.74 -7.14 8.45
C ILE P 491 -33.37 -6.78 7.11
N THR P 492 -32.54 -6.73 6.08
CA THR P 492 -33.01 -6.76 4.70
C THR P 492 -32.71 -8.13 4.13
N PHE P 493 -33.75 -8.87 3.79
CA PHE P 493 -33.58 -10.20 3.21
C PHE P 493 -33.33 -10.09 1.72
N VAL P 494 -32.34 -10.82 1.22
CA VAL P 494 -32.01 -10.85 -0.20
C VAL P 494 -31.86 -12.32 -0.61
N SER P 495 -31.68 -12.52 -1.91
CA SER P 495 -31.39 -13.86 -2.40
C SER P 495 -29.96 -14.25 -2.07
N GLN P 496 -29.72 -15.57 -2.07
CA GLN P 496 -28.37 -16.07 -1.83
C GLN P 496 -27.40 -15.56 -2.88
N ALA P 497 -27.85 -15.48 -4.14
CA ALA P 497 -26.98 -15.01 -5.21
C ALA P 497 -26.56 -13.57 -5.00
N ALA P 498 -27.52 -12.69 -4.68
CA ALA P 498 -27.19 -11.29 -4.43
C ALA P 498 -26.29 -11.14 -3.21
N TYR P 499 -26.56 -11.93 -2.17
CA TYR P 499 -25.73 -11.91 -0.97
C TYR P 499 -24.29 -12.31 -1.29
N ASP P 500 -24.11 -13.33 -2.12
CA ASP P 500 -22.77 -13.77 -2.46
C ASP P 500 -22.02 -12.75 -3.32
N LYS P 501 -22.73 -11.95 -4.09
CA LYS P 501 -22.12 -10.92 -4.91
C LYS P 501 -21.88 -9.61 -4.17
N GLY P 502 -22.09 -9.58 -2.86
CA GLY P 502 -21.87 -8.39 -2.07
C GLY P 502 -22.84 -7.27 -2.33
N ILE P 503 -24.14 -7.58 -2.37
CA ILE P 503 -25.17 -6.58 -2.57
C ILE P 503 -25.14 -5.55 -1.46
N LYS P 504 -24.77 -5.96 -0.25
CA LYS P 504 -24.70 -5.04 0.88
C LYS P 504 -23.65 -3.97 0.65
N GLU P 505 -22.47 -4.37 0.22
CA GLU P 505 -21.38 -3.43 0.01
C GLU P 505 -21.53 -2.64 -1.28
N GLU P 506 -22.11 -3.26 -2.31
CA GLU P 506 -22.31 -2.57 -3.57
C GLU P 506 -23.28 -1.41 -3.42
N LEU P 507 -24.37 -1.61 -2.68
CA LEU P 507 -25.39 -0.59 -2.50
C LEU P 507 -25.18 0.25 -1.25
N GLY P 508 -24.13 -0.02 -0.47
CA GLY P 508 -23.88 0.74 0.74
C GLY P 508 -24.96 0.60 1.80
N LEU P 509 -25.47 -0.61 2.00
CA LEU P 509 -26.55 -0.85 2.94
C LEU P 509 -25.98 -1.07 4.34
N GLU P 510 -26.56 -0.40 5.32
CA GLU P 510 -26.10 -0.51 6.70
C GLU P 510 -26.93 -1.46 7.54
N ARG P 511 -28.12 -1.84 7.10
CA ARG P 511 -28.88 -2.87 7.78
C ARG P 511 -28.16 -4.21 7.65
N GLN P 512 -28.56 -5.15 8.51
CA GLN P 512 -28.14 -6.53 8.32
C GLN P 512 -28.74 -7.07 7.03
N VAL P 513 -27.94 -7.81 6.28
CA VAL P 513 -28.36 -8.40 5.02
C VAL P 513 -28.21 -9.91 5.14
N LEU P 514 -29.33 -10.62 4.99
CA LEU P 514 -29.37 -12.07 5.14
C LEU P 514 -29.97 -12.72 3.91
N PRO P 515 -29.48 -13.91 3.53
CA PRO P 515 -30.06 -14.61 2.39
C PRO P 515 -31.22 -15.53 2.76
N VAL P 516 -32.22 -15.58 1.88
CA VAL P 516 -33.29 -16.55 2.02
C VAL P 516 -32.81 -17.90 1.52
N LYS P 517 -33.38 -18.97 2.04
CA LYS P 517 -32.93 -20.31 1.69
C LYS P 517 -34.04 -21.31 1.96
N ASN P 518 -33.97 -22.43 1.24
CA ASN P 518 -34.91 -23.54 1.37
C ASN P 518 -36.32 -23.16 0.94
N CYS P 519 -36.43 -22.57 -0.25
CA CYS P 519 -37.71 -22.14 -0.78
C CYS P 519 -38.32 -23.13 -1.75
N ARG P 520 -37.52 -24.00 -2.37
CA ARG P 520 -38.00 -24.82 -3.47
C ARG P 520 -38.37 -26.24 -3.06
N ASN P 521 -37.95 -26.69 -1.88
CA ASN P 521 -38.14 -28.07 -1.48
C ASN P 521 -39.21 -28.22 -0.40
N ILE P 522 -40.09 -27.24 -0.28
CA ILE P 522 -41.15 -27.28 0.72
C ILE P 522 -42.48 -27.49 0.01
N THR P 523 -43.39 -28.20 0.69
CA THR P 523 -44.73 -28.39 0.17
C THR P 523 -45.75 -28.02 1.23
N LYS P 524 -47.02 -28.29 0.93
CA LYS P 524 -48.09 -28.06 1.89
C LYS P 524 -47.86 -28.81 3.19
N LYS P 525 -47.11 -29.91 3.14
CA LYS P 525 -46.82 -30.69 4.33
C LYS P 525 -45.83 -30.01 5.26
N ASP P 526 -45.19 -28.93 4.83
CA ASP P 526 -44.22 -28.22 5.66
C ASP P 526 -44.85 -27.08 6.45
N MET P 527 -46.16 -26.90 6.36
CA MET P 527 -46.84 -25.85 7.12
C MET P 527 -47.27 -26.41 8.47
N GLN P 528 -46.95 -25.68 9.53
CA GLN P 528 -47.27 -26.15 10.87
C GLN P 528 -48.75 -26.02 11.15
N PHE P 529 -49.37 -27.13 11.55
CA PHE P 529 -50.77 -27.18 11.96
C PHE P 529 -51.74 -26.86 10.82
N ASN P 530 -51.20 -26.54 9.65
CA ASN P 530 -52.02 -26.34 8.45
C ASN P 530 -51.38 -27.12 7.32
N ASP P 531 -51.60 -28.43 7.29
CA ASP P 531 -51.00 -29.27 6.26
C ASP P 531 -52.03 -30.20 5.63
N THR P 532 -53.30 -29.82 5.69
CA THR P 532 -54.38 -30.68 5.21
C THR P 532 -54.50 -30.54 3.70
N THR P 533 -54.26 -31.64 2.99
CA THR P 533 -54.50 -31.71 1.55
C THR P 533 -55.79 -32.46 1.30
N ALA P 534 -56.56 -32.00 0.32
CA ALA P 534 -57.84 -32.61 0.03
C ALA P 534 -58.22 -32.30 -1.40
N HIS P 535 -59.15 -33.09 -1.93
CA HIS P 535 -59.69 -32.83 -3.25
C HIS P 535 -60.82 -31.82 -3.12
N ILE P 536 -60.63 -30.64 -3.70
CA ILE P 536 -61.59 -29.56 -3.62
C ILE P 536 -62.27 -29.42 -4.98
N GLU P 537 -63.59 -29.48 -4.98
CA GLU P 537 -64.40 -29.28 -6.17
C GLU P 537 -65.27 -28.05 -5.99
N VAL P 538 -65.40 -27.27 -7.05
CA VAL P 538 -66.23 -26.08 -7.06
C VAL P 538 -67.26 -26.24 -8.16
N ASN P 539 -68.52 -26.04 -7.82
CA ASN P 539 -69.60 -26.16 -8.79
C ASN P 539 -69.53 -24.99 -9.76
N PRO P 540 -69.43 -25.23 -11.07
CA PRO P 540 -69.36 -24.11 -12.02
C PRO P 540 -70.60 -23.23 -12.01
N GLU P 541 -71.75 -23.75 -11.62
CA GLU P 541 -73.00 -22.98 -11.66
C GLU P 541 -73.33 -22.37 -10.31
N THR P 542 -73.46 -23.19 -9.27
CA THR P 542 -73.86 -22.69 -7.96
C THR P 542 -72.70 -22.15 -7.15
N TYR P 543 -71.47 -22.34 -7.60
CA TYR P 543 -70.26 -21.86 -6.93
C TYR P 543 -70.07 -22.50 -5.56
N HIS P 544 -70.76 -23.61 -5.29
CA HIS P 544 -70.59 -24.29 -4.02
C HIS P 544 -69.26 -25.01 -3.98
N VAL P 545 -68.71 -25.16 -2.78
CA VAL P 545 -67.39 -25.73 -2.56
C VAL P 545 -67.54 -27.04 -1.82
N PHE P 546 -66.95 -28.09 -2.36
CA PHE P 546 -66.97 -29.41 -1.75
C PHE P 546 -65.55 -29.84 -1.47
N VAL P 547 -65.29 -30.27 -0.23
CA VAL P 547 -63.99 -30.81 0.17
C VAL P 547 -64.19 -32.29 0.44
N ASP P 548 -63.51 -33.12 -0.35
CA ASP P 548 -63.59 -34.59 -0.22
C ASP P 548 -65.04 -35.06 -0.32
N GLY P 549 -65.81 -34.41 -1.18
CA GLY P 549 -67.18 -34.80 -1.45
C GLY P 549 -68.22 -34.15 -0.57
N LYS P 550 -67.84 -33.45 0.49
CA LYS P 550 -68.78 -32.85 1.40
C LYS P 550 -68.77 -31.34 1.25
N GLU P 551 -69.95 -30.73 1.26
CA GLU P 551 -70.06 -29.29 1.08
C GLU P 551 -69.50 -28.56 2.29
N VAL P 552 -68.73 -27.51 2.02
CA VAL P 552 -68.08 -26.70 3.04
C VAL P 552 -68.61 -25.28 2.94
N THR P 553 -69.11 -24.77 4.06
CA THR P 553 -69.65 -23.41 4.08
C THR P 553 -69.61 -22.92 5.51
N SER P 554 -69.70 -21.59 5.66
CA SER P 554 -69.82 -20.97 6.96
C SER P 554 -70.92 -19.91 6.89
N LYS P 555 -71.43 -19.56 8.03
CA LYS P 555 -72.44 -18.52 7.96
C LYS P 555 -71.85 -17.18 8.34
N PRO P 556 -72.39 -16.08 7.80
CA PRO P 556 -71.82 -14.76 8.10
C PRO P 556 -72.07 -14.36 9.55
N ALA P 557 -71.21 -13.48 10.03
CA ALA P 557 -71.28 -12.97 11.39
C ALA P 557 -71.83 -11.54 11.37
N ASN P 558 -72.80 -11.27 12.23
CA ASN P 558 -73.33 -9.92 12.37
C ASN P 558 -72.55 -9.08 13.38
N LYS P 559 -71.61 -9.69 14.10
CA LYS P 559 -70.79 -9.01 15.08
C LYS P 559 -69.56 -9.86 15.34
N VAL P 560 -68.41 -9.22 15.42
CA VAL P 560 -67.15 -9.92 15.66
C VAL P 560 -66.56 -9.39 16.95
N SER P 561 -65.65 -10.17 17.51
CA SER P 561 -64.89 -9.71 18.66
C SER P 561 -63.68 -8.90 18.18
N LEU P 562 -63.02 -8.25 19.15
CA LEU P 562 -61.80 -7.50 18.91
C LEU P 562 -62.00 -6.34 17.93
N ALA P 563 -63.21 -5.80 17.82
CA ALA P 563 -63.44 -4.72 16.85
C ALA P 563 -63.82 -3.40 17.51
N GLN P 564 -65.02 -3.28 18.08
CA GLN P 564 -65.50 -1.98 18.53
C GLN P 564 -65.24 -1.75 20.01
N LEU P 565 -64.85 -2.79 20.74
CA LEU P 565 -64.50 -2.66 22.13
C LEU P 565 -63.14 -1.99 22.32
N PHE P 566 -62.27 -2.05 21.32
CA PHE P 566 -60.87 -1.70 21.48
C PHE P 566 -60.43 -0.45 20.72
N SER P 567 -61.24 0.06 19.82
CA SER P 567 -60.80 1.14 18.93
C SER P 567 -61.80 2.28 18.95
N ILE P 568 -61.29 3.52 18.93
CA ILE P 568 -62.17 4.67 18.85
C ILE P 568 -62.70 4.88 17.44
N PHE P 569 -62.00 4.39 16.43
CA PHE P 569 -62.47 4.49 15.06
C PHE P 569 -62.27 3.16 14.34
N MET Q 1 27.35 -26.02 60.11
CA MET Q 1 28.50 -26.79 59.68
C MET Q 1 28.38 -28.24 60.10
N LYS Q 2 28.25 -29.13 59.12
CA LYS Q 2 28.10 -30.56 59.36
C LYS Q 2 29.04 -31.30 58.43
N LYS Q 3 29.42 -32.52 58.84
CA LYS Q 3 30.27 -33.39 58.05
C LYS Q 3 29.42 -34.43 57.34
N ILE Q 4 29.68 -34.63 56.05
CA ILE Q 4 28.98 -35.61 55.25
C ILE Q 4 30.01 -36.55 54.64
N SER Q 5 29.79 -37.85 54.78
CA SER Q 5 30.71 -38.81 54.17
C SER Q 5 30.65 -38.72 52.66
N ARG Q 6 31.81 -38.92 52.03
CA ARG Q 6 31.90 -38.80 50.58
C ARG Q 6 30.95 -39.75 49.87
N LYS Q 7 30.74 -40.93 50.43
CA LYS Q 7 29.88 -41.92 49.78
C LYS Q 7 28.45 -41.41 49.65
N GLU Q 8 27.86 -40.96 50.76
CA GLU Q 8 26.48 -40.50 50.70
C GLU Q 8 26.36 -39.17 49.94
N TYR Q 9 27.39 -38.33 50.02
CA TYR Q 9 27.38 -37.09 49.24
C TYR Q 9 27.35 -37.40 47.75
N VAL Q 10 28.17 -38.34 47.30
CA VAL Q 10 28.22 -38.67 45.89
C VAL Q 10 26.93 -39.37 45.46
N SER Q 11 26.36 -40.19 46.34
CA SER Q 11 25.08 -40.81 46.01
C SER Q 11 23.97 -39.78 45.88
N MET Q 12 24.05 -38.67 46.61
CA MET Q 12 23.00 -37.67 46.52
C MET Q 12 23.22 -36.70 45.36
N TYR Q 13 24.45 -36.26 45.13
CA TYR Q 13 24.69 -35.17 44.18
C TYR Q 13 25.69 -35.51 43.07
N GLY Q 14 26.23 -36.71 43.05
CA GLY Q 14 27.22 -37.07 42.07
C GLY Q 14 28.63 -36.84 42.56
N PRO Q 15 29.62 -37.24 41.76
CA PRO Q 15 31.01 -37.07 42.17
C PRO Q 15 31.40 -35.61 42.29
N THR Q 16 32.33 -35.34 43.19
CA THR Q 16 32.82 -33.98 43.43
C THR Q 16 34.32 -33.95 43.15
N THR Q 17 34.96 -32.83 43.46
CA THR Q 17 36.36 -32.64 43.11
C THR Q 17 37.23 -33.74 43.71
N GLY Q 18 38.09 -34.31 42.88
CA GLY Q 18 38.98 -35.38 43.28
C GLY Q 18 38.43 -36.77 43.09
N ASP Q 19 37.12 -36.91 42.94
CA ASP Q 19 36.54 -38.21 42.66
C ASP Q 19 36.82 -38.62 41.22
N LYS Q 20 36.81 -39.92 40.99
CA LYS Q 20 37.09 -40.49 39.68
C LYS Q 20 35.97 -41.43 39.29
N VAL Q 21 35.67 -41.48 38.00
CA VAL Q 21 34.61 -42.33 37.48
C VAL Q 21 35.09 -43.06 36.24
N ARG Q 22 34.81 -44.36 36.18
CA ARG Q 22 35.10 -45.14 34.98
C ARG Q 22 34.11 -44.78 33.86
N LEU Q 23 34.61 -44.73 32.64
CA LEU Q 23 33.81 -44.42 31.48
C LEU Q 23 33.40 -45.74 30.80
N GLY Q 24 32.11 -46.06 30.86
CA GLY Q 24 31.64 -47.30 30.29
C GLY Q 24 32.32 -48.49 30.92
N ASP Q 25 32.55 -49.52 30.11
CA ASP Q 25 33.30 -50.68 30.54
C ASP Q 25 34.77 -50.61 30.11
N THR Q 26 35.27 -49.42 29.83
CA THR Q 26 36.64 -49.23 29.39
C THR Q 26 37.58 -49.14 30.60
N ASP Q 27 38.83 -48.80 30.34
CA ASP Q 27 39.80 -48.55 31.40
C ASP Q 27 40.09 -47.06 31.57
N LEU Q 28 39.40 -46.19 30.84
CA LEU Q 28 39.62 -44.75 30.96
C LEU Q 28 38.96 -44.21 32.22
N ILE Q 29 39.71 -43.47 33.00
CA ILE Q 29 39.26 -42.96 34.29
C ILE Q 29 39.22 -41.44 34.22
N ALA Q 30 38.07 -40.86 34.49
CA ALA Q 30 37.88 -39.42 34.47
C ALA Q 30 37.87 -38.89 35.90
N GLU Q 31 38.64 -37.85 36.15
CA GLU Q 31 38.71 -37.22 37.46
C GLU Q 31 38.07 -35.84 37.40
N VAL Q 32 37.18 -35.56 38.35
CA VAL Q 32 36.56 -34.26 38.44
C VAL Q 32 37.61 -33.23 38.86
N GLU Q 33 37.83 -32.23 38.01
CA GLU Q 33 38.89 -31.26 38.24
C GLU Q 33 38.46 -30.14 39.17
N HIS Q 34 37.21 -29.69 39.06
CA HIS Q 34 36.72 -28.55 39.81
C HIS Q 34 35.22 -28.69 40.01
N ASP Q 35 34.70 -28.02 41.03
CA ASP Q 35 33.29 -28.03 41.35
C ASP Q 35 32.82 -26.61 41.56
N TYR Q 36 31.72 -26.23 40.91
CA TYR Q 36 31.16 -24.90 41.02
C TYR Q 36 30.15 -24.77 42.15
N THR Q 37 29.96 -25.82 42.95
CA THR Q 37 28.88 -25.82 43.92
C THR Q 37 29.36 -25.26 45.25
N ILE Q 38 28.40 -24.77 46.03
CA ILE Q 38 28.63 -24.43 47.43
C ILE Q 38 28.08 -25.57 48.27
N TYR Q 39 28.95 -26.22 49.02
CA TYR Q 39 28.57 -27.40 49.79
C TYR Q 39 27.48 -27.05 50.80
N GLY Q 40 26.36 -27.74 50.71
CA GLY Q 40 25.18 -27.42 51.48
C GLY Q 40 24.12 -26.63 50.73
N GLU Q 41 24.38 -26.25 49.48
CA GLU Q 41 23.44 -25.45 48.71
C GLU Q 41 23.07 -26.11 47.38
N GLU Q 42 23.24 -27.43 47.27
CA GLU Q 42 23.03 -28.11 46.01
C GLU Q 42 21.56 -28.06 45.59
N LEU Q 43 21.34 -28.06 44.28
CA LEU Q 43 19.98 -28.04 43.73
C LEU Q 43 19.49 -29.48 43.56
N LYS Q 44 18.39 -29.80 44.23
CA LYS Q 44 17.77 -31.11 44.11
C LYS Q 44 16.29 -30.91 43.86
N PHE Q 45 15.74 -31.70 42.94
CA PHE Q 45 14.32 -31.63 42.62
C PHE Q 45 13.60 -32.87 43.13
N GLY Q 46 12.42 -32.66 43.67
CA GLY Q 46 11.64 -33.74 44.23
C GLY Q 46 10.76 -33.22 45.35
N GLY Q 47 10.07 -34.14 45.99
CA GLY Q 47 9.20 -33.78 47.10
C GLY Q 47 10.01 -33.43 48.34
N GLY Q 48 9.78 -32.25 48.89
CA GLY Q 48 10.49 -31.81 50.08
C GLY Q 48 11.91 -31.37 49.85
N LYS Q 49 12.32 -31.19 48.60
CA LYS Q 49 13.69 -30.86 48.27
C LYS Q 49 13.84 -29.36 48.03
N THR Q 50 14.99 -28.95 47.49
CA THR Q 50 15.36 -27.54 47.47
C THR Q 50 14.70 -26.77 46.34
N LEU Q 51 14.51 -27.39 45.18
CA LEU Q 51 14.03 -26.66 44.01
C LEU Q 51 12.54 -26.34 44.12
N ARG Q 52 12.19 -25.49 45.07
CA ARG Q 52 10.80 -25.17 45.36
C ARG Q 52 10.64 -23.67 45.52
N GLU Q 53 9.39 -23.23 45.39
CA GLU Q 53 9.06 -21.81 45.46
C GLU Q 53 9.57 -21.21 46.76
N GLY Q 54 10.43 -20.19 46.63
CA GLY Q 54 10.95 -19.48 47.77
C GLY Q 54 12.24 -20.02 48.35
N MET Q 55 12.73 -21.17 47.90
CA MET Q 55 13.99 -21.70 48.41
C MET Q 55 15.09 -21.72 47.36
N SER Q 56 14.92 -22.45 46.27
CA SER Q 56 15.87 -22.46 45.18
C SER Q 56 15.28 -21.95 43.88
N GLN Q 57 13.96 -22.02 43.72
CA GLN Q 57 13.27 -21.24 42.71
C GLN Q 57 12.93 -19.89 43.31
N SER Q 58 13.34 -18.83 42.63
CA SER Q 58 13.15 -17.49 43.15
C SER Q 58 11.71 -17.03 42.99
N ASN Q 59 11.21 -16.34 44.01
CA ASN Q 59 9.95 -15.63 43.90
C ASN Q 59 10.12 -14.24 43.32
N ASN Q 60 11.34 -13.76 43.21
CA ASN Q 60 11.67 -12.48 42.56
C ASN Q 60 12.84 -12.72 41.62
N PRO Q 61 12.60 -13.43 40.53
CA PRO Q 61 13.72 -13.84 39.66
C PRO Q 61 14.31 -12.67 38.90
N SER Q 62 15.55 -12.86 38.47
CA SER Q 62 16.16 -11.90 37.56
C SER Q 62 15.43 -11.93 36.22
N LYS Q 63 15.75 -10.96 35.37
CA LYS Q 63 15.12 -10.92 34.06
C LYS Q 63 15.73 -11.91 33.08
N GLU Q 64 16.90 -12.46 33.39
CA GLU Q 64 17.54 -13.49 32.59
C GLU Q 64 17.21 -14.88 33.12
N GLU Q 65 15.98 -15.04 33.59
CA GLU Q 65 15.52 -16.29 34.17
C GLU Q 65 15.64 -17.43 33.16
N LEU Q 66 16.10 -18.58 33.66
CA LEU Q 66 16.37 -19.73 32.81
C LEU Q 66 15.09 -20.43 32.38
N ASP Q 67 15.14 -21.02 31.18
CA ASP Q 67 14.07 -21.92 30.76
C ASP Q 67 14.28 -23.32 31.31
N LEU Q 68 15.52 -23.76 31.34
CA LEU Q 68 15.88 -25.12 31.73
C LEU Q 68 17.19 -25.05 32.50
N ILE Q 69 17.30 -25.83 33.57
CA ILE Q 69 18.55 -25.95 34.30
C ILE Q 69 18.84 -27.43 34.51
N ILE Q 70 20.09 -27.81 34.31
CA ILE Q 70 20.57 -29.16 34.57
C ILE Q 70 21.43 -29.10 35.81
N THR Q 71 20.99 -29.76 36.87
CA THR Q 71 21.63 -29.64 38.17
C THR Q 71 22.66 -30.74 38.37
N ASN Q 72 23.80 -30.36 38.95
CA ASN Q 72 24.80 -31.30 39.45
C ASN Q 72 25.35 -32.17 38.32
N ALA Q 73 25.56 -31.57 37.17
CA ALA Q 73 26.04 -32.28 35.99
C ALA Q 73 27.56 -32.37 36.00
N LEU Q 74 28.08 -33.54 35.65
CA LEU Q 74 29.50 -33.71 35.39
C LEU Q 74 29.74 -33.41 33.91
N ILE Q 75 30.39 -32.29 33.62
CA ILE Q 75 30.65 -31.88 32.26
C ILE Q 75 31.95 -32.51 31.79
N VAL Q 76 31.89 -33.22 30.68
CA VAL Q 76 33.08 -33.72 30.00
C VAL Q 76 33.18 -32.99 28.68
N ASP Q 77 34.15 -32.10 28.58
CA ASP Q 77 34.32 -31.20 27.46
C ASP Q 77 35.81 -31.05 27.23
N TYR Q 78 36.20 -30.52 26.07
CA TYR Q 78 37.61 -30.26 25.86
C TYR Q 78 38.10 -29.12 26.74
N THR Q 79 37.21 -28.26 27.22
CA THR Q 79 37.58 -27.21 28.14
C THR Q 79 37.77 -27.69 29.57
N GLY Q 80 37.39 -28.92 29.89
CA GLY Q 80 37.66 -29.46 31.21
C GLY Q 80 36.62 -30.48 31.61
N ILE Q 81 36.92 -31.18 32.70
CA ILE Q 81 36.06 -32.19 33.28
C ILE Q 81 35.72 -31.72 34.69
N TYR Q 82 34.50 -31.23 34.88
CA TYR Q 82 34.16 -30.54 36.12
C TYR Q 82 32.66 -30.63 36.37
N LYS Q 83 32.28 -30.31 37.60
CA LYS Q 83 30.89 -30.33 38.05
C LYS Q 83 30.33 -28.92 38.07
N ALA Q 84 29.14 -28.75 37.51
CA ALA Q 84 28.47 -27.46 37.51
C ALA Q 84 26.99 -27.66 37.23
N ASP Q 85 26.25 -26.57 37.28
CA ASP Q 85 24.88 -26.53 36.78
C ASP Q 85 24.87 -25.81 35.43
N ILE Q 86 24.11 -26.36 34.49
CA ILE Q 86 24.01 -25.79 33.16
C ILE Q 86 22.64 -25.16 33.03
N GLY Q 87 22.61 -23.86 32.71
CA GLY Q 87 21.38 -23.14 32.47
C GLY Q 87 21.19 -22.89 30.99
N ILE Q 88 19.97 -23.12 30.52
CA ILE Q 88 19.61 -22.98 29.12
C ILE Q 88 18.53 -21.91 29.02
N LYS Q 89 18.75 -20.93 28.14
CA LYS Q 89 17.76 -19.89 27.90
C LYS Q 89 17.73 -19.60 26.41
N ASP Q 90 16.55 -19.77 25.80
CA ASP Q 90 16.31 -19.42 24.40
C ASP Q 90 17.19 -20.21 23.44
N GLY Q 91 17.35 -21.50 23.71
CA GLY Q 91 18.08 -22.38 22.84
C GLY Q 91 19.58 -22.30 22.97
N LYS Q 92 20.10 -21.36 23.75
CA LYS Q 92 21.53 -21.23 23.97
C LYS Q 92 21.88 -21.67 25.38
N ILE Q 93 23.17 -21.94 25.59
CA ILE Q 93 23.69 -22.16 26.94
C ILE Q 93 23.88 -20.78 27.58
N ALA Q 94 23.07 -20.49 28.59
CA ALA Q 94 23.09 -19.18 29.21
C ALA Q 94 24.11 -19.06 30.33
N GLY Q 95 24.40 -20.14 31.05
CA GLY Q 95 25.36 -20.06 32.14
C GLY Q 95 25.83 -21.43 32.56
N ILE Q 96 27.04 -21.45 33.11
CA ILE Q 96 27.63 -22.65 33.69
C ILE Q 96 28.16 -22.26 35.06
N GLY Q 97 27.66 -22.92 36.09
CA GLY Q 97 28.12 -22.58 37.43
C GLY Q 97 27.21 -23.04 38.55
N LYS Q 98 26.91 -22.14 39.48
CA LYS Q 98 26.22 -22.54 40.70
C LYS Q 98 24.73 -22.72 40.47
N GLY Q 99 24.04 -21.66 40.09
CA GLY Q 99 22.61 -21.78 39.81
C GLY Q 99 21.75 -21.84 41.06
N GLY Q 100 20.62 -21.16 41.05
CA GLY Q 100 19.75 -21.17 42.20
C GLY Q 100 18.99 -19.88 42.44
N ASN Q 101 18.75 -19.57 43.70
CA ASN Q 101 17.94 -18.42 44.10
C ASN Q 101 18.81 -17.47 44.91
N LYS Q 102 18.94 -16.24 44.43
CA LYS Q 102 19.75 -15.24 45.10
C LYS Q 102 19.14 -14.76 46.41
N ASP Q 103 17.83 -14.94 46.61
CA ASP Q 103 17.20 -14.56 47.87
C ASP Q 103 17.66 -15.41 49.03
N MET Q 104 17.99 -16.67 48.79
CA MET Q 104 18.28 -17.61 49.87
C MET Q 104 19.66 -18.24 49.78
N GLN Q 105 20.45 -17.94 48.73
CA GLN Q 105 21.72 -18.60 48.52
C GLN Q 105 22.76 -17.58 48.06
N ASP Q 106 24.02 -17.86 48.36
CA ASP Q 106 25.07 -16.83 48.28
C ASP Q 106 25.54 -16.61 46.85
N GLY Q 107 26.12 -17.63 46.22
CA GLY Q 107 26.84 -17.41 44.98
C GLY Q 107 26.08 -17.59 43.69
N VAL Q 108 25.00 -16.85 43.50
CA VAL Q 108 24.12 -17.00 42.33
C VAL Q 108 24.21 -15.74 41.49
N LYS Q 109 24.61 -15.89 40.24
CA LYS Q 109 24.69 -14.79 39.30
C LYS Q 109 23.43 -14.72 38.44
N ASN Q 110 23.20 -13.53 37.87
CA ASN Q 110 21.91 -13.25 37.23
C ASN Q 110 21.64 -14.18 36.06
N ASN Q 111 22.68 -14.70 35.41
CA ASN Q 111 22.46 -15.58 34.27
C ASN Q 111 22.15 -17.02 34.68
N LEU Q 112 22.23 -17.34 35.96
CA LEU Q 112 21.95 -18.69 36.44
C LEU Q 112 20.78 -18.71 37.43
N SER Q 113 19.86 -17.76 37.27
CA SER Q 113 18.75 -17.63 38.20
C SER Q 113 17.61 -18.59 37.85
N VAL Q 114 17.18 -19.35 38.83
CA VAL Q 114 16.05 -20.26 38.70
C VAL Q 114 14.81 -19.55 39.19
N GLY Q 115 13.81 -19.43 38.33
CA GLY Q 115 12.57 -18.82 38.69
C GLY Q 115 11.39 -19.70 38.33
N PRO Q 116 10.20 -19.11 38.34
CA PRO Q 116 8.99 -19.90 38.03
C PRO Q 116 8.92 -20.38 36.59
N ALA Q 117 9.71 -19.81 35.68
CA ALA Q 117 9.68 -20.22 34.29
C ALA Q 117 10.69 -21.33 33.96
N THR Q 118 11.38 -21.86 34.96
CA THR Q 118 12.48 -22.80 34.73
C THR Q 118 12.01 -24.24 34.88
N GLU Q 119 12.39 -25.07 33.93
CA GLU Q 119 12.23 -26.52 34.03
C GLU Q 119 13.47 -27.13 34.66
N ALA Q 120 13.27 -28.20 35.42
CA ALA Q 120 14.35 -28.85 36.14
C ALA Q 120 14.70 -30.18 35.48
N LEU Q 121 15.98 -30.38 35.21
CA LEU Q 121 16.51 -31.65 34.72
C LEU Q 121 17.61 -32.10 35.66
N ALA Q 122 17.44 -33.26 36.28
CA ALA Q 122 18.42 -33.76 37.23
C ALA Q 122 19.58 -34.39 36.50
N GLY Q 123 20.79 -34.00 36.87
CA GLY Q 123 21.97 -34.55 36.24
C GLY Q 123 22.94 -35.18 37.20
N GLU Q 124 22.54 -35.33 38.47
CA GLU Q 124 23.42 -35.92 39.45
C GLU Q 124 23.74 -37.36 39.08
N GLY Q 125 25.03 -37.69 39.12
CA GLY Q 125 25.48 -38.99 38.67
C GLY Q 125 25.51 -39.18 37.18
N LEU Q 126 25.34 -38.12 36.40
CA LEU Q 126 25.32 -38.21 34.95
C LEU Q 126 26.42 -37.34 34.36
N ILE Q 127 26.74 -37.64 33.10
CA ILE Q 127 27.75 -36.91 32.33
C ILE Q 127 27.05 -36.10 31.25
N VAL Q 128 27.49 -34.87 31.06
CA VAL Q 128 27.01 -34.03 29.97
C VAL Q 128 28.18 -33.75 29.04
N THR Q 129 28.03 -34.12 27.77
CA THR Q 129 28.95 -33.75 26.72
C THR Q 129 28.19 -32.97 25.65
N ALA Q 130 28.93 -32.31 24.78
CA ALA Q 130 28.34 -31.70 23.61
C ALA Q 130 27.85 -32.78 22.65
N GLY Q 131 26.86 -32.42 21.84
CA GLY Q 131 26.42 -33.30 20.78
C GLY Q 131 27.55 -33.58 19.80
N GLY Q 132 27.60 -34.81 19.31
CA GLY Q 132 28.61 -35.18 18.35
C GLY Q 132 28.37 -34.54 16.99
N ILE Q 133 29.46 -34.40 16.23
CA ILE Q 133 29.41 -33.82 14.90
C ILE Q 133 30.04 -34.81 13.93
N ASP Q 134 29.26 -35.27 12.98
CA ASP Q 134 29.72 -36.22 11.97
C ASP Q 134 29.85 -35.48 10.65
N THR Q 135 31.05 -35.46 10.09
CA THR Q 135 31.36 -34.64 8.92
C THR Q 135 31.61 -35.44 7.65
N HIS Q 136 31.30 -36.73 7.64
CA HIS Q 136 31.50 -37.58 6.48
C HIS Q 136 30.25 -38.41 6.21
N ILE Q 137 29.12 -37.74 6.09
CA ILE Q 137 27.84 -38.39 5.87
C ILE Q 137 27.59 -38.56 4.37
N HIS Q 138 27.33 -39.79 3.94
CA HIS Q 138 26.71 -40.05 2.65
C HIS Q 138 25.21 -40.07 2.86
N PHE Q 139 24.51 -39.05 2.35
CA PHE Q 139 23.06 -38.99 2.51
C PHE Q 139 22.41 -39.99 1.56
N ILE Q 140 22.47 -41.25 1.98
CA ILE Q 140 21.99 -42.37 1.17
C ILE Q 140 20.56 -42.75 1.56
N SER Q 141 20.26 -42.76 2.86
CA SER Q 141 18.90 -43.02 3.31
C SER Q 141 18.59 -42.09 4.48
N PRO Q 142 17.35 -41.57 4.54
CA PRO Q 142 16.97 -40.75 5.70
C PRO Q 142 17.06 -41.49 7.02
N GLN Q 143 16.95 -42.82 7.02
CA GLN Q 143 17.00 -43.59 8.24
C GLN Q 143 18.35 -43.52 8.94
N GLN Q 144 19.40 -43.05 8.26
CA GLN Q 144 20.67 -42.80 8.93
C GLN Q 144 20.55 -41.74 10.01
N ILE Q 145 19.69 -40.74 9.80
CA ILE Q 145 19.61 -39.62 10.73
C ILE Q 145 19.12 -40.04 12.11
N PRO Q 146 18.02 -40.78 12.25
CA PRO Q 146 17.66 -41.28 13.59
C PRO Q 146 18.70 -42.19 14.20
N THR Q 147 19.40 -42.97 13.38
CA THR Q 147 20.41 -43.87 13.91
C THR Q 147 21.58 -43.11 14.51
N ALA Q 148 22.06 -42.08 13.81
CA ALA Q 148 23.12 -41.24 14.35
C ALA Q 148 22.65 -40.43 15.54
N PHE Q 149 21.38 -40.01 15.52
CA PHE Q 149 20.82 -39.26 16.64
C PHE Q 149 20.84 -40.08 17.92
N ALA Q 150 20.46 -41.36 17.84
CA ALA Q 150 20.38 -42.20 19.02
C ALA Q 150 21.73 -42.56 19.59
N SER Q 151 22.81 -42.33 18.85
CA SER Q 151 24.16 -42.61 19.33
C SER Q 151 24.85 -41.40 19.93
N GLY Q 152 24.24 -40.23 19.88
CA GLY Q 152 24.84 -39.03 20.43
C GLY Q 152 25.30 -37.98 19.43
N VAL Q 153 25.00 -38.14 18.16
CA VAL Q 153 25.38 -37.18 17.13
C VAL Q 153 24.23 -36.20 16.92
N THR Q 154 24.53 -34.90 16.96
CA THR Q 154 23.53 -33.87 16.76
C THR Q 154 23.72 -33.03 15.52
N THR Q 155 24.85 -33.15 14.82
CA THR Q 155 25.08 -32.45 13.57
C THR Q 155 25.64 -33.44 12.56
N MET Q 156 25.02 -33.49 11.38
CA MET Q 156 25.52 -34.29 10.27
C MET Q 156 25.88 -33.36 9.11
N ILE Q 157 27.11 -33.47 8.63
CA ILE Q 157 27.59 -32.72 7.48
C ILE Q 157 28.03 -33.72 6.43
N GLY Q 158 27.59 -33.50 5.20
CA GLY Q 158 27.94 -34.39 4.11
C GLY Q 158 27.23 -34.02 2.83
N GLY Q 159 27.06 -34.99 1.94
CA GLY Q 159 26.35 -34.73 0.70
C GLY Q 159 25.71 -35.98 0.18
N GLY Q 160 24.82 -35.79 -0.77
CA GLY Q 160 24.11 -36.89 -1.40
C GLY Q 160 22.70 -36.48 -1.74
N THR Q 161 22.07 -37.28 -2.59
CA THR Q 161 20.69 -37.08 -2.98
C THR Q 161 19.81 -38.28 -2.67
N GLY Q 162 20.38 -39.36 -2.17
CA GLY Q 162 19.65 -40.57 -1.93
C GLY Q 162 20.42 -41.79 -2.38
N PRO Q 163 19.71 -42.88 -2.64
CA PRO Q 163 20.39 -44.14 -2.94
C PRO Q 163 20.90 -44.25 -4.37
N ALA Q 164 21.07 -43.09 -5.02
CA ALA Q 164 21.70 -43.05 -6.33
C ALA Q 164 23.17 -43.49 -6.24
N ASP Q 165 23.68 -44.02 -7.36
CA ASP Q 165 25.03 -44.56 -7.38
C ASP Q 165 26.09 -43.50 -7.12
N GLY Q 166 25.85 -42.27 -7.59
CA GLY Q 166 26.76 -41.19 -7.28
C GLY Q 166 26.85 -40.90 -5.79
N THR Q 167 25.73 -40.98 -5.09
CA THR Q 167 25.73 -40.79 -3.64
C THR Q 167 26.29 -42.00 -2.91
N ASN Q 168 26.04 -43.21 -3.41
CA ASN Q 168 26.59 -44.40 -2.77
C ASN Q 168 28.11 -44.36 -2.74
N ALA Q 169 28.73 -43.57 -3.62
CA ALA Q 169 30.18 -43.43 -3.66
C ALA Q 169 30.67 -42.12 -3.04
N THR Q 170 29.93 -41.04 -3.19
CA THR Q 170 30.43 -39.71 -2.88
C THR Q 170 29.49 -38.97 -1.93
N THR Q 171 30.07 -38.11 -1.09
CA THR Q 171 29.28 -37.20 -0.25
C THR Q 171 29.05 -35.88 -0.97
N ILE Q 172 28.37 -35.97 -2.10
CA ILE Q 172 28.21 -34.83 -2.99
C ILE Q 172 26.73 -34.60 -3.25
N THR Q 173 26.29 -33.36 -3.05
CA THR Q 173 24.97 -32.90 -3.51
C THR Q 173 25.21 -31.99 -4.71
N PRO Q 174 25.07 -32.48 -5.92
CA PRO Q 174 25.53 -31.71 -7.07
C PRO Q 174 24.51 -30.72 -7.63
N GLY Q 175 24.85 -29.44 -7.59
CA GLY Q 175 24.09 -28.44 -8.31
C GLY Q 175 23.00 -27.79 -7.50
N ARG Q 176 22.52 -26.66 -8.02
CA ARG Q 176 21.55 -25.83 -7.31
C ARG Q 176 20.24 -26.57 -7.07
N ARG Q 177 19.71 -27.26 -8.08
CA ARG Q 177 18.42 -27.91 -7.93
C ARG Q 177 18.48 -29.04 -6.93
N ASN Q 178 19.53 -29.85 -6.96
CA ASN Q 178 19.67 -30.93 -5.99
C ASN Q 178 19.89 -30.38 -4.59
N LEU Q 179 20.63 -29.26 -4.47
CA LEU Q 179 20.75 -28.59 -3.19
C LEU Q 179 19.39 -28.14 -2.66
N LYS Q 180 18.56 -27.59 -3.54
CA LYS Q 180 17.22 -27.19 -3.12
C LYS Q 180 16.38 -28.37 -2.67
N TRP Q 181 16.47 -29.49 -3.40
CA TRP Q 181 15.80 -30.71 -2.98
C TRP Q 181 16.20 -31.09 -1.56
N MET Q 182 17.50 -31.16 -1.30
CA MET Q 182 17.95 -31.65 0.00
C MET Q 182 17.68 -30.63 1.12
N LEU Q 183 17.78 -29.34 0.82
CA LEU Q 183 17.50 -28.32 1.83
C LEU Q 183 16.02 -28.33 2.21
N ARG Q 184 15.12 -28.56 1.25
CA ARG Q 184 13.71 -28.65 1.61
C ARG Q 184 13.37 -29.98 2.27
N ALA Q 185 14.09 -31.05 1.94
CA ALA Q 185 13.87 -32.30 2.65
C ALA Q 185 14.35 -32.21 4.09
N ALA Q 186 15.37 -31.38 4.35
CA ALA Q 186 15.97 -31.32 5.68
C ALA Q 186 14.99 -30.86 6.75
N GLU Q 187 13.95 -30.11 6.37
CA GLU Q 187 12.93 -29.64 7.29
C GLU Q 187 12.27 -30.76 8.10
N GLU Q 188 12.45 -32.02 7.69
CA GLU Q 188 11.83 -33.16 8.34
C GLU Q 188 12.51 -33.55 9.65
N TYR Q 189 13.81 -33.33 9.78
CA TYR Q 189 14.64 -34.13 10.65
C TYR Q 189 15.06 -33.40 11.92
N SER Q 190 15.34 -34.20 12.94
CA SER Q 190 15.94 -33.73 14.19
C SER Q 190 17.44 -33.96 14.11
N MET Q 191 18.13 -33.00 13.48
CA MET Q 191 19.56 -33.03 13.26
C MET Q 191 19.96 -31.69 12.67
N ASN Q 192 21.12 -31.18 13.08
CA ASN Q 192 21.73 -30.07 12.36
C ASN Q 192 22.34 -30.59 11.06
N LEU Q 193 22.07 -29.90 9.96
CA LEU Q 193 22.46 -30.40 8.65
C LEU Q 193 23.18 -29.33 7.85
N GLY Q 194 24.18 -29.76 7.09
CA GLY Q 194 24.84 -28.92 6.10
C GLY Q 194 25.31 -29.80 4.98
N PHE Q 195 25.34 -29.25 3.77
CA PHE Q 195 25.56 -30.04 2.57
C PHE Q 195 26.79 -29.58 1.81
N LEU Q 196 27.53 -30.54 1.30
CA LEU Q 196 28.71 -30.30 0.47
C LEU Q 196 28.34 -30.42 -1.00
N ALA Q 197 28.91 -29.52 -1.81
CA ALA Q 197 28.65 -29.48 -3.25
C ALA Q 197 29.70 -30.31 -3.99
N LYS Q 198 29.56 -30.35 -5.31
CA LYS Q 198 30.55 -31.04 -6.14
C LYS Q 198 31.73 -30.10 -6.40
N GLY Q 199 32.92 -30.52 -6.00
CA GLY Q 199 34.12 -29.76 -6.25
C GLY Q 199 34.85 -30.24 -7.48
N ASN Q 200 34.40 -31.37 -8.05
CA ASN Q 200 35.08 -32.02 -9.16
C ASN Q 200 34.65 -31.36 -10.48
N THR Q 201 35.14 -30.13 -10.67
CA THR Q 201 34.98 -29.46 -11.93
C THR Q 201 36.06 -28.40 -12.03
N SER Q 202 36.38 -28.02 -13.26
CA SER Q 202 37.32 -26.96 -13.53
C SER Q 202 36.63 -25.66 -13.92
N ASN Q 203 35.30 -25.62 -13.87
CA ASN Q 203 34.54 -24.43 -14.19
C ASN Q 203 34.29 -23.64 -12.91
N ASP Q 204 34.86 -22.43 -12.84
CA ASP Q 204 34.71 -21.62 -11.63
C ASP Q 204 33.29 -21.16 -11.43
N ALA Q 205 32.57 -20.83 -12.52
CA ALA Q 205 31.20 -20.36 -12.38
C ALA Q 205 30.31 -21.46 -11.81
N SER Q 206 30.50 -22.69 -12.27
CA SER Q 206 29.73 -23.81 -11.73
C SER Q 206 30.01 -24.03 -10.25
N LEU Q 207 31.27 -23.88 -9.85
CA LEU Q 207 31.63 -24.01 -8.44
C LEU Q 207 30.98 -22.93 -7.60
N ALA Q 208 31.04 -21.69 -8.08
CA ALA Q 208 30.51 -20.57 -7.30
C ALA Q 208 29.00 -20.65 -7.16
N ASP Q 209 28.31 -21.14 -8.20
CA ASP Q 209 26.86 -21.21 -8.17
C ASP Q 209 26.37 -22.16 -7.09
N GLN Q 210 27.07 -23.28 -6.89
CA GLN Q 210 26.67 -24.23 -5.85
C GLN Q 210 26.80 -23.64 -4.46
N ILE Q 211 27.85 -22.85 -4.22
CA ILE Q 211 28.01 -22.22 -2.92
C ILE Q 211 26.90 -21.20 -2.68
N GLU Q 212 26.60 -20.39 -3.70
CA GLU Q 212 25.52 -19.40 -3.58
C GLU Q 212 24.15 -20.06 -3.48
N ALA Q 213 24.04 -21.32 -3.86
CA ALA Q 213 22.80 -22.09 -3.75
C ALA Q 213 22.62 -22.76 -2.39
N GLY Q 214 23.56 -22.57 -1.47
CA GLY Q 214 23.38 -23.03 -0.10
C GLY Q 214 24.37 -24.06 0.41
N ALA Q 215 25.33 -24.53 -0.39
CA ALA Q 215 26.27 -25.51 0.10
C ALA Q 215 27.31 -24.87 1.02
N ILE Q 216 27.76 -25.63 2.01
CA ILE Q 216 28.76 -25.13 2.95
C ILE Q 216 30.17 -25.51 2.56
N GLY Q 217 30.37 -26.16 1.42
CA GLY Q 217 31.70 -26.51 1.00
C GLY Q 217 31.66 -27.48 -0.17
N PHE Q 218 32.84 -27.94 -0.52
CA PHE Q 218 33.01 -28.86 -1.64
C PHE Q 218 33.54 -30.20 -1.19
N KCX Q 219 33.12 -31.24 -1.89
CA KCX Q 219 33.76 -32.53 -1.80
CB KCX Q 219 32.77 -33.63 -1.43
CG KCX Q 219 33.34 -35.04 -1.42
CD KCX Q 219 34.42 -35.21 -0.37
CE KCX Q 219 34.89 -36.64 -0.28
NZ KCX Q 219 33.76 -37.57 0.03
C KCX Q 219 34.44 -32.82 -3.13
O KCX Q 219 33.83 -32.68 -4.18
CX KCX Q 219 33.98 -38.86 0.29
OQ1 KCX Q 219 35.13 -39.32 0.25
OQ2 KCX Q 219 33.03 -39.61 0.54
N ILE Q 220 35.70 -33.21 -3.08
CA ILE Q 220 36.41 -33.68 -4.26
C ILE Q 220 36.59 -35.18 -4.09
N HIS Q 221 35.98 -35.96 -4.98
CA HIS Q 221 35.97 -37.40 -4.89
C HIS Q 221 36.51 -37.99 -6.18
N GLU Q 222 37.33 -39.04 -6.05
CA GLU Q 222 37.99 -39.61 -7.22
C GLU Q 222 36.99 -40.23 -8.19
N ASP Q 223 35.82 -40.62 -7.72
CA ASP Q 223 34.79 -41.17 -8.60
C ASP Q 223 34.24 -40.13 -9.56
N TRP Q 224 34.34 -38.84 -9.23
CA TRP Q 224 34.05 -37.77 -10.18
C TRP Q 224 35.32 -37.19 -10.80
N GLY Q 225 36.48 -37.71 -10.41
CA GLY Q 225 37.76 -37.35 -10.99
C GLY Q 225 38.54 -36.37 -10.13
N THR Q 226 39.44 -36.87 -9.30
CA THR Q 226 40.25 -36.02 -8.44
C THR Q 226 41.53 -35.71 -9.19
N THR Q 227 41.50 -34.64 -9.92
CA THR Q 227 42.62 -34.19 -10.70
C THR Q 227 43.18 -32.91 -10.11
N PRO Q 228 44.47 -32.63 -10.31
CA PRO Q 228 45.04 -31.38 -9.78
C PRO Q 228 44.32 -30.14 -10.26
N SER Q 229 43.83 -30.13 -11.51
CA SER Q 229 43.12 -28.97 -12.03
C SER Q 229 41.85 -28.68 -11.23
N ALA Q 230 41.06 -29.72 -10.98
CA ALA Q 230 39.83 -29.54 -10.21
C ALA Q 230 40.13 -29.14 -8.78
N ILE Q 231 41.17 -29.72 -8.17
CA ILE Q 231 41.56 -29.34 -6.82
C ILE Q 231 41.92 -27.86 -6.76
N ASN Q 232 42.72 -27.42 -7.72
CA ASN Q 232 43.16 -26.03 -7.75
C ASN Q 232 41.99 -25.07 -7.89
N HIS Q 233 41.09 -25.35 -8.84
CA HIS Q 233 39.94 -24.49 -9.05
C HIS Q 233 39.02 -24.46 -7.83
N ALA Q 234 38.75 -25.63 -7.24
CA ALA Q 234 37.85 -25.70 -6.09
C ALA Q 234 38.42 -24.94 -4.91
N LEU Q 235 39.73 -25.06 -4.68
CA LEU Q 235 40.35 -24.31 -3.59
C LEU Q 235 40.29 -22.81 -3.84
N ASP Q 236 40.49 -22.37 -5.09
CA ASP Q 236 40.39 -20.95 -5.38
C ASP Q 236 39.00 -20.41 -5.06
N VAL Q 237 37.97 -21.11 -5.52
CA VAL Q 237 36.60 -20.66 -5.25
C VAL Q 237 36.31 -20.68 -3.75
N ALA Q 238 36.74 -21.74 -3.06
CA ALA Q 238 36.49 -21.84 -1.63
C ALA Q 238 37.16 -20.72 -0.87
N ASP Q 239 38.38 -20.33 -1.26
CA ASP Q 239 39.02 -19.18 -0.64
C ASP Q 239 38.24 -17.91 -0.90
N LYS Q 240 37.63 -17.77 -2.08
CA LYS Q 240 36.81 -16.59 -2.32
C LYS Q 240 35.51 -16.59 -1.51
N TYR Q 241 35.00 -17.76 -1.13
CA TYR Q 241 33.70 -17.82 -0.45
C TYR Q 241 33.77 -18.26 1.01
N ASP Q 242 34.96 -18.58 1.52
CA ASP Q 242 35.15 -18.96 2.91
C ASP Q 242 34.33 -20.20 3.28
N VAL Q 243 34.54 -21.26 2.52
CA VAL Q 243 33.91 -22.55 2.79
C VAL Q 243 35.00 -23.62 2.78
N GLN Q 244 34.71 -24.75 3.41
CA GLN Q 244 35.70 -25.80 3.53
C GLN Q 244 35.72 -26.69 2.28
N VAL Q 245 36.86 -27.34 2.06
CA VAL Q 245 37.00 -28.33 0.99
C VAL Q 245 37.40 -29.65 1.62
N ALA Q 246 36.70 -30.71 1.25
CA ALA Q 246 37.05 -32.06 1.62
C ALA Q 246 37.45 -32.84 0.38
N ILE Q 247 38.39 -33.77 0.53
CA ILE Q 247 38.97 -34.46 -0.60
C ILE Q 247 39.06 -35.96 -0.34
N HIS Q 248 38.70 -36.73 -1.36
CA HIS Q 248 38.93 -38.17 -1.45
C HIS Q 248 39.85 -38.35 -2.65
N THR Q 249 41.13 -38.62 -2.39
CA THR Q 249 42.15 -38.50 -3.43
C THR Q 249 42.16 -39.71 -4.35
N ASP Q 250 43.00 -39.62 -5.39
CA ASP Q 250 43.06 -40.62 -6.45
C ASP Q 250 43.85 -41.84 -5.99
N THR Q 251 43.16 -42.95 -5.78
CA THR Q 251 43.83 -44.17 -5.35
C THR Q 251 44.67 -44.76 -6.47
N LEU Q 252 44.29 -44.54 -7.72
CA LEU Q 252 44.95 -45.16 -8.85
C LEU Q 252 46.21 -44.42 -9.29
N ASN Q 253 46.52 -43.26 -8.69
CA ASN Q 253 47.65 -42.42 -9.08
C ASN Q 253 47.57 -42.05 -10.56
N GLU Q 254 46.35 -41.86 -11.07
CA GLU Q 254 46.15 -41.70 -12.50
C GLU Q 254 46.78 -40.40 -13.01
N ALA Q 255 46.47 -39.29 -12.36
CA ALA Q 255 47.02 -38.01 -12.76
C ALA Q 255 48.28 -37.64 -11.98
N GLY Q 256 48.66 -38.43 -11.00
CA GLY Q 256 49.80 -38.10 -10.18
C GLY Q 256 49.74 -38.83 -8.86
N CYS Q 257 50.82 -38.69 -8.10
CA CYS Q 257 50.94 -39.31 -6.81
C CYS Q 257 50.56 -38.31 -5.71
N VAL Q 258 50.84 -38.67 -4.46
CA VAL Q 258 50.37 -37.88 -3.34
C VAL Q 258 51.02 -36.50 -3.32
N GLU Q 259 52.29 -36.42 -3.72
CA GLU Q 259 52.98 -35.13 -3.74
C GLU Q 259 52.43 -34.20 -4.80
N ASP Q 260 51.95 -34.75 -5.93
CA ASP Q 260 51.29 -33.93 -6.93
C ASP Q 260 49.99 -33.35 -6.38
N THR Q 261 49.24 -34.15 -5.61
CA THR Q 261 48.04 -33.65 -4.97
C THR Q 261 48.38 -32.55 -3.96
N MET Q 262 49.43 -32.73 -3.18
CA MET Q 262 49.82 -31.69 -2.24
C MET Q 262 50.26 -30.43 -2.96
N ALA Q 263 50.92 -30.58 -4.11
CA ALA Q 263 51.28 -29.43 -4.92
C ALA Q 263 50.04 -28.71 -5.46
N ALA Q 264 49.01 -29.47 -5.83
CA ALA Q 264 47.77 -28.83 -6.27
C ALA Q 264 47.08 -28.11 -5.11
N ILE Q 265 47.16 -28.67 -3.91
CA ILE Q 265 46.59 -28.00 -2.74
C ILE Q 265 47.33 -26.71 -2.46
N ALA Q 266 48.64 -26.70 -2.68
CA ALA Q 266 49.46 -25.49 -2.66
C ALA Q 266 49.41 -24.78 -1.31
N GLY Q 267 49.38 -25.55 -0.24
CA GLY Q 267 49.44 -24.99 1.09
C GLY Q 267 48.18 -24.34 1.60
N ARG Q 268 47.03 -24.67 1.02
CA ARG Q 268 45.75 -24.14 1.46
C ARG Q 268 45.04 -25.16 2.34
N THR Q 269 44.07 -24.67 3.12
CA THR Q 269 43.38 -25.51 4.08
C THR Q 269 42.58 -26.60 3.37
N MET Q 270 42.74 -27.84 3.82
CA MET Q 270 42.06 -28.97 3.22
C MET Q 270 41.70 -29.98 4.32
N HIS Q 271 40.51 -30.55 4.21
CA HIS Q 271 40.03 -31.60 5.12
C HIS Q 271 40.05 -32.92 4.37
N THR Q 272 40.90 -33.85 4.82
CA THR Q 272 41.07 -35.12 4.14
C THR Q 272 40.25 -36.20 4.83
N PHE Q 273 39.43 -36.91 4.05
CA PHE Q 273 38.64 -38.02 4.56
C PHE Q 273 39.45 -39.30 4.50
N HIS Q 274 39.21 -40.18 5.48
CA HIS Q 274 39.85 -41.50 5.60
C HIS Q 274 41.32 -41.44 5.18
N THR Q 275 42.06 -40.60 5.90
CA THR Q 275 43.44 -40.28 5.52
C THR Q 275 44.34 -41.51 5.53
N GLU Q 276 43.98 -42.55 6.27
CA GLU Q 276 44.79 -43.75 6.28
C GLU Q 276 44.68 -44.52 4.96
N GLY Q 277 43.58 -44.35 4.23
CA GLY Q 277 43.51 -44.77 2.84
C GLY Q 277 42.74 -46.04 2.55
N ALA Q 278 42.27 -46.77 3.57
CA ALA Q 278 41.43 -47.92 3.30
C ALA Q 278 40.13 -47.50 2.61
N GLY Q 279 39.62 -46.33 2.94
CA GLY Q 279 38.45 -45.77 2.32
C GLY Q 279 38.71 -45.11 0.99
N GLY Q 280 39.94 -45.14 0.51
CA GLY Q 280 40.31 -44.49 -0.74
C GLY Q 280 41.46 -43.54 -0.50
N GLY Q 281 42.24 -43.31 -1.54
CA GLY Q 281 43.37 -42.41 -1.43
C GLY Q 281 44.62 -42.98 -2.07
N HIS Q 282 45.59 -42.12 -2.37
CA HIS Q 282 46.81 -42.52 -3.07
C HIS Q 282 47.42 -43.77 -2.45
N ALA Q 283 47.46 -44.84 -3.23
CA ALA Q 283 48.05 -46.07 -2.74
C ALA Q 283 49.56 -46.02 -2.95
N PRO Q 284 50.37 -46.32 -1.92
CA PRO Q 284 49.92 -46.72 -0.59
C PRO Q 284 50.15 -45.67 0.47
N ASP Q 285 50.38 -44.42 0.08
CA ASP Q 285 51.02 -43.46 0.95
C ASP Q 285 50.21 -42.18 1.11
N ILE Q 286 48.88 -42.26 1.09
CA ILE Q 286 48.08 -41.07 1.36
C ILE Q 286 48.25 -40.65 2.82
N ILE Q 287 48.53 -41.60 3.71
CA ILE Q 287 48.58 -41.32 5.15
C ILE Q 287 49.67 -40.32 5.51
N LYS Q 288 50.63 -40.08 4.61
CA LYS Q 288 51.72 -39.16 4.93
C LYS Q 288 51.23 -37.73 5.09
N VAL Q 289 50.13 -37.35 4.44
CA VAL Q 289 49.63 -35.98 4.52
C VAL Q 289 49.13 -35.62 5.91
N ALA Q 290 48.97 -36.60 6.79
CA ALA Q 290 48.46 -36.33 8.13
C ALA Q 290 49.46 -35.56 9.00
N GLY Q 291 50.70 -35.40 8.56
CA GLY Q 291 51.65 -34.59 9.25
C GLY Q 291 51.80 -33.16 8.77
N GLU Q 292 51.05 -32.77 7.74
CA GLU Q 292 51.19 -31.44 7.16
C GLU Q 292 50.38 -30.41 7.93
N HIS Q 293 50.87 -29.18 7.92
CA HIS Q 293 50.23 -28.12 8.69
C HIS Q 293 48.87 -27.74 8.13
N ASN Q 294 48.73 -27.71 6.81
CA ASN Q 294 47.52 -27.24 6.17
C ASN Q 294 46.46 -28.33 6.01
N ILE Q 295 46.70 -29.53 6.50
CA ILE Q 295 45.78 -30.64 6.35
C ILE Q 295 45.03 -30.86 7.65
N LEU Q 296 43.73 -31.06 7.55
CA LEU Q 296 42.92 -31.51 8.68
C LEU Q 296 42.62 -32.98 8.49
N PRO Q 297 43.37 -33.88 9.13
CA PRO Q 297 43.22 -35.31 8.81
C PRO Q 297 42.13 -36.00 9.62
N ALA Q 298 41.20 -36.65 8.93
CA ALA Q 298 40.13 -37.40 9.56
C ALA Q 298 40.26 -38.87 9.21
N SER Q 299 39.71 -39.71 10.09
CA SER Q 299 39.63 -41.14 9.84
C SER Q 299 38.17 -41.57 9.93
N THR Q 300 37.86 -42.66 9.23
CA THR Q 300 36.54 -43.25 9.26
C THR Q 300 36.54 -44.44 10.21
N ASN Q 301 35.39 -44.69 10.81
CA ASN Q 301 35.31 -45.67 11.90
C ASN Q 301 35.53 -47.14 11.52
N PRO Q 302 35.31 -47.59 10.28
CA PRO Q 302 35.54 -49.02 10.00
C PRO Q 302 36.97 -49.48 10.25
N THR Q 303 37.96 -48.59 10.18
CA THR Q 303 39.34 -48.99 10.41
C THR Q 303 39.78 -48.87 11.86
N ILE Q 304 38.98 -48.28 12.73
CA ILE Q 304 39.36 -48.16 14.13
C ILE Q 304 38.33 -48.86 15.00
N PRO Q 305 38.74 -49.59 16.04
CA PRO Q 305 40.15 -49.93 16.26
C PRO Q 305 40.57 -51.09 15.35
N PHE Q 306 41.88 -51.31 15.22
CA PHE Q 306 42.36 -52.41 14.40
C PHE Q 306 42.18 -53.72 15.15
N THR Q 307 41.49 -54.67 14.52
CA THR Q 307 41.16 -55.94 15.14
C THR Q 307 41.58 -57.09 14.25
N VAL Q 308 41.38 -58.31 14.75
CA VAL Q 308 41.75 -59.51 14.00
C VAL Q 308 40.86 -59.69 12.78
N ASN Q 309 39.62 -59.24 12.84
CA ASN Q 309 38.67 -59.41 11.75
C ASN Q 309 38.69 -58.24 10.77
N THR Q 310 39.48 -57.20 11.03
CA THR Q 310 39.41 -55.98 10.24
C THR Q 310 39.86 -56.21 8.80
N GLU Q 311 41.00 -56.87 8.60
CA GLU Q 311 41.60 -56.95 7.28
C GLU Q 311 40.73 -57.77 6.32
N ALA Q 312 40.32 -58.96 6.75
CA ALA Q 312 39.49 -59.80 5.89
C ALA Q 312 38.16 -59.13 5.57
N GLU Q 313 37.56 -58.48 6.57
CA GLU Q 313 36.31 -57.78 6.35
C GLU Q 313 36.46 -56.68 5.32
N HIS Q 314 37.51 -55.87 5.45
CA HIS Q 314 37.73 -54.79 4.49
C HIS Q 314 38.04 -55.32 3.11
N MET Q 315 38.79 -56.43 3.02
CA MET Q 315 39.08 -57.03 1.73
C MET Q 315 37.80 -57.46 1.03
N ASP Q 316 36.95 -58.21 1.74
CA ASP Q 316 35.71 -58.68 1.13
C ASP Q 316 34.78 -57.53 0.81
N MET Q 317 34.76 -56.51 1.66
CA MET Q 317 33.93 -55.33 1.40
C MET Q 317 34.38 -54.62 0.13
N LEU Q 318 35.69 -54.49 -0.06
CA LEU Q 318 36.21 -53.86 -1.26
C LEU Q 318 35.88 -54.68 -2.50
N MET Q 319 35.98 -56.01 -2.40
CA MET Q 319 35.67 -56.85 -3.55
C MET Q 319 34.20 -56.70 -3.97
N VAL Q 320 33.33 -56.31 -3.04
CA VAL Q 320 31.91 -56.22 -3.33
C VAL Q 320 31.53 -54.85 -3.90
N CYS Q 321 32.00 -53.78 -3.27
CA CYS Q 321 31.60 -52.43 -3.70
C CYS Q 321 32.19 -52.08 -5.06
N HIS Q 322 33.36 -52.61 -5.39
CA HIS Q 322 34.00 -52.34 -6.68
C HIS Q 322 33.80 -53.45 -7.68
N HIS Q 323 33.02 -54.49 -7.34
CA HIS Q 323 32.70 -55.59 -8.25
C HIS Q 323 33.96 -56.24 -8.80
N LEU Q 324 34.90 -56.53 -7.90
CA LEU Q 324 36.16 -57.14 -8.28
C LEU Q 324 36.01 -58.67 -8.35
N ASP Q 325 36.96 -59.30 -9.05
CA ASP Q 325 36.98 -60.74 -9.23
C ASP Q 325 38.28 -61.30 -8.69
N LYS Q 326 38.19 -62.42 -7.97
CA LYS Q 326 39.37 -63.02 -7.38
C LYS Q 326 40.23 -63.75 -8.40
N SER Q 327 39.70 -64.07 -9.57
CA SER Q 327 40.44 -64.75 -10.61
C SER Q 327 41.22 -63.80 -11.51
N ILE Q 328 41.10 -62.50 -11.29
CA ILE Q 328 41.80 -61.49 -12.08
C ILE Q 328 42.95 -60.95 -11.24
N LYS Q 329 44.18 -61.06 -11.75
CA LYS Q 329 45.33 -60.63 -10.98
C LYS Q 329 45.37 -59.13 -10.80
N GLU Q 330 44.83 -58.37 -11.76
CA GLU Q 330 44.84 -56.92 -11.64
C GLU Q 330 43.91 -56.45 -10.53
N ASP Q 331 42.77 -57.12 -10.37
CA ASP Q 331 41.87 -56.78 -9.27
C ASP Q 331 42.48 -57.12 -7.92
N VAL Q 332 43.22 -58.23 -7.85
CA VAL Q 332 43.93 -58.57 -6.62
C VAL Q 332 45.01 -57.53 -6.32
N GLN Q 333 45.75 -57.12 -7.35
CA GLN Q 333 46.79 -56.12 -7.16
C GLN Q 333 46.20 -54.80 -6.67
N PHE Q 334 45.06 -54.40 -7.22
CA PHE Q 334 44.38 -53.21 -6.71
C PHE Q 334 43.98 -53.38 -5.26
N ALA Q 335 43.41 -54.54 -4.91
CA ALA Q 335 42.92 -54.76 -3.56
C ALA Q 335 44.06 -54.78 -2.54
N ASP Q 336 45.17 -55.41 -2.88
CA ASP Q 336 46.30 -55.47 -1.97
C ASP Q 336 46.92 -54.11 -1.73
N SER Q 337 47.03 -53.30 -2.79
CA SER Q 337 47.56 -51.95 -2.63
C SER Q 337 46.63 -51.04 -1.84
N ARG Q 338 45.38 -51.46 -1.65
CA ARG Q 338 44.36 -50.63 -1.04
C ARG Q 338 44.19 -50.86 0.45
N ILE Q 339 44.25 -52.11 0.91
CA ILE Q 339 43.86 -52.41 2.28
C ILE Q 339 44.98 -52.11 3.26
N ARG Q 340 46.13 -52.76 3.10
CA ARG Q 340 47.33 -52.45 3.86
C ARG Q 340 47.13 -52.49 5.37
N PRO Q 341 47.11 -53.68 5.98
CA PRO Q 341 46.99 -53.78 7.44
C PRO Q 341 48.04 -52.97 8.19
N GLN Q 342 49.14 -52.64 7.52
CA GLN Q 342 50.17 -51.82 8.14
C GLN Q 342 49.67 -50.41 8.43
N THR Q 343 49.06 -49.76 7.44
CA THR Q 343 48.53 -48.42 7.66
C THR Q 343 47.36 -48.44 8.61
N ILE Q 344 46.54 -49.49 8.56
CA ILE Q 344 45.42 -49.61 9.49
C ILE Q 344 45.92 -49.71 10.91
N ALA Q 345 46.96 -50.51 11.13
CA ALA Q 345 47.57 -50.58 12.46
C ALA Q 345 48.16 -49.25 12.88
N ALA Q 346 48.84 -48.57 11.96
CA ALA Q 346 49.47 -47.29 12.30
C ALA Q 346 48.44 -46.23 12.65
N GLU Q 347 47.24 -46.35 12.11
CA GLU Q 347 46.21 -45.32 12.29
C GLU Q 347 45.78 -45.18 13.74
N ASP Q 348 45.67 -46.29 14.47
CA ASP Q 348 45.30 -46.22 15.88
C ASP Q 348 46.33 -45.45 16.68
N THR Q 349 47.61 -45.76 16.48
CA THR Q 349 48.68 -45.07 17.18
C THR Q 349 48.72 -43.60 16.80
N LEU Q 350 48.48 -43.30 15.53
CA LEU Q 350 48.45 -41.89 15.11
C LEU Q 350 47.30 -41.14 15.77
N HIS Q 351 46.17 -41.82 16.02
CA HIS Q 351 45.13 -41.21 16.84
C HIS Q 351 45.61 -40.97 18.26
N ASP Q 352 46.33 -41.93 18.83
CA ASP Q 352 46.84 -41.75 20.19
C ASP Q 352 47.85 -40.63 20.27
N MET Q 353 48.64 -40.43 19.22
CA MET Q 353 49.68 -39.40 19.20
C MET Q 353 49.13 -38.01 18.91
N GLY Q 354 47.87 -37.90 18.51
CA GLY Q 354 47.32 -36.62 18.09
C GLY Q 354 47.63 -36.23 16.66
N ILE Q 355 48.11 -37.17 15.84
CA ILE Q 355 48.34 -36.87 14.43
C ILE Q 355 47.03 -36.80 13.67
N PHE Q 356 46.18 -37.82 13.84
CA PHE Q 356 44.81 -37.75 13.35
C PHE Q 356 43.98 -36.91 14.32
N SER Q 357 43.13 -36.05 13.77
CA SER Q 357 42.41 -35.09 14.59
C SER Q 357 40.90 -35.28 14.60
N ILE Q 358 40.31 -35.94 13.62
CA ILE Q 358 38.87 -36.05 13.50
C ILE Q 358 38.50 -37.51 13.26
N THR Q 359 37.45 -37.97 13.93
CA THR Q 359 36.81 -39.24 13.63
C THR Q 359 35.47 -38.97 12.96
N SER Q 360 35.13 -39.81 11.98
CA SER Q 360 33.91 -39.64 11.20
C SER Q 360 33.39 -41.01 10.80
N SER Q 361 32.36 -41.02 9.96
CA SER Q 361 31.59 -42.22 9.67
C SER Q 361 31.88 -42.82 8.30
N ASP Q 362 31.66 -42.06 7.21
CA ASP Q 362 31.56 -42.60 5.85
C ASP Q 362 30.35 -43.55 5.74
N SER Q 363 29.19 -42.99 6.07
CA SER Q 363 28.02 -43.79 6.41
C SER Q 363 27.44 -44.54 5.21
N GLN Q 364 27.23 -45.85 5.39
CA GLN Q 364 26.75 -46.77 4.36
C GLN Q 364 27.59 -46.72 3.08
N ALA Q 365 28.80 -46.20 3.22
CA ALA Q 365 29.82 -46.13 2.18
C ALA Q 365 31.16 -46.57 2.77
N MET Q 366 31.16 -47.77 3.36
CA MET Q 366 32.21 -48.29 4.25
C MET Q 366 32.38 -47.40 5.48
N GLY Q 367 31.32 -47.43 6.29
CA GLY Q 367 31.32 -46.77 7.57
C GLY Q 367 29.97 -46.95 8.22
N ARG Q 368 29.96 -46.81 9.54
CA ARG Q 368 28.77 -47.08 10.34
C ARG Q 368 28.37 -45.81 11.08
N VAL Q 369 27.24 -45.23 10.68
CA VAL Q 369 26.83 -43.92 11.16
C VAL Q 369 26.49 -43.92 12.64
N GLY Q 370 26.15 -45.06 13.22
CA GLY Q 370 25.80 -45.11 14.62
C GLY Q 370 26.93 -45.59 15.50
N GLU Q 371 28.17 -45.52 15.01
CA GLU Q 371 29.30 -46.09 15.74
C GLU Q 371 30.51 -45.18 15.80
N VAL Q 372 30.41 -43.91 15.38
CA VAL Q 372 31.57 -43.03 15.40
C VAL Q 372 32.09 -42.85 16.82
N ILE Q 373 31.20 -42.48 17.73
CA ILE Q 373 31.60 -42.23 19.12
C ILE Q 373 32.06 -43.52 19.78
N THR Q 374 31.34 -44.61 19.55
CA THR Q 374 31.68 -45.88 20.18
C THR Q 374 33.05 -46.36 19.73
N ARG Q 375 33.35 -46.28 18.44
CA ARG Q 375 34.65 -46.72 17.96
C ARG Q 375 35.76 -45.77 18.36
N THR Q 376 35.46 -44.48 18.50
CA THR Q 376 36.45 -43.57 19.05
C THR Q 376 36.86 -43.98 20.46
N TRP Q 377 35.87 -44.28 21.31
CA TRP Q 377 36.23 -44.66 22.68
C TRP Q 377 36.81 -46.06 22.75
N GLN Q 378 36.43 -46.95 21.83
CA GLN Q 378 37.10 -48.25 21.74
C GLN Q 378 38.56 -48.08 21.37
N THR Q 379 38.86 -47.17 20.45
CA THR Q 379 40.24 -46.91 20.09
C THR Q 379 41.02 -46.34 21.27
N ALA Q 380 40.40 -45.41 22.00
CA ALA Q 380 41.06 -44.86 23.19
C ALA Q 380 41.34 -45.96 24.22
N ASP Q 381 40.38 -46.85 24.45
CA ASP Q 381 40.56 -47.92 25.40
C ASP Q 381 41.66 -48.89 24.96
N LYS Q 382 41.68 -49.24 23.68
CA LYS Q 382 42.71 -50.11 23.16
C LYS Q 382 44.09 -49.48 23.27
N ASN Q 383 44.20 -48.19 22.96
CA ASN Q 383 45.48 -47.50 23.07
C ASN Q 383 45.95 -47.42 24.51
N LYS Q 384 45.04 -47.20 25.45
CA LYS Q 384 45.46 -47.19 26.86
C LYS Q 384 45.90 -48.58 27.28
N LYS Q 385 45.24 -49.62 26.80
CA LYS Q 385 45.65 -50.98 27.14
C LYS Q 385 47.04 -51.29 26.58
N GLU Q 386 47.35 -50.81 25.38
CA GLU Q 386 48.63 -51.16 24.77
C GLU Q 386 49.75 -50.27 25.27
N PHE Q 387 49.61 -48.95 25.14
CA PHE Q 387 50.68 -48.01 25.44
C PHE Q 387 50.63 -47.47 26.87
N GLY Q 388 49.63 -47.84 27.64
CA GLY Q 388 49.52 -47.33 28.99
C GLY Q 388 49.01 -45.90 29.03
N ARG Q 389 49.17 -45.30 30.21
CA ARG Q 389 48.68 -43.95 30.43
C ARG Q 389 49.56 -42.92 29.74
N LEU Q 390 48.94 -41.90 29.17
CA LEU Q 390 49.68 -40.87 28.45
C LEU Q 390 50.61 -40.11 29.38
N LYS Q 391 51.70 -39.61 28.83
CA LYS Q 391 52.65 -38.83 29.61
C LYS Q 391 52.21 -37.39 29.83
N GLU Q 392 51.18 -36.93 29.12
CA GLU Q 392 50.62 -35.61 29.35
C GLU Q 392 49.57 -35.59 30.44
N GLU Q 393 49.39 -36.69 31.16
CA GLU Q 393 48.44 -36.74 32.26
C GLU Q 393 48.97 -36.01 33.47
N LYS Q 394 48.05 -35.40 34.21
CA LYS Q 394 48.35 -34.75 35.49
C LYS Q 394 47.48 -35.43 36.55
N GLY Q 395 47.98 -36.53 37.09
CA GLY Q 395 47.28 -37.26 38.13
C GLY Q 395 46.96 -38.67 37.72
N ASP Q 396 46.37 -39.41 38.67
CA ASP Q 396 46.02 -40.80 38.47
C ASP Q 396 44.71 -40.91 37.71
N ASN Q 397 44.70 -40.33 36.52
CA ASN Q 397 43.51 -40.31 35.69
C ASN Q 397 43.95 -40.31 34.23
N ASP Q 398 42.96 -40.33 33.34
CA ASP Q 398 43.18 -40.27 31.90
C ASP Q 398 42.54 -39.03 31.30
N ASN Q 399 42.52 -37.93 32.06
CA ASN Q 399 41.78 -36.75 31.64
C ASN Q 399 42.30 -36.19 30.32
N PHE Q 400 43.61 -36.16 30.14
CA PHE Q 400 44.17 -35.63 28.90
C PHE Q 400 43.77 -36.49 27.71
N ARG Q 401 43.86 -37.82 27.84
CA ARG Q 401 43.47 -38.70 26.75
C ARG Q 401 41.99 -38.59 26.48
N ILE Q 402 41.18 -38.44 27.53
CA ILE Q 402 39.75 -38.27 27.36
C ILE Q 402 39.46 -37.01 26.55
N LYS Q 403 40.13 -35.91 26.88
CA LYS Q 403 39.93 -34.68 26.11
C LYS Q 403 40.39 -34.84 24.67
N ARG Q 404 41.53 -35.51 24.47
CA ARG Q 404 42.06 -35.69 23.12
C ARG Q 404 41.10 -36.46 22.24
N TYR Q 405 40.54 -37.55 22.77
CA TYR Q 405 39.63 -38.34 21.95
C TYR Q 405 38.25 -37.71 21.83
N LEU Q 406 37.79 -37.01 22.87
CA LEU Q 406 36.50 -36.33 22.79
C LEU Q 406 36.53 -35.20 21.77
N SER Q 407 37.67 -34.53 21.61
CA SER Q 407 37.77 -33.47 20.62
C SER Q 407 37.61 -34.00 19.19
N LYS Q 408 37.92 -35.27 18.97
CA LYS Q 408 37.93 -35.82 17.62
C LYS Q 408 36.54 -35.82 16.99
N TYR Q 409 35.47 -35.87 17.79
CA TYR Q 409 34.13 -35.84 17.22
C TYR Q 409 33.27 -34.69 17.74
N THR Q 410 33.80 -33.77 18.54
CA THR Q 410 32.99 -32.65 18.99
C THR Q 410 33.49 -31.31 18.49
N ILE Q 411 34.70 -30.90 18.86
CA ILE Q 411 35.15 -29.53 18.62
C ILE Q 411 35.99 -29.42 17.37
N ASN Q 412 36.82 -30.42 17.08
CA ASN Q 412 37.67 -30.36 15.90
C ASN Q 412 36.87 -30.38 14.60
N PRO Q 413 35.90 -31.27 14.39
CA PRO Q 413 35.07 -31.15 13.18
C PRO Q 413 34.31 -29.85 13.09
N ALA Q 414 33.87 -29.29 14.22
CA ALA Q 414 33.17 -28.00 14.20
C ALA Q 414 34.10 -26.89 13.74
N ILE Q 415 35.33 -26.88 14.23
CA ILE Q 415 36.32 -25.91 13.76
C ILE Q 415 36.62 -26.13 12.28
N ALA Q 416 36.71 -27.40 11.88
CA ALA Q 416 37.06 -27.72 10.49
C ALA Q 416 36.00 -27.22 9.52
N HIS Q 417 34.72 -27.30 9.89
CA HIS Q 417 33.67 -26.87 8.98
C HIS Q 417 33.04 -25.54 9.38
N GLY Q 418 33.74 -24.74 10.17
CA GLY Q 418 33.33 -23.37 10.43
C GLY Q 418 32.03 -23.21 11.17
N ILE Q 419 31.72 -24.10 12.11
CA ILE Q 419 30.51 -24.01 12.90
C ILE Q 419 30.82 -24.02 14.39
N SER Q 420 32.08 -23.82 14.77
CA SER Q 420 32.49 -23.93 16.16
C SER Q 420 32.09 -22.71 17.00
N GLU Q 421 31.42 -21.72 16.41
CA GLU Q 421 30.81 -20.70 17.22
C GLU Q 421 29.40 -21.05 17.65
N TYR Q 422 28.79 -22.07 17.05
CA TYR Q 422 27.45 -22.51 17.39
C TYR Q 422 27.43 -23.80 18.19
N VAL Q 423 28.14 -24.82 17.74
CA VAL Q 423 28.13 -26.15 18.32
C VAL Q 423 29.55 -26.57 18.64
N GLY Q 424 29.70 -27.76 19.18
CA GLY Q 424 30.99 -28.38 19.40
C GLY Q 424 31.43 -28.47 20.84
N SER Q 425 30.89 -27.65 21.74
CA SER Q 425 31.35 -27.69 23.11
C SER Q 425 30.27 -27.18 24.04
N VAL Q 426 30.43 -27.50 25.33
CA VAL Q 426 29.58 -26.98 26.38
C VAL Q 426 30.18 -25.67 26.83
N GLU Q 427 29.82 -24.58 26.17
CA GLU Q 427 30.31 -23.26 26.50
C GLU Q 427 29.15 -22.27 26.48
N VAL Q 428 29.26 -21.24 27.32
CA VAL Q 428 28.21 -20.22 27.39
C VAL Q 428 28.14 -19.46 26.09
N GLY Q 429 26.93 -19.30 25.56
CA GLY Q 429 26.69 -18.61 24.32
C GLY Q 429 26.43 -19.54 23.16
N LYS Q 430 26.78 -20.81 23.29
CA LYS Q 430 26.64 -21.77 22.21
C LYS Q 430 25.26 -22.41 22.21
N VAL Q 431 24.94 -23.05 21.08
CA VAL Q 431 23.67 -23.75 20.94
C VAL Q 431 23.60 -24.91 21.92
N ALA Q 432 22.44 -25.07 22.57
CA ALA Q 432 22.27 -26.11 23.57
C ALA Q 432 21.95 -27.45 22.88
N ASP Q 433 22.98 -28.00 22.25
CA ASP Q 433 22.98 -29.36 21.73
C ASP Q 433 23.78 -30.22 22.72
N LEU Q 434 23.08 -30.92 23.61
CA LEU Q 434 23.72 -31.60 24.71
C LEU Q 434 23.24 -33.05 24.78
N VAL Q 435 24.12 -33.92 25.26
CA VAL Q 435 23.82 -35.34 25.40
C VAL Q 435 24.05 -35.73 26.86
N LEU Q 436 23.09 -36.43 27.44
CA LEU Q 436 23.16 -36.92 28.81
C LEU Q 436 23.58 -38.38 28.80
N TRP Q 437 24.64 -38.70 29.52
CA TRP Q 437 25.17 -40.05 29.60
C TRP Q 437 25.19 -40.51 31.05
N SER Q 438 24.71 -41.71 31.30
CA SER Q 438 25.06 -42.38 32.54
C SER Q 438 26.46 -43.00 32.39
N PRO Q 439 27.35 -42.82 33.35
CA PRO Q 439 28.74 -43.26 33.16
C PRO Q 439 28.88 -44.74 32.84
N ALA Q 440 28.00 -45.59 33.35
CA ALA Q 440 28.07 -47.01 33.00
C ALA Q 440 27.83 -47.24 31.51
N PHE Q 441 27.07 -46.38 30.86
CA PHE Q 441 26.78 -46.51 29.44
C PHE Q 441 27.48 -45.47 28.59
N PHE Q 442 28.52 -44.83 29.12
CA PHE Q 442 29.15 -43.73 28.40
C PHE Q 442 29.78 -44.21 27.11
N GLY Q 443 29.52 -43.47 26.04
CA GLY Q 443 30.12 -43.73 24.76
C GLY Q 443 29.39 -44.73 23.89
N VAL Q 444 28.36 -45.41 24.40
CA VAL Q 444 27.64 -46.37 23.58
C VAL Q 444 26.15 -46.07 23.55
N LYS Q 445 25.54 -45.83 24.70
CA LYS Q 445 24.09 -45.61 24.74
C LYS Q 445 23.72 -44.44 25.64
N PRO Q 446 23.33 -43.30 25.07
CA PRO Q 446 23.03 -42.12 25.89
C PRO Q 446 21.66 -42.21 26.57
N ASN Q 447 21.44 -41.29 27.51
CA ASN Q 447 20.17 -41.18 28.21
C ASN Q 447 19.17 -40.34 27.43
N MET Q 448 19.55 -39.11 27.09
CA MET Q 448 18.65 -38.24 26.34
C MET Q 448 19.46 -37.22 25.55
N ILE Q 449 18.82 -36.69 24.51
CA ILE Q 449 19.41 -35.64 23.67
C ILE Q 449 18.61 -34.36 23.89
N ILE Q 450 19.31 -33.28 24.18
CA ILE Q 450 18.71 -31.95 24.22
C ILE Q 450 19.11 -31.23 22.94
N LYS Q 451 18.12 -30.81 22.17
CA LYS Q 451 18.33 -30.22 20.85
C LYS Q 451 17.72 -28.83 20.86
N GLY Q 452 18.56 -27.83 20.64
CA GLY Q 452 18.08 -26.45 20.66
C GLY Q 452 17.50 -26.02 22.00
N GLY Q 453 17.96 -26.60 23.10
CA GLY Q 453 17.45 -26.26 24.40
C GLY Q 453 16.17 -26.97 24.81
N PHE Q 454 15.79 -28.03 24.10
CA PHE Q 454 14.59 -28.78 24.42
C PHE Q 454 14.87 -30.26 24.18
N ILE Q 455 14.19 -31.12 24.92
CA ILE Q 455 14.46 -32.56 24.84
C ILE Q 455 13.87 -33.12 23.56
N ALA Q 456 14.72 -33.76 22.76
CA ALA Q 456 14.31 -34.27 21.45
C ALA Q 456 14.29 -35.78 21.35
N LEU Q 457 15.12 -36.47 22.11
CA LEU Q 457 15.16 -37.91 22.11
C LEU Q 457 15.50 -38.39 23.50
N SER Q 458 14.92 -39.50 23.92
CA SER Q 458 15.29 -40.08 25.20
C SER Q 458 14.93 -41.54 25.23
N GLN Q 459 15.59 -42.27 26.12
CA GLN Q 459 15.12 -43.58 26.51
C GLN Q 459 13.75 -43.45 27.17
N MET Q 460 12.87 -44.39 26.86
CA MET Q 460 11.50 -44.27 27.33
C MET Q 460 10.87 -45.65 27.36
N GLY Q 461 10.11 -45.92 28.42
CA GLY Q 461 9.33 -47.12 28.52
C GLY Q 461 8.01 -47.00 27.79
N ASP Q 462 7.19 -48.03 27.96
CA ASP Q 462 5.93 -48.08 27.23
C ASP Q 462 4.97 -46.99 27.71
N ALA Q 463 4.21 -46.45 26.75
CA ALA Q 463 3.40 -45.27 27.03
C ALA Q 463 2.30 -45.54 28.04
N ASN Q 464 1.84 -46.79 28.15
CA ASN Q 464 0.76 -47.12 29.06
C ASN Q 464 1.25 -47.41 30.48
N ALA Q 465 2.55 -47.41 30.71
CA ALA Q 465 3.07 -47.77 32.03
C ALA Q 465 2.88 -46.65 33.04
N SER Q 466 2.79 -47.02 34.31
CA SER Q 466 2.57 -46.06 35.38
C SER Q 466 3.77 -45.16 35.63
N ILE Q 467 4.95 -45.53 35.16
CA ILE Q 467 6.16 -44.71 35.28
C ILE Q 467 6.96 -44.86 34.00
N PRO Q 468 7.92 -43.97 33.75
CA PRO Q 468 8.63 -44.00 32.46
C PRO Q 468 9.68 -45.09 32.33
N THR Q 469 10.04 -45.77 33.41
CA THR Q 469 11.12 -46.75 33.43
C THR Q 469 10.81 -48.16 32.90
N PRO Q 470 9.61 -48.71 33.08
CA PRO Q 470 9.41 -50.12 32.75
C PRO Q 470 9.50 -50.43 31.26
N GLN Q 471 9.72 -51.71 30.99
CA GLN Q 471 10.08 -52.24 29.69
C GLN Q 471 8.87 -52.33 28.77
N PRO Q 472 9.09 -52.34 27.44
CA PRO Q 472 10.39 -52.19 26.78
C PRO Q 472 10.85 -50.73 26.70
N VAL Q 473 12.13 -50.50 26.94
CA VAL Q 473 12.73 -49.18 26.90
C VAL Q 473 13.57 -49.08 25.64
N TYR Q 474 13.27 -48.08 24.80
CA TYR Q 474 14.10 -47.78 23.65
C TYR Q 474 14.01 -46.28 23.37
N TYR Q 475 14.76 -45.83 22.38
CA TYR Q 475 14.85 -44.41 22.10
C TYR Q 475 13.62 -43.98 21.30
N ARG Q 476 12.93 -42.97 21.82
CA ARG Q 476 11.70 -42.49 21.22
C ARG Q 476 11.80 -40.99 21.02
N GLU Q 477 11.12 -40.51 19.99
CA GLU Q 477 11.11 -39.09 19.70
C GLU Q 477 10.37 -38.33 20.78
N MET Q 478 10.96 -37.25 21.25
CA MET Q 478 10.35 -36.39 22.24
C MET Q 478 9.71 -35.19 21.56
N PHE Q 479 9.30 -34.19 22.33
CA PHE Q 479 8.44 -33.13 21.81
C PHE Q 479 9.19 -32.18 20.89
N ALA Q 480 10.49 -31.96 21.11
CA ALA Q 480 11.24 -31.11 20.20
C ALA Q 480 11.41 -31.73 18.82
N HIS Q 481 11.06 -32.99 18.68
CA HIS Q 481 11.13 -33.76 17.44
C HIS Q 481 9.89 -33.60 16.56
N HIS Q 482 8.88 -32.85 16.99
CA HIS Q 482 7.55 -32.92 16.38
C HIS Q 482 6.98 -31.53 16.13
N GLY Q 483 6.00 -31.50 15.23
CA GLY Q 483 5.23 -30.29 14.95
C GLY Q 483 6.09 -29.18 14.40
N LYS Q 484 5.78 -27.96 14.81
CA LYS Q 484 6.59 -26.80 14.48
C LYS Q 484 7.71 -26.57 15.48
N ALA Q 485 7.78 -27.38 16.53
CA ALA Q 485 8.86 -27.27 17.50
C ALA Q 485 10.21 -27.66 16.89
N LYS Q 486 10.22 -28.60 15.96
CA LYS Q 486 11.47 -29.05 15.37
C LYS Q 486 12.13 -27.96 14.54
N TYR Q 487 11.35 -27.00 14.01
CA TYR Q 487 11.94 -25.89 13.28
C TYR Q 487 12.72 -24.97 14.18
N ASP Q 488 12.32 -24.84 15.45
CA ASP Q 488 13.05 -23.99 16.38
C ASP Q 488 14.28 -24.69 16.95
N ALA Q 489 14.30 -26.01 16.96
CA ALA Q 489 15.37 -26.75 17.61
C ALA Q 489 16.51 -27.12 16.67
N ASN Q 490 16.37 -26.90 15.38
CA ASN Q 490 17.29 -27.44 14.40
C ASN Q 490 17.84 -26.33 13.50
N ILE Q 491 19.07 -26.51 13.08
CA ILE Q 491 19.78 -25.56 12.25
C ILE Q 491 20.10 -26.20 10.91
N THR Q 492 19.90 -25.46 9.83
CA THR Q 492 20.48 -25.78 8.54
C THR Q 492 21.63 -24.81 8.29
N PHE Q 493 22.84 -25.34 8.22
CA PHE Q 493 24.01 -24.51 7.95
C PHE Q 493 24.16 -24.27 6.46
N VAL Q 494 24.42 -23.02 6.09
CA VAL Q 494 24.63 -22.65 4.69
C VAL Q 494 25.88 -21.78 4.62
N SER Q 495 26.28 -21.45 3.40
CA SER Q 495 27.39 -20.52 3.22
C SER Q 495 26.95 -19.10 3.53
N GLN Q 496 27.93 -18.24 3.83
CA GLN Q 496 27.64 -16.84 4.08
C GLN Q 496 27.00 -16.18 2.87
N ALA Q 497 27.44 -16.54 1.67
CA ALA Q 497 26.88 -15.96 0.45
C ALA Q 497 25.41 -16.30 0.30
N ALA Q 498 25.07 -17.59 0.46
CA ALA Q 498 23.68 -18.01 0.35
C ALA Q 498 22.83 -17.35 1.43
N TYR Q 499 23.36 -17.26 2.65
CA TYR Q 499 22.65 -16.61 3.74
C TYR Q 499 22.37 -15.15 3.42
N ASP Q 500 23.34 -14.45 2.85
CA ASP Q 500 23.15 -13.04 2.52
C ASP Q 500 22.14 -12.84 1.40
N LYS Q 501 21.98 -13.82 0.52
CA LYS Q 501 21.02 -13.72 -0.57
C LYS Q 501 19.63 -14.20 -0.18
N GLY Q 502 19.39 -14.47 1.10
CA GLY Q 502 18.09 -14.90 1.56
C GLY Q 502 17.68 -16.28 1.12
N ILE Q 503 18.59 -17.25 1.25
CA ILE Q 503 18.29 -18.63 0.88
C ILE Q 503 17.14 -19.17 1.72
N LYS Q 504 17.02 -18.71 2.97
CA LYS Q 504 15.94 -19.15 3.84
C LYS Q 504 14.57 -18.76 3.28
N GLU Q 505 14.45 -17.50 2.87
CA GLU Q 505 13.18 -17.00 2.38
C GLU Q 505 12.90 -17.44 0.96
N GLU Q 506 13.95 -17.59 0.14
CA GLU Q 506 13.77 -18.04 -1.23
C GLU Q 506 13.23 -19.46 -1.29
N LEU Q 507 13.76 -20.34 -0.44
CA LEU Q 507 13.34 -21.74 -0.43
C LEU Q 507 12.22 -22.04 0.56
N GLY Q 508 11.76 -21.03 1.31
CA GLY Q 508 10.72 -21.26 2.28
C GLY Q 508 11.09 -22.18 3.41
N LEU Q 509 12.32 -22.05 3.93
CA LEU Q 509 12.81 -22.92 4.98
C LEU Q 509 12.39 -22.39 6.34
N GLU Q 510 11.87 -23.28 7.19
CA GLU Q 510 11.40 -22.90 8.50
C GLU Q 510 12.40 -23.21 9.61
N ARG Q 511 13.40 -24.03 9.35
CA ARG Q 511 14.48 -24.23 10.30
C ARG Q 511 15.29 -22.95 10.46
N GLN Q 512 16.06 -22.88 11.54
CA GLN Q 512 17.06 -21.83 11.65
C GLN Q 512 18.11 -22.02 10.56
N VAL Q 513 18.53 -20.92 9.96
CA VAL Q 513 19.54 -20.93 8.90
C VAL Q 513 20.70 -20.08 9.37
N LEU Q 514 21.88 -20.70 9.47
CA LEU Q 514 23.08 -20.03 9.96
C LEU Q 514 24.22 -20.17 8.96
N PRO Q 515 25.07 -19.16 8.84
CA PRO Q 515 26.22 -19.25 7.94
C PRO Q 515 27.46 -19.83 8.61
N VAL Q 516 28.20 -20.64 7.84
CA VAL Q 516 29.50 -21.11 8.28
C VAL Q 516 30.52 -19.99 8.07
N LYS Q 517 31.58 -20.01 8.88
CA LYS Q 517 32.56 -18.95 8.83
C LYS Q 517 33.88 -19.44 9.40
N ASN Q 518 34.97 -18.80 8.96
CA ASN Q 518 36.32 -19.07 9.42
C ASN Q 518 36.79 -20.47 9.01
N CYS Q 519 36.63 -20.78 7.73
CA CYS Q 519 37.02 -22.08 7.21
C CYS Q 519 38.38 -22.08 6.54
N ARG Q 520 38.87 -20.94 6.09
CA ARG Q 520 40.06 -20.89 5.24
C ARG Q 520 41.33 -20.54 6.01
N ASN Q 521 41.23 -20.02 7.22
CA ASN Q 521 42.39 -19.54 7.96
C ASN Q 521 42.77 -20.45 9.11
N ILE Q 522 42.34 -21.71 9.07
CA ILE Q 522 42.64 -22.66 10.12
C ILE Q 522 43.64 -23.68 9.58
N THR Q 523 44.51 -24.16 10.47
CA THR Q 523 45.44 -25.21 10.11
C THR Q 523 45.37 -26.34 11.12
N LYS Q 524 46.29 -27.31 10.98
CA LYS Q 524 46.38 -28.40 11.93
C LYS Q 524 46.59 -27.90 13.36
N LYS Q 525 47.17 -26.71 13.51
CA LYS Q 525 47.39 -26.14 14.83
C LYS Q 525 46.11 -25.66 15.51
N ASP Q 526 45.00 -25.60 14.78
CA ASP Q 526 43.73 -25.15 15.35
C ASP Q 526 42.89 -26.30 15.89
N MET Q 527 43.39 -27.53 15.86
CA MET Q 527 42.66 -28.66 16.39
C MET Q 527 43.01 -28.83 17.86
N GLN Q 528 42.00 -28.98 18.70
CA GLN Q 528 42.21 -29.09 20.13
C GLN Q 528 42.76 -30.47 20.47
N PHE Q 529 43.89 -30.50 21.17
CA PHE Q 529 44.52 -31.71 21.68
C PHE Q 529 45.00 -32.63 20.57
N ASN Q 530 44.74 -32.27 19.32
CA ASN Q 530 45.26 -33.02 18.17
C ASN Q 530 45.88 -32.01 17.21
N ASP Q 531 47.10 -31.58 17.50
CA ASP Q 531 47.76 -30.58 16.67
C ASP Q 531 49.18 -31.00 16.35
N THR Q 532 49.47 -32.29 16.41
CA THR Q 532 50.83 -32.78 16.22
C THR Q 532 51.14 -32.87 14.73
N THR Q 533 52.11 -32.09 14.29
CA THR Q 533 52.64 -32.19 12.93
C THR Q 533 53.95 -32.93 12.96
N ALA Q 534 54.17 -33.77 11.96
CA ALA Q 534 55.37 -34.58 11.91
C ALA Q 534 55.65 -34.99 10.48
N HIS Q 535 56.88 -35.39 10.22
CA HIS Q 535 57.25 -35.91 8.91
C HIS Q 535 56.92 -37.39 8.89
N ILE Q 536 55.98 -37.77 8.03
CA ILE Q 536 55.51 -39.14 7.92
C ILE Q 536 56.05 -39.72 6.63
N GLU Q 537 56.74 -40.85 6.74
CA GLU Q 537 57.26 -41.58 5.59
C GLU Q 537 56.60 -42.94 5.54
N VAL Q 538 56.25 -43.38 4.33
CA VAL Q 538 55.67 -44.69 4.09
C VAL Q 538 56.57 -45.46 3.14
N ASN Q 539 56.93 -46.66 3.52
CA ASN Q 539 57.78 -47.49 2.68
C ASN Q 539 57.00 -47.95 1.46
N PRO Q 540 57.47 -47.68 0.24
CA PRO Q 540 56.72 -48.11 -0.95
C PRO Q 540 56.58 -49.61 -1.07
N GLU Q 541 57.48 -50.39 -0.48
CA GLU Q 541 57.46 -51.85 -0.60
C GLU Q 541 56.77 -52.51 0.59
N THR Q 542 57.27 -52.28 1.80
CA THR Q 542 56.74 -52.95 2.97
C THR Q 542 55.52 -52.24 3.55
N TYR Q 543 55.18 -51.04 3.06
CA TYR Q 543 54.04 -50.26 3.52
C TYR Q 543 54.16 -49.85 4.98
N HIS Q 544 55.35 -49.95 5.55
CA HIS Q 544 55.54 -49.53 6.93
C HIS Q 544 55.50 -48.01 7.05
N VAL Q 545 55.06 -47.53 8.20
CA VAL Q 545 54.84 -46.12 8.45
C VAL Q 545 55.84 -45.66 9.50
N PHE Q 546 56.58 -44.60 9.18
CA PHE Q 546 57.55 -44.01 10.08
C PHE Q 546 57.15 -42.56 10.36
N VAL Q 547 57.09 -42.20 11.64
CA VAL Q 547 56.82 -40.84 12.06
C VAL Q 547 58.09 -40.29 12.68
N ASP Q 548 58.65 -39.25 12.07
CA ASP Q 548 59.89 -38.63 12.54
C ASP Q 548 61.01 -39.65 12.67
N GLY Q 549 61.05 -40.59 11.73
CA GLY Q 549 62.11 -41.57 11.67
C GLY Q 549 61.85 -42.84 12.43
N LYS Q 550 60.83 -42.91 13.26
CA LYS Q 550 60.56 -44.08 14.08
C LYS Q 550 59.31 -44.79 13.58
N GLU Q 551 59.38 -46.12 13.53
CA GLU Q 551 58.26 -46.91 13.03
C GLU Q 551 57.08 -46.83 13.98
N VAL Q 552 55.89 -46.67 13.41
CA VAL Q 552 54.64 -46.55 14.16
C VAL Q 552 53.74 -47.69 13.77
N THR Q 553 53.29 -48.45 14.77
CA THR Q 553 52.39 -49.58 14.51
C THR Q 553 51.62 -49.86 15.78
N SER Q 554 50.51 -50.59 15.61
CA SER Q 554 49.72 -51.07 16.73
C SER Q 554 49.38 -52.53 16.50
N LYS Q 555 49.07 -53.21 17.56
CA LYS Q 555 48.71 -54.59 17.31
C LYS Q 555 47.19 -54.75 17.32
N PRO Q 556 46.66 -55.73 16.58
CA PRO Q 556 45.20 -55.90 16.52
C PRO Q 556 44.64 -56.39 17.84
N ALA Q 557 43.36 -56.09 18.04
CA ALA Q 557 42.63 -56.48 19.24
C ALA Q 557 41.71 -57.65 18.92
N ASN Q 558 41.75 -58.67 19.76
CA ASN Q 558 40.83 -59.79 19.62
C ASN Q 558 39.52 -59.58 20.35
N LYS Q 559 39.39 -58.51 21.12
CA LYS Q 559 38.18 -58.18 21.85
C LYS Q 559 38.24 -56.70 22.21
N VAL Q 560 37.13 -56.01 22.05
CA VAL Q 560 37.05 -54.59 22.37
C VAL Q 560 36.01 -54.40 23.45
N SER Q 561 36.08 -53.25 24.11
CA SER Q 561 35.05 -52.87 25.05
C SER Q 561 33.91 -52.19 24.32
N LEU Q 562 32.81 -51.99 25.05
CA LEU Q 562 31.63 -51.28 24.56
C LEU Q 562 30.99 -51.97 23.36
N ALA Q 563 31.15 -53.28 23.20
CA ALA Q 563 30.59 -53.95 22.02
C ALA Q 563 29.51 -54.96 22.37
N GLN Q 564 29.85 -56.09 22.98
CA GLN Q 564 28.88 -57.16 23.16
C GLN Q 564 28.20 -57.13 24.51
N LEU Q 565 28.71 -56.33 25.43
CA LEU Q 565 28.10 -56.17 26.73
C LEU Q 565 26.83 -55.31 26.66
N PHE Q 566 26.70 -54.47 25.64
CA PHE Q 566 25.69 -53.43 25.60
C PHE Q 566 24.61 -53.61 24.55
N SER Q 567 24.78 -54.52 23.60
CA SER Q 567 23.89 -54.61 22.46
C SER Q 567 23.40 -56.04 22.29
N ILE Q 568 22.12 -56.19 21.94
CA ILE Q 568 21.59 -57.52 21.65
C ILE Q 568 22.01 -58.01 20.27
N PHE Q 569 22.34 -57.11 19.36
CA PHE Q 569 22.81 -57.50 18.04
C PHE Q 569 23.99 -56.63 17.64
N MET R 1 -32.90 45.38 -43.71
CA MET R 1 -33.59 44.52 -44.66
C MET R 1 -33.13 44.80 -46.08
N LYS R 2 -32.48 43.82 -46.69
CA LYS R 2 -31.97 43.94 -48.04
C LYS R 2 -32.33 42.69 -48.82
N LYS R 3 -32.42 42.83 -50.14
CA LYS R 3 -32.70 41.73 -51.04
C LYS R 3 -31.41 41.22 -51.66
N ILE R 4 -31.23 39.89 -51.66
CA ILE R 4 -30.07 39.24 -52.25
C ILE R 4 -30.56 38.25 -53.29
N SER R 5 -29.99 38.31 -54.49
CA SER R 5 -30.36 37.35 -55.52
C SER R 5 -29.94 35.95 -55.11
N ARG R 6 -30.76 34.97 -55.50
CA ARG R 6 -30.50 33.58 -55.12
C ARG R 6 -29.14 33.12 -55.63
N LYS R 7 -28.72 33.58 -56.81
CA LYS R 7 -27.46 33.13 -57.37
C LYS R 7 -26.29 33.52 -56.48
N GLU R 8 -26.19 34.80 -56.11
CA GLU R 8 -25.06 35.22 -55.30
C GLU R 8 -25.16 34.68 -53.88
N TYR R 9 -26.38 34.53 -53.36
CA TYR R 9 -26.55 33.93 -52.04
C TYR R 9 -26.02 32.50 -52.03
N VAL R 10 -26.37 31.72 -53.05
CA VAL R 10 -25.92 30.32 -53.11
C VAL R 10 -24.41 30.26 -53.33
N SER R 11 -23.87 31.18 -54.12
CA SER R 11 -22.42 31.21 -54.30
C SER R 11 -21.70 31.54 -53.01
N MET R 12 -22.32 32.32 -52.13
CA MET R 12 -21.65 32.67 -50.89
C MET R 12 -21.84 31.62 -49.80
N TYR R 13 -23.04 31.05 -49.67
CA TYR R 13 -23.34 30.20 -48.53
C TYR R 13 -23.85 28.81 -48.89
N GLY R 14 -23.97 28.48 -50.17
CA GLY R 14 -24.50 27.21 -50.58
C GLY R 14 -25.98 27.26 -50.85
N PRO R 15 -26.53 26.15 -51.32
CA PRO R 15 -27.98 26.11 -51.62
C PRO R 15 -28.81 26.26 -50.35
N THR R 16 -29.99 26.84 -50.53
CA THR R 16 -30.92 27.06 -49.43
C THR R 16 -32.22 26.34 -49.75
N THR R 17 -33.24 26.55 -48.92
CA THR R 17 -34.48 25.80 -49.04
C THR R 17 -35.10 25.98 -50.43
N GLY R 18 -35.48 24.86 -51.04
CA GLY R 18 -36.06 24.85 -52.35
C GLY R 18 -35.08 24.69 -53.49
N ASP R 19 -33.80 24.94 -53.25
CA ASP R 19 -32.78 24.72 -54.26
C ASP R 19 -32.53 23.23 -54.43
N LYS R 20 -32.04 22.89 -55.62
CA LYS R 20 -31.78 21.50 -55.98
C LYS R 20 -30.34 21.38 -56.49
N VAL R 21 -29.72 20.25 -56.20
CA VAL R 21 -28.34 20.01 -56.62
C VAL R 21 -28.22 18.60 -57.20
N ARG R 22 -27.54 18.49 -58.34
CA ARG R 22 -27.24 17.19 -58.91
C ARG R 22 -26.16 16.49 -58.10
N LEU R 23 -26.31 15.18 -57.93
CA LEU R 23 -25.34 14.37 -57.20
C LEU R 23 -24.40 13.72 -58.20
N GLY R 24 -23.14 14.15 -58.17
CA GLY R 24 -22.16 13.62 -59.10
C GLY R 24 -22.57 13.88 -60.54
N ASP R 25 -22.24 12.93 -61.42
CA ASP R 25 -22.68 12.97 -62.80
C ASP R 25 -23.92 12.12 -63.04
N THR R 26 -24.68 11.82 -61.98
CA THR R 26 -25.87 11.00 -62.10
C THR R 26 -27.07 11.85 -62.49
N ASP R 27 -28.25 11.26 -62.46
CA ASP R 27 -29.50 11.97 -62.68
C ASP R 27 -30.28 12.20 -61.40
N LEU R 28 -29.73 11.83 -60.25
CA LEU R 28 -30.40 12.02 -58.97
C LEU R 28 -30.31 13.48 -58.53
N ILE R 29 -31.45 14.06 -58.18
CA ILE R 29 -31.54 15.47 -57.82
C ILE R 29 -31.95 15.57 -56.37
N ALA R 30 -31.16 16.26 -55.57
CA ALA R 30 -31.44 16.45 -54.16
C ALA R 30 -31.97 17.86 -53.95
N GLU R 31 -33.07 17.97 -53.21
CA GLU R 31 -33.68 19.24 -52.89
C GLU R 31 -33.51 19.53 -51.41
N VAL R 32 -33.05 20.74 -51.09
CA VAL R 32 -32.91 21.15 -49.71
C VAL R 32 -34.30 21.32 -49.10
N GLU R 33 -34.58 20.56 -48.05
CA GLU R 33 -35.92 20.56 -47.47
C GLU R 33 -36.12 21.69 -46.48
N HIS R 34 -35.10 22.03 -45.70
CA HIS R 34 -35.21 23.01 -44.64
C HIS R 34 -33.86 23.65 -44.41
N ASP R 35 -33.87 24.84 -43.84
CA ASP R 35 -32.65 25.59 -43.53
C ASP R 35 -32.73 26.09 -42.10
N TYR R 36 -31.68 25.87 -41.33
CA TYR R 36 -31.61 26.28 -39.95
C TYR R 36 -31.04 27.68 -39.77
N THR R 37 -30.74 28.38 -40.86
CA THR R 37 -30.03 29.63 -40.76
C THR R 37 -30.99 30.80 -40.63
N ILE R 38 -30.49 31.89 -40.07
CA ILE R 38 -31.17 33.17 -40.08
C ILE R 38 -30.54 34.02 -41.17
N TYR R 39 -31.33 34.38 -42.17
CA TYR R 39 -30.81 35.10 -43.32
C TYR R 39 -30.21 36.43 -42.90
N GLY R 40 -28.94 36.62 -43.23
CA GLY R 40 -28.18 37.75 -42.76
C GLY R 40 -27.26 37.46 -41.59
N GLU R 41 -27.28 36.25 -41.06
CA GLU R 41 -26.46 35.90 -39.90
C GLU R 41 -25.57 34.70 -40.17
N GLU R 42 -25.28 34.40 -41.43
CA GLU R 42 -24.53 33.20 -41.77
C GLU R 42 -23.10 33.27 -41.26
N LEU R 43 -22.54 32.10 -40.93
CA LEU R 43 -21.17 32.00 -40.45
C LEU R 43 -20.23 31.85 -41.64
N LYS R 44 -19.31 32.79 -41.79
CA LYS R 44 -18.29 32.75 -42.83
C LYS R 44 -16.94 32.99 -42.19
N PHE R 45 -15.95 32.21 -42.61
CA PHE R 45 -14.59 32.36 -42.11
C PHE R 45 -13.69 32.95 -43.19
N GLY R 46 -12.82 33.85 -42.78
CA GLY R 46 -11.91 34.50 -43.69
C GLY R 46 -11.57 35.88 -43.18
N GLY R 47 -10.83 36.61 -44.00
CA GLY R 47 -10.45 37.97 -43.65
C GLY R 47 -11.63 38.91 -43.77
N GLY R 48 -11.94 39.64 -42.71
CA GLY R 48 -13.04 40.58 -42.71
C GLY R 48 -14.41 39.96 -42.62
N LYS R 49 -14.50 38.68 -42.32
CA LYS R 49 -15.78 37.97 -42.31
C LYS R 49 -16.31 37.86 -40.89
N THR R 50 -17.34 37.03 -40.72
CA THR R 50 -18.11 37.05 -39.48
C THR R 50 -17.46 36.27 -38.34
N LEU R 51 -16.78 35.17 -38.66
CA LEU R 51 -16.25 34.29 -37.61
C LEU R 51 -15.03 34.89 -36.94
N ARG R 52 -15.22 36.00 -36.22
CA ARG R 52 -14.14 36.73 -35.61
C ARG R 52 -14.50 37.10 -34.18
N GLU R 53 -13.47 37.41 -33.40
CA GLU R 53 -13.63 37.74 -32.00
C GLU R 53 -14.64 38.87 -31.81
N GLY R 54 -15.70 38.58 -31.06
CA GLY R 54 -16.70 39.57 -30.75
C GLY R 54 -17.87 39.66 -31.71
N MET R 55 -17.84 38.95 -32.83
CA MET R 55 -18.94 38.98 -33.78
C MET R 55 -19.67 37.65 -33.89
N SER R 56 -18.99 36.60 -34.33
CA SER R 56 -19.56 35.26 -34.36
C SER R 56 -18.83 34.29 -33.48
N GLN R 57 -17.57 34.53 -33.16
CA GLN R 57 -16.91 33.88 -32.05
C GLN R 57 -17.18 34.70 -30.79
N SER R 58 -17.70 34.04 -29.77
CA SER R 58 -18.10 34.73 -28.56
C SER R 58 -16.88 35.09 -27.71
N ASN R 59 -16.92 36.28 -27.12
CA ASN R 59 -15.97 36.65 -26.09
C ASN R 59 -16.40 36.19 -24.71
N ASN R 60 -17.64 35.75 -24.56
CA ASN R 60 -18.16 35.18 -23.32
C ASN R 60 -18.89 33.89 -23.67
N PRO R 61 -18.16 32.86 -24.06
CA PRO R 61 -18.82 31.65 -24.58
C PRO R 61 -19.53 30.88 -23.49
N SER R 62 -20.48 30.05 -23.92
CA SER R 62 -21.08 29.11 -23.00
C SER R 62 -20.05 28.07 -22.56
N LYS R 63 -20.42 27.27 -21.57
CA LYS R 63 -19.51 26.24 -21.11
C LYS R 63 -19.50 25.00 -22.00
N GLU R 64 -20.48 24.88 -22.90
CA GLU R 64 -20.52 23.82 -23.90
C GLU R 64 -19.92 24.28 -25.22
N GLU R 65 -18.88 25.10 -25.13
CA GLU R 65 -18.22 25.64 -26.30
C GLU R 65 -17.70 24.54 -27.22
N LEU R 66 -17.90 24.73 -28.51
CA LEU R 66 -17.56 23.72 -29.51
C LEU R 66 -16.06 23.64 -29.75
N ASP R 67 -15.59 22.44 -30.08
CA ASP R 67 -14.23 22.28 -30.55
C ASP R 67 -14.13 22.59 -32.04
N LEU R 68 -15.13 22.18 -32.80
CA LEU R 68 -15.14 22.29 -34.25
C LEU R 68 -16.56 22.60 -34.69
N ILE R 69 -16.70 23.50 -35.65
CA ILE R 69 -17.99 23.79 -36.26
C ILE R 69 -17.85 23.74 -37.77
N ILE R 70 -18.82 23.11 -38.42
CA ILE R 70 -18.90 23.06 -39.88
C ILE R 70 -20.04 23.98 -40.28
N THR R 71 -19.71 25.04 -41.01
CA THR R 71 -20.67 26.07 -41.31
C THR R 71 -21.32 25.83 -42.66
N ASN R 72 -22.64 26.06 -42.72
CA ASN R 72 -23.39 26.11 -43.98
C ASN R 72 -23.32 24.78 -44.73
N ALA R 73 -23.39 23.69 -43.99
CA ALA R 73 -23.29 22.37 -44.56
C ALA R 73 -24.65 21.89 -45.05
N LEU R 74 -24.66 21.27 -46.22
CA LEU R 74 -25.83 20.55 -46.70
C LEU R 74 -25.75 19.12 -46.20
N ILE R 75 -26.61 18.76 -45.26
CA ILE R 75 -26.61 17.44 -44.68
C ILE R 75 -27.48 16.51 -45.53
N VAL R 76 -26.90 15.41 -45.97
CA VAL R 76 -27.65 14.35 -46.63
C VAL R 76 -27.61 13.14 -45.71
N ASP R 77 -28.75 12.85 -45.10
CA ASP R 77 -28.89 11.83 -44.08
C ASP R 77 -30.24 11.16 -44.29
N TYR R 78 -30.44 10.00 -43.67
CA TYR R 78 -31.76 9.39 -43.76
C TYR R 78 -32.80 10.18 -42.99
N THR R 79 -32.37 11.00 -42.04
CA THR R 79 -33.30 11.86 -41.32
C THR R 79 -33.70 13.11 -42.10
N GLY R 80 -33.05 13.40 -43.22
CA GLY R 80 -33.48 14.49 -44.06
C GLY R 80 -32.31 15.10 -44.83
N ILE R 81 -32.67 15.95 -45.78
CA ILE R 81 -31.71 16.66 -46.62
C ILE R 81 -31.94 18.15 -46.36
N TYR R 82 -31.03 18.77 -45.60
CA TYR R 82 -31.27 20.11 -45.10
C TYR R 82 -29.94 20.82 -44.84
N LYS R 83 -30.03 22.13 -44.68
CA LYS R 83 -28.87 22.98 -44.41
C LYS R 83 -28.81 23.33 -42.94
N ALA R 84 -27.62 23.19 -42.34
CA ALA R 84 -27.42 23.54 -40.95
C ALA R 84 -25.93 23.73 -40.70
N ASP R 85 -25.61 24.11 -39.47
CA ASP R 85 -24.24 24.07 -38.97
C ASP R 85 -24.11 22.89 -38.04
N ILE R 86 -22.99 22.18 -38.16
CA ILE R 86 -22.72 21.01 -37.33
C ILE R 86 -21.63 21.39 -36.34
N GLY R 87 -21.92 21.23 -35.06
CA GLY R 87 -20.97 21.48 -34.00
C GLY R 87 -20.47 20.16 -33.42
N ILE R 88 -19.16 20.08 -33.23
CA ILE R 88 -18.51 18.88 -32.72
C ILE R 88 -17.84 19.25 -31.40
N LYS R 89 -18.10 18.45 -30.37
CA LYS R 89 -17.46 18.63 -29.07
C LYS R 89 -17.12 17.28 -28.50
N ASP R 90 -15.84 17.06 -28.22
CA ASP R 90 -15.35 15.85 -27.55
C ASP R 90 -15.65 14.58 -28.35
N GLY R 91 -15.46 14.65 -29.66
CA GLY R 91 -15.62 13.50 -30.52
C GLY R 91 -17.04 13.16 -30.87
N LYS R 92 -18.02 13.83 -30.28
CA LYS R 92 -19.43 13.61 -30.57
C LYS R 92 -19.98 14.78 -31.36
N ILE R 93 -21.12 14.54 -31.99
CA ILE R 93 -21.89 15.62 -32.61
C ILE R 93 -22.66 16.32 -31.49
N ALA R 94 -22.29 17.56 -31.19
CA ALA R 94 -22.89 18.29 -30.08
C ALA R 94 -24.16 19.03 -30.45
N GLY R 95 -24.27 19.50 -31.69
CA GLY R 95 -25.46 20.24 -32.09
C GLY R 95 -25.58 20.34 -33.58
N ILE R 96 -26.82 20.48 -34.04
CA ILE R 96 -27.14 20.71 -35.45
C ILE R 96 -28.11 21.88 -35.48
N GLY R 97 -27.73 22.94 -36.18
CA GLY R 97 -28.60 24.09 -36.23
C GLY R 97 -27.94 25.38 -36.65
N LYS R 98 -28.20 26.45 -35.90
CA LYS R 98 -27.76 27.78 -36.34
C LYS R 98 -26.29 28.01 -36.05
N GLY R 99 -25.89 27.98 -34.79
CA GLY R 99 -24.48 28.16 -34.47
C GLY R 99 -24.01 29.60 -34.55
N GLY R 100 -23.19 30.01 -33.60
CA GLY R 100 -22.69 31.38 -33.60
C GLY R 100 -22.48 31.98 -32.23
N ASN R 101 -22.69 33.28 -32.12
CA ASN R 101 -22.43 34.03 -30.90
C ASN R 101 -23.74 34.62 -30.39
N LYS R 102 -24.10 34.26 -29.17
CA LYS R 102 -25.33 34.74 -28.57
C LYS R 102 -25.28 36.22 -28.22
N ASP R 103 -24.09 36.80 -28.08
CA ASP R 103 -23.97 38.23 -27.79
C ASP R 103 -24.43 39.09 -28.94
N MET R 104 -24.27 38.62 -30.18
CA MET R 104 -24.53 39.45 -31.35
C MET R 104 -25.56 38.86 -32.30
N GLN R 105 -26.09 37.67 -32.02
CA GLN R 105 -27.00 36.99 -32.94
C GLN R 105 -28.13 36.34 -32.16
N ASP R 106 -29.28 36.20 -32.82
CA ASP R 106 -30.53 35.89 -32.12
C ASP R 106 -30.66 34.42 -31.76
N GLY R 107 -30.69 33.54 -32.76
CA GLY R 107 -31.09 32.18 -32.49
C GLY R 107 -29.99 31.17 -32.21
N VAL R 108 -29.18 31.41 -31.18
CA VAL R 108 -28.03 30.56 -30.87
C VAL R 108 -28.27 29.88 -29.53
N LYS R 109 -28.26 28.55 -29.54
CA LYS R 109 -28.43 27.76 -28.33
C LYS R 109 -27.07 27.36 -27.76
N ASN R 110 -27.07 27.03 -26.47
CA ASN R 110 -25.82 26.85 -25.75
C ASN R 110 -24.97 25.73 -26.32
N ASN R 111 -25.58 24.74 -26.96
CA ASN R 111 -24.80 23.63 -27.50
C ASN R 111 -24.18 23.97 -28.85
N LEU R 112 -24.49 25.12 -29.43
CA LEU R 112 -23.93 25.52 -30.73
C LEU R 112 -23.13 26.80 -30.63
N SER R 113 -22.55 27.06 -29.46
CA SER R 113 -21.83 28.30 -29.20
C SER R 113 -20.40 28.21 -29.75
N VAL R 114 -20.03 29.20 -30.55
CA VAL R 114 -18.68 29.33 -31.08
C VAL R 114 -17.90 30.25 -30.17
N GLY R 115 -16.80 29.77 -29.63
CA GLY R 115 -15.96 30.56 -28.78
C GLY R 115 -14.51 30.50 -29.23
N PRO R 116 -13.61 30.95 -28.36
CA PRO R 116 -12.18 30.94 -28.72
C PRO R 116 -11.58 29.57 -28.87
N ALA R 117 -12.23 28.52 -28.38
CA ALA R 117 -11.71 27.16 -28.48
C ALA R 117 -12.19 26.43 -29.72
N THR R 118 -12.92 27.09 -30.61
CA THR R 118 -13.57 26.44 -31.74
C THR R 118 -12.73 26.57 -33.00
N GLU R 119 -12.56 25.46 -33.70
CA GLU R 119 -11.98 25.46 -35.04
C GLU R 119 -13.10 25.59 -36.08
N ALA R 120 -12.78 26.26 -37.18
CA ALA R 120 -13.76 26.53 -38.23
C ALA R 120 -13.48 25.66 -39.45
N LEU R 121 -14.52 24.99 -39.93
CA LEU R 121 -14.47 24.22 -41.17
C LEU R 121 -15.58 24.71 -42.07
N ALA R 122 -15.22 25.23 -43.24
CA ALA R 122 -16.21 25.77 -44.16
C ALA R 122 -16.88 24.64 -44.93
N GLY R 123 -18.20 24.64 -44.95
CA GLY R 123 -18.94 23.62 -45.65
C GLY R 123 -19.89 24.16 -46.71
N GLU R 124 -19.80 25.46 -46.98
CA GLU R 124 -20.68 26.06 -47.97
C GLU R 124 -20.43 25.45 -49.33
N GLY R 125 -21.50 25.05 -50.01
CA GLY R 125 -21.40 24.35 -51.26
C GLY R 125 -20.97 22.91 -51.16
N LEU R 126 -20.92 22.35 -49.97
CA LEU R 126 -20.50 20.97 -49.76
C LEU R 126 -21.61 20.16 -49.12
N ILE R 127 -21.47 18.84 -49.23
CA ILE R 127 -22.41 17.88 -48.67
C ILE R 127 -21.74 17.16 -47.51
N VAL R 128 -22.48 16.98 -46.42
CA VAL R 128 -22.02 16.19 -45.29
C VAL R 128 -22.91 14.97 -45.17
N THR R 129 -22.32 13.78 -45.22
CA THR R 129 -22.99 12.54 -44.91
C THR R 129 -22.26 11.86 -43.75
N ALA R 130 -22.92 10.87 -43.17
CA ALA R 130 -22.25 10.02 -42.21
C ALA R 130 -21.21 9.15 -42.90
N GLY R 131 -20.20 8.73 -42.13
CA GLY R 131 -19.24 7.78 -42.66
C GLY R 131 -19.92 6.47 -43.02
N GLY R 132 -19.45 5.86 -44.10
CA GLY R 132 -20.00 4.60 -44.54
C GLY R 132 -19.62 3.46 -43.60
N ILE R 133 -20.44 2.42 -43.62
CA ILE R 133 -20.23 1.24 -42.79
C ILE R 133 -20.24 0.02 -43.70
N ASP R 134 -19.13 -0.69 -43.74
CA ASP R 134 -18.97 -1.88 -44.56
C ASP R 134 -18.97 -3.09 -43.64
N THR R 135 -19.93 -4.00 -43.83
CA THR R 135 -20.15 -5.10 -42.91
C THR R 135 -19.78 -6.46 -43.49
N HIS R 136 -19.09 -6.50 -44.62
CA HIS R 136 -18.70 -7.76 -45.25
C HIS R 136 -17.23 -7.72 -45.64
N ILE R 137 -16.38 -7.40 -44.69
CA ILE R 137 -14.94 -7.28 -44.92
C ILE R 137 -14.27 -8.63 -44.72
N HIS R 138 -13.53 -9.08 -45.73
CA HIS R 138 -12.54 -10.14 -45.56
C HIS R 138 -11.21 -9.47 -45.22
N PHE R 139 -10.77 -9.62 -43.97
CA PHE R 139 -9.51 -9.00 -43.55
C PHE R 139 -8.35 -9.80 -44.14
N ILE R 140 -8.12 -9.57 -45.43
CA ILE R 140 -7.11 -10.29 -46.19
C ILE R 140 -5.80 -9.53 -46.25
N SER R 141 -5.86 -8.21 -46.43
CA SER R 141 -4.67 -7.38 -46.40
C SER R 141 -4.99 -6.09 -45.67
N PRO R 142 -4.04 -5.58 -44.87
CA PRO R 142 -4.26 -4.27 -44.21
C PRO R 142 -4.46 -3.14 -45.19
N GLN R 143 -3.95 -3.25 -46.42
CA GLN R 143 -4.08 -2.19 -47.40
C GLN R 143 -5.52 -1.95 -47.83
N GLN R 144 -6.43 -2.86 -47.53
CA GLN R 144 -7.85 -2.61 -47.76
C GLN R 144 -8.36 -1.43 -46.94
N ILE R 145 -7.84 -1.27 -45.73
CA ILE R 145 -8.38 -0.25 -44.82
C ILE R 145 -8.16 1.17 -45.36
N PRO R 146 -6.96 1.57 -45.79
CA PRO R 146 -6.84 2.89 -46.43
C PRO R 146 -7.66 3.05 -47.68
N THR R 147 -7.84 1.97 -48.46
CA THR R 147 -8.62 2.06 -49.68
C THR R 147 -10.09 2.34 -49.38
N ALA R 148 -10.65 1.64 -48.40
CA ALA R 148 -12.03 1.90 -48.02
C ALA R 148 -12.17 3.25 -47.35
N PHE R 149 -11.14 3.69 -46.61
CA PHE R 149 -11.18 4.99 -45.97
C PHE R 149 -11.27 6.12 -47.00
N ALA R 150 -10.50 6.02 -48.09
CA ALA R 150 -10.48 7.07 -49.09
C ALA R 150 -11.76 7.14 -49.91
N SER R 151 -12.62 6.13 -49.83
CA SER R 151 -13.87 6.12 -50.55
C SER R 151 -15.05 6.61 -49.71
N GLY R 152 -14.85 6.87 -48.43
CA GLY R 152 -15.91 7.34 -47.56
C GLY R 152 -16.40 6.36 -46.51
N VAL R 153 -15.72 5.23 -46.33
CA VAL R 153 -16.10 4.25 -45.31
C VAL R 153 -15.31 4.51 -44.05
N THR R 154 -15.99 4.60 -42.92
CA THR R 154 -15.35 4.83 -41.63
C THR R 154 -15.46 3.69 -40.63
N THR R 155 -16.26 2.66 -40.92
CA THR R 155 -16.36 1.48 -40.08
C THR R 155 -16.27 0.26 -40.96
N MET R 156 -15.39 -0.67 -40.62
CA MET R 156 -15.29 -1.96 -41.28
C MET R 156 -15.60 -3.07 -40.28
N ILE R 157 -16.57 -3.91 -40.62
CA ILE R 157 -16.93 -5.07 -39.82
C ILE R 157 -16.73 -6.32 -40.67
N GLY R 158 -16.07 -7.31 -40.11
CA GLY R 158 -15.82 -8.54 -40.83
C GLY R 158 -14.94 -9.48 -40.04
N GLY R 159 -14.25 -10.37 -40.73
CA GLY R 159 -13.36 -11.30 -40.05
C GLY R 159 -12.24 -11.72 -40.97
N GLY R 160 -11.23 -12.31 -40.36
CA GLY R 160 -10.08 -12.81 -41.08
C GLY R 160 -8.82 -12.65 -40.26
N THR R 161 -7.77 -13.34 -40.67
CA THR R 161 -6.47 -13.24 -40.04
C THR R 161 -5.38 -12.80 -41.00
N GLY R 162 -5.71 -12.63 -42.28
CA GLY R 162 -4.71 -12.30 -43.27
C GLY R 162 -4.91 -13.09 -44.54
N PRO R 163 -3.86 -13.22 -45.32
CA PRO R 163 -4.00 -13.86 -46.64
C PRO R 163 -4.05 -15.38 -46.58
N ALA R 164 -4.39 -15.93 -45.43
CA ALA R 164 -4.64 -17.36 -45.30
C ALA R 164 -5.86 -17.78 -46.11
N ASP R 165 -5.85 -19.05 -46.53
CA ASP R 165 -6.91 -19.55 -47.41
C ASP R 165 -8.27 -19.53 -46.74
N GLY R 166 -8.32 -19.75 -45.42
CA GLY R 166 -9.57 -19.64 -44.70
C GLY R 166 -10.15 -18.24 -44.75
N THR R 167 -9.28 -17.23 -44.66
CA THR R 167 -9.73 -15.85 -44.76
C THR R 167 -10.05 -15.45 -46.19
N ASN R 168 -9.31 -15.98 -47.17
CA ASN R 168 -9.62 -15.68 -48.57
C ASN R 168 -11.02 -16.12 -48.95
N ALA R 169 -11.60 -17.06 -48.20
CA ALA R 169 -12.95 -17.54 -48.43
C ALA R 169 -13.97 -16.97 -47.45
N THR R 170 -13.60 -16.76 -46.21
CA THR R 170 -14.55 -16.48 -45.15
C THR R 170 -14.18 -15.22 -44.38
N THR R 171 -15.20 -14.52 -43.89
CA THR R 171 -15.01 -13.38 -42.98
C THR R 171 -15.00 -13.84 -41.54
N ILE R 172 -14.05 -14.70 -41.22
CA ILE R 172 -14.03 -15.37 -39.93
C ILE R 172 -12.68 -15.12 -39.26
N THR R 173 -12.72 -14.67 -38.01
CA THR R 173 -11.55 -14.64 -37.15
C THR R 173 -11.72 -15.74 -36.11
N PRO R 174 -11.11 -16.90 -36.30
CA PRO R 174 -11.47 -18.06 -35.47
C PRO R 174 -10.71 -18.15 -34.16
N GLY R 175 -11.43 -18.08 -33.05
CA GLY R 175 -10.87 -18.42 -31.76
C GLY R 175 -10.28 -17.23 -31.02
N ARG R 176 -10.05 -17.46 -29.73
CA ARG R 176 -9.63 -16.40 -28.81
C ARG R 176 -8.27 -15.84 -29.20
N ARG R 177 -7.31 -16.70 -29.51
CA ARG R 177 -5.95 -16.23 -29.82
C ARG R 177 -5.92 -15.41 -31.11
N ASN R 178 -6.62 -15.87 -32.14
CA ASN R 178 -6.67 -15.10 -33.37
C ASN R 178 -7.42 -13.79 -33.20
N LEU R 179 -8.46 -13.80 -32.36
CA LEU R 179 -9.13 -12.55 -32.01
C LEU R 179 -8.18 -11.59 -31.33
N LYS R 180 -7.35 -12.09 -30.41
CA LYS R 180 -6.37 -11.23 -29.75
C LYS R 180 -5.36 -10.67 -30.74
N TRP R 181 -4.90 -11.51 -31.68
CA TRP R 181 -4.02 -11.02 -32.73
C TRP R 181 -4.64 -9.86 -33.47
N MET R 182 -5.87 -10.02 -33.94
CA MET R 182 -6.48 -8.99 -34.77
C MET R 182 -6.85 -7.74 -33.96
N LEU R 183 -7.27 -7.91 -32.71
CA LEU R 183 -7.59 -6.77 -31.86
C LEU R 183 -6.36 -5.95 -31.54
N ARG R 184 -5.21 -6.59 -31.35
CA ARG R 184 -3.99 -5.82 -31.12
C ARG R 184 -3.43 -5.25 -32.41
N ALA R 185 -3.66 -5.90 -33.55
CA ALA R 185 -3.26 -5.29 -34.81
C ALA R 185 -4.11 -4.06 -35.13
N ALA R 186 -5.37 -4.05 -34.68
CA ALA R 186 -6.30 -2.97 -35.04
C ALA R 186 -5.83 -1.61 -34.56
N GLU R 187 -5.02 -1.56 -33.50
CA GLU R 187 -4.48 -0.32 -32.96
C GLU R 187 -3.74 0.52 -34.00
N GLU R 188 -3.41 -0.04 -35.15
CA GLU R 188 -2.66 0.64 -36.19
C GLU R 188 -3.51 1.61 -37.00
N TYR R 189 -4.80 1.35 -37.15
CA TYR R 189 -5.54 1.83 -38.31
C TYR R 189 -6.48 2.98 -37.97
N SER R 190 -6.78 3.77 -39.00
CA SER R 190 -7.80 4.81 -38.96
C SER R 190 -9.07 4.23 -39.57
N MET R 191 -9.82 3.53 -38.72
CA MET R 191 -11.06 2.87 -39.09
C MET R 191 -11.69 2.33 -37.82
N ASN R 192 -13.02 2.41 -37.73
CA ASN R 192 -13.72 1.65 -36.70
C ASN R 192 -13.77 0.18 -37.11
N LEU R 193 -13.45 -0.70 -36.18
CA LEU R 193 -13.30 -2.11 -36.48
C LEU R 193 -14.08 -2.98 -35.51
N GLY R 194 -14.65 -4.05 -36.04
CA GLY R 194 -15.24 -5.11 -35.23
C GLY R 194 -15.09 -6.42 -35.97
N PHE R 195 -14.98 -7.50 -35.22
CA PHE R 195 -14.60 -8.78 -35.79
C PHE R 195 -15.66 -9.84 -35.53
N LEU R 196 -15.91 -10.66 -36.54
CA LEU R 196 -16.83 -11.78 -36.46
C LEU R 196 -16.07 -13.07 -36.19
N ALA R 197 -16.64 -13.91 -35.33
CA ALA R 197 -16.04 -15.18 -34.95
C ALA R 197 -16.54 -16.30 -35.86
N LYS R 198 -16.04 -17.52 -35.62
CA LYS R 198 -16.50 -18.67 -36.36
C LYS R 198 -17.80 -19.20 -35.74
N GLY R 199 -18.86 -19.23 -36.54
CA GLY R 199 -20.13 -19.78 -36.08
C GLY R 199 -20.32 -21.21 -36.50
N ASN R 200 -19.40 -21.71 -37.32
CA ASN R 200 -19.51 -23.06 -37.90
C ASN R 200 -18.99 -24.09 -36.91
N THR R 201 -19.75 -24.28 -35.85
CA THR R 201 -19.48 -25.36 -34.92
C THR R 201 -20.78 -25.69 -34.20
N SER R 202 -20.85 -26.91 -33.68
CA SER R 202 -21.98 -27.35 -32.87
C SER R 202 -21.64 -27.35 -31.39
N ASN R 203 -20.46 -26.87 -31.02
CA ASN R 203 -20.05 -26.81 -29.62
C ASN R 203 -20.41 -25.45 -29.05
N ASP R 204 -21.32 -25.43 -28.08
CA ASP R 204 -21.78 -24.16 -27.51
C ASP R 204 -20.68 -23.47 -26.74
N ALA R 205 -19.85 -24.24 -26.02
CA ALA R 205 -18.77 -23.63 -25.24
C ALA R 205 -17.77 -22.93 -26.15
N SER R 206 -17.43 -23.55 -27.28
CA SER R 206 -16.52 -22.93 -28.23
C SER R 206 -17.11 -21.65 -28.80
N LEU R 207 -18.41 -21.64 -29.08
CA LEU R 207 -19.07 -20.43 -29.57
C LEU R 207 -19.04 -19.32 -28.53
N ALA R 208 -19.36 -19.66 -27.29
CA ALA R 208 -19.44 -18.64 -26.24
C ALA R 208 -18.06 -18.04 -25.95
N ASP R 209 -17.02 -18.86 -26.02
CA ASP R 209 -15.68 -18.39 -25.71
C ASP R 209 -15.23 -17.31 -26.68
N GLN R 210 -15.56 -17.46 -27.96
CA GLN R 210 -15.18 -16.46 -28.96
C GLN R 210 -15.85 -15.12 -28.70
N ILE R 211 -17.12 -15.15 -28.29
CA ILE R 211 -17.81 -13.90 -27.98
C ILE R 211 -17.19 -13.22 -26.78
N GLU R 212 -16.90 -13.99 -25.73
CA GLU R 212 -16.26 -13.44 -24.54
C GLU R 212 -14.84 -12.99 -24.81
N ALA R 213 -14.23 -13.45 -25.90
CA ALA R 213 -12.89 -13.04 -26.31
C ALA R 213 -12.88 -11.77 -27.15
N GLY R 214 -14.04 -11.17 -27.41
CA GLY R 214 -14.10 -9.87 -28.06
C GLY R 214 -14.81 -9.81 -29.40
N ALA R 215 -15.33 -10.91 -29.94
CA ALA R 215 -16.01 -10.86 -31.22
C ALA R 215 -17.40 -10.24 -31.06
N ILE R 216 -17.84 -9.53 -32.11
CA ILE R 216 -19.16 -8.90 -32.09
C ILE R 216 -20.23 -9.76 -32.74
N GLY R 217 -19.89 -10.96 -33.19
CA GLY R 217 -20.88 -11.81 -33.79
C GLY R 217 -20.23 -13.01 -34.46
N PHE R 218 -21.06 -13.77 -35.15
CA PHE R 218 -20.64 -14.97 -35.84
C PHE R 218 -20.81 -14.85 -37.34
N KCX R 219 -19.92 -15.49 -38.06
CA KCX R 219 -20.12 -15.75 -39.48
CB KCX R 219 -18.97 -15.21 -40.33
CG KCX R 219 -19.06 -15.53 -41.80
CD KCX R 219 -20.26 -14.89 -42.46
CE KCX R 219 -20.27 -15.11 -43.96
NZ KCX R 219 -19.04 -14.55 -44.60
C KCX R 219 -20.29 -17.25 -39.67
O KCX R 219 -19.51 -18.03 -39.16
CX KCX R 219 -18.90 -14.53 -45.92
OQ1 KCX R 219 -17.87 -14.06 -46.42
OQ2 KCX R 219 -19.79 -14.96 -46.65
N ILE R 220 -21.34 -17.63 -40.39
CA ILE R 220 -21.52 -19.01 -40.79
C ILE R 220 -21.25 -19.08 -42.28
N HIS R 221 -20.23 -19.81 -42.67
CA HIS R 221 -19.79 -19.87 -44.05
C HIS R 221 -19.74 -21.32 -44.51
N GLU R 222 -20.21 -21.57 -45.74
CA GLU R 222 -20.30 -22.94 -46.22
C GLU R 222 -18.95 -23.61 -46.34
N ASP R 223 -17.87 -22.84 -46.50
CA ASP R 223 -16.54 -23.41 -46.57
C ASP R 223 -16.10 -24.04 -45.25
N TRP R 224 -16.69 -23.62 -44.13
CA TRP R 224 -16.51 -24.29 -42.86
C TRP R 224 -17.68 -25.22 -42.53
N GLY R 225 -18.67 -25.28 -43.41
CA GLY R 225 -19.80 -26.18 -43.30
C GLY R 225 -21.04 -25.51 -42.74
N THR R 226 -21.93 -25.06 -43.63
CA THR R 226 -23.17 -24.41 -43.20
C THR R 226 -24.23 -25.49 -43.10
N THR R 227 -24.34 -26.06 -41.94
CA THR R 227 -25.29 -27.10 -41.67
C THR R 227 -26.36 -26.57 -40.72
N PRO R 228 -27.57 -27.15 -40.77
CA PRO R 228 -28.63 -26.70 -39.84
C PRO R 228 -28.23 -26.80 -38.38
N SER R 229 -27.45 -27.80 -38.00
CA SER R 229 -27.03 -27.96 -36.61
C SER R 229 -26.18 -26.77 -36.16
N ALA R 230 -25.19 -26.40 -36.98
CA ALA R 230 -24.33 -25.27 -36.63
C ALA R 230 -25.12 -23.96 -36.60
N ILE R 231 -26.05 -23.78 -37.54
CA ILE R 231 -26.89 -22.59 -37.57
C ILE R 231 -27.69 -22.49 -36.28
N ASN R 232 -28.31 -23.60 -35.88
CA ASN R 232 -29.14 -23.62 -34.68
C ASN R 232 -28.32 -23.28 -33.44
N HIS R 233 -27.17 -23.92 -33.28
CA HIS R 233 -26.33 -23.67 -32.12
C HIS R 233 -25.83 -22.22 -32.08
N ALA R 234 -25.37 -21.72 -33.23
CA ALA R 234 -24.84 -20.35 -33.28
C ALA R 234 -25.92 -19.34 -32.95
N LEU R 235 -27.14 -19.54 -33.45
CA LEU R 235 -28.23 -18.63 -33.13
C LEU R 235 -28.58 -18.68 -31.65
N ASP R 236 -28.56 -19.88 -31.05
CA ASP R 236 -28.84 -19.97 -29.61
C ASP R 236 -27.83 -19.18 -28.79
N VAL R 237 -26.54 -19.36 -29.10
CA VAL R 237 -25.50 -18.63 -28.35
C VAL R 237 -25.64 -17.12 -28.60
N ALA R 238 -25.88 -16.72 -29.84
CA ALA R 238 -26.01 -15.30 -30.15
C ALA R 238 -27.18 -14.67 -29.41
N ASP R 239 -28.30 -15.39 -29.30
CA ASP R 239 -29.41 -14.89 -28.51
C ASP R 239 -29.03 -14.75 -27.04
N LYS R 240 -28.20 -15.66 -26.53
CA LYS R 240 -27.76 -15.49 -25.14
C LYS R 240 -26.79 -14.33 -24.95
N TYR R 241 -26.05 -13.92 -25.99
CA TYR R 241 -25.03 -12.89 -25.84
C TYR R 241 -25.36 -11.59 -26.55
N ASP R 242 -26.47 -11.50 -27.28
CA ASP R 242 -26.91 -10.28 -27.96
C ASP R 242 -25.86 -9.82 -28.98
N VAL R 243 -25.52 -10.71 -29.90
CA VAL R 243 -24.62 -10.40 -30.99
C VAL R 243 -25.27 -10.87 -32.29
N GLN R 244 -24.82 -10.31 -33.40
CA GLN R 244 -25.43 -10.61 -34.68
C GLN R 244 -24.83 -11.88 -35.29
N VAL R 245 -25.60 -12.53 -36.16
CA VAL R 245 -25.14 -13.68 -36.92
C VAL R 245 -25.26 -13.35 -38.39
N ALA R 246 -24.19 -13.59 -39.13
CA ALA R 246 -24.18 -13.50 -40.58
C ALA R 246 -23.98 -14.88 -41.17
N ILE R 247 -24.58 -15.12 -42.34
CA ILE R 247 -24.59 -16.46 -42.92
C ILE R 247 -24.27 -16.40 -44.41
N HIS R 248 -23.43 -17.33 -44.84
CA HIS R 248 -23.17 -17.64 -46.24
C HIS R 248 -23.63 -19.08 -46.43
N THR R 249 -24.77 -19.27 -47.07
CA THR R 249 -25.47 -20.55 -47.02
C THR R 249 -24.85 -21.56 -47.99
N ASP R 250 -25.36 -22.78 -47.93
CA ASP R 250 -24.82 -23.92 -48.67
C ASP R 250 -25.28 -23.86 -50.13
N THR R 251 -24.36 -23.55 -51.04
CA THR R 251 -24.70 -23.50 -52.45
C THR R 251 -24.98 -24.88 -53.02
N LEU R 252 -24.37 -25.91 -52.46
CA LEU R 252 -24.48 -27.25 -53.01
C LEU R 252 -25.74 -27.98 -52.56
N ASN R 253 -26.54 -27.38 -51.66
CA ASN R 253 -27.72 -28.03 -51.09
C ASN R 253 -27.37 -29.35 -50.44
N GLU R 254 -26.19 -29.44 -49.83
CA GLU R 254 -25.69 -30.71 -49.35
C GLU R 254 -26.52 -31.24 -48.20
N ALA R 255 -26.76 -30.42 -47.18
CA ALA R 255 -27.56 -30.83 -46.04
C ALA R 255 -29.03 -30.46 -46.18
N GLY R 256 -29.39 -29.74 -47.22
CA GLY R 256 -30.75 -29.28 -47.37
C GLY R 256 -30.82 -28.10 -48.31
N CYS R 257 -32.04 -27.71 -48.60
CA CYS R 257 -32.32 -26.59 -49.48
C CYS R 257 -32.58 -25.34 -48.65
N VAL R 258 -33.05 -24.28 -49.31
CA VAL R 258 -33.17 -22.98 -48.66
C VAL R 258 -34.20 -23.02 -47.53
N GLU R 259 -35.28 -23.79 -47.71
CA GLU R 259 -36.30 -23.88 -46.68
C GLU R 259 -35.81 -24.62 -45.45
N ASP R 260 -34.91 -25.59 -45.62
CA ASP R 260 -34.28 -26.24 -44.46
C ASP R 260 -33.42 -25.25 -43.69
N THR R 261 -32.71 -24.37 -44.39
CA THR R 261 -31.93 -23.34 -43.72
C THR R 261 -32.85 -22.38 -42.97
N MET R 262 -33.97 -21.99 -43.58
CA MET R 262 -34.91 -21.11 -42.88
C MET R 262 -35.51 -21.80 -41.66
N ALA R 263 -35.74 -23.11 -41.77
CA ALA R 263 -36.22 -23.87 -40.61
C ALA R 263 -35.18 -23.91 -39.50
N ALA R 264 -33.90 -24.01 -39.87
CA ALA R 264 -32.86 -23.97 -38.85
C ALA R 264 -32.76 -22.59 -38.21
N ILE R 265 -32.98 -21.53 -39.00
CA ILE R 265 -32.98 -20.18 -38.44
C ILE R 265 -34.14 -20.01 -37.47
N ALA R 266 -35.28 -20.62 -37.77
CA ALA R 266 -36.41 -20.74 -36.85
C ALA R 266 -36.95 -19.38 -36.43
N GLY R 267 -36.95 -18.43 -37.36
CA GLY R 267 -37.55 -17.13 -37.10
C GLY R 267 -36.73 -16.19 -36.27
N ARG R 268 -35.44 -16.42 -36.14
CA ARG R 268 -34.55 -15.54 -35.39
C ARG R 268 -33.82 -14.59 -36.34
N THR R 269 -33.30 -13.50 -35.77
CA THR R 269 -32.66 -12.47 -36.57
C THR R 269 -31.41 -13.01 -37.25
N MET R 270 -31.28 -12.76 -38.54
CA MET R 270 -30.14 -13.23 -39.32
C MET R 270 -29.80 -12.19 -40.37
N HIS R 271 -28.50 -11.98 -40.58
CA HIS R 271 -27.99 -11.09 -41.62
C HIS R 271 -27.39 -11.95 -42.73
N THR R 272 -27.99 -11.89 -43.91
CA THR R 272 -27.56 -12.72 -45.03
C THR R 272 -26.66 -11.91 -45.96
N PHE R 273 -25.49 -12.47 -46.26
CA PHE R 273 -24.56 -11.87 -47.20
C PHE R 273 -24.87 -12.31 -48.62
N HIS R 274 -24.64 -11.40 -49.57
CA HIS R 274 -24.85 -11.63 -51.01
C HIS R 274 -26.09 -12.48 -51.26
N THR R 275 -27.23 -11.95 -50.81
CA THR R 275 -28.47 -12.70 -50.80
C THR R 275 -28.91 -13.11 -52.20
N GLU R 276 -28.45 -12.40 -53.23
CA GLU R 276 -28.83 -12.78 -54.59
C GLU R 276 -28.13 -14.07 -55.02
N GLY R 277 -26.98 -14.40 -54.43
CA GLY R 277 -26.42 -15.73 -54.54
C GLY R 277 -25.24 -15.89 -55.46
N ALA R 278 -24.86 -14.87 -56.23
CA ALA R 278 -23.65 -14.99 -57.04
C ALA R 278 -22.42 -15.17 -56.17
N GLY R 279 -22.41 -14.57 -54.98
CA GLY R 279 -21.35 -14.75 -54.02
C GLY R 279 -21.44 -16.00 -53.20
N GLY R 280 -22.42 -16.85 -53.47
CA GLY R 280 -22.63 -18.08 -52.71
C GLY R 280 -24.04 -18.10 -52.18
N GLY R 281 -24.54 -19.31 -51.96
CA GLY R 281 -25.89 -19.48 -51.43
C GLY R 281 -26.68 -20.52 -52.18
N HIS R 282 -27.74 -21.02 -51.57
CA HIS R 282 -28.53 -22.10 -52.13
C HIS R 282 -28.88 -21.85 -53.60
N ALA R 283 -28.36 -22.70 -54.47
CA ALA R 283 -28.65 -22.55 -55.89
C ALA R 283 -29.99 -23.22 -56.21
N PRO R 284 -30.91 -22.54 -56.89
CA PRO R 284 -30.73 -21.19 -57.42
C PRO R 284 -31.56 -20.14 -56.70
N ASP R 285 -32.04 -20.46 -55.50
CA ASP R 285 -33.16 -19.74 -54.92
C ASP R 285 -32.88 -19.19 -53.53
N ILE R 286 -31.63 -18.80 -53.25
CA ILE R 286 -31.35 -18.16 -51.97
C ILE R 286 -32.02 -16.80 -51.90
N ILE R 287 -32.22 -16.15 -53.05
CA ILE R 287 -32.73 -14.78 -53.08
C ILE R 287 -34.14 -14.68 -52.49
N LYS R 288 -34.84 -15.80 -52.35
CA LYS R 288 -36.21 -15.74 -51.84
C LYS R 288 -36.26 -15.29 -50.38
N VAL R 289 -35.20 -15.51 -49.61
CA VAL R 289 -35.21 -15.13 -48.21
C VAL R 289 -35.22 -13.63 -47.99
N ALA R 290 -35.00 -12.84 -49.06
CA ALA R 290 -34.99 -11.40 -48.94
C ALA R 290 -36.36 -10.81 -48.64
N GLY R 291 -37.43 -11.59 -48.73
CA GLY R 291 -38.75 -11.15 -48.35
C GLY R 291 -39.19 -11.51 -46.94
N GLU R 292 -38.36 -12.20 -46.18
CA GLU R 292 -38.75 -12.65 -44.85
C GLU R 292 -38.54 -11.56 -43.81
N HIS R 293 -39.37 -11.60 -42.77
CA HIS R 293 -39.33 -10.55 -41.76
C HIS R 293 -38.05 -10.61 -40.92
N ASN R 294 -37.58 -11.81 -40.60
CA ASN R 294 -36.45 -11.99 -39.71
C ASN R 294 -35.11 -11.92 -40.42
N ILE R 295 -35.08 -11.66 -41.72
CA ILE R 295 -33.85 -11.64 -42.49
C ILE R 295 -33.45 -10.19 -42.75
N LEU R 296 -32.16 -9.89 -42.57
CA LEU R 296 -31.60 -8.62 -43.00
C LEU R 296 -30.81 -8.86 -44.27
N PRO R 297 -31.38 -8.61 -45.44
CA PRO R 297 -30.71 -9.00 -46.69
C PRO R 297 -29.72 -7.97 -47.21
N ALA R 298 -28.49 -8.40 -47.44
CA ALA R 298 -27.45 -7.55 -47.99
C ALA R 298 -27.02 -8.07 -49.35
N SER R 299 -26.49 -7.16 -50.16
CA SER R 299 -25.89 -7.52 -51.44
C SER R 299 -24.45 -7.04 -51.48
N THR R 300 -23.64 -7.71 -52.27
CA THR R 300 -22.26 -7.32 -52.49
C THR R 300 -22.14 -6.56 -53.80
N ASN R 301 -21.18 -5.66 -53.86
CA ASN R 301 -21.09 -4.70 -54.96
C ASN R 301 -20.74 -5.29 -56.33
N PRO R 302 -20.05 -6.43 -56.45
CA PRO R 302 -19.75 -6.93 -57.81
C PRO R 302 -20.97 -7.20 -58.67
N THR R 303 -22.13 -7.48 -58.09
CA THR R 303 -23.32 -7.74 -58.89
C THR R 303 -24.16 -6.50 -59.16
N ILE R 304 -23.83 -5.36 -58.56
CA ILE R 304 -24.59 -4.14 -58.83
C ILE R 304 -23.67 -3.07 -59.38
N PRO R 305 -24.09 -2.30 -60.39
CA PRO R 305 -25.32 -2.58 -61.13
C PRO R 305 -25.11 -3.68 -62.15
N PHE R 306 -26.19 -4.24 -62.68
CA PHE R 306 -26.08 -5.27 -63.70
C PHE R 306 -25.70 -4.66 -65.03
N THR R 307 -24.61 -5.14 -65.62
CA THR R 307 -24.07 -4.58 -66.84
C THR R 307 -23.85 -5.68 -67.87
N VAL R 308 -23.42 -5.27 -69.06
CA VAL R 308 -23.18 -6.22 -70.15
C VAL R 308 -21.98 -7.11 -69.85
N ASN R 309 -21.01 -6.62 -69.10
CA ASN R 309 -19.81 -7.37 -68.79
C ASN R 309 -19.93 -8.17 -67.50
N THR R 310 -21.05 -8.07 -66.79
CA THR R 310 -21.15 -8.66 -65.46
C THR R 310 -21.10 -10.18 -65.51
N GLU R 311 -21.88 -10.79 -66.41
CA GLU R 311 -22.04 -12.24 -66.38
C GLU R 311 -20.74 -12.95 -66.73
N ALA R 312 -20.10 -12.56 -67.84
CA ALA R 312 -18.85 -13.20 -68.24
C ALA R 312 -17.78 -13.00 -67.18
N GLU R 313 -17.70 -11.81 -66.61
CA GLU R 313 -16.71 -11.54 -65.58
C GLU R 313 -16.93 -12.45 -64.37
N HIS R 314 -18.17 -12.58 -63.91
CA HIS R 314 -18.45 -13.43 -62.76
C HIS R 314 -18.20 -14.89 -63.08
N MET R 315 -18.51 -15.31 -64.30
CA MET R 315 -18.24 -16.69 -64.70
C MET R 315 -16.75 -16.99 -64.63
N ASP R 316 -15.94 -16.14 -65.26
CA ASP R 316 -14.50 -16.38 -65.24
C ASP R 316 -13.91 -16.26 -63.85
N MET R 317 -14.45 -15.35 -63.04
CA MET R 317 -13.99 -15.22 -61.66
C MET R 317 -14.29 -16.47 -60.87
N LEU R 318 -15.47 -17.04 -61.05
CA LEU R 318 -15.82 -18.28 -60.36
C LEU R 318 -14.94 -19.43 -60.81
N MET R 319 -14.63 -19.51 -62.11
CA MET R 319 -13.77 -20.59 -62.58
C MET R 319 -12.37 -20.50 -61.98
N VAL R 320 -11.95 -19.32 -61.55
CA VAL R 320 -10.60 -19.13 -61.03
C VAL R 320 -10.54 -19.40 -59.53
N CYS R 321 -11.47 -18.84 -58.76
CA CYS R 321 -11.41 -18.98 -57.31
C CYS R 321 -11.69 -20.41 -56.86
N HIS R 322 -12.51 -21.15 -57.60
CA HIS R 322 -12.83 -22.53 -57.28
C HIS R 322 -12.03 -23.54 -58.08
N HIS R 323 -11.08 -23.09 -58.91
CA HIS R 323 -10.21 -23.96 -59.68
C HIS R 323 -11.00 -24.94 -60.54
N LEU R 324 -12.01 -24.42 -61.23
CA LEU R 324 -12.86 -25.24 -62.07
C LEU R 324 -12.24 -25.41 -63.45
N ASP R 325 -12.71 -26.43 -64.17
CA ASP R 325 -12.22 -26.77 -65.50
C ASP R 325 -13.39 -26.73 -66.49
N LYS R 326 -13.14 -26.14 -67.65
CA LYS R 326 -14.19 -26.01 -68.66
C LYS R 326 -14.47 -27.32 -69.38
N SER R 327 -13.57 -28.29 -69.30
CA SER R 327 -13.76 -29.59 -69.94
C SER R 327 -14.52 -30.57 -69.08
N ILE R 328 -14.88 -30.20 -67.86
CA ILE R 328 -15.63 -31.05 -66.94
C ILE R 328 -17.06 -30.56 -66.91
N LYS R 329 -18.01 -31.45 -67.24
CA LYS R 329 -19.41 -31.03 -67.30
C LYS R 329 -19.96 -30.71 -65.91
N GLU R 330 -19.45 -31.37 -64.87
CA GLU R 330 -19.96 -31.10 -63.52
C GLU R 330 -19.54 -29.72 -63.05
N ASP R 331 -18.34 -29.27 -63.41
CA ASP R 331 -17.91 -27.91 -63.06
C ASP R 331 -18.74 -26.88 -63.81
N VAL R 332 -19.07 -27.15 -65.07
CA VAL R 332 -19.94 -26.25 -65.82
C VAL R 332 -21.32 -26.21 -65.19
N GLN R 333 -21.85 -27.37 -64.80
CA GLN R 333 -23.17 -27.40 -64.17
C GLN R 333 -23.19 -26.61 -62.86
N PHE R 334 -22.11 -26.73 -62.07
CA PHE R 334 -22.01 -25.91 -60.87
C PHE R 334 -21.98 -24.43 -61.21
N ALA R 335 -21.19 -24.05 -62.21
CA ALA R 335 -21.04 -22.65 -62.55
C ALA R 335 -22.34 -22.05 -63.07
N ASP R 336 -23.07 -22.80 -63.90
CA ASP R 336 -24.32 -22.28 -64.45
C ASP R 336 -25.37 -22.12 -63.36
N SER R 337 -25.45 -23.06 -62.42
CA SER R 337 -26.39 -22.93 -61.32
C SER R 337 -26.03 -21.79 -60.37
N ARG R 338 -24.83 -21.26 -60.46
CA ARG R 338 -24.31 -20.28 -59.52
C ARG R 338 -24.49 -18.84 -59.98
N ILE R 339 -24.28 -18.57 -61.28
CA ILE R 339 -24.19 -17.19 -61.73
C ILE R 339 -25.57 -16.58 -61.93
N ARG R 340 -26.37 -17.16 -62.82
CA ARG R 340 -27.77 -16.78 -63.00
C ARG R 340 -27.98 -15.30 -63.28
N PRO R 341 -27.75 -14.85 -64.52
CA PRO R 341 -27.99 -13.44 -64.85
C PRO R 341 -29.40 -12.98 -64.52
N GLN R 342 -30.33 -13.92 -64.38
CA GLN R 342 -31.70 -13.57 -64.00
C GLN R 342 -31.75 -12.99 -62.59
N THR R 343 -31.15 -13.67 -61.62
CA THR R 343 -31.14 -13.15 -60.26
C THR R 343 -30.31 -11.88 -60.16
N ILE R 344 -29.23 -11.79 -60.92
CA ILE R 344 -28.42 -10.57 -60.90
C ILE R 344 -29.23 -9.39 -61.41
N ALA R 345 -29.99 -9.60 -62.49
CA ALA R 345 -30.86 -8.55 -62.98
C ALA R 345 -31.94 -8.20 -61.95
N ALA R 346 -32.53 -9.21 -61.32
CA ALA R 346 -33.59 -8.96 -60.36
C ALA R 346 -33.08 -8.18 -59.14
N GLU R 347 -31.80 -8.33 -58.83
CA GLU R 347 -31.24 -7.73 -57.62
C GLU R 347 -31.28 -6.20 -57.66
N ASP R 348 -31.01 -5.60 -58.81
CA ASP R 348 -31.08 -4.15 -58.93
C ASP R 348 -32.49 -3.63 -58.63
N THR R 349 -33.50 -4.26 -59.23
CA THR R 349 -34.88 -3.85 -58.99
C THR R 349 -35.27 -4.08 -57.55
N LEU R 350 -34.80 -5.16 -56.94
CA LEU R 350 -35.10 -5.40 -55.53
C LEU R 350 -34.46 -4.33 -54.65
N HIS R 351 -33.29 -3.82 -55.03
CA HIS R 351 -32.75 -2.65 -54.34
C HIS R 351 -33.65 -1.43 -54.52
N ASP R 352 -34.15 -1.22 -55.73
CA ASP R 352 -35.04 -0.08 -55.96
C ASP R 352 -36.34 -0.21 -55.18
N MET R 353 -36.84 -1.42 -55.01
CA MET R 353 -38.09 -1.65 -54.31
C MET R 353 -37.96 -1.62 -52.79
N GLY R 354 -36.74 -1.58 -52.27
CA GLY R 354 -36.53 -1.67 -50.84
C GLY R 354 -36.55 -3.07 -50.28
N ILE R 355 -36.47 -4.10 -51.13
CA ILE R 355 -36.40 -5.47 -50.63
C ILE R 355 -35.02 -5.76 -50.07
N PHE R 356 -33.98 -5.45 -50.83
CA PHE R 356 -32.61 -5.47 -50.30
C PHE R 356 -32.37 -4.22 -49.49
N SER R 357 -31.73 -4.38 -48.34
CA SER R 357 -31.59 -3.27 -47.40
C SER R 357 -30.16 -2.80 -47.18
N ILE R 358 -29.16 -3.62 -47.44
CA ILE R 358 -27.77 -3.30 -47.14
C ILE R 358 -26.91 -3.55 -48.38
N THR R 359 -25.99 -2.64 -48.66
CA THR R 359 -24.93 -2.86 -49.63
C THR R 359 -23.62 -3.05 -48.90
N SER R 360 -22.79 -3.96 -49.40
CA SER R 360 -21.52 -4.29 -48.76
C SER R 360 -20.51 -4.65 -49.83
N SER R 361 -19.33 -5.12 -49.41
CA SER R 361 -18.18 -5.28 -50.29
C SER R 361 -17.89 -6.73 -50.66
N ASP R 362 -17.64 -7.60 -49.66
CA ASP R 362 -17.02 -8.92 -49.89
C ASP R 362 -15.59 -8.74 -50.43
N SER R 363 -14.80 -8.00 -49.66
CA SER R 363 -13.56 -7.40 -50.16
C SER R 363 -12.48 -8.43 -50.49
N GLN R 364 -11.93 -8.34 -51.70
CA GLN R 364 -10.92 -9.25 -52.23
C GLN R 364 -11.37 -10.71 -52.16
N ALA R 365 -12.66 -10.91 -52.02
CA ALA R 365 -13.34 -12.20 -52.03
C ALA R 365 -14.58 -12.12 -52.92
N MET R 366 -14.37 -11.68 -54.16
CA MET R 366 -15.38 -11.24 -55.12
C MET R 366 -16.16 -10.03 -54.55
N GLY R 367 -15.40 -8.94 -54.46
CA GLY R 367 -15.95 -7.66 -54.09
C GLY R 367 -14.83 -6.64 -54.02
N ARG R 368 -15.22 -5.37 -54.15
CA ARG R 368 -14.28 -4.27 -54.25
C ARG R 368 -14.51 -3.31 -53.08
N VAL R 369 -13.54 -3.28 -52.16
CA VAL R 369 -13.71 -2.56 -50.90
C VAL R 369 -13.80 -1.05 -51.09
N GLY R 370 -13.28 -0.52 -52.20
CA GLY R 370 -13.34 0.90 -52.42
C GLY R 370 -14.45 1.33 -53.35
N GLU R 371 -15.46 0.48 -53.52
CA GLU R 371 -16.50 0.76 -54.50
C GLU R 371 -17.92 0.53 -53.98
N VAL R 372 -18.11 0.31 -52.68
CA VAL R 372 -19.45 0.05 -52.15
C VAL R 372 -20.36 1.25 -52.41
N ILE R 373 -19.92 2.43 -51.99
CA ILE R 373 -20.71 3.63 -52.13
C ILE R 373 -20.91 3.98 -53.61
N THR R 374 -19.85 3.87 -54.39
CA THR R 374 -19.94 4.23 -55.80
C THR R 374 -20.92 3.32 -56.54
N ARG R 375 -20.85 2.01 -56.29
CA ARG R 375 -21.77 1.11 -56.97
C ARG R 375 -23.19 1.24 -56.44
N THR R 376 -23.36 1.60 -55.16
CA THR R 376 -24.70 1.90 -54.68
C THR R 376 -25.32 3.06 -55.45
N TRP R 377 -24.55 4.14 -55.65
CA TRP R 377 -25.12 5.28 -56.36
C TRP R 377 -25.24 5.02 -57.85
N GLN R 378 -24.37 4.18 -58.41
CA GLN R 378 -24.54 3.75 -59.79
C GLN R 378 -25.83 2.95 -59.96
N THR R 379 -26.14 2.08 -59.00
CA THR R 379 -27.40 1.34 -59.04
C THR R 379 -28.59 2.28 -58.94
N ALA R 380 -28.52 3.26 -58.04
CA ALA R 380 -29.60 4.23 -57.94
C ALA R 380 -29.79 4.99 -59.25
N ASP R 381 -28.70 5.42 -59.87
CA ASP R 381 -28.78 6.15 -61.13
C ASP R 381 -29.37 5.28 -62.25
N LYS R 382 -28.93 4.03 -62.33
CA LYS R 382 -29.46 3.12 -63.33
C LYS R 382 -30.95 2.86 -63.13
N ASN R 383 -31.36 2.67 -61.87
CA ASN R 383 -32.77 2.45 -61.59
C ASN R 383 -33.62 3.67 -61.92
N LYS R 384 -33.11 4.86 -61.65
CA LYS R 384 -33.87 6.05 -62.03
C LYS R 384 -33.94 6.18 -63.54
N LYS R 385 -32.88 5.81 -64.25
CA LYS R 385 -32.93 5.86 -65.70
C LYS R 385 -33.95 4.87 -66.26
N GLU R 386 -34.05 3.69 -65.66
CA GLU R 386 -34.95 2.67 -66.21
C GLU R 386 -36.39 2.88 -65.76
N PHE R 387 -36.64 2.94 -64.46
CA PHE R 387 -37.98 3.00 -63.92
C PHE R 387 -38.48 4.42 -63.68
N GLY R 388 -37.67 5.42 -63.90
CA GLY R 388 -38.10 6.78 -63.66
C GLY R 388 -38.09 7.13 -62.18
N ARG R 389 -38.74 8.25 -61.88
CA ARG R 389 -38.77 8.77 -60.53
C ARG R 389 -39.71 7.95 -59.67
N LEU R 390 -39.31 7.71 -58.41
CA LEU R 390 -40.12 6.90 -57.51
C LEU R 390 -41.44 7.58 -57.21
N LYS R 391 -42.46 6.77 -56.92
CA LYS R 391 -43.78 7.29 -56.60
C LYS R 391 -43.88 7.78 -55.16
N GLU R 392 -42.90 7.50 -54.32
CA GLU R 392 -42.86 8.02 -52.96
C GLU R 392 -42.20 9.39 -52.87
N GLU R 393 -41.88 10.00 -54.01
CA GLU R 393 -41.30 11.33 -54.02
C GLU R 393 -42.34 12.39 -53.70
N LYS R 394 -41.90 13.45 -53.03
CA LYS R 394 -42.71 14.62 -52.74
C LYS R 394 -41.99 15.81 -53.36
N GLY R 395 -42.24 16.06 -54.64
CA GLY R 395 -41.65 17.18 -55.34
C GLY R 395 -40.80 16.74 -56.51
N ASP R 396 -40.30 17.74 -57.23
CA ASP R 396 -39.49 17.51 -58.43
C ASP R 396 -38.05 17.20 -58.02
N ASN R 397 -37.90 16.15 -57.23
CA ASN R 397 -36.61 15.73 -56.73
C ASN R 397 -36.62 14.22 -56.57
N ASP R 398 -35.48 13.69 -56.15
CA ASP R 398 -35.31 12.27 -55.87
C ASP R 398 -34.96 12.04 -54.41
N ASN R 399 -35.48 12.87 -53.53
CA ASN R 399 -35.06 12.84 -52.12
C ASN R 399 -35.35 11.49 -51.48
N PHE R 400 -36.52 10.91 -51.77
CA PHE R 400 -36.86 9.62 -51.18
C PHE R 400 -35.90 8.53 -51.65
N ARG R 401 -35.61 8.49 -52.95
CA ARG R 401 -34.68 7.48 -53.46
C ARG R 401 -33.29 7.71 -52.91
N ILE R 402 -32.88 8.97 -52.76
CA ILE R 402 -31.59 9.27 -52.19
C ILE R 402 -31.50 8.74 -50.76
N LYS R 403 -32.54 8.95 -49.96
CA LYS R 403 -32.54 8.42 -48.60
C LYS R 403 -32.53 6.90 -48.60
N ARG R 404 -33.31 6.28 -49.49
CA ARG R 404 -33.38 4.83 -49.54
C ARG R 404 -32.01 4.21 -49.83
N TYR R 405 -31.30 4.77 -50.81
CA TYR R 405 -30.01 4.20 -51.16
C TYR R 405 -28.92 4.59 -50.17
N LEU R 406 -29.00 5.79 -49.59
CA LEU R 406 -28.02 6.19 -48.59
C LEU R 406 -28.11 5.34 -47.33
N SER R 407 -29.32 4.90 -46.98
CA SER R 407 -29.48 4.04 -45.81
C SER R 407 -28.80 2.70 -45.99
N LYS R 408 -28.62 2.25 -47.23
CA LYS R 408 -28.09 0.91 -47.48
C LYS R 408 -26.65 0.76 -46.99
N TYR R 409 -25.88 1.83 -46.91
CA TYR R 409 -24.52 1.73 -46.41
C TYR R 409 -24.23 2.61 -45.20
N THR R 410 -25.22 3.30 -44.64
CA THR R 410 -24.96 4.10 -43.44
C THR R 410 -25.70 3.61 -42.21
N ILE R 411 -27.03 3.61 -42.22
CA ILE R 411 -27.79 3.41 -41.00
C ILE R 411 -28.27 1.97 -40.87
N ASN R 412 -28.63 1.34 -41.99
CA ASN R 412 -29.11 -0.04 -41.92
C ASN R 412 -28.03 -1.03 -41.48
N PRO R 413 -26.81 -1.00 -42.02
CA PRO R 413 -25.76 -1.88 -41.44
C PRO R 413 -25.45 -1.59 -39.99
N ALA R 414 -25.52 -0.32 -39.57
CA ALA R 414 -25.29 0.02 -38.17
C ALA R 414 -26.36 -0.58 -37.27
N ILE R 415 -27.62 -0.52 -37.69
CA ILE R 415 -28.70 -1.17 -36.94
C ILE R 415 -28.50 -2.67 -36.95
N ALA R 416 -28.09 -3.23 -38.10
CA ALA R 416 -27.92 -4.67 -38.21
C ALA R 416 -26.87 -5.20 -37.27
N HIS R 417 -25.78 -4.46 -37.08
CA HIS R 417 -24.70 -4.94 -36.22
C HIS R 417 -24.65 -4.23 -34.87
N GLY R 418 -25.75 -3.62 -34.46
CA GLY R 418 -25.87 -3.10 -33.11
C GLY R 418 -24.95 -1.97 -32.75
N ILE R 419 -24.63 -1.09 -33.69
CA ILE R 419 -23.76 0.05 -33.43
C ILE R 419 -24.45 1.36 -33.82
N SER R 420 -25.76 1.34 -34.04
CA SER R 420 -26.47 2.52 -34.52
C SER R 420 -26.71 3.55 -33.43
N GLU R 421 -26.26 3.32 -32.21
CA GLU R 421 -26.25 4.39 -31.23
C GLU R 421 -24.95 5.20 -31.27
N TYR R 422 -23.92 4.70 -31.95
CA TYR R 422 -22.65 5.40 -32.08
C TYR R 422 -22.45 6.03 -33.44
N VAL R 423 -22.65 5.26 -34.51
CA VAL R 423 -22.38 5.69 -35.87
C VAL R 423 -23.63 5.49 -36.71
N GLY R 424 -23.54 5.83 -37.98
CA GLY R 424 -24.57 5.56 -38.96
C GLY R 424 -25.34 6.78 -39.44
N SER R 425 -25.33 7.88 -38.70
CA SER R 425 -26.12 9.03 -39.13
C SER R 425 -25.54 10.30 -38.54
N VAL R 426 -25.93 11.42 -39.14
CA VAL R 426 -25.59 12.75 -38.62
C VAL R 426 -26.69 13.12 -37.63
N GLU R 427 -26.50 12.72 -36.38
CA GLU R 427 -27.46 13.02 -35.33
C GLU R 427 -26.71 13.48 -34.09
N VAL R 428 -27.36 14.34 -33.30
CA VAL R 428 -26.74 14.85 -32.08
C VAL R 428 -26.57 13.72 -31.08
N GLY R 429 -25.38 13.63 -30.50
CA GLY R 429 -25.04 12.60 -29.56
C GLY R 429 -24.20 11.48 -30.14
N LYS R 430 -24.16 11.36 -31.45
CA LYS R 430 -23.44 10.29 -32.11
C LYS R 430 -21.98 10.65 -32.34
N VAL R 431 -21.18 9.63 -32.64
CA VAL R 431 -19.76 9.82 -32.93
C VAL R 431 -19.61 10.63 -34.20
N ALA R 432 -18.68 11.59 -34.17
CA ALA R 432 -18.46 12.48 -35.30
C ALA R 432 -17.57 11.79 -36.34
N ASP R 433 -18.16 10.81 -37.02
CA ASP R 433 -17.60 10.18 -38.20
C ASP R 433 -18.31 10.76 -39.42
N LEU R 434 -17.70 11.75 -40.06
CA LEU R 434 -18.36 12.52 -41.10
C LEU R 434 -17.49 12.58 -42.35
N VAL R 435 -18.15 12.66 -43.49
CA VAL R 435 -17.48 12.73 -44.79
C VAL R 435 -17.95 14.00 -45.49
N LEU R 436 -17.00 14.77 -46.01
CA LEU R 436 -17.28 15.99 -46.76
C LEU R 436 -17.21 15.69 -48.25
N TRP R 437 -18.28 16.01 -48.97
CA TRP R 437 -18.35 15.78 -50.41
C TRP R 437 -18.61 17.09 -51.12
N SER R 438 -17.86 17.34 -52.18
CA SER R 438 -18.31 18.32 -53.15
C SER R 438 -19.34 17.68 -54.08
N PRO R 439 -20.48 18.33 -54.33
CA PRO R 439 -21.55 17.67 -55.09
C PRO R 439 -21.14 17.16 -56.46
N ALA R 440 -20.20 17.83 -57.12
CA ALA R 440 -19.72 17.34 -58.41
C ALA R 440 -19.04 15.98 -58.28
N PHE R 441 -18.44 15.69 -57.13
CA PHE R 441 -17.75 14.43 -56.89
C PHE R 441 -18.49 13.52 -55.94
N PHE R 442 -19.79 13.75 -55.73
CA PHE R 442 -20.51 13.00 -54.71
C PHE R 442 -20.58 11.53 -55.08
N GLY R 443 -20.30 10.68 -54.10
CA GLY R 443 -20.41 9.26 -54.26
C GLY R 443 -19.21 8.56 -54.84
N VAL R 444 -18.18 9.30 -55.30
CA VAL R 444 -17.01 8.64 -55.86
C VAL R 444 -15.73 9.11 -55.17
N LYS R 445 -15.57 10.42 -55.00
CA LYS R 445 -14.33 10.93 -54.41
C LYS R 445 -14.60 12.02 -53.38
N PRO R 446 -14.44 11.73 -52.10
CA PRO R 446 -14.75 12.73 -51.06
C PRO R 446 -13.67 13.79 -50.92
N ASN R 447 -14.01 14.83 -50.18
CA ASN R 447 -13.07 15.91 -49.87
C ASN R 447 -12.21 15.58 -48.66
N MET R 448 -12.85 15.27 -47.52
CA MET R 448 -12.11 14.94 -46.33
C MET R 448 -12.95 14.04 -45.42
N ILE R 449 -12.26 13.32 -44.55
CA ILE R 449 -12.89 12.46 -43.55
C ILE R 449 -12.63 13.06 -42.18
N ILE R 450 -13.69 13.23 -41.39
CA ILE R 450 -13.57 13.59 -39.99
C ILE R 450 -13.81 12.34 -39.17
N LYS R 451 -12.83 11.96 -38.36
CA LYS R 451 -12.86 10.72 -37.59
C LYS R 451 -12.74 11.06 -36.12
N GLY R 452 -13.76 10.69 -35.35
CA GLY R 452 -13.75 11.02 -33.94
C GLY R 452 -13.72 12.50 -33.64
N GLY R 453 -14.26 13.33 -34.52
CA GLY R 453 -14.24 14.76 -34.31
C GLY R 453 -12.97 15.47 -34.72
N PHE R 454 -12.09 14.81 -35.48
CA PHE R 454 -10.84 15.40 -35.93
C PHE R 454 -10.58 14.94 -37.36
N ILE R 455 -9.89 15.76 -38.14
CA ILE R 455 -9.67 15.45 -39.55
C ILE R 455 -8.61 14.36 -39.67
N ALA R 456 -8.96 13.26 -40.34
CA ALA R 456 -8.09 12.11 -40.46
C ALA R 456 -7.56 11.86 -41.86
N LEU R 457 -8.31 12.25 -42.88
CA LEU R 457 -7.89 12.08 -44.26
C LEU R 457 -8.43 13.24 -45.06
N SER R 458 -7.66 13.69 -46.04
CA SER R 458 -8.16 14.72 -46.93
C SER R 458 -7.38 14.71 -48.23
N GLN R 459 -8.00 15.26 -49.27
CA GLN R 459 -7.26 15.64 -50.46
C GLN R 459 -6.23 16.70 -50.09
N MET R 460 -5.05 16.58 -50.68
CA MET R 460 -3.97 17.48 -50.29
C MET R 460 -2.96 17.56 -51.43
N GLY R 461 -2.47 18.77 -51.69
CA GLY R 461 -1.41 18.97 -52.65
C GLY R 461 -0.05 18.72 -52.03
N ASP R 462 0.98 19.02 -52.81
CA ASP R 462 2.34 18.73 -52.38
C ASP R 462 2.73 19.59 -51.20
N ALA R 463 3.50 18.99 -50.30
CA ALA R 463 3.81 19.62 -49.01
C ALA R 463 4.62 20.90 -49.18
N ASN R 464 5.40 21.01 -50.24
CA ASN R 464 6.25 22.18 -50.46
C ASN R 464 5.52 23.32 -51.14
N ALA R 465 4.27 23.14 -51.54
CA ALA R 465 3.56 24.18 -52.27
C ALA R 465 3.11 25.31 -51.35
N SER R 466 2.95 26.50 -51.93
CA SER R 466 2.58 27.68 -51.18
C SER R 466 1.14 27.64 -50.69
N ILE R 467 0.30 26.79 -51.27
CA ILE R 467 -1.09 26.60 -50.84
C ILE R 467 -1.43 25.12 -50.95
N PRO R 468 -2.52 24.69 -50.31
CA PRO R 468 -2.80 23.24 -50.27
C PRO R 468 -3.39 22.67 -51.57
N THR R 469 -3.79 23.50 -52.51
CA THR R 469 -4.47 23.09 -53.73
C THR R 469 -3.62 22.53 -54.86
N PRO R 470 -2.39 23.02 -55.10
CA PRO R 470 -1.68 22.62 -56.32
C PRO R 470 -1.28 21.15 -56.35
N GLN R 471 -1.00 20.70 -57.56
CA GLN R 471 -0.80 19.30 -57.90
C GLN R 471 0.57 18.80 -57.48
N PRO R 472 0.73 17.47 -57.29
CA PRO R 472 -0.33 16.46 -57.37
C PRO R 472 -1.18 16.39 -56.10
N VAL R 473 -2.48 16.24 -56.27
CA VAL R 473 -3.43 16.16 -55.16
C VAL R 473 -3.89 14.71 -55.05
N TYR R 474 -3.70 14.13 -53.87
CA TYR R 474 -4.25 12.81 -53.59
C TYR R 474 -4.56 12.74 -52.10
N TYR R 475 -5.12 11.61 -51.67
CA TYR R 475 -5.57 11.47 -50.29
C TYR R 475 -4.38 11.15 -49.41
N ARG R 476 -4.20 11.96 -48.38
CA ARG R 476 -3.07 11.84 -47.47
C ARG R 476 -3.58 11.77 -46.04
N GLU R 477 -2.83 11.08 -45.21
CA GLU R 477 -3.19 10.95 -43.80
C GLU R 477 -3.04 12.28 -43.11
N MET R 478 -4.05 12.66 -42.33
CA MET R 478 -4.03 13.87 -41.55
C MET R 478 -3.63 13.56 -40.12
N PHE R 479 -3.79 14.53 -39.21
CA PHE R 479 -3.19 14.40 -37.90
C PHE R 479 -3.93 13.41 -37.01
N ALA R 480 -5.23 13.23 -37.19
CA ALA R 480 -5.95 12.23 -36.41
C ALA R 480 -5.53 10.81 -36.77
N HIS R 481 -4.78 10.65 -37.85
CA HIS R 481 -4.27 9.38 -38.34
C HIS R 481 -2.97 8.95 -37.69
N HIS R 482 -2.39 9.76 -36.80
CA HIS R 482 -1.00 9.59 -36.39
C HIS R 482 -0.84 9.68 -34.89
N GLY R 483 0.29 9.15 -34.40
CA GLY R 483 0.68 9.25 -33.01
C GLY R 483 -0.30 8.58 -32.08
N LYS R 484 -0.51 9.20 -30.93
CA LYS R 484 -1.53 8.75 -29.99
C LYS R 484 -2.89 9.37 -30.27
N ALA R 485 -2.98 10.24 -31.26
CA ALA R 485 -4.26 10.83 -31.62
C ALA R 485 -5.20 9.80 -32.23
N LYS R 486 -4.65 8.82 -32.95
CA LYS R 486 -5.50 7.82 -33.59
C LYS R 486 -6.22 6.95 -32.57
N TYR R 487 -5.67 6.80 -31.36
CA TYR R 487 -6.35 6.03 -30.33
C TYR R 487 -7.61 6.74 -29.83
N ASP R 488 -7.62 8.07 -29.86
CA ASP R 488 -8.80 8.82 -29.43
C ASP R 488 -9.85 8.90 -30.53
N ALA R 489 -9.47 8.76 -31.79
CA ALA R 489 -10.37 8.96 -32.90
C ALA R 489 -11.04 7.68 -33.37
N ASN R 490 -10.64 6.52 -32.86
CA ASN R 490 -11.05 5.24 -33.43
C ASN R 490 -11.64 4.35 -32.36
N ILE R 491 -12.62 3.54 -32.78
CA ILE R 491 -13.33 2.64 -31.89
C ILE R 491 -13.07 1.20 -32.33
N THR R 492 -12.83 0.34 -31.37
CA THR R 492 -12.92 -1.10 -31.57
C THR R 492 -14.20 -1.60 -30.92
N PHE R 493 -15.11 -2.10 -31.72
CA PHE R 493 -16.37 -2.63 -31.21
C PHE R 493 -16.17 -4.06 -30.72
N VAL R 494 -16.70 -4.37 -29.54
CA VAL R 494 -16.65 -5.70 -28.97
C VAL R 494 -18.03 -6.07 -28.48
N SER R 495 -18.18 -7.31 -28.04
CA SER R 495 -19.43 -7.74 -27.42
C SER R 495 -19.55 -7.15 -26.01
N GLN R 496 -20.79 -7.09 -25.53
CA GLN R 496 -21.04 -6.61 -24.18
C GLN R 496 -20.34 -7.48 -23.15
N ALA R 497 -20.31 -8.79 -23.38
CA ALA R 497 -19.66 -9.69 -22.44
C ALA R 497 -18.17 -9.42 -22.35
N ALA R 498 -17.49 -9.30 -23.49
CA ALA R 498 -16.06 -9.00 -23.49
C ALA R 498 -15.78 -7.65 -22.86
N TYR R 499 -16.62 -6.66 -23.15
CA TYR R 499 -16.48 -5.34 -22.57
C TYR R 499 -16.58 -5.39 -21.05
N ASP R 500 -17.54 -6.17 -20.53
CA ASP R 500 -17.72 -6.26 -19.09
C ASP R 500 -16.57 -6.99 -18.41
N LYS R 501 -15.88 -7.87 -19.12
CA LYS R 501 -14.74 -8.59 -18.57
C LYS R 501 -13.43 -7.83 -18.72
N GLY R 502 -13.47 -6.58 -19.16
CA GLY R 502 -12.27 -5.77 -19.31
C GLY R 502 -11.34 -6.22 -20.41
N ILE R 503 -11.90 -6.49 -21.60
CA ILE R 503 -11.10 -6.88 -22.75
C ILE R 503 -10.11 -5.78 -23.11
N LYS R 504 -10.48 -4.52 -22.89
CA LYS R 504 -9.58 -3.41 -23.20
C LYS R 504 -8.32 -3.47 -22.35
N GLU R 505 -8.49 -3.67 -21.05
CA GLU R 505 -7.35 -3.68 -20.13
C GLU R 505 -6.58 -4.99 -20.21
N GLU R 506 -7.27 -6.10 -20.46
CA GLU R 506 -6.60 -7.39 -20.57
C GLU R 506 -5.65 -7.43 -21.76
N LEU R 507 -6.07 -6.89 -22.90
CA LEU R 507 -5.27 -6.90 -24.11
C LEU R 507 -4.42 -5.65 -24.27
N GLY R 508 -4.52 -4.69 -23.36
CA GLY R 508 -3.75 -3.47 -23.47
C GLY R 508 -4.11 -2.62 -24.68
N LEU R 509 -5.40 -2.50 -24.97
CA LEU R 509 -5.86 -1.75 -26.13
C LEU R 509 -6.01 -0.28 -25.79
N GLU R 510 -5.48 0.58 -26.65
CA GLU R 510 -5.53 2.02 -26.43
C GLU R 510 -6.64 2.72 -27.20
N ARG R 511 -7.23 2.06 -28.20
CA ARG R 511 -8.40 2.61 -28.85
C ARG R 511 -9.58 2.64 -27.89
N GLN R 512 -10.59 3.41 -28.24
CA GLN R 512 -11.86 3.32 -27.55
C GLN R 512 -12.47 1.94 -27.79
N VAL R 513 -13.03 1.37 -26.75
CA VAL R 513 -13.66 0.05 -26.82
C VAL R 513 -15.13 0.22 -26.42
N LEU R 514 -16.03 -0.13 -27.33
CA LEU R 514 -17.46 0.03 -27.12
C LEU R 514 -18.19 -1.27 -27.37
N PRO R 515 -19.25 -1.55 -26.61
CA PRO R 515 -20.03 -2.77 -26.82
C PRO R 515 -21.14 -2.60 -27.85
N VAL R 516 -21.36 -3.65 -28.64
CA VAL R 516 -22.52 -3.68 -29.52
C VAL R 516 -23.74 -4.08 -28.71
N LYS R 517 -24.92 -3.65 -29.16
CA LYS R 517 -26.14 -3.90 -28.40
C LYS R 517 -27.33 -3.83 -29.34
N ASN R 518 -28.41 -4.51 -28.93
CA ASN R 518 -29.69 -4.53 -29.65
C ASN R 518 -29.56 -5.21 -31.01
N CYS R 519 -28.98 -6.41 -31.01
CA CYS R 519 -28.78 -7.16 -32.24
C CYS R 519 -29.84 -8.22 -32.48
N ARG R 520 -30.53 -8.68 -31.43
CA ARG R 520 -31.40 -9.83 -31.55
C ARG R 520 -32.87 -9.48 -31.71
N ASN R 521 -33.26 -8.24 -31.42
CA ASN R 521 -34.67 -7.86 -31.42
C ASN R 521 -35.04 -6.99 -32.62
N ILE R 522 -34.25 -7.03 -33.67
CA ILE R 522 -34.51 -6.24 -34.86
C ILE R 522 -34.95 -7.17 -35.98
N THR R 523 -35.82 -6.66 -36.84
CA THR R 523 -36.25 -7.39 -38.01
C THR R 523 -36.11 -6.55 -39.25
N LYS R 524 -36.61 -7.05 -40.38
CA LYS R 524 -36.59 -6.31 -41.63
C LYS R 524 -37.32 -4.98 -41.49
N LYS R 525 -38.27 -4.89 -40.55
CA LYS R 525 -39.00 -3.65 -40.33
C LYS R 525 -38.16 -2.57 -39.67
N ASP R 526 -36.98 -2.89 -39.16
CA ASP R 526 -36.11 -1.91 -38.53
C ASP R 526 -35.13 -1.26 -39.48
N MET R 527 -35.19 -1.58 -40.76
CA MET R 527 -34.32 -0.97 -41.76
C MET R 527 -34.97 0.29 -42.30
N GLN R 528 -34.22 1.39 -42.32
CA GLN R 528 -34.78 2.65 -42.77
C GLN R 528 -34.93 2.66 -44.28
N PHE R 529 -36.14 2.96 -44.74
CA PHE R 529 -36.47 3.11 -46.16
C PHE R 529 -36.32 1.82 -46.94
N ASN R 530 -35.87 0.75 -46.29
CA ASN R 530 -35.80 -0.57 -46.90
C ASN R 530 -36.43 -1.56 -45.93
N ASP R 531 -37.75 -1.62 -45.90
CA ASP R 531 -38.44 -2.51 -44.97
C ASP R 531 -39.52 -3.31 -45.69
N THR R 532 -39.40 -3.47 -47.00
CA THR R 532 -40.43 -4.12 -47.79
C THR R 532 -40.28 -5.63 -47.66
N THR R 533 -41.30 -6.28 -47.11
CA THR R 533 -41.37 -7.73 -47.07
C THR R 533 -42.35 -8.21 -48.13
N ALA R 534 -42.02 -9.31 -48.78
CA ALA R 534 -42.85 -9.82 -49.86
C ALA R 534 -42.59 -11.30 -50.03
N HIS R 535 -43.52 -11.97 -50.69
CA HIS R 535 -43.34 -13.37 -51.03
C HIS R 535 -42.56 -13.45 -52.33
N ILE R 536 -41.36 -14.00 -52.27
CA ILE R 536 -40.47 -14.10 -53.42
C ILE R 536 -40.44 -15.56 -53.86
N GLU R 537 -40.74 -15.79 -55.13
CA GLU R 537 -40.68 -17.11 -55.73
C GLU R 537 -39.64 -17.10 -56.84
N VAL R 538 -38.87 -18.17 -56.92
CA VAL R 538 -37.85 -18.35 -57.94
C VAL R 538 -38.18 -19.61 -58.72
N ASN R 539 -38.22 -19.50 -60.04
CA ASN R 539 -38.52 -20.65 -60.88
C ASN R 539 -37.34 -21.61 -60.87
N PRO R 540 -37.53 -22.87 -60.49
CA PRO R 540 -36.39 -23.81 -60.47
C PRO R 540 -35.76 -24.03 -61.83
N GLU R 541 -36.50 -23.85 -62.92
CA GLU R 541 -35.98 -24.11 -64.26
C GLU R 541 -35.46 -22.84 -64.94
N THR R 542 -36.32 -21.83 -65.09
CA THR R 542 -35.95 -20.63 -65.80
C THR R 542 -35.20 -19.62 -64.93
N TYR R 543 -35.14 -19.85 -63.62
CA TYR R 543 -34.47 -18.98 -62.66
C TYR R 543 -35.10 -17.59 -62.59
N HIS R 544 -36.32 -17.44 -63.11
CA HIS R 544 -36.99 -16.15 -63.03
C HIS R 544 -37.45 -15.87 -61.62
N VAL R 545 -37.51 -14.58 -61.27
CA VAL R 545 -37.83 -14.14 -59.93
C VAL R 545 -39.15 -13.41 -59.96
N PHE R 546 -40.07 -13.83 -59.09
CA PHE R 546 -41.38 -13.22 -58.97
C PHE R 546 -41.55 -12.68 -57.56
N VAL R 547 -41.95 -11.42 -57.45
CA VAL R 547 -42.25 -10.79 -56.17
C VAL R 547 -43.74 -10.54 -56.12
N ASP R 548 -44.42 -11.19 -55.17
CA ASP R 548 -45.86 -11.06 -55.00
C ASP R 548 -46.60 -11.41 -56.30
N GLY R 549 -46.09 -12.41 -57.01
CA GLY R 549 -46.72 -12.90 -58.20
C GLY R 549 -46.31 -12.24 -59.49
N LYS R 550 -45.57 -11.14 -59.44
CA LYS R 550 -45.17 -10.40 -60.63
C LYS R 550 -43.68 -10.57 -60.87
N GLU R 551 -43.31 -10.77 -62.13
CA GLU R 551 -41.91 -10.98 -62.48
C GLU R 551 -41.11 -9.70 -62.28
N VAL R 552 -39.93 -9.84 -61.70
CA VAL R 552 -39.04 -8.73 -61.39
C VAL R 552 -37.74 -8.95 -62.16
N THR R 553 -37.36 -7.94 -62.95
CA THR R 553 -36.13 -8.02 -63.72
C THR R 553 -35.67 -6.61 -64.04
N SER R 554 -34.39 -6.50 -64.39
CA SER R 554 -33.83 -5.24 -64.85
C SER R 554 -33.00 -5.52 -66.09
N LYS R 555 -32.78 -4.49 -66.86
CA LYS R 555 -31.95 -4.76 -68.01
C LYS R 555 -30.52 -4.29 -67.77
N PRO R 556 -29.53 -4.93 -68.40
CA PRO R 556 -28.14 -4.54 -68.16
C PRO R 556 -27.82 -3.17 -68.73
N ALA R 557 -26.80 -2.55 -68.14
CA ALA R 557 -26.34 -1.23 -68.55
C ALA R 557 -25.05 -1.36 -69.34
N ASN R 558 -24.98 -0.70 -70.49
CA ASN R 558 -23.76 -0.66 -71.28
C ASN R 558 -22.82 0.47 -70.87
N LYS R 559 -23.25 1.34 -69.97
CA LYS R 559 -22.45 2.44 -69.48
C LYS R 559 -23.07 2.93 -68.17
N VAL R 560 -22.22 3.20 -67.19
CA VAL R 560 -22.68 3.67 -65.90
C VAL R 560 -22.08 5.05 -65.64
N SER R 561 -22.69 5.76 -64.71
CA SER R 561 -22.11 7.02 -64.26
C SER R 561 -21.09 6.76 -63.16
N LEU R 562 -20.35 7.81 -62.82
CA LEU R 562 -19.37 7.79 -61.75
C LEU R 562 -18.25 6.79 -61.98
N ALA R 563 -17.94 6.44 -63.24
CA ALA R 563 -16.91 5.45 -63.49
C ALA R 563 -15.70 6.01 -64.23
N GLN R 564 -15.82 6.36 -65.51
CA GLN R 564 -14.64 6.71 -66.29
C GLN R 564 -14.40 8.21 -66.35
N LEU R 565 -15.36 9.00 -65.90
CA LEU R 565 -15.20 10.43 -65.83
C LEU R 565 -14.29 10.85 -64.68
N PHE R 566 -14.17 10.01 -63.65
CA PHE R 566 -13.57 10.42 -62.39
C PHE R 566 -12.24 9.74 -62.07
N SER R 567 -11.86 8.69 -62.78
CA SER R 567 -10.70 7.89 -62.41
C SER R 567 -9.77 7.73 -63.60
N ILE R 568 -8.47 7.78 -63.33
CA ILE R 568 -7.49 7.54 -64.39
C ILE R 568 -7.35 6.05 -64.70
N PHE R 569 -7.69 5.18 -63.75
CA PHE R 569 -7.63 3.75 -63.98
C PHE R 569 -8.88 3.10 -63.40
N MET S 1 65.10 -17.95 21.95
CA MET S 1 65.07 -17.70 23.39
C MET S 1 66.13 -16.69 23.79
N LYS S 2 65.69 -15.54 24.26
CA LYS S 2 66.57 -14.46 24.67
C LYS S 2 66.10 -13.91 26.01
N LYS S 3 67.04 -13.33 26.75
CA LYS S 3 66.75 -12.71 28.04
C LYS S 3 66.61 -11.20 27.87
N ILE S 4 65.57 -10.63 28.47
CA ILE S 4 65.33 -9.19 28.43
C ILE S 4 65.23 -8.70 29.86
N SER S 5 65.97 -7.65 30.18
CA SER S 5 65.89 -7.06 31.51
C SER S 5 64.51 -6.48 31.76
N ARG S 6 64.04 -6.60 33.00
CA ARG S 6 62.70 -6.13 33.35
C ARG S 6 62.54 -4.65 33.05
N LYS S 7 63.60 -3.86 33.24
CA LYS S 7 63.49 -2.43 33.03
C LYS S 7 63.14 -2.10 31.57
N GLU S 8 63.91 -2.64 30.63
CA GLU S 8 63.64 -2.33 29.23
C GLU S 8 62.35 -2.99 28.74
N TYR S 9 62.02 -4.16 29.29
CA TYR S 9 60.75 -4.79 28.93
C TYR S 9 59.57 -3.91 29.35
N VAL S 10 59.62 -3.38 30.58
CA VAL S 10 58.53 -2.54 31.06
C VAL S 10 58.49 -1.22 30.30
N SER S 11 59.66 -0.68 29.95
CA SER S 11 59.67 0.53 29.14
C SER S 11 59.07 0.30 27.77
N MET S 12 59.19 -0.90 27.22
CA MET S 12 58.64 -1.15 25.89
C MET S 12 57.15 -1.52 25.94
N TYR S 13 56.73 -2.34 26.89
CA TYR S 13 55.38 -2.90 26.86
C TYR S 13 54.57 -2.64 28.11
N GLY S 14 55.12 -1.94 29.11
CA GLY S 14 54.41 -1.72 30.35
C GLY S 14 54.73 -2.76 31.39
N PRO S 15 54.20 -2.58 32.61
CA PRO S 15 54.49 -3.53 33.68
C PRO S 15 53.90 -4.90 33.39
N THR S 16 54.55 -5.93 33.90
CA THR S 16 54.13 -7.30 33.72
C THR S 16 53.86 -7.92 35.09
N THR S 17 53.60 -9.22 35.12
CA THR S 17 53.20 -9.88 36.35
C THR S 17 54.25 -9.68 37.45
N GLY S 18 53.78 -9.29 38.63
CA GLY S 18 54.62 -9.04 39.77
C GLY S 18 55.12 -7.62 39.91
N ASP S 19 55.06 -6.84 38.84
CA ASP S 19 55.43 -5.44 38.92
C ASP S 19 54.35 -4.64 39.65
N LYS S 20 54.76 -3.53 40.23
CA LYS S 20 53.89 -2.67 41.00
C LYS S 20 53.98 -1.25 40.48
N VAL S 21 52.87 -0.53 40.52
CA VAL S 21 52.82 0.85 40.05
C VAL S 21 52.07 1.71 41.05
N ARG S 22 52.62 2.88 41.35
CA ARG S 22 51.94 3.85 42.18
C ARG S 22 50.79 4.51 41.42
N LEU S 23 49.68 4.74 42.10
CA LEU S 23 48.51 5.37 41.51
C LEU S 23 48.55 6.85 41.84
N GLY S 24 48.76 7.69 40.82
CA GLY S 24 48.84 9.12 41.04
C GLY S 24 49.96 9.46 41.99
N ASP S 25 49.73 10.50 42.80
CA ASP S 25 50.65 10.86 43.86
C ASP S 25 50.23 10.31 45.21
N THR S 26 49.42 9.26 45.23
CA THR S 26 48.94 8.66 46.47
C THR S 26 49.96 7.64 46.98
N ASP S 27 49.57 6.90 48.01
CA ASP S 27 50.36 5.80 48.53
C ASP S 27 49.82 4.44 48.13
N LEU S 28 48.77 4.39 47.32
CA LEU S 28 48.19 3.12 46.89
C LEU S 28 49.06 2.49 45.81
N ILE S 29 49.39 1.22 46.01
CA ILE S 29 50.28 0.49 45.11
C ILE S 29 49.50 -0.64 44.47
N ALA S 30 49.47 -0.66 43.14
CA ALA S 30 48.78 -1.69 42.39
C ALA S 30 49.79 -2.69 41.85
N GLU S 31 49.52 -3.97 42.04
CA GLU S 31 50.37 -5.04 41.57
C GLU S 31 49.67 -5.79 40.44
N VAL S 32 50.38 -6.00 39.34
CA VAL S 32 49.84 -6.76 38.22
C VAL S 32 49.72 -8.22 38.63
N GLU S 33 48.50 -8.74 38.59
CA GLU S 33 48.24 -10.09 39.09
C GLU S 33 48.53 -11.15 38.03
N HIS S 34 48.23 -10.87 36.77
CA HIS S 34 48.35 -11.84 35.70
C HIS S 34 48.60 -11.11 34.39
N ASP S 35 49.19 -11.82 33.44
CA ASP S 35 49.48 -11.28 32.12
C ASP S 35 48.99 -12.27 31.07
N TYR S 36 48.26 -11.77 30.09
CA TYR S 36 47.73 -12.59 29.01
C TYR S 36 48.67 -12.69 27.83
N THR S 37 49.85 -12.12 27.92
CA THR S 37 50.72 -12.03 26.75
C THR S 37 51.63 -13.25 26.65
N ILE S 38 52.09 -13.51 25.43
CA ILE S 38 53.16 -14.46 25.19
C ILE S 38 54.44 -13.67 25.00
N TYR S 39 55.41 -13.88 25.88
CA TYR S 39 56.64 -13.11 25.85
C TYR S 39 57.37 -13.30 24.53
N GLY S 40 57.62 -12.19 23.84
CA GLY S 40 58.16 -12.22 22.50
C GLY S 40 57.13 -12.03 21.40
N GLU S 41 55.85 -11.92 21.74
CA GLU S 41 54.79 -11.78 20.74
C GLU S 41 53.94 -10.54 20.99
N GLU S 42 54.46 -9.55 21.69
CA GLU S 42 53.68 -8.38 22.07
C GLU S 42 53.29 -7.56 20.84
N LEU S 43 52.14 -6.91 20.93
CA LEU S 43 51.65 -6.05 19.85
C LEU S 43 52.17 -4.64 20.04
N LYS S 44 52.93 -4.16 19.06
CA LYS S 44 53.44 -2.80 19.07
C LYS S 44 53.13 -2.15 17.74
N PHE S 45 52.69 -0.90 17.78
CA PHE S 45 52.39 -0.16 16.57
C PHE S 45 53.43 0.93 16.33
N GLY S 46 53.82 1.09 15.09
CA GLY S 46 54.82 2.06 14.72
C GLY S 46 55.55 1.60 13.48
N GLY S 47 56.57 2.37 13.11
CA GLY S 47 57.38 2.04 11.96
C GLY S 47 58.30 0.86 12.26
N GLY S 48 58.23 -0.18 11.45
CA GLY S 48 59.07 -1.35 11.64
C GLY S 48 58.64 -2.27 12.76
N LYS S 49 57.46 -2.07 13.32
CA LYS S 49 57.00 -2.83 14.46
C LYS S 49 56.09 -3.97 14.02
N THR S 50 55.41 -4.59 14.99
CA THR S 50 54.73 -5.85 14.74
C THR S 50 53.37 -5.68 14.08
N LEU S 51 52.64 -4.62 14.42
CA LEU S 51 51.27 -4.46 13.94
C LEU S 51 51.22 -4.07 12.48
N ARG S 52 51.65 -4.96 11.61
CA ARG S 52 51.76 -4.67 10.19
C ARG S 52 51.20 -5.84 9.39
N GLU S 53 50.88 -5.55 8.13
CA GLU S 53 50.28 -6.53 7.24
C GLU S 53 51.13 -7.78 7.16
N GLY S 54 50.54 -8.91 7.52
CA GLY S 54 51.19 -10.19 7.44
C GLY S 54 51.96 -10.62 8.67
N MET S 55 52.10 -9.77 9.68
CA MET S 55 52.80 -10.14 10.90
C MET S 55 51.88 -10.22 12.11
N SER S 56 51.27 -9.10 12.50
CA SER S 56 50.30 -9.08 13.58
C SER S 56 48.93 -8.65 13.13
N GLN S 57 48.83 -7.92 12.04
CA GLN S 57 47.58 -7.78 11.32
C GLN S 57 47.46 -8.93 10.32
N SER S 58 46.36 -9.66 10.39
CA SER S 58 46.19 -10.83 9.57
C SER S 58 45.84 -10.45 8.14
N ASN S 59 46.41 -11.18 7.18
CA ASN S 59 45.98 -11.10 5.80
C ASN S 59 44.81 -12.01 5.49
N ASN S 60 44.47 -12.92 6.41
CA ASN S 60 43.30 -13.78 6.31
C ASN S 60 42.58 -13.75 7.64
N PRO S 61 41.95 -12.63 7.97
CA PRO S 61 41.38 -12.47 9.31
C PRO S 61 40.16 -13.34 9.52
N SER S 62 39.86 -13.59 10.79
CA SER S 62 38.60 -14.24 11.12
C SER S 62 37.43 -13.31 10.78
N LYS S 63 36.23 -13.86 10.84
CA LYS S 63 35.06 -13.05 10.56
C LYS S 63 34.65 -12.16 11.73
N GLU S 64 35.18 -12.40 12.92
CA GLU S 64 34.96 -11.56 14.09
C GLU S 64 36.09 -10.55 14.25
N GLU S 65 36.59 -10.05 13.12
CA GLU S 65 37.69 -9.10 13.10
C GLU S 65 37.35 -7.85 13.91
N LEU S 66 38.32 -7.38 14.69
CA LEU S 66 38.10 -6.26 15.58
C LEU S 66 38.06 -4.93 14.84
N ASP S 67 37.29 -3.99 15.38
CA ASP S 67 37.34 -2.62 14.89
C ASP S 67 38.49 -1.86 15.54
N LEU S 68 38.73 -2.11 16.82
CA LEU S 68 39.71 -1.38 17.62
C LEU S 68 40.34 -2.37 18.58
N ILE S 69 41.66 -2.26 18.76
CA ILE S 69 42.35 -3.05 19.77
C ILE S 69 43.24 -2.13 20.58
N ILE S 70 43.23 -2.34 21.89
CA ILE S 70 44.09 -1.61 22.82
C ILE S 70 45.16 -2.59 23.28
N THR S 71 46.40 -2.31 22.94
CA THR S 71 47.49 -3.24 23.16
C THR S 71 48.19 -2.96 24.49
N ASN S 72 48.51 -4.04 25.22
CA ASN S 72 49.38 -3.97 26.39
C ASN S 72 48.81 -3.08 27.48
N ALA S 73 47.50 -3.16 27.66
CA ALA S 73 46.81 -2.34 28.64
C ALA S 73 46.85 -3.00 30.02
N LEU S 74 47.09 -2.18 31.03
CA LEU S 74 46.92 -2.60 32.42
C LEU S 74 45.49 -2.32 32.83
N ILE S 75 44.70 -3.37 32.99
CA ILE S 75 43.29 -3.25 33.36
C ILE S 75 43.17 -3.16 34.87
N VAL S 76 42.53 -2.12 35.35
CA VAL S 76 42.17 -2.00 36.76
C VAL S 76 40.65 -2.06 36.83
N ASP S 77 40.15 -3.17 37.34
CA ASP S 77 38.73 -3.48 37.36
C ASP S 77 38.45 -4.19 38.67
N TYR S 78 37.18 -4.30 39.04
CA TYR S 78 36.86 -5.08 40.23
C TYR S 78 37.10 -6.56 40.00
N THR S 79 37.12 -7.01 38.76
CA THR S 79 37.43 -8.40 38.45
C THR S 79 38.92 -8.71 38.50
N GLY S 80 39.78 -7.71 38.60
CA GLY S 80 41.20 -7.97 38.78
C GLY S 80 42.04 -6.85 38.20
N ILE S 81 43.32 -6.91 38.52
CA ILE S 81 44.32 -5.96 38.04
C ILE S 81 45.34 -6.76 37.25
N TYR S 82 45.29 -6.66 35.92
CA TYR S 82 46.04 -7.55 35.07
C TYR S 82 46.33 -6.89 33.72
N LYS S 83 47.27 -7.48 32.99
CA LYS S 83 47.67 -6.99 31.68
C LYS S 83 47.02 -7.84 30.59
N ALA S 84 46.45 -7.18 29.58
CA ALA S 84 45.85 -7.87 28.46
C ALA S 84 45.71 -6.90 27.30
N ASP S 85 45.23 -7.42 26.17
CA ASP S 85 44.78 -6.61 25.05
C ASP S 85 43.26 -6.60 25.05
N ILE S 86 42.69 -5.42 24.81
CA ILE S 86 41.25 -5.26 24.77
C ILE S 86 40.84 -5.06 23.33
N GLY S 87 39.95 -5.92 22.84
CA GLY S 87 39.40 -5.81 21.51
C GLY S 87 37.97 -5.29 21.55
N ILE S 88 37.68 -4.34 20.67
CA ILE S 88 36.38 -3.70 20.59
C ILE S 88 35.79 -3.99 19.23
N LYS S 89 34.55 -4.48 19.20
CA LYS S 89 33.85 -4.72 17.95
C LYS S 89 32.40 -4.31 18.11
N ASP S 90 31.95 -3.37 17.28
CA ASP S 90 30.55 -2.94 17.23
C ASP S 90 30.08 -2.34 18.54
N GLY S 91 30.92 -1.51 19.15
CA GLY S 91 30.57 -0.81 20.36
C GLY S 91 30.64 -1.63 21.63
N LYS S 92 30.88 -2.92 21.53
CA LYS S 92 31.00 -3.80 22.68
C LYS S 92 32.46 -4.21 22.87
N ILE S 93 32.75 -4.68 24.08
CA ILE S 93 34.04 -5.32 24.33
C ILE S 93 33.96 -6.75 23.79
N ALA S 94 34.72 -7.02 22.74
CA ALA S 94 34.64 -8.31 22.07
C ALA S 94 35.57 -9.35 22.69
N GLY S 95 36.71 -8.96 23.24
CA GLY S 95 37.63 -9.91 23.81
C GLY S 95 38.65 -9.25 24.70
N ILE S 96 39.14 -10.03 25.67
CA ILE S 96 40.21 -9.62 26.55
C ILE S 96 41.24 -10.74 26.56
N GLY S 97 42.46 -10.43 26.18
CA GLY S 97 43.47 -11.46 26.14
C GLY S 97 44.67 -11.15 25.29
N LYS S 98 45.08 -12.11 24.45
CA LYS S 98 46.35 -11.98 23.74
C LYS S 98 46.23 -11.04 22.55
N GLY S 99 45.39 -11.39 21.57
CA GLY S 99 45.22 -10.52 20.43
C GLY S 99 46.35 -10.59 19.42
N GLY S 100 46.03 -10.58 18.14
CA GLY S 100 47.05 -10.64 17.12
C GLY S 100 46.65 -11.40 15.87
N ASN S 101 47.63 -12.06 15.25
CA ASN S 101 47.43 -12.74 13.98
C ASN S 101 47.70 -14.23 14.17
N LYS S 102 46.70 -15.05 13.87
CA LYS S 102 46.80 -16.49 14.04
C LYS S 102 47.75 -17.12 13.02
N ASP S 103 48.01 -16.46 11.90
CA ASP S 103 48.93 -16.99 10.90
C ASP S 103 50.36 -17.02 11.41
N MET S 104 50.74 -16.09 12.27
CA MET S 104 52.14 -15.95 12.69
C MET S 104 52.35 -16.07 14.18
N GLN S 105 51.29 -16.23 14.98
CA GLN S 105 51.39 -16.22 16.44
C GLN S 105 50.50 -17.31 17.02
N ASP S 106 50.90 -17.82 18.19
CA ASP S 106 50.33 -19.06 18.71
C ASP S 106 48.96 -18.86 19.35
N GLY S 107 48.89 -18.07 20.43
CA GLY S 107 47.69 -18.07 21.23
C GLY S 107 46.64 -17.03 20.91
N VAL S 108 46.13 -17.01 19.69
CA VAL S 108 45.17 -15.99 19.24
C VAL S 108 43.84 -16.66 18.98
N LYS S 109 42.81 -16.21 19.67
CA LYS S 109 41.45 -16.71 19.49
C LYS S 109 40.67 -15.82 18.53
N ASN S 110 39.61 -16.40 17.95
CA ASN S 110 38.92 -15.74 16.84
C ASN S 110 38.33 -14.39 17.24
N ASN S 111 38.00 -14.21 18.52
CA ASN S 111 37.41 -12.94 18.94
C ASN S 111 38.44 -11.85 19.17
N LEU S 112 39.74 -12.17 19.08
CA LEU S 112 40.80 -11.19 19.29
C LEU S 112 41.67 -11.04 18.06
N SER S 113 41.10 -11.28 16.89
CA SER S 113 41.85 -11.27 15.63
C SER S 113 42.01 -9.84 15.12
N VAL S 114 43.25 -9.45 14.84
CA VAL S 114 43.55 -8.16 14.25
C VAL S 114 43.66 -8.34 12.74
N GLY S 115 42.85 -7.60 12.00
CA GLY S 115 42.87 -7.65 10.57
C GLY S 115 42.99 -6.28 9.98
N PRO S 116 42.72 -6.16 8.67
CA PRO S 116 42.83 -4.87 8.00
C PRO S 116 41.78 -3.85 8.44
N ALA S 117 40.71 -4.27 9.10
CA ALA S 117 39.67 -3.36 9.56
C ALA S 117 39.91 -2.83 10.98
N THR S 118 41.04 -3.16 11.60
CA THR S 118 41.27 -2.85 12.99
C THR S 118 42.09 -1.58 13.14
N GLU S 119 41.64 -0.70 14.03
CA GLU S 119 42.41 0.45 14.47
C GLU S 119 43.25 0.08 15.69
N ALA S 120 44.42 0.69 15.79
CA ALA S 120 45.37 0.39 16.85
C ALA S 120 45.41 1.53 17.85
N LEU S 121 45.26 1.20 19.13
CA LEU S 121 45.42 2.15 20.23
C LEU S 121 46.46 1.59 21.18
N ALA S 122 47.56 2.32 21.38
CA ALA S 122 48.63 1.85 22.24
C ALA S 122 48.27 2.11 23.69
N GLY S 123 48.40 1.08 24.52
CA GLY S 123 48.10 1.22 25.93
C GLY S 123 49.25 0.85 26.84
N GLU S 124 50.43 0.63 26.27
CA GLU S 124 51.58 0.26 27.07
C GLU S 124 51.93 1.39 28.03
N GLY S 125 52.11 1.03 29.30
CA GLY S 125 52.34 2.01 30.34
C GLY S 125 51.11 2.77 30.76
N LEU S 126 49.92 2.35 30.34
CA LEU S 126 48.69 3.04 30.68
C LEU S 126 47.75 2.11 31.42
N ILE S 127 46.77 2.70 32.09
CA ILE S 127 45.76 1.99 32.86
C ILE S 127 44.43 2.15 32.14
N VAL S 128 43.67 1.07 32.06
CA VAL S 128 42.32 1.09 31.53
C VAL S 128 41.36 0.72 32.65
N THR S 129 40.42 1.60 32.94
CA THR S 129 39.31 1.32 33.83
C THR S 129 38.00 1.52 33.06
N ALA S 130 36.92 1.03 33.65
CA ALA S 130 35.60 1.33 33.12
C ALA S 130 35.26 2.80 33.34
N GLY S 131 34.39 3.32 32.49
CA GLY S 131 33.88 4.65 32.71
C GLY S 131 33.13 4.75 34.03
N GLY S 132 33.29 5.90 34.69
CA GLY S 132 32.60 6.12 35.95
C GLY S 132 31.11 6.29 35.77
N ILE S 133 30.38 6.00 36.83
CA ILE S 133 28.93 6.13 36.83
C ILE S 133 28.53 7.00 38.01
N ASP S 134 27.91 8.13 37.72
CA ASP S 134 27.47 9.07 38.74
C ASP S 134 25.96 9.00 38.83
N THR S 135 25.45 8.65 40.02
CA THR S 135 24.03 8.35 40.20
C THR S 135 23.30 9.40 41.03
N HIS S 136 23.89 10.54 41.29
CA HIS S 136 23.27 11.61 42.07
C HIS S 136 23.42 12.95 41.37
N ILE S 137 23.01 13.01 40.11
CA ILE S 137 23.13 14.21 39.30
C ILE S 137 21.89 15.08 39.48
N HIS S 138 22.09 16.34 39.85
CA HIS S 138 21.08 17.37 39.69
C HIS S 138 21.28 18.01 38.33
N PHE S 139 20.36 17.75 37.40
CA PHE S 139 20.47 18.31 36.05
C PHE S 139 20.12 19.79 36.10
N ILE S 140 21.07 20.58 36.59
CA ILE S 140 20.89 22.01 36.80
C ILE S 140 21.43 22.80 35.61
N SER S 141 22.57 22.41 35.06
CA SER S 141 23.10 23.05 33.88
C SER S 141 23.69 22.00 32.96
N PRO S 142 23.50 22.14 31.64
CA PRO S 142 24.15 21.19 30.71
C PRO S 142 25.65 21.17 30.80
N GLN S 143 26.28 22.26 31.26
CA GLN S 143 27.73 22.32 31.36
C GLN S 143 28.31 21.35 32.37
N GLN S 144 27.48 20.77 33.25
CA GLN S 144 27.95 19.71 34.13
C GLN S 144 28.40 18.48 33.34
N ILE S 145 27.74 18.20 32.22
CA ILE S 145 28.03 16.96 31.49
C ILE S 145 29.44 16.94 30.93
N PRO S 146 29.92 17.97 30.23
CA PRO S 146 31.33 17.97 29.82
C PRO S 146 32.31 17.94 30.98
N THR S 147 31.96 18.57 32.11
CA THR S 147 32.84 18.57 33.26
C THR S 147 33.01 17.17 33.85
N ALA S 148 31.90 16.45 33.99
CA ALA S 148 31.97 15.07 34.47
C ALA S 148 32.64 14.16 33.46
N PHE S 149 32.43 14.43 32.17
CA PHE S 149 33.07 13.64 31.12
C PHE S 149 34.59 13.73 31.19
N ALA S 150 35.11 14.94 31.41
CA ALA S 150 36.55 15.15 31.43
C ALA S 150 37.22 14.55 32.65
N SER S 151 36.45 14.17 33.68
CA SER S 151 37.00 13.56 34.87
C SER S 151 36.96 12.04 34.85
N GLY S 152 36.35 11.43 33.84
CA GLY S 152 36.28 10.00 33.75
C GLY S 152 34.90 9.39 33.94
N VAL S 153 33.85 10.19 34.02
CA VAL S 153 32.49 9.69 34.18
C VAL S 153 31.85 9.55 32.80
N THR S 154 31.28 8.39 32.53
CA THR S 154 30.61 8.14 31.25
C THR S 154 29.11 7.91 31.35
N THR S 155 28.56 7.77 32.55
CA THR S 155 27.12 7.64 32.73
C THR S 155 26.70 8.57 33.85
N MET S 156 25.68 9.40 33.58
CA MET S 156 25.08 10.25 34.59
C MET S 156 23.62 9.85 34.78
N ILE S 157 23.25 9.56 36.01
CA ILE S 157 21.88 9.23 36.39
C ILE S 157 21.41 10.25 37.41
N GLY S 158 20.23 10.80 37.20
CA GLY S 158 19.69 11.78 38.11
C GLY S 158 18.39 12.37 37.61
N GLY S 159 18.06 13.57 38.06
CA GLY S 159 16.85 14.22 37.60
C GLY S 159 16.99 15.71 37.66
N GLY S 160 16.07 16.38 37.00
CA GLY S 160 16.02 17.82 36.97
C GLY S 160 15.54 18.31 35.62
N THR S 161 15.16 19.59 35.58
CA THR S 161 14.74 20.24 34.35
C THR S 161 15.59 21.45 34.02
N GLY S 162 16.53 21.81 34.87
CA GLY S 162 17.33 23.01 34.67
C GLY S 162 17.50 23.79 35.95
N PRO S 163 17.80 25.07 35.82
CA PRO S 163 18.12 25.86 37.01
C PRO S 163 16.90 26.30 37.82
N ALA S 164 15.78 25.59 37.64
CA ALA S 164 14.61 25.82 38.46
C ALA S 164 14.88 25.43 39.92
N ASP S 165 14.15 26.07 40.82
CA ASP S 165 14.38 25.88 42.26
C ASP S 165 14.10 24.45 42.69
N GLY S 166 13.11 23.80 42.07
CA GLY S 166 12.87 22.40 42.37
C GLY S 166 14.04 21.51 42.01
N THR S 167 14.70 21.81 40.89
CA THR S 167 15.88 21.05 40.50
C THR S 167 17.10 21.41 41.33
N ASN S 168 17.23 22.69 41.72
CA ASN S 168 18.35 23.09 42.57
C ASN S 168 18.36 22.33 43.89
N ALA S 169 17.21 21.80 44.30
CA ALA S 169 17.10 21.03 45.52
C ALA S 169 17.03 19.53 45.29
N THR S 170 16.38 19.09 44.21
CA THR S 170 16.03 17.69 44.04
C THR S 170 16.52 17.15 42.70
N THR S 171 16.85 15.86 42.67
CA THR S 171 17.17 15.16 41.42
C THR S 171 15.90 14.56 40.82
N ILE S 172 14.96 15.42 40.50
CA ILE S 172 13.64 14.98 40.08
C ILE S 172 13.31 15.60 38.73
N THR S 173 12.89 14.76 37.78
CA THR S 173 12.28 15.21 36.54
C THR S 173 10.80 14.89 36.62
N PRO S 174 9.96 15.85 36.96
CA PRO S 174 8.57 15.52 37.31
C PRO S 174 7.63 15.45 36.12
N GLY S 175 7.05 14.29 35.88
CA GLY S 175 5.95 14.16 34.96
C GLY S 175 6.37 13.82 33.54
N ARG S 176 5.37 13.39 32.77
CA ARG S 176 5.60 12.90 31.41
C ARG S 176 6.17 13.98 30.49
N ARG S 177 5.61 15.18 30.54
CA ARG S 177 6.05 16.24 29.64
C ARG S 177 7.48 16.68 29.94
N ASN S 178 7.82 16.83 31.21
CA ASN S 178 9.19 17.19 31.57
C ASN S 178 10.17 16.07 31.24
N LEU S 179 9.74 14.82 31.40
CA LEU S 179 10.56 13.69 30.94
C LEU S 179 10.81 13.77 29.46
N LYS S 180 9.78 14.09 28.67
CA LYS S 180 9.96 14.22 27.23
C LYS S 180 10.93 15.35 26.88
N TRP S 181 10.80 16.49 27.58
CA TRP S 181 11.76 17.57 27.40
C TRP S 181 13.18 17.08 27.61
N MET S 182 13.44 16.42 28.73
CA MET S 182 14.82 16.04 29.04
C MET S 182 15.32 14.92 28.14
N LEU S 183 14.45 13.99 27.76
CA LEU S 183 14.86 12.91 26.87
C LEU S 183 15.20 13.43 25.48
N ARG S 184 14.48 14.44 24.99
CA ARG S 184 14.84 15.02 23.71
C ARG S 184 16.03 15.94 23.81
N ALA S 185 16.25 16.58 24.95
CA ALA S 185 17.47 17.35 25.13
C ALA S 185 18.70 16.45 25.20
N ALA S 186 18.54 15.22 25.70
CA ALA S 186 19.67 14.33 25.93
C ALA S 186 20.41 13.99 24.64
N GLU S 187 19.73 14.06 23.50
CA GLU S 187 20.33 13.78 22.19
C GLU S 187 21.56 14.61 21.90
N GLU S 188 21.80 15.67 22.66
CA GLU S 188 22.91 16.58 22.44
C GLU S 188 24.24 16.03 22.93
N TYR S 189 24.24 15.19 23.96
CA TYR S 189 25.39 15.05 24.84
C TYR S 189 26.17 13.76 24.61
N SER S 190 27.44 13.81 24.98
CA SER S 190 28.31 12.64 25.05
C SER S 190 28.34 12.16 26.49
N MET S 191 27.34 11.35 26.83
CA MET S 191 27.15 10.80 28.15
C MET S 191 25.99 9.82 28.10
N ASN S 192 26.10 8.72 28.81
CA ASN S 192 24.94 7.86 29.04
C ASN S 192 24.05 8.53 30.08
N LEU S 193 22.75 8.58 29.81
CA LEU S 193 21.82 9.33 30.64
C LEU S 193 20.62 8.50 31.01
N GLY S 194 20.15 8.69 32.23
CA GLY S 194 18.88 8.15 32.67
C GLY S 194 18.30 9.09 33.71
N PHE S 195 16.97 9.14 33.76
CA PHE S 195 16.29 10.16 34.54
C PHE S 195 15.39 9.55 35.61
N LEU S 196 15.40 10.16 36.78
CA LEU S 196 14.54 9.76 37.89
C LEU S 196 13.30 10.64 37.94
N ALA S 197 12.16 10.03 38.24
CA ALA S 197 10.88 10.71 38.32
C ALA S 197 10.61 11.18 39.74
N LYS S 198 9.46 11.83 39.93
CA LYS S 198 9.06 12.25 41.27
C LYS S 198 8.38 11.09 41.97
N GLY S 199 8.93 10.70 43.12
CA GLY S 199 8.34 9.64 43.91
C GLY S 199 7.47 10.19 45.04
N ASN S 200 7.52 11.51 45.22
CA ASN S 200 6.84 12.17 46.33
C ASN S 200 5.37 12.41 45.97
N THR S 201 4.63 11.31 45.93
CA THR S 201 3.18 11.39 45.78
C THR S 201 2.59 10.10 46.33
N SER S 202 1.34 10.18 46.71
CA SER S 202 0.59 9.02 47.17
C SER S 202 -0.36 8.49 46.10
N ASN S 203 -0.32 9.06 44.90
CA ASN S 203 -1.18 8.63 43.81
C ASN S 203 -0.42 7.59 42.97
N ASP S 204 -0.93 6.36 42.97
CA ASP S 204 -0.26 5.28 42.25
C ASP S 204 -0.28 5.51 40.74
N ALA S 205 -1.39 6.03 40.21
CA ALA S 205 -1.49 6.26 38.78
C ALA S 205 -0.46 7.29 38.31
N SER S 206 -0.28 8.36 39.10
CA SER S 206 0.72 9.37 38.76
C SER S 206 2.13 8.78 38.79
N LEU S 207 2.41 7.90 39.75
CA LEU S 207 3.71 7.25 39.81
C LEU S 207 3.94 6.36 38.59
N ALA S 208 2.93 5.56 38.25
CA ALA S 208 3.09 4.62 37.14
C ALA S 208 3.26 5.33 35.81
N ASP S 209 2.58 6.47 35.64
CA ASP S 209 2.65 7.19 34.38
C ASP S 209 4.05 7.70 34.10
N GLN S 210 4.76 8.16 35.14
CA GLN S 210 6.11 8.65 34.96
C GLN S 210 7.06 7.54 34.52
N ILE S 211 6.90 6.35 35.07
CA ILE S 211 7.74 5.23 34.66
C ILE S 211 7.47 4.86 33.21
N GLU S 212 6.20 4.79 32.83
CA GLU S 212 5.84 4.48 31.45
C GLU S 212 6.24 5.59 30.49
N ALA S 213 6.51 6.78 30.99
CA ALA S 213 6.97 7.91 30.19
C ALA S 213 8.49 7.94 30.02
N GLY S 214 9.21 6.97 30.57
CA GLY S 214 10.63 6.84 30.29
C GLY S 214 11.56 6.97 31.49
N ALA S 215 11.07 7.22 32.70
CA ALA S 215 11.97 7.33 33.84
C ALA S 215 12.48 5.96 34.28
N ILE S 216 13.71 5.93 34.78
CA ILE S 216 14.30 4.68 35.26
C ILE S 216 14.12 4.48 36.75
N GLY S 217 13.43 5.38 37.44
CA GLY S 217 13.21 5.21 38.85
C GLY S 217 12.64 6.46 39.47
N PHE S 218 12.54 6.42 40.79
CA PHE S 218 11.98 7.52 41.56
C PHE S 218 13.02 8.13 42.48
N KCX S 219 12.89 9.43 42.69
CA KCX S 219 13.58 10.10 43.78
CB KCX S 219 14.43 11.26 43.28
CG KCX S 219 15.09 12.08 44.37
CD KCX S 219 16.10 11.27 45.16
CE KCX S 219 16.86 12.13 46.15
NZ KCX S 219 17.57 13.25 45.48
C KCX S 219 12.53 10.56 44.79
O KCX S 219 11.54 11.18 44.42
CX KCX S 219 18.40 14.04 46.14
OQ1 KCX S 219 18.98 14.96 45.55
OQ2 KCX S 219 18.59 13.88 47.35
N ILE S 220 12.76 10.26 46.05
CA ILE S 220 11.95 10.78 47.13
C ILE S 220 12.79 11.79 47.87
N HIS S 221 12.37 13.06 47.84
CA HIS S 221 13.14 14.15 48.42
C HIS S 221 12.28 14.90 49.42
N GLU S 222 12.88 15.26 50.55
CA GLU S 222 12.12 15.90 51.62
C GLU S 222 11.55 17.25 51.21
N ASP S 223 12.17 17.91 50.22
CA ASP S 223 11.65 19.19 49.75
C ASP S 223 10.31 19.03 49.03
N TRP S 224 10.00 17.85 48.52
CA TRP S 224 8.67 17.55 48.03
C TRP S 224 7.85 16.77 49.04
N GLY S 225 8.42 16.47 50.20
CA GLY S 225 7.73 15.83 51.30
C GLY S 225 8.01 14.34 51.40
N THR S 226 8.99 13.96 52.22
CA THR S 226 9.35 12.56 52.40
C THR S 226 8.53 12.03 53.57
N THR S 227 7.38 11.52 53.25
CA THR S 227 6.48 10.98 54.23
C THR S 227 6.39 9.46 54.07
N PRO S 228 6.07 8.73 55.13
CA PRO S 228 5.94 7.28 55.00
C PRO S 228 4.93 6.85 53.96
N SER S 229 3.85 7.60 53.79
CA SER S 229 2.83 7.23 52.80
C SER S 229 3.41 7.28 51.39
N ALA S 230 4.12 8.34 51.05
CA ALA S 230 4.72 8.46 49.73
C ALA S 230 5.79 7.40 49.51
N ILE S 231 6.59 7.11 50.54
CA ILE S 231 7.62 6.07 50.44
C ILE S 231 6.97 4.73 50.14
N ASN S 232 5.90 4.40 50.87
CA ASN S 232 5.21 3.13 50.69
C ASN S 232 4.64 3.00 49.28
N HIS S 233 3.95 4.04 48.81
CA HIS S 233 3.36 3.99 47.48
C HIS S 233 4.43 3.88 46.39
N ALA S 234 5.49 4.68 46.51
CA ALA S 234 6.54 4.66 45.50
C ALA S 234 7.22 3.31 45.43
N LEU S 235 7.48 2.69 46.59
CA LEU S 235 8.08 1.37 46.59
C LEU S 235 7.15 0.33 45.98
N ASP S 236 5.85 0.42 46.23
CA ASP S 236 4.91 -0.52 45.62
C ASP S 236 4.95 -0.42 44.10
N VAL S 237 4.88 0.80 43.58
CA VAL S 237 4.92 0.98 42.12
C VAL S 237 6.25 0.50 41.55
N ALA S 238 7.35 0.83 42.22
CA ALA S 238 8.67 0.43 41.72
C ALA S 238 8.80 -1.08 41.69
N ASP S 239 8.27 -1.78 42.69
CA ASP S 239 8.26 -3.24 42.65
C ASP S 239 7.44 -3.76 41.48
N LYS S 240 6.34 -3.08 41.15
CA LYS S 240 5.57 -3.52 39.98
C LYS S 240 6.29 -3.24 38.67
N TYR S 241 7.18 -2.26 38.61
CA TYR S 241 7.81 -1.89 37.34
C TYR S 241 9.30 -2.19 37.27
N ASP S 242 9.91 -2.71 38.34
CA ASP S 242 11.32 -3.10 38.36
C ASP S 242 12.22 -1.90 38.06
N VAL S 243 12.06 -0.85 38.86
CA VAL S 243 12.91 0.33 38.79
C VAL S 243 13.39 0.66 40.19
N GLN S 244 14.47 1.41 40.26
CA GLN S 244 15.08 1.72 41.54
C GLN S 244 14.40 2.92 42.20
N VAL S 245 14.50 3.00 43.52
CA VAL S 245 14.03 4.14 44.29
C VAL S 245 15.22 4.72 45.05
N ALA S 246 15.39 6.03 44.95
CA ALA S 246 16.36 6.76 45.74
C ALA S 246 15.62 7.69 46.69
N ILE S 247 16.20 7.91 47.88
CA ILE S 247 15.52 8.66 48.92
C ILE S 247 16.46 9.67 49.56
N HIS S 248 15.93 10.86 49.78
CA HIS S 248 16.52 11.91 50.61
C HIS S 248 15.55 12.13 51.76
N THR S 249 15.89 11.64 52.94
CA THR S 249 14.92 11.49 54.02
C THR S 249 14.67 12.82 54.73
N ASP S 250 13.72 12.79 55.66
CA ASP S 250 13.25 13.99 56.35
C ASP S 250 14.23 14.37 57.46
N THR S 251 14.95 15.47 57.25
CA THR S 251 15.90 15.93 58.27
C THR S 251 15.19 16.47 59.50
N LEU S 252 13.98 17.00 59.34
CA LEU S 252 13.27 17.64 60.44
C LEU S 252 12.54 16.66 61.33
N ASN S 253 12.52 15.37 60.99
CA ASN S 253 11.77 14.35 61.72
C ASN S 253 10.29 14.72 61.83
N GLU S 254 9.77 15.36 60.78
CA GLU S 254 8.42 15.92 60.85
C GLU S 254 7.35 14.83 60.99
N ALA S 255 7.40 13.84 60.10
CA ALA S 255 6.44 12.75 60.15
C ALA S 255 6.94 11.55 60.94
N GLY S 256 8.18 11.58 61.39
CA GLY S 256 8.75 10.45 62.09
C GLY S 256 10.25 10.48 62.04
N CYS S 257 10.84 9.55 62.77
CA CYS S 257 12.29 9.44 62.86
C CYS S 257 12.78 8.37 61.88
N VAL S 258 14.05 8.01 62.00
CA VAL S 258 14.67 7.14 61.00
C VAL S 258 14.03 5.75 61.01
N GLU S 259 13.63 5.26 62.18
CA GLU S 259 13.01 3.94 62.26
C GLU S 259 11.63 3.93 61.62
N ASP S 260 10.89 5.04 61.68
CA ASP S 260 9.63 5.14 60.96
C ASP S 260 9.84 5.07 59.46
N THR S 261 10.90 5.71 58.96
CA THR S 261 11.25 5.61 57.55
C THR S 261 11.61 4.19 57.17
N MET S 262 12.38 3.50 58.01
CA MET S 262 12.72 2.12 57.73
C MET S 262 11.48 1.22 57.75
N ALA S 263 10.53 1.53 58.63
CA ALA S 263 9.28 0.80 58.66
C ALA S 263 8.47 1.04 57.39
N ALA S 264 8.51 2.27 56.87
CA ALA S 264 7.83 2.54 55.60
C ALA S 264 8.50 1.82 54.45
N ILE S 265 9.83 1.71 54.48
CA ILE S 265 10.54 0.97 53.44
C ILE S 265 10.19 -0.50 53.50
N ALA S 266 9.98 -1.04 54.71
CA ALA S 266 9.41 -2.36 54.92
C ALA S 266 10.27 -3.47 54.31
N GLY S 267 11.58 -3.30 54.35
CA GLY S 267 12.49 -4.32 53.89
C GLY S 267 12.64 -4.44 52.40
N ARG S 268 12.28 -3.41 51.64
CA ARG S 268 12.43 -3.41 50.19
C ARG S 268 13.70 -2.66 49.79
N THR S 269 14.15 -2.90 48.57
CA THR S 269 15.40 -2.33 48.10
C THR S 269 15.29 -0.81 47.99
N MET S 270 16.27 -0.11 48.55
CA MET S 270 16.29 1.35 48.55
C MET S 270 17.72 1.83 48.40
N HIS S 271 17.91 2.88 47.62
CA HIS S 271 19.20 3.53 47.43
C HIS S 271 19.17 4.86 48.16
N THR S 272 19.99 5.01 49.19
CA THR S 272 20.00 6.21 50.02
C THR S 272 21.13 7.13 49.59
N PHE S 273 20.78 8.38 49.32
CA PHE S 273 21.74 9.41 48.98
C PHE S 273 22.30 10.07 50.24
N HIS S 274 23.58 10.44 50.18
CA HIS S 274 24.31 11.11 51.26
C HIS S 274 23.90 10.56 52.63
N THR S 275 24.14 9.26 52.79
CA THR S 275 23.65 8.53 53.94
C THR S 275 24.22 9.06 55.25
N GLU S 276 25.38 9.73 55.21
CA GLU S 276 25.95 10.28 56.41
C GLU S 276 25.15 11.49 56.93
N GLY S 277 24.43 12.17 56.04
CA GLY S 277 23.40 13.11 56.45
C GLY S 277 23.75 14.58 56.35
N ALA S 278 25.00 14.93 56.03
CA ALA S 278 25.29 16.35 55.82
C ALA S 278 24.51 16.91 54.65
N GLY S 279 24.25 16.09 53.64
CA GLY S 279 23.43 16.47 52.51
C GLY S 279 21.96 16.39 52.75
N GLY S 280 21.53 16.04 53.96
CA GLY S 280 20.14 15.89 54.28
C GLY S 280 19.89 14.52 54.86
N GLY S 281 18.86 14.40 55.68
CA GLY S 281 18.52 13.13 56.29
C GLY S 281 18.22 13.26 57.76
N HIS S 282 17.55 12.26 58.33
CA HIS S 282 17.11 12.30 59.72
C HIS S 282 18.24 12.73 60.65
N ALA S 283 18.07 13.87 61.29
CA ALA S 283 19.09 14.34 62.22
C ALA S 283 18.86 13.69 63.59
N PRO S 284 19.90 13.11 64.19
CA PRO S 284 21.28 13.07 63.68
C PRO S 284 21.72 11.69 63.21
N ASP S 285 20.77 10.79 62.98
CA ASP S 285 21.08 9.38 62.96
C ASP S 285 20.62 8.69 61.68
N ILE S 286 20.64 9.38 60.54
CA ILE S 286 20.33 8.71 59.29
C ILE S 286 21.41 7.69 58.94
N ILE S 287 22.65 7.92 59.39
CA ILE S 287 23.77 7.09 59.01
C ILE S 287 23.62 5.66 59.48
N LYS S 288 22.71 5.39 60.42
CA LYS S 288 22.56 4.03 60.93
C LYS S 288 22.01 3.08 59.87
N VAL S 289 21.28 3.58 58.88
CA VAL S 289 20.70 2.70 57.87
C VAL S 289 21.76 2.08 56.96
N ALA S 290 23.00 2.55 57.04
CA ALA S 290 24.07 2.01 56.19
C ALA S 290 24.45 0.58 56.56
N GLY S 291 23.98 0.06 57.69
CA GLY S 291 24.20 -1.31 58.04
C GLY S 291 23.10 -2.28 57.68
N GLU S 292 22.01 -1.80 57.09
CA GLU S 292 20.87 -2.66 56.78
C GLU S 292 21.07 -3.41 55.48
N HIS S 293 20.47 -4.60 55.40
CA HIS S 293 20.66 -5.45 54.23
C HIS S 293 19.99 -4.87 52.99
N ASN S 294 18.82 -4.26 53.15
CA ASN S 294 18.03 -3.80 52.02
C ASN S 294 18.41 -2.39 51.56
N ILE S 295 19.40 -1.78 52.17
CA ILE S 295 19.81 -0.41 51.85
C ILE S 295 21.06 -0.44 51.00
N LEU S 296 21.07 0.38 49.94
CA LEU S 296 22.29 0.62 49.18
C LEU S 296 22.82 1.98 49.56
N PRO S 297 23.80 2.07 50.45
CA PRO S 297 24.20 3.39 50.98
C PRO S 297 25.24 4.10 50.13
N ALA S 298 24.94 5.32 49.73
CA ALA S 298 25.85 6.14 48.96
C ALA S 298 26.25 7.36 49.76
N SER S 299 27.41 7.91 49.43
CA SER S 299 27.87 9.16 49.99
C SER S 299 28.16 10.15 48.87
N THR S 300 28.06 11.43 49.20
CA THR S 300 28.37 12.50 48.26
C THR S 300 29.76 13.02 48.55
N ASN S 301 30.43 13.51 47.52
CA ASN S 301 31.85 13.84 47.60
C ASN S 301 32.20 15.04 48.50
N PRO S 302 31.32 16.02 48.76
CA PRO S 302 31.76 17.14 49.61
C PRO S 302 32.19 16.73 51.02
N THR S 303 31.70 15.60 51.54
CA THR S 303 32.08 15.17 52.88
C THR S 303 33.29 14.26 52.90
N ILE S 304 33.79 13.82 51.75
CA ILE S 304 34.97 12.95 51.74
C ILE S 304 36.07 13.62 50.92
N PRO S 305 37.33 13.56 51.37
CA PRO S 305 37.67 13.08 52.71
C PRO S 305 37.42 14.15 53.76
N PHE S 306 37.40 13.77 55.02
CA PHE S 306 37.21 14.74 56.09
C PHE S 306 38.49 15.53 56.31
N THR S 307 38.38 16.86 56.23
CA THR S 307 39.53 17.74 56.32
C THR S 307 39.28 18.82 57.38
N VAL S 308 40.30 19.65 57.59
CA VAL S 308 40.21 20.72 58.58
C VAL S 308 39.22 21.80 58.13
N ASN S 309 39.08 22.00 56.82
CA ASN S 309 38.19 23.03 56.30
C ASN S 309 36.77 22.53 56.05
N THR S 310 36.51 21.23 56.26
CA THR S 310 35.23 20.65 55.87
C THR S 310 34.07 21.22 56.67
N GLU S 311 34.21 21.28 57.99
CA GLU S 311 33.08 21.63 58.84
C GLU S 311 32.62 23.07 58.62
N ALA S 312 33.57 24.01 58.65
CA ALA S 312 33.21 25.41 58.46
C ALA S 312 32.62 25.64 57.08
N GLU S 313 33.19 25.00 56.06
CA GLU S 313 32.67 25.13 54.70
C GLU S 313 31.24 24.63 54.61
N HIS S 314 30.97 23.45 55.18
CA HIS S 314 29.61 22.91 55.13
C HIS S 314 28.64 23.76 55.93
N MET S 315 29.09 24.31 57.06
CA MET S 315 28.24 25.18 57.85
C MET S 315 27.83 26.42 57.05
N ASP S 316 28.81 27.10 56.46
CA ASP S 316 28.50 28.30 55.70
C ASP S 316 27.69 27.97 54.46
N MET S 317 27.95 26.83 53.83
CA MET S 317 27.16 26.42 52.67
C MET S 317 25.71 26.19 53.05
N LEU S 318 25.48 25.54 54.20
CA LEU S 318 24.12 25.32 54.66
C LEU S 318 23.42 26.63 54.98
N MET S 319 24.13 27.57 55.59
CA MET S 319 23.51 28.86 55.91
C MET S 319 23.08 29.60 54.65
N VAL S 320 23.71 29.32 53.51
CA VAL S 320 23.42 30.03 52.28
C VAL S 320 22.28 29.39 51.50
N CYS S 321 22.32 28.06 51.33
CA CYS S 321 21.32 27.39 50.52
C CYS S 321 19.95 27.41 51.19
N HIS S 322 19.89 27.41 52.52
CA HIS S 322 18.63 27.44 53.25
C HIS S 322 18.27 28.83 53.75
N HIS S 323 19.07 29.85 53.42
CA HIS S 323 18.78 31.24 53.78
C HIS S 323 18.61 31.39 55.30
N LEU S 324 19.53 30.79 56.04
CA LEU S 324 19.48 30.85 57.50
C LEU S 324 20.14 32.11 58.01
N ASP S 325 19.81 32.47 59.25
CA ASP S 325 20.34 33.65 59.91
C ASP S 325 21.07 33.25 61.18
N LYS S 326 22.23 33.86 61.40
CA LYS S 326 23.04 33.53 62.57
C LYS S 326 22.48 34.13 63.86
N SER S 327 21.60 35.12 63.77
CA SER S 327 21.00 35.74 64.94
C SER S 327 19.76 35.01 65.42
N ILE S 328 19.32 33.96 64.73
CA ILE S 328 18.16 33.18 65.11
C ILE S 328 18.64 31.88 65.72
N LYS S 329 18.23 31.60 66.96
CA LYS S 329 18.72 30.40 67.63
C LYS S 329 18.16 29.13 67.00
N GLU S 330 16.96 29.20 66.43
CA GLU S 330 16.38 28.01 65.81
C GLU S 330 17.13 27.62 64.55
N ASP S 331 17.60 28.61 63.78
CA ASP S 331 18.41 28.30 62.60
C ASP S 331 19.76 27.71 63.00
N VAL S 332 20.35 28.20 64.09
CA VAL S 332 21.58 27.62 64.59
C VAL S 332 21.34 26.19 65.05
N GLN S 333 20.24 25.95 65.76
CA GLN S 333 19.94 24.60 66.23
C GLN S 333 19.75 23.64 65.05
N PHE S 334 19.09 24.10 63.99
CA PHE S 334 18.97 23.27 62.79
C PHE S 334 20.33 22.98 62.19
N ALA S 335 21.18 24.01 62.09
CA ALA S 335 22.48 23.84 61.46
C ALA S 335 23.38 22.90 62.25
N ASP S 336 23.37 23.02 63.58
CA ASP S 336 24.22 22.15 64.40
C ASP S 336 23.77 20.70 64.33
N SER S 337 22.45 20.46 64.31
CA SER S 337 21.95 19.10 64.19
C SER S 337 22.23 18.50 62.83
N ARG S 338 22.60 19.32 61.84
CA ARG S 338 22.74 18.90 60.46
C ARG S 338 24.17 18.54 60.09
N ILE S 339 25.16 19.28 60.56
CA ILE S 339 26.52 19.14 60.05
C ILE S 339 27.23 17.95 60.70
N ARG S 340 27.39 18.00 62.02
CA ARG S 340 27.91 16.87 62.79
C ARG S 340 29.27 16.36 62.30
N PRO S 341 30.36 17.04 62.65
CA PRO S 341 31.70 16.56 62.26
C PRO S 341 31.97 15.13 62.68
N GLN S 342 31.22 14.64 63.68
CA GLN S 342 31.36 13.26 64.11
C GLN S 342 30.97 12.28 63.01
N THR S 343 29.78 12.47 62.43
CA THR S 343 29.35 11.59 61.35
C THR S 343 30.21 11.75 60.12
N ILE S 344 30.67 12.98 59.84
CA ILE S 344 31.54 13.20 58.70
C ILE S 344 32.84 12.44 58.87
N ALA S 345 33.41 12.48 60.08
CA ALA S 345 34.61 11.71 60.35
C ALA S 345 34.34 10.21 60.23
N ALA S 346 33.21 9.75 60.76
CA ALA S 346 32.89 8.33 60.72
C ALA S 346 32.71 7.83 59.29
N GLU S 347 32.29 8.71 58.39
CA GLU S 347 31.97 8.32 57.02
C GLU S 347 33.19 7.79 56.27
N ASP S 348 34.36 8.40 56.47
CA ASP S 348 35.57 7.94 55.80
C ASP S 348 35.91 6.51 56.23
N THR S 349 35.87 6.24 57.53
CA THR S 349 36.16 4.90 58.02
C THR S 349 35.12 3.90 57.55
N LEU S 350 33.86 4.31 57.48
CA LEU S 350 32.84 3.42 56.96
C LEU S 350 33.07 3.09 55.48
N HIS S 351 33.61 4.04 54.72
CA HIS S 351 34.05 3.72 53.37
C HIS S 351 35.19 2.71 53.39
N ASP S 352 36.15 2.87 54.30
CA ASP S 352 37.25 1.93 54.37
C ASP S 352 36.79 0.54 54.78
N MET S 353 35.76 0.46 55.64
CA MET S 353 35.25 -0.82 56.13
C MET S 353 34.34 -1.51 55.14
N GLY S 354 33.95 -0.85 54.06
CA GLY S 354 32.98 -1.41 53.14
C GLY S 354 31.54 -1.26 53.56
N ILE S 355 31.25 -0.40 54.55
CA ILE S 355 29.86 -0.16 54.94
C ILE S 355 29.17 0.71 53.91
N PHE S 356 29.80 1.84 53.54
CA PHE S 356 29.34 2.63 52.42
C PHE S 356 29.80 1.97 51.12
N SER S 357 28.91 1.92 50.14
CA SER S 357 29.19 1.17 48.92
C SER S 357 29.29 2.01 47.65
N ILE S 358 28.74 3.22 47.63
CA ILE S 358 28.70 4.03 46.42
C ILE S 358 29.18 5.44 46.75
N THR S 359 29.99 6.00 45.87
CA THR S 359 30.33 7.41 45.90
C THR S 359 29.62 8.12 44.75
N SER S 360 29.15 9.33 45.01
CA SER S 360 28.39 10.10 44.03
C SER S 360 28.68 11.58 44.22
N SER S 361 27.95 12.42 43.50
CA SER S 361 28.28 13.84 43.39
C SER S 361 27.33 14.75 44.18
N ASP S 362 26.03 14.71 43.91
CA ASP S 362 25.08 15.74 44.34
C ASP S 362 25.44 17.09 43.69
N SER S 363 25.48 17.06 42.36
CA SER S 363 26.16 18.10 41.57
C SER S 363 25.46 19.45 41.63
N GLN S 364 26.23 20.49 41.96
CA GLN S 364 25.76 21.87 42.13
C GLN S 364 24.61 21.97 43.13
N ALA S 365 24.47 20.94 43.97
CA ALA S 365 23.53 20.84 45.07
C ALA S 365 24.25 20.32 46.30
N MET S 366 25.33 21.00 46.67
CA MET S 366 26.36 20.56 47.62
C MET S 366 27.01 19.26 47.12
N GLY S 367 27.74 19.44 46.03
CA GLY S 367 28.57 18.39 45.48
C GLY S 367 29.24 18.88 44.22
N ARG S 368 30.33 18.22 43.86
CA ARG S 368 31.18 18.66 42.75
C ARG S 368 31.22 17.54 41.72
N VAL S 369 30.61 17.79 40.56
CA VAL S 369 30.41 16.76 39.55
C VAL S 369 31.72 16.30 38.92
N GLY S 370 32.77 17.10 38.97
CA GLY S 370 34.03 16.71 38.38
C GLY S 370 35.03 16.19 39.38
N GLU S 371 34.55 15.76 40.56
CA GLU S 371 35.46 15.37 41.63
C GLU S 371 35.07 14.07 42.32
N VAL S 372 34.11 13.32 41.79
CA VAL S 372 33.71 12.07 42.45
C VAL S 372 34.87 11.10 42.53
N ILE S 373 35.51 10.83 41.39
CA ILE S 373 36.61 9.88 41.33
C ILE S 373 37.79 10.39 42.14
N THR S 374 38.11 11.66 41.99
CA THR S 374 39.26 12.23 42.69
C THR S 374 39.09 12.15 44.20
N ARG S 375 37.91 12.50 44.71
CA ARG S 375 37.69 12.44 46.14
C ARG S 375 37.59 11.01 46.64
N THR S 376 37.10 10.08 45.82
CA THR S 376 37.15 8.68 46.20
C THR S 376 38.59 8.22 46.42
N TRP S 377 39.49 8.56 45.49
CA TRP S 377 40.87 8.11 45.66
C TRP S 377 41.59 8.90 46.74
N GLN S 378 41.20 10.16 46.97
CA GLN S 378 41.73 10.88 48.11
C GLN S 378 41.32 10.23 49.42
N THR S 379 40.07 9.77 49.52
CA THR S 379 39.63 9.06 50.70
C THR S 379 40.40 7.76 50.89
N ALA S 380 40.61 7.03 49.80
CA ALA S 380 41.40 5.79 49.91
C ALA S 380 42.81 6.07 50.38
N ASP S 381 43.44 7.12 49.84
CA ASP S 381 44.80 7.48 50.24
C ASP S 381 44.85 7.90 51.71
N LYS S 382 43.89 8.70 52.16
CA LYS S 382 43.83 9.12 53.55
C LYS S 382 43.63 7.93 54.48
N ASN S 383 42.75 7.01 54.11
CA ASN S 383 42.51 5.82 54.93
C ASN S 383 43.74 4.94 55.00
N LYS S 384 44.47 4.79 53.89
CA LYS S 384 45.69 4.01 53.97
C LYS S 384 46.74 4.71 54.84
N LYS S 385 46.80 6.03 54.78
CA LYS S 385 47.74 6.75 55.64
C LYS S 385 47.39 6.57 57.11
N GLU S 386 46.10 6.56 57.44
CA GLU S 386 45.73 6.49 58.85
C GLU S 386 45.74 5.06 59.38
N PHE S 387 45.00 4.16 58.73
CA PHE S 387 44.82 2.80 59.22
C PHE S 387 45.82 1.81 58.64
N GLY S 388 46.68 2.23 57.74
CA GLY S 388 47.62 1.32 57.14
C GLY S 388 47.00 0.43 56.10
N ARG S 389 47.74 -0.60 55.73
CA ARG S 389 47.31 -1.51 54.69
C ARG S 389 46.21 -2.44 55.19
N LEU S 390 45.22 -2.71 54.34
CA LEU S 390 44.10 -3.54 54.73
C LEU S 390 44.56 -4.96 55.02
N LYS S 391 43.83 -5.64 55.91
CA LYS S 391 44.15 -7.02 56.27
C LYS S 391 43.66 -8.02 55.23
N GLU S 392 42.83 -7.60 54.28
CA GLU S 392 42.40 -8.46 53.18
C GLU S 392 43.37 -8.45 52.01
N GLU S 393 44.51 -7.80 52.15
CA GLU S 393 45.51 -7.78 51.10
C GLU S 393 46.24 -9.11 50.99
N LYS S 394 46.61 -9.47 49.78
CA LYS S 394 47.43 -10.65 49.48
C LYS S 394 48.68 -10.16 48.77
N GLY S 395 49.68 -9.76 49.54
CA GLY S 395 50.93 -9.31 49.00
C GLY S 395 51.25 -7.88 49.40
N ASP S 396 52.43 -7.44 48.98
CA ASP S 396 52.93 -6.09 49.29
C ASP S 396 52.31 -5.07 48.33
N ASN S 397 50.98 -5.03 48.34
CA ASN S 397 50.24 -4.13 47.47
C ASN S 397 48.96 -3.74 48.17
N ASP S 398 48.18 -2.89 47.50
CA ASP S 398 46.89 -2.43 47.99
C ASP S 398 45.78 -2.84 47.03
N ASN S 399 45.93 -4.00 46.39
CA ASN S 399 45.00 -4.40 45.34
C ASN S 399 43.58 -4.53 45.85
N PHE S 400 43.39 -5.08 47.05
CA PHE S 400 42.06 -5.24 47.60
C PHE S 400 41.40 -3.88 47.85
N ARG S 401 42.15 -2.96 48.46
CA ARG S 401 41.61 -1.62 48.71
C ARG S 401 41.33 -0.90 47.41
N ILE S 402 42.18 -1.08 46.40
CA ILE S 402 41.96 -0.47 45.11
C ILE S 402 40.66 -0.98 44.51
N LYS S 403 40.42 -2.28 44.57
CA LYS S 403 39.16 -2.83 44.05
C LYS S 403 37.96 -2.31 44.84
N ARG S 404 38.10 -2.24 46.16
CA ARG S 404 37.00 -1.78 47.01
C ARG S 404 36.59 -0.36 46.66
N TYR S 405 37.56 0.52 46.50
CA TYR S 405 37.23 1.91 46.21
C TYR S 405 36.83 2.11 44.75
N LEU S 406 37.41 1.35 43.83
CA LEU S 406 37.03 1.45 42.43
C LEU S 406 35.59 1.00 42.21
N SER S 407 35.13 0.00 42.98
CA SER S 407 33.76 -0.45 42.84
C SER S 407 32.76 0.63 43.22
N LYS S 408 33.16 1.56 44.08
CA LYS S 408 32.22 2.56 44.61
C LYS S 408 31.67 3.47 43.51
N TYR S 409 32.40 3.67 42.42
CA TYR S 409 31.90 4.51 41.34
C TYR S 409 31.82 3.81 39.99
N THR S 410 32.09 2.51 39.91
CA THR S 410 31.96 1.82 38.63
C THR S 410 30.88 0.76 38.63
N ILE S 411 31.00 -0.28 39.44
CA ILE S 411 30.15 -1.45 39.32
C ILE S 411 28.99 -1.42 40.30
N ASN S 412 29.21 -0.90 41.51
CA ASN S 412 28.13 -0.85 42.49
C ASN S 412 27.00 0.09 42.09
N PRO S 413 27.24 1.32 41.63
CA PRO S 413 26.12 2.12 41.11
C PRO S 413 25.43 1.50 39.91
N ALA S 414 26.16 0.80 39.04
CA ALA S 414 25.54 0.14 37.91
C ALA S 414 24.60 -0.97 38.36
N ILE S 415 25.02 -1.77 39.34
CA ILE S 415 24.14 -2.78 39.92
C ILE S 415 22.96 -2.13 40.59
N ALA S 416 23.18 -1.01 41.30
CA ALA S 416 22.12 -0.34 42.02
C ALA S 416 21.03 0.16 41.10
N HIS S 417 21.40 0.66 39.92
CA HIS S 417 20.41 1.21 39.01
C HIS S 417 20.13 0.30 37.82
N GLY S 418 20.44 -0.99 37.93
CA GLY S 418 20.03 -1.96 36.96
C GLY S 418 20.61 -1.80 35.57
N ILE S 419 21.86 -1.34 35.47
CA ILE S 419 22.52 -1.18 34.18
C ILE S 419 23.84 -1.94 34.14
N SER S 420 24.07 -2.85 35.09
CA SER S 420 25.35 -3.54 35.18
C SER S 420 25.50 -4.65 34.15
N GLU S 421 24.53 -4.86 33.29
CA GLU S 421 24.77 -5.72 32.14
C GLU S 421 25.31 -4.95 30.94
N TYR S 422 25.27 -3.62 30.96
CA TYR S 422 25.79 -2.80 29.88
C TYR S 422 27.10 -2.13 30.23
N VAL S 423 27.17 -1.48 31.38
CA VAL S 423 28.32 -0.69 31.77
C VAL S 423 28.78 -1.16 33.15
N GLY S 424 29.84 -0.52 33.65
CA GLY S 424 30.31 -0.73 35.00
C GLY S 424 31.62 -1.47 35.12
N SER S 425 32.02 -2.23 34.10
CA SER S 425 33.25 -3.00 34.23
C SER S 425 33.84 -3.28 32.86
N VAL S 426 35.12 -3.64 32.86
CA VAL S 426 35.82 -4.08 31.65
C VAL S 426 35.59 -5.59 31.55
N GLU S 427 34.48 -5.97 30.92
CA GLU S 427 34.15 -7.38 30.73
C GLU S 427 33.68 -7.60 29.31
N VAL S 428 33.91 -8.81 28.79
CA VAL S 428 33.51 -9.13 27.43
C VAL S 428 32.00 -9.15 27.33
N GLY S 429 31.47 -8.49 26.31
CA GLY S 429 30.06 -8.38 26.09
C GLY S 429 29.47 -7.05 26.50
N LYS S 430 30.18 -6.29 27.30
CA LYS S 430 29.69 -5.02 27.81
C LYS S 430 29.98 -3.88 26.85
N VAL S 431 29.30 -2.75 27.07
CA VAL S 431 29.52 -1.56 26.27
C VAL S 431 30.93 -1.03 26.49
N ALA S 432 31.57 -0.65 25.39
CA ALA S 432 32.96 -0.17 25.45
C ALA S 432 32.98 1.30 25.87
N ASP S 433 32.69 1.52 27.15
CA ASP S 433 32.87 2.80 27.82
C ASP S 433 34.13 2.68 28.67
N LEU S 434 35.25 3.17 28.15
CA LEU S 434 36.56 2.95 28.75
C LEU S 434 37.30 4.26 28.91
N VAL S 435 38.12 4.33 29.95
CA VAL S 435 38.92 5.51 30.25
C VAL S 435 40.38 5.10 30.29
N LEU S 436 41.24 5.85 29.60
CA LEU S 436 42.66 5.62 29.57
C LEU S 436 43.36 6.57 30.55
N TRP S 437 44.12 6.01 31.47
CA TRP S 437 44.84 6.79 32.47
C TRP S 437 46.34 6.53 32.36
N SER S 438 47.12 7.59 32.38
CA SER S 438 48.53 7.42 32.71
C SER S 438 48.68 7.32 34.22
N PRO S 439 49.44 6.35 34.74
CA PRO S 439 49.48 6.13 36.19
C PRO S 439 49.89 7.35 37.00
N ALA S 440 50.75 8.21 36.46
CA ALA S 440 51.11 9.42 37.17
C ALA S 440 49.91 10.33 37.39
N PHE S 441 48.92 10.29 36.50
CA PHE S 441 47.75 11.13 36.60
C PHE S 441 46.50 10.35 36.98
N PHE S 442 46.66 9.14 37.53
CA PHE S 442 45.51 8.29 37.78
C PHE S 442 44.59 8.91 38.81
N GLY S 443 43.30 8.90 38.51
CA GLY S 443 42.29 9.37 39.43
C GLY S 443 42.00 10.85 39.39
N VAL S 444 42.77 11.64 38.64
CA VAL S 444 42.51 13.08 38.58
C VAL S 444 42.35 13.56 37.15
N LYS S 445 43.25 13.16 36.26
CA LYS S 445 43.18 13.65 34.88
C LYS S 445 43.43 12.54 33.87
N PRO S 446 42.40 12.08 33.18
CA PRO S 446 42.56 10.96 32.24
C PRO S 446 43.21 11.38 30.93
N ASN S 447 43.60 10.37 30.15
CA ASN S 447 44.18 10.59 28.82
C ASN S 447 43.09 10.72 27.76
N MET S 448 42.21 9.73 27.65
CA MET S 448 41.14 9.80 26.67
C MET S 448 39.96 8.96 27.13
N ILE S 449 38.79 9.28 26.58
CA ILE S 449 37.56 8.54 26.84
C ILE S 449 37.16 7.82 25.56
N ILE S 450 36.90 6.53 25.67
CA ILE S 450 36.31 5.76 24.57
C ILE S 450 34.83 5.56 24.91
N LYS S 451 33.96 6.02 24.03
CA LYS S 451 32.52 6.00 24.26
C LYS S 451 31.87 5.21 23.14
N GLY S 452 31.19 4.13 23.51
CA GLY S 452 30.57 3.27 22.52
C GLY S 452 31.55 2.65 21.54
N GLY S 453 32.78 2.42 21.95
CA GLY S 453 33.78 1.85 21.06
C GLY S 453 34.48 2.83 20.15
N PHE S 454 34.35 4.12 20.40
CA PHE S 454 34.99 5.14 19.58
C PHE S 454 35.49 6.27 20.49
N ILE S 455 36.55 6.94 20.09
CA ILE S 455 37.16 7.95 20.94
C ILE S 455 36.29 9.20 20.94
N ALA S 456 35.88 9.66 22.12
CA ALA S 456 34.97 10.78 22.25
C ALA S 456 35.60 12.01 22.88
N LEU S 457 36.60 11.84 23.73
CA LEU S 457 37.27 12.95 24.37
C LEU S 457 38.73 12.57 24.56
N SER S 458 39.62 13.54 24.41
CA SER S 458 41.03 13.27 24.70
C SER S 458 41.74 14.57 24.98
N GLN S 459 42.87 14.46 25.68
CA GLN S 459 43.84 15.54 25.73
C GLN S 459 44.36 15.79 24.32
N MET S 460 44.53 17.06 23.99
CA MET S 460 44.91 17.41 22.63
C MET S 460 45.58 18.77 22.63
N GLY S 461 46.64 18.89 21.85
CA GLY S 461 47.30 20.15 21.64
C GLY S 461 46.61 20.98 20.58
N ASP S 462 47.25 22.09 20.23
CA ASP S 462 46.63 23.04 19.30
C ASP S 462 46.54 22.43 17.91
N ALA S 463 45.45 22.75 17.22
CA ALA S 463 45.13 22.11 15.95
C ALA S 463 46.17 22.41 14.87
N ASN S 464 46.85 23.55 14.95
CA ASN S 464 47.82 23.93 13.94
C ASN S 464 49.20 23.33 14.18
N ALA S 465 49.41 22.63 15.28
CA ALA S 465 50.73 22.11 15.60
C ALA S 465 51.08 20.90 14.75
N SER S 466 52.39 20.70 14.56
CA SER S 466 52.88 19.61 13.72
C SER S 466 52.67 18.24 14.35
N ILE S 467 52.43 18.18 15.66
CA ILE S 467 52.13 16.93 16.37
C ILE S 467 51.07 17.21 17.42
N PRO S 468 50.43 16.16 17.94
CA PRO S 468 49.30 16.40 18.86
C PRO S 468 49.70 16.81 20.28
N THR S 469 50.96 16.72 20.64
CA THR S 469 51.44 16.96 21.99
C THR S 469 51.64 18.42 22.42
N PRO S 470 52.07 19.34 21.55
CA PRO S 470 52.45 20.67 22.03
C PRO S 470 51.29 21.49 22.57
N GLN S 471 51.64 22.50 23.34
CA GLN S 471 50.75 23.29 24.16
C GLN S 471 49.98 24.32 23.33
N PRO S 472 48.82 24.78 23.82
CA PRO S 472 48.16 24.33 25.05
C PRO S 472 47.40 23.02 24.86
N VAL S 473 47.48 22.14 25.86
CA VAL S 473 46.82 20.84 25.84
C VAL S 473 45.66 20.90 26.81
N TYR S 474 44.46 20.63 26.32
CA TYR S 474 43.29 20.47 27.18
C TYR S 474 42.35 19.47 26.54
N TYR S 475 41.26 19.18 27.24
CA TYR S 475 40.33 18.15 26.78
C TYR S 475 39.43 18.72 25.69
N ARG S 476 39.42 18.05 24.55
CA ARG S 476 38.67 18.49 23.39
C ARG S 476 37.77 17.37 22.91
N GLU S 477 36.65 17.75 22.33
CA GLU S 477 35.72 16.76 21.80
C GLU S 477 36.33 16.07 20.60
N MET S 478 36.22 14.75 20.57
CA MET S 478 36.70 13.94 19.46
C MET S 478 35.52 13.61 18.54
N PHE S 479 35.74 12.69 17.60
CA PHE S 479 34.78 12.50 16.52
C PHE S 479 33.51 11.79 16.98
N ALA S 480 33.60 10.92 17.99
CA ALA S 480 32.39 10.28 18.51
C ALA S 480 31.47 11.27 19.21
N HIS S 481 31.94 12.48 19.45
CA HIS S 481 31.22 13.56 20.09
C HIS S 481 30.37 14.38 19.13
N HIS S 482 30.40 14.09 17.83
CA HIS S 482 29.90 15.02 16.82
C HIS S 482 29.03 14.32 15.79
N GLY S 483 28.23 15.12 15.11
CA GLY S 483 27.42 14.66 13.99
C GLY S 483 26.40 13.62 14.41
N LYS S 484 26.18 12.65 13.55
CA LYS S 484 25.34 11.51 13.85
C LYS S 484 26.11 10.38 14.53
N ALA S 485 27.42 10.55 14.71
CA ALA S 485 28.21 9.54 15.40
C ALA S 485 27.86 9.46 16.87
N LYS S 486 27.48 10.59 17.48
CA LYS S 486 27.17 10.61 18.91
C LYS S 486 25.91 9.80 19.21
N TYR S 487 25.01 9.64 18.24
CA TYR S 487 23.83 8.81 18.46
C TYR S 487 24.19 7.34 18.57
N ASP S 488 25.24 6.90 17.90
CA ASP S 488 25.66 5.51 17.99
C ASP S 488 26.49 5.23 19.23
N ALA S 489 27.11 6.25 19.80
CA ALA S 489 28.04 6.06 20.90
C ALA S 489 27.39 6.21 22.27
N ASN S 490 26.12 6.63 22.33
CA ASN S 490 25.52 7.04 23.59
C ASN S 490 24.21 6.30 23.81
N ILE S 491 23.91 6.03 25.07
CA ILE S 491 22.72 5.31 25.48
C ILE S 491 21.85 6.23 26.32
N THR S 492 20.55 6.18 26.07
CA THR S 492 19.56 6.71 27.00
C THR S 492 18.88 5.52 27.67
N PHE S 493 19.05 5.40 28.97
CA PHE S 493 18.42 4.32 29.72
C PHE S 493 16.99 4.70 30.08
N VAL S 494 16.07 3.76 29.86
CA VAL S 494 14.67 3.94 30.20
C VAL S 494 14.19 2.72 30.97
N SER S 495 12.96 2.78 31.44
CA SER S 495 12.35 1.62 32.08
C SER S 495 11.96 0.59 31.04
N GLN S 496 11.81 -0.66 31.49
CA GLN S 496 11.37 -1.72 30.60
C GLN S 496 10.00 -1.42 30.01
N ALA S 497 9.11 -0.85 30.82
CA ALA S 497 7.77 -0.53 30.36
C ALA S 497 7.79 0.49 29.23
N ALA S 498 8.55 1.58 29.41
CA ALA S 498 8.66 2.60 28.39
C ALA S 498 9.30 2.04 27.13
N TYR S 499 10.33 1.21 27.30
CA TYR S 499 10.99 0.59 26.16
C TYR S 499 10.02 -0.29 25.37
N ASP S 500 9.18 -1.05 26.07
CA ASP S 500 8.23 -1.93 25.39
C ASP S 500 7.14 -1.13 24.66
N LYS S 501 6.83 0.07 25.12
CA LYS S 501 5.83 0.90 24.47
C LYS S 501 6.42 1.76 23.34
N GLY S 502 7.67 1.54 22.97
CA GLY S 502 8.28 2.29 21.90
C GLY S 502 8.54 3.74 22.21
N ILE S 503 9.11 4.02 23.38
CA ILE S 503 9.44 5.38 23.76
C ILE S 503 10.44 5.99 22.78
N LYS S 504 11.33 5.17 22.22
CA LYS S 504 12.30 5.66 21.26
C LYS S 504 11.64 6.21 20.02
N GLU S 505 10.68 5.47 19.46
CA GLU S 505 10.02 5.88 18.23
C GLU S 505 8.97 6.95 18.49
N GLU S 506 8.32 6.92 19.65
CA GLU S 506 7.32 7.93 19.98
C GLU S 506 7.95 9.31 20.11
N LEU S 507 9.10 9.40 20.75
CA LEU S 507 9.78 10.67 20.97
C LEU S 507 10.79 11.01 19.88
N GLY S 508 10.98 10.13 18.91
CA GLY S 508 11.95 10.39 17.85
C GLY S 508 13.38 10.45 18.33
N LEU S 509 13.77 9.57 19.23
CA LEU S 509 15.10 9.56 19.80
C LEU S 509 16.06 8.78 18.92
N GLU S 510 17.22 9.36 18.65
CA GLU S 510 18.21 8.73 17.79
C GLU S 510 19.32 8.04 18.55
N ARG S 511 19.48 8.32 19.85
CA ARG S 511 20.41 7.57 20.66
C ARG S 511 19.94 6.14 20.82
N GLN S 512 20.85 5.26 21.24
CA GLN S 512 20.44 3.94 21.67
C GLN S 512 19.58 4.05 22.91
N VAL S 513 18.52 3.24 22.95
CA VAL S 513 17.60 3.23 24.08
C VAL S 513 17.60 1.83 24.65
N LEU S 514 17.97 1.71 25.93
CA LEU S 514 18.08 0.43 26.60
C LEU S 514 17.27 0.42 27.89
N PRO S 515 16.68 -0.71 28.24
CA PRO S 515 15.91 -0.81 29.50
C PRO S 515 16.77 -1.20 30.70
N VAL S 516 16.47 -0.60 31.84
CA VAL S 516 17.08 -1.03 33.10
C VAL S 516 16.37 -2.29 33.58
N LYS S 517 17.08 -3.10 34.34
CA LYS S 517 16.53 -4.38 34.79
C LYS S 517 17.26 -4.84 36.03
N ASN S 518 16.56 -5.67 36.82
CA ASN S 518 17.09 -6.29 38.03
C ASN S 518 17.40 -5.24 39.11
N CYS S 519 16.40 -4.39 39.38
CA CYS S 519 16.56 -3.34 40.37
C CYS S 519 15.97 -3.69 41.72
N ARG S 520 15.02 -4.62 41.78
CA ARG S 520 14.26 -4.87 43.00
C ARG S 520 14.76 -6.05 43.81
N ASN S 521 15.59 -6.93 43.23
CA ASN S 521 16.00 -8.15 43.90
C ASN S 521 17.44 -8.09 44.37
N ILE S 522 18.00 -6.91 44.52
CA ILE S 522 19.38 -6.74 44.95
C ILE S 522 19.38 -6.19 46.37
N THR S 523 20.39 -6.59 47.15
CA THR S 523 20.56 -6.06 48.49
C THR S 523 21.99 -5.57 48.67
N LYS S 524 22.32 -5.20 49.90
CA LYS S 524 23.68 -4.79 50.24
C LYS S 524 24.69 -5.87 49.90
N LYS S 525 24.26 -7.13 49.89
CA LYS S 525 25.15 -8.23 49.56
C LYS S 525 25.52 -8.29 48.09
N ASP S 526 24.86 -7.52 47.23
CA ASP S 526 25.16 -7.50 45.81
C ASP S 526 26.18 -6.45 45.42
N MET S 527 26.72 -5.71 46.37
CA MET S 527 27.74 -4.71 46.09
C MET S 527 29.12 -5.36 46.16
N GLN S 528 29.92 -5.12 45.12
CA GLN S 528 31.23 -5.74 45.06
C GLN S 528 32.19 -5.06 46.04
N PHE S 529 32.81 -5.86 46.90
CA PHE S 529 33.83 -5.43 47.84
C PHE S 529 33.29 -4.47 48.89
N ASN S 530 32.01 -4.11 48.80
CA ASN S 530 31.35 -3.29 49.81
C ASN S 530 30.03 -3.96 50.14
N ASP S 531 30.08 -4.99 50.97
CA ASP S 531 28.87 -5.72 51.33
C ASP S 531 28.77 -5.92 52.83
N THR S 532 29.43 -5.09 53.61
CA THR S 532 29.50 -5.25 55.06
C THR S 532 28.23 -4.70 55.69
N THR S 533 27.46 -5.58 56.33
CA THR S 533 26.31 -5.18 57.12
C THR S 533 26.68 -5.23 58.59
N ALA S 534 26.18 -4.26 59.35
CA ALA S 534 26.53 -4.17 60.76
C ALA S 534 25.45 -3.38 61.47
N HIS S 535 25.41 -3.54 62.79
CA HIS S 535 24.50 -2.75 63.62
C HIS S 535 25.18 -1.43 63.94
N ILE S 536 24.61 -0.34 63.45
CA ILE S 536 25.17 0.99 63.63
C ILE S 536 24.30 1.74 64.62
N GLU S 537 24.92 2.24 65.67
CA GLU S 537 24.25 3.04 66.69
C GLU S 537 24.85 4.44 66.69
N VAL S 538 24.00 5.44 66.82
CA VAL S 538 24.41 6.84 66.89
C VAL S 538 23.93 7.42 68.21
N ASN S 539 24.84 8.03 68.95
CA ASN S 539 24.48 8.62 70.23
C ASN S 539 23.62 9.86 69.99
N PRO S 540 22.41 9.94 70.56
CA PRO S 540 21.58 11.12 70.33
C PRO S 540 22.19 12.42 70.85
N GLU S 541 23.07 12.34 71.86
CA GLU S 541 23.65 13.54 72.46
C GLU S 541 25.01 13.89 71.87
N THR S 542 25.96 12.95 71.96
CA THR S 542 27.32 13.23 71.50
C THR S 542 27.50 13.02 70.01
N TYR S 543 26.51 12.45 69.33
CA TYR S 543 26.55 12.18 67.89
C TYR S 543 27.64 11.20 67.51
N HIS S 544 28.18 10.46 68.48
CA HIS S 544 29.20 9.47 68.17
C HIS S 544 28.58 8.26 67.47
N VAL S 545 29.39 7.62 66.64
CA VAL S 545 28.93 6.50 65.81
C VAL S 545 29.64 5.24 66.27
N PHE S 546 28.85 4.21 66.55
CA PHE S 546 29.36 2.91 66.96
C PHE S 546 28.92 1.86 65.96
N VAL S 547 29.87 1.07 65.48
CA VAL S 547 29.60 -0.04 64.59
C VAL S 547 29.89 -1.32 65.35
N ASP S 548 28.86 -2.14 65.55
CA ASP S 548 28.98 -3.40 66.28
C ASP S 548 29.57 -3.18 67.66
N GLY S 549 29.18 -2.07 68.29
CA GLY S 549 29.58 -1.78 69.65
C GLY S 549 30.86 -0.99 69.80
N LYS S 550 31.63 -0.80 68.72
CA LYS S 550 32.91 -0.11 68.79
C LYS S 550 32.80 1.24 68.10
N GLU S 551 33.39 2.26 68.71
CA GLU S 551 33.32 3.61 68.17
C GLU S 551 34.13 3.70 66.87
N VAL S 552 33.56 4.37 65.88
CA VAL S 552 34.17 4.54 64.57
C VAL S 552 34.37 6.02 64.33
N THR S 553 35.61 6.40 64.03
CA THR S 553 35.92 7.79 63.77
C THR S 553 37.18 7.85 62.91
N SER S 554 37.37 9.00 62.28
CA SER S 554 38.59 9.27 61.53
C SER S 554 39.08 10.67 61.89
N LYS S 555 40.34 10.91 61.66
CA LYS S 555 40.77 12.25 61.97
C LYS S 555 40.87 13.09 60.70
N PRO S 556 40.68 14.40 60.79
CA PRO S 556 40.71 15.24 59.58
C PRO S 556 42.11 15.33 59.00
N ALA S 557 42.15 15.61 57.70
CA ALA S 557 43.39 15.76 56.96
C ALA S 557 43.66 17.23 56.69
N ASN S 558 44.89 17.66 56.97
CA ASN S 558 45.31 19.02 56.66
C ASN S 558 45.85 19.16 55.25
N LYS S 559 46.02 18.06 54.53
CA LYS S 559 46.51 18.06 53.16
C LYS S 559 46.14 16.73 52.53
N VAL S 560 45.68 16.79 51.29
CA VAL S 560 45.28 15.58 50.56
C VAL S 560 46.15 15.46 49.33
N SER S 561 46.19 14.26 48.78
CA SER S 561 46.85 14.05 47.51
C SER S 561 45.89 14.37 46.37
N LEU S 562 46.44 14.42 45.16
CA LEU S 562 45.66 14.62 43.93
C LEU S 562 44.94 15.96 43.91
N ALA S 563 45.42 16.97 44.64
CA ALA S 563 44.71 18.25 44.66
C ALA S 563 45.50 19.39 44.05
N GLN S 564 46.57 19.86 44.69
CA GLN S 564 47.23 21.07 44.24
C GLN S 564 48.41 20.80 43.33
N LEU S 565 48.84 19.55 43.25
CA LEU S 565 49.91 19.17 42.35
C LEU S 565 49.45 19.12 40.90
N PHE S 566 48.15 18.96 40.66
CA PHE S 566 47.64 18.63 39.34
C PHE S 566 46.79 19.72 38.69
N SER S 567 46.39 20.75 39.42
CA SER S 567 45.44 21.72 38.91
C SER S 567 45.95 23.13 39.12
N ILE S 568 45.73 23.99 38.13
CA ILE S 568 46.11 25.39 38.27
C ILE S 568 45.12 26.15 39.14
N PHE S 569 43.89 25.68 39.26
CA PHE S 569 42.90 26.31 40.11
C PHE S 569 42.13 25.26 40.90
N MET T 1 -21.90 64.38 20.96
CA MET T 1 -22.44 64.16 22.30
C MET T 1 -23.90 64.57 22.37
N LYS T 2 -24.77 63.59 22.58
CA LYS T 2 -26.21 63.81 22.66
C LYS T 2 -26.75 63.06 23.85
N LYS T 3 -27.88 63.54 24.38
CA LYS T 3 -28.57 62.92 25.50
C LYS T 3 -29.74 62.08 24.98
N ILE T 4 -29.85 60.86 25.49
CA ILE T 4 -30.93 59.95 25.13
C ILE T 4 -31.64 59.54 26.41
N SER T 5 -32.96 59.65 26.41
CA SER T 5 -33.74 59.22 27.57
C SER T 5 -33.61 57.72 27.77
N ARG T 6 -33.59 57.30 29.04
CA ARG T 6 -33.41 55.89 29.35
C ARG T 6 -34.51 55.04 28.72
N LYS T 7 -35.72 55.56 28.64
CA LYS T 7 -36.82 54.78 28.10
C LYS T 7 -36.57 54.40 26.64
N GLU T 8 -36.27 55.38 25.81
CA GLU T 8 -36.06 55.07 24.39
C GLU T 8 -34.76 54.30 24.18
N TYR T 9 -33.74 54.55 24.99
CA TYR T 9 -32.52 53.77 24.91
C TYR T 9 -32.78 52.30 25.18
N VAL T 10 -33.56 52.01 26.23
CA VAL T 10 -33.84 50.63 26.58
C VAL T 10 -34.74 49.99 25.54
N SER T 11 -35.68 50.76 24.97
CA SER T 11 -36.51 50.23 23.91
C SER T 11 -35.69 49.88 22.67
N MET T 12 -34.60 50.61 22.43
CA MET T 12 -33.81 50.32 21.24
C MET T 12 -32.78 49.21 21.47
N TYR T 13 -32.12 49.19 22.62
CA TYR T 13 -30.99 48.30 22.83
C TYR T 13 -31.12 47.39 24.04
N GLY T 14 -32.20 47.47 24.79
CA GLY T 14 -32.35 46.68 26.00
C GLY T 14 -31.89 47.41 27.23
N PRO T 15 -32.08 46.80 28.40
CA PRO T 15 -31.68 47.45 29.64
C PRO T 15 -30.17 47.62 29.73
N THR T 16 -29.76 48.66 30.43
CA THR T 16 -28.34 48.97 30.61
C THR T 16 -28.04 48.97 32.11
N THR T 17 -26.82 49.38 32.46
CA THR T 17 -26.37 49.27 33.85
C THR T 17 -27.31 50.03 34.79
N GLY T 18 -27.70 49.36 35.87
CA GLY T 18 -28.59 49.92 36.85
C GLY T 18 -30.06 49.65 36.61
N ASP T 19 -30.44 49.28 35.40
CA ASP T 19 -31.81 48.90 35.12
C ASP T 19 -32.13 47.54 35.71
N LYS T 20 -33.40 47.33 35.97
CA LYS T 20 -33.88 46.10 36.58
C LYS T 20 -35.01 45.52 35.73
N VAL T 21 -35.07 44.19 35.68
CA VAL T 21 -36.09 43.50 34.89
C VAL T 21 -36.68 42.37 35.72
N ARG T 22 -38.01 42.27 35.68
CA ARG T 22 -38.69 41.15 36.31
C ARG T 22 -38.49 39.88 35.49
N LEU T 23 -38.32 38.76 36.18
CA LEU T 23 -38.14 37.46 35.54
C LEU T 23 -39.48 36.75 35.51
N GLY T 24 -40.03 36.58 34.30
CA GLY T 24 -41.33 35.94 34.16
C GLY T 24 -42.40 36.69 34.93
N ASP T 25 -43.34 35.94 35.48
CA ASP T 25 -44.37 36.50 36.35
C ASP T 25 -44.02 36.34 37.83
N THR T 26 -42.74 36.14 38.14
CA THR T 26 -42.31 35.94 39.52
C THR T 26 -42.08 37.30 40.19
N ASP T 27 -41.51 37.27 41.39
CA ASP T 27 -41.11 38.47 42.10
C ASP T 27 -39.61 38.68 42.09
N LEU T 28 -38.86 37.84 41.38
CA LEU T 28 -37.41 37.98 41.32
C LEU T 28 -37.03 39.10 40.36
N ILE T 29 -36.17 40.00 40.82
CA ILE T 29 -35.78 41.18 40.06
C ILE T 29 -34.29 41.09 39.77
N ALA T 30 -33.94 41.15 38.49
CA ALA T 30 -32.56 41.10 38.06
C ALA T 30 -32.08 42.50 37.70
N GLU T 31 -30.92 42.87 38.21
CA GLU T 31 -30.32 44.17 37.94
C GLU T 31 -29.08 43.98 37.08
N VAL T 32 -28.98 44.77 36.01
CA VAL T 32 -27.81 44.73 35.16
C VAL T 32 -26.62 45.31 35.91
N GLU T 33 -25.58 44.51 36.08
CA GLU T 33 -24.45 44.92 36.90
C GLU T 33 -23.44 45.75 36.11
N HIS T 34 -23.22 45.42 34.84
CA HIS T 34 -22.21 46.06 34.03
C HIS T 34 -22.63 45.99 32.57
N ASP T 35 -22.09 46.90 31.78
CA ASP T 35 -22.35 46.97 30.35
C ASP T 35 -21.04 47.08 29.60
N TYR T 36 -20.86 46.24 28.58
CA TYR T 36 -19.65 46.25 27.77
C TYR T 36 -19.73 47.19 26.58
N THR T 37 -20.81 47.94 26.45
CA THR T 37 -21.03 48.71 25.24
C THR T 37 -20.42 50.10 25.36
N ILE T 38 -20.14 50.69 24.21
CA ILE T 38 -19.80 52.10 24.13
C ILE T 38 -21.04 52.84 23.66
N TYR T 39 -21.54 53.75 24.49
CA TYR T 39 -22.79 54.44 24.20
C TYR T 39 -22.66 55.24 22.91
N GLY T 40 -23.54 54.95 21.95
CA GLY T 40 -23.45 55.51 20.63
C GLY T 40 -22.85 54.58 19.59
N GLU T 41 -22.40 53.40 19.99
CA GLU T 41 -21.76 52.47 19.06
C GLU T 41 -22.45 51.10 19.07
N GLU T 42 -23.70 51.03 19.48
CA GLU T 42 -24.39 49.75 19.62
C GLU T 42 -24.60 49.08 18.26
N LEU T 43 -24.60 47.76 18.27
CA LEU T 43 -24.82 46.97 17.06
C LEU T 43 -26.31 46.73 16.87
N LYS T 44 -26.84 47.20 15.76
CA LYS T 44 -28.24 47.00 15.41
C LYS T 44 -28.30 46.48 13.98
N PHE T 45 -29.16 45.48 13.75
CA PHE T 45 -29.33 44.92 12.43
C PHE T 45 -30.69 45.31 11.86
N GLY T 46 -30.71 45.63 10.59
CA GLY T 46 -31.92 46.04 9.92
C GLY T 46 -31.60 46.98 8.79
N GLY T 47 -32.66 47.52 8.17
CA GLY T 47 -32.48 48.45 7.08
C GLY T 47 -32.02 49.80 7.58
N GLY T 48 -30.91 50.31 7.05
CA GLY T 48 -30.38 51.58 7.45
C GLY T 48 -29.69 51.60 8.79
N LYS T 49 -29.40 50.45 9.37
CA LYS T 49 -28.82 50.36 10.70
C LYS T 49 -27.31 50.14 10.60
N THR T 50 -26.71 49.80 11.74
CA THR T 50 -25.25 49.85 11.84
C THR T 50 -24.57 48.61 11.27
N LEU T 51 -25.19 47.44 11.39
CA LEU T 51 -24.54 46.20 11.00
C LEU T 51 -24.48 46.03 9.49
N ARG T 52 -23.73 46.91 8.82
CA ARG T 52 -23.68 46.94 7.37
C ARG T 52 -22.24 47.06 6.91
N GLU T 53 -22.03 46.71 5.65
CA GLU T 53 -20.70 46.72 5.06
C GLU T 53 -20.04 48.08 5.22
N GLY T 54 -18.88 48.09 5.89
CA GLY T 54 -18.12 49.29 6.06
C GLY T 54 -18.42 50.11 7.30
N MET T 55 -19.45 49.74 8.07
CA MET T 55 -19.77 50.48 9.29
C MET T 55 -19.55 49.65 10.55
N SER T 56 -20.29 48.55 10.69
CA SER T 56 -20.10 47.63 11.82
C SER T 56 -19.68 46.25 11.37
N GLN T 57 -19.97 45.87 10.14
CA GLN T 57 -19.32 44.74 9.50
C GLN T 57 -18.05 45.27 8.83
N SER T 58 -16.92 44.65 9.15
CA SER T 58 -15.65 45.13 8.64
C SER T 58 -15.45 44.71 7.19
N ASN T 59 -14.89 45.63 6.40
CA ASN T 59 -14.41 45.29 5.07
C ASN T 59 -13.00 44.74 5.07
N ASN T 60 -12.30 44.83 6.21
CA ASN T 60 -10.98 44.25 6.39
C ASN T 60 -10.98 43.53 7.73
N PRO T 61 -11.69 42.41 7.83
CA PRO T 61 -11.88 41.76 9.12
C PRO T 61 -10.60 41.11 9.63
N SER T 62 -10.56 40.90 10.94
CA SER T 62 -9.48 40.11 11.50
C SER T 62 -9.61 38.66 11.04
N LYS T 63 -8.58 37.87 11.32
CA LYS T 63 -8.62 36.47 10.93
C LYS T 63 -9.45 35.61 11.87
N GLU T 64 -9.79 36.14 13.06
CA GLU T 64 -10.68 35.47 14.00
C GLU T 64 -12.11 35.94 13.84
N GLU T 65 -12.49 36.19 12.59
CA GLU T 65 -13.83 36.69 12.26
C GLU T 65 -14.90 35.73 12.77
N LEU T 66 -15.96 36.31 13.34
CA LEU T 66 -17.02 35.53 13.96
C LEU T 66 -17.93 34.88 12.93
N ASP T 67 -18.47 33.72 13.28
CA ASP T 67 -19.54 33.11 12.48
C ASP T 67 -20.89 33.71 12.84
N LEU T 68 -21.11 33.96 14.12
CA LEU T 68 -22.38 34.43 14.65
C LEU T 68 -22.10 35.40 15.77
N ILE T 69 -22.87 36.48 15.83
CA ILE T 69 -22.79 37.42 16.93
C ILE T 69 -24.19 37.70 17.44
N ILE T 70 -24.34 37.72 18.77
CA ILE T 70 -25.58 38.07 19.42
C ILE T 70 -25.40 39.45 20.03
N THR T 71 -26.16 40.41 19.54
CA THR T 71 -25.96 41.80 19.91
C THR T 71 -26.85 42.19 21.07
N ASN T 72 -26.29 42.97 22.00
CA ASN T 72 -27.05 43.62 23.05
C ASN T 72 -27.78 42.63 23.94
N ALA T 73 -27.12 41.52 24.24
CA ALA T 73 -27.71 40.46 25.04
C ALA T 73 -27.52 40.74 26.53
N LEU T 74 -28.57 40.49 27.30
CA LEU T 74 -28.46 40.48 28.75
C LEU T 74 -28.10 39.06 29.18
N ILE T 75 -26.88 38.89 29.65
CA ILE T 75 -26.39 37.59 30.08
C ILE T 75 -26.76 37.36 31.53
N VAL T 76 -27.45 36.26 31.79
CA VAL T 76 -27.71 35.80 33.16
C VAL T 76 -26.94 34.51 33.35
N ASP T 77 -25.88 34.58 34.14
CA ASP T 77 -24.95 33.50 34.34
C ASP T 77 -24.52 33.53 35.80
N TYR T 78 -23.90 32.46 36.27
CA TYR T 78 -23.38 32.50 37.63
C TYR T 78 -22.20 33.44 37.75
N THR T 79 -21.54 33.74 36.65
CA THR T 79 -20.45 34.71 36.66
C THR T 79 -20.92 36.15 36.68
N GLY T 80 -22.21 36.41 36.48
CA GLY T 80 -22.73 37.76 36.61
C GLY T 80 -23.93 37.99 35.72
N ILE T 81 -24.58 39.12 35.95
CA ILE T 81 -25.75 39.54 35.19
C ILE T 81 -25.38 40.86 34.54
N TYR T 82 -25.12 40.84 33.23
CA TYR T 82 -24.53 41.99 32.56
C TYR T 82 -24.89 41.98 31.08
N LYS T 83 -24.69 43.13 30.44
CA LYS T 83 -24.97 43.31 29.03
C LYS T 83 -23.68 43.23 28.22
N ALA T 84 -23.71 42.46 27.13
CA ALA T 84 -22.55 42.34 26.25
C ALA T 84 -23.03 41.80 24.90
N ASP T 85 -22.08 41.71 23.98
CA ASP T 85 -22.27 40.98 22.74
C ASP T 85 -21.54 39.65 22.83
N ILE T 86 -22.19 38.59 22.36
CA ILE T 86 -21.61 37.25 22.38
C ILE T 86 -21.24 36.89 20.97
N GLY T 87 -19.97 36.55 20.77
CA GLY T 87 -19.47 36.10 19.49
C GLY T 87 -19.22 34.60 19.51
N ILE T 88 -19.65 33.94 18.46
CA ILE T 88 -19.55 32.49 18.32
C ILE T 88 -18.68 32.20 17.11
N LYS T 89 -17.66 31.36 17.29
CA LYS T 89 -16.81 30.93 16.19
C LYS T 89 -16.49 29.46 16.36
N ASP T 90 -16.86 28.66 15.35
CA ASP T 90 -16.52 27.23 15.30
C ASP T 90 -17.11 26.46 16.46
N GLY T 91 -18.37 26.75 16.80
CA GLY T 91 -19.08 26.04 17.83
C GLY T 91 -18.73 26.43 19.24
N LYS T 92 -17.74 27.28 19.44
CA LYS T 92 -17.35 27.74 20.76
C LYS T 92 -17.76 29.20 20.94
N ILE T 93 -17.80 29.63 22.19
CA ILE T 93 -17.95 31.04 22.50
C ILE T 93 -16.58 31.70 22.33
N ALA T 94 -16.46 32.55 21.31
CA ALA T 94 -15.19 33.16 20.98
C ALA T 94 -14.91 34.44 21.76
N GLY T 95 -15.93 35.20 22.11
CA GLY T 95 -15.72 36.44 22.83
C GLY T 95 -16.98 36.96 23.46
N ILE T 96 -16.81 37.71 24.54
CA ILE T 96 -17.89 38.39 25.23
C ILE T 96 -17.44 39.82 25.43
N GLY T 97 -18.21 40.77 24.90
CA GLY T 97 -17.82 42.15 25.03
C GLY T 97 -18.46 43.10 24.05
N LYS T 98 -17.66 43.96 23.43
CA LYS T 98 -18.22 45.04 22.63
C LYS T 98 -18.65 44.55 21.26
N GLY T 99 -17.71 44.04 20.46
CA GLY T 99 -18.08 43.53 19.15
C GLY T 99 -18.34 44.61 18.11
N GLY T 100 -17.86 44.39 16.89
CA GLY T 100 -18.06 45.38 15.85
C GLY T 100 -16.94 45.47 14.84
N ASN T 101 -16.70 46.67 14.33
CA ASN T 101 -15.72 46.92 13.27
C ASN T 101 -14.66 47.86 13.80
N LYS T 102 -13.41 47.39 13.78
CA LYS T 102 -12.30 48.19 14.27
C LYS T 102 -11.97 49.37 13.37
N ASP T 103 -12.39 49.33 12.11
CA ASP T 103 -12.15 50.45 11.21
C ASP T 103 -12.94 51.69 11.60
N MET T 104 -14.12 51.52 12.19
CA MET T 104 -15.01 52.63 12.45
C MET T 104 -15.38 52.79 13.92
N GLN T 105 -14.92 51.91 14.80
CA GLN T 105 -15.33 51.92 16.20
C GLN T 105 -14.13 51.64 17.09
N ASP T 106 -14.18 52.17 18.31
CA ASP T 106 -12.99 52.25 19.15
C ASP T 106 -12.65 50.93 19.83
N GLY T 107 -13.53 50.42 20.68
CA GLY T 107 -13.15 49.33 21.55
C GLY T 107 -13.44 47.92 21.07
N VAL T 108 -12.90 47.53 19.91
CA VAL T 108 -13.18 46.24 19.31
C VAL T 108 -11.91 45.41 19.31
N LYS T 109 -11.94 44.26 19.95
CA LYS T 109 -10.82 43.33 19.99
C LYS T 109 -10.95 42.28 18.90
N ASN T 110 -9.82 41.66 18.55
CA ASN T 110 -9.77 40.80 17.38
C ASN T 110 -10.70 39.60 17.48
N ASN T 111 -11.01 39.15 18.70
CA ASN T 111 -11.88 38.00 18.85
C ASN T 111 -13.36 38.36 18.73
N LEU T 112 -13.70 39.64 18.64
CA LEU T 112 -15.09 40.08 18.53
C LEU T 112 -15.34 40.83 17.23
N SER T 113 -14.57 40.52 16.20
CA SER T 113 -14.65 41.23 14.93
C SER T 113 -15.79 40.70 14.07
N VAL T 114 -16.66 41.60 13.62
CA VAL T 114 -17.75 41.27 12.72
C VAL T 114 -17.28 41.53 11.30
N GLY T 115 -17.33 40.51 10.47
CA GLY T 115 -16.96 40.64 9.09
C GLY T 115 -18.02 40.09 8.17
N PRO T 116 -17.67 39.89 6.90
CA PRO T 116 -18.64 39.37 5.94
C PRO T 116 -19.09 37.95 6.20
N ALA T 117 -18.38 37.18 7.02
CA ALA T 117 -18.75 35.81 7.32
C ALA T 117 -19.65 35.68 8.55
N THR T 118 -20.07 36.78 9.14
CA THR T 118 -20.78 36.75 10.41
C THR T 118 -22.29 36.83 10.18
N GLU T 119 -23.02 35.97 10.87
CA GLU T 119 -24.47 36.05 10.96
C GLU T 119 -24.87 36.89 12.17
N ALA T 120 -25.97 37.62 12.04
CA ALA T 120 -26.44 38.52 13.08
C ALA T 120 -27.67 37.94 13.77
N LEU T 121 -27.63 37.90 15.10
CA LEU T 121 -28.77 37.52 15.91
C LEU T 121 -29.03 38.65 16.91
N ALA T 122 -30.22 39.23 16.84
CA ALA T 122 -30.56 40.35 17.71
C ALA T 122 -30.96 39.83 19.08
N GLY T 123 -30.36 40.41 20.11
CA GLY T 123 -30.67 40.00 21.47
C GLY T 123 -31.14 41.13 22.35
N GLU T 124 -31.40 42.29 21.77
CA GLU T 124 -31.84 43.43 22.55
C GLU T 124 -33.19 43.12 23.20
N GLY T 125 -33.28 43.39 24.49
CA GLY T 125 -34.46 43.05 25.25
C GLY T 125 -34.61 41.59 25.57
N LEU T 126 -33.58 40.77 25.34
CA LEU T 126 -33.64 39.35 25.59
C LEU T 126 -32.58 38.95 26.61
N ILE T 127 -32.77 37.77 27.18
CA ILE T 127 -31.86 37.19 28.16
C ILE T 127 -31.17 36.00 27.53
N VAL T 128 -29.87 35.87 27.76
CA VAL T 128 -29.11 34.71 27.34
C VAL T 128 -28.60 33.99 28.59
N THR T 129 -28.95 32.73 28.72
CA THR T 129 -28.39 31.84 29.73
C THR T 129 -27.74 30.66 29.04
N ALA T 130 -26.94 29.93 29.79
CA ALA T 130 -26.42 28.66 29.31
C ALA T 130 -27.54 27.64 29.19
N GLY T 131 -27.35 26.67 28.31
CA GLY T 131 -28.27 25.55 28.24
C GLY T 131 -28.32 24.79 29.56
N GLY T 132 -29.51 24.33 29.91
CA GLY T 132 -29.66 23.55 31.12
C GLY T 132 -29.05 22.18 31.01
N ILE T 133 -28.70 21.62 32.16
CA ILE T 133 -28.10 20.29 32.24
C ILE T 133 -28.93 19.46 33.20
N ASP T 134 -29.50 18.38 32.70
CA ASP T 134 -30.33 17.48 33.48
C ASP T 134 -29.55 16.20 33.71
N THR T 135 -29.30 15.86 34.98
CA THR T 135 -28.40 14.76 35.32
C THR T 135 -29.12 13.56 35.93
N HIS T 136 -30.44 13.51 35.87
CA HIS T 136 -31.21 12.40 36.42
C HIS T 136 -32.24 11.92 35.40
N ILE T 137 -31.79 11.60 34.21
CA ILE T 137 -32.65 11.16 33.12
C ILE T 137 -32.83 9.64 33.18
N HIS T 138 -34.07 9.19 33.22
CA HIS T 138 -34.41 7.81 32.90
C HIS T 138 -34.71 7.75 31.41
N PHE T 139 -33.82 7.12 30.64
CA PHE T 139 -34.02 7.02 29.19
C PHE T 139 -35.11 5.98 28.92
N ILE T 140 -36.34 6.41 29.13
CA ILE T 140 -37.50 5.55 29.00
C ILE T 140 -38.14 5.68 27.62
N SER T 141 -38.25 6.89 27.10
CA SER T 141 -38.75 7.12 25.77
C SER T 141 -37.92 8.20 25.08
N PRO T 142 -37.64 8.04 23.79
CA PRO T 142 -36.93 9.10 23.06
C PRO T 142 -37.67 10.42 23.05
N GLN T 143 -38.99 10.42 23.19
CA GLN T 143 -39.78 11.63 23.17
C GLN T 143 -39.49 12.56 24.34
N GLN T 144 -38.81 12.08 25.38
CA GLN T 144 -38.36 12.95 26.46
C GLN T 144 -37.36 13.99 25.96
N ILE T 145 -36.53 13.62 24.99
CA ILE T 145 -35.46 14.51 24.54
C ILE T 145 -36.00 15.79 23.90
N PRO T 146 -36.93 15.74 22.95
CA PRO T 146 -37.50 17.00 22.46
C PRO T 146 -38.23 17.78 23.52
N THR T 147 -38.87 17.12 24.48
CA THR T 147 -39.58 17.82 25.54
C THR T 147 -38.62 18.61 26.42
N ALA T 148 -37.51 18.00 26.81
CA ALA T 148 -36.52 18.70 27.60
C ALA T 148 -35.83 19.79 26.79
N PHE T 149 -35.65 19.55 25.50
CA PHE T 149 -35.04 20.55 24.62
C PHE T 149 -35.88 21.81 24.56
N ALA T 150 -37.19 21.67 24.44
CA ALA T 150 -38.07 22.82 24.31
C ALA T 150 -38.19 23.63 25.59
N SER T 151 -37.75 23.10 26.72
CA SER T 151 -37.80 23.80 27.99
C SER T 151 -36.50 24.51 28.34
N GLY T 152 -35.45 24.33 27.54
CA GLY T 152 -34.17 24.97 27.80
C GLY T 152 -33.04 24.07 28.24
N VAL T 153 -33.22 22.75 28.19
CA VAL T 153 -32.18 21.81 28.57
C VAL T 153 -31.42 21.39 27.32
N THR T 154 -30.09 21.47 27.36
CA THR T 154 -29.25 21.10 26.23
C THR T 154 -28.35 19.90 26.50
N THR T 155 -28.26 19.41 27.72
CA THR T 155 -27.50 18.21 28.05
C THR T 155 -28.35 17.32 28.92
N MET T 156 -28.47 16.05 28.55
CA MET T 156 -29.15 15.05 29.37
C MET T 156 -28.15 13.97 29.75
N ILE T 157 -28.02 13.72 31.05
CA ILE T 157 -27.16 12.67 31.57
C ILE T 157 -28.04 11.71 32.37
N GLY T 158 -27.88 10.43 32.11
CA GLY T 158 -28.66 9.42 32.80
C GLY T 158 -28.40 8.03 32.27
N GLY T 159 -29.35 7.13 32.44
CA GLY T 159 -29.19 5.78 31.93
C GLY T 159 -30.53 5.18 31.62
N GLY T 160 -30.48 4.08 30.89
CA GLY T 160 -31.68 3.34 30.51
C GLY T 160 -31.51 2.75 29.13
N THR T 161 -32.39 1.81 28.81
CA THR T 161 -32.43 1.18 27.50
C THR T 161 -33.78 1.35 26.83
N GLY T 162 -34.75 1.95 27.49
CA GLY T 162 -36.09 2.07 26.95
C GLY T 162 -37.14 1.76 28.00
N PRO T 163 -38.33 1.40 27.56
CA PRO T 163 -39.44 1.22 28.49
C PRO T 163 -39.40 -0.10 29.25
N ALA T 164 -38.24 -0.71 29.32
CA ALA T 164 -38.05 -1.88 30.16
C ALA T 164 -38.20 -1.54 31.64
N ASP T 165 -38.61 -2.54 32.43
CA ASP T 165 -38.91 -2.33 33.84
C ASP T 165 -37.68 -1.90 34.62
N GLY T 166 -36.50 -2.40 34.25
CA GLY T 166 -35.28 -1.95 34.88
C GLY T 166 -35.02 -0.47 34.66
N THR T 167 -35.31 0.03 33.46
CA THR T 167 -35.16 1.44 33.17
C THR T 167 -36.27 2.28 33.81
N ASN T 168 -37.49 1.75 33.88
CA ASN T 168 -38.58 2.48 34.52
C ASN T 168 -38.27 2.79 35.97
N ALA T 169 -37.36 2.02 36.58
CA ALA T 169 -36.96 2.23 37.97
C ALA T 169 -35.61 2.91 38.09
N THR T 170 -34.66 2.64 37.21
CA THR T 170 -33.28 3.02 37.40
C THR T 170 -32.74 3.78 36.19
N THR T 171 -31.81 4.70 36.45
CA THR T 171 -31.08 5.39 35.38
C THR T 171 -29.80 4.62 35.03
N ILE T 172 -29.99 3.39 34.59
CA ILE T 172 -28.88 2.47 34.38
C ILE T 172 -28.91 1.96 32.95
N THR T 173 -27.77 2.06 32.27
CA THR T 173 -27.55 1.39 30.99
C THR T 173 -26.58 0.25 31.25
N PRO T 174 -27.05 -0.98 31.42
CA PRO T 174 -26.19 -2.05 31.93
C PRO T 174 -25.38 -2.77 30.87
N GLY T 175 -24.07 -2.68 30.95
CA GLY T 175 -23.19 -3.52 30.17
C GLY T 175 -22.78 -2.92 28.84
N ARG T 176 -21.75 -3.54 28.27
CA ARG T 176 -21.11 -3.02 27.06
C ARG T 176 -22.08 -3.00 25.87
N ARG T 177 -22.82 -4.08 25.67
CA ARG T 177 -23.71 -4.16 24.51
C ARG T 177 -24.85 -3.15 24.60
N ASN T 178 -25.44 -2.99 25.78
CA ASN T 178 -26.50 -2.00 25.94
C ASN T 178 -25.95 -0.58 25.80
N LEU T 179 -24.73 -0.35 26.29
CA LEU T 179 -24.07 0.93 26.07
C LEU T 179 -23.89 1.20 24.58
N LYS T 180 -23.48 0.19 23.82
CA LYS T 180 -23.33 0.36 22.38
C LYS T 180 -24.66 0.67 21.71
N TRP T 181 -25.72 -0.03 22.12
CA TRP T 181 -27.06 0.28 21.63
C TRP T 181 -27.39 1.75 21.83
N MET T 182 -27.24 2.23 23.07
CA MET T 182 -27.66 3.61 23.35
C MET T 182 -26.74 4.64 22.71
N LEU T 183 -25.45 4.36 22.62
CA LEU T 183 -24.52 5.28 21.99
C LEU T 183 -24.79 5.41 20.50
N ARG T 184 -25.17 4.31 19.84
CA ARG T 184 -25.51 4.41 18.43
C ARG T 184 -26.90 5.00 18.22
N ALA T 185 -27.81 4.81 19.16
CA ALA T 185 -29.10 5.48 19.06
C ALA T 185 -28.96 6.99 19.25
N ALA T 186 -27.98 7.42 20.05
CA ALA T 186 -27.83 8.83 20.39
C ALA T 186 -27.58 9.71 19.18
N GLU T 187 -27.03 9.15 18.09
CA GLU T 187 -26.77 9.88 16.86
C GLU T 187 -28.01 10.56 16.29
N GLU T 188 -29.20 10.21 16.76
CA GLU T 188 -30.45 10.74 16.25
C GLU T 188 -30.75 12.16 16.75
N TYR T 189 -30.29 12.50 17.95
CA TYR T 189 -30.95 13.52 18.75
C TYR T 189 -30.19 14.85 18.79
N SER T 190 -30.95 15.90 19.04
CA SER T 190 -30.41 17.23 19.31
C SER T 190 -30.37 17.41 20.83
N MET T 191 -29.28 16.91 21.42
CA MET T 191 -29.05 16.95 22.86
C MET T 191 -27.65 16.43 23.11
N ASN T 192 -26.95 17.02 24.06
CA ASN T 192 -25.73 16.41 24.57
C ASN T 192 -26.10 15.25 25.49
N LEU T 193 -25.44 14.12 25.30
CA LEU T 193 -25.83 12.90 26.00
C LEU T 193 -24.63 12.22 26.64
N GLY T 194 -24.85 11.66 27.80
CA GLY T 194 -23.89 10.79 28.46
C GLY T 194 -24.65 9.77 29.28
N PHE T 195 -24.07 8.59 29.41
CA PHE T 195 -24.78 7.46 29.98
C PHE T 195 -24.08 6.90 31.21
N LEU T 196 -24.88 6.55 32.20
CA LEU T 196 -24.41 5.93 33.44
C LEU T 196 -24.56 4.42 33.37
N ALA T 197 -23.56 3.72 33.89
CA ALA T 197 -23.53 2.26 33.89
C ALA T 197 -24.13 1.72 35.17
N LYS T 198 -24.17 0.40 35.29
CA LYS T 198 -24.64 -0.25 36.51
C LYS T 198 -23.51 -0.30 37.52
N GLY T 199 -23.73 0.31 38.68
CA GLY T 199 -22.75 0.26 39.75
C GLY T 199 -23.06 -0.82 40.76
N ASN T 200 -24.23 -1.44 40.63
CA ASN T 200 -24.72 -2.42 41.59
C ASN T 200 -24.11 -3.78 41.30
N THR T 201 -22.82 -3.89 41.56
CA THR T 201 -22.15 -5.18 41.51
C THR T 201 -20.92 -5.09 42.39
N SER T 202 -20.46 -6.26 42.84
CA SER T 202 -19.24 -6.37 43.61
C SER T 202 -18.08 -6.87 42.77
N ASN T 203 -18.28 -7.05 41.47
CA ASN T 203 -17.24 -7.52 40.56
C ASN T 203 -16.53 -6.31 39.96
N ASP T 204 -15.25 -6.14 40.28
CA ASP T 204 -14.50 -4.99 39.80
C ASP T 204 -14.31 -5.05 38.29
N ALA T 205 -14.08 -6.24 37.73
CA ALA T 205 -13.88 -6.36 36.30
C ALA T 205 -15.13 -5.94 35.52
N SER T 206 -16.30 -6.35 36.01
CA SER T 206 -17.56 -5.95 35.37
C SER T 206 -17.76 -4.44 35.44
N LEU T 207 -17.38 -3.82 36.56
CA LEU T 207 -17.49 -2.36 36.67
C LEU T 207 -16.55 -1.66 35.70
N ALA T 208 -15.31 -2.13 35.62
CA ALA T 208 -14.33 -1.47 34.77
C ALA T 208 -14.69 -1.60 33.30
N ASP T 209 -15.26 -2.74 32.91
CA ASP T 209 -15.60 -2.97 31.52
C ASP T 209 -16.65 -1.97 31.02
N GLN T 210 -17.63 -1.65 31.87
CA GLN T 210 -18.66 -0.69 31.47
C GLN T 210 -18.09 0.70 31.25
N ILE T 211 -17.13 1.11 32.08
CA ILE T 211 -16.51 2.41 31.88
C ILE T 211 -15.71 2.44 30.59
N GLU T 212 -14.94 1.39 30.33
CA GLU T 212 -14.17 1.31 29.09
C GLU T 212 -15.06 1.17 27.86
N ALA T 213 -16.32 0.79 28.05
CA ALA T 213 -17.29 0.68 26.97
C ALA T 213 -18.02 1.99 26.68
N GLY T 214 -17.69 3.07 27.40
CA GLY T 214 -18.20 4.38 27.06
C GLY T 214 -19.05 5.06 28.12
N ALA T 215 -19.32 4.45 29.27
CA ALA T 215 -20.13 5.11 30.28
C ALA T 215 -19.33 6.20 30.99
N ILE T 216 -20.03 7.26 31.41
CA ILE T 216 -19.38 8.36 32.12
C ILE T 216 -19.49 8.22 33.63
N GLY T 217 -20.07 7.14 34.13
CA GLY T 217 -20.16 6.95 35.55
C GLY T 217 -21.08 5.81 35.90
N PHE T 218 -21.33 5.67 37.19
CA PHE T 218 -22.16 4.61 37.71
C PHE T 218 -23.40 5.16 38.38
N KCX T 219 -24.48 4.39 38.29
CA KCX T 219 -25.65 4.61 39.14
CB KCX T 219 -26.92 4.80 38.30
CG KCX T 219 -28.19 4.92 39.11
CD KCX T 219 -28.20 6.15 40.01
CE KCX T 219 -29.53 6.34 40.70
NZ KCX T 219 -30.65 6.46 39.73
C KCX T 219 -25.77 3.42 40.07
O KCX T 219 -25.71 2.27 39.64
CX KCX T 219 -31.88 6.74 40.13
OQ1 KCX T 219 -32.13 6.92 41.32
OQ2 KCX T 219 -32.79 6.83 39.31
N ILE T 220 -25.93 3.69 41.36
CA ILE T 220 -26.24 2.67 42.33
C ILE T 220 -27.68 2.87 42.75
N HIS T 221 -28.53 1.89 42.45
CA HIS T 221 -29.96 1.99 42.69
C HIS T 221 -30.42 0.82 43.55
N GLU T 222 -31.29 1.10 44.51
CA GLU T 222 -31.71 0.07 45.45
C GLU T 222 -32.47 -1.06 44.77
N ASP T 223 -33.09 -0.79 43.61
CA ASP T 223 -33.78 -1.85 42.88
C ASP T 223 -32.84 -2.90 42.33
N TRP T 224 -31.56 -2.56 42.13
CA TRP T 224 -30.53 -3.55 41.82
C TRP T 224 -29.73 -3.93 43.05
N GLY T 225 -30.04 -3.35 44.20
CA GLY T 225 -29.43 -3.70 45.47
C GLY T 225 -28.36 -2.73 45.90
N THR T 226 -28.71 -1.74 46.71
CA THR T 226 -27.74 -0.76 47.19
C THR T 226 -27.19 -1.28 48.52
N THR T 227 -26.13 -2.02 48.41
CA THR T 227 -25.46 -2.59 49.55
C THR T 227 -24.11 -1.91 49.77
N PRO T 228 -23.61 -1.89 51.00
CA PRO T 228 -22.29 -1.29 51.22
C PRO T 228 -21.18 -1.90 50.39
N SER T 229 -21.24 -3.20 50.12
CA SER T 229 -20.20 -3.85 49.32
C SER T 229 -20.17 -3.29 47.90
N ALA T 230 -21.35 -3.16 47.28
CA ALA T 230 -21.41 -2.63 45.93
C ALA T 230 -20.98 -1.17 45.89
N ILE T 231 -21.38 -0.39 46.90
CA ILE T 231 -20.98 1.02 46.98
C ILE T 231 -19.46 1.12 47.05
N ASN T 232 -18.85 0.32 47.91
CA ASN T 232 -17.41 0.35 48.09
C ASN T 232 -16.68 -0.01 46.80
N HIS T 233 -17.10 -1.09 46.15
CA HIS T 233 -16.45 -1.51 44.91
C HIS T 233 -16.61 -0.47 43.81
N ALA T 234 -17.82 0.07 43.65
CA ALA T 234 -18.08 1.04 42.60
C ALA T 234 -17.26 2.30 42.81
N LEU T 235 -17.14 2.77 44.06
CA LEU T 235 -16.33 3.94 44.33
C LEU T 235 -14.86 3.67 44.05
N ASP T 236 -14.36 2.48 44.38
CA ASP T 236 -12.97 2.16 44.07
C ASP T 236 -12.70 2.22 42.57
N VAL T 237 -13.57 1.60 41.78
CA VAL T 237 -13.38 1.62 40.33
C VAL T 237 -13.49 3.05 39.79
N ALA T 238 -14.47 3.81 40.27
CA ALA T 238 -14.65 5.17 39.80
C ALA T 238 -13.43 6.04 40.12
N ASP T 239 -12.83 5.85 41.29
CA ASP T 239 -11.60 6.57 41.60
C ASP T 239 -10.48 6.16 40.66
N LYS T 240 -10.43 4.90 40.25
CA LYS T 240 -9.40 4.52 39.29
C LYS T 240 -9.66 5.08 37.88
N TYR T 241 -10.91 5.37 37.52
CA TYR T 241 -11.22 5.81 36.17
C TYR T 241 -11.67 7.25 36.07
N ASP T 242 -11.79 7.98 37.18
CA ASP T 242 -12.16 9.39 37.19
C ASP T 242 -13.54 9.61 36.55
N VAL T 243 -14.52 8.91 37.08
CA VAL T 243 -15.91 9.08 36.66
C VAL T 243 -16.76 9.26 37.92
N GLN T 244 -17.94 9.83 37.73
CA GLN T 244 -18.81 10.14 38.86
C GLN T 244 -19.65 8.93 39.26
N VAL T 245 -20.07 8.90 40.52
CA VAL T 245 -20.99 7.89 41.02
C VAL T 245 -22.24 8.59 41.53
N ALA T 246 -23.39 8.11 41.11
CA ALA T 246 -24.68 8.55 41.63
C ALA T 246 -25.33 7.40 42.38
N ILE T 247 -26.08 7.73 43.43
CA ILE T 247 -26.63 6.71 44.31
C ILE T 247 -28.09 7.00 44.63
N HIS T 248 -28.89 5.94 44.59
CA HIS T 248 -30.26 5.91 45.10
C HIS T 248 -30.24 4.89 46.23
N THR T 249 -30.29 5.37 47.47
CA THR T 249 -29.96 4.53 48.62
C THR T 249 -31.13 3.62 49.02
N ASP T 250 -30.86 2.75 49.99
CA ASP T 250 -31.81 1.72 50.40
C ASP T 250 -32.88 2.32 51.31
N THR T 251 -34.10 2.43 50.80
CA THR T 251 -35.19 2.97 51.60
C THR T 251 -35.60 2.02 52.72
N LEU T 252 -35.42 0.72 52.53
CA LEU T 252 -35.87 -0.27 53.49
C LEU T 252 -34.91 -0.49 54.64
N ASN T 253 -33.74 0.15 54.62
CA ASN T 253 -32.70 -0.05 55.63
C ASN T 253 -32.31 -1.51 55.74
N GLU T 254 -32.33 -2.23 54.62
CA GLU T 254 -32.16 -3.68 54.66
C GLU T 254 -30.77 -4.07 55.11
N ALA T 255 -29.74 -3.51 54.50
CA ALA T 255 -28.37 -3.81 54.87
C ALA T 255 -27.80 -2.83 55.88
N GLY T 256 -28.54 -1.79 56.22
CA GLY T 256 -28.03 -0.79 57.12
C GLY T 256 -28.79 0.51 56.97
N CYS T 257 -28.47 1.44 57.85
CA CYS T 257 -29.10 2.75 57.86
C CYS T 257 -28.21 3.75 57.12
N VAL T 258 -28.55 5.03 57.24
CA VAL T 258 -27.88 6.06 56.44
C VAL T 258 -26.41 6.17 56.83
N GLU T 259 -26.09 6.00 58.11
CA GLU T 259 -24.70 6.10 58.55
C GLU T 259 -23.85 4.94 58.02
N ASP T 260 -24.45 3.75 57.87
CA ASP T 260 -23.73 2.64 57.24
C ASP T 260 -23.42 2.95 55.78
N THR T 261 -24.35 3.59 55.08
CA THR T 261 -24.10 4.00 53.71
C THR T 261 -22.98 5.04 53.65
N MET T 262 -22.99 6.00 54.57
CA MET T 262 -21.91 6.99 54.60
C MET T 262 -20.58 6.34 54.92
N ALA T 263 -20.59 5.33 55.79
CA ALA T 263 -19.37 4.58 56.07
C ALA T 263 -18.87 3.83 54.84
N ALA T 264 -19.79 3.29 54.04
CA ALA T 264 -19.37 2.63 52.80
C ALA T 264 -18.81 3.64 51.80
N ILE T 265 -19.38 4.85 51.76
CA ILE T 265 -18.87 5.89 50.89
C ILE T 265 -17.46 6.30 51.32
N ALA T 266 -17.22 6.31 52.63
CA ALA T 266 -15.88 6.46 53.20
C ALA T 266 -15.21 7.77 52.80
N GLY T 267 -16.00 8.84 52.71
CA GLY T 267 -15.47 10.15 52.44
C GLY T 267 -15.08 10.42 51.01
N ARG T 268 -15.59 9.65 50.06
CA ARG T 268 -15.31 9.85 48.64
C ARG T 268 -16.46 10.62 47.99
N THR T 269 -16.18 11.20 46.83
CA THR T 269 -17.16 12.03 46.15
C THR T 269 -18.35 11.20 45.69
N MET T 270 -19.55 11.68 46.00
CA MET T 270 -20.77 10.98 45.65
C MET T 270 -21.85 12.00 45.29
N HIS T 271 -22.63 11.70 44.26
CA HIS T 271 -23.76 12.51 43.83
C HIS T 271 -25.04 11.79 44.23
N THR T 272 -25.81 12.38 45.14
CA THR T 272 -27.02 11.76 45.65
C THR T 272 -28.25 12.31 44.92
N PHE T 273 -29.06 11.41 44.39
CA PHE T 273 -30.32 11.76 43.74
C PHE T 273 -31.43 11.86 44.77
N HIS T 274 -32.36 12.79 44.53
CA HIS T 274 -33.55 13.03 45.37
C HIS T 274 -33.21 12.88 46.85
N THR T 275 -32.28 13.70 47.29
CA THR T 275 -31.70 13.58 48.62
C THR T 275 -32.74 13.74 49.72
N GLU T 276 -33.85 14.43 49.43
CA GLU T 276 -34.89 14.58 50.43
C GLU T 276 -35.63 13.27 50.69
N GLY T 277 -35.64 12.36 49.73
CA GLY T 277 -36.03 10.98 49.98
C GLY T 277 -37.42 10.57 49.51
N ALA T 278 -38.24 11.50 49.02
CA ALA T 278 -39.52 11.08 48.46
C ALA T 278 -39.33 10.19 47.25
N GLY T 279 -38.27 10.41 46.48
CA GLY T 279 -37.91 9.59 45.36
C GLY T 279 -37.18 8.32 45.71
N GLY T 280 -36.99 8.06 47.00
CA GLY T 280 -36.25 6.90 47.45
C GLY T 280 -35.12 7.32 48.35
N GLY T 281 -34.72 6.43 49.25
CA GLY T 281 -33.64 6.72 50.16
C GLY T 281 -33.96 6.33 51.58
N HIS T 282 -32.93 6.20 52.41
CA HIS T 282 -33.09 5.72 53.79
C HIS T 282 -34.23 6.44 54.50
N ALA T 283 -35.24 5.71 54.87
CA ALA T 283 -36.36 6.30 55.58
C ALA T 283 -36.04 6.36 57.07
N PRO T 284 -36.21 7.51 57.72
CA PRO T 284 -36.72 8.75 57.14
C PRO T 284 -35.67 9.83 56.98
N ASP T 285 -34.39 9.46 57.04
CA ASP T 285 -33.35 10.43 57.34
C ASP T 285 -32.24 10.44 56.29
N ILE T 286 -32.56 10.18 55.03
CA ILE T 286 -31.53 10.30 53.99
C ILE T 286 -31.13 11.76 53.82
N ILE T 287 -32.03 12.69 54.12
CA ILE T 287 -31.79 14.11 53.86
C ILE T 287 -30.62 14.65 54.68
N LYS T 288 -30.18 13.93 55.70
CA LYS T 288 -29.10 14.44 56.54
C LYS T 288 -27.78 14.49 55.79
N VAL T 289 -27.60 13.66 54.76
CA VAL T 289 -26.33 13.65 54.03
C VAL T 289 -26.11 14.92 53.22
N ALA T 290 -27.12 15.76 53.09
CA ALA T 290 -26.99 17.00 52.33
C ALA T 290 -26.06 18.01 52.99
N GLY T 291 -25.67 17.80 54.24
CA GLY T 291 -24.71 18.64 54.90
C GLY T 291 -23.27 18.17 54.86
N GLU T 292 -23.00 17.04 54.26
CA GLU T 292 -21.65 16.48 54.25
C GLU T 292 -20.81 17.08 53.14
N HIS T 293 -19.50 17.15 53.39
CA HIS T 293 -18.59 17.79 52.45
C HIS T 293 -18.45 17.00 51.16
N ASN T 294 -18.43 15.67 51.26
CA ASN T 294 -18.16 14.83 50.10
C ASN T 294 -19.42 14.49 49.31
N ILE T 295 -20.56 15.02 49.67
CA ILE T 295 -21.83 14.71 49.01
C ILE T 295 -22.21 15.87 48.10
N LEU T 296 -22.63 15.54 46.88
CA LEU T 296 -23.25 16.52 45.99
C LEU T 296 -24.74 16.30 45.99
N PRO T 297 -25.51 17.06 46.78
CA PRO T 297 -26.93 16.73 46.94
C PRO T 297 -27.83 17.35 45.87
N ALA T 298 -28.61 16.50 45.21
CA ALA T 298 -29.56 16.94 44.20
C ALA T 298 -30.98 16.64 44.66
N SER T 299 -31.92 17.41 44.13
CA SER T 299 -33.33 17.17 44.34
C SER T 299 -34.03 16.99 43.00
N THR T 300 -35.13 16.26 43.01
CA THR T 300 -35.95 16.06 41.83
C THR T 300 -37.14 17.00 41.88
N ASN T 301 -37.62 17.40 40.72
CA ASN T 301 -38.61 18.47 40.63
C ASN T 301 -40.01 18.15 41.18
N PRO T 302 -40.46 16.89 41.26
CA PRO T 302 -41.82 16.67 41.80
C PRO T 302 -42.02 17.17 43.22
N THR T 303 -40.97 17.26 44.03
CA THR T 303 -41.13 17.73 45.39
C THR T 303 -40.96 19.23 45.55
N ILE T 304 -40.54 19.94 44.50
CA ILE T 304 -40.39 21.39 44.61
C ILE T 304 -41.29 22.07 43.59
N PRO T 305 -41.96 23.17 43.95
CA PRO T 305 -42.05 23.63 45.33
C PRO T 305 -43.08 22.84 46.10
N PHE T 306 -43.06 22.92 47.43
CA PHE T 306 -44.03 22.22 48.24
C PHE T 306 -45.38 22.94 48.18
N THR T 307 -46.42 22.20 47.80
CA THR T 307 -47.74 22.77 47.58
C THR T 307 -48.78 21.96 48.37
N VAL T 308 -50.03 22.43 48.30
CA VAL T 308 -51.12 21.77 49.00
C VAL T 308 -51.43 20.41 48.39
N ASN T 309 -51.22 20.26 47.09
CA ASN T 309 -51.51 19.01 46.40
C ASN T 309 -50.35 18.04 46.37
N THR T 310 -49.19 18.43 46.91
CA THR T 310 -47.97 17.63 46.76
C THR T 310 -48.08 16.29 47.48
N GLU T 311 -48.53 16.31 48.73
CA GLU T 311 -48.47 15.11 49.56
C GLU T 311 -49.40 14.03 49.03
N ALA T 312 -50.66 14.38 48.77
CA ALA T 312 -51.62 13.39 48.28
C ALA T 312 -51.19 12.85 46.93
N GLU T 313 -50.68 13.72 46.06
CA GLU T 313 -50.22 13.28 44.75
C GLU T 313 -49.07 12.27 44.89
N HIS T 314 -48.09 12.58 45.73
CA HIS T 314 -46.96 11.67 45.91
C HIS T 314 -47.40 10.37 46.55
N MET T 315 -48.35 10.42 47.49
CA MET T 315 -48.87 9.20 48.10
C MET T 315 -49.50 8.30 47.07
N ASP T 316 -50.41 8.85 46.26
CA ASP T 316 -51.08 8.04 45.26
C ASP T 316 -50.11 7.55 44.19
N MET T 317 -49.13 8.37 43.84
CA MET T 317 -48.11 7.96 42.87
C MET T 317 -47.30 6.79 43.40
N LEU T 318 -46.94 6.83 44.68
CA LEU T 318 -46.18 5.74 45.28
C LEU T 318 -47.03 4.47 45.32
N MET T 319 -48.31 4.59 45.64
CA MET T 319 -49.17 3.41 45.69
C MET T 319 -49.27 2.74 44.32
N VAL T 320 -49.07 3.48 43.24
CA VAL T 320 -49.22 2.95 41.89
C VAL T 320 -47.94 2.32 41.39
N CYS T 321 -46.81 3.02 41.54
CA CYS T 321 -45.56 2.51 40.98
C CYS T 321 -45.07 1.28 41.72
N HIS T 322 -45.37 1.15 43.01
CA HIS T 322 -44.96 0.00 43.79
C HIS T 322 -46.07 -1.02 43.99
N HIS T 323 -47.23 -0.82 43.36
CA HIS T 323 -48.35 -1.75 43.40
C HIS T 323 -48.75 -2.06 44.84
N LEU T 324 -48.89 -1.01 45.64
CA LEU T 324 -49.26 -1.17 47.04
C LEU T 324 -50.77 -1.24 47.19
N ASP T 325 -51.21 -1.76 48.33
CA ASP T 325 -52.62 -1.93 48.64
C ASP T 325 -52.95 -1.16 49.92
N LYS T 326 -54.09 -0.46 49.91
CA LYS T 326 -54.48 0.34 51.06
C LYS T 326 -55.02 -0.51 52.21
N SER T 327 -55.39 -1.75 51.94
CA SER T 327 -55.91 -2.64 52.97
C SER T 327 -54.82 -3.40 53.71
N ILE T 328 -53.56 -3.22 53.32
CA ILE T 328 -52.43 -3.88 53.96
C ILE T 328 -51.71 -2.85 54.82
N LYS T 329 -51.58 -3.15 56.12
CA LYS T 329 -50.98 -2.18 57.03
C LYS T 329 -49.49 -2.00 56.76
N GLU T 330 -48.82 -3.05 56.27
CA GLU T 330 -47.39 -2.94 55.99
C GLU T 330 -47.13 -2.02 54.81
N ASP T 331 -48.00 -2.05 53.80
CA ASP T 331 -47.84 -1.14 52.67
C ASP T 331 -48.10 0.31 53.10
N VAL T 332 -49.06 0.51 54.00
CA VAL T 332 -49.30 1.85 54.53
C VAL T 332 -48.10 2.32 55.34
N GLN T 333 -47.53 1.44 56.16
CA GLN T 333 -46.36 1.80 56.95
C GLN T 333 -45.19 2.18 56.06
N PHE T 334 -44.99 1.43 54.97
CA PHE T 334 -43.94 1.80 54.02
C PHE T 334 -44.23 3.16 53.40
N ALA T 335 -45.47 3.41 53.01
CA ALA T 335 -45.81 4.66 52.34
C ALA T 335 -45.65 5.85 53.26
N ASP T 336 -46.06 5.72 54.52
CA ASP T 336 -45.94 6.82 55.45
C ASP T 336 -44.49 7.14 55.77
N SER T 337 -43.65 6.12 55.91
CA SER T 337 -42.24 6.37 56.15
C SER T 337 -41.53 6.97 54.95
N ARG T 338 -42.17 6.95 53.79
CA ARG T 338 -41.55 7.35 52.53
C ARG T 338 -41.84 8.79 52.14
N ILE T 339 -43.07 9.27 52.37
CA ILE T 339 -43.48 10.55 51.80
C ILE T 339 -43.00 11.71 52.66
N ARG T 340 -43.43 11.75 53.91
CA ARG T 340 -42.92 12.72 54.89
C ARG T 340 -43.05 14.17 54.44
N PRO T 341 -44.23 14.77 54.53
CA PRO T 341 -44.38 16.19 54.18
C PRO T 341 -43.41 17.10 54.92
N GLN T 342 -42.88 16.64 56.04
CA GLN T 342 -41.90 17.42 56.78
C GLN T 342 -40.62 17.61 55.98
N THR T 343 -40.06 16.52 55.47
CA THR T 343 -38.84 16.63 54.66
C THR T 343 -39.09 17.37 53.36
N ILE T 344 -40.28 17.18 52.77
CA ILE T 344 -40.62 17.90 51.54
C ILE T 344 -40.66 19.39 51.80
N ALA T 345 -41.26 19.80 52.92
CA ALA T 345 -41.26 21.21 53.28
C ALA T 345 -39.85 21.71 53.55
N ALA T 346 -39.03 20.92 54.24
CA ALA T 346 -37.67 21.35 54.56
C ALA T 346 -36.83 21.51 53.31
N GLU T 347 -37.15 20.76 52.26
CA GLU T 347 -36.32 20.76 51.06
C GLU T 347 -36.30 22.11 50.36
N ASP T 348 -37.43 22.82 50.32
CA ASP T 348 -37.46 24.14 49.71
C ASP T 348 -36.53 25.12 50.43
N THR T 349 -36.61 25.13 51.76
CA THR T 349 -35.75 26.01 52.54
C THR T 349 -34.28 25.63 52.38
N LEU T 350 -33.99 24.33 52.31
CA LEU T 350 -32.62 23.90 52.09
C LEU T 350 -32.10 24.36 50.74
N HIS T 351 -32.98 24.41 49.73
CA HIS T 351 -32.59 25.02 48.46
C HIS T 351 -32.30 26.50 48.64
N ASP T 352 -33.13 27.20 49.41
CA ASP T 352 -32.89 28.63 49.63
C ASP T 352 -31.60 28.87 50.40
N MET T 353 -31.24 27.97 51.31
CA MET T 353 -30.04 28.13 52.13
C MET T 353 -28.77 27.73 51.40
N GLY T 354 -28.88 27.12 50.22
CA GLY T 354 -27.71 26.61 49.54
C GLY T 354 -27.24 25.25 50.01
N ILE T 355 -28.05 24.53 50.79
CA ILE T 355 -27.68 23.18 51.21
C ILE T 355 -27.83 22.21 50.05
N PHE T 356 -28.99 22.22 49.39
CA PHE T 356 -29.15 21.50 48.14
C PHE T 356 -28.51 22.29 47.01
N SER T 357 -27.79 21.61 46.12
CA SER T 357 -27.01 22.28 45.11
C SER T 357 -27.46 22.03 43.68
N ILE T 358 -28.19 20.95 43.41
CA ILE T 358 -28.56 20.59 42.04
C ILE T 358 -30.05 20.31 42.00
N THR T 359 -30.71 20.79 40.94
CA THR T 359 -32.07 20.40 40.62
C THR T 359 -32.03 19.48 39.39
N SER T 360 -32.89 18.47 39.38
CA SER T 360 -32.92 17.48 38.30
C SER T 360 -34.35 17.01 38.11
N SER T 361 -34.52 16.00 37.26
CA SER T 361 -35.84 15.59 36.80
C SER T 361 -36.34 14.29 37.41
N ASP T 362 -35.61 13.18 37.25
CA ASP T 362 -36.12 11.83 37.50
C ASP T 362 -37.26 11.52 36.52
N SER T 363 -36.95 11.64 35.24
CA SER T 363 -37.94 11.77 34.18
C SER T 363 -38.76 10.49 33.97
N GLN T 364 -40.08 10.64 33.97
CA GLN T 364 -41.05 9.54 33.85
C GLN T 364 -40.81 8.44 34.88
N ALA T 365 -40.09 8.78 35.94
CA ALA T 365 -39.82 7.94 37.09
C ALA T 365 -40.03 8.76 38.36
N MET T 366 -41.21 9.34 38.48
CA MET T 366 -41.57 10.41 39.43
C MET T 366 -40.68 11.64 39.21
N GLY T 367 -40.93 12.25 38.06
CA GLY T 367 -40.31 13.51 37.72
C GLY T 367 -40.74 13.92 36.33
N ARG T 368 -40.65 15.22 36.07
CA ARG T 368 -41.14 15.80 34.83
C ARG T 368 -39.99 16.44 34.08
N VAL T 369 -39.61 15.85 32.95
CA VAL T 369 -38.40 16.24 32.23
C VAL T 369 -38.49 17.64 31.64
N GLY T 370 -39.70 18.15 31.42
CA GLY T 370 -39.85 19.47 30.85
C GLY T 370 -40.13 20.54 31.88
N GLU T 371 -39.83 20.28 33.15
CA GLU T 371 -40.20 21.19 34.22
C GLU T 371 -39.09 21.47 35.22
N VAL T 372 -37.86 21.02 34.97
CA VAL T 372 -36.78 21.24 35.92
C VAL T 372 -36.55 22.73 36.15
N ILE T 373 -36.36 23.47 35.06
CA ILE T 373 -36.08 24.90 35.15
C ILE T 373 -37.28 25.64 35.73
N THR T 374 -38.47 25.29 35.26
CA THR T 374 -39.67 25.98 35.72
C THR T 374 -39.89 25.78 37.21
N ARG T 375 -39.73 24.56 37.70
CA ARG T 375 -39.93 24.32 39.12
C ARG T 375 -38.80 24.90 39.95
N THR T 376 -37.58 24.99 39.41
CA THR T 376 -36.51 25.69 40.11
C THR T 376 -36.88 27.16 40.33
N TRP T 377 -37.38 27.82 39.29
CA TRP T 377 -37.72 29.23 39.46
C TRP T 377 -39.00 29.41 40.27
N GLN T 378 -39.91 28.45 40.22
CA GLN T 378 -41.07 28.49 41.11
C GLN T 378 -40.64 28.38 42.56
N THR T 379 -39.67 27.52 42.85
CA THR T 379 -39.14 27.40 44.21
C THR T 379 -38.47 28.70 44.64
N ALA T 380 -37.69 29.30 43.75
CA ALA T 380 -37.07 30.58 44.09
C ALA T 380 -38.12 31.66 44.37
N ASP T 381 -39.16 31.72 43.56
CA ASP T 381 -40.22 32.70 43.77
C ASP T 381 -40.95 32.47 45.09
N LYS T 382 -41.27 31.21 45.39
CA LYS T 382 -41.93 30.89 46.64
C LYS T 382 -41.06 31.24 47.84
N ASN T 383 -39.76 30.93 47.76
CA ASN T 383 -38.86 31.26 48.86
C ASN T 383 -38.73 32.76 49.05
N LYS T 384 -38.69 33.53 47.96
CA LYS T 384 -38.65 34.98 48.13
C LYS T 384 -39.95 35.50 48.73
N LYS T 385 -41.09 34.90 48.35
CA LYS T 385 -42.35 35.33 48.95
C LYS T 385 -42.39 35.03 50.44
N GLU T 386 -41.83 33.89 50.86
CA GLU T 386 -41.93 33.52 52.26
C GLU T 386 -40.86 34.20 53.11
N PHE T 387 -39.60 34.04 52.76
CA PHE T 387 -38.49 34.52 53.57
C PHE T 387 -38.01 35.90 53.17
N GLY T 388 -38.56 36.50 52.14
CA GLY T 388 -38.11 37.79 51.71
C GLY T 388 -36.79 37.73 50.95
N ARG T 389 -36.21 38.92 50.79
CA ARG T 389 -34.97 39.05 50.03
C ARG T 389 -33.79 38.52 50.83
N LEU T 390 -32.88 37.83 50.13
CA LEU T 390 -31.72 37.24 50.79
C LEU T 390 -30.83 38.32 51.38
N LYS T 391 -30.12 37.96 52.45
CA LYS T 391 -29.20 38.90 53.10
C LYS T 391 -27.87 39.02 52.37
N GLU T 392 -27.59 38.15 51.41
CA GLU T 392 -26.40 38.25 50.59
C GLU T 392 -26.59 39.15 49.38
N GLU T 393 -27.73 39.83 49.28
CA GLU T 393 -27.97 40.74 48.18
C GLU T 393 -27.18 42.03 48.35
N LYS T 394 -26.76 42.60 47.22
CA LYS T 394 -26.10 43.90 47.16
C LYS T 394 -26.95 44.78 46.27
N GLY T 395 -27.96 45.42 46.85
CA GLY T 395 -28.83 46.33 46.13
C GLY T 395 -30.27 45.87 46.14
N ASP T 396 -31.11 46.71 45.55
CA ASP T 396 -32.56 46.47 45.49
C ASP T 396 -32.88 45.49 44.37
N ASN T 397 -32.27 44.31 44.46
CA ASN T 397 -32.45 43.28 43.46
C ASN T 397 -32.33 41.92 44.14
N ASP T 398 -32.51 40.88 43.33
CA ASP T 398 -32.37 39.50 43.79
C ASP T 398 -31.26 38.79 43.05
N ASN T 399 -30.20 39.52 42.69
CA ASN T 399 -29.16 38.97 41.84
C ASN T 399 -28.49 37.75 42.46
N PHE T 400 -28.22 37.81 43.78
CA PHE T 400 -27.58 36.68 44.44
C PHE T 400 -28.45 35.44 44.40
N ARG T 401 -29.75 35.60 44.71
CA ARG T 401 -30.66 34.47 44.68
C ARG T 401 -30.82 33.94 43.27
N ILE T 402 -30.84 34.83 42.28
CA ILE T 402 -30.92 34.41 40.89
C ILE T 402 -29.71 33.55 40.52
N LYS T 403 -28.52 33.99 40.91
CA LYS T 403 -27.33 33.19 40.63
C LYS T 403 -27.37 31.85 41.36
N ARG T 404 -27.81 31.86 42.62
CA ARG T 404 -27.86 30.62 43.40
C ARG T 404 -28.77 29.60 42.76
N TYR T 405 -29.95 30.02 42.32
CA TYR T 405 -30.88 29.06 41.73
C TYR T 405 -30.50 28.70 40.30
N LEU T 406 -29.92 29.63 39.54
CA LEU T 406 -29.49 29.32 38.20
C LEU T 406 -28.35 28.31 38.19
N SER T 407 -27.47 28.36 39.20
CA SER T 407 -26.39 27.39 39.28
C SER T 407 -26.90 25.97 39.46
N LYS T 408 -28.09 25.81 40.04
CA LYS T 408 -28.60 24.49 40.38
C LYS T 408 -28.83 23.61 39.15
N TYR T 409 -29.09 24.21 37.99
CA TYR T 409 -29.29 23.42 36.77
C TYR T 409 -28.33 23.77 35.64
N THR T 410 -27.36 24.65 35.85
CA THR T 410 -26.41 24.95 34.79
C THR T 410 -24.99 24.52 35.12
N ILE T 411 -24.37 25.09 36.15
CA ILE T 411 -22.94 24.93 36.37
C ILE T 411 -22.65 23.84 37.40
N ASN T 412 -23.49 23.72 38.42
CA ASN T 412 -23.24 22.70 39.45
C ASN T 412 -23.37 21.28 38.91
N PRO T 413 -24.41 20.92 38.15
CA PRO T 413 -24.42 19.57 37.54
C PRO T 413 -23.26 19.34 36.58
N ALA T 414 -22.82 20.37 35.86
CA ALA T 414 -21.68 20.22 34.95
C ALA T 414 -20.40 19.92 35.72
N ILE T 415 -20.18 20.62 36.84
CA ILE T 415 -19.05 20.32 37.70
C ILE T 415 -19.18 18.92 38.28
N ALA T 416 -20.40 18.54 38.68
CA ALA T 416 -20.62 17.25 39.31
C ALA T 416 -20.29 16.11 38.36
N HIS T 417 -20.60 16.25 37.08
CA HIS T 417 -20.36 15.17 36.14
C HIS T 417 -19.17 15.43 35.22
N GLY T 418 -18.27 16.33 35.63
CA GLY T 418 -17.02 16.50 34.93
C GLY T 418 -17.10 17.01 33.51
N ILE T 419 -18.07 17.87 33.21
CA ILE T 419 -18.21 18.44 31.89
C ILE T 419 -18.20 19.96 31.93
N SER T 420 -17.78 20.55 33.04
CA SER T 420 -17.85 22.00 33.21
C SER T 420 -16.75 22.74 32.47
N GLU T 421 -15.88 22.05 31.74
CA GLU T 421 -15.00 22.73 30.82
C GLU T 421 -15.61 22.90 29.43
N TYR T 422 -16.71 22.20 29.14
CA TYR T 422 -17.38 22.31 27.86
C TYR T 422 -18.68 23.11 27.94
N VAL T 423 -19.54 22.79 28.90
CA VAL T 423 -20.87 23.38 29.01
C VAL T 423 -21.03 23.94 30.42
N GLY T 424 -22.19 24.51 30.68
CA GLY T 424 -22.58 24.95 32.01
C GLY T 424 -22.62 26.45 32.20
N SER T 425 -21.93 27.23 31.37
CA SER T 425 -21.92 28.67 31.59
C SER T 425 -21.64 29.39 30.28
N VAL T 426 -21.96 30.69 30.28
CA VAL T 426 -21.63 31.57 29.16
C VAL T 426 -20.22 32.12 29.45
N GLU T 427 -19.21 31.38 29.00
CA GLU T 427 -17.83 31.79 29.18
C GLU T 427 -17.07 31.56 27.89
N VAL T 428 -16.05 32.39 27.66
CA VAL T 428 -15.25 32.28 26.45
C VAL T 428 -14.48 30.97 26.47
N GLY T 429 -14.52 30.25 25.35
CA GLY T 429 -13.87 28.97 25.22
C GLY T 429 -14.79 27.79 25.34
N LYS T 430 -15.98 27.99 25.88
CA LYS T 430 -16.93 26.91 26.11
C LYS T 430 -17.80 26.67 24.88
N VAL T 431 -18.46 25.51 24.89
CA VAL T 431 -19.38 25.16 23.81
C VAL T 431 -20.55 26.11 23.79
N ALA T 432 -20.93 26.55 22.58
CA ALA T 432 -22.02 27.51 22.43
C ALA T 432 -23.37 26.79 22.49
N ASP T 433 -23.71 26.35 23.69
CA ASP T 433 -25.04 25.86 24.03
C ASP T 433 -25.76 26.97 24.79
N LEU T 434 -26.59 27.73 24.08
CA LEU T 434 -27.19 28.94 24.63
C LEU T 434 -28.69 28.93 24.42
N VAL T 435 -29.40 29.57 25.34
CA VAL T 435 -30.85 29.67 25.29
C VAL T 435 -31.22 31.14 25.32
N LEU T 436 -32.11 31.54 24.41
CA LEU T 436 -32.61 32.91 24.34
C LEU T 436 -33.96 32.99 25.01
N TRP T 437 -34.10 33.89 25.98
CA TRP T 437 -35.35 34.07 26.72
C TRP T 437 -35.83 35.50 26.56
N SER T 438 -37.10 35.66 26.27
CA SER T 438 -37.73 36.96 26.53
C SER T 438 -38.08 37.06 28.00
N PRO T 439 -37.76 38.17 28.67
CA PRO T 439 -37.95 38.22 30.13
C PRO T 439 -39.37 37.95 30.60
N ALA T 440 -40.38 38.29 29.81
CA ALA T 440 -41.75 37.98 30.18
C ALA T 440 -41.98 36.48 30.27
N PHE T 441 -41.24 35.69 29.48
CA PHE T 441 -41.40 34.24 29.47
C PHE T 441 -40.23 33.52 30.11
N PHE T 442 -39.43 34.21 30.92
CA PHE T 442 -38.21 33.62 31.45
C PHE T 442 -38.55 32.45 32.36
N GLY T 443 -37.83 31.35 32.17
CA GLY T 443 -37.96 30.20 33.02
C GLY T 443 -39.06 29.23 32.65
N VAL T 444 -39.91 29.55 31.68
CA VAL T 444 -40.97 28.62 31.30
C VAL T 444 -40.95 28.32 29.81
N LYS T 445 -40.83 29.36 28.97
CA LYS T 445 -40.89 29.13 27.53
C LYS T 445 -39.82 29.94 26.80
N PRO T 446 -38.77 29.32 26.31
CA PRO T 446 -37.67 30.05 25.66
C PRO T 446 -38.03 30.49 24.24
N ASN T 447 -37.19 31.37 23.70
CA ASN T 447 -37.32 31.84 22.32
C ASN T 447 -36.66 30.88 21.34
N MET T 448 -35.37 30.60 21.54
CA MET T 448 -34.66 29.70 20.65
C MET T 448 -33.49 29.05 21.38
N ILE T 449 -33.05 27.91 20.86
CA ILE T 449 -31.90 27.19 21.37
C ILE T 449 -30.80 27.26 20.33
N ILE T 450 -29.60 27.66 20.76
CA ILE T 450 -28.41 27.59 19.93
C ILE T 450 -27.60 26.38 20.41
N LYS T 451 -27.34 25.44 19.51
CA LYS T 451 -26.70 24.18 19.84
C LYS T 451 -25.44 24.07 19.00
N GLY T 452 -24.29 23.99 19.66
CA GLY T 452 -23.02 23.93 18.94
C GLY T 452 -22.74 25.12 18.07
N GLY T 453 -23.26 26.29 18.43
CA GLY T 453 -23.05 27.49 17.65
C GLY T 453 -23.98 27.67 16.47
N PHE T 454 -25.08 26.91 16.41
CA PHE T 454 -26.04 27.02 15.33
C PHE T 454 -27.44 26.84 15.91
N ILE T 455 -28.43 27.47 15.28
CA ILE T 455 -29.79 27.45 15.82
C ILE T 455 -30.40 26.08 15.58
N ALA T 456 -30.88 25.44 16.65
CA ALA T 456 -31.41 24.09 16.58
C ALA T 456 -32.91 24.00 16.84
N LEU T 457 -33.45 24.91 17.64
CA LEU T 457 -34.87 24.92 17.95
C LEU T 457 -35.30 26.36 18.11
N SER T 458 -36.50 26.68 17.68
CA SER T 458 -37.04 28.01 17.92
C SER T 458 -38.55 27.98 17.84
N GLN T 459 -39.17 28.98 18.45
CA GLN T 459 -40.56 29.29 18.17
C GLN T 459 -40.69 29.70 16.71
N MET T 460 -41.76 29.24 16.07
CA MET T 460 -41.90 29.48 14.65
C MET T 460 -43.37 29.41 14.28
N GLY T 461 -43.79 30.32 13.41
CA GLY T 461 -45.13 30.28 12.86
C GLY T 461 -45.22 29.34 11.68
N ASP T 462 -46.38 29.35 11.03
CA ASP T 462 -46.65 28.42 9.96
C ASP T 462 -45.76 28.71 8.75
N ALA T 463 -45.34 27.64 8.08
CA ALA T 463 -44.33 27.75 7.03
C ALA T 463 -44.82 28.56 5.85
N ASN T 464 -46.12 28.59 5.61
CA ASN T 464 -46.68 29.31 4.46
C ASN T 464 -46.91 30.80 4.75
N ALA T 465 -46.68 31.26 5.96
CA ALA T 465 -46.97 32.64 6.30
C ALA T 465 -45.93 33.59 5.73
N SER T 466 -46.34 34.83 5.50
CA SER T 466 -45.45 35.84 4.93
C SER T 466 -44.35 36.28 5.88
N ILE T 467 -44.51 36.04 7.17
CA ILE T 467 -43.49 36.36 8.17
C ILE T 467 -43.46 35.24 9.20
N PRO T 468 -42.40 35.15 10.01
CA PRO T 468 -42.27 34.00 10.92
C PRO T 468 -43.15 34.07 12.17
N THR T 469 -43.78 35.20 12.45
CA THR T 469 -44.56 35.43 13.66
C THR T 469 -45.98 34.86 13.71
N PRO T 470 -46.75 34.84 12.62
CA PRO T 470 -48.16 34.48 12.75
C PRO T 470 -48.41 33.04 13.15
N GLN T 471 -49.62 32.81 13.64
CA GLN T 471 -50.05 31.60 14.30
C GLN T 471 -50.33 30.48 13.31
N PRO T 472 -50.27 29.22 13.75
CA PRO T 472 -49.87 28.79 15.10
C PRO T 472 -48.36 28.78 15.30
N VAL T 473 -47.90 29.24 16.46
CA VAL T 473 -46.49 29.30 16.79
C VAL T 473 -46.21 28.20 17.81
N TYR T 474 -45.27 27.31 17.48
CA TYR T 474 -44.79 26.32 18.43
C TYR T 474 -43.33 26.03 18.13
N TYR T 475 -42.73 25.18 18.95
CA TYR T 475 -41.31 24.90 18.82
C TYR T 475 -41.07 23.90 17.70
N ARG T 476 -40.23 24.28 16.75
CA ARG T 476 -39.95 23.48 15.58
C ARG T 476 -38.46 23.28 15.44
N GLU T 477 -38.09 22.15 14.87
CA GLU T 477 -36.68 21.84 14.66
C GLU T 477 -36.10 22.78 13.61
N MET T 478 -34.94 23.34 13.90
CA MET T 478 -34.23 24.20 12.99
C MET T 478 -33.14 23.40 12.26
N PHE T 479 -32.25 24.09 11.56
CA PHE T 479 -31.37 23.40 10.63
C PHE T 479 -30.26 22.63 11.34
N ALA T 480 -29.82 23.07 12.51
CA ALA T 480 -28.82 22.31 13.25
C ALA T 480 -29.37 20.97 13.76
N HIS T 481 -30.68 20.79 13.68
CA HIS T 481 -31.38 19.58 14.10
C HIS T 481 -31.43 18.50 13.03
N HIS T 482 -30.89 18.74 11.83
CA HIS T 482 -31.18 17.91 10.68
C HIS T 482 -29.92 17.55 9.90
N GLY T 483 -30.03 16.49 9.11
CA GLY T 483 -28.98 16.07 8.20
C GLY T 483 -27.71 15.68 8.92
N LYS T 484 -26.58 16.02 8.34
CA LYS T 484 -25.29 15.82 8.97
C LYS T 484 -24.88 17.00 9.83
N ALA T 485 -25.70 18.05 9.86
CA ALA T 485 -25.40 19.19 10.73
C ALA T 485 -25.54 18.84 12.20
N LYS T 486 -26.45 17.93 12.54
CA LYS T 486 -26.64 17.57 13.94
C LYS T 486 -25.44 16.85 14.52
N TYR T 487 -24.62 16.20 13.68
CA TYR T 487 -23.41 15.56 14.18
C TYR T 487 -22.37 16.59 14.62
N ASP T 488 -22.36 17.76 13.99
CA ASP T 488 -21.42 18.80 14.38
C ASP T 488 -21.89 19.59 15.59
N ALA T 489 -23.19 19.61 15.85
CA ALA T 489 -23.74 20.44 16.90
C ALA T 489 -23.88 19.72 18.24
N ASN T 490 -23.65 18.42 18.28
CA ASN T 490 -23.99 17.63 19.44
C ASN T 490 -22.79 16.82 19.92
N ILE T 491 -22.73 16.63 21.24
CA ILE T 491 -21.64 15.92 21.89
C ILE T 491 -22.19 14.67 22.55
N THR T 492 -21.46 13.58 22.41
CA THR T 492 -21.63 12.41 23.26
C THR T 492 -20.48 12.36 24.23
N PHE T 493 -20.78 12.49 25.52
CA PHE T 493 -19.75 12.44 26.55
C PHE T 493 -19.44 10.99 26.90
N VAL T 494 -18.16 10.65 26.99
CA VAL T 494 -17.72 9.32 27.37
C VAL T 494 -16.65 9.47 28.44
N SER T 495 -16.21 8.33 28.98
CA SER T 495 -15.09 8.33 29.91
C SER T 495 -13.79 8.55 29.17
N GLN T 496 -12.78 9.01 29.92
CA GLN T 496 -11.45 9.20 29.34
C GLN T 496 -10.89 7.89 28.81
N ALA T 497 -11.14 6.79 29.52
CA ALA T 497 -10.64 5.50 29.08
C ALA T 497 -11.24 5.08 27.75
N ALA T 498 -12.56 5.19 27.61
CA ALA T 498 -13.22 4.84 26.37
C ALA T 498 -12.76 5.76 25.24
N TYR T 499 -12.61 7.04 25.53
CA TYR T 499 -12.13 7.98 24.53
C TYR T 499 -10.73 7.62 24.04
N ASP T 500 -9.85 7.21 24.96
CA ASP T 500 -8.49 6.84 24.57
C ASP T 500 -8.44 5.56 23.76
N LYS T 501 -9.41 4.68 23.94
CA LYS T 501 -9.47 3.43 23.18
C LYS T 501 -10.19 3.58 21.85
N GLY T 502 -10.54 4.81 21.45
CA GLY T 502 -11.20 5.03 20.18
C GLY T 502 -12.63 4.53 20.12
N ILE T 503 -13.41 4.83 21.15
CA ILE T 503 -14.83 4.42 21.17
C ILE T 503 -15.58 5.05 20.01
N LYS T 504 -15.18 6.26 19.59
CA LYS T 504 -15.84 6.92 18.48
C LYS T 504 -15.68 6.14 17.18
N GLU T 505 -14.45 5.70 16.90
CA GLU T 505 -14.17 4.99 15.67
C GLU T 505 -14.62 3.54 15.73
N GLU T 506 -14.55 2.92 16.91
CA GLU T 506 -15.00 1.54 17.06
C GLU T 506 -16.50 1.41 16.80
N LEU T 507 -17.29 2.34 17.32
CA LEU T 507 -18.74 2.28 17.17
C LEU T 507 -19.25 3.06 15.98
N GLY T 508 -18.37 3.71 15.22
CA GLY T 508 -18.79 4.49 14.07
C GLY T 508 -19.67 5.68 14.41
N LEU T 509 -19.33 6.40 15.48
CA LEU T 509 -20.13 7.53 15.93
C LEU T 509 -19.71 8.78 15.19
N GLU T 510 -20.70 9.53 14.70
CA GLU T 510 -20.44 10.75 13.95
C GLU T 510 -20.59 12.02 14.77
N ARG T 511 -21.22 11.94 15.94
CA ARG T 511 -21.24 13.08 16.85
C ARG T 511 -19.84 13.35 17.38
N GLN T 512 -19.66 14.55 17.93
CA GLN T 512 -18.45 14.83 18.69
C GLN T 512 -18.42 13.95 19.93
N VAL T 513 -17.25 13.42 20.24
CA VAL T 513 -17.05 12.56 21.40
C VAL T 513 -16.02 13.21 22.29
N LEU T 514 -16.41 13.52 23.53
CA LEU T 514 -15.55 14.21 24.48
C LEU T 514 -15.47 13.44 25.79
N PRO T 515 -14.31 13.45 26.44
CA PRO T 515 -14.17 12.78 27.74
C PRO T 515 -14.55 13.64 28.93
N VAL T 516 -15.18 13.03 29.91
CA VAL T 516 -15.42 13.70 31.18
C VAL T 516 -14.14 13.65 32.01
N LYS T 517 -13.98 14.64 32.88
CA LYS T 517 -12.76 14.76 33.66
C LYS T 517 -13.02 15.55 34.92
N ASN T 518 -12.19 15.30 35.93
CA ASN T 518 -12.22 16.01 37.22
C ASN T 518 -13.50 15.69 37.98
N CYS T 519 -13.80 14.40 38.12
CA CYS T 519 -14.99 13.96 38.82
C CYS T 519 -14.74 13.54 40.27
N ARG T 520 -13.51 13.17 40.60
CA ARG T 520 -13.23 12.56 41.89
C ARG T 520 -12.68 13.54 42.93
N ASN T 521 -12.21 14.71 42.52
CA ASN T 521 -11.55 15.62 43.43
C ASN T 521 -12.41 16.83 43.77
N ILE T 522 -13.71 16.73 43.58
CA ILE T 522 -14.63 17.83 43.87
C ILE T 522 -15.44 17.48 45.11
N THR T 523 -15.77 18.51 45.88
CA THR T 523 -16.64 18.32 47.04
C THR T 523 -17.78 19.31 47.00
N LYS T 524 -18.56 19.35 48.08
CA LYS T 524 -19.64 20.32 48.20
C LYS T 524 -19.15 21.74 48.07
N LYS T 525 -17.88 21.99 48.39
CA LYS T 525 -17.31 23.32 48.27
C LYS T 525 -17.09 23.75 46.83
N ASP T 526 -17.20 22.86 45.86
CA ASP T 526 -17.00 23.18 44.46
C ASP T 526 -18.29 23.57 43.76
N MET T 527 -19.42 23.64 44.47
CA MET T 527 -20.68 24.04 43.88
C MET T 527 -20.82 25.56 44.00
N GLN T 528 -21.16 26.20 42.89
CA GLN T 528 -21.28 27.65 42.87
C GLN T 528 -22.54 28.10 43.59
N PHE T 529 -22.38 28.99 44.57
CA PHE T 529 -23.47 29.60 45.30
C PHE T 529 -24.26 28.60 46.13
N ASN T 530 -23.93 27.32 46.04
CA ASN T 530 -24.53 26.29 46.88
C ASN T 530 -23.41 25.44 47.46
N ASP T 531 -22.77 25.95 48.50
CA ASP T 531 -21.66 25.23 49.12
C ASP T 531 -21.80 25.16 50.62
N THR T 532 -23.02 25.29 51.13
CA THR T 532 -23.25 25.35 52.56
C THR T 532 -23.25 23.94 53.14
N THR T 533 -22.30 23.66 54.02
CA THR T 533 -22.26 22.42 54.77
C THR T 533 -22.77 22.69 56.19
N ALA T 534 -23.53 21.74 56.72
CA ALA T 534 -24.11 21.92 58.04
C ALA T 534 -24.41 20.55 58.63
N HIS T 535 -24.58 20.53 59.94
CA HIS T 535 -24.99 19.31 60.62
C HIS T 535 -26.51 19.23 60.57
N ILE T 536 -27.03 18.22 59.87
CA ILE T 536 -28.46 18.05 59.69
C ILE T 536 -28.91 16.87 60.54
N GLU T 537 -29.90 17.10 61.39
CA GLU T 537 -30.50 16.08 62.23
C GLU T 537 -31.95 15.91 61.85
N VAL T 538 -32.42 14.67 61.80
CA VAL T 538 -33.80 14.36 61.51
C VAL T 538 -34.37 13.57 62.69
N ASN T 539 -35.50 14.02 63.19
CA ASN T 539 -36.14 13.34 64.32
C ASN T 539 -36.70 12.01 63.85
N PRO T 540 -36.32 10.89 64.48
CA PRO T 540 -36.85 9.59 64.03
C PRO T 540 -38.36 9.47 64.18
N GLU T 541 -38.97 10.21 65.10
CA GLU T 541 -40.40 10.10 65.35
C GLU T 541 -41.21 11.15 64.61
N THR T 542 -40.92 12.43 64.84
CA THR T 542 -41.70 13.50 64.24
C THR T 542 -41.24 13.84 62.83
N TYR T 543 -40.12 13.30 62.38
CA TYR T 543 -39.56 13.54 61.05
C TYR T 543 -39.18 15.00 60.84
N HIS T 544 -39.06 15.77 61.91
CA HIS T 544 -38.65 17.16 61.78
C HIS T 544 -37.17 17.25 61.43
N VAL T 545 -36.82 18.31 60.72
CA VAL T 545 -35.46 18.51 60.22
C VAL T 545 -34.85 19.71 60.92
N PHE T 546 -33.67 19.51 61.48
CA PHE T 546 -32.94 20.57 62.17
C PHE T 546 -31.59 20.76 61.48
N VAL T 547 -31.28 22.00 61.12
CA VAL T 547 -30.00 22.36 60.55
C VAL T 547 -29.25 23.20 61.58
N ASP T 548 -28.11 22.68 62.03
CA ASP T 548 -27.28 23.36 63.03
C ASP T 548 -28.09 23.69 64.28
N GLY T 549 -28.99 22.78 64.65
CA GLY T 549 -29.76 22.91 65.86
C GLY T 549 -31.09 23.63 65.72
N LYS T 550 -31.35 24.27 64.59
CA LYS T 550 -32.57 25.03 64.39
C LYS T 550 -33.48 24.32 63.41
N GLU T 551 -34.77 24.30 63.71
CA GLU T 551 -35.74 23.61 62.87
C GLU T 551 -35.90 24.34 61.54
N VAL T 552 -35.94 23.57 60.47
CA VAL T 552 -36.06 24.10 59.11
C VAL T 552 -37.34 23.56 58.50
N THR T 553 -38.19 24.47 58.03
CA THR T 553 -39.45 24.08 57.42
C THR T 553 -39.91 25.18 56.49
N SER T 554 -40.81 24.83 55.59
CA SER T 554 -41.45 25.80 54.72
C SER T 554 -42.94 25.52 54.70
N LYS T 555 -43.70 26.51 54.33
CA LYS T 555 -45.11 26.21 54.27
C LYS T 555 -45.54 25.96 52.83
N PRO T 556 -46.58 25.14 52.62
CA PRO T 556 -47.01 24.83 51.26
C PRO T 556 -47.62 26.04 50.57
N ALA T 557 -47.56 26.01 49.24
CA ALA T 557 -48.10 27.06 48.41
C ALA T 557 -49.41 26.59 47.77
N ASN T 558 -50.44 27.44 47.85
CA ASN T 558 -51.71 27.14 47.18
C ASN T 558 -51.75 27.63 45.75
N LYS T 559 -50.73 28.36 45.30
CA LYS T 559 -50.64 28.86 43.95
C LYS T 559 -49.19 29.22 43.68
N VAL T 560 -48.70 28.86 42.50
CA VAL T 560 -47.33 29.15 42.11
C VAL T 560 -47.36 30.03 40.87
N SER T 561 -46.23 30.69 40.62
CA SER T 561 -46.07 31.43 39.40
C SER T 561 -45.59 30.50 38.28
N LEU T 562 -45.60 31.03 37.06
CA LEU T 562 -45.10 30.32 35.88
C LEU T 562 -45.86 29.03 35.60
N ALA T 563 -47.12 28.91 36.02
CA ALA T 563 -47.85 27.67 35.80
C ALA T 563 -49.05 27.83 34.88
N GLN T 564 -50.12 28.50 35.30
CA GLN T 564 -51.36 28.51 34.53
C GLN T 564 -51.48 29.72 33.64
N LEU T 565 -50.62 30.71 33.82
CA LEU T 565 -50.60 31.87 32.96
C LEU T 565 -49.99 31.58 31.60
N PHE T 566 -49.16 30.54 31.50
CA PHE T 566 -48.32 30.33 30.34
C PHE T 566 -48.66 29.11 29.52
N SER T 567 -49.50 28.21 30.00
CA SER T 567 -49.72 26.93 29.35
C SER T 567 -51.21 26.68 29.17
N ILE T 568 -51.58 26.11 28.03
CA ILE T 568 -52.97 25.75 27.81
C ILE T 568 -53.35 24.47 28.54
N PHE T 569 -52.39 23.62 28.85
CA PHE T 569 -52.64 22.41 29.60
C PHE T 569 -51.57 22.22 30.66
N MET U 1 30.33 60.11 -22.84
CA MET U 1 31.75 59.81 -22.86
C MET U 1 32.53 60.77 -21.96
N LYS U 2 33.10 60.22 -20.90
CA LYS U 2 33.86 61.00 -19.94
C LYS U 2 35.16 60.28 -19.63
N LYS U 3 36.17 61.05 -19.21
CA LYS U 3 37.47 60.52 -18.83
C LYS U 3 37.56 60.40 -17.31
N ILE U 4 38.03 59.27 -16.83
CA ILE U 4 38.21 59.02 -15.41
C ILE U 4 39.66 58.63 -15.18
N SER U 5 40.30 59.29 -14.22
CA SER U 5 41.68 58.95 -13.88
C SER U 5 41.76 57.54 -13.32
N ARG U 6 42.85 56.85 -13.65
CA ARG U 6 43.01 55.46 -13.22
C ARG U 6 42.96 55.34 -11.70
N LYS U 7 43.49 56.33 -10.99
CA LYS U 7 43.52 56.25 -9.54
C LYS U 7 42.12 56.18 -8.95
N GLU U 8 41.25 57.12 -9.33
CA GLU U 8 39.91 57.12 -8.76
C GLU U 8 39.09 55.95 -9.28
N TYR U 9 39.31 55.54 -10.53
CA TYR U 9 38.63 54.37 -11.05
C TYR U 9 38.97 53.13 -10.23
N VAL U 10 40.26 52.93 -9.93
CA VAL U 10 40.67 51.76 -9.17
C VAL U 10 40.16 51.85 -7.74
N SER U 11 40.14 53.06 -7.18
CA SER U 11 39.59 53.22 -5.83
C SER U 11 38.11 52.89 -5.79
N MET U 12 37.38 53.12 -6.89
CA MET U 12 35.96 52.83 -6.87
C MET U 12 35.65 51.38 -7.21
N TYR U 13 36.34 50.78 -8.19
CA TYR U 13 35.96 49.48 -8.70
C TYR U 13 37.06 48.43 -8.64
N GLY U 14 38.25 48.77 -8.16
CA GLY U 14 39.35 47.84 -8.14
C GLY U 14 40.24 47.97 -9.36
N PRO U 15 41.34 47.23 -9.39
CA PRO U 15 42.25 47.31 -10.53
C PRO U 15 41.61 46.80 -11.80
N THR U 16 42.05 47.36 -12.92
CA THR U 16 41.54 46.99 -14.24
C THR U 16 42.70 46.47 -15.08
N THR U 17 42.44 46.22 -16.36
CA THR U 17 43.44 45.60 -17.22
C THR U 17 44.72 46.42 -17.25
N GLY U 18 45.85 45.73 -17.06
CA GLY U 18 47.15 46.34 -17.05
C GLY U 18 47.63 46.78 -15.69
N ASP U 19 46.74 46.92 -14.72
CA ASP U 19 47.15 47.25 -13.37
C ASP U 19 47.79 46.05 -12.69
N LYS U 20 48.62 46.33 -11.71
CA LYS U 20 49.36 45.31 -10.98
C LYS U 20 49.14 45.49 -9.49
N VAL U 21 49.10 44.38 -8.77
CA VAL U 21 48.87 44.41 -7.33
C VAL U 21 49.86 43.47 -6.64
N ARG U 22 50.46 43.95 -5.56
CA ARG U 22 51.31 43.10 -4.74
C ARG U 22 50.48 42.12 -3.93
N LEU U 23 50.97 40.89 -3.80
CA LEU U 23 50.29 39.85 -3.04
C LEU U 23 50.89 39.81 -1.64
N GLY U 24 50.10 40.20 -0.65
CA GLY U 24 50.58 40.22 0.71
C GLY U 24 51.78 41.13 0.86
N ASP U 25 52.70 40.74 1.74
CA ASP U 25 53.97 41.45 1.89
C ASP U 25 55.09 40.79 1.10
N THR U 26 54.76 40.00 0.09
CA THR U 26 55.75 39.30 -0.71
C THR U 26 56.26 40.20 -1.82
N ASP U 27 57.04 39.63 -2.74
CA ASP U 27 57.50 40.33 -3.93
C ASP U 27 56.76 39.88 -5.19
N LEU U 28 55.77 39.01 -5.06
CA LEU U 28 55.03 38.54 -6.21
C LEU U 28 54.02 39.59 -6.67
N ILE U 29 54.04 39.90 -7.96
CA ILE U 29 53.21 40.95 -8.53
C ILE U 29 52.24 40.33 -9.51
N ALA U 30 50.95 40.55 -9.29
CA ALA U 30 49.91 40.02 -10.15
C ALA U 30 49.40 41.13 -11.07
N GLU U 31 49.29 40.84 -12.35
CA GLU U 31 48.81 41.77 -13.34
C GLU U 31 47.46 41.32 -13.85
N VAL U 32 46.48 42.22 -13.87
CA VAL U 32 45.16 41.91 -14.40
C VAL U 32 45.28 41.73 -15.91
N GLU U 33 44.91 40.54 -16.39
CA GLU U 33 45.09 40.21 -17.80
C GLU U 33 43.94 40.71 -18.66
N HIS U 34 42.72 40.66 -18.15
CA HIS U 34 41.53 40.99 -18.91
C HIS U 34 40.45 41.48 -17.97
N ASP U 35 39.51 42.25 -18.50
CA ASP U 35 38.39 42.77 -17.74
C ASP U 35 37.11 42.51 -18.51
N TYR U 36 36.11 41.97 -17.83
CA TYR U 36 34.82 41.66 -18.43
C TYR U 36 33.83 42.82 -18.34
N THR U 37 34.25 43.96 -17.82
CA THR U 37 33.31 45.02 -17.55
C THR U 37 33.16 45.95 -18.74
N ILE U 38 32.03 46.64 -18.79
CA ILE U 38 31.82 47.74 -19.71
C ILE U 38 32.03 49.02 -18.92
N TYR U 39 33.02 49.81 -19.32
CA TYR U 39 33.37 51.01 -18.58
C TYR U 39 32.19 51.99 -18.55
N GLY U 40 31.78 52.34 -17.34
CA GLY U 40 30.58 53.13 -17.15
C GLY U 40 29.36 52.33 -16.73
N GLU U 41 29.46 51.01 -16.65
CA GLU U 41 28.33 50.16 -16.30
C GLU U 41 28.63 49.26 -15.12
N GLU U 42 29.59 49.63 -14.28
CA GLU U 42 30.01 48.77 -13.18
C GLU U 42 28.90 48.63 -12.14
N LEU U 43 28.88 47.46 -11.49
CA LEU U 43 27.91 47.17 -10.45
C LEU U 43 28.45 47.64 -9.10
N LYS U 44 27.74 48.56 -8.46
CA LYS U 44 28.10 49.06 -7.15
C LYS U 44 26.87 48.99 -6.26
N PHE U 45 27.05 48.55 -5.03
CA PHE U 45 25.96 48.47 -4.07
C PHE U 45 26.13 49.53 -2.99
N GLY U 46 25.02 50.13 -2.61
CA GLY U 46 25.03 51.18 -1.61
C GLY U 46 23.89 52.15 -1.86
N GLY U 47 23.87 53.20 -1.06
CA GLY U 47 22.85 54.22 -1.20
C GLY U 47 23.11 55.07 -2.43
N GLY U 48 22.11 55.18 -3.31
CA GLY U 48 22.24 55.97 -4.51
C GLY U 48 23.08 55.35 -5.60
N LYS U 49 23.43 54.08 -5.49
CA LYS U 49 24.31 53.43 -6.43
C LYS U 49 23.51 52.62 -7.45
N THR U 50 24.21 51.79 -8.22
CA THR U 50 23.60 51.18 -9.39
C THR U 50 22.74 49.96 -9.08
N LEU U 51 23.12 49.17 -8.08
CA LEU U 51 22.43 47.92 -7.81
C LEU U 51 21.08 48.14 -7.15
N ARG U 52 20.15 48.75 -7.88
CA ARG U 52 18.86 49.12 -7.35
C ARG U 52 17.77 48.73 -8.34
N GLU U 53 16.54 48.65 -7.81
CA GLU U 53 15.40 48.24 -8.60
C GLU U 53 15.25 49.12 -9.84
N GLY U 54 15.28 48.48 -11.00
CA GLY U 54 15.09 49.15 -12.26
C GLY U 54 16.35 49.67 -12.93
N MET U 55 17.51 49.59 -12.27
CA MET U 55 18.75 50.06 -12.89
C MET U 55 19.74 48.93 -13.14
N SER U 56 20.20 48.25 -12.10
CA SER U 56 21.06 47.09 -12.26
C SER U 56 20.43 45.82 -11.73
N GLN U 57 19.49 45.91 -10.81
CA GLN U 57 18.59 44.82 -10.51
C GLN U 57 17.41 44.91 -11.45
N SER U 58 17.13 43.83 -12.16
CA SER U 58 16.08 43.84 -13.16
C SER U 58 14.71 43.75 -12.51
N ASN U 59 13.77 44.50 -13.08
CA ASN U 59 12.37 44.35 -12.74
C ASN U 59 11.68 43.26 -13.55
N ASN U 60 12.34 42.78 -14.60
CA ASN U 60 11.86 41.66 -15.40
C ASN U 60 13.02 40.69 -15.60
N PRO U 61 13.41 40.00 -14.54
CA PRO U 61 14.63 39.19 -14.61
C PRO U 61 14.45 37.95 -15.47
N SER U 62 15.57 37.42 -15.93
CA SER U 62 15.53 36.13 -16.60
C SER U 62 15.15 35.04 -15.60
N LYS U 63 14.89 33.84 -16.12
CA LYS U 63 14.53 32.74 -15.25
C LYS U 63 15.74 32.11 -14.57
N GLU U 64 16.95 32.40 -15.05
CA GLU U 64 18.19 31.96 -14.42
C GLU U 64 18.75 33.02 -13.49
N GLU U 65 17.85 33.72 -12.81
CA GLU U 65 18.21 34.80 -11.89
C GLU U 65 19.14 34.30 -10.80
N LEU U 66 20.16 35.09 -10.50
CA LEU U 66 21.20 34.70 -9.55
C LEU U 66 20.71 34.79 -8.11
N ASP U 67 21.26 33.91 -7.27
CA ASP U 67 21.05 34.04 -5.83
C ASP U 67 22.03 35.04 -5.23
N LEU U 68 23.26 35.03 -5.70
CA LEU U 68 24.34 35.84 -5.16
C LEU U 68 25.22 36.29 -6.32
N ILE U 69 25.66 37.54 -6.28
CA ILE U 69 26.61 38.04 -7.26
C ILE U 69 27.74 38.74 -6.52
N ILE U 70 28.96 38.48 -6.95
CA ILE U 70 30.15 39.15 -6.44
C ILE U 70 30.62 40.12 -7.50
N THR U 71 30.58 41.41 -7.19
CA THR U 71 30.84 42.44 -8.18
C THR U 71 32.29 42.86 -8.15
N ASN U 72 32.86 43.06 -9.35
CA ASN U 72 34.17 43.69 -9.52
C ASN U 72 35.27 42.91 -8.83
N ALA U 73 35.20 41.59 -8.91
CA ALA U 73 36.15 40.71 -8.26
C ALA U 73 37.37 40.50 -9.16
N LEU U 74 38.55 40.54 -8.54
CA LEU U 74 39.77 40.11 -9.20
C LEU U 74 39.94 38.62 -8.96
N ILE U 75 39.77 37.83 -10.02
CA ILE U 75 39.87 36.38 -9.91
C ILE U 75 41.32 35.98 -10.11
N VAL U 76 41.86 35.24 -9.15
CA VAL U 76 43.17 34.61 -9.28
C VAL U 76 42.94 33.11 -9.32
N ASP U 77 43.13 32.52 -10.49
CA ASP U 77 42.83 31.14 -10.76
C ASP U 77 43.92 30.63 -11.70
N TYR U 78 44.00 29.30 -11.84
CA TYR U 78 44.95 28.77 -12.80
C TYR U 78 44.51 29.07 -14.23
N THR U 79 43.23 29.33 -14.44
CA THR U 79 42.74 29.71 -15.76
C THR U 79 43.02 31.17 -16.12
N GLY U 80 43.46 31.97 -15.17
CA GLY U 80 43.85 33.34 -15.48
C GLY U 80 43.66 34.26 -14.30
N ILE U 81 44.19 35.46 -14.46
CA ILE U 81 44.10 36.52 -13.45
C ILE U 81 43.38 37.68 -14.12
N TYR U 82 42.10 37.88 -13.78
CA TYR U 82 41.26 38.81 -14.53
C TYR U 82 40.14 39.33 -13.64
N LYS U 83 39.50 40.40 -14.11
CA LYS U 83 38.40 41.03 -13.40
C LYS U 83 37.07 40.61 -14.02
N ALA U 84 36.11 40.24 -13.18
CA ALA U 84 34.78 39.87 -13.65
C ALA U 84 33.81 39.95 -12.47
N ASP U 85 32.55 39.70 -12.78
CA ASP U 85 31.54 39.45 -11.77
C ASP U 85 31.25 37.96 -11.71
N ILE U 86 31.12 37.43 -10.51
CA ILE U 86 30.83 36.02 -10.30
C ILE U 86 29.40 35.90 -9.84
N GLY U 87 28.61 35.13 -10.56
CA GLY U 87 27.23 34.85 -10.20
C GLY U 87 27.09 33.43 -9.67
N ILE U 88 26.36 33.29 -8.57
CA ILE U 88 26.16 32.02 -7.89
C ILE U 88 24.68 31.71 -7.92
N LYS U 89 24.33 30.51 -8.36
CA LYS U 89 22.95 30.05 -8.36
C LYS U 89 22.91 28.59 -7.96
N ASP U 90 22.19 28.31 -6.87
CA ASP U 90 21.95 26.94 -6.40
C ASP U 90 23.24 26.21 -6.04
N GLY U 91 24.14 26.92 -5.36
CA GLY U 91 25.36 26.33 -4.88
C GLY U 91 26.45 26.17 -5.91
N LYS U 92 26.16 26.45 -7.18
CA LYS U 92 27.15 26.35 -8.25
C LYS U 92 27.53 27.75 -8.71
N ILE U 93 28.65 27.82 -9.41
CA ILE U 93 29.04 29.03 -10.11
C ILE U 93 28.25 29.07 -11.41
N ALA U 94 27.32 30.02 -11.51
CA ALA U 94 26.42 30.10 -12.66
C ALA U 94 27.01 30.89 -13.82
N GLY U 95 27.82 31.90 -13.54
CA GLY U 95 28.38 32.70 -14.61
C GLY U 95 29.55 33.53 -14.15
N ILE U 96 30.43 33.84 -15.10
CA ILE U 96 31.57 34.71 -14.88
C ILE U 96 31.56 35.73 -16.01
N GLY U 97 31.48 37.00 -15.67
CA GLY U 97 31.45 38.01 -16.71
C GLY U 97 30.91 39.35 -16.28
N LYS U 98 30.01 39.92 -17.07
CA LYS U 98 29.59 41.30 -16.84
C LYS U 98 28.57 41.40 -15.71
N GLY U 99 27.42 40.77 -15.85
CA GLY U 99 26.44 40.81 -14.79
C GLY U 99 25.68 42.11 -14.69
N GLY U 100 24.37 42.03 -14.46
CA GLY U 100 23.57 43.24 -14.36
C GLY U 100 22.15 43.10 -14.87
N ASN U 101 21.62 44.18 -15.43
CA ASN U 101 20.23 44.24 -15.87
C ASN U 101 20.20 44.48 -17.37
N LYS U 102 19.57 43.55 -18.09
CA LYS U 102 19.49 43.65 -19.54
C LYS U 102 18.57 44.77 -20.00
N ASP U 103 17.66 45.23 -19.14
CA ASP U 103 16.78 46.33 -19.51
C ASP U 103 17.53 47.65 -19.67
N MET U 104 18.61 47.84 -18.93
CA MET U 104 19.29 49.13 -18.90
C MET U 104 20.76 49.06 -19.29
N GLN U 105 21.30 47.87 -19.56
CA GLN U 105 22.72 47.69 -19.83
C GLN U 105 22.92 46.72 -20.97
N ASP U 106 24.03 46.90 -21.69
CA ASP U 106 24.20 46.25 -23.00
C ASP U 106 24.60 44.78 -22.88
N GLY U 107 25.76 44.50 -22.30
CA GLY U 107 26.32 43.16 -22.41
C GLY U 107 26.00 42.18 -21.30
N VAL U 108 24.72 41.90 -21.06
CA VAL U 108 24.29 41.06 -19.95
C VAL U 108 23.66 39.80 -20.53
N LYS U 109 24.21 38.65 -20.19
CA LYS U 109 23.70 37.36 -20.62
C LYS U 109 22.78 36.77 -19.56
N ASN U 110 21.92 35.85 -19.98
CA ASN U 110 20.84 35.36 -19.12
C ASN U 110 21.36 34.69 -17.85
N ASN U 111 22.56 34.13 -17.89
CA ASN U 111 23.09 33.46 -16.72
C ASN U 111 23.69 34.42 -15.70
N LEU U 112 23.81 35.70 -16.04
CA LEU U 112 24.38 36.69 -15.14
C LEU U 112 23.38 37.79 -14.79
N SER U 113 22.10 37.45 -14.80
CA SER U 113 21.05 38.43 -14.57
C SER U 113 20.84 38.66 -13.08
N VAL U 114 20.87 39.92 -12.68
CA VAL U 114 20.59 40.32 -11.31
C VAL U 114 19.13 40.71 -11.22
N GLY U 115 18.39 40.05 -10.34
CA GLY U 115 17.00 40.36 -10.13
C GLY U 115 16.70 40.57 -8.67
N PRO U 116 15.42 40.55 -8.32
CA PRO U 116 15.02 40.77 -6.92
C PRO U 116 15.44 39.65 -5.99
N ALA U 117 15.79 38.47 -6.50
CA ALA U 117 16.20 37.36 -5.66
C ALA U 117 17.71 37.31 -5.40
N THR U 118 18.45 38.31 -5.85
CA THR U 118 19.91 38.26 -5.81
C THR U 118 20.44 39.02 -4.60
N GLU U 119 21.38 38.40 -3.90
CA GLU U 119 22.14 39.07 -2.86
C GLU U 119 23.41 39.66 -3.46
N ALA U 120 23.85 40.79 -2.92
CA ALA U 120 25.00 41.51 -3.42
C ALA U 120 26.19 41.35 -2.47
N LEU U 121 27.33 40.97 -3.03
CA LEU U 121 28.59 40.91 -2.29
C LEU U 121 29.60 41.75 -3.04
N ALA U 122 30.13 42.78 -2.39
CA ALA U 122 31.08 43.67 -3.03
C ALA U 122 32.47 43.04 -3.03
N GLY U 123 33.09 43.03 -4.19
CA GLY U 123 34.42 42.46 -4.31
C GLY U 123 35.45 43.42 -4.85
N GLU U 124 35.09 44.69 -5.00
CA GLU U 124 36.01 45.67 -5.53
C GLU U 124 37.22 45.81 -4.61
N GLY U 125 38.41 45.75 -5.20
CA GLY U 125 39.63 45.77 -4.43
C GLY U 125 39.95 44.47 -3.72
N LEU U 126 39.24 43.40 -4.03
CA LEU U 126 39.46 42.11 -3.38
C LEU U 126 39.82 41.06 -4.41
N ILE U 127 40.39 39.97 -3.93
CA ILE U 127 40.81 38.83 -4.74
C ILE U 127 39.89 37.66 -4.42
N VAL U 128 39.47 36.95 -5.46
CA VAL U 128 38.71 35.72 -5.31
C VAL U 128 39.54 34.57 -5.84
N THR U 129 39.80 33.58 -5.01
CA THR U 129 40.40 32.32 -5.41
C THR U 129 39.45 31.19 -5.06
N ALA U 130 39.72 30.01 -5.62
CA ALA U 130 39.02 28.81 -5.20
C ALA U 130 39.43 28.43 -3.78
N GLY U 131 38.54 27.72 -3.10
CA GLY U 131 38.90 27.17 -1.81
C GLY U 131 40.05 26.19 -1.93
N GLY U 132 40.93 26.20 -0.93
CA GLY U 132 42.05 25.29 -0.93
C GLY U 132 41.63 23.85 -0.67
N ILE U 133 42.45 22.93 -1.14
CA ILE U 133 42.21 21.51 -0.98
C ILE U 133 43.43 20.89 -0.33
N ASP U 134 43.24 20.31 0.85
CA ASP U 134 44.30 19.68 1.61
C ASP U 134 44.10 18.17 1.55
N THR U 135 45.07 17.45 1.01
CA THR U 135 44.93 16.04 0.72
C THR U 135 45.79 15.14 1.61
N HIS U 136 46.35 15.67 2.68
CA HIS U 136 47.19 14.90 3.59
C HIS U 136 46.78 15.17 5.04
N ILE U 137 45.50 14.99 5.32
CA ILE U 137 44.96 15.26 6.65
C ILE U 137 45.05 13.99 7.50
N HIS U 138 45.68 14.12 8.67
CA HIS U 138 45.52 13.14 9.75
C HIS U 138 44.36 13.59 10.61
N PHE U 139 43.24 12.86 10.55
CA PHE U 139 42.06 13.22 11.34
C PHE U 139 42.31 12.84 12.80
N ILE U 140 43.11 13.68 13.45
CA ILE U 140 43.53 13.46 14.83
C ILE U 140 42.63 14.19 15.81
N SER U 141 42.26 15.42 15.50
CA SER U 141 41.33 16.17 16.33
C SER U 141 40.36 16.92 15.44
N PRO U 142 39.08 17.00 15.83
CA PRO U 142 38.13 17.81 15.05
C PRO U 142 38.50 19.28 14.98
N GLN U 143 39.26 19.79 15.94
CA GLN U 143 39.64 21.19 15.96
C GLN U 143 40.54 21.58 14.79
N GLN U 144 41.13 20.61 14.10
CA GLN U 144 41.87 20.91 12.88
C GLN U 144 40.98 21.51 11.80
N ILE U 145 39.73 21.09 11.74
CA ILE U 145 38.84 21.52 10.66
C ILE U 145 38.56 23.02 10.71
N PRO U 146 38.17 23.61 11.84
CA PRO U 146 38.04 25.08 11.86
C PRO U 146 39.35 25.81 11.61
N THR U 147 40.48 25.24 12.03
CA THR U 147 41.76 25.90 11.80
C THR U 147 42.10 25.95 10.31
N ALA U 148 41.90 24.85 9.60
CA ALA U 148 42.14 24.84 8.17
C ALA U 148 41.11 25.70 7.43
N PHE U 149 39.88 25.75 7.95
CA PHE U 149 38.85 26.58 7.33
C PHE U 149 39.23 28.05 7.38
N ALA U 150 39.74 28.52 8.51
CA ALA U 150 40.07 29.92 8.67
C ALA U 150 41.28 30.36 7.84
N SER U 151 42.05 29.41 7.31
CA SER U 151 43.20 29.72 6.49
C SER U 151 42.89 29.71 5.00
N GLY U 152 41.68 29.31 4.60
CA GLY U 152 41.32 29.27 3.20
C GLY U 152 41.15 27.89 2.60
N VAL U 153 41.15 26.83 3.39
CA VAL U 153 40.97 25.47 2.91
C VAL U 153 39.50 25.10 3.04
N THR U 154 38.90 24.60 1.96
CA THR U 154 37.50 24.21 1.96
C THR U 154 37.27 22.72 1.75
N THR U 155 38.30 21.94 1.41
CA THR U 155 38.19 20.50 1.28
C THR U 155 39.36 19.86 2.02
N MET U 156 39.05 18.90 2.90
CA MET U 156 40.07 18.11 3.56
C MET U 156 39.90 16.65 3.17
N ILE U 157 40.97 16.04 2.67
CA ILE U 157 41.00 14.64 2.31
C ILE U 157 42.09 13.98 3.14
N GLY U 158 41.76 12.85 3.75
CA GLY U 158 42.72 12.13 4.56
C GLY U 158 42.10 10.95 5.25
N GLY U 159 42.68 10.53 6.37
CA GLY U 159 42.12 9.41 7.11
C GLY U 159 42.48 9.52 8.58
N GLY U 160 41.79 8.74 9.37
CA GLY U 160 42.02 8.69 10.80
C GLY U 160 40.72 8.46 11.54
N THR U 161 40.84 8.09 12.80
CA THR U 161 39.69 7.90 13.67
C THR U 161 39.74 8.78 14.91
N GLY U 162 40.81 9.54 15.09
CA GLY U 162 40.98 10.35 16.27
C GLY U 162 42.39 10.26 16.82
N PRO U 163 42.57 10.56 18.08
CA PRO U 163 43.92 10.64 18.64
C PRO U 163 44.54 9.29 18.96
N ALA U 164 44.04 8.24 18.33
CA ALA U 164 44.65 6.92 18.42
C ALA U 164 46.03 6.92 17.77
N ASP U 165 46.89 6.02 18.26
CA ASP U 165 48.27 5.97 17.81
C ASP U 165 48.38 5.63 16.33
N GLY U 166 47.48 4.79 15.82
CA GLY U 166 47.47 4.51 14.39
C GLY U 166 47.17 5.74 13.56
N THR U 167 46.28 6.60 14.04
CA THR U 167 45.98 7.84 13.34
C THR U 167 47.09 8.88 13.52
N ASN U 168 47.72 8.91 14.70
CA ASN U 168 48.82 9.85 14.91
C ASN U 168 49.96 9.61 13.93
N ALA U 169 50.04 8.41 13.36
CA ALA U 169 51.06 8.07 12.38
C ALA U 169 50.55 8.07 10.95
N THR U 170 49.31 7.65 10.72
CA THR U 170 48.82 7.35 9.38
C THR U 170 47.52 8.09 9.09
N THR U 171 47.33 8.42 7.82
CA THR U 171 46.05 8.99 7.35
C THR U 171 45.12 7.87 6.89
N ILE U 172 44.79 6.99 7.82
CA ILE U 172 44.06 5.78 7.50
C ILE U 172 42.80 5.70 8.36
N THR U 173 41.65 5.49 7.71
CA THR U 173 40.42 5.12 8.39
C THR U 173 40.16 3.66 8.10
N PRO U 174 40.51 2.75 9.00
CA PRO U 174 40.52 1.33 8.65
C PRO U 174 39.18 0.63 8.82
N GLY U 175 38.63 0.12 7.73
CA GLY U 175 37.51 -0.78 7.80
C GLY U 175 36.16 -0.09 7.72
N ARG U 176 35.14 -0.91 7.46
CA ARG U 176 33.79 -0.42 7.21
C ARG U 176 33.21 0.30 8.42
N ARG U 177 33.37 -0.28 9.61
CA ARG U 177 32.77 0.31 10.81
C ARG U 177 33.40 1.65 11.14
N ASN U 178 34.73 1.74 11.05
CA ASN U 178 35.40 3.01 11.32
C ASN U 178 35.07 4.04 10.24
N LEU U 179 34.91 3.61 9.00
CA LEU U 179 34.43 4.51 7.96
C LEU U 179 33.04 5.04 8.29
N LYS U 180 32.15 4.18 8.78
CA LYS U 180 30.82 4.62 9.16
C LYS U 180 30.87 5.62 10.30
N TRP U 181 31.73 5.36 11.30
CA TRP U 181 31.94 6.32 12.37
C TRP U 181 32.31 7.69 11.83
N MET U 182 33.33 7.73 10.96
CA MET U 182 33.82 9.03 10.51
C MET U 182 32.84 9.71 9.55
N LEU U 183 32.14 8.94 8.73
CA LEU U 183 31.16 9.52 7.81
C LEU U 183 29.98 10.12 8.57
N ARG U 184 29.57 9.48 9.67
CA ARG U 184 28.49 10.08 10.46
C ARG U 184 28.98 11.23 11.32
N ALA U 185 30.25 11.21 11.73
CA ALA U 185 30.78 12.36 12.44
C ALA U 185 30.92 13.57 11.50
N ALA U 186 31.16 13.33 10.22
CA ALA U 186 31.42 14.41 9.27
C ALA U 186 30.25 15.38 9.14
N GLU U 187 29.03 14.93 9.43
CA GLU U 187 27.84 15.77 9.38
C GLU U 187 27.95 17.03 10.23
N GLU U 188 28.92 17.10 11.13
CA GLU U 188 29.09 18.23 12.04
C GLU U 188 29.70 19.45 11.36
N TYR U 189 30.54 19.26 10.36
CA TYR U 189 31.58 20.22 10.04
C TYR U 189 31.29 21.04 8.78
N SER U 190 31.89 22.22 8.75
CA SER U 190 31.89 23.08 7.56
C SER U 190 33.21 22.83 6.82
N MET U 191 33.20 21.79 6.00
CA MET U 191 34.35 21.37 5.22
C MET U 191 33.89 20.25 4.30
N ASN U 192 34.40 20.23 3.07
CA ASN U 192 34.25 19.06 2.22
C ASN U 192 35.20 17.98 2.71
N LEU U 193 34.71 16.76 2.84
CA LEU U 193 35.47 15.69 3.45
C LEU U 193 35.44 14.43 2.59
N GLY U 194 36.57 13.74 2.58
CA GLY U 194 36.66 12.41 1.99
C GLY U 194 37.72 11.63 2.73
N PHE U 195 37.54 10.32 2.82
CA PHE U 195 38.34 9.50 3.69
C PHE U 195 39.08 8.41 2.93
N LEU U 196 40.33 8.19 3.31
CA LEU U 196 41.16 7.14 2.74
C LEU U 196 41.14 5.91 3.64
N ALA U 197 41.10 4.75 3.00
CA ALA U 197 41.05 3.46 3.68
C ALA U 197 42.46 2.91 3.90
N LYS U 198 42.55 1.76 4.53
CA LYS U 198 43.83 1.09 4.72
C LYS U 198 44.18 0.30 3.46
N GLY U 199 45.31 0.63 2.85
CA GLY U 199 45.78 -0.09 1.68
C GLY U 199 46.80 -1.15 2.04
N ASN U 200 47.22 -1.17 3.31
CA ASN U 200 48.29 -2.06 3.78
C ASN U 200 47.71 -3.43 4.10
N THR U 201 47.32 -4.14 3.05
CA THR U 201 46.93 -5.53 3.19
C THR U 201 47.11 -6.20 1.84
N SER U 202 47.25 -7.51 1.87
CA SER U 202 47.34 -8.32 0.67
C SER U 202 46.04 -9.04 0.36
N ASN U 203 44.99 -8.78 1.14
CA ASN U 203 43.68 -9.40 0.94
C ASN U 203 42.85 -8.49 0.04
N ASP U 204 42.52 -8.97 -1.15
CA ASP U 204 41.75 -8.16 -2.09
C ASP U 204 40.34 -7.90 -1.60
N ALA U 205 39.72 -8.90 -0.97
CA ALA U 205 38.35 -8.72 -0.48
C ALA U 205 38.28 -7.64 0.60
N SER U 206 39.26 -7.62 1.50
CA SER U 206 39.31 -6.59 2.52
C SER U 206 39.51 -5.20 1.92
N LEU U 207 40.32 -5.10 0.87
CA LEU U 207 40.51 -3.82 0.19
C LEU U 207 39.22 -3.36 -0.48
N ALA U 208 38.54 -4.27 -1.17
CA ALA U 208 37.34 -3.90 -1.92
C ALA U 208 36.22 -3.49 -0.97
N ASP U 209 36.13 -4.14 0.19
CA ASP U 209 35.06 -3.84 1.13
C ASP U 209 35.15 -2.41 1.65
N GLN U 210 36.36 -1.92 1.90
CA GLN U 210 36.54 -0.55 2.38
C GLN U 210 36.09 0.46 1.35
N ILE U 211 36.38 0.22 0.07
CA ILE U 211 35.94 1.13 -0.97
C ILE U 211 34.42 1.15 -1.06
N GLU U 212 33.80 -0.03 -1.03
CA GLU U 212 32.35 -0.11 -1.08
C GLU U 212 31.69 0.46 0.17
N ALA U 213 32.44 0.61 1.25
CA ALA U 213 31.96 1.20 2.49
C ALA U 213 32.09 2.72 2.52
N GLY U 214 32.58 3.33 1.45
CA GLY U 214 32.57 4.79 1.34
C GLY U 214 33.91 5.46 1.23
N ALA U 215 35.04 4.76 1.26
CA ALA U 215 36.33 5.41 1.15
C ALA U 215 36.60 5.84 -0.30
N ILE U 216 37.32 6.96 -0.45
CA ILE U 216 37.66 7.46 -1.78
C ILE U 216 39.03 7.00 -2.24
N GLY U 217 39.72 6.19 -1.46
CA GLY U 217 41.02 5.70 -1.89
C GLY U 217 41.73 5.01 -0.75
N PHE U 218 42.98 4.67 -1.02
CA PHE U 218 43.82 3.95 -0.06
C PHE U 218 45.01 4.79 0.34
N KCX U 219 45.43 4.61 1.59
CA KCX U 219 46.73 5.08 2.03
CB KCX U 219 46.61 5.99 3.25
CG KCX U 219 47.94 6.43 3.84
CD KCX U 219 48.75 7.27 2.87
CE KCX U 219 50.00 7.82 3.53
NZ KCX U 219 49.69 8.64 4.73
C KCX U 219 47.59 3.85 2.34
O KCX U 219 47.15 2.94 3.03
CX KCX U 219 50.63 9.31 5.37
OQ1 KCX U 219 51.80 9.27 4.99
OQ2 KCX U 219 50.35 9.98 6.37
N ILE U 220 48.79 3.83 1.80
CA ILE U 220 49.77 2.82 2.14
C ILE U 220 50.84 3.50 2.98
N HIS U 221 50.96 3.09 4.24
CA HIS U 221 51.86 3.72 5.19
C HIS U 221 52.80 2.67 5.76
N GLU U 222 54.07 3.04 5.91
CA GLU U 222 55.07 2.08 6.36
C GLU U 222 54.81 1.60 7.77
N ASP U 223 54.10 2.38 8.59
CA ASP U 223 53.76 1.95 9.94
C ASP U 223 52.80 0.77 9.96
N TRP U 224 52.03 0.57 8.89
CA TRP U 224 51.25 -0.64 8.70
C TRP U 224 51.93 -1.63 7.78
N GLY U 225 53.10 -1.28 7.26
CA GLY U 225 53.92 -2.16 6.45
C GLY U 225 53.79 -1.88 4.96
N THR U 226 54.70 -1.08 4.42
CA THR U 226 54.69 -0.75 3.00
C THR U 226 55.57 -1.77 2.30
N THR U 227 54.95 -2.83 1.87
CA THR U 227 55.62 -3.89 1.18
C THR U 227 55.18 -3.93 -0.28
N PRO U 228 56.01 -4.45 -1.17
CA PRO U 228 55.60 -4.53 -2.59
C PRO U 228 54.32 -5.33 -2.80
N SER U 229 54.08 -6.37 -2.00
CA SER U 229 52.88 -7.16 -2.16
C SER U 229 51.62 -6.33 -1.88
N ALA U 230 51.64 -5.58 -0.78
CA ALA U 230 50.49 -4.74 -0.43
C ALA U 230 50.30 -3.63 -1.47
N ILE U 231 51.39 -3.04 -1.95
CA ILE U 231 51.29 -2.01 -2.99
C ILE U 231 50.63 -2.58 -4.24
N ASN U 232 51.08 -3.76 -4.67
CA ASN U 232 50.55 -4.38 -5.87
C ASN U 232 49.06 -4.66 -5.72
N HIS U 233 48.66 -5.27 -4.60
CA HIS U 233 47.25 -5.59 -4.40
C HIS U 233 46.39 -4.34 -4.33
N ALA U 234 46.85 -3.33 -3.60
CA ALA U 234 46.07 -2.10 -3.45
C ALA U 234 45.89 -1.40 -4.79
N LEU U 235 46.93 -1.37 -5.61
CA LEU U 235 46.81 -0.76 -6.93
C LEU U 235 45.85 -1.54 -7.82
N ASP U 236 45.88 -2.88 -7.74
CA ASP U 236 44.94 -3.67 -8.53
C ASP U 236 43.49 -3.34 -8.16
N VAL U 237 43.20 -3.31 -6.87
CA VAL U 237 41.83 -3.02 -6.43
C VAL U 237 41.45 -1.59 -6.82
N ALA U 238 42.36 -0.64 -6.65
CA ALA U 238 42.06 0.75 -6.99
C ALA U 238 41.77 0.91 -8.47
N ASP U 239 42.52 0.19 -9.33
CA ASP U 239 42.21 0.22 -10.75
C ASP U 239 40.83 -0.37 -11.03
N LYS U 240 40.42 -1.38 -10.28
CA LYS U 240 39.07 -1.91 -10.49
C LYS U 240 37.98 -0.96 -9.99
N TYR U 241 38.27 -0.08 -9.04
CA TYR U 241 37.24 0.77 -8.46
C TYR U 241 37.40 2.25 -8.78
N ASP U 242 38.45 2.65 -9.49
CA ASP U 242 38.68 4.02 -9.91
C ASP U 242 38.78 4.97 -8.70
N VAL U 243 39.71 4.65 -7.81
CA VAL U 243 40.01 5.47 -6.66
C VAL U 243 41.52 5.68 -6.59
N GLN U 244 41.93 6.72 -5.89
CA GLN U 244 43.34 7.07 -5.84
C GLN U 244 44.06 6.26 -4.76
N VAL U 245 45.36 6.10 -4.93
CA VAL U 245 46.22 5.49 -3.93
C VAL U 245 47.29 6.49 -3.53
N ALA U 246 47.47 6.67 -2.23
CA ALA U 246 48.54 7.47 -1.67
C ALA U 246 49.49 6.56 -0.90
N ILE U 247 50.77 6.89 -0.92
CA ILE U 247 51.79 6.01 -0.36
C ILE U 247 52.78 6.80 0.50
N HIS U 248 53.11 6.22 1.64
CA HIS U 248 54.20 6.64 2.52
C HIS U 248 55.16 5.46 2.55
N THR U 249 56.29 5.58 1.84
CA THR U 249 57.11 4.43 1.52
C THR U 249 58.00 4.03 2.71
N ASP U 250 58.70 2.92 2.54
CA ASP U 250 59.51 2.31 3.60
C ASP U 250 60.83 3.05 3.75
N THR U 251 60.96 3.79 4.85
CA THR U 251 62.20 4.53 5.10
C THR U 251 63.36 3.58 5.42
N LEU U 252 63.07 2.43 6.00
CA LEU U 252 64.11 1.52 6.45
C LEU U 252 64.66 0.63 5.34
N ASN U 253 64.09 0.69 4.14
CA ASN U 253 64.48 -0.17 3.02
C ASN U 253 64.36 -1.65 3.40
N GLU U 254 63.37 -1.97 4.22
CA GLU U 254 63.28 -3.31 4.80
C GLU U 254 63.01 -4.36 3.73
N ALA U 255 61.98 -4.15 2.92
CA ALA U 255 61.64 -5.08 1.86
C ALA U 255 62.29 -4.72 0.53
N GLY U 256 62.97 -3.59 0.44
CA GLY U 256 63.54 -3.16 -0.81
C GLY U 256 63.80 -1.67 -0.80
N CYS U 257 64.44 -1.22 -1.86
CA CYS U 257 64.77 0.17 -2.02
C CYS U 257 63.73 0.85 -2.90
N VAL U 258 64.02 2.09 -3.32
CA VAL U 258 63.01 2.89 -4.01
C VAL U 258 62.65 2.27 -5.36
N GLU U 259 63.63 1.67 -6.04
CA GLU U 259 63.34 1.06 -7.34
C GLU U 259 62.46 -0.17 -7.21
N ASP U 260 62.57 -0.91 -6.10
CA ASP U 260 61.66 -2.02 -5.85
C ASP U 260 60.24 -1.52 -5.65
N THR U 261 60.08 -0.40 -4.95
CA THR U 261 58.76 0.20 -4.80
C THR U 261 58.20 0.65 -6.15
N MET U 262 59.04 1.26 -6.99
CA MET U 262 58.57 1.66 -8.31
C MET U 262 58.20 0.45 -9.16
N ALA U 263 58.93 -0.65 -8.99
CA ALA U 263 58.58 -1.88 -9.69
C ALA U 263 57.25 -2.43 -9.20
N ALA U 264 56.98 -2.31 -7.90
CA ALA U 264 55.67 -2.75 -7.40
C ALA U 264 54.55 -1.85 -7.91
N ILE U 265 54.82 -0.56 -8.06
CA ILE U 265 53.82 0.35 -8.61
C ILE U 265 53.54 0.00 -10.07
N ALA U 266 54.58 -0.42 -10.80
CA ALA U 266 54.43 -1.01 -12.13
C ALA U 266 53.79 -0.03 -13.13
N GLY U 267 54.11 1.25 -13.00
CA GLY U 267 53.65 2.23 -13.95
C GLY U 267 52.21 2.67 -13.79
N ARG U 268 51.61 2.45 -12.64
CA ARG U 268 50.24 2.87 -12.38
C ARG U 268 50.24 4.18 -11.60
N THR U 269 49.09 4.86 -11.63
CA THR U 269 48.98 6.17 -11.01
C THR U 269 49.14 6.07 -9.49
N MET U 270 49.99 6.92 -8.93
CA MET U 270 50.25 6.92 -7.51
C MET U 270 50.48 8.35 -7.03
N HIS U 271 49.94 8.67 -5.87
CA HIS U 271 50.12 9.97 -5.22
C HIS U 271 51.07 9.78 -4.04
N THR U 272 52.24 10.40 -4.10
CA THR U 272 53.26 10.23 -3.08
C THR U 272 53.22 11.40 -2.11
N PHE U 273 53.13 11.10 -0.82
CA PHE U 273 53.17 12.11 0.23
C PHE U 273 54.60 12.41 0.62
N HIS U 274 54.86 13.66 0.98
CA HIS U 274 56.16 14.17 1.43
C HIS U 274 57.30 13.51 0.64
N THR U 275 57.26 13.73 -0.67
CA THR U 275 58.16 13.03 -1.59
C THR U 275 59.62 13.34 -1.31
N GLU U 276 59.92 14.48 -0.68
CA GLU U 276 61.30 14.80 -0.36
C GLU U 276 61.85 13.91 0.74
N GLY U 277 60.99 13.36 1.60
CA GLY U 277 61.36 12.27 2.48
C GLY U 277 61.61 12.61 3.93
N ALA U 278 61.59 13.89 4.32
CA ALA U 278 61.70 14.21 5.73
C ALA U 278 60.52 13.65 6.51
N GLY U 279 59.35 13.61 5.90
CA GLY U 279 58.17 13.02 6.49
C GLY U 279 58.11 11.52 6.41
N GLY U 280 59.13 10.88 5.86
CA GLY U 280 59.16 9.44 5.68
C GLY U 280 59.41 9.11 4.23
N GLY U 281 59.99 7.93 3.99
CA GLY U 281 60.28 7.50 2.64
C GLY U 281 61.67 6.94 2.51
N HIS U 282 61.91 6.17 1.45
CA HIS U 282 63.18 5.48 1.24
C HIS U 282 64.37 6.41 1.46
N ALA U 283 65.15 6.11 2.47
CA ALA U 283 66.33 6.91 2.75
C ALA U 283 67.49 6.45 1.87
N PRO U 284 68.16 7.36 1.16
CA PRO U 284 67.93 8.80 1.19
C PRO U 284 67.31 9.34 -0.10
N ASP U 285 66.74 8.47 -0.92
CA ASP U 285 66.52 8.79 -2.32
C ASP U 285 65.07 8.59 -2.76
N ILE U 286 64.11 8.82 -1.86
CA ILE U 286 62.71 8.76 -2.29
C ILE U 286 62.40 9.90 -3.25
N ILE U 287 63.12 11.02 -3.14
CA ILE U 287 62.80 12.21 -3.92
C ILE U 287 62.96 11.99 -5.41
N LYS U 288 63.65 10.92 -5.81
CA LYS U 288 63.87 10.69 -7.24
C LYS U 288 62.58 10.37 -7.97
N VAL U 289 61.58 9.83 -7.29
CA VAL U 289 60.33 9.47 -7.95
C VAL U 289 59.55 10.68 -8.42
N ALA U 290 59.93 11.88 -8.01
CA ALA U 290 59.22 13.09 -8.41
C ALA U 290 59.39 13.41 -9.88
N GLY U 291 60.29 12.74 -10.58
CA GLY U 291 60.43 12.91 -12.01
C GLY U 291 59.70 11.91 -12.87
N GLU U 292 59.01 10.95 -12.28
CA GLU U 292 58.34 9.90 -13.04
C GLU U 292 56.98 10.35 -13.53
N HIS U 293 56.57 9.79 -14.67
CA HIS U 293 55.33 10.20 -15.30
C HIS U 293 54.12 9.78 -14.50
N ASN U 294 54.14 8.59 -13.91
CA ASN U 294 53.00 8.03 -13.22
C ASN U 294 52.88 8.47 -11.77
N ILE U 295 53.77 9.32 -11.29
CA ILE U 295 53.79 9.76 -9.90
C ILE U 295 53.20 11.16 -9.80
N LEU U 296 52.33 11.37 -8.82
CA LEU U 296 51.86 12.70 -8.47
C LEU U 296 52.58 13.13 -7.21
N PRO U 297 53.64 13.92 -7.31
CA PRO U 297 54.46 14.20 -6.12
C PRO U 297 53.98 15.38 -5.30
N ALA U 298 53.75 15.14 -4.01
CA ALA U 298 53.33 16.18 -3.08
C ALA U 298 54.40 16.41 -2.03
N SER U 299 54.40 17.60 -1.47
CA SER U 299 55.26 17.94 -0.34
C SER U 299 54.41 18.41 0.82
N THR U 300 54.94 18.24 2.02
CA THR U 300 54.29 18.71 3.22
C THR U 300 54.93 20.01 3.67
N ASN U 301 54.14 20.87 4.31
CA ASN U 301 54.56 22.23 4.58
C ASN U 301 55.70 22.41 5.59
N PRO U 302 55.96 21.48 6.53
CA PRO U 302 57.07 21.73 7.46
C PRO U 302 58.43 21.89 6.80
N THR U 303 58.64 21.33 5.61
CA THR U 303 59.93 21.45 4.94
C THR U 303 60.01 22.65 4.01
N ILE U 304 58.92 23.35 3.77
CA ILE U 304 58.98 24.52 2.90
C ILE U 304 58.51 25.76 3.67
N PRO U 305 59.17 26.90 3.50
CA PRO U 305 60.44 27.00 2.77
C PRO U 305 61.60 26.54 3.65
N PHE U 306 62.76 26.28 3.05
CA PHE U 306 63.92 25.87 3.81
C PHE U 306 64.52 27.08 4.53
N THR U 307 64.67 26.97 5.84
CA THR U 307 65.14 28.07 6.67
C THR U 307 66.29 27.62 7.54
N VAL U 308 66.85 28.56 8.30
CA VAL U 308 67.97 28.27 9.18
C VAL U 308 67.55 27.38 10.34
N ASN U 309 66.30 27.47 10.77
CA ASN U 309 65.81 26.69 11.90
C ASN U 309 65.21 25.36 11.48
N THR U 310 65.13 25.08 10.18
CA THR U 310 64.40 23.91 9.71
C THR U 310 65.06 22.61 10.16
N GLU U 311 66.37 22.49 9.97
CA GLU U 311 67.04 21.21 10.19
C GLU U 311 67.00 20.80 11.66
N ALA U 312 67.39 21.71 12.55
CA ALA U 312 67.39 21.37 13.98
C ALA U 312 65.99 21.06 14.46
N GLU U 313 65.00 21.83 14.00
CA GLU U 313 63.62 21.58 14.39
C GLU U 313 63.16 20.19 13.95
N HIS U 314 63.45 19.82 12.70
CA HIS U 314 63.04 18.51 12.20
C HIS U 314 63.79 17.40 12.93
N MET U 315 65.06 17.61 13.24
CA MET U 315 65.82 16.62 13.98
C MET U 315 65.19 16.35 15.34
N ASP U 316 64.93 17.42 16.10
CA ASP U 316 64.36 17.25 17.43
C ASP U 316 62.95 16.69 17.35
N MET U 317 62.18 17.08 16.33
CA MET U 317 60.84 16.54 16.15
C MET U 317 60.90 15.04 15.89
N LEU U 318 61.85 14.60 15.06
CA LEU U 318 61.98 13.18 14.79
C LEU U 318 62.39 12.42 16.04
N MET U 319 63.30 12.98 16.84
CA MET U 319 63.71 12.30 18.05
C MET U 319 62.55 12.11 19.02
N VAL U 320 61.53 12.95 18.93
CA VAL U 320 60.41 12.90 19.87
C VAL U 320 59.33 11.93 19.39
N CYS U 321 58.94 12.02 18.13
CA CYS U 321 57.84 11.19 17.64
C CYS U 321 58.22 9.72 17.57
N HIS U 322 59.49 9.41 17.33
CA HIS U 322 59.96 8.04 17.26
C HIS U 322 60.63 7.57 18.55
N HIS U 323 60.65 8.41 19.58
CA HIS U 323 61.20 8.04 20.89
C HIS U 323 62.66 7.58 20.78
N LEU U 324 63.45 8.34 20.03
CA LEU U 324 64.84 8.01 19.83
C LEU U 324 65.70 8.56 20.97
N ASP U 325 66.90 7.99 21.09
CA ASP U 325 67.85 8.37 22.12
C ASP U 325 69.15 8.86 21.49
N LYS U 326 69.69 9.95 22.01
CA LYS U 326 70.91 10.52 21.47
C LYS U 326 72.15 9.73 21.83
N SER U 327 72.07 8.86 22.84
CA SER U 327 73.21 8.05 23.25
C SER U 327 73.32 6.74 22.48
N ILE U 328 72.37 6.46 21.58
CA ILE U 328 72.38 5.25 20.78
C ILE U 328 72.81 5.62 19.37
N LYS U 329 73.88 4.99 18.89
CA LYS U 329 74.41 5.34 17.58
C LYS U 329 73.47 4.93 16.45
N GLU U 330 72.69 3.86 16.65
CA GLU U 330 71.77 3.42 15.61
C GLU U 330 70.63 4.42 15.44
N ASP U 331 70.14 5.00 16.53
CA ASP U 331 69.11 6.02 16.43
C ASP U 331 69.64 7.28 15.74
N VAL U 332 70.89 7.64 16.01
CA VAL U 332 71.51 8.77 15.32
C VAL U 332 71.65 8.47 13.83
N GLN U 333 72.07 7.25 13.50
CA GLN U 333 72.22 6.88 12.09
C GLN U 333 70.88 6.93 11.37
N PHE U 334 69.81 6.48 12.02
CA PHE U 334 68.49 6.59 11.43
C PHE U 334 68.11 8.05 11.22
N ALA U 335 68.37 8.89 12.23
CA ALA U 335 67.97 10.30 12.15
C ALA U 335 68.73 11.03 11.06
N ASP U 336 70.03 10.77 10.93
CA ASP U 336 70.83 11.45 9.92
C ASP U 336 70.41 11.04 8.51
N SER U 337 70.10 9.76 8.31
CA SER U 337 69.64 9.31 7.00
C SER U 337 68.26 9.84 6.65
N ARG U 338 67.54 10.38 7.63
CA ARG U 338 66.16 10.78 7.46
C ARG U 338 66.00 12.27 7.14
N ILE U 339 66.79 13.14 7.76
CA ILE U 339 66.52 14.57 7.68
C ILE U 339 67.07 15.17 6.38
N ARG U 340 68.38 15.07 6.19
CA ARG U 340 69.02 15.45 4.92
C ARG U 340 68.70 16.87 4.48
N PRO U 341 69.37 17.87 5.06
CA PRO U 341 69.16 19.27 4.63
C PRO U 341 69.36 19.47 3.14
N GLN U 342 70.09 18.55 2.49
CA GLN U 342 70.29 18.62 1.05
C GLN U 342 68.97 18.45 0.29
N THR U 343 68.22 17.40 0.62
CA THR U 343 66.94 17.19 -0.05
C THR U 343 65.94 18.27 0.31
N ILE U 344 65.99 18.76 1.56
CA ILE U 344 65.09 19.83 1.97
C ILE U 344 65.37 21.08 1.15
N ALA U 345 66.64 21.41 0.96
CA ALA U 345 66.99 22.54 0.12
C ALA U 345 66.56 22.32 -1.32
N ALA U 346 66.77 21.11 -1.85
CA ALA U 346 66.41 20.83 -3.23
C ALA U 346 64.90 20.93 -3.46
N GLU U 347 64.11 20.68 -2.40
CA GLU U 347 62.66 20.63 -2.54
C GLU U 347 62.07 21.98 -2.96
N ASP U 348 62.60 23.07 -2.41
CA ASP U 348 62.10 24.39 -2.79
C ASP U 348 62.31 24.66 -4.28
N THR U 349 63.51 24.38 -4.77
CA THR U 349 63.81 24.58 -6.18
C THR U 349 62.96 23.66 -7.05
N LEU U 350 62.73 22.44 -6.61
CA LEU U 350 61.88 21.54 -7.38
C LEU U 350 60.45 22.05 -7.44
N HIS U 351 59.98 22.72 -6.37
CA HIS U 351 58.70 23.42 -6.46
C HIS U 351 58.74 24.54 -7.48
N ASP U 352 59.84 25.30 -7.50
CA ASP U 352 59.94 26.38 -8.48
C ASP U 352 60.01 25.86 -9.90
N MET U 353 60.62 24.70 -10.11
CA MET U 353 60.77 24.12 -11.44
C MET U 353 59.51 23.43 -11.93
N GLY U 354 58.51 23.23 -11.06
CA GLY U 354 57.35 22.46 -11.44
C GLY U 354 57.50 20.96 -11.33
N ILE U 355 58.55 20.49 -10.66
CA ILE U 355 58.71 19.04 -10.45
C ILE U 355 57.75 18.55 -9.39
N PHE U 356 57.73 19.22 -8.24
CA PHE U 356 56.69 18.98 -7.24
C PHE U 356 55.41 19.69 -7.67
N SER U 357 54.28 19.01 -7.52
CA SER U 357 53.02 19.52 -8.04
C SER U 357 51.97 19.85 -7.00
N ILE U 358 52.06 19.30 -5.79
CA ILE U 358 51.04 19.48 -4.77
C ILE U 358 51.70 19.88 -3.45
N THR U 359 51.10 20.84 -2.77
CA THR U 359 51.45 21.15 -1.39
C THR U 359 50.34 20.65 -0.47
N SER U 360 50.72 20.13 0.69
CA SER U 360 49.77 19.56 1.63
C SER U 360 50.28 19.80 3.04
N SER U 361 49.60 19.21 4.02
CA SER U 361 49.81 19.53 5.44
C SER U 361 50.56 18.45 6.20
N ASP U 362 50.04 17.22 6.25
CA ASP U 362 50.47 16.20 7.21
C ASP U 362 50.15 16.66 8.65
N SER U 363 48.87 16.95 8.86
CA SER U 363 48.43 17.75 9.99
C SER U 363 48.61 17.04 11.33
N GLN U 364 49.25 17.73 12.28
CA GLN U 364 49.58 17.22 13.62
C GLN U 364 50.34 15.90 13.56
N ALA U 365 50.94 15.61 12.40
CA ALA U 365 51.80 14.48 12.13
C ALA U 365 53.03 14.95 11.37
N MET U 366 53.72 15.94 11.95
CA MET U 366 54.75 16.78 11.31
C MET U 366 54.16 17.52 10.12
N GLY U 367 53.28 18.45 10.47
CA GLY U 367 52.71 19.38 9.52
C GLY U 367 51.70 20.26 10.22
N ARG U 368 51.46 21.41 9.61
CA ARG U 368 50.62 22.45 10.21
C ARG U 368 49.42 22.70 9.31
N VAL U 369 48.24 22.32 9.77
CA VAL U 369 47.03 22.33 8.94
C VAL U 369 46.60 23.74 8.57
N GLY U 370 46.99 24.75 9.33
CA GLY U 370 46.60 26.09 9.03
C GLY U 370 47.66 26.89 8.30
N GLU U 371 48.62 26.21 7.68
CA GLU U 371 49.75 26.90 7.08
C GLU U 371 50.11 26.41 5.69
N VAL U 372 49.28 25.57 5.06
CA VAL U 372 49.62 25.06 3.73
C VAL U 372 49.74 26.20 2.74
N ILE U 373 48.71 27.04 2.67
CA ILE U 373 48.69 28.14 1.70
C ILE U 373 49.78 29.16 2.03
N THR U 374 49.93 29.47 3.32
CA THR U 374 50.92 30.47 3.71
C THR U 374 52.33 30.01 3.37
N ARG U 375 52.66 28.75 3.64
CA ARG U 375 53.99 28.26 3.33
C ARG U 375 54.20 28.09 1.83
N THR U 376 53.14 27.78 1.08
CA THR U 376 53.26 27.76 -0.36
C THR U 376 53.66 29.14 -0.90
N TRP U 377 53.00 30.19 -0.41
CA TRP U 377 53.35 31.52 -0.91
C TRP U 377 54.67 32.01 -0.36
N GLN U 378 55.05 31.58 0.85
CA GLN U 378 56.39 31.87 1.36
C GLN U 378 57.45 31.23 0.48
N THR U 379 57.22 29.99 0.04
CA THR U 379 58.16 29.33 -0.85
C THR U 379 58.24 30.06 -2.18
N ALA U 380 57.10 30.50 -2.72
CA ALA U 380 57.12 31.26 -3.96
C ALA U 380 57.90 32.55 -3.81
N ASP U 381 57.70 33.26 -2.70
CA ASP U 381 58.40 34.51 -2.45
C ASP U 381 59.90 34.28 -2.31
N LYS U 382 60.29 33.24 -1.57
CA LYS U 382 61.71 32.93 -1.41
C LYS U 382 62.35 32.56 -2.75
N ASN U 383 61.65 31.78 -3.56
CA ASN U 383 62.18 31.39 -4.87
C ASN U 383 62.33 32.60 -5.78
N LYS U 384 61.37 33.53 -5.74
CA LYS U 384 61.53 34.73 -6.56
C LYS U 384 62.69 35.58 -6.06
N LYS U 385 62.89 35.63 -4.74
CA LYS U 385 64.03 36.38 -4.21
C LYS U 385 65.35 35.76 -4.65
N GLU U 386 65.43 34.44 -4.68
CA GLU U 386 66.70 33.79 -5.00
C GLU U 386 66.95 33.72 -6.51
N PHE U 387 66.02 33.13 -7.25
CA PHE U 387 66.21 32.88 -8.68
C PHE U 387 65.67 33.98 -9.57
N GLY U 388 65.04 34.99 -9.01
CA GLY U 388 64.47 36.04 -9.82
C GLY U 388 63.18 35.63 -10.49
N ARG U 389 62.78 36.45 -11.46
CA ARG U 389 61.53 36.24 -12.16
C ARG U 389 61.65 35.07 -13.14
N LEU U 390 60.59 34.27 -13.22
CA LEU U 390 60.60 33.10 -14.08
C LEU U 390 60.71 33.51 -15.55
N LYS U 391 61.31 32.62 -16.35
CA LYS U 391 61.45 32.90 -17.78
C LYS U 391 60.17 32.62 -18.56
N GLU U 392 59.18 31.99 -17.96
CA GLU U 392 57.89 31.78 -18.60
C GLU U 392 56.94 32.95 -18.40
N GLU U 393 57.41 34.05 -17.82
CA GLU U 393 56.58 35.22 -17.63
C GLU U 393 56.39 35.97 -18.94
N LYS U 394 55.21 36.57 -19.08
CA LYS U 394 54.87 37.43 -20.20
C LYS U 394 54.51 38.80 -19.62
N GLY U 395 55.52 39.63 -19.39
CA GLY U 395 55.32 40.96 -18.88
C GLY U 395 56.01 41.18 -17.56
N ASP U 396 55.92 42.41 -17.07
CA ASP U 396 56.55 42.83 -15.82
C ASP U 396 55.70 42.39 -14.63
N ASN U 397 55.46 41.08 -14.56
CA ASN U 397 54.64 40.52 -13.51
C ASN U 397 55.15 39.11 -13.20
N ASP U 398 54.52 38.48 -12.23
CA ASP U 398 54.81 37.11 -11.83
C ASP U 398 53.62 36.20 -12.05
N ASN U 399 52.81 36.49 -13.08
CA ASN U 399 51.55 35.78 -13.25
C ASN U 399 51.76 34.29 -13.43
N PHE U 400 52.78 33.88 -14.20
CA PHE U 400 53.02 32.47 -14.41
C PHE U 400 53.39 31.77 -13.12
N ARG U 401 54.28 32.37 -12.33
CA ARG U 401 54.67 31.78 -11.05
C ARG U 401 53.49 31.74 -10.09
N ILE U 402 52.65 32.77 -10.12
CA ILE U 402 51.46 32.80 -9.28
C ILE U 402 50.54 31.63 -9.63
N LYS U 403 50.32 31.41 -10.93
CA LYS U 403 49.48 30.28 -11.33
C LYS U 403 50.11 28.95 -10.94
N ARG U 404 51.44 28.82 -11.12
CA ARG U 404 52.12 27.58 -10.80
C ARG U 404 51.96 27.23 -9.33
N TYR U 405 52.16 28.20 -8.45
CA TYR U 405 52.06 27.92 -7.02
C TYR U 405 50.62 27.80 -6.55
N LEU U 406 49.70 28.55 -7.16
CA LEU U 406 48.29 28.44 -6.78
C LEU U 406 47.73 27.09 -7.17
N SER U 407 48.20 26.50 -8.26
CA SER U 407 47.72 25.18 -8.66
C SER U 407 48.10 24.11 -7.64
N LYS U 408 49.17 24.33 -6.88
CA LYS U 408 49.68 23.31 -5.97
C LYS U 408 48.70 22.96 -4.87
N TYR U 409 47.81 23.88 -4.48
CA TYR U 409 46.83 23.58 -3.45
C TYR U 409 45.38 23.77 -3.91
N THR U 410 45.12 24.07 -5.18
CA THR U 410 43.74 24.19 -5.62
C THR U 410 43.34 23.13 -6.63
N ILE U 411 43.96 23.12 -7.80
CA ILE U 411 43.46 22.32 -8.92
C ILE U 411 44.20 20.99 -9.03
N ASN U 412 45.49 20.97 -8.74
CA ASN U 412 46.25 19.73 -8.85
C ASN U 412 45.82 18.68 -7.82
N PRO U 413 45.64 18.99 -6.53
CA PRO U 413 45.07 17.99 -5.63
C PRO U 413 43.68 17.53 -6.01
N ALA U 414 42.85 18.43 -6.56
CA ALA U 414 41.51 18.04 -6.99
C ALA U 414 41.57 17.05 -8.14
N ILE U 415 42.46 17.28 -9.10
CA ILE U 415 42.66 16.32 -10.18
C ILE U 415 43.21 15.02 -9.63
N ALA U 416 44.13 15.10 -8.68
CA ALA U 416 44.76 13.91 -8.12
C ALA U 416 43.74 13.01 -7.43
N HIS U 417 42.78 13.59 -6.74
CA HIS U 417 41.80 12.78 -6.01
C HIS U 417 40.44 12.74 -6.68
N GLY U 418 40.38 13.05 -7.97
CA GLY U 418 39.18 12.84 -8.74
C GLY U 418 37.98 13.67 -8.35
N ILE U 419 38.20 14.91 -7.91
CA ILE U 419 37.11 15.80 -7.54
C ILE U 419 37.18 17.11 -8.32
N SER U 420 37.97 17.17 -9.38
CA SER U 420 38.19 18.41 -10.11
C SER U 420 37.02 18.78 -11.01
N GLU U 421 35.96 17.99 -11.04
CA GLU U 421 34.74 18.45 -11.68
C GLU U 421 33.83 19.20 -10.73
N TYR U 422 34.08 19.14 -9.43
CA TYR U 422 33.28 19.84 -8.44
C TYR U 422 33.99 21.05 -7.87
N VAL U 423 35.23 20.91 -7.43
CA VAL U 423 35.97 21.95 -6.75
C VAL U 423 37.30 22.15 -7.48
N GLY U 424 38.10 23.08 -6.96
CA GLY U 424 39.46 23.29 -7.43
C GLY U 424 39.68 24.57 -8.21
N SER U 425 38.64 25.16 -8.78
CA SER U 425 38.86 26.35 -9.59
C SER U 425 37.60 27.19 -9.63
N VAL U 426 37.77 28.45 -10.03
CA VAL U 426 36.66 29.37 -10.26
C VAL U 426 36.25 29.18 -11.72
N GLU U 427 35.36 28.22 -11.96
CA GLU U 427 34.86 27.95 -13.30
C GLU U 427 33.35 27.76 -13.24
N VAL U 428 32.68 28.10 -14.34
CA VAL U 428 31.24 27.97 -14.41
C VAL U 428 30.86 26.50 -14.37
N GLY U 429 29.88 26.18 -13.53
CA GLY U 429 29.42 24.83 -13.34
C GLY U 429 29.94 24.15 -12.10
N LYS U 430 30.99 24.69 -11.50
CA LYS U 430 31.62 24.10 -10.34
C LYS U 430 30.96 24.56 -9.05
N VAL U 431 31.25 23.84 -7.97
CA VAL U 431 30.73 24.19 -6.65
C VAL U 431 31.30 25.52 -6.21
N ALA U 432 30.43 26.37 -5.65
CA ALA U 432 30.84 27.70 -5.22
C ALA U 432 31.53 27.63 -3.85
N ASP U 433 32.73 27.08 -3.86
CA ASP U 433 33.65 27.13 -2.72
C ASP U 433 34.69 28.21 -3.02
N LEU U 434 34.48 29.40 -2.48
CA LEU U 434 35.28 30.57 -2.84
C LEU U 434 35.81 31.26 -1.59
N VAL U 435 36.98 31.87 -1.73
CA VAL U 435 37.64 32.58 -0.64
C VAL U 435 37.87 34.01 -1.09
N LEU U 436 37.51 34.96 -0.24
CA LEU U 436 37.71 36.38 -0.50
C LEU U 436 38.95 36.86 0.24
N TRP U 437 39.89 37.45 -0.49
CA TRP U 437 41.13 37.95 0.07
C TRP U 437 41.25 39.44 -0.20
N SER U 438 41.62 40.20 0.81
CA SER U 438 42.18 41.52 0.55
C SER U 438 43.65 41.38 0.19
N PRO U 439 44.11 42.04 -0.88
CA PRO U 439 45.48 41.80 -1.36
C PRO U 439 46.55 42.04 -0.32
N ALA U 440 46.36 42.97 0.61
CA ALA U 440 47.34 43.18 1.66
C ALA U 440 47.48 41.96 2.55
N PHE U 441 46.43 41.16 2.69
CA PHE U 441 46.45 39.97 3.53
C PHE U 441 46.44 38.68 2.72
N PHE U 442 46.78 38.74 1.43
CA PHE U 442 46.65 37.58 0.57
C PHE U 442 47.59 36.47 1.02
N GLY U 443 47.05 35.26 1.10
CA GLY U 443 47.84 34.10 1.42
C GLY U 443 48.01 33.80 2.89
N VAL U 444 47.58 34.70 3.78
CA VAL U 444 47.74 34.43 5.21
C VAL U 444 46.40 34.54 5.95
N LYS U 445 45.63 35.60 5.69
CA LYS U 445 44.40 35.79 6.43
C LYS U 445 43.26 36.23 5.51
N PRO U 446 42.31 35.36 5.21
CA PRO U 446 41.23 35.70 4.28
C PRO U 446 40.17 36.59 4.90
N ASN U 447 39.31 37.13 4.05
CA ASN U 447 38.18 37.95 4.48
C ASN U 447 36.97 37.09 4.83
N MET U 448 36.52 36.25 3.90
CA MET U 448 35.38 35.39 4.16
C MET U 448 35.45 34.15 3.29
N ILE U 449 34.76 33.10 3.72
CA ILE U 449 34.64 31.86 2.98
C ILE U 449 33.20 31.71 2.52
N ILE U 450 33.01 31.45 1.23
CA ILE U 450 31.71 31.09 0.69
C ILE U 450 31.72 29.59 0.46
N LYS U 451 30.79 28.89 1.09
CA LYS U 451 30.73 27.44 1.07
C LYS U 451 29.39 27.01 0.51
N GLY U 452 29.42 26.29 -0.61
CA GLY U 452 28.19 25.88 -1.25
C GLY U 452 27.32 27.03 -1.71
N GLY U 453 27.91 28.17 -2.03
CA GLY U 453 27.13 29.32 -2.46
C GLY U 453 26.56 30.17 -1.35
N PHE U 454 27.01 29.99 -0.12
CA PHE U 454 26.54 30.76 1.02
C PHE U 454 27.71 31.06 1.93
N ILE U 455 27.64 32.17 2.65
CA ILE U 455 28.76 32.60 3.49
C ILE U 455 28.81 31.73 4.74
N ALA U 456 29.97 31.10 4.98
CA ALA U 456 30.13 30.17 6.08
C ALA U 456 31.07 30.65 7.16
N LEU U 457 32.05 31.47 6.81
CA LEU U 457 33.00 32.00 7.77
C LEU U 457 33.39 33.39 7.33
N SER U 458 33.59 34.29 8.29
CA SER U 458 34.09 35.62 7.94
C SER U 458 34.74 36.25 9.15
N GLN U 459 35.60 37.22 8.89
CA GLN U 459 36.02 38.15 9.91
C GLN U 459 34.81 38.93 10.40
N MET U 460 34.75 39.14 11.72
CA MET U 460 33.58 39.77 12.29
C MET U 460 33.96 40.42 13.60
N GLY U 461 33.42 41.61 13.84
CA GLY U 461 33.57 42.28 15.10
C GLY U 461 32.57 41.80 16.13
N ASP U 462 32.56 42.47 17.27
CA ASP U 462 31.71 42.05 18.37
C ASP U 462 30.24 42.22 18.04
N ALA U 463 29.42 41.28 18.51
CA ALA U 463 28.02 41.22 18.11
C ALA U 463 27.23 42.44 18.57
N ASN U 464 27.65 43.07 19.66
CA ASN U 464 26.93 44.22 20.19
C ASN U 464 27.31 45.54 19.53
N ALA U 465 28.29 45.53 18.63
CA ALA U 465 28.75 46.77 18.04
C ALA U 465 27.77 47.30 16.99
N SER U 466 27.80 48.62 16.80
CA SER U 466 26.89 49.27 15.87
C SER U 466 27.21 48.95 14.41
N ILE U 467 28.42 48.47 14.12
CA ILE U 467 28.82 48.07 12.77
C ILE U 467 29.67 46.82 12.88
N PRO U 468 29.87 46.10 11.77
CA PRO U 468 30.59 44.81 11.87
C PRO U 468 32.10 44.93 12.01
N THR U 469 32.67 46.11 11.82
CA THR U 469 34.12 46.31 11.81
C THR U 469 34.83 46.41 13.16
N PRO U 470 34.24 46.99 14.22
CA PRO U 470 35.02 47.25 15.43
C PRO U 470 35.47 46.00 16.16
N GLN U 471 36.47 46.19 17.00
CA GLN U 471 37.23 45.15 17.66
C GLN U 471 36.46 44.55 18.83
N PRO U 472 36.80 43.30 19.23
CA PRO U 472 37.78 42.43 18.57
C PRO U 472 37.23 41.73 17.34
N VAL U 473 38.04 41.64 16.29
CA VAL U 473 37.66 41.01 15.03
C VAL U 473 38.39 39.67 14.95
N TYR U 474 37.64 38.59 14.80
CA TYR U 474 38.22 37.29 14.51
C TYR U 474 37.24 36.50 13.67
N TYR U 475 37.65 35.29 13.29
CA TYR U 475 36.85 34.48 12.38
C TYR U 475 35.74 33.81 13.15
N ARG U 476 34.51 34.01 12.71
CA ARG U 476 33.33 33.50 13.36
C ARG U 476 32.49 32.72 12.37
N GLU U 477 31.78 31.72 12.87
CA GLU U 477 30.92 30.93 12.03
C GLU U 477 29.74 31.75 11.53
N MET U 478 29.46 31.67 10.25
CA MET U 478 28.33 32.36 9.66
C MET U 478 27.16 31.38 9.52
N PHE U 479 26.13 31.79 8.78
CA PHE U 479 24.88 31.05 8.80
C PHE U 479 24.95 29.73 8.05
N ALA U 480 25.78 29.63 7.01
CA ALA U 480 25.93 28.36 6.32
C ALA U 480 26.61 27.30 7.19
N HIS U 481 27.16 27.71 8.33
CA HIS U 481 27.84 26.86 9.28
C HIS U 481 26.90 26.20 10.29
N HIS U 482 25.59 26.49 10.23
CA HIS U 482 24.70 26.18 11.34
C HIS U 482 23.41 25.52 10.86
N GLY U 483 22.74 24.85 11.80
CA GLY U 483 21.43 24.28 11.56
C GLY U 483 21.46 23.21 10.49
N LYS U 484 20.40 23.18 9.68
CA LYS U 484 20.33 22.31 8.53
C LYS U 484 20.93 22.94 7.29
N ALA U 485 21.37 24.20 7.38
CA ALA U 485 22.01 24.84 6.25
C ALA U 485 23.36 24.22 5.92
N LYS U 486 24.07 23.72 6.93
CA LYS U 486 25.39 23.14 6.69
C LYS U 486 25.30 21.86 5.88
N TYR U 487 24.16 21.17 5.92
CA TYR U 487 24.00 19.97 5.09
C TYR U 487 23.91 20.32 3.61
N ASP U 488 23.38 21.49 3.27
CA ASP U 488 23.30 21.90 1.88
C ASP U 488 24.60 22.47 1.36
N ALA U 489 25.45 22.98 2.24
CA ALA U 489 26.65 23.67 1.84
C ALA U 489 27.88 22.77 1.76
N ASN U 490 27.78 21.51 2.19
CA ASN U 490 28.95 20.68 2.38
C ASN U 490 28.78 19.35 1.65
N ILE U 491 29.89 18.82 1.16
CA ILE U 491 29.92 17.59 0.41
C ILE U 491 30.74 16.56 1.18
N THR U 492 30.25 15.33 1.21
CA THR U 492 31.04 14.18 1.58
C THR U 492 31.35 13.40 0.32
N PHE U 493 32.63 13.32 -0.05
CA PHE U 493 33.03 12.57 -1.23
C PHE U 493 33.17 11.09 -0.89
N VAL U 494 32.62 10.24 -1.75
CA VAL U 494 32.71 8.80 -1.60
C VAL U 494 33.14 8.20 -2.92
N SER U 495 33.38 6.89 -2.92
CA SER U 495 33.66 6.19 -4.16
C SER U 495 32.39 6.02 -4.98
N GLN U 496 32.58 5.80 -6.28
CA GLN U 496 31.44 5.55 -7.16
C GLN U 496 30.67 4.31 -6.73
N ALA U 497 31.39 3.28 -6.29
CA ALA U 497 30.74 2.04 -5.86
C ALA U 497 29.85 2.27 -4.65
N ALA U 498 30.37 2.96 -3.63
CA ALA U 498 29.57 3.25 -2.45
C ALA U 498 28.39 4.14 -2.78
N TYR U 499 28.59 5.12 -3.66
CA TYR U 499 27.51 5.99 -4.08
C TYR U 499 26.41 5.20 -4.78
N ASP U 500 26.78 4.25 -5.63
CA ASP U 500 25.78 3.46 -6.34
C ASP U 500 25.02 2.52 -5.41
N LYS U 501 25.61 2.11 -4.31
CA LYS U 501 24.96 1.25 -3.34
C LYS U 501 24.13 2.02 -2.31
N GLY U 502 23.98 3.33 -2.49
CA GLY U 502 23.19 4.13 -1.57
C GLY U 502 23.80 4.31 -0.20
N ILE U 503 25.10 4.64 -0.16
CA ILE U 503 25.77 4.88 1.11
C ILE U 503 25.12 6.04 1.86
N LYS U 504 24.60 7.02 1.13
CA LYS U 504 23.95 8.17 1.76
C LYS U 504 22.72 7.73 2.55
N GLU U 505 21.87 6.92 1.93
CA GLU U 505 20.64 6.49 2.57
C GLU U 505 20.88 5.40 3.60
N GLU U 506 21.87 4.54 3.38
CA GLU U 506 22.18 3.49 4.34
C GLU U 506 22.67 4.06 5.66
N LEU U 507 23.53 5.07 5.60
CA LEU U 507 24.10 5.68 6.80
C LEU U 507 23.30 6.88 7.30
N GLY U 508 22.23 7.26 6.62
CA GLY U 508 21.45 8.40 7.03
C GLY U 508 22.19 9.72 6.98
N LEU U 509 22.98 9.94 5.93
CA LEU U 509 23.79 11.15 5.80
C LEU U 509 22.96 12.26 5.17
N GLU U 510 23.02 13.44 5.75
CA GLU U 510 22.27 14.59 5.27
C GLU U 510 23.10 15.54 4.42
N ARG U 511 24.42 15.45 4.47
CA ARG U 511 25.25 16.21 3.56
C ARG U 511 25.05 15.73 2.12
N GLN U 512 25.48 16.56 1.18
CA GLN U 512 25.57 16.10 -0.20
C GLN U 512 26.63 15.00 -0.30
N VAL U 513 26.32 13.97 -1.07
CA VAL U 513 27.23 12.85 -1.26
C VAL U 513 27.53 12.75 -2.75
N LEU U 514 28.81 12.88 -3.10
CA LEU U 514 29.25 12.87 -4.48
C LEU U 514 30.33 11.84 -4.71
N PRO U 515 30.36 11.19 -5.87
CA PRO U 515 31.41 10.21 -6.17
C PRO U 515 32.65 10.83 -6.80
N VAL U 516 33.81 10.31 -6.41
CA VAL U 516 35.06 10.67 -7.07
C VAL U 516 35.16 9.89 -8.37
N LYS U 517 35.88 10.46 -9.34
CA LYS U 517 35.97 9.84 -10.65
C LYS U 517 37.24 10.32 -11.35
N ASN U 518 37.71 9.50 -12.29
CA ASN U 518 38.88 9.80 -13.12
C ASN U 518 40.15 9.88 -12.29
N CYS U 519 40.38 8.86 -11.48
CA CYS U 519 41.57 8.79 -10.64
C CYS U 519 42.69 7.95 -11.21
N ARG U 520 42.40 7.03 -12.12
CA ARG U 520 43.38 6.05 -12.56
C ARG U 520 44.05 6.40 -13.88
N ASN U 521 43.49 7.34 -14.65
CA ASN U 521 43.99 7.62 -15.99
C ASN U 521 44.73 8.95 -16.06
N ILE U 522 45.19 9.46 -14.93
CA ILE U 522 45.90 10.73 -14.88
C ILE U 522 47.36 10.45 -14.59
N THR U 523 48.23 11.30 -15.15
CA THR U 523 49.66 11.20 -14.87
C THR U 523 50.19 12.57 -14.46
N LYS U 524 51.52 12.65 -14.32
CA LYS U 524 52.16 13.92 -14.00
C LYS U 524 51.84 14.99 -15.03
N LYS U 525 51.52 14.58 -16.26
CA LYS U 525 51.18 15.53 -17.31
C LYS U 525 49.81 16.18 -17.11
N ASP U 526 49.00 15.69 -16.18
CA ASP U 526 47.68 16.24 -15.92
C ASP U 526 47.69 17.31 -14.83
N MET U 527 48.85 17.66 -14.29
CA MET U 527 48.95 18.70 -13.28
C MET U 527 49.16 20.04 -13.96
N GLN U 528 48.36 21.03 -13.57
CA GLN U 528 48.43 22.34 -14.19
C GLN U 528 49.68 23.08 -13.72
N PHE U 529 50.48 23.53 -14.69
CA PHE U 529 51.67 24.35 -14.45
C PHE U 529 52.75 23.60 -13.68
N ASN U 530 52.48 22.37 -13.28
CA ASN U 530 53.48 21.52 -12.64
C ASN U 530 53.43 20.16 -13.33
N ASP U 531 54.06 20.07 -14.49
CA ASP U 531 54.03 18.82 -15.25
C ASP U 531 55.43 18.43 -15.72
N THR U 532 56.45 18.93 -15.05
CA THR U 532 57.83 18.72 -15.48
C THR U 532 58.30 17.35 -15.02
N THR U 533 58.62 16.49 -15.98
CA THR U 533 59.24 15.19 -15.69
C THR U 533 60.72 15.28 -16.02
N ALA U 534 61.53 14.65 -15.19
CA ALA U 534 62.97 14.71 -15.36
C ALA U 534 63.60 13.51 -14.70
N HIS U 535 64.83 13.22 -15.08
CA HIS U 535 65.60 12.17 -14.45
C HIS U 535 66.28 12.75 -13.22
N ILE U 536 65.90 12.27 -12.04
CA ILE U 536 66.42 12.77 -10.78
C ILE U 536 67.36 11.72 -10.20
N GLU U 537 68.58 12.12 -9.91
CA GLU U 537 69.58 11.27 -9.29
C GLU U 537 69.94 11.84 -7.93
N VAL U 538 70.09 10.97 -6.94
CA VAL U 538 70.49 11.35 -5.60
C VAL U 538 71.77 10.61 -5.26
N ASN U 539 72.77 11.35 -4.81
CA ASN U 539 74.05 10.76 -4.44
C ASN U 539 73.88 9.94 -3.17
N PRO U 540 74.21 8.65 -3.17
CA PRO U 540 74.06 7.85 -1.95
C PRO U 540 74.90 8.34 -0.78
N GLU U 541 76.02 9.02 -1.04
CA GLU U 541 76.93 9.45 0.01
C GLU U 541 76.69 10.90 0.42
N THR U 542 76.78 11.83 -0.53
CA THR U 542 76.64 13.25 -0.22
C THR U 542 75.19 13.71 -0.16
N TYR U 543 74.26 12.87 -0.57
CA TYR U 543 72.83 13.18 -0.58
C TYR U 543 72.48 14.35 -1.50
N HIS U 544 73.39 14.70 -2.41
CA HIS U 544 73.10 15.76 -3.36
C HIS U 544 72.10 15.31 -4.40
N VAL U 545 71.33 16.26 -4.91
CA VAL U 545 70.24 15.99 -5.84
C VAL U 545 70.59 16.60 -7.18
N PHE U 546 70.52 15.79 -8.23
CA PHE U 546 70.79 16.23 -9.59
C PHE U 546 69.54 16.00 -10.44
N VAL U 547 69.12 17.04 -11.14
CA VAL U 547 68.00 16.95 -12.07
C VAL U 547 68.56 17.11 -13.48
N ASP U 548 68.40 16.07 -14.29
CA ASP U 548 68.90 16.05 -15.66
C ASP U 548 70.40 16.36 -15.71
N GLY U 549 71.13 15.86 -14.73
CA GLY U 549 72.57 15.99 -14.69
C GLY U 549 73.09 17.21 -13.97
N LYS U 550 72.23 18.16 -13.62
CA LYS U 550 72.66 19.40 -12.98
C LYS U 550 72.22 19.41 -11.52
N GLU U 551 73.12 19.86 -10.64
CA GLU U 551 72.82 19.88 -9.22
C GLU U 551 71.74 20.92 -8.91
N VAL U 552 70.79 20.54 -8.06
CA VAL U 552 69.68 21.39 -7.68
C VAL U 552 69.76 21.62 -6.17
N THR U 553 69.77 22.88 -5.78
CA THR U 553 69.83 23.22 -4.37
C THR U 553 69.25 24.61 -4.18
N SER U 554 68.88 24.92 -2.94
CA SER U 554 68.45 26.26 -2.58
C SER U 554 69.14 26.65 -1.28
N LYS U 555 69.20 27.92 -1.03
CA LYS U 555 69.82 28.28 0.22
C LYS U 555 68.76 28.61 1.27
N PRO U 556 69.05 28.38 2.55
CA PRO U 556 68.05 28.63 3.60
C PRO U 556 67.77 30.12 3.76
N ALA U 557 66.58 30.40 4.26
CA ALA U 557 66.12 31.77 4.50
C ALA U 557 66.18 32.07 5.99
N ASN U 558 66.76 33.21 6.34
CA ASN U 558 66.78 33.66 7.73
C ASN U 558 65.55 34.47 8.10
N LYS U 559 64.69 34.78 7.15
CA LYS U 559 63.46 35.53 7.38
C LYS U 559 62.54 35.29 6.20
N VAL U 560 61.26 35.07 6.49
CA VAL U 560 60.28 34.84 5.44
C VAL U 560 59.22 35.93 5.54
N SER U 561 58.48 36.08 4.45
CA SER U 561 57.34 36.98 4.45
C SER U 561 56.11 36.25 4.99
N LEU U 562 55.06 37.01 5.24
CA LEU U 562 53.78 36.50 5.69
C LEU U 562 53.85 35.76 7.02
N ALA U 563 54.83 36.09 7.88
CA ALA U 563 54.95 35.37 9.14
C ALA U 563 54.72 36.25 10.36
N GLN U 564 55.62 37.18 10.68
CA GLN U 564 55.53 37.89 11.95
C GLN U 564 54.83 39.23 11.80
N LEU U 565 54.61 39.68 10.58
CA LEU U 565 53.87 40.90 10.34
C LEU U 565 52.38 40.74 10.57
N PHE U 566 51.87 39.50 10.48
CA PHE U 566 50.44 39.26 10.41
C PHE U 566 49.85 38.54 11.61
N SER U 567 50.67 37.99 12.51
CA SER U 567 50.17 37.15 13.58
C SER U 567 50.72 37.60 14.91
N ILE U 568 49.88 37.56 15.94
CA ILE U 568 50.35 37.88 17.29
C ILE U 568 51.14 36.74 17.90
N PHE U 569 50.93 35.51 17.45
CA PHE U 569 51.69 34.38 17.94
C PHE U 569 52.10 33.48 16.78
N MET V 1 -11.82 -48.33 -50.56
CA MET V 1 -10.53 -48.47 -51.23
C MET V 1 -10.66 -48.12 -52.71
N LYS V 2 -10.00 -47.05 -53.12
CA LYS V 2 -10.02 -46.59 -54.49
C LYS V 2 -8.61 -46.25 -54.93
N LYS V 3 -8.37 -46.32 -56.23
CA LYS V 3 -7.08 -45.99 -56.83
C LYS V 3 -7.13 -44.58 -57.40
N ILE V 4 -6.10 -43.79 -57.10
CA ILE V 4 -5.98 -42.42 -57.60
C ILE V 4 -4.66 -42.31 -58.34
N SER V 5 -4.70 -41.78 -59.56
CA SER V 5 -3.47 -41.58 -60.31
C SER V 5 -2.59 -40.55 -59.62
N ARG V 6 -1.28 -40.77 -59.69
CA ARG V 6 -0.32 -39.88 -59.02
C ARG V 6 -0.47 -38.45 -59.50
N LYS V 7 -0.77 -38.25 -60.78
CA LYS V 7 -0.87 -36.90 -61.32
C LYS V 7 -1.98 -36.12 -60.63
N GLU V 8 -3.19 -36.67 -60.58
CA GLU V 8 -4.29 -35.93 -59.97
C GLU V 8 -4.12 -35.84 -58.46
N TYR V 9 -3.53 -36.86 -57.83
CA TYR V 9 -3.26 -36.78 -56.40
C TYR V 9 -2.31 -35.63 -56.09
N VAL V 10 -1.24 -35.49 -56.88
CA VAL V 10 -0.28 -34.42 -56.63
C VAL V 10 -0.89 -33.07 -56.95
N SER V 11 -1.75 -33.00 -57.97
CA SER V 11 -2.42 -31.74 -58.25
C SER V 11 -3.36 -31.33 -57.12
N MET V 12 -3.93 -32.31 -56.42
CA MET V 12 -4.84 -31.95 -55.33
C MET V 12 -4.13 -31.67 -54.02
N TYR V 13 -3.10 -32.44 -53.67
CA TYR V 13 -2.51 -32.36 -52.34
C TYR V 13 -1.01 -32.11 -52.33
N GLY V 14 -0.37 -31.97 -53.50
CA GLY V 14 1.06 -31.79 -53.56
C GLY V 14 1.80 -33.10 -53.71
N PRO V 15 3.11 -33.02 -53.87
CA PRO V 15 3.91 -34.24 -54.05
C PRO V 15 3.89 -35.12 -52.81
N THR V 16 4.01 -36.42 -53.02
CA THR V 16 4.01 -37.39 -51.95
C THR V 16 5.32 -38.17 -51.99
N THR V 17 5.44 -39.20 -51.16
CA THR V 17 6.70 -39.91 -51.02
C THR V 17 7.18 -40.46 -52.36
N GLY V 18 8.46 -40.21 -52.67
CA GLY V 18 9.07 -40.64 -53.89
C GLY V 18 8.99 -39.64 -55.02
N ASP V 19 8.10 -38.67 -54.93
CA ASP V 19 8.04 -37.62 -55.94
C ASP V 19 9.21 -36.67 -55.79
N LYS V 20 9.56 -36.01 -56.88
CA LYS V 20 10.67 -35.09 -56.92
C LYS V 20 10.20 -33.76 -57.50
N VAL V 21 10.79 -32.67 -56.99
CA VAL V 21 10.43 -31.33 -57.44
C VAL V 21 11.69 -30.51 -57.68
N ARG V 22 11.72 -29.80 -58.80
CA ARG V 22 12.81 -28.88 -59.08
C ARG V 22 12.69 -27.64 -58.21
N LEU V 23 13.82 -27.14 -57.73
CA LEU V 23 13.87 -25.94 -56.90
C LEU V 23 14.18 -24.75 -57.78
N GLY V 24 13.21 -23.86 -57.95
CA GLY V 24 13.40 -22.70 -58.80
C GLY V 24 13.73 -23.10 -60.21
N ASP V 25 14.58 -22.32 -60.86
CA ASP V 25 15.08 -22.64 -62.19
C ASP V 25 16.46 -23.30 -62.12
N THR V 26 16.82 -23.87 -60.98
CA THR V 26 18.13 -24.51 -60.82
C THR V 26 18.08 -25.94 -61.31
N ASP V 27 19.15 -26.69 -61.04
CA ASP V 27 19.20 -28.10 -61.34
C ASP V 27 19.07 -28.97 -60.09
N LEU V 28 18.85 -28.36 -58.94
CA LEU V 28 18.71 -29.12 -57.70
C LEU V 28 17.33 -29.76 -57.62
N ILE V 29 17.30 -31.06 -57.34
CA ILE V 29 16.08 -31.84 -57.31
C ILE V 29 15.85 -32.34 -55.91
N ALA V 30 14.69 -32.02 -55.35
CA ALA V 30 14.33 -32.43 -54.00
C ALA V 30 13.35 -33.59 -54.08
N GLU V 31 13.61 -34.64 -53.32
CA GLU V 31 12.75 -35.82 -53.26
C GLU V 31 12.08 -35.89 -51.91
N VAL V 32 10.77 -36.10 -51.92
CA VAL V 32 10.01 -36.25 -50.68
C VAL V 32 10.39 -37.57 -50.04
N GLU V 33 10.92 -37.51 -48.81
CA GLU V 33 11.44 -38.70 -48.16
C GLU V 33 10.34 -39.48 -47.44
N HIS V 34 9.38 -38.78 -46.85
CA HIS V 34 8.35 -39.42 -46.03
C HIS V 34 7.10 -38.56 -46.07
N ASP V 35 5.96 -39.19 -45.79
CA ASP V 35 4.68 -38.50 -45.76
C ASP V 35 3.95 -38.89 -44.48
N TYR V 36 3.45 -37.91 -43.75
CA TYR V 36 2.73 -38.13 -42.52
C TYR V 36 1.23 -38.31 -42.72
N THR V 37 0.76 -38.34 -43.96
CA THR V 37 -0.66 -38.33 -44.21
C THR V 37 -1.22 -39.75 -44.28
N ILE V 38 -2.51 -39.86 -44.03
CA ILE V 38 -3.26 -41.08 -44.29
C ILE V 38 -4.01 -40.88 -45.60
N TYR V 39 -3.70 -41.70 -46.59
CA TYR V 39 -4.27 -41.54 -47.92
C TYR V 39 -5.79 -41.67 -47.87
N GLY V 40 -6.48 -40.64 -48.32
CA GLY V 40 -7.91 -40.55 -48.19
C GLY V 40 -8.40 -39.68 -47.06
N GLU V 41 -7.49 -39.13 -46.25
CA GLU V 41 -7.87 -38.31 -45.11
C GLU V 41 -7.22 -36.93 -45.14
N GLU V 42 -6.82 -36.47 -46.32
CA GLU V 42 -6.08 -35.21 -46.42
C GLU V 42 -6.96 -34.03 -46.04
N LEU V 43 -6.33 -32.99 -45.49
CA LEU V 43 -7.02 -31.77 -45.10
C LEU V 43 -7.06 -30.82 -46.28
N LYS V 44 -8.26 -30.46 -46.71
CA LYS V 44 -8.46 -29.50 -47.77
C LYS V 44 -9.47 -28.46 -47.32
N PHE V 45 -9.20 -27.20 -47.62
CA PHE V 45 -10.10 -26.12 -47.26
C PHE V 45 -10.77 -25.56 -48.50
N GLY V 46 -12.05 -25.26 -48.37
CA GLY V 46 -12.82 -24.74 -49.48
C GLY V 46 -14.27 -25.14 -49.34
N GLY V 47 -15.05 -24.81 -50.36
CA GLY V 47 -16.45 -25.14 -50.36
C GLY V 47 -16.65 -26.63 -50.62
N GLY V 48 -17.37 -27.31 -49.73
CA GLY V 48 -17.62 -28.72 -49.88
C GLY V 48 -16.46 -29.63 -49.56
N LYS V 49 -15.40 -29.10 -48.96
CA LYS V 49 -14.20 -29.86 -48.69
C LYS V 49 -14.19 -30.36 -47.24
N THR V 50 -13.03 -30.86 -46.81
CA THR V 50 -12.98 -31.61 -45.56
C THR V 50 -12.91 -30.72 -44.32
N LEU V 51 -12.24 -29.58 -44.41
CA LEU V 51 -12.00 -28.74 -43.23
C LEU V 51 -13.26 -28.01 -42.80
N ARG V 52 -14.27 -28.76 -42.35
CA ARG V 52 -15.56 -28.20 -42.02
C ARG V 52 -16.03 -28.77 -40.70
N GLU V 53 -16.98 -28.07 -40.08
CA GLU V 53 -17.51 -28.44 -38.79
C GLU V 53 -18.02 -29.87 -38.80
N GLY V 54 -17.45 -30.70 -37.93
CA GLY V 54 -17.87 -32.07 -37.78
C GLY V 54 -17.15 -33.08 -38.65
N MET V 55 -16.30 -32.64 -39.59
CA MET V 55 -15.57 -33.58 -40.43
C MET V 55 -14.07 -33.55 -40.17
N SER V 56 -13.41 -32.43 -40.39
CA SER V 56 -12.00 -32.27 -40.08
C SER V 56 -11.74 -31.22 -39.04
N GLN V 57 -12.64 -30.26 -38.88
CA GLN V 57 -12.68 -29.42 -37.70
C GLN V 57 -13.53 -30.13 -36.66
N SER V 58 -12.97 -30.32 -35.47
CA SER V 58 -13.65 -31.05 -34.43
C SER V 58 -14.74 -30.21 -33.78
N ASN V 59 -15.86 -30.86 -33.48
CA ASN V 59 -16.88 -30.26 -32.64
C ASN V 59 -16.62 -30.49 -31.16
N ASN V 60 -15.68 -31.37 -30.82
CA ASN V 60 -15.26 -31.61 -29.45
C ASN V 60 -13.73 -31.60 -29.43
N PRO V 61 -13.11 -30.45 -29.63
CA PRO V 61 -11.66 -30.40 -29.80
C PRO V 61 -10.93 -30.70 -28.50
N SER V 62 -9.68 -31.11 -28.66
CA SER V 62 -8.81 -31.22 -27.50
C SER V 62 -8.54 -29.85 -26.91
N LYS V 63 -7.93 -29.83 -25.74
CA LYS V 63 -7.60 -28.55 -25.11
C LYS V 63 -6.36 -27.91 -25.69
N GLU V 64 -5.56 -28.64 -26.46
CA GLU V 64 -4.40 -28.12 -27.17
C GLU V 64 -4.77 -27.75 -28.60
N GLU V 65 -5.98 -27.24 -28.79
CA GLU V 65 -6.48 -26.87 -30.09
C GLU V 65 -5.58 -25.83 -30.76
N LEU V 66 -5.34 -26.03 -32.06
CA LEU V 66 -4.42 -25.19 -32.80
C LEU V 66 -5.01 -23.83 -33.11
N ASP V 67 -4.15 -22.81 -33.19
CA ASP V 67 -4.56 -21.52 -33.71
C ASP V 67 -4.51 -21.50 -35.24
N LEU V 68 -3.51 -22.14 -35.81
CA LEU V 68 -3.24 -22.12 -37.23
C LEU V 68 -2.72 -23.49 -37.63
N ILE V 69 -3.18 -24.00 -38.77
CA ILE V 69 -2.65 -25.23 -39.32
C ILE V 69 -2.31 -25.01 -40.80
N ILE V 70 -1.15 -25.50 -41.20
CA ILE V 70 -0.73 -25.48 -42.59
C ILE V 70 -0.85 -26.89 -43.13
N THR V 71 -1.72 -27.08 -44.10
CA THR V 71 -2.06 -28.41 -44.57
C THR V 71 -1.21 -28.79 -45.78
N ASN V 72 -0.76 -30.04 -45.80
CA ASN V 72 -0.13 -30.65 -46.97
C ASN V 72 1.12 -29.90 -47.39
N ALA V 73 1.90 -29.47 -46.42
CA ALA V 73 3.11 -28.72 -46.67
C ALA V 73 4.29 -29.64 -46.93
N LEU V 74 5.09 -29.30 -47.93
CA LEU V 74 6.38 -29.94 -48.13
C LEU V 74 7.43 -29.19 -47.32
N ILE V 75 7.91 -29.82 -46.26
CA ILE V 75 8.89 -29.21 -45.39
C ILE V 75 10.29 -29.47 -45.93
N VAL V 76 11.05 -28.40 -46.13
CA VAL V 76 12.46 -28.51 -46.47
C VAL V 76 13.23 -27.94 -45.29
N ASP V 77 13.88 -28.83 -44.56
CA ASP V 77 14.57 -28.50 -43.33
C ASP V 77 15.84 -29.34 -43.28
N TYR V 78 16.76 -28.99 -42.38
CA TYR V 78 17.94 -29.83 -42.23
C TYR V 78 17.58 -31.17 -41.60
N THR V 79 16.46 -31.25 -40.91
CA THR V 79 16.01 -32.52 -40.35
C THR V 79 15.35 -33.43 -41.37
N GLY V 80 15.06 -32.94 -42.56
CA GLY V 80 14.54 -33.80 -43.60
C GLY V 80 13.66 -33.05 -44.57
N ILE V 81 13.34 -33.71 -45.67
CA ILE V 81 12.47 -33.19 -46.72
C ILE V 81 11.26 -34.11 -46.80
N TYR V 82 10.13 -33.66 -46.28
CA TYR V 82 8.99 -34.56 -46.09
C TYR V 82 7.70 -33.75 -46.10
N LYS V 83 6.58 -34.47 -46.25
CA LYS V 83 5.25 -33.89 -46.27
C LYS V 83 4.58 -34.08 -44.92
N ALA V 84 3.97 -33.02 -44.40
CA ALA V 84 3.24 -33.09 -43.14
C ALA V 84 2.31 -31.88 -43.05
N ASP V 85 1.53 -31.86 -41.98
CA ASP V 85 0.79 -30.68 -41.58
C ASP V 85 1.49 -30.03 -40.40
N ILE V 86 1.58 -28.71 -40.43
CA ILE V 86 2.24 -27.94 -39.38
C ILE V 86 1.16 -27.24 -38.59
N GLY V 87 1.12 -27.48 -37.29
CA GLY V 87 0.20 -26.82 -36.38
C GLY V 87 0.93 -25.78 -35.55
N ILE V 88 0.32 -24.61 -35.43
CA ILE V 88 0.88 -23.48 -34.71
C ILE V 88 -0.06 -23.15 -33.56
N LYS V 89 0.48 -23.05 -32.36
CA LYS V 89 -0.28 -22.65 -31.19
C LYS V 89 0.55 -21.72 -30.33
N ASP V 90 0.06 -20.51 -30.11
CA ASP V 90 0.67 -19.53 -29.21
C ASP V 90 2.08 -19.13 -29.66
N GLY V 91 2.24 -18.93 -30.97
CA GLY V 91 3.49 -18.47 -31.52
C GLY V 91 4.55 -19.53 -31.68
N LYS V 92 4.32 -20.74 -31.19
CA LYS V 92 5.25 -21.84 -31.32
C LYS V 92 4.73 -22.85 -32.32
N ILE V 93 5.63 -23.70 -32.80
CA ILE V 93 5.23 -24.86 -33.59
C ILE V 93 4.77 -25.93 -32.62
N ALA V 94 3.46 -26.23 -32.64
CA ALA V 94 2.87 -27.16 -31.69
C ALA V 94 2.96 -28.61 -32.15
N GLY V 95 2.91 -28.88 -33.45
CA GLY V 95 2.95 -30.24 -33.92
C GLY V 95 3.29 -30.31 -35.39
N ILE V 96 3.88 -31.44 -35.77
CA ILE V 96 4.18 -31.75 -37.17
C ILE V 96 3.67 -33.16 -37.41
N GLY V 97 2.76 -33.31 -38.36
CA GLY V 97 2.22 -34.64 -38.62
C GLY V 97 0.92 -34.65 -39.37
N LYS V 98 -0.04 -35.44 -38.87
CA LYS V 98 -1.25 -35.69 -39.64
C LYS V 98 -2.24 -34.52 -39.53
N GLY V 99 -2.71 -34.23 -38.33
CA GLY V 99 -3.61 -33.11 -38.16
C GLY V 99 -5.03 -33.40 -38.61
N GLY V 100 -6.01 -32.93 -37.84
CA GLY V 100 -7.39 -33.16 -38.20
C GLY V 100 -8.33 -33.35 -37.03
N ASN V 101 -9.36 -34.17 -37.21
CA ASN V 101 -10.40 -34.36 -36.23
C ASN V 101 -10.39 -35.82 -35.78
N LYS V 102 -10.21 -36.03 -34.48
CA LYS V 102 -10.15 -37.37 -33.93
C LYS V 102 -11.51 -38.07 -33.94
N ASP V 103 -12.61 -37.31 -34.02
CA ASP V 103 -13.93 -37.91 -34.08
C ASP V 103 -14.16 -38.68 -35.38
N MET V 104 -13.55 -38.24 -36.48
CA MET V 104 -13.83 -38.81 -37.78
C MET V 104 -12.62 -39.37 -38.49
N GLN V 105 -11.43 -39.28 -37.90
CA GLN V 105 -10.19 -39.67 -38.57
C GLN V 105 -9.28 -40.39 -37.58
N ASP V 106 -8.46 -41.30 -38.10
CA ASP V 106 -7.77 -42.27 -37.26
C ASP V 106 -6.54 -41.69 -36.56
N GLY V 107 -5.55 -41.24 -37.31
CA GLY V 107 -4.27 -40.93 -36.71
C GLY V 107 -4.02 -39.50 -36.28
N VAL V 108 -4.86 -38.96 -35.40
CA VAL V 108 -4.79 -37.57 -34.98
C VAL V 108 -4.41 -37.52 -33.51
N LYS V 109 -3.29 -36.87 -33.20
CA LYS V 109 -2.83 -36.69 -31.83
C LYS V 109 -3.29 -35.34 -31.28
N ASN V 110 -3.32 -35.25 -29.95
CA ASN V 110 -3.95 -34.11 -29.30
C ASN V 110 -3.28 -32.79 -29.65
N ASN V 111 -1.99 -32.80 -30.00
CA ASN V 111 -1.32 -31.56 -30.33
C ASN V 111 -1.57 -31.11 -31.76
N LEU V 112 -2.25 -31.91 -32.56
CA LEU V 112 -2.54 -31.55 -33.95
C LEU V 112 -4.04 -31.48 -34.21
N SER V 113 -4.82 -31.16 -33.18
CA SER V 113 -6.27 -31.14 -33.28
C SER V 113 -6.76 -29.84 -33.88
N VAL V 114 -7.59 -29.94 -34.93
CA VAL V 114 -8.21 -28.80 -35.56
C VAL V 114 -9.59 -28.62 -34.95
N GLY V 115 -9.84 -27.45 -34.39
CA GLY V 115 -11.12 -27.15 -33.82
C GLY V 115 -11.67 -25.84 -34.35
N PRO V 116 -12.69 -25.31 -33.67
CA PRO V 116 -13.29 -24.05 -34.12
C PRO V 116 -12.37 -22.84 -33.98
N ALA V 117 -11.30 -22.92 -33.21
CA ALA V 117 -10.39 -21.80 -33.03
C ALA V 117 -9.24 -21.80 -34.03
N THR V 118 -9.24 -22.72 -35.00
CA THR V 118 -8.10 -22.90 -35.88
C THR V 118 -8.31 -22.16 -37.20
N GLU V 119 -7.29 -21.44 -37.64
CA GLU V 119 -7.25 -20.87 -38.97
C GLU V 119 -6.57 -21.85 -39.93
N ALA V 120 -7.02 -21.84 -41.18
CA ALA V 120 -6.54 -22.76 -42.19
C ALA V 120 -5.64 -22.03 -43.18
N LEU V 121 -4.45 -22.58 -43.41
CA LEU V 121 -3.54 -22.10 -44.44
C LEU V 121 -3.20 -23.27 -45.35
N ALA V 122 -3.53 -23.14 -46.63
CA ALA V 122 -3.27 -24.21 -47.58
C ALA V 122 -1.82 -24.21 -48.01
N GLY V 123 -1.18 -25.37 -47.94
CA GLY V 123 0.20 -25.47 -48.33
C GLY V 123 0.45 -26.50 -49.41
N GLU V 124 -0.61 -27.05 -49.98
CA GLU V 124 -0.45 -28.05 -51.02
C GLU V 124 0.27 -27.46 -52.23
N GLY V 125 1.29 -28.17 -52.70
CA GLY V 125 2.12 -27.67 -53.76
C GLY V 125 3.10 -26.60 -53.35
N LEU V 126 3.27 -26.35 -52.06
CA LEU V 126 4.17 -25.33 -51.58
C LEU V 126 5.25 -25.94 -50.68
N ILE V 127 6.31 -25.16 -50.49
CA ILE V 127 7.44 -25.56 -49.65
C ILE V 127 7.44 -24.68 -48.41
N VAL V 128 7.70 -25.28 -47.27
CA VAL V 128 7.86 -24.56 -46.01
C VAL V 128 9.29 -24.77 -45.54
N THR V 129 10.02 -23.67 -45.35
CA THR V 129 11.31 -23.67 -44.71
C THR V 129 11.26 -22.76 -43.49
N ALA V 130 12.27 -22.88 -42.64
CA ALA V 130 12.43 -21.93 -41.55
C ALA V 130 12.83 -20.56 -42.09
N GLY V 131 12.50 -19.52 -41.34
CA GLY V 131 12.97 -18.20 -41.68
C GLY V 131 14.49 -18.14 -41.68
N GLY V 132 15.03 -17.38 -42.62
CA GLY V 132 16.47 -17.21 -42.69
C GLY V 132 17.02 -16.37 -41.56
N ILE V 133 18.29 -16.59 -41.26
CA ILE V 133 18.99 -15.87 -40.20
C ILE V 133 20.23 -15.25 -40.80
N ASP V 134 20.30 -13.92 -40.76
CA ASP V 134 21.43 -13.17 -41.27
C ASP V 134 22.22 -12.62 -40.10
N THR V 135 23.50 -13.01 -40.01
CA THR V 135 24.31 -12.72 -38.84
C THR V 135 25.42 -11.71 -39.11
N HIS V 136 25.40 -11.03 -40.24
CA HIS V 136 26.42 -10.04 -40.58
C HIS V 136 25.76 -8.75 -41.08
N ILE V 137 24.84 -8.21 -40.29
CA ILE V 137 24.11 -7.01 -40.64
C ILE V 137 24.87 -5.77 -40.17
N HIS V 138 25.13 -4.86 -41.10
CA HIS V 138 25.50 -3.49 -40.75
C HIS V 138 24.22 -2.68 -40.68
N PHE V 139 23.83 -2.27 -39.47
CA PHE V 139 22.61 -1.50 -39.29
C PHE V 139 22.86 -0.07 -39.76
N ILE V 140 22.86 0.09 -41.08
CA ILE V 140 23.16 1.35 -41.73
C ILE V 140 21.89 2.12 -42.06
N SER V 141 20.85 1.44 -42.54
CA SER V 141 19.58 2.07 -42.79
C SER V 141 18.47 1.14 -42.36
N PRO V 142 17.40 1.67 -41.76
CA PRO V 142 16.25 0.82 -41.43
C PRO V 142 15.61 0.14 -42.62
N GLN V 143 15.75 0.70 -43.82
CA GLN V 143 15.16 0.13 -45.02
C GLN V 143 15.75 -1.22 -45.39
N GLN V 144 16.90 -1.60 -44.81
CA GLN V 144 17.42 -2.94 -45.00
C GLN V 144 16.49 -4.01 -44.45
N ILE V 145 15.80 -3.69 -43.35
CA ILE V 145 14.98 -4.70 -42.67
C ILE V 145 13.82 -5.18 -43.54
N PRO V 146 13.01 -4.30 -44.14
CA PRO V 146 11.98 -4.80 -45.07
C PRO V 146 12.56 -5.52 -46.27
N THR V 147 13.74 -5.11 -46.75
CA THR V 147 14.33 -5.78 -47.91
C THR V 147 14.73 -7.21 -47.57
N ALA V 148 15.36 -7.41 -46.42
CA ALA V 148 15.72 -8.76 -46.00
C ALA V 148 14.48 -9.58 -45.66
N PHE V 149 13.44 -8.93 -45.13
CA PHE V 149 12.21 -9.63 -44.81
C PHE V 149 11.56 -10.20 -46.07
N ALA V 150 11.53 -9.42 -47.15
CA ALA V 150 10.88 -9.86 -48.37
C ALA V 150 11.62 -10.97 -49.10
N SER V 151 12.87 -11.23 -48.72
CA SER V 151 13.65 -12.29 -49.33
C SER V 151 13.62 -13.59 -48.54
N GLY V 152 12.99 -13.62 -47.37
CA GLY V 152 12.91 -14.81 -46.57
C GLY V 152 13.71 -14.82 -45.28
N VAL V 153 14.29 -13.70 -44.89
CA VAL V 153 15.06 -13.60 -43.65
C VAL V 153 14.15 -13.10 -42.55
N THR V 154 14.14 -13.81 -41.41
CA THR V 154 13.32 -13.42 -40.28
C THR V 154 14.10 -13.02 -39.03
N THR V 155 15.42 -13.21 -39.01
CA THR V 155 16.26 -12.76 -37.91
C THR V 155 17.47 -12.04 -38.48
N MET V 156 17.73 -10.84 -37.99
CA MET V 156 18.94 -10.09 -38.35
C MET V 156 19.77 -9.88 -37.10
N ILE V 157 21.03 -10.29 -37.15
CA ILE V 157 21.99 -10.09 -36.08
C ILE V 157 23.14 -9.27 -36.62
N GLY V 158 23.52 -8.24 -35.89
CA GLY V 158 24.61 -7.39 -36.32
C GLY V 158 24.80 -6.20 -35.39
N GLY V 159 25.38 -5.13 -35.91
CA GLY V 159 25.56 -3.94 -35.10
C GLY V 159 25.58 -2.70 -35.96
N GLY V 160 25.46 -1.57 -35.30
CA GLY V 160 25.49 -0.28 -35.98
C GLY V 160 24.55 0.69 -35.29
N THR V 161 24.72 1.96 -35.61
CA THR V 161 23.86 3.02 -35.11
C THR V 161 23.19 3.80 -36.23
N GLY V 162 23.51 3.51 -37.48
CA GLY V 162 22.99 4.26 -38.59
C GLY V 162 24.06 4.55 -39.62
N PRO V 163 23.85 5.57 -40.43
CA PRO V 163 24.77 5.84 -41.54
C PRO V 163 26.06 6.52 -41.13
N ALA V 164 26.41 6.43 -39.85
CA ALA V 164 27.70 6.90 -39.38
C ALA V 164 28.84 6.08 -39.98
N ASP V 165 30.00 6.72 -40.09
CA ASP V 165 31.15 6.10 -40.74
C ASP V 165 31.63 4.86 -39.99
N GLY V 166 31.53 4.86 -38.66
CA GLY V 166 31.86 3.67 -37.91
C GLY V 166 30.97 2.49 -38.24
N THR V 167 29.68 2.76 -38.45
CA THR V 167 28.77 1.69 -38.85
C THR V 167 28.93 1.30 -40.31
N ASN V 168 29.25 2.25 -41.18
CA ASN V 168 29.48 1.91 -42.58
C ASN V 168 30.62 0.92 -42.75
N ALA V 169 31.51 0.84 -41.76
CA ALA V 169 32.63 -0.10 -41.78
C ALA V 169 32.40 -1.32 -40.89
N THR V 170 31.74 -1.16 -39.76
CA THR V 170 31.72 -2.19 -38.73
C THR V 170 30.30 -2.52 -38.32
N THR V 171 30.08 -3.77 -37.92
CA THR V 171 28.80 -4.21 -37.33
C THR V 171 28.86 -4.06 -35.81
N ILE V 172 29.05 -2.83 -35.37
CA ILE V 172 29.28 -2.54 -33.97
C ILE V 172 28.27 -1.52 -33.47
N THR V 173 27.61 -1.84 -32.37
CA THR V 173 26.80 -0.89 -31.61
C THR V 173 27.56 -0.56 -30.34
N PRO V 174 28.29 0.54 -30.30
CA PRO V 174 29.24 0.75 -29.20
C PRO V 174 28.64 1.39 -27.96
N GLY V 175 28.66 0.67 -26.84
CA GLY V 175 28.36 1.26 -25.56
C GLY V 175 26.90 1.15 -25.15
N ARG V 176 26.67 1.40 -23.87
CA ARG V 176 25.35 1.20 -23.26
C ARG V 176 24.31 2.13 -23.87
N ARG V 177 24.65 3.40 -24.04
CA ARG V 177 23.67 4.37 -24.54
C ARG V 177 23.28 4.08 -25.98
N ASN V 178 24.25 3.74 -26.83
CA ASN V 178 23.93 3.40 -28.21
C ASN V 178 23.15 2.09 -28.28
N LEU V 179 23.45 1.13 -27.39
CA LEU V 179 22.64 -0.07 -27.31
C LEU V 179 21.21 0.26 -26.94
N LYS V 180 21.01 1.17 -25.99
CA LYS V 180 19.66 1.58 -25.61
C LYS V 180 18.94 2.24 -26.78
N TRP V 181 19.63 3.10 -27.52
CA TRP V 181 19.06 3.69 -28.73
C TRP V 181 18.55 2.62 -29.68
N MET V 182 19.40 1.65 -30.00
CA MET V 182 19.02 0.66 -31.00
C MET V 182 17.96 -0.30 -30.48
N LEU V 183 18.00 -0.65 -29.20
CA LEU V 183 17.00 -1.54 -28.63
C LEU V 183 15.62 -0.88 -28.61
N ARG V 184 15.57 0.43 -28.34
CA ARG V 184 14.29 1.10 -28.39
C ARG V 184 13.83 1.38 -29.81
N ALA V 185 14.76 1.55 -30.75
CA ALA V 185 14.36 1.67 -32.14
C ALA V 185 13.81 0.35 -32.68
N ALA V 186 14.31 -0.78 -32.17
CA ALA V 186 13.94 -2.09 -32.69
C ALA V 186 12.45 -2.37 -32.58
N GLU V 187 11.76 -1.74 -31.63
CA GLU V 187 10.33 -1.90 -31.44
C GLU V 187 9.51 -1.61 -32.69
N GLU V 188 10.10 -0.99 -33.69
CA GLU V 188 9.41 -0.61 -34.91
C GLU V 188 9.19 -1.78 -35.87
N TYR V 189 10.07 -2.77 -35.87
CA TYR V 189 10.31 -3.59 -37.04
C TYR V 189 9.71 -4.99 -36.93
N SER V 190 9.44 -5.57 -38.09
CA SER V 190 9.05 -6.97 -38.22
C SER V 190 10.30 -7.77 -38.58
N MET V 191 11.05 -8.13 -37.54
CA MET V 191 12.29 -8.88 -37.66
C MET V 191 12.75 -9.22 -36.25
N ASN V 192 13.31 -10.41 -36.08
CA ASN V 192 14.03 -10.73 -34.86
C ASN V 192 15.39 -10.04 -34.91
N LEU V 193 15.76 -9.37 -33.82
CA LEU V 193 16.95 -8.54 -33.80
C LEU V 193 17.82 -8.85 -32.60
N GLY V 194 19.12 -8.80 -32.81
CA GLY V 194 20.10 -8.84 -31.74
C GLY V 194 21.31 -8.04 -32.16
N PHE V 195 21.98 -7.45 -31.18
CA PHE V 195 23.02 -6.46 -31.46
C PHE V 195 24.36 -6.89 -30.89
N LEU V 196 25.41 -6.65 -31.66
CA LEU V 196 26.79 -6.92 -31.25
C LEU V 196 27.43 -5.64 -30.74
N ALA V 197 28.21 -5.77 -29.67
CA ALA V 197 28.91 -4.66 -29.04
C ALA V 197 30.30 -4.50 -29.62
N LYS V 198 31.03 -3.49 -29.14
CA LYS V 198 32.41 -3.29 -29.55
C LYS V 198 33.32 -4.20 -28.75
N GLY V 199 34.06 -5.07 -29.43
CA GLY V 199 35.01 -5.93 -28.78
C GLY V 199 36.41 -5.37 -28.82
N ASN V 200 36.60 -4.29 -29.57
CA ASN V 200 37.91 -3.70 -29.81
C ASN V 200 38.30 -2.79 -28.64
N THR V 201 38.58 -3.43 -27.51
CA THR V 201 39.13 -2.72 -26.37
C THR V 201 39.85 -3.73 -25.50
N SER V 202 40.79 -3.22 -24.72
CA SER V 202 41.51 -4.04 -23.75
C SER V 202 41.01 -3.83 -22.33
N ASN V 203 39.95 -3.05 -22.17
CA ASN V 203 39.35 -2.79 -20.86
C ASN V 203 38.25 -3.80 -20.60
N ASP V 204 38.45 -4.66 -19.60
CA ASP V 204 37.47 -5.70 -19.32
C ASP V 204 36.16 -5.12 -18.80
N ALA V 205 36.23 -4.05 -17.98
CA ALA V 205 35.01 -3.45 -17.45
C ALA V 205 34.15 -2.87 -18.56
N SER V 206 34.78 -2.22 -19.55
CA SER V 206 34.04 -1.68 -20.68
C SER V 206 33.38 -2.78 -21.49
N LEU V 207 34.08 -3.91 -21.66
CA LEU V 207 33.50 -5.03 -22.38
C LEU V 207 32.31 -5.61 -21.63
N ALA V 208 32.43 -5.80 -20.32
CA ALA V 208 31.37 -6.41 -19.54
C ALA V 208 30.14 -5.53 -19.50
N ASP V 209 30.34 -4.20 -19.45
CA ASP V 209 29.21 -3.28 -19.36
C ASP V 209 28.32 -3.36 -20.59
N GLN V 210 28.91 -3.51 -21.77
CA GLN V 210 28.13 -3.61 -22.99
C GLN V 210 27.27 -4.87 -23.02
N ILE V 211 27.80 -5.98 -22.52
CA ILE V 211 27.01 -7.20 -22.46
C ILE V 211 25.85 -7.05 -21.50
N GLU V 212 26.11 -6.48 -20.32
CA GLU V 212 25.05 -6.25 -19.35
C GLU V 212 24.04 -5.21 -19.82
N ALA V 213 24.40 -4.41 -20.81
CA ALA V 213 23.50 -3.42 -21.39
C ALA V 213 22.64 -3.99 -22.52
N GLY V 214 22.76 -5.27 -22.83
CA GLY V 214 21.84 -5.91 -23.75
C GLY V 214 22.46 -6.49 -25.01
N ALA V 215 23.76 -6.38 -25.24
CA ALA V 215 24.36 -6.94 -26.45
C ALA V 215 24.47 -8.46 -26.34
N ILE V 216 24.33 -9.13 -27.48
CA ILE V 216 24.44 -10.59 -27.52
C ILE V 216 25.84 -11.06 -27.88
N GLY V 217 26.79 -10.16 -28.05
CA GLY V 217 28.13 -10.57 -28.37
C GLY V 217 28.99 -9.40 -28.78
N PHE V 218 30.20 -9.72 -29.21
CA PHE V 218 31.16 -8.72 -29.63
C PHE V 218 31.51 -8.86 -31.10
N KCX V 219 31.78 -7.72 -31.72
CA KCX V 219 32.45 -7.71 -33.00
CB KCX V 219 31.63 -6.92 -34.03
CG KCX V 219 32.29 -6.75 -35.39
CD KCX V 219 32.49 -8.09 -36.09
CE KCX V 219 33.04 -7.90 -37.49
NZ KCX V 219 32.13 -7.06 -38.32
C KCX V 219 33.83 -7.11 -32.83
O KCX V 219 33.99 -6.07 -32.21
CX KCX V 219 32.36 -6.88 -39.62
OQ1 KCX V 219 33.33 -7.41 -40.17
OQ2 KCX V 219 31.60 -6.19 -40.29
N ILE V 220 34.84 -7.80 -33.36
CA ILE V 220 36.18 -7.26 -33.41
C ILE V 220 36.47 -6.93 -34.86
N HIS V 221 36.67 -5.64 -35.14
CA HIS V 221 36.85 -5.16 -36.50
C HIS V 221 38.16 -4.40 -36.60
N GLU V 222 38.88 -4.61 -37.70
CA GLU V 222 40.20 -4.01 -37.84
C GLU V 222 40.14 -2.49 -37.90
N ASP V 223 39.00 -1.92 -38.32
CA ASP V 223 38.86 -0.47 -38.34
C ASP V 223 38.86 0.14 -36.94
N TRP V 224 38.51 -0.63 -35.92
CA TRP V 224 38.70 -0.22 -34.53
C TRP V 224 39.96 -0.80 -33.92
N GLY V 225 40.70 -1.60 -34.68
CA GLY V 225 41.98 -2.14 -34.28
C GLY V 225 41.89 -3.58 -33.81
N THR V 226 42.15 -4.52 -34.71
CA THR V 226 42.10 -5.95 -34.36
C THR V 226 43.50 -6.35 -33.94
N THR V 227 43.75 -6.23 -32.67
CA THR V 227 45.02 -6.58 -32.10
C THR V 227 44.88 -7.83 -31.23
N PRO V 228 45.95 -8.59 -31.05
CA PRO V 228 45.85 -9.78 -30.18
C PRO V 228 45.40 -9.47 -28.77
N SER V 229 45.78 -8.31 -28.22
CA SER V 229 45.37 -7.96 -26.87
C SER V 229 43.85 -7.81 -26.77
N ALA V 230 43.26 -7.08 -27.72
CA ALA V 230 41.81 -6.91 -27.72
C ALA V 230 41.09 -8.22 -27.93
N ILE V 231 41.61 -9.07 -28.83
CA ILE V 231 41.00 -10.38 -29.07
C ILE V 231 41.01 -11.20 -27.79
N ASN V 232 42.15 -11.23 -27.09
CA ASN V 232 42.27 -12.00 -25.87
C ASN V 232 41.30 -11.52 -24.81
N HIS V 233 41.24 -10.20 -24.58
CA HIS V 233 40.34 -9.66 -23.56
C HIS V 233 38.88 -9.93 -23.91
N ALA V 234 38.50 -9.72 -25.18
CA ALA V 234 37.12 -9.92 -25.57
C ALA V 234 36.70 -11.37 -25.42
N LEU V 235 37.59 -12.30 -25.77
CA LEU V 235 37.27 -13.71 -25.59
C LEU V 235 37.12 -14.07 -24.12
N ASP V 236 37.98 -13.51 -23.26
CA ASP V 236 37.85 -13.79 -21.84
C ASP V 236 36.49 -13.33 -21.30
N VAL V 237 36.09 -12.10 -21.65
CA VAL V 237 34.81 -11.60 -21.17
C VAL V 237 33.65 -12.43 -21.74
N ALA V 238 33.74 -12.77 -23.03
CA ALA V 238 32.67 -13.55 -23.65
C ALA V 238 32.53 -14.92 -23.00
N ASP V 239 33.65 -15.55 -22.64
CA ASP V 239 33.58 -16.81 -21.91
C ASP V 239 32.93 -16.62 -20.55
N LYS V 240 33.16 -15.49 -19.90
CA LYS V 240 32.49 -15.26 -18.62
C LYS V 240 30.99 -14.99 -18.79
N TYR V 241 30.54 -14.48 -19.94
CA TYR V 241 29.15 -14.11 -20.10
C TYR V 241 28.37 -14.98 -21.08
N ASP V 242 29.02 -15.96 -21.72
CA ASP V 242 28.36 -16.89 -22.64
C ASP V 242 27.71 -16.16 -23.81
N VAL V 243 28.51 -15.37 -24.52
CA VAL V 243 28.08 -14.68 -25.73
C VAL V 243 29.11 -14.95 -26.82
N GLN V 244 28.68 -14.78 -28.06
CA GLN V 244 29.54 -15.08 -29.19
C GLN V 244 30.46 -13.91 -29.51
N VAL V 245 31.58 -14.22 -30.15
CA VAL V 245 32.51 -13.22 -30.65
C VAL V 245 32.65 -13.40 -32.15
N ALA V 246 32.51 -12.31 -32.89
CA ALA V 246 32.78 -12.28 -34.32
C ALA V 246 33.99 -11.39 -34.58
N ILE V 247 34.76 -11.74 -35.60
CA ILE V 247 36.02 -11.07 -35.86
C ILE V 247 36.17 -10.74 -37.34
N HIS V 248 36.65 -9.53 -37.60
CA HIS V 248 37.12 -9.08 -38.90
C HIS V 248 38.60 -8.77 -38.71
N THR V 249 39.48 -9.64 -39.21
CA THR V 249 40.88 -9.63 -38.82
C THR V 249 41.66 -8.55 -39.56
N ASP V 250 42.92 -8.40 -39.18
CA ASP V 250 43.79 -7.33 -39.67
C ASP V 250 44.31 -7.69 -41.05
N THR V 251 43.83 -6.99 -42.08
CA THR V 251 44.28 -7.24 -43.44
C THR V 251 45.73 -6.78 -43.64
N LEU V 252 46.16 -5.77 -42.90
CA LEU V 252 47.48 -5.19 -43.10
C LEU V 252 48.59 -5.96 -42.42
N ASN V 253 48.26 -6.99 -41.62
CA ASN V 253 49.24 -7.75 -40.84
C ASN V 253 50.03 -6.83 -39.92
N GLU V 254 49.38 -5.79 -39.39
CA GLU V 254 50.08 -4.75 -38.66
C GLU V 254 50.66 -5.29 -37.36
N ALA V 255 49.85 -5.94 -36.55
CA ALA V 255 50.30 -6.51 -35.29
C ALA V 255 50.73 -7.96 -35.41
N GLY V 256 50.55 -8.57 -36.57
CA GLY V 256 50.87 -9.98 -36.73
C GLY V 256 50.13 -10.56 -37.90
N CYS V 257 50.46 -11.80 -38.20
CA CYS V 257 49.86 -12.53 -39.29
C CYS V 257 48.73 -13.43 -38.76
N VAL V 258 48.23 -14.31 -39.61
CA VAL V 258 47.03 -15.08 -39.27
C VAL V 258 47.31 -16.02 -38.10
N GLU V 259 48.51 -16.57 -38.02
CA GLU V 259 48.84 -17.48 -36.93
C GLU V 259 48.92 -16.75 -35.59
N ASP V 260 49.34 -15.49 -35.59
CA ASP V 260 49.32 -14.69 -34.37
C ASP V 260 47.88 -14.46 -33.91
N THR V 261 46.97 -14.22 -34.84
CA THR V 261 45.56 -14.09 -34.50
C THR V 261 45.02 -15.40 -33.93
N MET V 262 45.38 -16.53 -34.53
CA MET V 262 44.92 -17.81 -34.00
C MET V 262 45.50 -18.07 -32.61
N ALA V 263 46.74 -17.63 -32.37
CA ALA V 263 47.33 -17.74 -31.06
C ALA V 263 46.60 -16.87 -30.04
N ALA V 264 46.15 -15.68 -30.46
CA ALA V 264 45.37 -14.85 -29.56
C ALA V 264 44.01 -15.48 -29.27
N ILE V 265 43.40 -16.13 -30.26
CA ILE V 265 42.14 -16.82 -30.04
C ILE V 265 42.32 -17.97 -29.06
N ALA V 266 43.47 -18.65 -29.13
CA ALA V 266 43.89 -19.62 -28.13
C ALA V 266 42.91 -20.78 -28.00
N GLY V 267 42.33 -21.19 -29.13
CA GLY V 267 41.47 -22.35 -29.14
C GLY V 267 40.08 -22.15 -28.60
N ARG V 268 39.61 -20.91 -28.53
CA ARG V 268 38.27 -20.61 -28.06
C ARG V 268 37.34 -20.38 -29.26
N THR V 269 36.04 -20.48 -29.00
CA THR V 269 35.05 -20.38 -30.07
C THR V 269 35.05 -19.00 -30.68
N MET V 270 35.10 -18.94 -32.01
CA MET V 270 35.14 -17.68 -32.73
C MET V 270 34.34 -17.82 -34.03
N HIS V 271 33.59 -16.79 -34.37
CA HIS V 271 32.84 -16.72 -35.61
C HIS V 271 33.53 -15.72 -36.54
N THR V 272 34.06 -16.20 -37.66
CA THR V 272 34.82 -15.37 -38.58
C THR V 272 33.93 -14.92 -39.73
N PHE V 273 33.90 -13.62 -39.98
CA PHE V 273 33.17 -13.04 -41.08
C PHE V 273 34.03 -13.03 -42.34
N HIS V 274 33.38 -13.22 -43.49
CA HIS V 274 34.02 -13.21 -44.82
C HIS V 274 35.40 -13.86 -44.77
N THR V 275 35.40 -15.14 -44.37
CA THR V 275 36.63 -15.86 -44.10
C THR V 275 37.52 -15.97 -45.33
N GLU V 276 36.96 -15.86 -46.53
CA GLU V 276 37.77 -15.92 -47.73
C GLU V 276 38.62 -14.67 -47.90
N GLY V 277 38.20 -13.54 -47.33
CA GLY V 277 39.08 -12.40 -47.16
C GLY V 277 38.87 -11.24 -48.11
N ALA V 278 38.00 -11.36 -49.12
CA ALA V 278 37.71 -10.20 -49.96
C ALA V 278 37.07 -9.10 -49.15
N GLY V 279 36.28 -9.44 -48.15
CA GLY V 279 35.67 -8.49 -47.25
C GLY V 279 36.58 -7.99 -46.17
N GLY V 280 37.83 -8.43 -46.15
CA GLY V 280 38.78 -8.05 -45.12
C GLY V 280 39.37 -9.29 -44.48
N GLY V 281 40.56 -9.16 -43.95
CA GLY V 281 41.23 -10.28 -43.31
C GLY V 281 42.67 -10.42 -43.73
N HIS V 282 43.47 -11.14 -42.95
CA HIS V 282 44.90 -11.27 -43.19
C HIS V 282 45.20 -11.62 -44.64
N ALA V 283 45.87 -10.71 -45.32
CA ALA V 283 46.23 -10.96 -46.71
C ALA V 283 47.52 -11.77 -46.76
N PRO V 284 47.54 -12.87 -47.53
CA PRO V 284 46.45 -13.35 -48.37
C PRO V 284 45.79 -14.62 -47.85
N ASP V 285 46.00 -14.94 -46.58
CA ASP V 285 45.81 -16.31 -46.12
C ASP V 285 44.87 -16.39 -44.92
N ILE V 286 43.88 -15.51 -44.82
CA ILE V 286 42.90 -15.64 -43.75
C ILE V 286 42.05 -16.90 -43.96
N ILE V 287 41.88 -17.33 -45.21
CA ILE V 287 40.99 -18.44 -45.52
C ILE V 287 41.44 -19.75 -44.89
N LYS V 288 42.69 -19.83 -44.43
CA LYS V 288 43.17 -21.07 -43.85
C LYS V 288 42.48 -21.43 -42.54
N VAL V 289 41.96 -20.42 -41.82
CA VAL V 289 41.30 -20.70 -40.54
C VAL V 289 40.00 -21.45 -40.69
N ALA V 290 39.49 -21.58 -41.91
CA ALA V 290 38.23 -22.28 -42.14
C ALA V 290 38.33 -23.78 -41.89
N GLY V 291 39.54 -24.32 -41.71
CA GLY V 291 39.70 -25.71 -41.36
C GLY V 291 39.88 -25.99 -39.89
N GLU V 292 39.88 -24.98 -39.04
CA GLU V 292 40.13 -25.17 -37.62
C GLU V 292 38.86 -25.57 -36.89
N HIS V 293 39.04 -26.33 -35.80
CA HIS V 293 37.90 -26.86 -35.07
C HIS V 293 37.14 -25.77 -34.34
N ASN V 294 37.85 -24.79 -33.78
CA ASN V 294 37.22 -23.76 -32.96
C ASN V 294 36.68 -22.58 -33.76
N ILE V 295 36.78 -22.62 -35.07
CA ILE V 295 36.34 -21.52 -35.92
C ILE V 295 34.99 -21.85 -36.54
N LEU V 296 34.08 -20.88 -36.53
CA LEU V 296 32.84 -20.99 -37.28
C LEU V 296 32.96 -20.12 -38.52
N PRO V 297 33.30 -20.68 -39.67
CA PRO V 297 33.61 -19.83 -40.83
C PRO V 297 32.39 -19.44 -41.65
N ALA V 298 32.21 -18.14 -41.85
CA ALA V 298 31.12 -17.63 -42.66
C ALA V 298 31.67 -16.92 -43.89
N SER V 299 30.85 -16.86 -44.93
CA SER V 299 31.16 -16.10 -46.12
C SER V 299 30.07 -15.07 -46.38
N THR V 300 30.44 -13.99 -47.05
CA THR V 300 29.50 -12.96 -47.45
C THR V 300 29.11 -13.15 -48.90
N ASN V 301 27.90 -12.75 -49.25
CA ASN V 301 27.32 -13.09 -50.54
C ASN V 301 27.97 -12.41 -51.76
N PRO V 302 28.63 -11.26 -51.66
CA PRO V 302 29.23 -10.68 -52.89
C PRO V 302 30.25 -11.57 -53.58
N THR V 303 30.91 -12.47 -52.85
CA THR V 303 31.89 -13.34 -53.48
C THR V 303 31.32 -14.66 -53.98
N ILE V 304 30.06 -14.97 -53.68
CA ILE V 304 29.47 -16.21 -54.18
C ILE V 304 28.25 -15.89 -55.03
N PRO V 305 28.05 -16.57 -56.16
CA PRO V 305 29.05 -17.48 -56.72
C PRO V 305 30.12 -16.70 -57.46
N PHE V 306 31.25 -17.34 -57.78
CA PHE V 306 32.31 -16.68 -58.52
C PHE V 306 31.92 -16.58 -59.98
N THR V 307 31.95 -15.37 -60.52
CA THR V 307 31.49 -15.10 -61.88
C THR V 307 32.57 -14.33 -62.64
N VAL V 308 32.31 -14.08 -63.92
CA VAL V 308 33.25 -13.36 -64.76
C VAL V 308 33.35 -11.89 -64.35
N ASN V 309 32.28 -11.33 -63.81
CA ASN V 309 32.26 -9.92 -63.41
C ASN V 309 32.69 -9.71 -61.97
N THR V 310 32.96 -10.77 -61.22
CA THR V 310 33.19 -10.65 -59.78
C THR V 310 34.46 -9.86 -59.48
N GLU V 311 35.57 -10.20 -60.15
CA GLU V 311 36.86 -9.64 -59.78
C GLU V 311 36.92 -8.14 -60.04
N ALA V 312 36.53 -7.72 -61.25
CA ALA V 312 36.57 -6.29 -61.58
C ALA V 312 35.63 -5.50 -60.68
N GLU V 313 34.45 -6.06 -60.41
CA GLU V 313 33.50 -5.37 -59.54
C GLU V 313 34.08 -5.18 -58.14
N HIS V 314 34.68 -6.24 -57.58
CA HIS V 314 35.26 -6.12 -56.24
C HIS V 314 36.44 -5.18 -56.23
N MET V 315 37.24 -5.17 -57.29
CA MET V 315 38.36 -4.25 -57.37
C MET V 315 37.88 -2.81 -57.34
N ASP V 316 36.92 -2.48 -58.20
CA ASP V 316 36.43 -1.11 -58.24
C ASP V 316 35.71 -0.73 -56.95
N MET V 317 35.00 -1.69 -56.35
CA MET V 317 34.34 -1.43 -55.08
C MET V 317 35.35 -1.11 -53.99
N LEU V 318 36.45 -1.86 -53.95
CA LEU V 318 37.49 -1.61 -52.97
C LEU V 318 38.14 -0.25 -53.19
N MET V 319 38.38 0.12 -54.45
CA MET V 319 38.98 1.42 -54.72
C MET V 319 38.09 2.57 -54.25
N VAL V 320 36.79 2.34 -54.15
CA VAL V 320 35.85 3.40 -53.78
C VAL V 320 35.69 3.51 -52.27
N CYS V 321 35.47 2.38 -51.60
CA CYS V 321 35.22 2.42 -50.16
C CYS V 321 36.45 2.85 -49.37
N HIS V 322 37.65 2.54 -49.86
CA HIS V 322 38.89 2.91 -49.19
C HIS V 322 39.54 4.14 -49.79
N HIS V 323 38.90 4.79 -50.76
CA HIS V 323 39.40 6.02 -51.37
C HIS V 323 40.82 5.84 -51.92
N LEU V 324 41.03 4.75 -52.64
CA LEU V 324 42.33 4.46 -53.20
C LEU V 324 42.51 5.15 -54.55
N ASP V 325 43.77 5.28 -54.96
CA ASP V 325 44.13 5.93 -56.21
C ASP V 325 44.90 4.96 -57.09
N LYS V 326 44.56 4.95 -58.38
CA LYS V 326 45.20 4.02 -59.31
C LYS V 326 46.62 4.45 -59.68
N SER V 327 46.98 5.71 -59.43
CA SER V 327 48.31 6.21 -59.75
C SER V 327 49.30 5.97 -58.62
N ILE V 328 48.87 5.41 -57.50
CA ILE V 328 49.73 5.13 -56.36
C ILE V 328 50.01 3.63 -56.34
N LYS V 329 51.28 3.26 -56.38
CA LYS V 329 51.62 1.83 -56.44
C LYS V 329 51.29 1.13 -55.13
N GLU V 330 51.35 1.83 -54.00
CA GLU V 330 51.04 1.20 -52.73
C GLU V 330 49.56 0.85 -52.62
N ASP V 331 48.69 1.72 -53.16
CA ASP V 331 47.26 1.41 -53.17
C ASP V 331 46.96 0.23 -54.08
N VAL V 332 47.66 0.13 -55.21
CA VAL V 332 47.51 -1.03 -56.08
C VAL V 332 47.99 -2.29 -55.38
N GLN V 333 49.12 -2.21 -54.70
CA GLN V 333 49.64 -3.37 -53.98
C GLN V 333 48.67 -3.84 -52.91
N PHE V 334 48.06 -2.90 -52.19
CA PHE V 334 47.03 -3.26 -51.21
C PHE V 334 45.85 -3.94 -51.89
N ALA V 335 45.40 -3.38 -53.02
CA ALA V 335 44.22 -3.92 -53.69
C ALA V 335 44.47 -5.31 -54.24
N ASP V 336 45.65 -5.54 -54.82
CA ASP V 336 45.95 -6.85 -55.38
C ASP V 336 46.07 -7.91 -54.28
N SER V 337 46.66 -7.56 -53.15
CA SER V 337 46.74 -8.51 -52.05
C SER V 337 45.40 -8.80 -51.43
N ARG V 338 44.39 -8.00 -51.72
CA ARG V 338 43.09 -8.08 -51.07
C ARG V 338 42.07 -8.91 -51.85
N ILE V 339 42.04 -8.79 -53.18
CA ILE V 339 40.95 -9.35 -53.96
C ILE V 339 41.16 -10.85 -54.19
N ARG V 340 42.24 -11.21 -54.87
CA ARG V 340 42.64 -12.61 -55.02
C ARG V 340 41.57 -13.49 -55.63
N PRO V 341 41.37 -13.45 -56.94
CA PRO V 341 40.39 -14.33 -57.60
C PRO V 341 40.59 -15.80 -57.28
N GLN V 342 41.81 -16.16 -56.85
CA GLN V 342 42.09 -17.54 -56.46
C GLN V 342 41.28 -17.95 -55.23
N THR V 343 41.33 -17.14 -54.17
CA THR V 343 40.56 -17.46 -52.98
C THR V 343 39.06 -17.36 -53.23
N ILE V 344 38.65 -16.42 -54.08
CA ILE V 344 37.23 -16.30 -54.41
C ILE V 344 36.76 -17.55 -55.12
N ALA V 345 37.55 -18.07 -56.05
CA ALA V 345 37.20 -19.31 -56.71
C ALA V 345 37.18 -20.47 -55.73
N ALA V 346 38.17 -20.53 -54.84
CA ALA V 346 38.23 -21.64 -53.88
C ALA V 346 37.06 -21.63 -52.92
N GLU V 347 36.47 -20.45 -52.67
CA GLU V 347 35.41 -20.32 -51.68
C GLU V 347 34.16 -21.10 -52.08
N ASP V 348 33.81 -21.11 -53.36
CA ASP V 348 32.64 -21.86 -53.81
C ASP V 348 32.81 -23.35 -53.54
N THR V 349 33.98 -23.89 -53.90
CA THR V 349 34.24 -25.31 -53.67
C THR V 349 34.27 -25.62 -52.19
N LEU V 350 34.82 -24.72 -51.38
CA LEU V 350 34.81 -24.93 -49.94
C LEU V 350 33.40 -24.95 -49.38
N HIS V 351 32.50 -24.16 -49.95
CA HIS V 351 31.09 -24.29 -49.60
C HIS V 351 30.54 -25.65 -49.99
N ASP V 352 30.90 -26.13 -51.18
CA ASP V 352 30.41 -27.44 -51.60
C ASP V 352 30.97 -28.56 -50.72
N MET V 353 32.19 -28.42 -50.23
CA MET V 353 32.83 -29.44 -49.41
C MET V 353 32.36 -29.41 -47.96
N GLY V 354 31.62 -28.39 -47.55
CA GLY V 354 31.25 -28.25 -46.16
C GLY V 354 32.30 -27.62 -45.29
N ILE V 355 33.33 -27.00 -45.87
CA ILE V 355 34.34 -26.30 -45.07
C ILE V 355 33.78 -24.99 -44.56
N PHE V 356 33.20 -24.18 -45.45
CA PHE V 356 32.44 -23.02 -45.03
C PHE V 356 31.06 -23.46 -44.54
N SER V 357 30.60 -22.88 -43.44
CA SER V 357 29.38 -23.34 -42.80
C SER V 357 28.24 -22.33 -42.79
N ILE V 358 28.51 -21.05 -42.93
CA ILE V 358 27.49 -20.01 -42.83
C ILE V 358 27.59 -19.07 -44.02
N THR V 359 26.45 -18.71 -44.57
CA THR V 359 26.34 -17.62 -45.54
C THR V 359 25.69 -16.42 -44.88
N SER V 360 26.18 -15.22 -45.21
CA SER V 360 25.68 -14.00 -44.60
C SER V 360 25.77 -12.88 -45.63
N SER V 361 25.49 -11.65 -45.18
CA SER V 361 25.28 -10.52 -46.09
C SER V 361 26.44 -9.54 -46.11
N ASP V 362 26.82 -8.95 -44.97
CA ASP V 362 27.67 -7.76 -44.92
C ASP V 362 26.97 -6.57 -45.59
N SER V 363 25.77 -6.28 -45.08
CA SER V 363 24.80 -5.47 -45.80
C SER V 363 25.21 -4.00 -45.94
N GLN V 364 25.16 -3.50 -47.18
CA GLN V 364 25.58 -2.14 -47.56
C GLN V 364 27.00 -1.83 -47.12
N ALA V 365 27.77 -2.88 -46.84
CA ALA V 365 29.18 -2.84 -46.49
C ALA V 365 29.92 -3.91 -47.29
N MET V 366 29.75 -3.87 -48.61
CA MET V 366 30.09 -4.93 -49.56
C MET V 366 29.32 -6.21 -49.25
N GLY V 367 28.02 -6.09 -49.47
CA GLY V 367 27.12 -7.21 -49.37
C GLY V 367 25.70 -6.74 -49.63
N ARG V 368 24.86 -7.68 -50.02
CA ARG V 368 23.49 -7.39 -50.43
C ARG V 368 22.52 -8.11 -49.52
N VAL V 369 21.80 -7.35 -48.70
CA VAL V 369 20.97 -7.91 -47.64
C VAL V 369 19.79 -8.71 -48.18
N GLY V 370 19.37 -8.46 -49.40
CA GLY V 370 18.24 -9.17 -49.95
C GLY V 370 18.64 -10.31 -50.87
N GLU V 371 19.89 -10.77 -50.77
CA GLU V 371 20.39 -11.76 -51.70
C GLU V 371 21.15 -12.91 -51.05
N VAL V 372 21.11 -13.04 -49.72
CA VAL V 372 21.85 -14.11 -49.06
C VAL V 372 21.34 -15.47 -49.52
N ILE V 373 20.03 -15.68 -49.42
CA ILE V 373 19.44 -16.96 -49.79
C ILE V 373 19.60 -17.22 -51.28
N THR V 374 19.37 -16.20 -52.10
CA THR V 374 19.45 -16.38 -53.54
C THR V 374 20.86 -16.74 -53.97
N ARG V 375 21.87 -16.07 -53.42
CA ARG V 375 23.24 -16.40 -53.80
C ARG V 375 23.69 -17.73 -53.22
N THR V 376 23.16 -18.13 -52.06
CA THR V 376 23.44 -19.47 -51.56
C THR V 376 22.94 -20.53 -52.54
N TRP V 377 21.71 -20.37 -53.04
CA TRP V 377 21.20 -21.39 -53.96
C TRP V 377 21.84 -21.27 -55.33
N GLN V 378 22.26 -20.07 -55.74
CA GLN V 378 23.03 -19.94 -56.97
C GLN V 378 24.37 -20.68 -56.85
N THR V 379 25.02 -20.57 -55.69
CA THR V 379 26.26 -21.30 -55.47
C THR V 379 26.03 -22.80 -55.51
N ALA V 380 24.95 -23.27 -54.88
CA ALA V 380 24.63 -24.69 -54.92
C ALA V 380 24.39 -25.16 -56.36
N ASP V 381 23.66 -24.37 -57.14
CA ASP V 381 23.39 -24.74 -58.52
C ASP V 381 24.67 -24.77 -59.36
N LYS V 382 25.52 -23.77 -59.18
CA LYS V 382 26.79 -23.73 -59.90
C LYS V 382 27.68 -24.92 -59.53
N ASN V 383 27.73 -25.25 -58.24
CA ASN V 383 28.54 -26.39 -57.81
C ASN V 383 28.00 -27.70 -58.36
N LYS V 384 26.68 -27.86 -58.41
CA LYS V 384 26.14 -29.08 -59.01
C LYS V 384 26.44 -29.13 -60.50
N LYS V 385 26.39 -27.98 -61.18
CA LYS V 385 26.73 -27.97 -62.60
C LYS V 385 28.19 -28.35 -62.83
N GLU V 386 29.09 -27.90 -61.96
CA GLU V 386 30.51 -28.15 -62.19
C GLU V 386 30.93 -29.54 -61.71
N PHE V 387 30.68 -29.85 -60.44
CA PHE V 387 31.15 -31.09 -59.83
C PHE V 387 30.15 -32.22 -59.90
N GLY V 388 28.96 -31.99 -60.41
CA GLY V 388 27.96 -33.03 -60.46
C GLY V 388 27.32 -33.27 -59.11
N ARG V 389 26.61 -34.40 -59.04
CA ARG V 389 25.86 -34.75 -57.84
C ARG V 389 26.81 -35.23 -56.74
N LEU V 390 26.51 -34.83 -55.51
CA LEU V 390 27.36 -35.18 -54.38
C LEU V 390 27.37 -36.69 -54.17
N LYS V 391 28.48 -37.20 -53.62
CA LYS V 391 28.60 -38.61 -53.34
C LYS V 391 27.88 -39.03 -52.05
N GLU V 392 27.44 -38.07 -51.23
CA GLU V 392 26.66 -38.37 -50.04
C GLU V 392 25.17 -38.46 -50.32
N GLU V 393 24.77 -38.42 -51.59
CA GLU V 393 23.37 -38.55 -51.95
C GLU V 393 22.91 -40.00 -51.82
N LYS V 394 21.64 -40.16 -51.45
CA LYS V 394 20.98 -41.45 -51.39
C LYS V 394 19.77 -41.37 -52.32
N GLY V 395 19.99 -41.64 -53.60
CA GLY V 395 18.93 -41.64 -54.59
C GLY V 395 19.17 -40.62 -55.68
N ASP V 396 18.26 -40.63 -56.65
CA ASP V 396 18.34 -39.75 -57.81
C ASP V 396 17.81 -38.35 -57.45
N ASN V 397 18.45 -37.76 -56.44
CA ASN V 397 18.06 -36.46 -55.96
C ASN V 397 19.29 -35.74 -55.44
N ASP V 398 19.08 -34.51 -54.99
CA ASP V 398 20.13 -33.68 -54.41
C ASP V 398 19.81 -33.34 -52.96
N ASN V 399 19.14 -34.26 -52.26
CA ASN V 399 18.63 -33.95 -50.92
C ASN V 399 19.76 -33.58 -49.96
N PHE V 400 20.88 -34.30 -50.03
CA PHE V 400 21.99 -34.00 -49.12
C PHE V 400 22.55 -32.62 -49.39
N ARG V 401 22.76 -32.27 -50.66
CA ARG V 401 23.27 -30.95 -50.99
C ARG V 401 22.29 -29.86 -50.61
N ILE V 402 20.98 -30.14 -50.79
CA ILE V 402 19.97 -29.18 -50.38
C ILE V 402 20.04 -28.92 -48.89
N LYS V 403 20.16 -29.98 -48.09
CA LYS V 403 20.28 -29.80 -46.65
C LYS V 403 21.56 -29.04 -46.29
N ARG V 404 22.66 -29.38 -46.95
CA ARG V 404 23.94 -28.72 -46.65
C ARG V 404 23.87 -27.22 -46.89
N TYR V 405 23.29 -26.82 -48.02
CA TYR V 405 23.23 -25.40 -48.32
C TYR V 405 22.14 -24.68 -47.53
N LEU V 406 21.03 -25.37 -47.24
CA LEU V 406 19.98 -24.76 -46.44
C LEU V 406 20.44 -24.50 -45.01
N SER V 407 21.31 -25.37 -44.48
CA SER V 407 21.82 -25.15 -43.13
C SER V 407 22.66 -23.88 -43.03
N LYS V 408 23.26 -23.45 -44.14
CA LYS V 408 24.18 -22.32 -44.12
C LYS V 408 23.51 -21.02 -43.70
N TYR V 409 22.20 -20.88 -43.93
CA TYR V 409 21.52 -19.66 -43.51
C TYR V 409 20.35 -19.90 -42.57
N THR V 410 20.10 -21.13 -42.12
CA THR V 410 19.01 -21.35 -41.17
C THR V 410 19.50 -21.83 -39.81
N ILE V 411 20.13 -22.98 -39.72
CA ILE V 411 20.39 -23.62 -38.44
C ILE V 411 21.80 -23.34 -37.94
N ASN V 412 22.78 -23.29 -38.85
CA ASN V 412 24.15 -23.04 -38.43
C ASN V 412 24.35 -21.65 -37.85
N PRO V 413 23.87 -20.56 -38.46
CA PRO V 413 23.96 -19.26 -37.77
C PRO V 413 23.21 -19.20 -36.45
N ALA V 414 22.09 -19.90 -36.33
CA ALA V 414 21.36 -19.95 -35.08
C ALA V 414 22.17 -20.63 -33.98
N ILE V 415 22.82 -21.74 -34.32
CA ILE V 415 23.71 -22.40 -33.37
C ILE V 415 24.88 -21.50 -33.04
N ALA V 416 25.42 -20.81 -34.04
CA ALA V 416 26.59 -19.96 -33.83
C ALA V 416 26.29 -18.83 -32.86
N HIS V 417 25.10 -18.25 -32.93
CA HIS V 417 24.78 -17.13 -32.06
C HIS V 417 23.84 -17.50 -30.93
N GLY V 418 23.76 -18.78 -30.59
CA GLY V 418 23.05 -19.22 -29.39
C GLY V 418 21.56 -18.97 -29.37
N ILE V 419 20.90 -19.06 -30.52
CA ILE V 419 19.46 -18.88 -30.60
C ILE V 419 18.78 -20.10 -31.24
N SER V 420 19.49 -21.22 -31.35
CA SER V 420 18.95 -22.38 -32.04
C SER V 420 17.93 -23.15 -31.21
N GLU V 421 17.62 -22.71 -30.00
CA GLU V 421 16.47 -23.27 -29.31
C GLU V 421 15.18 -22.53 -29.63
N TYR V 422 15.26 -21.36 -30.25
CA TYR V 422 14.08 -20.59 -30.62
C TYR V 422 13.78 -20.64 -32.11
N VAL V 423 14.79 -20.39 -32.95
CA VAL V 423 14.62 -20.28 -34.39
C VAL V 423 15.60 -21.23 -35.07
N GLY V 424 15.57 -21.24 -36.39
CA GLY V 424 16.53 -21.96 -37.19
C GLY V 424 16.00 -23.20 -37.89
N SER V 425 14.88 -23.78 -37.43
CA SER V 425 14.40 -24.99 -38.06
C SER V 425 12.91 -25.14 -37.83
N VAL V 426 12.29 -25.99 -38.65
CA VAL V 426 10.89 -26.37 -38.48
C VAL V 426 10.87 -27.56 -37.54
N GLU V 427 10.82 -27.27 -36.24
CA GLU V 427 10.77 -28.31 -35.22
C GLU V 427 9.73 -27.94 -34.17
N VAL V 428 9.13 -28.97 -33.57
CA VAL V 428 8.12 -28.74 -32.56
C VAL V 428 8.74 -28.09 -31.33
N GLY V 429 8.10 -27.04 -30.84
CA GLY V 429 8.58 -26.30 -29.70
C GLY V 429 9.25 -24.99 -30.05
N LYS V 430 9.65 -24.82 -31.31
CA LYS V 430 10.36 -23.64 -31.75
C LYS V 430 9.40 -22.53 -32.15
N VAL V 431 9.96 -21.32 -32.27
CA VAL V 431 9.18 -20.17 -32.69
C VAL V 431 8.72 -20.35 -34.13
N ALA V 432 7.46 -20.01 -34.39
CA ALA V 432 6.86 -20.19 -35.71
C ALA V 432 7.27 -19.03 -36.62
N ASP V 433 8.55 -19.03 -37.00
CA ASP V 433 9.09 -18.16 -38.04
C ASP V 433 9.23 -19.01 -39.30
N LEU V 434 8.26 -18.92 -40.21
CA LEU V 434 8.18 -19.82 -41.35
C LEU V 434 8.01 -19.02 -42.63
N VAL V 435 8.54 -19.57 -43.72
CA VAL V 435 8.45 -18.96 -45.03
C VAL V 435 7.78 -19.95 -45.98
N LEU V 436 6.80 -19.47 -46.73
CA LEU V 436 6.10 -20.26 -47.72
C LEU V 436 6.66 -19.97 -49.10
N TRP V 437 7.10 -21.01 -49.80
CA TRP V 437 7.66 -20.89 -51.14
C TRP V 437 6.86 -21.72 -52.12
N SER V 438 6.54 -21.13 -53.26
CA SER V 438 6.15 -21.95 -54.40
C SER V 438 7.41 -22.49 -55.07
N PRO V 439 7.48 -23.78 -55.39
CA PRO V 439 8.74 -24.35 -55.88
C PRO V 439 9.29 -23.67 -57.13
N ALA V 440 8.43 -23.14 -58.00
CA ALA V 440 8.93 -22.42 -59.16
C ALA V 440 9.71 -21.16 -58.76
N PHE V 441 9.39 -20.57 -57.62
CA PHE V 441 10.06 -19.36 -57.16
C PHE V 441 10.96 -19.61 -55.96
N PHE V 442 11.33 -20.87 -55.71
CA PHE V 442 12.07 -21.19 -54.50
C PHE V 442 13.43 -20.53 -54.50
N GLY V 443 13.78 -19.92 -53.38
CA GLY V 443 15.07 -19.32 -53.19
C GLY V 443 15.21 -17.89 -53.68
N VAL V 444 14.22 -17.34 -54.37
CA VAL V 444 14.33 -15.96 -54.84
C VAL V 444 13.15 -15.12 -54.38
N LYS V 445 11.93 -15.62 -54.53
CA LYS V 445 10.76 -14.82 -54.17
C LYS V 445 9.72 -15.64 -53.41
N PRO V 446 9.58 -15.42 -52.10
CA PRO V 446 8.66 -16.23 -51.32
C PRO V 446 7.20 -15.81 -51.50
N ASN V 447 6.30 -16.66 -51.00
CA ASN V 447 4.87 -16.38 -51.03
C ASN V 447 4.44 -15.54 -49.83
N MET V 448 4.73 -16.00 -48.61
CA MET V 448 4.37 -15.25 -47.43
C MET V 448 5.31 -15.60 -46.28
N ILE V 449 5.39 -14.69 -45.31
CA ILE V 449 6.17 -14.89 -44.10
C ILE V 449 5.21 -15.02 -42.93
N ILE V 450 5.39 -16.06 -42.13
CA ILE V 450 4.70 -16.21 -40.86
C ILE V 450 5.67 -15.86 -39.75
N LYS V 451 5.32 -14.87 -38.95
CA LYS V 451 6.20 -14.32 -37.92
C LYS V 451 5.51 -14.48 -36.58
N GLY V 452 6.11 -15.22 -35.67
CA GLY V 452 5.50 -15.46 -34.38
C GLY V 452 4.17 -16.16 -34.44
N GLY V 453 3.94 -16.99 -35.45
CA GLY V 453 2.67 -17.68 -35.59
C GLY V 453 1.57 -16.89 -36.24
N PHE V 454 1.87 -15.76 -36.89
CA PHE V 454 0.88 -14.95 -37.56
C PHE V 454 1.49 -14.41 -38.84
N ILE V 455 0.64 -14.16 -39.85
CA ILE V 455 1.14 -13.74 -41.16
C ILE V 455 1.58 -12.28 -41.09
N ALA V 456 2.82 -12.02 -41.46
CA ALA V 456 3.40 -10.69 -41.36
C ALA V 456 3.69 -10.04 -42.71
N LEU V 457 3.97 -10.83 -43.73
CA LEU V 457 4.24 -10.29 -45.05
C LEU V 457 3.73 -11.29 -46.07
N SER V 458 3.20 -10.79 -47.18
CA SER V 458 2.78 -11.68 -48.25
C SER V 458 2.74 -10.92 -49.55
N GLN V 459 2.82 -11.67 -50.64
CA GLN V 459 2.43 -11.15 -51.94
C GLN V 459 0.95 -10.79 -51.91
N MET V 460 0.61 -9.67 -52.54
CA MET V 460 -0.75 -9.17 -52.46
C MET V 460 -1.03 -8.28 -53.65
N GLY V 461 -2.23 -8.43 -54.21
CA GLY V 461 -2.68 -7.55 -55.26
C GLY V 461 -3.27 -6.28 -54.71
N ASP V 462 -3.84 -5.48 -55.61
CA ASP V 462 -4.35 -4.18 -55.23
C ASP V 462 -5.55 -4.31 -54.30
N ALA V 463 -5.64 -3.39 -53.34
CA ALA V 463 -6.62 -3.50 -52.27
C ALA V 463 -8.06 -3.41 -52.79
N ASN V 464 -8.27 -2.72 -53.90
CA ASN V 464 -9.62 -2.54 -54.44
C ASN V 464 -10.06 -3.70 -55.32
N ALA V 465 -9.21 -4.68 -55.57
CA ALA V 465 -9.56 -5.77 -56.47
C ALA V 465 -10.52 -6.75 -55.81
N SER V 466 -11.30 -7.43 -56.65
CA SER V 466 -12.30 -8.39 -56.17
C SER V 466 -11.68 -9.65 -55.58
N ILE V 467 -10.42 -9.93 -55.89
CA ILE V 467 -9.70 -11.07 -55.33
C ILE V 467 -8.26 -10.64 -55.06
N PRO V 468 -7.51 -11.42 -54.26
CA PRO V 468 -6.17 -10.97 -53.87
C PRO V 468 -5.10 -11.13 -54.95
N THR V 469 -5.38 -11.84 -56.02
CA THR V 469 -4.41 -12.16 -57.06
C THR V 469 -4.09 -11.08 -58.10
N PRO V 470 -5.03 -10.24 -58.53
CA PRO V 470 -4.74 -9.35 -59.67
C PRO V 470 -3.70 -8.28 -59.38
N GLN V 471 -3.15 -7.76 -60.47
CA GLN V 471 -1.99 -6.90 -60.48
C GLN V 471 -2.33 -5.47 -60.05
N PRO V 472 -1.35 -4.71 -59.57
CA PRO V 472 0.04 -5.13 -59.32
C PRO V 472 0.20 -5.90 -58.02
N VAL V 473 1.01 -6.96 -58.06
CA VAL V 473 1.26 -7.81 -56.90
C VAL V 473 2.67 -7.51 -56.41
N TYR V 474 2.79 -7.12 -55.15
CA TYR V 474 4.10 -6.98 -54.52
C TYR V 474 3.96 -7.30 -53.04
N TYR V 475 5.07 -7.27 -52.33
CA TYR V 475 5.08 -7.66 -50.93
C TYR V 475 4.56 -6.51 -50.07
N ARG V 476 3.54 -6.80 -49.28
CA ARG V 476 2.88 -5.81 -48.45
C ARG V 476 2.85 -6.29 -47.02
N GLU V 477 2.87 -5.35 -46.10
CA GLU V 477 2.82 -5.67 -44.68
C GLU V 477 1.45 -6.24 -44.33
N MET V 478 1.44 -7.33 -43.60
CA MET V 478 0.21 -7.95 -43.12
C MET V 478 -0.05 -7.52 -41.68
N PHE V 479 -1.01 -8.18 -41.04
CA PHE V 479 -1.51 -7.67 -39.77
C PHE V 479 -0.53 -7.88 -38.62
N ALA V 480 0.29 -8.92 -38.66
CA ALA V 480 1.30 -9.11 -37.62
C ALA V 480 2.38 -8.03 -37.67
N HIS V 481 2.41 -7.23 -38.73
CA HIS V 481 3.35 -6.15 -38.94
C HIS V 481 2.92 -4.84 -38.30
N HIS V 482 1.75 -4.77 -37.67
CA HIS V 482 1.12 -3.50 -37.33
C HIS V 482 0.60 -3.48 -35.90
N GLY V 483 0.40 -2.27 -35.40
CA GLY V 483 -0.21 -2.05 -34.10
C GLY V 483 0.60 -2.63 -32.98
N LYS V 484 -0.09 -3.18 -31.98
CA LYS V 484 0.54 -3.89 -30.89
C LYS V 484 0.75 -5.37 -31.21
N ALA V 485 0.30 -5.83 -32.37
CA ALA V 485 0.51 -7.21 -32.77
C ALA V 485 1.98 -7.49 -33.05
N LYS V 486 2.72 -6.50 -33.56
CA LYS V 486 4.12 -6.72 -33.88
C LYS V 486 4.96 -6.97 -32.63
N TYR V 487 4.52 -6.49 -31.47
CA TYR V 487 5.25 -6.77 -30.23
C TYR V 487 5.15 -8.23 -29.84
N ASP V 488 4.04 -8.89 -30.17
CA ASP V 488 3.88 -10.30 -29.85
C ASP V 488 4.57 -11.20 -30.85
N ALA V 489 4.82 -10.73 -32.07
CA ALA V 489 5.35 -11.55 -33.13
C ALA V 489 6.87 -11.49 -33.24
N ASN V 490 7.52 -10.61 -32.50
CA ASN V 490 8.93 -10.31 -32.73
C ASN V 490 9.72 -10.46 -31.44
N ILE V 491 10.96 -10.89 -31.58
CA ILE V 491 11.87 -11.12 -30.46
C ILE V 491 13.04 -10.17 -30.57
N THR V 492 13.44 -9.59 -29.44
CA THR V 492 14.72 -8.96 -29.29
C THR V 492 15.60 -9.87 -28.46
N PHE V 493 16.67 -10.38 -29.06
CA PHE V 493 17.60 -11.25 -28.34
C PHE V 493 18.59 -10.40 -27.55
N VAL V 494 18.82 -10.78 -26.29
CA VAL V 494 19.79 -10.12 -25.43
C VAL V 494 20.65 -11.18 -24.77
N SER V 495 21.65 -10.72 -24.03
CA SER V 495 22.47 -11.64 -23.25
C SER V 495 21.70 -12.11 -22.02
N GLN V 496 22.13 -13.24 -21.48
CA GLN V 496 21.53 -13.77 -20.27
C GLN V 496 21.67 -12.78 -19.11
N ALA V 497 22.81 -12.11 -19.02
CA ALA V 497 23.04 -11.16 -17.95
C ALA V 497 22.07 -9.98 -18.03
N ALA V 498 21.90 -9.41 -19.21
CA ALA V 498 20.97 -8.30 -19.38
C ALA V 498 19.54 -8.75 -19.12
N TYR V 499 19.19 -9.94 -19.57
CA TYR V 499 17.86 -10.48 -19.32
C TYR V 499 17.59 -10.64 -17.83
N ASP V 500 18.59 -11.12 -17.08
CA ASP V 500 18.41 -11.30 -15.65
C ASP V 500 18.29 -9.99 -14.90
N LYS V 501 18.88 -8.92 -15.43
CA LYS V 501 18.80 -7.61 -14.81
C LYS V 501 17.56 -6.83 -15.22
N GLY V 502 16.63 -7.45 -15.95
CA GLY V 502 15.41 -6.78 -16.36
C GLY V 502 15.60 -5.70 -17.39
N ILE V 503 16.38 -5.99 -18.44
CA ILE V 503 16.60 -5.05 -19.52
C ILE V 503 15.28 -4.69 -20.19
N LYS V 504 14.35 -5.64 -20.25
CA LYS V 504 13.06 -5.38 -20.88
C LYS V 504 12.29 -4.30 -20.13
N GLU V 505 12.22 -4.41 -18.80
CA GLU V 505 11.47 -3.46 -18.00
C GLU V 505 12.22 -2.15 -17.81
N GLU V 506 13.55 -2.20 -17.76
CA GLU V 506 14.33 -0.98 -17.61
C GLU V 506 14.19 -0.08 -18.82
N LEU V 507 14.21 -0.64 -20.02
CA LEU V 507 14.13 0.14 -21.24
C LEU V 507 12.70 0.27 -21.76
N GLY V 508 11.72 -0.33 -21.09
CA GLY V 508 10.35 -0.25 -21.55
C GLY V 508 10.09 -0.91 -22.88
N LEU V 509 10.69 -2.08 -23.12
CA LEU V 509 10.56 -2.78 -24.38
C LEU V 509 9.31 -3.64 -24.38
N GLU V 510 8.54 -3.56 -25.46
CA GLU V 510 7.30 -4.31 -25.56
C GLU V 510 7.43 -5.57 -26.40
N ARG V 511 8.50 -5.72 -27.17
CA ARG V 511 8.77 -6.97 -27.86
C ARG V 511 9.09 -8.06 -26.85
N GLN V 512 9.00 -9.31 -27.30
CA GLN V 512 9.53 -10.40 -26.51
C GLN V 512 11.04 -10.25 -26.38
N VAL V 513 11.55 -10.52 -25.19
CA VAL V 513 12.98 -10.43 -24.91
C VAL V 513 13.45 -11.80 -24.46
N LEU V 514 14.40 -12.37 -25.20
CA LEU V 514 14.91 -13.71 -24.92
C LEU V 514 16.42 -13.70 -24.81
N PRO V 515 16.99 -14.52 -23.93
CA PRO V 515 18.44 -14.60 -23.80
C PRO V 515 19.08 -15.61 -24.75
N VAL V 516 20.25 -15.25 -25.26
CA VAL V 516 21.06 -16.20 -26.03
C VAL V 516 21.79 -17.11 -25.05
N LYS V 517 22.11 -18.31 -25.50
CA LYS V 517 22.72 -19.30 -24.64
C LYS V 517 23.47 -20.33 -25.46
N ASN V 518 24.46 -20.95 -24.84
CA ASN V 518 25.27 -22.02 -25.44
C ASN V 518 26.10 -21.51 -26.61
N CYS V 519 26.83 -20.42 -26.37
CA CYS V 519 27.67 -19.81 -27.39
C CYS V 519 29.12 -20.21 -27.30
N ARG V 520 29.60 -20.65 -26.13
CA ARG V 520 31.02 -20.84 -25.91
C ARG V 520 31.47 -22.28 -26.04
N ASN V 521 30.54 -23.25 -26.03
CA ASN V 521 30.91 -24.66 -26.01
C ASN V 521 30.64 -25.34 -27.35
N ILE V 522 30.54 -24.57 -28.42
CA ILE V 522 30.28 -25.11 -29.74
C ILE V 522 31.55 -24.99 -30.58
N THR V 523 31.75 -25.96 -31.47
CA THR V 523 32.86 -25.91 -32.40
C THR V 523 32.37 -26.13 -33.82
N LYS V 524 33.31 -26.25 -34.75
CA LYS V 524 32.98 -26.54 -36.14
C LYS V 524 32.18 -27.84 -36.26
N LYS V 525 32.33 -28.75 -35.31
CA LYS V 525 31.60 -30.00 -35.33
C LYS V 525 30.11 -29.84 -35.00
N ASP V 526 29.69 -28.67 -34.53
CA ASP V 526 28.30 -28.43 -34.20
C ASP V 526 27.51 -27.84 -35.35
N MET V 527 28.12 -27.66 -36.51
CA MET V 527 27.41 -27.15 -37.68
C MET V 527 26.80 -28.30 -38.45
N GLN V 528 25.52 -28.18 -38.79
CA GLN V 528 24.83 -29.26 -39.47
C GLN V 528 25.26 -29.31 -40.93
N PHE V 529 25.70 -30.49 -41.36
CA PHE V 529 26.07 -30.78 -42.75
C PHE V 529 27.27 -29.97 -43.21
N ASN V 530 27.79 -29.10 -42.36
CA ASN V 530 29.03 -28.36 -42.66
C ASN V 530 29.92 -28.47 -41.43
N ASP V 531 30.61 -29.60 -41.30
CA ASP V 531 31.48 -29.81 -40.14
C ASP V 531 32.84 -30.33 -40.57
N THR V 532 33.24 -30.08 -41.81
CA THR V 532 34.47 -30.61 -42.35
C THR V 532 35.64 -29.76 -41.88
N THR V 533 36.55 -30.36 -41.11
CA THR V 533 37.79 -29.73 -40.73
C THR V 533 38.91 -30.30 -41.58
N ALA V 534 39.85 -29.44 -41.98
CA ALA V 534 40.92 -29.86 -42.85
C ALA V 534 42.09 -28.89 -42.68
N HIS V 535 43.26 -29.34 -43.10
CA HIS V 535 44.43 -28.50 -43.11
C HIS V 535 44.44 -27.70 -44.41
N ILE V 536 44.30 -26.38 -44.30
CA ILE V 536 44.24 -25.51 -45.46
C ILE V 536 45.56 -24.74 -45.54
N GLU V 537 46.20 -24.83 -46.70
CA GLU V 537 47.42 -24.10 -46.98
C GLU V 537 47.18 -23.13 -48.12
N VAL V 538 47.73 -21.94 -48.01
CA VAL V 538 47.63 -20.91 -49.04
C VAL V 538 49.04 -20.55 -49.47
N ASN V 539 49.28 -20.57 -50.76
CA ASN V 539 50.59 -20.22 -51.29
C ASN V 539 50.83 -18.72 -51.13
N PRO V 540 51.90 -18.29 -50.46
CA PRO V 540 52.12 -16.86 -50.30
C PRO V 540 52.33 -16.12 -51.62
N GLU V 541 52.79 -16.79 -52.66
CA GLU V 541 53.08 -16.14 -53.94
C GLU V 541 51.94 -16.28 -54.93
N THR V 542 51.54 -17.50 -55.25
CA THR V 542 50.50 -17.72 -56.25
C THR V 542 49.10 -17.61 -55.69
N TYR V 543 48.95 -17.52 -54.37
CA TYR V 543 47.66 -17.40 -53.70
C TYR V 543 46.78 -18.62 -53.92
N HIS V 544 47.35 -19.74 -54.36
CA HIS V 544 46.58 -20.95 -54.54
C HIS V 544 46.23 -21.56 -53.20
N VAL V 545 45.09 -22.26 -53.17
CA VAL V 545 44.55 -22.83 -51.95
C VAL V 545 44.59 -24.34 -52.06
N PHE V 546 45.17 -24.98 -51.06
CA PHE V 546 45.27 -26.44 -50.98
C PHE V 546 44.56 -26.92 -49.73
N VAL V 547 43.66 -27.88 -49.89
CA VAL V 547 42.97 -28.52 -48.77
C VAL V 547 43.48 -29.94 -48.68
N ASP V 548 44.11 -30.27 -47.55
CA ASP V 548 44.66 -31.60 -47.32
C ASP V 548 45.62 -32.01 -48.44
N GLY V 549 46.38 -31.04 -48.94
CA GLY V 549 47.39 -31.29 -49.94
C GLY V 549 46.94 -31.18 -51.38
N LYS V 550 45.64 -31.07 -51.63
CA LYS V 550 45.13 -31.02 -52.98
C LYS V 550 44.60 -29.62 -53.28
N GLU V 551 44.89 -29.13 -54.48
CA GLU V 551 44.48 -27.80 -54.87
C GLU V 551 42.97 -27.73 -55.04
N VAL V 552 42.38 -26.66 -54.52
CA VAL V 552 40.94 -26.44 -54.55
C VAL V 552 40.67 -25.17 -55.34
N THR V 553 39.83 -25.28 -56.37
CA THR V 553 39.48 -24.12 -57.18
C THR V 553 38.15 -24.39 -57.84
N SER V 554 37.53 -23.31 -58.31
CA SER V 554 36.31 -23.40 -59.09
C SER V 554 36.43 -22.48 -60.29
N LYS V 555 35.65 -22.74 -61.29
CA LYS V 555 35.75 -21.83 -62.41
C LYS V 555 34.60 -20.82 -62.39
N PRO V 556 34.81 -19.62 -62.92
CA PRO V 556 33.75 -18.61 -62.87
C PRO V 556 32.59 -18.96 -63.77
N ALA V 557 31.43 -18.41 -63.42
CA ALA V 557 30.19 -18.63 -64.17
C ALA V 557 29.87 -17.38 -64.99
N ASN V 558 29.55 -17.60 -66.26
CA ASN V 558 29.12 -16.51 -67.12
C ASN V 558 27.62 -16.26 -67.05
N LYS V 559 26.88 -17.11 -66.35
CA LYS V 559 25.44 -16.97 -66.19
C LYS V 559 25.02 -17.81 -65.00
N VAL V 560 24.14 -17.26 -64.17
CA VAL V 560 23.66 -17.96 -62.99
C VAL V 560 22.15 -18.12 -63.12
N SER V 561 21.61 -19.04 -62.34
CA SER V 561 20.18 -19.17 -62.24
C SER V 561 19.64 -18.22 -61.19
N LEU V 562 18.31 -18.10 -61.16
CA LEU V 562 17.59 -17.28 -60.18
C LEU V 562 17.96 -15.81 -60.25
N ALA V 563 18.40 -15.31 -61.42
CA ALA V 563 18.79 -13.91 -61.49
C ALA V 563 17.92 -13.09 -62.43
N GLN V 564 17.98 -13.30 -63.74
CA GLN V 564 17.31 -12.40 -64.67
C GLN V 564 15.95 -12.91 -65.09
N LEU V 565 15.64 -14.16 -64.77
CA LEU V 565 14.34 -14.72 -65.06
C LEU V 565 13.27 -14.19 -64.10
N PHE V 566 13.66 -13.72 -62.92
CA PHE V 566 12.73 -13.47 -61.84
C PHE V 566 12.59 -12.01 -61.46
N SER V 567 13.45 -11.12 -61.94
CA SER V 567 13.48 -9.75 -61.47
C SER V 567 13.45 -8.79 -62.64
N ILE V 568 12.70 -7.69 -62.49
CA ILE V 568 12.69 -6.66 -63.52
C ILE V 568 13.95 -5.80 -63.48
N PHE V 569 14.62 -5.73 -62.34
CA PHE V 569 15.85 -4.97 -62.23
C PHE V 569 16.88 -5.77 -61.43
N MET W 1 -59.71 -1.47 -38.56
CA MET W 1 -60.15 -0.08 -38.60
C MET W 1 -61.53 0.08 -38.02
N LYS W 2 -61.62 0.79 -36.89
CA LYS W 2 -62.87 1.02 -36.20
C LYS W 2 -62.97 2.49 -35.82
N LYS W 3 -64.20 2.97 -35.66
CA LYS W 3 -64.46 4.34 -35.25
C LYS W 3 -64.77 4.39 -33.77
N ILE W 4 -64.16 5.33 -33.06
CA ILE W 4 -64.38 5.53 -31.63
C ILE W 4 -64.82 6.96 -31.41
N SER W 5 -65.90 7.14 -30.68
CA SER W 5 -66.37 8.50 -30.38
C SER W 5 -65.35 9.21 -29.50
N ARG W 6 -65.22 10.52 -29.73
CA ARG W 6 -64.23 11.31 -29.00
C ARG W 6 -64.47 11.24 -27.50
N LYS W 7 -65.73 11.18 -27.07
CA LYS W 7 -66.03 11.17 -25.65
C LYS W 7 -65.43 9.94 -24.97
N GLU W 8 -65.71 8.75 -25.50
CA GLU W 8 -65.19 7.55 -24.86
C GLU W 8 -63.69 7.42 -25.03
N TYR W 9 -63.16 7.90 -26.16
CA TYR W 9 -61.71 7.89 -26.34
C TYR W 9 -61.03 8.75 -25.29
N VAL W 10 -61.56 9.95 -25.03
CA VAL W 10 -60.95 10.83 -24.05
C VAL W 10 -61.13 10.27 -22.64
N SER W 11 -62.27 9.62 -22.38
CA SER W 11 -62.44 9.00 -21.07
C SER W 11 -61.47 7.86 -20.86
N MET W 12 -61.05 7.17 -21.92
CA MET W 12 -60.12 6.07 -21.75
C MET W 12 -58.66 6.53 -21.72
N TYR W 13 -58.28 7.47 -22.56
CA TYR W 13 -56.86 7.80 -22.72
C TYR W 13 -56.53 9.27 -22.50
N GLY W 14 -57.50 10.11 -22.19
CA GLY W 14 -57.26 11.53 -22.03
C GLY W 14 -57.50 12.30 -23.31
N PRO W 15 -57.40 13.62 -23.22
CA PRO W 15 -57.64 14.46 -24.41
C PRO W 15 -56.59 14.20 -25.49
N THR W 16 -57.01 14.38 -26.74
CA THR W 16 -56.14 14.20 -27.88
C THR W 16 -56.06 15.51 -28.66
N THR W 17 -55.42 15.48 -29.83
CA THR W 17 -55.18 16.70 -30.58
C THR W 17 -56.48 17.43 -30.89
N GLY W 18 -56.49 18.73 -30.61
CA GLY W 18 -57.63 19.57 -30.84
C GLY W 18 -58.57 19.69 -29.66
N ASP W 19 -58.48 18.79 -28.69
CA ASP W 19 -59.28 18.91 -27.48
C ASP W 19 -58.74 20.02 -26.59
N LYS W 20 -59.62 20.56 -25.76
CA LYS W 20 -59.29 21.65 -24.87
C LYS W 20 -59.69 21.28 -23.45
N VAL W 21 -58.91 21.74 -22.48
CA VAL W 21 -59.16 21.46 -21.08
C VAL W 21 -59.02 22.72 -20.26
N ARG W 22 -59.97 22.96 -19.37
CA ARG W 22 -59.87 24.07 -18.43
C ARG W 22 -58.83 23.77 -17.35
N LEU W 23 -58.07 24.78 -16.97
CA LEU W 23 -57.04 24.65 -15.95
C LEU W 23 -57.63 25.12 -14.62
N GLY W 24 -57.81 24.18 -13.69
CA GLY W 24 -58.38 24.51 -12.40
C GLY W 24 -59.77 25.11 -12.56
N ASP W 25 -60.10 26.06 -11.69
CA ASP W 25 -61.34 26.81 -11.79
C ASP W 25 -61.13 28.16 -12.47
N THR W 26 -60.06 28.30 -13.25
CA THR W 26 -59.77 29.56 -13.92
C THR W 26 -60.52 29.62 -15.25
N ASP W 27 -60.19 30.63 -16.05
CA ASP W 27 -60.72 30.76 -17.40
C ASP W 27 -59.69 30.41 -18.46
N LEU W 28 -58.50 29.96 -18.07
CA LEU W 28 -57.47 29.60 -19.03
C LEU W 28 -57.76 28.25 -19.65
N ILE W 29 -57.72 28.18 -20.97
CA ILE W 29 -58.08 26.99 -21.72
C ILE W 29 -56.83 26.50 -22.45
N ALA W 30 -56.46 25.25 -22.21
CA ALA W 30 -55.30 24.64 -22.85
C ALA W 30 -55.77 23.72 -23.96
N GLU W 31 -55.17 23.84 -25.13
CA GLU W 31 -55.49 23.01 -26.28
C GLU W 31 -54.32 22.09 -26.57
N VAL W 32 -54.61 20.80 -26.75
CA VAL W 32 -53.58 19.83 -27.10
C VAL W 32 -53.12 20.10 -28.53
N GLU W 33 -51.84 20.38 -28.69
CA GLU W 33 -51.31 20.78 -29.99
C GLU W 33 -50.97 19.58 -30.86
N HIS W 34 -50.45 18.52 -30.26
CA HIS W 34 -49.98 17.36 -31.00
C HIS W 34 -50.08 16.13 -30.12
N ASP W 35 -50.15 14.97 -30.77
CA ASP W 35 -50.23 13.69 -30.08
C ASP W 35 -49.21 12.75 -30.67
N TYR W 36 -48.43 12.10 -29.81
CA TYR W 36 -47.40 11.15 -30.24
C TYR W 36 -47.91 9.73 -30.35
N THR W 37 -49.21 9.51 -30.15
CA THR W 37 -49.71 8.16 -30.07
C THR W 37 -50.14 7.64 -31.44
N ILE W 38 -50.16 6.33 -31.57
CA ILE W 38 -50.77 5.67 -32.71
C ILE W 38 -52.14 5.17 -32.26
N TYR W 39 -53.18 5.67 -32.90
CA TYR W 39 -54.54 5.35 -32.50
C TYR W 39 -54.80 3.87 -32.62
N GLY W 40 -55.19 3.25 -31.50
CA GLY W 40 -55.32 1.82 -31.41
C GLY W 40 -54.16 1.11 -30.74
N GLU W 41 -53.11 1.85 -30.35
CA GLU W 41 -51.93 1.25 -29.74
C GLU W 41 -51.60 1.87 -28.39
N GLU W 42 -52.58 2.49 -27.74
CA GLU W 42 -52.32 3.21 -26.50
C GLU W 42 -51.91 2.26 -25.38
N LEU W 43 -51.08 2.76 -24.47
CA LEU W 43 -50.61 1.99 -23.33
C LEU W 43 -51.59 2.16 -22.17
N LYS W 44 -52.17 1.06 -21.73
CA LYS W 44 -53.08 1.05 -20.58
C LYS W 44 -52.64 -0.04 -19.63
N PHE W 45 -52.65 0.27 -18.34
CA PHE W 45 -52.29 -0.70 -17.32
C PHE W 45 -53.51 -1.13 -16.53
N GLY W 46 -53.58 -2.41 -16.24
CA GLY W 46 -54.70 -2.96 -15.52
C GLY W 46 -54.91 -4.41 -15.91
N GLY W 47 -55.98 -4.99 -15.38
CA GLY W 47 -56.31 -6.37 -15.68
C GLY W 47 -56.86 -6.49 -17.10
N GLY W 48 -56.26 -7.35 -17.91
CA GLY W 48 -56.69 -7.55 -19.27
C GLY W 48 -56.32 -6.46 -20.24
N LYS W 49 -55.45 -5.55 -19.85
CA LYS W 49 -55.09 -4.40 -20.67
C LYS W 49 -53.79 -4.66 -21.41
N THR W 50 -53.23 -3.61 -22.01
CA THR W 50 -52.15 -3.77 -22.96
C THR W 50 -50.79 -3.94 -22.31
N LEU W 51 -50.54 -3.29 -21.19
CA LEU W 51 -49.22 -3.30 -20.57
C LEU W 51 -48.91 -4.62 -19.90
N ARG W 52 -48.80 -5.68 -20.69
CA ARG W 52 -48.61 -7.03 -20.17
C ARG W 52 -47.52 -7.73 -20.97
N GLU W 53 -46.99 -8.78 -20.36
CA GLU W 53 -45.91 -9.55 -20.94
C GLU W 53 -46.27 -10.03 -22.34
N GLY W 54 -45.46 -9.62 -23.32
CA GLY W 54 -45.65 -10.04 -24.69
C GLY W 54 -46.53 -9.15 -25.53
N MET W 55 -47.18 -8.15 -24.96
CA MET W 55 -48.04 -7.26 -25.75
C MET W 55 -47.49 -5.84 -25.81
N SER W 56 -47.39 -5.16 -24.67
CA SER W 56 -46.80 -3.84 -24.60
C SER W 56 -45.55 -3.79 -23.74
N GLN W 57 -45.40 -4.72 -22.81
CA GLN W 57 -44.11 -4.99 -22.19
C GLN W 57 -43.39 -6.01 -23.05
N SER W 58 -42.17 -5.69 -23.47
CA SER W 58 -41.43 -6.55 -24.36
C SER W 58 -40.85 -7.75 -23.63
N ASN W 59 -40.89 -8.90 -24.29
CA ASN W 59 -40.17 -10.07 -23.82
C ASN W 59 -38.73 -10.09 -24.33
N ASN W 60 -38.38 -9.22 -25.26
CA ASN W 60 -37.02 -9.05 -25.75
C ASN W 60 -36.72 -7.57 -25.78
N PRO W 61 -36.58 -6.93 -24.62
CA PRO W 61 -36.47 -5.48 -24.58
C PRO W 61 -35.14 -5.00 -25.12
N SER W 62 -35.12 -3.73 -25.51
CA SER W 62 -33.85 -3.10 -25.85
C SER W 62 -32.99 -2.96 -24.60
N LYS W 63 -31.74 -2.59 -24.80
CA LYS W 63 -30.84 -2.40 -23.67
C LYS W 63 -31.05 -1.08 -22.95
N GLU W 64 -31.78 -0.14 -23.56
CA GLU W 64 -32.15 1.12 -22.93
C GLU W 64 -33.53 1.03 -22.31
N GLU W 65 -33.86 -0.13 -21.75
CA GLU W 65 -35.15 -0.39 -21.14
C GLU W 65 -35.45 0.62 -20.03
N LEU W 66 -36.68 1.10 -20.00
CA LEU W 66 -37.08 2.14 -19.06
C LEU W 66 -37.26 1.59 -17.65
N ASP W 67 -36.99 2.44 -16.66
CA ASP W 67 -37.34 2.12 -15.29
C ASP W 67 -38.80 2.44 -15.00
N LEU W 68 -39.27 3.55 -15.55
CA LEU W 68 -40.60 4.08 -15.29
C LEU W 68 -41.13 4.69 -16.58
N ILE W 69 -42.40 4.47 -16.87
CA ILE W 69 -43.06 5.11 -18.00
C ILE W 69 -44.37 5.71 -17.52
N ILE W 70 -44.64 6.93 -17.96
CA ILE W 70 -45.90 7.62 -17.70
C ILE W 70 -46.69 7.61 -18.99
N THR W 71 -47.83 6.94 -18.99
CA THR W 71 -48.58 6.72 -20.21
C THR W 71 -49.65 7.78 -20.39
N ASN W 72 -49.80 8.24 -21.63
CA ASN W 72 -50.93 9.09 -22.04
C ASN W 72 -50.97 10.40 -21.26
N ALA W 73 -49.80 10.97 -21.02
CA ALA W 73 -49.68 12.20 -20.25
C ALA W 73 -49.88 13.42 -21.14
N LEU W 74 -50.62 14.39 -20.64
CA LEU W 74 -50.70 15.70 -21.26
C LEU W 74 -49.58 16.56 -20.69
N ILE W 75 -48.58 16.85 -21.51
CA ILE W 75 -47.43 17.64 -21.08
C ILE W 75 -47.74 19.11 -21.27
N VAL W 76 -47.61 19.89 -20.20
CA VAL W 76 -47.69 21.34 -20.28
C VAL W 76 -46.31 21.86 -19.94
N ASP W 77 -45.64 22.38 -20.95
CA ASP W 77 -44.25 22.81 -20.86
C ASP W 77 -44.12 24.06 -21.72
N TYR W 78 -43.02 24.78 -21.55
CA TYR W 78 -42.79 25.93 -22.43
C TYR W 78 -42.49 25.48 -23.85
N THR W 79 -42.04 24.24 -24.03
CA THR W 79 -41.81 23.71 -25.37
C THR W 79 -43.08 23.28 -26.07
N GLY W 80 -44.21 23.20 -25.37
CA GLY W 80 -45.47 22.90 -26.03
C GLY W 80 -46.43 22.22 -25.09
N ILE W 81 -47.67 22.11 -25.56
CA ILE W 81 -48.75 21.46 -24.83
C ILE W 81 -49.22 20.30 -25.70
N TYR W 82 -48.86 19.08 -25.33
CA TYR W 82 -49.05 17.94 -26.22
C TYR W 82 -49.16 16.66 -25.40
N LYS W 83 -49.63 15.61 -26.05
CA LYS W 83 -49.80 14.29 -25.45
C LYS W 83 -48.67 13.37 -25.87
N ALA W 84 -48.08 12.67 -24.90
CA ALA W 84 -47.02 11.72 -25.17
C ALA W 84 -46.89 10.77 -23.99
N ASP W 85 -46.00 9.80 -24.14
CA ASP W 85 -45.55 8.97 -23.04
C ASP W 85 -44.17 9.45 -22.61
N ILE W 86 -43.95 9.52 -21.31
CA ILE W 86 -42.67 9.94 -20.76
C ILE W 86 -41.98 8.72 -20.18
N GLY W 87 -40.78 8.45 -20.65
CA GLY W 87 -39.96 7.36 -20.14
C GLY W 87 -38.83 7.91 -19.28
N ILE W 88 -38.63 7.27 -18.13
CA ILE W 88 -37.62 7.67 -17.16
C ILE W 88 -36.63 6.53 -17.01
N LYS W 89 -35.35 6.83 -17.14
CA LYS W 89 -34.30 5.85 -16.93
C LYS W 89 -33.14 6.50 -16.19
N ASP W 90 -32.81 5.95 -15.02
CA ASP W 90 -31.65 6.38 -14.23
C ASP W 90 -31.76 7.83 -13.79
N GLY W 91 -32.95 8.24 -13.36
CA GLY W 91 -33.16 9.57 -12.85
C GLY W 91 -33.30 10.65 -13.88
N LYS W 92 -33.10 10.34 -15.15
CA LYS W 92 -33.23 11.31 -16.22
C LYS W 92 -34.48 10.99 -17.04
N ILE W 93 -34.92 11.98 -17.81
CA ILE W 93 -35.96 11.76 -18.80
C ILE W 93 -35.30 11.12 -20.02
N ALA W 94 -35.63 9.85 -20.27
CA ALA W 94 -34.99 9.11 -21.34
C ALA W 94 -35.66 9.30 -22.69
N GLY W 95 -36.97 9.50 -22.72
CA GLY W 95 -37.66 9.66 -23.99
C GLY W 95 -39.03 10.26 -23.81
N ILE W 96 -39.49 10.93 -24.87
CA ILE W 96 -40.83 11.49 -24.94
C ILE W 96 -41.41 11.05 -26.27
N GLY W 97 -42.54 10.34 -26.23
CA GLY W 97 -43.11 9.89 -27.48
C GLY W 97 -44.09 8.74 -27.34
N LYS W 98 -43.93 7.72 -28.18
CA LYS W 98 -44.94 6.68 -28.25
C LYS W 98 -44.82 5.67 -27.12
N GLY W 99 -43.69 4.98 -27.02
CA GLY W 99 -43.51 4.04 -25.94
C GLY W 99 -44.26 2.74 -26.10
N GLY W 100 -43.61 1.63 -25.76
CA GLY W 100 -44.27 0.34 -25.91
C GLY W 100 -43.35 -0.80 -26.26
N ASN W 101 -43.85 -1.76 -27.02
CA ASN W 101 -43.13 -2.97 -27.37
C ASN W 101 -42.95 -3.03 -28.87
N LYS W 102 -41.71 -3.09 -29.32
CA LYS W 102 -41.39 -3.12 -30.74
C LYS W 102 -41.79 -4.44 -31.39
N ASP W 103 -41.94 -5.51 -30.61
CA ASP W 103 -42.36 -6.80 -31.17
C ASP W 103 -43.79 -6.77 -31.68
N MET W 104 -44.66 -5.97 -31.08
CA MET W 104 -46.07 -5.99 -31.39
C MET W 104 -46.62 -4.65 -31.86
N GLN W 105 -45.82 -3.59 -31.89
CA GLN W 105 -46.30 -2.25 -32.19
C GLN W 105 -45.30 -1.54 -33.09
N ASP W 106 -45.81 -0.62 -33.90
CA ASP W 106 -45.05 -0.08 -35.02
C ASP W 106 -44.03 0.98 -34.60
N GLY W 107 -44.49 2.09 -34.04
CA GLY W 107 -43.60 3.23 -33.87
C GLY W 107 -42.89 3.36 -32.55
N VAL W 108 -42.10 2.37 -32.16
CA VAL W 108 -41.45 2.34 -30.86
C VAL W 108 -39.94 2.44 -31.08
N LYS W 109 -39.32 3.46 -30.51
CA LYS W 109 -37.88 3.66 -30.58
C LYS W 109 -37.20 3.09 -29.35
N ASN W 110 -35.89 2.81 -29.49
CA ASN W 110 -35.18 2.04 -28.47
C ASN W 110 -35.17 2.75 -27.12
N ASN W 111 -35.25 4.08 -27.10
CA ASN W 111 -35.23 4.80 -25.84
C ASN W 111 -36.58 4.80 -25.13
N LEU W 112 -37.63 4.30 -25.76
CA LEU W 112 -38.96 4.27 -25.16
C LEU W 112 -39.48 2.85 -25.02
N SER W 113 -38.57 1.89 -24.86
CA SER W 113 -38.94 0.48 -24.80
C SER W 113 -39.39 0.09 -23.39
N VAL W 114 -40.57 -0.51 -23.30
CA VAL W 114 -41.09 -1.02 -22.05
C VAL W 114 -40.73 -2.50 -21.96
N GLY W 115 -40.04 -2.86 -20.90
CA GLY W 115 -39.68 -4.23 -20.67
C GLY W 115 -40.05 -4.68 -19.28
N PRO W 116 -39.51 -5.82 -18.86
CA PRO W 116 -39.82 -6.34 -17.52
C PRO W 116 -39.31 -5.49 -16.39
N ALA W 117 -38.37 -4.59 -16.62
CA ALA W 117 -37.83 -3.73 -15.57
C ALA W 117 -38.58 -2.42 -15.42
N THR W 118 -39.67 -2.21 -16.14
CA THR W 118 -40.35 -0.93 -16.20
C THR W 118 -41.53 -0.90 -15.24
N GLU W 119 -41.64 0.18 -14.47
CA GLU W 119 -42.82 0.46 -13.67
C GLU W 119 -43.78 1.32 -14.48
N ALA W 120 -45.07 1.11 -14.24
CA ALA W 120 -46.12 1.81 -14.98
C ALA W 120 -46.78 2.86 -14.11
N LEU W 121 -46.88 4.08 -14.62
CA LEU W 121 -47.62 5.16 -14.00
C LEU W 121 -48.63 5.68 -14.99
N ALA W 122 -49.91 5.60 -14.63
CA ALA W 122 -50.97 6.04 -15.53
C ALA W 122 -51.11 7.55 -15.47
N GLY W 123 -51.13 8.17 -16.65
CA GLY W 123 -51.26 9.61 -16.70
C GLY W 123 -52.43 10.07 -17.54
N GLU W 124 -53.29 9.15 -17.95
CA GLU W 124 -54.44 9.52 -18.76
C GLU W 124 -55.36 10.44 -17.99
N GLY W 125 -55.75 11.54 -18.62
CA GLY W 125 -56.53 12.55 -17.96
C GLY W 125 -55.77 13.42 -16.99
N LEU W 126 -54.44 13.35 -16.98
CA LEU W 126 -53.62 14.12 -16.07
C LEU W 126 -52.67 15.01 -16.85
N ILE W 127 -52.14 16.01 -16.15
CA ILE W 127 -51.19 16.97 -16.70
C ILE W 127 -49.84 16.73 -16.06
N VAL W 128 -48.78 16.77 -16.86
CA VAL W 128 -47.42 16.69 -16.37
C VAL W 128 -46.73 18.00 -16.69
N THR W 129 -46.22 18.66 -15.66
CA THR W 129 -45.34 19.81 -15.79
C THR W 129 -44.02 19.52 -15.11
N ALA W 130 -43.03 20.35 -15.40
CA ALA W 130 -41.78 20.29 -14.66
C ALA W 130 -41.99 20.76 -13.24
N GLY W 131 -41.13 20.29 -12.33
CA GLY W 131 -41.15 20.79 -10.98
C GLY W 131 -40.85 22.28 -10.94
N GLY W 132 -41.52 22.99 -10.04
CA GLY W 132 -41.29 24.40 -9.89
C GLY W 132 -39.94 24.72 -9.29
N ILE W 133 -39.45 25.92 -9.58
CA ILE W 133 -38.17 26.39 -9.07
C ILE W 133 -38.40 27.71 -8.37
N ASP W 134 -38.11 27.75 -7.08
CA ASP W 134 -38.27 28.95 -6.27
C ASP W 134 -36.89 29.50 -5.96
N THR W 135 -36.63 30.74 -6.38
CA THR W 135 -35.29 31.31 -6.32
C THR W 135 -35.17 32.43 -5.30
N HIS W 136 -36.14 32.63 -4.43
CA HIS W 136 -36.11 33.68 -3.41
C HIS W 136 -36.48 33.11 -2.05
N ILE W 137 -35.79 32.06 -1.64
CA ILE W 137 -36.06 31.38 -0.37
C ILE W 137 -35.25 32.02 0.74
N HIS W 138 -35.94 32.45 1.80
CA HIS W 138 -35.29 32.73 3.08
C HIS W 138 -35.31 31.44 3.89
N PHE W 139 -34.16 30.82 4.08
CA PHE W 139 -34.07 29.58 4.84
C PHE W 139 -34.23 29.90 6.32
N ILE W 140 -35.47 30.15 6.71
CA ILE W 140 -35.81 30.54 8.06
C ILE W 140 -36.24 29.34 8.91
N SER W 141 -37.01 28.43 8.35
CA SER W 141 -37.39 27.21 9.04
C SER W 141 -37.35 26.05 8.05
N PRO W 142 -36.88 24.88 8.49
CA PRO W 142 -36.92 23.70 7.62
C PRO W 142 -38.32 23.32 7.18
N GLN W 143 -39.35 23.68 7.95
CA GLN W 143 -40.72 23.33 7.60
C GLN W 143 -41.21 24.00 6.32
N GLN W 144 -40.51 25.02 5.83
CA GLN W 144 -40.83 25.59 4.53
C GLN W 144 -40.64 24.58 3.41
N ILE W 145 -39.67 23.69 3.54
CA ILE W 145 -39.35 22.78 2.44
C ILE W 145 -40.49 21.81 2.15
N PRO W 146 -41.06 21.10 3.13
CA PRO W 146 -42.24 20.29 2.82
C PRO W 146 -43.43 21.09 2.31
N THR W 147 -43.59 22.32 2.78
CA THR W 147 -44.71 23.14 2.31
C THR W 147 -44.57 23.49 0.84
N ALA W 148 -43.37 23.88 0.43
CA ALA W 148 -43.14 24.18 -0.98
C ALA W 148 -43.19 22.91 -1.82
N PHE W 149 -42.76 21.78 -1.26
CA PHE W 149 -42.81 20.52 -1.98
C PHE W 149 -44.24 20.13 -2.30
N ALA W 150 -45.15 20.29 -1.35
CA ALA W 150 -46.53 19.88 -1.55
C ALA W 150 -47.28 20.77 -2.53
N SER W 151 -46.74 21.93 -2.88
CA SER W 151 -47.36 22.84 -3.83
C SER W 151 -46.84 22.67 -5.25
N GLY W 152 -45.83 21.83 -5.47
CA GLY W 152 -45.28 21.61 -6.79
C GLY W 152 -43.89 22.16 -7.03
N VAL W 153 -43.20 22.63 -6.01
CA VAL W 153 -41.84 23.15 -6.14
C VAL W 153 -40.86 22.05 -5.83
N THR W 154 -39.89 21.83 -6.73
CA THR W 154 -38.88 20.80 -6.54
C THR W 154 -37.45 21.34 -6.37
N THR W 155 -37.22 22.62 -6.59
CA THR W 155 -35.92 23.23 -6.36
C THR W 155 -36.12 24.52 -5.58
N MET W 156 -35.38 24.67 -4.48
CA MET W 156 -35.37 25.90 -3.71
C MET W 156 -33.97 26.48 -3.74
N ILE W 157 -33.86 27.74 -4.15
CA ILE W 157 -32.60 28.48 -4.17
C ILE W 157 -32.76 29.71 -3.29
N GLY W 158 -31.81 29.92 -2.41
CA GLY W 158 -31.86 31.06 -1.51
C GLY W 158 -30.72 31.04 -0.51
N GLY W 159 -30.91 31.70 0.62
CA GLY W 159 -29.89 31.71 1.64
C GLY W 159 -30.50 31.90 3.00
N GLY W 160 -29.70 31.63 4.01
CA GLY W 160 -30.11 31.76 5.40
C GLY W 160 -29.45 30.70 6.25
N THR W 161 -29.51 30.91 7.56
CA THR W 161 -29.00 29.96 8.53
C THR W 161 -30.07 29.50 9.51
N GLY W 162 -31.27 30.04 9.43
CA GLY W 162 -32.30 29.75 10.37
C GLY W 162 -33.05 30.98 10.83
N PRO W 163 -33.69 30.92 11.97
CA PRO W 163 -34.55 32.02 12.40
C PRO W 163 -33.78 33.21 12.99
N ALA W 164 -32.50 33.31 12.66
CA ALA W 164 -31.71 34.48 13.02
C ALA W 164 -32.22 35.73 12.30
N ASP W 165 -31.99 36.88 12.92
CA ASP W 165 -32.53 38.13 12.40
C ASP W 165 -31.93 38.48 11.05
N GLY W 166 -30.66 38.13 10.81
CA GLY W 166 -30.07 38.34 9.50
C GLY W 166 -30.78 37.54 8.42
N THR W 167 -31.18 36.31 8.74
CA THR W 167 -31.91 35.49 7.78
C THR W 167 -33.36 35.95 7.65
N ASN W 168 -33.98 36.40 8.73
CA ASN W 168 -35.35 36.90 8.64
C ASN W 168 -35.47 38.06 7.67
N ALA W 169 -34.36 38.75 7.40
CA ALA W 169 -34.34 39.87 6.46
C ALA W 169 -33.74 39.50 5.10
N THR W 170 -32.74 38.63 5.07
CA THR W 170 -31.93 38.43 3.88
C THR W 170 -31.86 36.96 3.51
N THR W 171 -31.74 36.69 2.21
CA THR W 171 -31.49 35.33 1.71
C THR W 171 -29.99 35.08 1.59
N ILE W 172 -29.31 35.17 2.72
CA ILE W 172 -27.85 35.13 2.74
C ILE W 172 -27.39 34.03 3.68
N THR W 173 -26.50 33.18 3.18
CA THR W 173 -25.75 32.23 4.01
C THR W 173 -24.33 32.73 4.09
N PRO W 174 -23.95 33.43 5.15
CA PRO W 174 -22.67 34.14 5.14
C PRO W 174 -21.47 33.31 5.57
N GLY W 175 -20.53 33.14 4.67
CA GLY W 175 -19.23 32.59 5.03
C GLY W 175 -19.14 31.08 4.88
N ARG W 176 -17.89 30.61 4.89
CA ARG W 176 -17.59 29.21 4.62
C ARG W 176 -18.21 28.28 5.67
N ARG W 177 -18.09 28.63 6.95
CA ARG W 177 -18.58 27.75 8.00
C ARG W 177 -20.10 27.64 7.97
N ASN W 178 -20.80 28.76 7.77
CA ASN W 178 -22.26 28.71 7.68
C ASN W 178 -22.71 27.98 6.43
N LEU W 179 -21.96 28.12 5.33
CA LEU W 179 -22.24 27.33 4.14
C LEU W 179 -22.10 25.85 4.43
N LYS W 180 -21.05 25.45 5.16
CA LYS W 180 -20.87 24.06 5.52
C LYS W 180 -22.03 23.55 6.39
N TRP W 181 -22.44 24.37 7.36
CA TRP W 181 -23.61 24.02 8.16
C TRP W 181 -24.81 23.72 7.29
N MET W 182 -25.14 24.63 6.37
CA MET W 182 -26.36 24.46 5.58
C MET W 182 -26.23 23.33 4.57
N LEU W 183 -25.04 23.14 3.99
CA LEU W 183 -24.84 22.05 3.04
C LEU W 183 -24.96 20.70 3.72
N ARG W 184 -24.47 20.57 4.95
CA ARG W 184 -24.65 19.31 5.65
C ARG W 184 -26.06 19.13 6.18
N ALA W 185 -26.76 20.21 6.50
CA ALA W 185 -28.16 20.08 6.87
C ALA W 185 -29.03 19.67 5.68
N ALA W 186 -28.62 20.07 4.47
CA ALA W 186 -29.44 19.83 3.28
C ALA W 186 -29.65 18.35 3.01
N GLU W 187 -28.75 17.48 3.48
CA GLU W 187 -28.87 16.04 3.31
C GLU W 187 -30.18 15.47 3.83
N GLU W 188 -30.93 16.24 4.62
CA GLU W 188 -32.17 15.78 5.22
C GLU W 188 -33.34 15.76 4.24
N TYR W 189 -33.35 16.65 3.25
CA TYR W 189 -34.59 17.10 2.64
C TYR W 189 -34.83 16.52 1.26
N SER W 190 -36.11 16.48 0.90
CA SER W 190 -36.56 16.14 -0.45
C SER W 190 -36.81 17.44 -1.20
N MET W 191 -35.73 17.98 -1.76
CA MET W 191 -35.74 19.24 -2.50
C MET W 191 -34.36 19.43 -3.09
N ASN W 192 -34.30 19.95 -4.31
CA ASN W 192 -33.04 20.45 -4.84
C ASN W 192 -32.70 21.77 -4.18
N LEU W 193 -31.46 21.92 -3.73
CA LEU W 193 -31.07 23.07 -2.94
C LEU W 193 -29.80 23.70 -3.48
N GLY W 194 -29.76 25.03 -3.41
CA GLY W 194 -28.54 25.79 -3.66
C GLY W 194 -28.58 27.04 -2.83
N PHE W 195 -27.41 27.51 -2.43
CA PHE W 195 -27.31 28.56 -1.43
C PHE W 195 -26.57 29.78 -1.97
N LEU W 196 -27.08 30.96 -1.64
CA LEU W 196 -26.48 32.23 -1.99
C LEU W 196 -25.63 32.76 -0.84
N ALA W 197 -24.47 33.32 -1.18
CA ALA W 197 -23.54 33.86 -0.20
C ALA W 197 -23.81 35.34 0.03
N LYS W 198 -23.03 35.95 0.92
CA LYS W 198 -23.13 37.38 1.16
C LYS W 198 -22.34 38.14 0.11
N GLY W 199 -23.02 39.00 -0.64
CA GLY W 199 -22.35 39.82 -1.63
C GLY W 199 -22.03 41.21 -1.10
N ASN W 200 -22.54 41.51 0.10
CA ASN W 200 -22.41 42.84 0.69
C ASN W 200 -21.05 42.98 1.37
N THR W 201 -20.02 43.05 0.55
CA THR W 201 -18.69 43.37 1.03
C THR W 201 -17.89 43.93 -0.13
N SER W 202 -16.87 44.69 0.21
CA SER W 202 -15.94 45.23 -0.77
C SER W 202 -14.63 44.46 -0.81
N ASN W 203 -14.53 43.38 -0.05
CA ASN W 203 -13.33 42.55 -0.01
C ASN W 203 -13.47 41.43 -1.03
N ASP W 204 -12.62 41.44 -2.06
CA ASP W 204 -12.70 40.44 -3.11
C ASP W 204 -12.36 39.05 -2.60
N ALA W 205 -11.37 38.95 -1.71
CA ALA W 205 -10.98 37.65 -1.18
C ALA W 205 -12.11 37.00 -0.40
N SER W 206 -12.82 37.79 0.42
CA SER W 206 -13.96 37.28 1.16
C SER W 206 -15.07 36.81 0.22
N LEU W 207 -15.30 37.54 -0.87
CA LEU W 207 -16.30 37.12 -1.84
C LEU W 207 -15.91 35.81 -2.51
N ALA W 208 -14.65 35.70 -2.93
CA ALA W 208 -14.21 34.51 -3.65
C ALA W 208 -14.24 33.28 -2.75
N ASP W 209 -13.93 33.45 -1.47
CA ASP W 209 -13.88 32.31 -0.55
C ASP W 209 -15.26 31.67 -0.39
N GLN W 210 -16.31 32.48 -0.35
CA GLN W 210 -17.66 31.94 -0.22
C GLN W 210 -18.06 31.12 -1.43
N ILE W 211 -17.68 31.56 -2.62
CA ILE W 211 -18.00 30.79 -3.82
C ILE W 211 -17.25 29.47 -3.82
N GLU W 212 -15.96 29.49 -3.47
CA GLU W 212 -15.18 28.27 -3.40
C GLU W 212 -15.64 27.35 -2.27
N ALA W 213 -16.40 27.87 -1.30
CA ALA W 213 -16.95 27.10 -0.22
C ALA W 213 -18.30 26.46 -0.56
N GLY W 214 -18.80 26.66 -1.77
CA GLY W 214 -19.98 25.95 -2.22
C GLY W 214 -21.18 26.80 -2.58
N ALA W 215 -21.14 28.12 -2.45
CA ALA W 215 -22.30 28.93 -2.81
C ALA W 215 -22.44 29.05 -4.32
N ILE W 216 -23.69 29.14 -4.79
CA ILE W 216 -23.96 29.27 -6.21
C ILE W 216 -24.12 30.71 -6.65
N GLY W 217 -23.96 31.67 -5.75
CA GLY W 217 -24.08 33.06 -6.13
C GLY W 217 -24.11 33.95 -4.91
N PHE W 218 -24.35 35.23 -5.18
CA PHE W 218 -24.40 36.25 -4.14
C PHE W 218 -25.77 36.87 -4.03
N KCX W 219 -26.12 37.24 -2.80
CA KCX W 219 -27.24 38.13 -2.58
CB KCX W 219 -28.26 37.51 -1.61
CG KCX W 219 -29.40 38.43 -1.22
CD KCX W 219 -30.28 38.77 -2.41
CE KCX W 219 -31.50 39.57 -2.00
NZ KCX W 219 -32.32 38.83 -1.00
C KCX W 219 -26.71 39.45 -2.05
O KCX W 219 -25.89 39.48 -1.13
CX KCX W 219 -33.50 39.28 -0.60
OQ1 KCX W 219 -33.95 40.35 -1.04
OQ2 KCX W 219 -34.17 38.66 0.22
N ILE W 220 -27.14 40.54 -2.66
CA ILE W 220 -26.85 41.87 -2.14
C ILE W 220 -28.14 42.41 -1.56
N HIS W 221 -28.15 42.65 -0.26
CA HIS W 221 -29.34 43.08 0.46
C HIS W 221 -29.05 44.38 1.20
N GLU W 222 -30.01 45.30 1.17
CA GLU W 222 -29.80 46.61 1.76
C GLU W 222 -29.59 46.54 3.27
N ASP W 223 -30.11 45.50 3.92
CA ASP W 223 -29.90 45.34 5.35
C ASP W 223 -28.45 45.06 5.71
N TRP W 224 -27.66 44.55 4.77
CA TRP W 224 -26.21 44.46 4.93
C TRP W 224 -25.49 45.59 4.22
N GLY W 225 -26.22 46.48 3.56
CA GLY W 225 -25.69 47.66 2.93
C GLY W 225 -25.51 47.50 1.43
N THR W 226 -26.49 47.93 0.66
CA THR W 226 -26.42 47.84 -0.80
C THR W 226 -25.82 49.14 -1.30
N THR W 227 -24.53 49.15 -1.42
CA THR W 227 -23.79 50.29 -1.89
C THR W 227 -23.19 50.00 -3.25
N PRO W 228 -22.96 51.02 -4.07
CA PRO W 228 -22.35 50.79 -5.39
C PRO W 228 -21.01 50.07 -5.32
N SER W 229 -20.21 50.33 -4.29
CA SER W 229 -18.92 49.66 -4.16
C SER W 229 -19.08 48.16 -4.00
N ALA W 230 -19.98 47.73 -3.12
CA ALA W 230 -20.22 46.32 -2.91
C ALA W 230 -20.80 45.66 -4.16
N ILE W 231 -21.72 46.36 -4.84
CA ILE W 231 -22.29 45.83 -6.07
C ILE W 231 -21.20 45.60 -7.11
N ASN W 232 -20.32 46.58 -7.27
CA ASN W 232 -19.25 46.49 -8.26
C ASN W 232 -18.32 45.32 -7.96
N HIS W 233 -17.89 45.21 -6.70
CA HIS W 233 -16.97 44.13 -6.32
C HIS W 233 -17.63 42.76 -6.50
N ALA W 234 -18.89 42.63 -6.06
CA ALA W 234 -19.57 41.34 -6.15
C ALA W 234 -19.75 40.92 -7.60
N LEU W 235 -20.10 41.87 -8.47
CA LEU W 235 -20.23 41.53 -9.89
C LEU W 235 -18.89 41.13 -10.49
N ASP W 236 -17.80 41.80 -10.11
CA ASP W 236 -16.50 41.41 -10.63
C ASP W 236 -16.16 39.96 -10.25
N VAL W 237 -16.35 39.62 -8.98
CA VAL W 237 -16.04 38.25 -8.54
C VAL W 237 -16.96 37.25 -9.23
N ALA W 238 -18.25 37.58 -9.34
CA ALA W 238 -19.19 36.66 -9.98
C ALA W 238 -18.83 36.42 -11.44
N ASP W 239 -18.38 37.46 -12.14
CA ASP W 239 -17.92 37.27 -13.51
C ASP W 239 -16.70 36.37 -13.55
N LYS W 240 -15.81 36.46 -12.55
CA LYS W 240 -14.68 35.55 -12.54
C LYS W 240 -15.06 34.10 -12.22
N TYR W 241 -16.16 33.88 -11.51
CA TYR W 241 -16.53 32.53 -11.08
C TYR W 241 -17.77 31.97 -11.76
N ASP W 242 -18.44 32.74 -12.61
CA ASP W 242 -19.61 32.28 -13.35
C ASP W 242 -20.74 31.85 -12.42
N VAL W 243 -21.13 32.76 -11.54
CA VAL W 243 -22.26 32.56 -10.63
C VAL W 243 -23.17 33.78 -10.73
N GLN W 244 -24.42 33.58 -10.32
CA GLN W 244 -25.40 34.65 -10.45
C GLN W 244 -25.34 35.60 -9.25
N VAL W 245 -25.80 36.83 -9.47
CA VAL W 245 -25.93 37.82 -8.41
C VAL W 245 -27.38 38.24 -8.33
N ALA W 246 -27.93 38.24 -7.13
CA ALA W 246 -29.25 38.76 -6.84
C ALA W 246 -29.12 39.99 -5.96
N ILE W 247 -30.03 40.95 -6.13
CA ILE W 247 -29.91 42.22 -5.46
C ILE W 247 -31.25 42.65 -4.88
N HIS W 248 -31.20 43.15 -3.65
CA HIS W 248 -32.29 43.86 -2.98
C HIS W 248 -31.78 45.27 -2.74
N THR W 249 -32.25 46.23 -3.53
CA THR W 249 -31.60 47.53 -3.62
C THR W 249 -31.98 48.43 -2.44
N ASP W 250 -31.34 49.60 -2.38
CA ASP W 250 -31.47 50.53 -1.26
C ASP W 250 -32.78 51.31 -1.39
N THR W 251 -33.72 51.02 -0.51
CA THR W 251 -34.99 51.72 -0.52
C THR W 251 -34.84 53.17 -0.07
N LEU W 252 -33.87 53.45 0.79
CA LEU W 252 -33.72 54.77 1.37
C LEU W 252 -32.97 55.74 0.47
N ASN W 253 -32.46 55.28 -0.68
CA ASN W 253 -31.65 56.10 -1.58
C ASN W 253 -30.45 56.70 -0.85
N GLU W 254 -29.88 55.94 0.08
CA GLU W 254 -28.85 56.48 0.97
C GLU W 254 -27.58 56.81 0.20
N ALA W 255 -27.07 55.86 -0.57
CA ALA W 255 -25.87 56.08 -1.36
C ALA W 255 -26.16 56.54 -2.77
N GLY W 256 -27.42 56.59 -3.17
CA GLY W 256 -27.76 56.95 -4.53
C GLY W 256 -29.14 56.45 -4.88
N CYS W 257 -29.57 56.86 -6.07
CA CYS W 257 -30.88 56.48 -6.58
C CYS W 257 -30.74 55.29 -7.52
N VAL W 258 -31.82 54.96 -8.23
CA VAL W 258 -31.84 53.73 -9.02
C VAL W 258 -30.83 53.80 -10.17
N GLU W 259 -30.62 54.98 -10.74
CA GLU W 259 -29.66 55.09 -11.84
C GLU W 259 -28.23 54.92 -11.36
N ASP W 260 -27.93 55.32 -10.12
CA ASP W 260 -26.61 55.04 -9.56
C ASP W 260 -26.39 53.55 -9.39
N THR W 261 -27.42 52.83 -8.97
CA THR W 261 -27.33 51.37 -8.87
C THR W 261 -27.12 50.75 -10.24
N MET W 262 -27.83 51.23 -11.25
CA MET W 262 -27.62 50.71 -12.61
C MET W 262 -26.23 51.02 -13.10
N ALA W 263 -25.69 52.18 -12.74
CA ALA W 263 -24.32 52.51 -13.10
C ALA W 263 -23.32 51.59 -12.41
N ALA W 264 -23.61 51.22 -11.16
CA ALA W 264 -22.74 50.26 -10.47
C ALA W 264 -22.82 48.88 -11.11
N ILE W 265 -24.01 48.49 -11.58
CA ILE W 265 -24.16 47.21 -12.26
C ILE W 265 -23.37 47.22 -13.57
N ALA W 266 -23.35 48.36 -14.25
CA ALA W 266 -22.47 48.60 -15.39
C ALA W 266 -22.74 47.63 -16.54
N GLY W 267 -24.00 47.28 -16.74
CA GLY W 267 -24.38 46.45 -17.86
C GLY W 267 -24.09 44.98 -17.72
N ARG W 268 -23.90 44.49 -16.51
CA ARG W 268 -23.65 43.08 -16.27
C ARG W 268 -24.93 42.39 -15.82
N THR W 269 -24.95 41.07 -15.93
CA THR W 269 -26.15 40.30 -15.63
C THR W 269 -26.50 40.39 -14.15
N MET W 270 -27.76 40.70 -13.85
CA MET W 270 -28.23 40.85 -12.49
C MET W 270 -29.65 40.32 -12.39
N HIS W 271 -29.94 39.63 -11.30
CA HIS W 271 -31.27 39.12 -10.99
C HIS W 271 -31.86 39.98 -9.86
N THR W 272 -32.93 40.70 -10.16
CA THR W 272 -33.52 41.62 -9.19
C THR W 272 -34.73 40.96 -8.53
N PHE W 273 -34.74 40.96 -7.20
CA PHE W 273 -35.85 40.44 -6.42
C PHE W 273 -36.89 41.53 -6.20
N HIS W 274 -38.17 41.11 -6.17
CA HIS W 274 -39.31 41.98 -5.94
C HIS W 274 -39.13 43.34 -6.62
N THR W 275 -38.98 43.28 -7.95
CA THR W 275 -38.62 44.44 -8.73
C THR W 275 -39.65 45.55 -8.64
N GLU W 276 -40.89 45.22 -8.32
CA GLU W 276 -41.91 46.25 -8.18
C GLU W 276 -41.70 47.11 -6.93
N GLY W 277 -41.01 46.58 -5.92
CA GLY W 277 -40.49 47.38 -4.84
C GLY W 277 -41.24 47.35 -3.52
N ALA W 278 -42.40 46.69 -3.45
CA ALA W 278 -43.06 46.54 -2.17
C ALA W 278 -42.21 45.74 -1.20
N GLY W 279 -41.45 44.78 -1.70
CA GLY W 279 -40.53 44.01 -0.90
C GLY W 279 -39.22 44.69 -0.63
N GLY W 280 -39.05 45.92 -1.08
CA GLY W 280 -37.81 46.64 -0.91
C GLY W 280 -37.30 47.11 -2.26
N GLY W 281 -36.54 48.20 -2.25
CA GLY W 281 -35.99 48.74 -3.47
C GLY W 281 -36.15 50.23 -3.57
N HIS W 282 -35.37 50.88 -4.43
CA HIS W 282 -35.36 52.33 -4.55
C HIS W 282 -36.76 52.90 -4.64
N ALA W 283 -37.13 53.68 -3.65
CA ALA W 283 -38.45 54.30 -3.65
C ALA W 283 -38.40 55.58 -4.47
N PRO W 284 -39.32 55.77 -5.42
CA PRO W 284 -40.43 54.87 -5.71
C PRO W 284 -40.28 54.14 -7.04
N ASP W 285 -39.07 54.11 -7.59
CA ASP W 285 -38.91 53.84 -9.01
C ASP W 285 -37.93 52.70 -9.29
N ILE W 286 -37.87 51.69 -8.41
CA ILE W 286 -37.05 50.54 -8.72
C ILE W 286 -37.63 49.76 -9.90
N ILE W 287 -38.95 49.83 -10.10
CA ILE W 287 -39.61 49.03 -11.11
C ILE W 287 -39.14 49.37 -12.52
N LYS W 288 -38.47 50.51 -12.71
CA LYS W 288 -38.05 50.89 -14.05
C LYS W 288 -36.98 49.96 -14.61
N VAL W 289 -36.20 49.31 -13.74
CA VAL W 289 -35.13 48.43 -14.22
C VAL W 289 -35.67 47.19 -14.90
N ALA W 290 -36.96 46.91 -14.81
CA ALA W 290 -37.54 45.74 -15.43
C ALA W 290 -37.54 45.81 -16.96
N GLY W 291 -37.24 46.96 -17.54
CA GLY W 291 -37.11 47.08 -18.97
C GLY W 291 -35.72 46.98 -19.52
N GLU W 292 -34.71 46.81 -18.66
CA GLU W 292 -33.32 46.78 -19.10
C GLU W 292 -32.93 45.40 -19.60
N HIS W 293 -31.99 45.38 -20.55
CA HIS W 293 -31.57 44.13 -21.17
C HIS W 293 -30.82 43.23 -20.21
N ASN W 294 -29.99 43.80 -19.36
CA ASN W 294 -29.13 43.03 -18.48
C ASN W 294 -29.79 42.63 -17.17
N ILE W 295 -31.05 42.98 -16.97
CA ILE W 295 -31.75 42.69 -15.73
C ILE W 295 -32.67 41.50 -15.93
N LEU W 296 -32.66 40.57 -14.96
CA LEU W 296 -33.64 39.50 -14.91
C LEU W 296 -34.65 39.85 -13.83
N PRO W 297 -35.81 40.40 -14.19
CA PRO W 297 -36.72 40.91 -13.16
C PRO W 297 -37.67 39.87 -12.60
N ALA W 298 -37.68 39.71 -11.29
CA ALA W 298 -38.57 38.79 -10.61
C ALA W 298 -39.53 39.56 -9.71
N SER W 299 -40.68 38.95 -9.45
CA SER W 299 -41.64 39.46 -8.49
C SER W 299 -41.90 38.43 -7.42
N THR W 300 -42.29 38.91 -6.25
CA THR W 300 -42.67 38.03 -5.15
C THR W 300 -44.19 37.94 -5.08
N ASN W 301 -44.67 36.80 -4.60
CA ASN W 301 -46.09 36.49 -4.68
C ASN W 301 -47.03 37.35 -3.82
N PRO W 302 -46.60 37.97 -2.71
CA PRO W 302 -47.57 38.77 -1.94
C PRO W 302 -48.20 39.92 -2.72
N THR W 303 -47.55 40.44 -3.75
CA THR W 303 -48.11 41.54 -4.52
C THR W 303 -48.94 41.08 -5.71
N ILE W 304 -48.95 39.81 -6.03
CA ILE W 304 -49.75 39.33 -7.16
C ILE W 304 -50.75 38.29 -6.67
N PRO W 305 -52.00 38.32 -7.15
CA PRO W 305 -52.51 39.42 -7.96
C PRO W 305 -52.90 40.60 -7.09
N PHE W 306 -53.10 41.77 -7.68
CA PHE W 306 -53.50 42.94 -6.93
C PHE W 306 -54.97 42.84 -6.56
N THR W 307 -55.27 42.95 -5.27
CA THR W 307 -56.63 42.77 -4.76
C THR W 307 -57.00 43.96 -3.89
N VAL W 308 -58.25 43.93 -3.42
CA VAL W 308 -58.76 45.00 -2.57
C VAL W 308 -58.09 45.01 -1.21
N ASN W 309 -57.67 43.84 -0.72
CA ASN W 309 -57.04 43.73 0.59
C ASN W 309 -55.53 43.88 0.54
N THR W 310 -54.94 44.02 -0.65
CA THR W 310 -53.49 43.98 -0.78
C THR W 310 -52.82 45.16 -0.08
N GLU W 311 -53.31 46.37 -0.31
CA GLU W 311 -52.61 47.56 0.14
C GLU W 311 -52.59 47.65 1.66
N ALA W 312 -53.76 47.49 2.30
CA ALA W 312 -53.81 47.57 3.75
C ALA W 312 -52.99 46.46 4.40
N GLU W 313 -53.04 45.27 3.83
CA GLU W 313 -52.26 44.15 4.36
C GLU W 313 -50.77 44.46 4.30
N HIS W 314 -50.29 44.95 3.15
CA HIS W 314 -48.88 45.27 3.00
C HIS W 314 -48.47 46.42 3.91
N MET W 315 -49.35 47.40 4.09
CA MET W 315 -49.05 48.51 4.99
C MET W 315 -48.85 48.01 6.42
N ASP W 316 -49.81 47.22 6.91
CA ASP W 316 -49.70 46.73 8.28
C ASP W 316 -48.52 45.78 8.44
N MET W 317 -48.24 44.97 7.41
CA MET W 317 -47.10 44.08 7.46
C MET W 317 -45.79 44.86 7.55
N LEU W 318 -45.68 45.95 6.78
CA LEU W 318 -44.49 46.78 6.84
C LEU W 318 -44.34 47.43 8.20
N MET W 319 -45.45 47.90 8.79
CA MET W 319 -45.37 48.53 10.10
C MET W 319 -44.89 47.55 11.16
N VAL W 320 -45.08 46.26 10.94
CA VAL W 320 -44.71 45.25 11.94
C VAL W 320 -43.26 44.81 11.79
N CYS W 321 -42.84 44.49 10.56
CA CYS W 321 -41.50 43.96 10.35
C CYS W 321 -40.43 45.02 10.61
N HIS W 322 -40.73 46.29 10.36
CA HIS W 322 -39.78 47.37 10.59
C HIS W 322 -40.02 48.11 11.89
N HIS W 323 -40.97 47.66 12.71
CA HIS W 323 -41.24 48.25 14.02
C HIS W 323 -41.53 49.74 13.92
N LEU W 324 -42.38 50.10 12.96
CA LEU W 324 -42.74 51.49 12.75
C LEU W 324 -43.88 51.92 13.67
N ASP W 325 -44.02 53.23 13.84
CA ASP W 325 -45.04 53.81 14.69
C ASP W 325 -45.92 54.74 13.87
N LYS W 326 -47.23 54.66 14.09
CA LYS W 326 -48.17 55.48 13.34
C LYS W 326 -48.18 56.93 13.79
N SER W 327 -47.66 57.22 14.97
CA SER W 327 -47.63 58.58 15.49
C SER W 327 -46.38 59.35 15.05
N ILE W 328 -45.48 58.72 14.31
CA ILE W 328 -44.27 59.35 13.81
C ILE W 328 -44.46 59.63 12.33
N LYS W 329 -44.33 60.90 11.94
CA LYS W 329 -44.57 61.26 10.55
C LYS W 329 -43.50 60.70 9.63
N GLU W 330 -42.27 60.53 10.12
CA GLU W 330 -41.21 60.01 9.28
C GLU W 330 -41.44 58.53 8.95
N ASP W 331 -41.98 57.77 9.91
CA ASP W 331 -42.31 56.38 9.63
C ASP W 331 -43.46 56.27 8.64
N VAL W 332 -44.43 57.18 8.73
CA VAL W 332 -45.51 57.20 7.75
C VAL W 332 -44.98 57.55 6.37
N GLN W 333 -44.08 58.54 6.30
CA GLN W 333 -43.49 58.93 5.02
C GLN W 333 -42.72 57.77 4.40
N PHE W 334 -41.98 57.03 5.22
CA PHE W 334 -41.30 55.84 4.70
C PHE W 334 -42.29 54.82 4.18
N ALA W 335 -43.37 54.57 4.93
CA ALA W 335 -44.33 53.55 4.56
C ALA W 335 -45.06 53.92 3.27
N ASP W 336 -45.44 55.19 3.12
CA ASP W 336 -46.15 55.60 1.92
C ASP W 336 -45.26 55.53 0.68
N SER W 337 -43.99 55.89 0.81
CA SER W 337 -43.08 55.79 -0.31
C SER W 337 -42.78 54.34 -0.68
N ARG W 338 -43.12 53.40 0.19
CA ARG W 338 -42.75 52.00 0.02
C ARG W 338 -43.84 51.16 -0.64
N ILE W 339 -45.11 51.39 -0.29
CA ILE W 339 -46.16 50.46 -0.69
C ILE W 339 -46.62 50.73 -2.12
N ARG W 340 -47.13 51.93 -2.38
CA ARG W 340 -47.45 52.38 -3.74
C ARG W 340 -48.40 51.44 -4.47
N PRO W 341 -49.70 51.51 -4.20
CA PRO W 341 -50.66 50.67 -4.93
C PRO W 341 -50.57 50.84 -6.44
N GLN W 342 -50.00 51.95 -6.90
CA GLN W 342 -49.81 52.16 -8.33
C GLN W 342 -48.85 51.15 -8.93
N THR W 343 -47.68 50.98 -8.31
CA THR W 343 -46.72 50.01 -8.82
C THR W 343 -47.24 48.58 -8.66
N ILE W 344 -47.96 48.33 -7.57
CA ILE W 344 -48.53 46.99 -7.37
C ILE W 344 -49.52 46.67 -8.48
N ALA W 345 -50.37 47.64 -8.82
CA ALA W 345 -51.30 47.44 -9.92
C ALA W 345 -50.56 47.25 -11.24
N ALA W 346 -49.52 48.05 -11.48
CA ALA W 346 -48.77 47.95 -12.72
C ALA W 346 -48.07 46.61 -12.87
N GLU W 347 -47.73 45.98 -11.75
CA GLU W 347 -46.95 44.75 -11.77
C GLU W 347 -47.70 43.60 -12.45
N ASP W 348 -49.01 43.50 -12.21
CA ASP W 348 -49.80 42.45 -12.85
C ASP W 348 -49.77 42.59 -14.37
N THR W 349 -49.99 43.80 -14.86
CA THR W 349 -49.97 44.03 -16.30
C THR W 349 -48.58 43.79 -16.88
N LEU W 350 -47.54 44.17 -16.13
CA LEU W 350 -46.19 43.89 -16.60
C LEU W 350 -45.92 42.40 -16.69
N HIS W 351 -46.50 41.60 -15.79
CA HIS W 351 -46.45 40.15 -15.95
C HIS W 351 -47.17 39.72 -17.21
N ASP W 352 -48.34 40.29 -17.49
CA ASP W 352 -49.07 39.92 -18.68
C ASP W 352 -48.32 40.31 -19.95
N MET W 353 -47.59 41.42 -19.93
CA MET W 353 -46.85 41.90 -21.09
C MET W 353 -45.53 41.17 -21.31
N GLY W 354 -45.11 40.35 -20.36
CA GLY W 354 -43.81 39.72 -20.46
C GLY W 354 -42.65 40.58 -20.01
N ILE W 355 -42.90 41.69 -19.32
CA ILE W 355 -41.82 42.53 -18.79
C ILE W 355 -41.20 41.86 -17.57
N PHE W 356 -42.02 41.44 -16.62
CA PHE W 356 -41.55 40.60 -15.52
C PHE W 356 -41.43 39.16 -16.02
N SER W 357 -40.34 38.50 -15.64
CA SER W 357 -40.04 37.18 -16.18
C SER W 357 -40.07 36.05 -15.17
N ILE W 358 -39.92 36.33 -13.88
CA ILE W 358 -39.83 35.29 -12.86
C ILE W 358 -40.80 35.60 -11.72
N THR W 359 -41.49 34.57 -11.25
CA THR W 359 -42.25 34.65 -10.00
C THR W 359 -41.51 33.87 -8.92
N SER W 360 -41.53 34.38 -7.71
CA SER W 360 -40.82 33.77 -6.59
C SER W 360 -41.61 34.02 -5.31
N SER W 361 -41.01 33.66 -4.17
CA SER W 361 -41.73 33.61 -2.90
C SER W 361 -41.36 34.74 -1.95
N ASP W 362 -40.08 34.89 -1.58
CA ASP W 362 -39.66 35.70 -0.43
C ASP W 362 -40.24 35.12 0.86
N SER W 363 -39.91 33.85 1.09
CA SER W 363 -40.64 33.01 2.04
C SER W 363 -40.45 33.43 3.49
N GLN W 364 -41.57 33.61 4.20
CA GLN W 364 -41.61 34.06 5.59
C GLN W 364 -40.86 35.37 5.80
N ALA W 365 -40.63 36.09 4.70
CA ALA W 365 -40.03 37.41 4.65
C ALA W 365 -40.84 38.31 3.73
N MET W 366 -42.14 38.39 4.00
CA MET W 366 -43.19 38.92 3.12
C MET W 366 -43.25 38.11 1.82
N GLY W 367 -43.69 36.88 2.00
CA GLY W 367 -43.97 35.98 0.90
C GLY W 367 -44.40 34.64 1.44
N ARG W 368 -45.10 33.90 0.60
CA ARG W 368 -45.71 32.63 0.98
C ARG W 368 -45.13 31.52 0.13
N VAL W 369 -44.34 30.64 0.76
CA VAL W 369 -43.58 29.64 0.03
C VAL W 369 -44.46 28.59 -0.64
N GLY W 370 -45.68 28.39 -0.16
CA GLY W 370 -46.55 27.41 -0.75
C GLY W 370 -47.56 28.00 -1.71
N GLU W 371 -47.31 29.20 -2.22
CA GLU W 371 -48.29 29.89 -3.03
C GLU W 371 -47.72 30.53 -4.30
N VAL W 372 -46.46 30.25 -4.65
CA VAL W 372 -45.88 30.86 -5.84
C VAL W 372 -46.66 30.46 -7.09
N ILE W 373 -46.85 29.16 -7.28
CA ILE W 373 -47.54 28.66 -8.47
C ILE W 373 -48.99 29.11 -8.47
N THR W 374 -49.65 29.01 -7.31
CA THR W 374 -51.05 29.38 -7.23
C THR W 374 -51.27 30.84 -7.54
N ARG W 375 -50.44 31.73 -7.01
CA ARG W 375 -50.59 33.15 -7.28
C ARG W 375 -50.19 33.50 -8.70
N THR W 376 -49.24 32.76 -9.29
CA THR W 376 -48.94 32.96 -10.70
C THR W 376 -50.17 32.67 -11.56
N TRP W 377 -50.86 31.55 -11.29
CA TRP W 377 -52.01 31.24 -12.12
C TRP W 377 -53.20 32.13 -11.79
N GLN W 378 -53.30 32.59 -10.55
CA GLN W 378 -54.32 33.59 -10.22
C GLN W 378 -54.08 34.89 -10.99
N THR W 379 -52.83 35.31 -11.09
CA THR W 379 -52.51 36.50 -11.88
C THR W 379 -52.85 36.29 -13.35
N ALA W 380 -52.53 35.12 -13.89
CA ALA W 380 -52.89 34.84 -15.27
C ALA W 380 -54.39 34.88 -15.48
N ASP W 381 -55.16 34.29 -14.56
CA ASP W 381 -56.61 34.29 -14.67
C ASP W 381 -57.17 35.71 -14.57
N LYS W 382 -56.66 36.51 -13.64
CA LYS W 382 -57.12 37.88 -13.51
C LYS W 382 -56.80 38.69 -14.75
N ASN W 383 -55.61 38.52 -15.31
CA ASN W 383 -55.24 39.25 -16.52
C ASN W 383 -56.11 38.83 -17.71
N LYS W 384 -56.43 37.55 -17.82
CA LYS W 384 -57.33 37.15 -18.91
C LYS W 384 -58.72 37.72 -18.70
N LYS W 385 -59.17 37.79 -17.45
CA LYS W 385 -60.49 38.39 -17.20
C LYS W 385 -60.50 39.87 -17.56
N GLU W 386 -59.40 40.59 -17.28
CA GLU W 386 -59.41 42.02 -17.52
C GLU W 386 -59.11 42.36 -18.98
N PHE W 387 -57.99 41.88 -19.51
CA PHE W 387 -57.52 42.25 -20.84
C PHE W 387 -57.97 41.30 -21.93
N GLY W 388 -58.66 40.22 -21.58
CA GLY W 388 -59.07 39.26 -22.58
C GLY W 388 -57.94 38.37 -23.05
N ARG W 389 -58.21 37.69 -24.15
CA ARG W 389 -57.25 36.74 -24.69
C ARG W 389 -56.09 37.46 -25.38
N LEU W 390 -54.89 36.92 -25.19
CA LEU W 390 -53.70 37.55 -25.75
C LEU W 390 -53.75 37.53 -27.27
N LYS W 391 -53.10 38.53 -27.89
CA LYS W 391 -53.05 38.61 -29.34
C LYS W 391 -52.03 37.67 -29.95
N GLU W 392 -51.15 37.08 -29.16
CA GLU W 392 -50.20 36.09 -29.64
C GLU W 392 -50.77 34.68 -29.65
N GLU W 393 -52.07 34.52 -29.38
CA GLU W 393 -52.70 33.22 -29.42
C GLU W 393 -52.92 32.76 -30.85
N LYS W 394 -52.82 31.45 -31.05
CA LYS W 394 -53.12 30.81 -32.32
C LYS W 394 -54.23 29.79 -32.05
N GLY W 395 -55.47 30.26 -32.09
CA GLY W 395 -56.63 29.40 -31.91
C GLY W 395 -57.46 29.84 -30.71
N ASP W 396 -58.57 29.12 -30.53
CA ASP W 396 -59.51 29.41 -29.46
C ASP W 396 -59.03 28.80 -28.15
N ASN W 397 -57.82 29.22 -27.75
CA ASN W 397 -57.20 28.73 -26.54
C ASN W 397 -56.34 29.83 -25.95
N ASP W 398 -55.72 29.53 -24.81
CA ASP W 398 -54.82 30.43 -24.13
C ASP W 398 -53.42 29.84 -24.04
N ASN W 399 -53.03 29.06 -25.05
CA ASN W 399 -51.78 28.31 -24.97
C ASN W 399 -50.58 29.22 -24.80
N PHE W 400 -50.55 30.35 -25.52
CA PHE W 400 -49.43 31.26 -25.41
C PHE W 400 -49.33 31.85 -24.01
N ARG W 401 -50.45 32.30 -23.45
CA ARG W 401 -50.44 32.85 -22.10
C ARG W 401 -50.07 31.78 -21.07
N ILE W 402 -50.53 30.55 -21.29
CA ILE W 402 -50.18 29.45 -20.40
C ILE W 402 -48.67 29.24 -20.41
N LYS W 403 -48.06 29.23 -21.59
CA LYS W 403 -46.61 29.07 -21.67
C LYS W 403 -45.89 30.25 -21.02
N ARG W 404 -46.38 31.47 -21.24
CA ARG W 404 -45.74 32.64 -20.68
C ARG W 404 -45.72 32.59 -19.17
N TYR W 405 -46.84 32.24 -18.55
CA TYR W 405 -46.89 32.21 -17.10
C TYR W 405 -46.21 30.99 -16.53
N LEU W 406 -46.26 29.85 -17.22
CA LEU W 406 -45.57 28.66 -16.74
C LEU W 406 -44.06 28.84 -16.76
N SER W 407 -43.53 29.60 -17.71
CA SER W 407 -42.10 29.85 -17.74
C SER W 407 -41.63 30.64 -16.53
N LYS W 408 -42.52 31.43 -15.92
CA LYS W 408 -42.11 32.32 -14.84
C LYS W 408 -41.61 31.56 -13.62
N TYR W 409 -42.05 30.32 -13.41
CA TYR W 409 -41.57 29.54 -12.27
C TYR W 409 -40.92 28.22 -12.65
N THR W 410 -40.74 27.92 -13.93
CA THR W 410 -40.07 26.67 -14.29
C THR W 410 -38.75 26.89 -15.01
N ILE W 411 -38.75 27.51 -16.18
CA ILE W 411 -37.57 27.54 -17.04
C ILE W 411 -36.78 28.83 -16.88
N ASN W 412 -37.46 29.95 -16.69
CA ASN W 412 -36.75 31.22 -16.54
C ASN W 412 -35.91 31.28 -15.27
N PRO W 413 -36.40 30.91 -14.09
CA PRO W 413 -35.49 30.86 -12.94
C PRO W 413 -34.33 29.87 -13.10
N ALA W 414 -34.57 28.76 -13.78
CA ALA W 414 -33.49 27.80 -14.03
C ALA W 414 -32.41 28.39 -14.91
N ILE W 415 -32.80 29.12 -15.96
CA ILE W 415 -31.83 29.82 -16.79
C ILE W 415 -31.13 30.89 -15.99
N ALA W 416 -31.87 31.61 -15.15
CA ALA W 416 -31.31 32.70 -14.37
C ALA W 416 -30.22 32.21 -13.42
N HIS W 417 -30.41 31.05 -12.81
CA HIS W 417 -29.43 30.55 -11.86
C HIS W 417 -28.58 29.41 -12.40
N GLY W 418 -28.50 29.29 -13.72
CA GLY W 418 -27.55 28.38 -14.34
C GLY W 418 -27.77 26.91 -14.07
N ILE W 419 -29.02 26.48 -13.95
CA ILE W 419 -29.34 25.08 -13.73
C ILE W 419 -30.30 24.54 -14.80
N SER W 420 -30.47 25.27 -15.90
CA SER W 420 -31.44 24.89 -16.90
C SER W 420 -30.97 23.75 -17.79
N GLU W 421 -29.79 23.20 -17.56
CA GLU W 421 -29.44 21.96 -18.22
C GLU W 421 -29.86 20.74 -17.41
N TYR W 422 -30.23 20.91 -16.15
CA TYR W 422 -30.67 19.83 -15.30
C TYR W 422 -32.18 19.81 -15.08
N VAL W 423 -32.76 20.95 -14.71
CA VAL W 423 -34.16 21.05 -14.34
C VAL W 423 -34.80 22.16 -15.18
N GLY W 424 -36.08 22.38 -14.96
CA GLY W 424 -36.80 23.49 -15.55
C GLY W 424 -37.80 23.11 -16.62
N SER W 425 -37.66 21.94 -17.25
CA SER W 425 -38.58 21.60 -18.34
C SER W 425 -38.66 20.10 -18.49
N VAL W 426 -39.72 19.66 -19.17
CA VAL W 426 -39.90 18.25 -19.54
C VAL W 426 -39.19 18.07 -20.88
N GLU W 427 -37.90 17.78 -20.82
CA GLU W 427 -37.11 17.54 -22.02
C GLU W 427 -36.23 16.33 -21.82
N VAL W 428 -35.93 15.64 -22.93
CA VAL W 428 -35.11 14.44 -22.86
C VAL W 428 -33.70 14.82 -22.45
N GLY W 429 -33.15 14.07 -21.49
CA GLY W 429 -31.83 14.32 -20.96
C GLY W 429 -31.82 15.03 -19.63
N LYS W 430 -32.92 15.66 -19.26
CA LYS W 430 -33.01 16.43 -18.03
C LYS W 430 -33.38 15.54 -16.85
N VAL W 431 -33.17 16.09 -15.64
CA VAL W 431 -33.53 15.40 -14.42
C VAL W 431 -35.03 15.21 -14.34
N ALA W 432 -35.46 14.03 -13.93
CA ALA W 432 -36.88 13.69 -13.87
C ALA W 432 -37.48 14.25 -12.57
N ASP W 433 -37.60 15.57 -12.54
CA ASP W 433 -38.36 16.29 -11.50
C ASP W 433 -39.70 16.69 -12.12
N LEU W 434 -40.74 15.90 -11.85
CA LEU W 434 -42.01 16.05 -12.53
C LEU W 434 -43.14 16.11 -11.52
N VAL W 435 -44.19 16.84 -11.88
CA VAL W 435 -45.38 17.00 -11.04
C VAL W 435 -46.59 16.54 -11.83
N LEU W 436 -47.42 15.71 -11.21
CA LEU W 436 -48.65 15.21 -11.81
C LEU W 436 -49.82 16.02 -11.29
N TRP W 437 -50.59 16.59 -12.20
CA TRP W 437 -51.75 17.40 -11.86
C TRP W 437 -53.01 16.81 -12.48
N SER W 438 -54.07 16.70 -11.70
CA SER W 438 -55.38 16.56 -12.29
C SER W 438 -55.88 17.93 -12.73
N PRO W 439 -56.41 18.07 -13.95
CA PRO W 439 -56.75 19.42 -14.44
C PRO W 439 -57.73 20.18 -13.57
N ALA W 440 -58.64 19.49 -12.87
CA ALA W 440 -59.54 20.19 -11.97
C ALA W 440 -58.78 20.87 -10.83
N PHE W 441 -57.64 20.33 -10.43
CA PHE W 441 -56.85 20.87 -9.34
C PHE W 441 -55.57 21.54 -9.82
N PHE W 442 -55.48 21.87 -11.11
CA PHE W 442 -54.23 22.38 -11.65
C PHE W 442 -53.85 23.70 -11.02
N GLY W 443 -52.59 23.82 -10.63
CA GLY W 443 -52.06 25.05 -10.09
C GLY W 443 -52.26 25.25 -8.61
N VAL W 444 -53.02 24.40 -7.93
CA VAL W 444 -53.21 24.58 -6.49
C VAL W 444 -52.83 23.33 -5.71
N LYS W 445 -53.29 22.16 -6.16
CA LYS W 445 -53.02 20.94 -5.41
C LYS W 445 -52.64 19.79 -6.33
N PRO W 446 -51.36 19.40 -6.35
CA PRO W 446 -50.91 18.35 -7.26
C PRO W 446 -51.30 16.94 -6.78
N ASN W 447 -51.13 15.98 -7.68
CA ASN W 447 -51.38 14.58 -7.38
C ASN W 447 -50.15 13.93 -6.75
N MET W 448 -49.01 13.99 -7.42
CA MET W 448 -47.79 13.39 -6.89
C MET W 448 -46.58 14.11 -7.46
N ILE W 449 -45.46 13.98 -6.74
CA ILE W 449 -44.18 14.53 -7.15
C ILE W 449 -43.25 13.36 -7.47
N ILE W 450 -42.63 13.40 -8.64
CA ILE W 450 -41.57 12.48 -9.00
C ILE W 450 -40.25 13.23 -8.86
N LYS W 451 -39.36 12.72 -8.03
CA LYS W 451 -38.11 13.38 -7.69
C LYS W 451 -36.97 12.45 -8.05
N GLY W 452 -36.11 12.88 -8.97
CA GLY W 452 -35.02 12.04 -9.41
C GLY W 452 -35.45 10.74 -10.06
N GLY W 453 -36.62 10.73 -10.69
CA GLY W 453 -37.11 9.52 -11.32
C GLY W 453 -37.82 8.55 -10.41
N PHE W 454 -38.17 8.96 -9.20
CA PHE W 454 -38.87 8.10 -8.25
C PHE W 454 -39.91 8.93 -7.51
N ILE W 455 -40.98 8.29 -7.07
CA ILE W 455 -42.08 9.02 -6.44
C ILE W 455 -41.68 9.42 -5.03
N ALA W 456 -41.76 10.71 -4.72
CA ALA W 456 -41.31 11.23 -3.44
C ALA W 456 -42.44 11.77 -2.57
N LEU W 457 -43.53 12.24 -3.18
CA LEU W 457 -44.65 12.76 -2.43
C LEU W 457 -45.91 12.45 -3.22
N SER W 458 -46.99 12.13 -2.52
CA SER W 458 -48.26 11.95 -3.20
C SER W 458 -49.40 12.14 -2.22
N GLN W 459 -50.57 12.44 -2.76
CA GLN W 459 -51.80 12.29 -2.02
C GLN W 459 -51.99 10.83 -1.64
N MET W 460 -52.46 10.60 -0.41
CA MET W 460 -52.55 9.24 0.08
C MET W 460 -53.60 9.17 1.18
N GLY W 461 -54.39 8.12 1.15
CA GLY W 461 -55.34 7.86 2.21
C GLY W 461 -54.69 7.15 3.38
N ASP W 462 -55.52 6.75 4.33
CA ASP W 462 -55.02 6.16 5.56
C ASP W 462 -54.38 4.81 5.29
N ALA W 463 -53.30 4.53 6.03
CA ALA W 463 -52.48 3.36 5.75
C ALA W 463 -53.23 2.05 5.97
N ASN W 464 -54.23 2.04 6.84
CA ASN W 464 -54.97 0.83 7.14
C ASN W 464 -56.11 0.56 6.16
N ALA W 465 -56.37 1.47 5.22
CA ALA W 465 -57.50 1.30 4.32
C ALA W 465 -57.21 0.25 3.25
N SER W 466 -58.29 -0.35 2.74
CA SER W 466 -58.17 -1.41 1.75
C SER W 466 -57.71 -0.89 0.39
N ILE W 467 -57.82 0.41 0.15
CA ILE W 467 -57.35 1.02 -1.09
C ILE W 467 -56.74 2.37 -0.75
N PRO W 468 -55.97 2.97 -1.68
CA PRO W 468 -55.26 4.21 -1.32
C PRO W 468 -56.12 5.46 -1.32
N THR W 469 -57.34 5.41 -1.82
CA THR W 469 -58.21 6.57 -1.98
C THR W 469 -58.96 7.06 -0.73
N PRO W 470 -59.41 6.20 0.19
CA PRO W 470 -60.30 6.69 1.25
C PRO W 470 -59.64 7.64 2.23
N GLN W 471 -60.49 8.38 2.93
CA GLN W 471 -60.13 9.51 3.75
C GLN W 471 -59.53 9.07 5.09
N PRO W 472 -58.75 9.95 5.74
CA PRO W 472 -58.33 11.26 5.25
C PRO W 472 -57.17 11.19 4.25
N VAL W 473 -57.24 12.00 3.21
CA VAL W 473 -56.23 12.05 2.16
C VAL W 473 -55.44 13.33 2.34
N TYR W 474 -54.12 13.21 2.50
CA TYR W 474 -53.24 14.36 2.50
C TYR W 474 -51.90 13.94 1.93
N TYR W 475 -51.00 14.90 1.82
CA TYR W 475 -49.70 14.66 1.19
C TYR W 475 -48.78 13.96 2.17
N ARG W 476 -48.25 12.82 1.77
CA ARG W 476 -47.40 12.00 2.61
C ARG W 476 -46.11 11.70 1.88
N GLU W 477 -45.05 11.54 2.66
CA GLU W 477 -43.75 11.23 2.08
C GLU W 477 -43.76 9.82 1.50
N MET W 478 -43.26 9.68 0.29
CA MET W 478 -43.14 8.41 -0.38
C MET W 478 -41.73 7.86 -0.20
N PHE W 479 -41.39 6.81 -0.94
CA PHE W 479 -40.17 6.07 -0.65
C PHE W 479 -38.91 6.82 -1.08
N ALA W 480 -38.98 7.65 -2.12
CA ALA W 480 -37.82 8.44 -2.50
C ALA W 480 -37.47 9.50 -1.46
N HIS W 481 -38.35 9.72 -0.48
CA HIS W 481 -38.18 10.66 0.60
C HIS W 481 -37.41 10.10 1.79
N HIS W 482 -37.02 8.83 1.76
CA HIS W 482 -36.59 8.14 2.96
C HIS W 482 -35.30 7.35 2.75
N GLY W 483 -34.63 7.04 3.85
CA GLY W 483 -33.46 6.19 3.84
C GLY W 483 -32.32 6.79 3.06
N LYS W 484 -31.58 5.93 2.36
CA LYS W 484 -30.54 6.36 1.45
C LYS W 484 -31.07 6.65 0.06
N ALA W 485 -32.36 6.43 -0.17
CA ALA W 485 -32.95 6.73 -1.47
C ALA W 485 -32.99 8.22 -1.73
N LYS W 486 -33.16 9.03 -0.69
CA LYS W 486 -33.25 10.47 -0.87
C LYS W 486 -31.94 11.07 -1.35
N TYR W 487 -30.81 10.41 -1.07
CA TYR W 487 -29.54 10.89 -1.59
C TYR W 487 -29.43 10.73 -3.09
N ASP W 488 -30.07 9.72 -3.66
CA ASP W 488 -30.04 9.52 -5.10
C ASP W 488 -31.04 10.41 -5.83
N ALA W 489 -32.08 10.86 -5.14
CA ALA W 489 -33.15 11.60 -5.78
C ALA W 489 -32.96 13.11 -5.74
N ASN W 490 -31.96 13.61 -5.01
CA ASN W 490 -31.87 15.02 -4.71
C ASN W 490 -30.50 15.55 -5.09
N ILE W 491 -30.48 16.81 -5.51
CA ILE W 491 -29.27 17.48 -5.96
C ILE W 491 -28.99 18.66 -5.03
N THR W 492 -27.72 18.81 -4.67
CA THR W 492 -27.22 20.04 -4.10
C THR W 492 -26.41 20.77 -5.16
N PHE W 493 -26.87 21.93 -5.58
CA PHE W 493 -26.15 22.72 -6.57
C PHE W 493 -25.06 23.54 -5.91
N VAL W 494 -23.87 23.52 -6.50
CA VAL W 494 -22.73 24.30 -6.01
C VAL W 494 -22.12 25.03 -7.20
N SER W 495 -21.14 25.87 -6.90
CA SER W 495 -20.39 26.54 -7.96
C SER W 495 -19.43 25.56 -8.62
N GLN W 496 -19.03 25.90 -9.84
CA GLN W 496 -18.06 25.07 -10.55
C GLN W 496 -16.74 24.99 -9.80
N ALA W 497 -16.32 26.09 -9.17
CA ALA W 497 -15.07 26.09 -8.42
C ALA W 497 -15.13 25.14 -7.24
N ALA W 498 -16.21 25.20 -6.46
CA ALA W 498 -16.35 24.29 -5.32
C ALA W 498 -16.44 22.84 -5.77
N TYR W 499 -17.16 22.61 -6.87
CA TYR W 499 -17.26 21.26 -7.42
C TYR W 499 -15.90 20.72 -7.83
N ASP W 500 -15.07 21.55 -8.45
CA ASP W 500 -13.74 21.11 -8.88
C ASP W 500 -12.82 20.84 -7.71
N LYS W 501 -13.03 21.50 -6.58
CA LYS W 501 -12.21 21.29 -5.40
C LYS W 501 -12.71 20.14 -4.53
N GLY W 502 -13.69 19.37 -5.00
CA GLY W 502 -14.21 18.24 -4.25
C GLY W 502 -14.98 18.61 -3.00
N ILE W 503 -15.89 19.58 -3.12
CA ILE W 503 -16.73 19.99 -2.00
C ILE W 503 -17.57 18.82 -1.50
N LYS W 504 -17.97 17.92 -2.41
CA LYS W 504 -18.77 16.77 -2.02
C LYS W 504 -18.00 15.85 -1.07
N GLU W 505 -16.75 15.55 -1.41
CA GLU W 505 -15.94 14.65 -0.61
C GLU W 505 -15.40 15.32 0.63
N GLU W 506 -15.10 16.62 0.54
CA GLU W 506 -14.59 17.34 1.70
C GLU W 506 -15.63 17.42 2.81
N LEU W 507 -16.88 17.68 2.47
CA LEU W 507 -17.95 17.81 3.45
C LEU W 507 -18.69 16.51 3.70
N GLY W 508 -18.34 15.43 3.02
CA GLY W 508 -19.02 14.16 3.20
C GLY W 508 -20.47 14.18 2.79
N LEU W 509 -20.79 14.81 1.67
CA LEU W 509 -22.16 14.95 1.20
C LEU W 509 -22.55 13.73 0.39
N GLU W 510 -23.72 13.17 0.67
CA GLU W 510 -24.19 11.98 -0.02
C GLU W 510 -25.20 12.29 -1.12
N ARG W 511 -25.77 13.49 -1.14
CA ARG W 511 -26.61 13.90 -2.26
C ARG W 511 -25.76 14.04 -3.53
N GLN W 512 -26.43 14.05 -4.68
CA GLN W 512 -25.76 14.44 -5.90
C GLN W 512 -25.32 15.90 -5.80
N VAL W 513 -24.12 16.18 -6.29
CA VAL W 513 -23.57 17.53 -6.28
C VAL W 513 -23.29 17.92 -7.72
N LEU W 514 -23.92 18.99 -8.17
CA LEU W 514 -23.80 19.46 -9.54
C LEU W 514 -23.40 20.93 -9.59
N PRO W 515 -22.59 21.32 -10.56
CA PRO W 515 -22.20 22.73 -10.70
C PRO W 515 -23.18 23.55 -11.53
N VAL W 516 -23.38 24.80 -11.11
CA VAL W 516 -24.14 25.75 -11.92
C VAL W 516 -23.23 26.29 -13.01
N LYS W 517 -23.82 26.70 -14.12
CA LYS W 517 -23.02 27.15 -15.26
C LYS W 517 -23.88 28.05 -16.14
N ASN W 518 -23.19 28.93 -16.88
CA ASN W 518 -23.81 29.85 -17.85
C ASN W 518 -24.69 30.88 -17.15
N CYS W 519 -24.13 31.53 -16.14
CA CYS W 519 -24.86 32.53 -15.38
C CYS W 519 -24.56 33.96 -15.82
N ARG W 520 -23.42 34.20 -16.47
CA ARG W 520 -22.97 35.57 -16.72
C ARG W 520 -23.26 36.04 -18.13
N ASN W 521 -23.59 35.15 -19.06
CA ASN W 521 -23.76 35.52 -20.46
C ASN W 521 -25.23 35.52 -20.89
N ILE W 522 -26.15 35.62 -19.94
CA ILE W 522 -27.56 35.63 -20.24
C ILE W 522 -28.11 37.02 -20.00
N THR W 523 -29.10 37.40 -20.80
CA THR W 523 -29.78 38.66 -20.61
C THR W 523 -31.29 38.46 -20.56
N LYS W 524 -32.04 39.56 -20.54
CA LYS W 524 -33.49 39.50 -20.57
C LYS W 524 -33.99 38.75 -21.81
N LYS W 525 -33.20 38.74 -22.88
CA LYS W 525 -33.58 38.03 -24.09
C LYS W 525 -33.52 36.52 -23.95
N ASP W 526 -32.92 36.00 -22.89
CA ASP W 526 -32.82 34.57 -22.68
C ASP W 526 -33.99 33.99 -21.88
N MET W 527 -34.97 34.80 -21.51
CA MET W 527 -36.13 34.33 -20.79
C MET W 527 -37.20 33.89 -21.77
N GLN W 528 -37.75 32.70 -21.57
CA GLN W 528 -38.73 32.17 -22.48
C GLN W 528 -40.07 32.87 -22.30
N PHE W 529 -40.60 33.40 -23.39
CA PHE W 529 -41.92 34.02 -23.43
C PHE W 529 -42.01 35.28 -22.59
N ASN W 530 -40.93 35.62 -21.89
CA ASN W 530 -40.85 36.88 -21.13
C ASN W 530 -39.52 37.54 -21.47
N ASP W 531 -39.45 38.19 -22.62
CA ASP W 531 -38.22 38.82 -23.07
C ASP W 531 -38.47 40.25 -23.53
N THR W 532 -39.54 40.87 -23.06
CA THR W 532 -39.92 42.19 -23.52
C THR W 532 -39.11 43.25 -22.78
N THR W 533 -38.30 43.99 -23.54
CA THR W 533 -37.58 45.14 -23.00
C THR W 533 -38.29 46.41 -23.44
N ALA W 534 -38.35 47.38 -22.53
CA ALA W 534 -39.06 48.61 -22.82
C ALA W 534 -38.51 49.72 -21.93
N HIS W 535 -38.76 50.95 -22.32
CA HIS W 535 -38.41 52.09 -21.50
C HIS W 535 -39.52 52.33 -20.50
N ILE W 536 -39.22 52.16 -19.22
CA ILE W 536 -40.19 52.30 -18.15
C ILE W 536 -39.89 53.60 -17.40
N GLU W 537 -40.89 54.46 -17.30
CA GLU W 537 -40.80 55.71 -16.57
C GLU W 537 -41.79 55.66 -15.40
N VAL W 538 -41.36 56.16 -14.26
CA VAL W 538 -42.19 56.25 -13.07
C VAL W 538 -42.28 57.71 -12.65
N ASN W 539 -43.49 58.20 -12.45
CA ASN W 539 -43.69 59.58 -12.05
C ASN W 539 -43.23 59.76 -10.61
N PRO W 540 -42.30 60.67 -10.32
CA PRO W 540 -41.86 60.85 -8.94
C PRO W 540 -42.95 61.28 -7.98
N GLU W 541 -43.99 61.95 -8.48
CA GLU W 541 -45.06 62.47 -7.62
C GLU W 541 -46.25 61.54 -7.55
N THR W 542 -46.86 61.22 -8.70
CA THR W 542 -48.06 60.40 -8.71
C THR W 542 -47.76 58.91 -8.67
N TYR W 543 -46.50 58.51 -8.81
CA TYR W 543 -46.08 57.11 -8.79
C TYR W 543 -46.66 56.31 -9.94
N HIS W 544 -47.18 56.98 -10.96
CA HIS W 544 -47.72 56.26 -12.12
C HIS W 544 -46.59 55.67 -12.95
N VAL W 545 -46.91 54.56 -13.62
CA VAL W 545 -45.93 53.80 -14.38
C VAL W 545 -46.29 53.89 -15.85
N PHE W 546 -45.32 54.28 -16.66
CA PHE W 546 -45.49 54.37 -18.10
C PHE W 546 -44.49 53.44 -18.79
N VAL W 547 -45.00 52.61 -19.69
CA VAL W 547 -44.17 51.73 -20.49
C VAL W 547 -44.22 52.23 -21.93
N ASP W 548 -43.08 52.63 -22.46
CA ASP W 548 -42.98 53.16 -23.82
C ASP W 548 -43.96 54.32 -24.05
N GLY W 549 -44.12 55.14 -23.03
CA GLY W 549 -44.93 56.33 -23.11
C GLY W 549 -46.39 56.16 -22.74
N LYS W 550 -46.85 54.93 -22.57
CA LYS W 550 -48.26 54.67 -22.27
C LYS W 550 -48.41 54.19 -20.83
N GLU W 551 -49.42 54.70 -20.15
CA GLU W 551 -49.64 54.35 -18.75
C GLU W 551 -50.08 52.90 -18.62
N VAL W 552 -49.50 52.21 -17.64
CA VAL W 552 -49.76 50.80 -17.40
C VAL W 552 -50.35 50.67 -16.00
N THR W 553 -51.51 50.04 -15.91
CA THR W 553 -52.17 49.84 -14.63
C THR W 553 -53.10 48.66 -14.75
N SER W 554 -53.48 48.12 -13.59
CA SER W 554 -54.48 47.07 -13.51
C SER W 554 -55.45 47.41 -12.40
N LYS W 555 -56.61 46.82 -12.46
CA LYS W 555 -57.52 47.13 -11.37
C LYS W 555 -57.53 45.98 -10.36
N PRO W 556 -57.79 46.27 -9.09
CA PRO W 556 -57.77 45.22 -8.07
C PRO W 556 -58.92 44.24 -8.25
N ALA W 557 -58.70 43.03 -7.74
CA ALA W 557 -59.69 41.97 -7.80
C ALA W 557 -60.33 41.78 -6.43
N ASN W 558 -61.66 41.71 -6.40
CA ASN W 558 -62.38 41.44 -5.17
C ASN W 558 -62.55 39.95 -4.91
N LYS W 559 -62.17 39.10 -5.85
CA LYS W 559 -62.25 37.65 -5.71
C LYS W 559 -61.33 37.03 -6.74
N VAL W 560 -60.60 36.01 -6.33
CA VAL W 560 -59.68 35.32 -7.21
C VAL W 560 -60.11 33.87 -7.31
N SER W 561 -59.62 33.20 -8.35
CA SER W 561 -59.82 31.77 -8.47
C SER W 561 -58.74 31.03 -7.70
N LEU W 562 -58.94 29.71 -7.56
CA LEU W 562 -57.98 28.82 -6.93
C LEU W 562 -57.73 29.17 -5.46
N ALA W 563 -58.67 29.81 -4.78
CA ALA W 563 -58.43 30.20 -3.39
C ALA W 563 -59.35 29.50 -2.40
N GLN W 564 -60.64 29.83 -2.37
CA GLN W 564 -61.51 29.33 -1.32
C GLN W 564 -62.26 28.07 -1.71
N LEU W 565 -62.23 27.73 -3.00
CA LEU W 565 -62.86 26.51 -3.46
C LEU W 565 -62.04 25.28 -3.10
N PHE W 566 -60.75 25.43 -2.86
CA PHE W 566 -59.83 24.30 -2.78
C PHE W 566 -59.23 24.07 -1.40
N SER W 567 -59.38 25.00 -0.46
CA SER W 567 -58.67 24.92 0.81
C SER W 567 -59.64 25.11 1.96
N ILE W 568 -59.45 24.33 3.03
CA ILE W 568 -60.26 24.50 4.22
C ILE W 568 -59.83 25.71 5.04
N PHE W 569 -58.60 26.15 4.90
CA PHE W 569 -58.11 27.33 5.59
C PHE W 569 -57.29 28.20 4.65
N MET X 1 -48.67 -51.38 6.54
CA MET X 1 -48.55 -51.80 7.92
C MET X 1 -48.22 -53.28 8.01
N LYS X 2 -47.03 -53.58 8.51
CA LYS X 2 -46.54 -54.95 8.65
C LYS X 2 -45.95 -55.13 10.03
N LYS X 3 -45.94 -56.37 10.50
CA LYS X 3 -45.36 -56.73 11.79
C LYS X 3 -43.97 -57.32 11.58
N ILE X 4 -43.01 -56.85 12.37
CA ILE X 4 -41.64 -57.34 12.32
C ILE X 4 -41.26 -57.83 13.72
N SER X 5 -40.73 -59.04 13.80
CA SER X 5 -40.28 -59.57 15.08
C SER X 5 -39.12 -58.75 15.61
N ARG X 6 -39.09 -58.58 16.93
CA ARG X 6 -38.05 -57.77 17.56
C ARG X 6 -36.66 -58.28 17.24
N LYS X 7 -36.51 -59.60 17.13
CA LYS X 7 -35.18 -60.16 16.88
C LYS X 7 -34.63 -59.69 15.54
N GLU X 8 -35.40 -59.86 14.46
CA GLU X 8 -34.89 -59.46 13.16
C GLU X 8 -34.80 -57.95 13.02
N TYR X 9 -35.71 -57.22 13.68
CA TYR X 9 -35.61 -55.77 13.67
C TYR X 9 -34.31 -55.30 14.31
N VAL X 10 -33.95 -55.88 15.47
CA VAL X 10 -32.73 -55.48 16.15
C VAL X 10 -31.51 -55.91 15.36
N SER X 11 -31.58 -57.08 14.70
CA SER X 11 -30.46 -57.50 13.86
C SER X 11 -30.26 -56.56 12.68
N MET X 12 -31.34 -55.96 12.19
CA MET X 12 -31.19 -55.06 11.04
C MET X 12 -30.79 -53.64 11.45
N TYR X 13 -31.38 -53.10 12.52
CA TYR X 13 -31.20 -51.69 12.84
C TYR X 13 -30.68 -51.42 14.24
N GLY X 14 -30.41 -52.45 15.04
CA GLY X 14 -29.95 -52.25 16.40
C GLY X 14 -31.10 -52.26 17.38
N PRO X 15 -30.77 -52.19 18.68
CA PRO X 15 -31.81 -52.20 19.70
C PRO X 15 -32.70 -50.97 19.62
N THR X 16 -33.95 -51.14 20.02
CA THR X 16 -34.94 -50.06 20.01
C THR X 16 -35.44 -49.85 21.45
N THR X 17 -36.45 -49.00 21.59
CA THR X 17 -36.92 -48.64 22.92
C THR X 17 -37.34 -49.86 23.73
N GLY X 18 -36.85 -49.94 24.97
CA GLY X 18 -37.14 -51.02 25.85
C GLY X 18 -36.15 -52.17 25.80
N ASP X 19 -35.36 -52.26 24.73
CA ASP X 19 -34.32 -53.27 24.66
C ASP X 19 -33.17 -52.91 25.59
N LYS X 20 -32.44 -53.94 25.99
CA LYS X 20 -31.32 -53.81 26.90
C LYS X 20 -30.08 -54.46 26.30
N VAL X 21 -28.92 -53.88 26.57
CA VAL X 21 -27.67 -54.40 26.05
C VAL X 21 -26.63 -54.43 27.16
N ARG X 22 -25.90 -55.54 27.25
CA ARG X 22 -24.78 -55.63 28.18
C ARG X 22 -23.60 -54.80 27.68
N LEU X 23 -22.90 -54.15 28.59
CA LEU X 23 -21.74 -53.33 28.26
C LEU X 23 -20.49 -54.16 28.50
N GLY X 24 -19.79 -54.51 27.42
CA GLY X 24 -18.60 -55.33 27.53
C GLY X 24 -18.92 -56.66 28.19
N ASP X 25 -17.96 -57.16 28.98
CA ASP X 25 -18.17 -58.36 29.76
C ASP X 25 -18.55 -58.05 31.20
N THR X 26 -19.07 -56.85 31.46
CA THR X 26 -19.45 -56.44 32.80
C THR X 26 -20.86 -56.92 33.12
N ASP X 27 -21.40 -56.47 34.24
CA ASP X 27 -22.78 -56.73 34.61
C ASP X 27 -23.68 -55.51 34.43
N LEU X 28 -23.14 -54.41 33.89
CA LEU X 28 -23.93 -53.21 33.68
C LEU X 28 -24.83 -53.37 32.46
N ILE X 29 -26.11 -53.07 32.63
CA ILE X 29 -27.11 -53.26 31.58
C ILE X 29 -27.67 -51.91 31.21
N ALA X 30 -27.58 -51.57 29.93
CA ALA X 30 -28.09 -50.31 29.41
C ALA X 30 -29.41 -50.55 28.70
N GLU X 31 -30.40 -49.73 29.02
CA GLU X 31 -31.72 -49.82 28.40
C GLU X 31 -31.94 -48.61 27.52
N VAL X 32 -32.38 -48.85 26.29
CA VAL X 32 -32.70 -47.76 25.37
C VAL X 32 -33.95 -47.04 25.87
N GLU X 33 -33.82 -45.75 26.15
CA GLU X 33 -34.90 -44.99 26.75
C GLU X 33 -35.89 -44.48 25.72
N HIS X 34 -35.40 -44.07 24.55
CA HIS X 34 -36.22 -43.45 23.54
C HIS X 34 -35.62 -43.71 22.17
N ASP X 35 -36.45 -43.64 21.14
CA ASP X 35 -36.03 -43.84 19.77
C ASP X 35 -36.57 -42.70 18.91
N TYR X 36 -35.71 -42.10 18.10
CA TYR X 36 -36.09 -41.01 17.23
C TYR X 36 -36.54 -41.47 15.86
N THR X 37 -36.63 -42.78 15.64
CA THR X 37 -36.89 -43.27 14.30
C THR X 37 -38.38 -43.43 14.04
N ILE X 38 -38.74 -43.40 12.77
CA ILE X 38 -40.08 -43.78 12.33
C ILE X 38 -39.99 -45.21 11.80
N TYR X 39 -40.72 -46.11 12.44
CA TYR X 39 -40.63 -47.53 12.08
C TYR X 39 -41.06 -47.74 10.63
N GLY X 40 -40.16 -48.33 9.85
CA GLY X 40 -40.35 -48.45 8.43
C GLY X 40 -39.61 -47.44 7.59
N GLU X 41 -38.91 -46.49 8.21
CA GLU X 41 -38.21 -45.45 7.50
C GLU X 41 -36.73 -45.38 7.87
N GLU X 42 -36.17 -46.47 8.38
CA GLU X 42 -34.80 -46.47 8.87
C GLU X 42 -33.80 -46.26 7.73
N LEU X 43 -32.69 -45.63 8.06
CA LEU X 43 -31.63 -45.38 7.08
C LEU X 43 -30.66 -46.56 7.07
N LYS X 44 -30.54 -47.21 5.92
CA LYS X 44 -29.61 -48.31 5.74
C LYS X 44 -28.79 -48.05 4.49
N PHE X 45 -27.49 -48.31 4.56
CA PHE X 45 -26.61 -48.14 3.43
C PHE X 45 -26.15 -49.49 2.90
N GLY X 46 -26.11 -49.60 1.59
CA GLY X 46 -25.72 -50.84 0.94
C GLY X 46 -26.39 -50.94 -0.41
N GLY X 47 -26.18 -52.09 -1.05
CA GLY X 47 -26.78 -52.34 -2.34
C GLY X 47 -28.27 -52.61 -2.20
N GLY X 48 -29.09 -51.85 -2.92
CA GLY X 48 -30.52 -52.03 -2.87
C GLY X 48 -31.20 -51.49 -1.64
N LYS X 49 -30.50 -50.71 -0.83
CA LYS X 49 -31.02 -50.22 0.42
C LYS X 49 -31.54 -48.80 0.27
N THR X 50 -31.82 -48.15 1.41
CA THR X 50 -32.57 -46.90 1.38
C THR X 50 -31.71 -45.69 1.06
N LEU X 51 -30.46 -45.67 1.51
CA LEU X 51 -29.62 -44.48 1.36
C LEU X 51 -29.15 -44.29 -0.07
N ARG X 52 -30.08 -44.02 -0.97
CA ARG X 52 -29.77 -43.93 -2.39
C ARG X 52 -30.45 -42.71 -2.97
N GLU X 53 -29.95 -42.29 -4.13
CA GLU X 53 -30.44 -41.10 -4.82
C GLU X 53 -31.95 -41.18 -5.02
N GLY X 54 -32.67 -40.21 -4.47
CA GLY X 54 -34.10 -40.12 -4.65
C GLY X 54 -34.93 -40.84 -3.61
N MET X 55 -34.33 -41.60 -2.69
CA MET X 55 -35.10 -42.29 -1.67
C MET X 55 -34.80 -41.77 -0.27
N SER X 56 -33.56 -41.88 0.19
CA SER X 56 -33.15 -41.33 1.48
C SER X 56 -32.08 -40.28 1.34
N GLN X 57 -31.31 -40.29 0.26
CA GLN X 57 -30.52 -39.15 -0.15
C GLN X 57 -31.39 -38.26 -1.02
N SER X 58 -31.50 -36.99 -0.65
CA SER X 58 -32.38 -36.08 -1.36
C SER X 58 -31.77 -35.64 -2.68
N ASN X 59 -32.62 -35.54 -3.71
CA ASN X 59 -32.23 -34.91 -4.95
C ASN X 59 -32.45 -33.41 -4.93
N ASN X 60 -33.13 -32.90 -3.91
CA ASN X 60 -33.32 -31.46 -3.70
C ASN X 60 -33.03 -31.18 -2.22
N PRO X 61 -31.76 -31.27 -1.81
CA PRO X 61 -31.45 -31.18 -0.39
C PRO X 61 -31.64 -29.77 0.15
N SER X 62 -31.79 -29.69 1.47
CA SER X 62 -31.77 -28.40 2.11
C SER X 62 -30.37 -27.79 2.01
N LYS X 63 -30.27 -26.53 2.38
CA LYS X 63 -28.97 -25.87 2.34
C LYS X 63 -28.09 -26.22 3.53
N GLU X 64 -28.65 -26.83 4.58
CA GLU X 64 -27.89 -27.33 5.72
C GLU X 64 -27.57 -28.80 5.56
N GLU X 65 -27.30 -29.21 4.33
CA GLU X 65 -26.99 -30.60 4.00
C GLU X 65 -25.80 -31.11 4.80
N LEU X 66 -25.92 -32.33 5.29
CA LEU X 66 -24.92 -32.91 6.16
C LEU X 66 -23.68 -33.35 5.38
N ASP X 67 -22.52 -33.28 6.04
CA ASP X 67 -21.32 -33.89 5.49
C ASP X 67 -21.25 -35.37 5.81
N LEU X 68 -21.69 -35.75 7.00
CA LEU X 68 -21.60 -37.11 7.51
C LEU X 68 -22.83 -37.39 8.34
N ILE X 69 -23.39 -38.58 8.21
CA ILE X 69 -24.49 -39.02 9.05
C ILE X 69 -24.17 -40.40 9.59
N ILE X 70 -24.44 -40.59 10.88
CA ILE X 70 -24.30 -41.88 11.53
C ILE X 70 -25.71 -42.41 11.77
N THR X 71 -26.04 -43.52 11.14
CA THR X 71 -27.40 -44.03 11.14
C THR X 71 -27.59 -45.06 12.25
N ASN X 72 -28.74 -44.98 12.93
CA ASN X 72 -29.19 -46.01 13.86
C ASN X 72 -28.21 -46.21 15.01
N ALA X 73 -27.66 -45.11 15.50
CA ALA X 73 -26.69 -45.15 16.57
C ALA X 73 -27.37 -45.19 17.93
N LEU X 74 -26.86 -46.03 18.82
CA LEU X 74 -27.24 -46.00 20.22
C LEU X 74 -26.33 -45.01 20.94
N ILE X 75 -26.88 -43.89 21.35
CA ILE X 75 -26.12 -42.85 22.02
C ILE X 75 -26.10 -43.14 23.51
N VAL X 76 -24.90 -43.22 24.09
CA VAL X 76 -24.73 -43.30 25.53
C VAL X 76 -24.05 -42.00 25.96
N ASP X 77 -24.81 -41.15 26.63
CA ASP X 77 -24.39 -39.82 27.00
C ASP X 77 -24.98 -39.54 28.38
N TYR X 78 -24.48 -38.50 29.03
CA TYR X 78 -25.09 -38.13 30.31
C TYR X 78 -26.48 -37.55 30.10
N THR X 79 -26.79 -37.06 28.92
CA THR X 79 -28.12 -36.57 28.62
C THR X 79 -29.12 -37.68 28.33
N GLY X 80 -28.68 -38.92 28.17
CA GLY X 80 -29.60 -40.03 28.02
C GLY X 80 -28.99 -41.15 27.20
N ILE X 81 -29.70 -42.28 27.20
CA ILE X 81 -29.31 -43.47 26.46
C ILE X 81 -30.45 -43.76 25.49
N TYR X 82 -30.23 -43.45 24.21
CA TYR X 82 -31.33 -43.46 23.25
C TYR X 82 -30.78 -43.71 21.85
N LYS X 83 -31.70 -44.04 20.93
CA LYS X 83 -31.37 -44.31 19.54
C LYS X 83 -31.72 -43.10 18.68
N ALA X 84 -30.79 -42.71 17.82
CA ALA X 84 -31.02 -41.61 16.90
C ALA X 84 -30.02 -41.69 15.75
N ASP X 85 -30.16 -40.78 14.80
CA ASP X 85 -29.15 -40.54 13.79
C ASP X 85 -28.40 -39.26 14.14
N ILE X 86 -27.09 -39.30 13.99
CA ILE X 86 -26.24 -38.15 14.29
C ILE X 86 -25.76 -37.58 12.96
N GLY X 87 -26.04 -36.30 12.75
CA GLY X 87 -25.58 -35.59 11.57
C GLY X 87 -24.44 -34.65 11.93
N ILE X 88 -23.41 -34.66 11.10
CA ILE X 88 -22.21 -33.86 11.30
C ILE X 88 -22.07 -32.91 10.12
N LYS X 89 -21.90 -31.63 10.42
CA LYS X 89 -21.68 -30.63 9.38
C LYS X 89 -20.63 -29.64 9.88
N ASP X 90 -19.53 -29.53 9.12
CA ASP X 90 -18.47 -28.56 9.38
C ASP X 90 -17.81 -28.75 10.74
N GLY X 91 -17.55 -30.01 11.09
CA GLY X 91 -16.85 -30.33 12.31
C GLY X 91 -17.69 -30.28 13.55
N LYS X 92 -18.94 -29.83 13.47
CA LYS X 92 -19.84 -29.78 14.61
C LYS X 92 -20.91 -30.85 14.47
N ILE X 93 -21.57 -31.14 15.58
CA ILE X 93 -22.76 -31.97 15.57
C ILE X 93 -23.92 -31.08 15.14
N ALA X 94 -24.46 -31.34 13.94
CA ALA X 94 -25.50 -30.50 13.38
C ALA X 94 -26.89 -30.90 13.81
N GLY X 95 -27.14 -32.18 14.05
CA GLY X 95 -28.47 -32.62 14.44
C GLY X 95 -28.45 -34.00 15.03
N ILE X 96 -29.43 -34.27 15.89
CA ILE X 96 -29.67 -35.57 16.48
C ILE X 96 -31.13 -35.89 16.30
N GLY X 97 -31.44 -36.98 15.61
CA GLY X 97 -32.83 -37.31 15.40
C GLY X 97 -33.08 -38.28 14.28
N LYS X 98 -34.03 -37.96 13.41
CA LYS X 98 -34.50 -38.93 12.42
C LYS X 98 -33.54 -39.01 11.23
N GLY X 99 -33.36 -37.91 10.50
CA GLY X 99 -32.43 -37.93 9.39
C GLY X 99 -32.96 -38.62 8.15
N GLY X 100 -32.71 -38.05 6.98
CA GLY X 100 -33.19 -38.65 5.75
C GLY X 100 -33.56 -37.65 4.67
N ASN X 101 -34.57 -38.01 3.87
CA ASN X 101 -34.97 -37.22 2.72
C ASN X 101 -36.41 -36.76 2.92
N LYS X 102 -36.61 -35.44 2.91
CA LYS X 102 -37.93 -34.87 3.11
C LYS X 102 -38.87 -35.12 1.94
N ASP X 103 -38.33 -35.40 0.75
CA ASP X 103 -39.17 -35.70 -0.40
C ASP X 103 -39.93 -37.00 -0.25
N MET X 104 -39.37 -37.98 0.46
CA MET X 104 -39.95 -39.30 0.52
C MET X 104 -40.27 -39.78 1.92
N GLN X 105 -39.96 -38.99 2.96
CA GLN X 105 -40.11 -39.41 4.34
C GLN X 105 -40.66 -38.27 5.17
N ASP X 106 -41.38 -38.63 6.24
CA ASP X 106 -42.23 -37.67 6.94
C ASP X 106 -41.44 -36.76 7.88
N GLY X 107 -40.79 -37.33 8.89
CA GLY X 107 -40.27 -36.51 9.97
C GLY X 107 -38.82 -36.06 9.85
N VAL X 108 -38.47 -35.34 8.78
CA VAL X 108 -37.10 -34.94 8.52
C VAL X 108 -37.01 -33.43 8.62
N LYS X 109 -36.16 -32.94 9.51
CA LYS X 109 -35.93 -31.52 9.68
C LYS X 109 -34.70 -31.07 8.89
N ASN X 110 -34.65 -29.77 8.61
CA ASN X 110 -33.65 -29.25 7.66
C ASN X 110 -32.22 -29.50 8.13
N ASN X 111 -32.00 -29.61 9.44
CA ASN X 111 -30.65 -29.83 9.91
C ASN X 111 -30.21 -31.29 9.84
N LEU X 112 -31.11 -32.19 9.48
CA LEU X 112 -30.79 -33.62 9.37
C LEU X 112 -31.00 -34.14 7.95
N SER X 113 -30.84 -33.27 6.96
CA SER X 113 -31.09 -33.62 5.58
C SER X 113 -29.90 -34.34 4.96
N VAL X 114 -30.14 -35.50 4.38
CA VAL X 114 -29.11 -36.25 3.67
C VAL X 114 -29.21 -35.90 2.20
N GLY X 115 -28.12 -35.41 1.63
CA GLY X 115 -28.08 -35.09 0.24
C GLY X 115 -26.88 -35.72 -0.44
N PRO X 116 -26.57 -35.25 -1.65
CA PRO X 116 -25.43 -35.81 -2.38
C PRO X 116 -24.08 -35.53 -1.76
N ALA X 117 -23.97 -34.57 -0.84
CA ALA X 117 -22.71 -34.26 -0.21
C ALA X 117 -22.47 -35.04 1.08
N THR X 118 -23.34 -35.97 1.44
CA THR X 118 -23.29 -36.64 2.73
C THR X 118 -22.59 -37.98 2.62
N GLU X 119 -21.68 -38.24 3.54
CA GLU X 119 -21.08 -39.55 3.71
C GLU X 119 -21.89 -40.36 4.73
N ALA X 120 -21.95 -41.67 4.51
CA ALA X 120 -22.74 -42.56 5.34
C ALA X 120 -21.83 -43.39 6.25
N LEU X 121 -22.15 -43.40 7.53
CA LEU X 121 -21.48 -44.25 8.51
C LEU X 121 -22.55 -45.07 9.22
N ALA X 122 -22.45 -46.39 9.10
CA ALA X 122 -23.45 -47.26 9.72
C ALA X 122 -23.16 -47.43 11.20
N GLY X 123 -24.18 -47.22 12.03
CA GLY X 123 -24.01 -47.36 13.45
C GLY X 123 -24.96 -48.36 14.08
N GLU X 124 -25.69 -49.11 13.25
CA GLU X 124 -26.62 -50.09 13.78
C GLU X 124 -25.88 -51.15 14.58
N GLY X 125 -26.38 -51.42 15.79
CA GLY X 125 -25.71 -52.33 16.69
C GLY X 125 -24.47 -51.76 17.36
N LEU X 126 -24.23 -50.46 17.24
CA LEU X 126 -23.06 -49.84 17.83
C LEU X 126 -23.47 -48.77 18.82
N ILE X 127 -22.53 -48.39 19.68
CA ILE X 127 -22.71 -47.37 20.69
C ILE X 127 -21.87 -46.16 20.31
N VAL X 128 -22.45 -44.97 20.46
CA VAL X 128 -21.72 -43.72 20.26
C VAL X 128 -21.66 -43.00 21.60
N THR X 129 -20.46 -42.70 22.06
CA THR X 129 -20.22 -41.83 23.20
C THR X 129 -19.37 -40.66 22.75
N ALA X 130 -19.31 -39.64 23.59
CA ALA X 130 -18.37 -38.55 23.39
C ALA X 130 -16.95 -39.04 23.60
N GLY X 131 -16.01 -38.36 22.96
CA GLY X 131 -14.61 -38.64 23.23
C GLY X 131 -14.26 -38.36 24.68
N GLY X 132 -13.39 -39.21 25.23
CA GLY X 132 -12.95 -39.03 26.60
C GLY X 132 -12.06 -37.81 26.77
N ILE X 133 -12.03 -37.29 27.98
CA ILE X 133 -11.22 -36.14 28.33
C ILE X 133 -10.36 -36.51 29.52
N ASP X 134 -9.05 -36.48 29.32
CA ASP X 134 -8.08 -36.80 30.37
C ASP X 134 -7.42 -35.50 30.83
N THR X 135 -7.57 -35.18 32.11
CA THR X 135 -7.15 -33.89 32.63
C THR X 135 -5.95 -33.97 33.56
N HIS X 136 -5.26 -35.10 33.61
CA HIS X 136 -4.09 -35.26 34.47
C HIS X 136 -2.94 -35.90 33.69
N ILE X 137 -2.60 -35.28 32.56
CA ILE X 137 -1.54 -35.78 31.69
C ILE X 137 -0.20 -35.20 32.11
N HIS X 138 0.77 -36.08 32.35
CA HIS X 138 2.17 -35.69 32.39
C HIS X 138 2.73 -35.86 30.99
N PHE X 139 3.03 -34.75 30.32
CA PHE X 139 3.55 -34.80 28.96
C PHE X 139 5.02 -35.24 29.02
N ILE X 140 5.19 -36.54 29.22
CA ILE X 140 6.51 -37.15 29.40
C ILE X 140 7.03 -37.70 28.08
N SER X 141 6.19 -38.35 27.29
CA SER X 141 6.57 -38.84 25.98
C SER X 141 5.42 -38.60 25.01
N PRO X 142 5.74 -38.21 23.77
CA PRO X 142 4.67 -38.07 22.76
C PRO X 142 3.92 -39.36 22.49
N GLN X 143 4.52 -40.51 22.74
CA GLN X 143 3.87 -41.79 22.48
C GLN X 143 2.66 -42.03 23.38
N GLN X 144 2.50 -41.26 24.45
CA GLN X 144 1.28 -41.33 25.24
C GLN X 144 0.05 -40.93 24.44
N ILE X 145 0.21 -39.99 23.52
CA ILE X 145 -0.95 -39.45 22.81
C ILE X 145 -1.61 -40.50 21.93
N PRO X 146 -0.90 -41.25 21.08
CA PRO X 146 -1.57 -42.34 20.35
C PRO X 146 -2.14 -43.41 21.25
N THR X 147 -1.52 -43.68 22.40
CA THR X 147 -2.03 -44.70 23.31
C THR X 147 -3.37 -44.28 23.90
N ALA X 148 -3.47 -43.02 24.35
CA ALA X 148 -4.73 -42.53 24.87
C ALA X 148 -5.78 -42.41 23.77
N PHE X 149 -5.35 -42.08 22.55
CA PHE X 149 -6.27 -41.98 21.42
C PHE X 149 -6.93 -43.32 21.13
N ALA X 150 -6.15 -44.40 21.15
CA ALA X 150 -6.68 -45.72 20.82
C ALA X 150 -7.61 -46.27 21.89
N SER X 151 -7.64 -45.68 23.07
CA SER X 151 -8.53 -46.12 24.14
C SER X 151 -9.83 -45.34 24.21
N GLY X 152 -9.99 -44.30 23.40
CA GLY X 152 -11.20 -43.50 23.39
C GLY X 152 -11.08 -42.10 23.95
N VAL X 153 -9.87 -41.61 24.22
CA VAL X 153 -9.66 -40.27 24.73
C VAL X 153 -9.36 -39.35 23.55
N THR X 154 -10.07 -38.22 23.48
CA THR X 154 -9.89 -37.26 22.41
C THR X 154 -9.36 -35.90 22.87
N THR X 155 -9.29 -35.64 24.17
CA THR X 155 -8.72 -34.42 24.70
C THR X 155 -7.79 -34.78 25.84
N MET X 156 -6.56 -34.26 25.78
CA MET X 156 -5.59 -34.41 26.85
C MET X 156 -5.25 -33.02 27.40
N ILE X 157 -5.42 -32.85 28.71
CA ILE X 157 -5.07 -31.63 29.40
C ILE X 157 -4.03 -31.97 30.47
N GLY X 158 -2.95 -31.20 30.51
CA GLY X 158 -1.91 -31.43 31.47
C GLY X 158 -0.73 -30.50 31.26
N GLY X 159 0.46 -30.92 31.71
CA GLY X 159 1.63 -30.11 31.52
C GLY X 159 2.87 -30.98 31.47
N GLY X 160 3.94 -30.38 31.02
CA GLY X 160 5.22 -31.04 30.92
C GLY X 160 5.99 -30.56 29.71
N THR X 161 7.28 -30.86 29.69
CA THR X 161 8.15 -30.53 28.57
C THR X 161 8.82 -31.76 27.98
N GLY X 162 8.61 -32.93 28.56
CA GLY X 162 9.27 -34.13 28.12
C GLY X 162 9.78 -34.95 29.28
N PRO X 163 10.75 -35.79 29.04
CA PRO X 163 11.21 -36.74 30.07
C PRO X 163 12.12 -36.11 31.11
N ALA X 164 12.06 -34.79 31.24
CA ALA X 164 12.76 -34.09 32.31
C ALA X 164 12.19 -34.47 33.67
N ASP X 165 13.04 -34.38 34.69
CA ASP X 165 12.65 -34.81 36.04
C ASP X 165 11.51 -33.97 36.60
N GLY X 166 11.47 -32.68 36.27
CA GLY X 166 10.35 -31.86 36.68
C GLY X 166 9.03 -32.33 36.10
N THR X 167 9.05 -32.78 34.84
CA THR X 167 7.84 -33.30 34.22
C THR X 167 7.51 -34.71 34.73
N ASN X 168 8.52 -35.53 35.00
CA ASN X 168 8.26 -36.86 35.54
C ASN X 168 7.50 -36.80 36.85
N ALA X 169 7.57 -35.68 37.56
CA ALA X 169 6.87 -35.48 38.82
C ALA X 169 5.61 -34.63 38.67
N THR X 170 5.62 -33.63 37.80
CA THR X 170 4.58 -32.61 37.79
C THR X 170 3.98 -32.45 36.40
N THR X 171 2.69 -32.08 36.37
CA THR X 171 2.03 -31.73 35.11
C THR X 171 2.15 -30.23 34.86
N ILE X 172 3.38 -29.78 34.72
CA ILE X 172 3.68 -28.35 34.65
C ILE X 172 4.48 -28.07 33.39
N THR X 173 4.01 -27.09 32.61
CA THR X 173 4.79 -26.51 31.52
C THR X 173 5.24 -25.13 31.97
N PRO X 174 6.45 -24.97 32.46
CA PRO X 174 6.81 -23.71 33.14
C PRO X 174 7.30 -22.61 32.21
N GLY X 175 6.58 -21.51 32.18
CA GLY X 175 7.07 -20.30 31.55
C GLY X 175 6.69 -20.17 30.09
N ARG X 176 6.85 -18.94 29.58
CA ARG X 176 6.41 -18.58 28.24
C ARG X 176 7.13 -19.38 27.18
N ARG X 177 8.46 -19.51 27.29
CA ARG X 177 9.23 -20.18 26.25
C ARG X 177 8.89 -21.67 26.19
N ASN X 178 8.76 -22.32 27.34
CA ASN X 178 8.39 -23.73 27.34
C ASN X 178 6.96 -23.93 26.84
N LEU X 179 6.07 -22.99 27.16
CA LEU X 179 4.73 -23.03 26.59
C LEU X 179 4.78 -22.93 25.07
N LYS X 180 5.61 -22.04 24.54
CA LYS X 180 5.75 -21.92 23.09
C LYS X 180 6.28 -23.21 22.48
N TRP X 181 7.28 -23.82 23.12
CA TRP X 181 7.78 -25.12 22.67
C TRP X 181 6.64 -26.13 22.55
N MET X 182 5.86 -26.28 23.61
CA MET X 182 4.84 -27.32 23.61
C MET X 182 3.68 -26.99 22.67
N LEU X 183 3.32 -25.71 22.56
CA LEU X 183 2.25 -25.32 21.64
C LEU X 183 2.64 -25.55 20.20
N ARG X 184 3.91 -25.32 19.85
CA ARG X 184 4.33 -25.60 18.48
C ARG X 184 4.54 -27.09 18.25
N ALA X 185 4.91 -27.85 19.28
CA ALA X 185 4.97 -29.29 19.12
C ALA X 185 3.59 -29.90 18.94
N ALA X 186 2.56 -29.29 19.53
CA ALA X 186 1.22 -29.85 19.52
C ALA X 186 0.66 -30.01 18.12
N GLU X 187 1.13 -29.20 17.16
CA GLU X 187 0.69 -29.27 15.78
C GLU X 187 0.85 -30.65 15.15
N GLU X 188 1.59 -31.53 15.79
CA GLU X 188 1.86 -32.87 15.26
C GLU X 188 0.69 -33.83 15.44
N TYR X 189 -0.11 -33.66 16.48
CA TYR X 189 -0.86 -34.76 17.07
C TYR X 189 -2.33 -34.73 16.75
N SER X 190 -2.93 -35.92 16.79
CA SER X 190 -4.38 -36.09 16.70
C SER X 190 -4.92 -36.21 18.13
N MET X 191 -5.16 -35.05 18.74
CA MET X 191 -5.66 -34.93 20.10
C MET X 191 -5.94 -33.47 20.35
N ASN X 192 -7.02 -33.18 21.08
CA ASN X 192 -7.20 -31.84 21.62
C ASN X 192 -6.27 -31.66 22.81
N LEU X 193 -5.58 -30.53 22.85
CA LEU X 193 -4.52 -30.31 23.84
C LEU X 193 -4.70 -28.96 24.52
N GLY X 194 -4.39 -28.95 25.81
CA GLY X 194 -4.28 -27.71 26.57
C GLY X 194 -3.25 -27.92 27.66
N PHE X 195 -2.57 -26.85 28.03
CA PHE X 195 -1.40 -26.96 28.90
C PHE X 195 -1.57 -26.14 30.17
N LEU X 196 -1.13 -26.72 31.28
CA LEU X 196 -1.15 -26.07 32.57
C LEU X 196 0.23 -25.46 32.87
N ALA X 197 0.22 -24.28 33.46
CA ALA X 197 1.42 -23.55 33.81
C ALA X 197 1.87 -23.87 35.23
N LYS X 198 2.97 -23.28 35.66
CA LYS X 198 3.45 -23.44 37.03
C LYS X 198 2.70 -22.47 37.94
N GLY X 199 2.01 -23.00 38.93
CA GLY X 199 1.32 -22.17 39.90
C GLY X 199 2.14 -21.98 41.16
N ASN X 200 3.25 -22.69 41.26
CA ASN X 200 4.08 -22.70 42.47
C ASN X 200 5.01 -21.50 42.46
N THR X 201 4.43 -20.33 42.64
CA THR X 201 5.21 -19.12 42.84
C THR X 201 4.33 -18.12 43.58
N SER X 202 4.98 -17.18 44.24
CA SER X 202 4.30 -16.09 44.92
C SER X 202 4.38 -14.80 44.14
N ASN X 203 4.95 -14.83 42.94
CA ASN X 203 5.07 -13.64 42.09
C ASN X 203 3.87 -13.58 41.16
N ASP X 204 3.03 -12.55 41.33
CA ASP X 204 1.83 -12.43 40.53
C ASP X 204 2.15 -12.17 39.07
N ALA X 205 3.17 -11.37 38.79
CA ALA X 205 3.53 -11.07 37.42
C ALA X 205 3.96 -12.33 36.67
N SER X 206 4.75 -13.19 37.33
CA SER X 206 5.16 -14.44 36.71
C SER X 206 3.96 -15.35 36.44
N LEU X 207 2.99 -15.37 37.35
CA LEU X 207 1.79 -16.16 37.12
C LEU X 207 0.99 -15.64 35.95
N ALA X 208 0.80 -14.32 35.88
CA ALA X 208 -0.01 -13.73 34.83
C ALA X 208 0.63 -13.93 33.46
N ASP X 209 1.95 -13.87 33.39
CA ASP X 209 2.65 -13.99 32.11
C ASP X 209 2.43 -15.35 31.49
N GLN X 210 2.42 -16.41 32.30
CA GLN X 210 2.19 -17.75 31.78
C GLN X 210 0.80 -17.90 31.19
N ILE X 211 -0.20 -17.31 31.82
CA ILE X 211 -1.55 -17.38 31.28
C ILE X 211 -1.64 -16.64 29.96
N GLU X 212 -1.06 -15.45 29.89
CA GLU X 212 -1.04 -14.67 28.65
C GLU X 212 -0.21 -15.33 27.57
N ALA X 213 0.67 -16.26 27.94
CA ALA X 213 1.48 -17.00 26.99
C ALA X 213 0.79 -18.26 26.47
N GLY X 214 -0.45 -18.53 26.87
CA GLY X 214 -1.23 -19.59 26.28
C GLY X 214 -1.66 -20.71 27.22
N ALA X 215 -1.30 -20.71 28.49
CA ALA X 215 -1.71 -21.77 29.37
C ALA X 215 -3.18 -21.63 29.76
N ILE X 216 -3.85 -22.76 29.95
CA ILE X 216 -5.26 -22.76 30.34
C ILE X 216 -5.46 -22.85 31.84
N GLY X 217 -4.39 -22.88 32.63
CA GLY X 217 -4.54 -22.94 34.06
C GLY X 217 -3.21 -23.21 34.73
N PHE X 218 -3.30 -23.41 36.04
CA PHE X 218 -2.13 -23.66 36.86
C PHE X 218 -2.16 -25.03 37.47
N KCX X 219 -0.98 -25.62 37.64
CA KCX X 219 -0.82 -26.77 38.50
CB KCX X 219 -0.17 -27.94 37.75
CG KCX X 219 0.14 -29.16 38.60
CD KCX X 219 -1.12 -29.78 39.18
CE KCX X 219 -0.81 -31.08 39.92
NZ KCX X 219 -0.14 -32.07 39.04
C KCX X 219 0.03 -26.36 39.70
O KCX X 219 1.06 -25.73 39.56
CX KCX X 219 0.11 -33.30 39.45
OQ1 KCX X 219 0.66 -34.11 38.71
OQ2 KCX X 219 -0.22 -33.66 40.58
N ILE X 220 -0.45 -26.68 40.89
CA ILE X 220 0.33 -26.51 42.11
C ILE X 220 0.74 -27.89 42.57
N HIS X 221 2.05 -28.15 42.58
CA HIS X 221 2.58 -29.45 42.91
C HIS X 221 3.58 -29.33 44.04
N GLU X 222 3.52 -30.28 44.98
CA GLU X 222 4.37 -30.20 46.16
C GLU X 222 5.85 -30.28 45.83
N ASP X 223 6.20 -30.90 44.70
CA ASP X 223 7.59 -30.97 44.29
C ASP X 223 8.17 -29.61 43.92
N TRP X 224 7.33 -28.65 43.56
CA TRP X 224 7.74 -27.26 43.41
C TRP X 224 7.39 -26.42 44.62
N GLY X 225 6.76 -27.03 45.64
CA GLY X 225 6.46 -26.39 46.89
C GLY X 225 5.02 -25.93 47.00
N THR X 226 4.16 -26.76 47.58
CA THR X 226 2.75 -26.40 47.74
C THR X 226 2.61 -25.73 49.10
N THR X 227 2.74 -24.44 49.09
CA THR X 227 2.63 -23.64 50.28
C THR X 227 1.37 -22.79 50.21
N PRO X 228 0.81 -22.42 51.36
CA PRO X 228 -0.39 -21.56 51.34
C PRO X 228 -0.20 -20.25 50.60
N SER X 229 1.00 -19.67 50.65
CA SER X 229 1.25 -18.42 49.94
C SER X 229 1.10 -18.59 48.43
N ALA X 230 1.72 -19.64 47.89
CA ALA X 230 1.62 -19.90 46.46
C ALA X 230 0.19 -20.23 46.05
N ILE X 231 -0.52 -21.00 46.87
CA ILE X 231 -1.91 -21.33 46.58
C ILE X 231 -2.75 -20.06 46.51
N ASN X 232 -2.57 -19.16 47.49
CA ASN X 232 -3.33 -17.93 47.54
C ASN X 232 -3.07 -17.06 46.32
N HIS X 233 -1.79 -16.87 45.98
CA HIS X 233 -1.44 -16.04 44.82
C HIS X 233 -1.97 -16.64 43.51
N ALA X 234 -1.82 -17.95 43.34
CA ALA X 234 -2.25 -18.59 42.11
C ALA X 234 -3.77 -18.48 41.96
N LEU X 235 -4.51 -18.67 43.04
CA LEU X 235 -5.96 -18.53 42.97
C LEU X 235 -6.36 -17.10 42.65
N ASP X 236 -5.67 -16.11 43.21
CA ASP X 236 -6.00 -14.72 42.88
C ASP X 236 -5.81 -14.45 41.39
N VAL X 237 -4.67 -14.88 40.83
CA VAL X 237 -4.43 -14.64 39.41
C VAL X 237 -5.44 -15.41 38.55
N ALA X 238 -5.74 -16.64 38.93
CA ALA X 238 -6.70 -17.44 38.16
C ALA X 238 -8.08 -16.81 38.17
N ASP X 239 -8.50 -16.25 39.31
CA ASP X 239 -9.77 -15.53 39.34
C ASP X 239 -9.73 -14.30 38.43
N LYS X 240 -8.59 -13.63 38.33
CA LYS X 240 -8.51 -12.51 37.40
C LYS X 240 -8.52 -12.93 35.93
N TYR X 241 -8.09 -14.15 35.61
CA TYR X 241 -7.98 -14.58 34.22
C TYR X 241 -8.97 -15.66 33.82
N ASP X 242 -9.79 -16.16 34.74
CA ASP X 242 -10.81 -17.17 34.44
C ASP X 242 -10.19 -18.45 33.88
N VAL X 243 -9.25 -19.01 34.64
CA VAL X 243 -8.63 -20.29 34.31
C VAL X 243 -8.68 -21.17 35.54
N GLN X 244 -8.56 -22.47 35.32
CA GLN X 244 -8.68 -23.43 36.40
C GLN X 244 -7.36 -23.60 37.14
N VAL X 245 -7.44 -24.02 38.40
CA VAL X 245 -6.27 -24.36 39.19
C VAL X 245 -6.39 -25.82 39.63
N ALA X 246 -5.33 -26.58 39.42
CA ALA X 246 -5.22 -27.94 39.92
C ALA X 246 -4.12 -27.99 40.97
N ILE X 247 -4.29 -28.85 41.96
CA ILE X 247 -3.39 -28.88 43.11
C ILE X 247 -3.01 -30.32 43.45
N HIS X 248 -1.73 -30.51 43.73
CA HIS X 248 -1.17 -31.71 44.33
C HIS X 248 -0.59 -31.26 45.67
N THR X 249 -1.28 -31.59 46.76
CA THR X 249 -1.01 -30.94 48.04
C THR X 249 0.22 -31.56 48.74
N ASP X 250 0.60 -30.96 49.86
CA ASP X 250 1.81 -31.30 50.58
C ASP X 250 1.59 -32.57 51.41
N THR X 251 2.20 -33.67 50.98
CA THR X 251 2.07 -34.92 51.71
C THR X 251 2.80 -34.87 53.06
N LEU X 252 3.86 -34.08 53.15
CA LEU X 252 4.67 -34.05 54.36
C LEU X 252 4.12 -33.16 55.45
N ASN X 253 3.03 -32.43 55.19
CA ASN X 253 2.45 -31.47 56.13
C ASN X 253 3.48 -30.43 56.56
N GLU X 254 4.37 -30.06 55.64
CA GLU X 254 5.51 -29.22 56.00
C GLU X 254 5.07 -27.82 56.43
N ALA X 255 4.25 -27.16 55.61
CA ALA X 255 3.76 -25.84 55.94
C ALA X 255 2.41 -25.87 56.65
N GLY X 256 1.81 -27.03 56.79
CA GLY X 256 0.49 -27.11 57.39
C GLY X 256 -0.20 -28.38 56.99
N CYS X 257 -1.35 -28.59 57.60
CA CYS X 257 -2.16 -29.77 57.35
C CYS X 257 -3.26 -29.44 56.34
N VAL X 258 -4.20 -30.35 56.17
CA VAL X 258 -5.19 -30.22 55.10
C VAL X 258 -6.09 -29.01 55.33
N GLU X 259 -6.41 -28.70 56.59
CA GLU X 259 -7.26 -27.55 56.88
C GLU X 259 -6.55 -26.23 56.59
N ASP X 260 -5.23 -26.18 56.76
CA ASP X 260 -4.48 -25.00 56.35
C ASP X 260 -4.54 -24.79 54.85
N THR X 261 -4.45 -25.88 54.09
CA THR X 261 -4.59 -25.80 52.64
C THR X 261 -5.99 -25.31 52.25
N MET X 262 -7.02 -25.83 52.93
CA MET X 262 -8.37 -25.37 52.64
C MET X 262 -8.55 -23.89 53.00
N ALA X 263 -7.89 -23.45 54.08
CA ALA X 263 -7.91 -22.05 54.43
C ALA X 263 -7.22 -21.19 53.38
N ALA X 264 -6.14 -21.70 52.79
CA ALA X 264 -5.47 -20.96 51.72
C ALA X 264 -6.35 -20.91 50.47
N ILE X 265 -7.08 -21.99 50.19
CA ILE X 265 -8.00 -21.99 49.05
C ILE X 265 -9.12 -20.98 49.27
N ALA X 266 -9.57 -20.83 50.52
CA ALA X 266 -10.46 -19.75 50.93
C ALA X 266 -11.79 -19.79 50.18
N GLY X 267 -12.29 -20.98 49.90
CA GLY X 267 -13.59 -21.14 49.29
C GLY X 267 -13.65 -20.86 47.81
N ARG X 268 -12.53 -20.90 47.12
CA ARG X 268 -12.50 -20.68 45.68
C ARG X 268 -12.42 -22.02 44.95
N THR X 269 -12.77 -22.00 43.66
CA THR X 269 -12.84 -23.23 42.88
C THR X 269 -11.46 -23.85 42.73
N MET X 270 -11.37 -25.15 43.01
CA MET X 270 -10.11 -25.87 42.93
C MET X 270 -10.37 -27.28 42.43
N HIS X 271 -9.49 -27.78 41.56
CA HIS X 271 -9.54 -29.13 41.05
C HIS X 271 -8.41 -29.93 41.70
N THR X 272 -8.77 -30.93 42.49
CA THR X 272 -7.79 -31.72 43.23
C THR X 272 -7.49 -33.02 42.50
N PHE X 273 -6.22 -33.27 42.26
CA PHE X 273 -5.76 -34.50 41.65
C PHE X 273 -5.55 -35.59 42.71
N HIS X 274 -5.85 -36.83 42.32
CA HIS X 274 -5.69 -38.02 43.17
C HIS X 274 -6.08 -37.73 44.62
N THR X 275 -7.33 -37.32 44.78
CA THR X 275 -7.81 -36.82 46.06
C THR X 275 -7.73 -37.87 47.16
N GLU X 276 -7.72 -39.15 46.81
CA GLU X 276 -7.60 -40.19 47.82
C GLU X 276 -6.19 -40.21 48.45
N GLY X 277 -5.19 -39.74 47.73
CA GLY X 277 -3.90 -39.43 48.32
C GLY X 277 -2.78 -40.43 48.07
N ALA X 278 -3.05 -41.57 47.44
CA ALA X 278 -1.95 -42.46 47.09
C ALA X 278 -0.99 -41.81 46.11
N GLY X 279 -1.51 -40.96 45.24
CA GLY X 279 -0.69 -40.20 44.31
C GLY X 279 -0.06 -38.96 44.90
N GLY X 280 -0.25 -38.73 46.19
CA GLY X 280 0.28 -37.54 46.86
C GLY X 280 -0.85 -36.80 47.54
N GLY X 281 -0.49 -36.06 48.58
CA GLY X 281 -1.49 -35.30 49.32
C GLY X 281 -1.34 -35.46 50.81
N HIS X 282 -1.93 -34.53 51.57
CA HIS X 282 -1.78 -34.51 53.02
C HIS X 282 -2.03 -35.87 53.63
N ALA X 283 -1.00 -36.44 54.24
CA ALA X 283 -1.15 -37.73 54.88
C ALA X 283 -1.71 -37.54 56.28
N PRO X 284 -2.77 -38.28 56.65
CA PRO X 284 -3.42 -39.30 55.84
C PRO X 284 -4.80 -38.88 55.35
N ASP X 285 -5.12 -37.59 55.39
CA ASP X 285 -6.50 -37.15 55.37
C ASP X 285 -6.78 -36.13 54.27
N ILE X 286 -6.10 -36.24 53.13
CA ILE X 286 -6.44 -35.35 52.01
C ILE X 286 -7.82 -35.69 51.47
N ILE X 287 -8.26 -36.94 51.61
CA ILE X 287 -9.51 -37.39 51.01
C ILE X 287 -10.72 -36.67 51.58
N LYS X 288 -10.58 -35.99 52.72
CA LYS X 288 -11.72 -35.33 53.32
C LYS X 288 -12.21 -34.15 52.48
N VAL X 289 -11.34 -33.56 51.66
CA VAL X 289 -11.76 -32.40 50.86
C VAL X 289 -12.74 -32.78 49.76
N ALA X 290 -12.94 -34.08 49.52
CA ALA X 290 -13.86 -34.51 48.47
C ALA X 290 -15.32 -34.22 48.80
N GLY X 291 -15.63 -33.83 50.03
CA GLY X 291 -16.96 -33.43 50.40
C GLY X 291 -17.24 -31.95 50.36
N GLU X 292 -16.26 -31.12 50.01
CA GLU X 292 -16.43 -29.68 50.04
C GLU X 292 -17.08 -29.18 48.76
N HIS X 293 -17.82 -28.08 48.88
CA HIS X 293 -18.56 -27.54 47.75
C HIS X 293 -17.65 -26.98 46.67
N ASN X 294 -16.56 -26.33 47.08
CA ASN X 294 -15.68 -25.63 46.14
C ASN X 294 -14.61 -26.54 45.54
N ILE X 295 -14.61 -27.81 45.87
CA ILE X 295 -13.58 -28.74 45.39
C ILE X 295 -14.16 -29.58 44.27
N LEU X 296 -13.38 -29.75 43.20
CA LEU X 296 -13.70 -30.71 42.15
C LEU X 296 -12.80 -31.92 42.33
N PRO X 297 -13.27 -32.99 42.97
CA PRO X 297 -12.36 -34.08 43.31
C PRO X 297 -12.18 -35.12 42.20
N ALA X 298 -10.94 -35.37 41.83
CA ALA X 298 -10.61 -36.36 40.82
C ALA X 298 -9.79 -37.48 41.44
N SER X 299 -9.86 -38.65 40.82
CA SER X 299 -9.03 -39.78 41.20
C SER X 299 -8.23 -40.24 39.98
N THR X 300 -7.08 -40.85 40.27
CA THR X 300 -6.25 -41.42 39.23
C THR X 300 -6.48 -42.92 39.15
N ASN X 301 -6.31 -43.48 37.96
CA ASN X 301 -6.71 -44.85 37.70
C ASN X 301 -5.91 -45.95 38.41
N PRO X 302 -4.65 -45.75 38.83
CA PRO X 302 -3.94 -46.86 39.51
C PRO X 302 -4.62 -47.34 40.78
N THR X 303 -5.40 -46.50 41.46
CA THR X 303 -6.05 -46.93 42.68
C THR X 303 -7.45 -47.50 42.47
N ILE X 304 -7.99 -47.44 41.26
CA ILE X 304 -9.30 -48.01 41.02
C ILE X 304 -9.20 -49.07 39.93
N PRO X 305 -9.90 -50.20 40.06
CA PRO X 305 -10.58 -50.56 41.31
C PRO X 305 -9.60 -51.12 42.33
N PHE X 306 -10.02 -51.21 43.59
CA PHE X 306 -9.16 -51.76 44.62
C PHE X 306 -9.10 -53.28 44.48
N THR X 307 -7.90 -53.82 44.37
CA THR X 307 -7.69 -55.24 44.14
C THR X 307 -6.71 -55.79 45.17
N VAL X 308 -6.49 -57.11 45.09
CA VAL X 308 -5.59 -57.78 46.02
C VAL X 308 -4.14 -57.38 45.76
N ASN X 309 -3.80 -57.05 44.52
CA ASN X 309 -2.43 -56.69 44.17
C ASN X 309 -2.16 -55.19 44.28
N THR X 310 -3.17 -54.39 44.62
CA THR X 310 -3.04 -52.93 44.57
C THR X 310 -2.03 -52.42 45.59
N GLU X 311 -2.14 -52.88 46.84
CA GLU X 311 -1.35 -52.28 47.91
C GLU X 311 0.13 -52.56 47.73
N ALA X 312 0.50 -53.82 47.49
CA ALA X 312 1.90 -54.17 47.33
C ALA X 312 2.50 -53.46 46.11
N GLU X 313 1.72 -53.39 45.02
CA GLU X 313 2.20 -52.71 43.83
C GLU X 313 2.47 -51.24 44.09
N HIS X 314 1.54 -50.56 44.77
CA HIS X 314 1.72 -49.15 45.07
C HIS X 314 2.88 -48.93 46.04
N MET X 315 3.05 -49.83 47.00
CA MET X 315 4.17 -49.73 47.92
C MET X 315 5.50 -49.80 47.18
N ASP X 316 5.66 -50.82 46.34
CA ASP X 316 6.91 -50.97 45.61
C ASP X 316 7.12 -49.84 44.62
N MET X 317 6.04 -49.36 44.01
CA MET X 317 6.15 -48.23 43.08
C MET X 317 6.62 -46.99 43.81
N LEU X 318 6.10 -46.74 45.02
CA LEU X 318 6.52 -45.59 45.79
C LEU X 318 7.98 -45.71 46.20
N MET X 319 8.41 -46.91 46.58
CA MET X 319 9.81 -47.10 46.97
C MET X 319 10.76 -46.81 45.82
N VAL X 320 10.29 -46.94 44.57
CA VAL X 320 11.14 -46.76 43.41
C VAL X 320 11.18 -45.30 42.96
N CYS X 321 10.03 -44.66 42.85
CA CYS X 321 9.99 -43.29 42.34
C CYS X 321 10.62 -42.30 43.30
N HIS X 322 10.55 -42.56 44.60
CA HIS X 322 11.14 -41.69 45.61
C HIS X 322 12.48 -42.18 46.12
N HIS X 323 13.01 -43.26 45.56
CA HIS X 323 14.33 -43.78 45.91
C HIS X 323 14.44 -44.07 47.41
N LEU X 324 13.42 -44.72 47.95
CA LEU X 324 13.39 -45.05 49.37
C LEU X 324 14.13 -46.34 49.65
N ASP X 325 14.50 -46.53 50.91
CA ASP X 325 15.23 -47.69 51.36
C ASP X 325 14.43 -48.41 52.44
N LYS X 326 14.38 -49.74 52.36
CA LYS X 326 13.62 -50.52 53.31
C LYS X 326 14.31 -50.64 54.67
N SER X 327 15.61 -50.36 54.73
CA SER X 327 16.35 -50.43 55.99
C SER X 327 16.29 -49.14 56.79
N ILE X 328 15.64 -48.11 56.27
CA ILE X 328 15.50 -46.83 56.95
C ILE X 328 14.08 -46.74 57.49
N LYS X 329 13.95 -46.55 58.81
CA LYS X 329 12.62 -46.53 59.41
C LYS X 329 11.83 -45.29 58.99
N GLU X 330 12.51 -44.18 58.72
CA GLU X 330 11.81 -42.97 58.31
C GLU X 330 11.19 -43.13 56.92
N ASP X 331 11.88 -43.82 56.02
CA ASP X 331 11.31 -44.08 54.70
C ASP X 331 10.11 -45.01 54.80
N VAL X 332 10.17 -46.00 55.69
CA VAL X 332 9.03 -46.88 55.92
C VAL X 332 7.87 -46.09 56.49
N GLN X 333 8.14 -45.20 57.45
CA GLN X 333 7.09 -44.39 58.04
C GLN X 333 6.42 -43.50 57.00
N PHE X 334 7.22 -42.92 56.11
CA PHE X 334 6.65 -42.14 55.01
C PHE X 334 5.78 -43.01 54.11
N ALA X 335 6.26 -44.20 53.77
CA ALA X 335 5.53 -45.06 52.86
C ALA X 335 4.22 -45.54 53.46
N ASP X 336 4.22 -45.89 54.74
CA ASP X 336 3.00 -46.38 55.38
C ASP X 336 1.96 -45.27 55.49
N SER X 337 2.39 -44.05 55.80
CA SER X 337 1.45 -42.93 55.87
C SER X 337 0.90 -42.55 54.50
N ARG X 338 1.51 -43.04 53.44
CA ARG X 338 1.17 -42.64 52.08
C ARG X 338 0.19 -43.57 51.39
N ILE X 339 0.33 -44.88 51.59
CA ILE X 339 -0.43 -45.83 50.77
C ILE X 339 -1.84 -46.01 51.29
N ARG X 340 -1.98 -46.47 52.53
CA ARG X 340 -3.27 -46.53 53.21
C ARG X 340 -4.34 -47.31 52.44
N PRO X 341 -4.31 -48.64 52.48
CA PRO X 341 -5.34 -49.44 51.81
C PRO X 341 -6.75 -49.07 52.24
N GLN X 342 -6.89 -48.43 53.39
CA GLN X 342 -8.20 -47.98 53.86
C GLN X 342 -8.78 -46.91 52.94
N THR X 343 -8.00 -45.87 52.64
CA THR X 343 -8.47 -44.82 51.75
C THR X 343 -8.66 -45.34 50.33
N ILE X 344 -7.79 -46.27 49.89
CA ILE X 344 -7.93 -46.84 48.56
C ILE X 344 -9.24 -47.61 48.46
N ALA X 345 -9.57 -48.38 49.50
CA ALA X 345 -10.85 -49.08 49.52
C ALA X 345 -12.02 -48.09 49.54
N ALA X 346 -11.91 -47.03 50.34
CA ALA X 346 -12.99 -46.07 50.45
C ALA X 346 -13.23 -45.34 49.13
N GLU X 347 -12.19 -45.21 48.31
CA GLU X 347 -12.27 -44.44 47.08
C GLU X 347 -13.27 -45.03 46.09
N ASP X 348 -13.31 -46.35 45.98
CA ASP X 348 -14.27 -46.99 45.07
C ASP X 348 -15.71 -46.68 45.47
N THR X 349 -16.01 -46.81 46.76
CA THR X 349 -17.35 -46.53 47.24
C THR X 349 -17.69 -45.05 47.07
N LEU X 350 -16.71 -44.17 47.28
CA LEU X 350 -16.96 -42.76 47.06
C LEU X 350 -17.25 -42.46 45.60
N HIS X 351 -16.63 -43.19 44.68
CA HIS X 351 -17.02 -43.09 43.28
C HIS X 351 -18.46 -43.56 43.08
N ASP X 352 -18.84 -44.66 43.72
CA ASP X 352 -20.21 -45.14 43.58
C ASP X 352 -21.22 -44.17 44.17
N MET X 353 -20.86 -43.46 45.24
CA MET X 353 -21.76 -42.53 45.90
C MET X 353 -21.85 -41.19 45.18
N GLY X 354 -21.00 -40.93 44.20
CA GLY X 354 -20.95 -39.63 43.57
C GLY X 354 -20.14 -38.59 44.31
N ILE X 355 -19.34 -38.99 45.30
CA ILE X 355 -18.48 -38.04 45.99
C ILE X 355 -17.30 -37.64 45.11
N PHE X 356 -16.61 -38.64 44.55
CA PHE X 356 -15.62 -38.37 43.52
C PHE X 356 -16.32 -38.14 42.19
N SER X 357 -15.86 -37.15 41.44
CA SER X 357 -16.55 -36.73 40.24
C SER X 357 -15.78 -36.94 38.95
N ILE X 358 -14.46 -37.05 39.00
CA ILE X 358 -13.64 -37.14 37.80
C ILE X 358 -12.67 -38.30 37.93
N THR X 359 -12.52 -39.06 36.85
CA THR X 359 -11.45 -40.05 36.72
C THR X 359 -10.41 -39.53 35.74
N SER X 360 -9.14 -39.78 36.05
CA SER X 360 -8.04 -39.29 35.24
C SER X 360 -6.90 -40.31 35.27
N SER X 361 -5.75 -39.94 34.70
CA SER X 361 -4.67 -40.88 34.46
C SER X 361 -3.49 -40.72 35.40
N ASP X 362 -2.85 -39.53 35.44
CA ASP X 362 -1.52 -39.34 36.04
C ASP X 362 -0.48 -40.15 35.25
N SER X 363 -0.42 -39.87 33.96
CA SER X 363 0.20 -40.76 32.98
C SER X 363 1.72 -40.84 33.13
N GLN X 364 2.23 -42.08 33.21
CA GLN X 364 3.64 -42.39 33.42
C GLN X 364 4.21 -41.71 34.66
N ALA X 365 3.32 -41.28 35.55
CA ALA X 365 3.62 -40.69 36.85
C ALA X 365 2.72 -41.32 37.91
N MET X 366 2.76 -42.65 37.98
CA MET X 366 1.80 -43.52 38.67
C MET X 366 0.38 -43.33 38.10
N GLY X 367 0.26 -43.78 36.87
CA GLY X 367 -1.00 -43.83 36.18
C GLY X 367 -0.80 -44.34 34.77
N ARG X 368 -1.88 -44.86 34.21
CA ARG X 368 -1.83 -45.52 32.91
C ARG X 368 -2.75 -44.78 31.94
N VAL X 369 -2.16 -44.12 30.96
CA VAL X 369 -2.88 -43.21 30.07
C VAL X 369 -3.88 -43.94 29.18
N GLY X 370 -3.68 -45.23 28.94
CA GLY X 370 -4.59 -45.97 28.09
C GLY X 370 -5.61 -46.78 28.86
N GLU X 371 -5.84 -46.45 30.12
CA GLU X 371 -6.69 -47.27 30.97
C GLU X 371 -7.69 -46.47 31.80
N VAL X 372 -7.85 -45.16 31.55
CA VAL X 372 -8.78 -44.37 32.35
C VAL X 372 -10.20 -44.89 32.20
N ILE X 373 -10.65 -45.03 30.96
CA ILE X 373 -12.02 -45.47 30.69
C ILE X 373 -12.21 -46.90 31.16
N THR X 374 -11.24 -47.77 30.88
CA THR X 374 -11.36 -49.17 31.25
C THR X 374 -11.45 -49.34 32.76
N ARG X 375 -10.61 -48.63 33.51
CA ARG X 375 -10.66 -48.75 34.96
C ARG X 375 -11.90 -48.07 35.54
N THR X 376 -12.41 -47.03 34.91
CA THR X 376 -13.69 -46.46 35.34
C THR X 376 -14.80 -47.50 35.23
N TRP X 377 -14.87 -48.21 34.10
CA TRP X 377 -15.94 -49.19 33.96
C TRP X 377 -15.69 -50.43 34.80
N GLN X 378 -14.42 -50.77 35.05
CA GLN X 378 -14.12 -51.84 36.00
C GLN X 378 -14.59 -51.49 37.41
N THR X 379 -14.40 -50.23 37.81
CA THR X 379 -14.88 -49.78 39.11
C THR X 379 -16.40 -49.83 39.17
N ALA X 380 -17.07 -49.40 38.10
CA ALA X 380 -18.52 -49.48 38.08
C ALA X 380 -19.01 -50.93 38.19
N ASP X 381 -18.36 -51.84 37.47
CA ASP X 381 -18.73 -53.25 37.52
C ASP X 381 -18.51 -53.84 38.90
N LYS X 382 -17.37 -53.52 39.52
CA LYS X 382 -17.09 -54.01 40.86
C LYS X 382 -18.09 -53.47 41.87
N ASN X 383 -18.44 -52.18 41.77
CA ASN X 383 -19.40 -51.60 42.68
C ASN X 383 -20.78 -52.22 42.50
N LYS X 384 -21.19 -52.51 41.26
CA LYS X 384 -22.47 -53.18 41.08
C LYS X 384 -22.44 -54.59 41.64
N LYS X 385 -21.31 -55.27 41.51
CA LYS X 385 -21.20 -56.62 42.09
C LYS X 385 -21.29 -56.58 43.60
N GLU X 386 -20.70 -55.56 44.24
CA GLU X 386 -20.68 -55.53 45.69
C GLU X 386 -21.97 -54.96 46.27
N PHE X 387 -22.35 -53.76 45.86
CA PHE X 387 -23.48 -53.05 46.44
C PHE X 387 -24.79 -53.28 45.70
N GLY X 388 -24.77 -54.00 44.60
CA GLY X 388 -25.98 -54.21 43.85
C GLY X 388 -26.38 -53.01 43.03
N ARG X 389 -27.61 -53.04 42.55
CA ARG X 389 -28.12 -51.99 41.67
C ARG X 389 -28.43 -50.73 42.48
N LEU X 390 -28.12 -49.57 41.90
CA LEU X 390 -28.33 -48.31 42.59
C LEU X 390 -29.82 -48.08 42.84
N LYS X 391 -30.11 -47.33 43.90
CA LYS X 391 -31.49 -47.01 44.23
C LYS X 391 -32.05 -45.87 43.39
N GLU X 392 -31.22 -45.16 42.65
CA GLU X 392 -31.68 -44.13 41.74
C GLU X 392 -32.04 -44.66 40.36
N GLU X 393 -32.05 -45.99 40.19
CA GLU X 393 -32.44 -46.59 38.94
C GLU X 393 -33.95 -46.53 38.74
N LYS X 394 -34.34 -46.39 37.48
CA LYS X 394 -35.75 -46.42 37.07
C LYS X 394 -35.87 -47.56 36.06
N GLY X 395 -36.07 -48.77 36.54
CA GLY X 395 -36.25 -49.93 35.70
C GLY X 395 -35.18 -50.98 35.94
N ASP X 396 -35.34 -52.09 35.22
CA ASP X 396 -34.44 -53.24 35.35
C ASP X 396 -33.17 -52.99 34.51
N ASN X 397 -32.50 -51.90 34.83
CA ASN X 397 -31.29 -51.52 34.12
C ASN X 397 -30.37 -50.80 35.09
N ASP X 398 -29.21 -50.40 34.57
CA ASP X 398 -28.22 -49.65 35.32
C ASP X 398 -27.97 -48.29 34.68
N ASN X 399 -29.01 -47.71 34.09
CA ASN X 399 -28.83 -46.49 33.30
C ASN X 399 -28.28 -45.35 34.15
N PHE X 400 -28.77 -45.20 35.38
CA PHE X 400 -28.29 -44.12 36.24
C PHE X 400 -26.81 -44.29 36.56
N ARG X 401 -26.41 -45.51 36.93
CA ARG X 401 -25.01 -45.77 37.24
C ARG X 401 -24.14 -45.58 36.00
N ILE X 402 -24.64 -45.98 34.84
CA ILE X 402 -23.91 -45.79 33.60
C ILE X 402 -23.67 -44.31 33.36
N LYS X 403 -24.70 -43.49 33.53
CA LYS X 403 -24.53 -42.05 33.36
C LYS X 403 -23.55 -41.47 34.38
N ARG X 404 -23.65 -41.93 35.64
CA ARG X 404 -22.78 -41.41 36.69
C ARG X 404 -21.32 -41.69 36.37
N TYR X 405 -21.01 -42.91 35.95
CA TYR X 405 -19.62 -43.23 35.67
C TYR X 405 -19.14 -42.66 34.34
N LEU X 406 -20.02 -42.55 33.34
CA LEU X 406 -19.64 -41.97 32.07
C LEU X 406 -19.33 -40.48 32.22
N SER X 407 -20.02 -39.79 33.12
CA SER X 407 -19.74 -38.38 33.34
C SER X 407 -18.34 -38.14 33.90
N LYS X 408 -17.78 -39.14 34.58
CA LYS X 408 -16.51 -38.97 35.27
C LYS X 408 -15.35 -38.70 34.29
N TYR X 409 -15.46 -39.16 33.04
CA TYR X 409 -14.40 -38.89 32.08
C TYR X 409 -14.87 -38.18 30.82
N THR X 410 -16.13 -37.74 30.75
CA THR X 410 -16.58 -37.01 29.57
C THR X 410 -16.98 -35.57 29.87
N ILE X 411 -18.00 -35.36 30.69
CA ILE X 411 -18.60 -34.04 30.83
C ILE X 411 -18.07 -33.30 32.05
N ASN X 412 -17.82 -34.02 33.15
CA ASN X 412 -17.32 -33.37 34.35
C ASN X 412 -15.93 -32.78 34.18
N PRO X 413 -14.94 -33.49 33.61
CA PRO X 413 -13.66 -32.81 33.34
C PRO X 413 -13.78 -31.64 32.38
N ALA X 414 -14.68 -31.73 31.40
CA ALA X 414 -14.87 -30.61 30.47
C ALA X 414 -15.42 -29.38 31.19
N ILE X 415 -16.38 -29.58 32.08
CA ILE X 415 -16.89 -28.48 32.90
C ILE X 415 -15.78 -27.95 33.81
N ALA X 416 -14.98 -28.85 34.38
CA ALA X 416 -13.93 -28.45 35.31
C ALA X 416 -12.90 -27.57 34.63
N HIS X 417 -12.55 -27.85 33.38
CA HIS X 417 -11.53 -27.07 32.70
C HIS X 417 -12.10 -26.12 31.66
N GLY X 418 -13.37 -25.78 31.77
CA GLY X 418 -13.95 -24.73 30.96
C GLY X 418 -14.00 -24.99 29.47
N ILE X 419 -14.19 -26.23 29.05
CA ILE X 419 -14.28 -26.56 27.65
C ILE X 419 -15.58 -27.30 27.33
N SER X 420 -16.55 -27.27 28.24
CA SER X 420 -17.78 -28.03 28.06
C SER X 420 -18.75 -27.38 27.08
N GLU X 421 -18.40 -26.26 26.47
CA GLU X 421 -19.17 -25.77 25.35
C GLU X 421 -18.69 -26.33 24.02
N TYR X 422 -17.51 -26.94 23.98
CA TYR X 422 -16.97 -27.52 22.77
C TYR X 422 -17.04 -29.04 22.77
N VAL X 423 -16.59 -29.70 23.83
CA VAL X 423 -16.49 -31.14 23.91
C VAL X 423 -17.23 -31.62 25.15
N GLY X 424 -17.21 -32.93 25.36
CA GLY X 424 -17.73 -33.54 26.56
C GLY X 424 -19.02 -34.30 26.41
N SER X 425 -19.81 -34.03 25.36
CA SER X 425 -21.08 -34.72 25.24
C SER X 425 -21.51 -34.77 23.78
N VAL X 426 -22.45 -35.67 23.49
CA VAL X 426 -23.08 -35.75 22.18
C VAL X 426 -24.28 -34.80 22.22
N GLU X 427 -24.03 -33.54 21.89
CA GLU X 427 -25.08 -32.53 21.85
C GLU X 427 -24.93 -31.70 20.59
N VAL X 428 -26.07 -31.19 20.10
CA VAL X 428 -26.05 -30.37 18.89
C VAL X 428 -25.32 -29.08 19.16
N GLY X 429 -24.43 -28.71 18.25
CA GLY X 429 -23.62 -27.53 18.37
C GLY X 429 -22.21 -27.77 18.84
N LYS X 430 -21.94 -28.93 19.41
CA LYS X 430 -20.64 -29.25 19.96
C LYS X 430 -19.72 -29.84 18.90
N VAL X 431 -18.43 -29.87 19.22
CA VAL X 431 -17.43 -30.45 18.33
C VAL X 431 -17.67 -31.94 18.18
N ALA X 432 -17.57 -32.42 16.94
CA ALA X 432 -17.83 -33.82 16.64
C ALA X 432 -16.59 -34.67 16.97
N ASP X 433 -16.35 -34.82 18.28
CA ASP X 433 -15.37 -35.76 18.82
C ASP X 433 -16.15 -36.95 19.34
N LEU X 434 -16.23 -38.02 18.54
CA LEU X 434 -17.10 -39.14 18.84
C LEU X 434 -16.33 -40.45 18.75
N VAL X 435 -16.75 -41.42 19.56
CA VAL X 435 -16.14 -42.74 19.60
C VAL X 435 -17.21 -43.77 19.31
N LEU X 436 -16.90 -44.70 18.40
CA LEU X 436 -17.80 -45.79 18.05
C LEU X 436 -17.38 -47.04 18.79
N TRP X 437 -18.31 -47.64 19.53
CA TRP X 437 -18.06 -48.85 20.29
C TRP X 437 -19.00 -49.95 19.84
N SER X 438 -18.47 -51.14 19.62
CA SER X 438 -19.32 -52.32 19.62
C SER X 438 -19.60 -52.74 21.06
N PRO X 439 -20.84 -53.02 21.42
CA PRO X 439 -21.15 -53.28 22.84
C PRO X 439 -20.37 -54.41 23.46
N ALA X 440 -19.98 -55.43 22.69
CA ALA X 440 -19.16 -56.50 23.24
C ALA X 440 -17.79 -55.98 23.68
N PHE X 441 -17.29 -54.93 23.06
CA PHE X 441 -15.99 -54.36 23.39
C PHE X 441 -16.09 -53.02 24.09
N PHE X 442 -17.26 -52.70 24.65
CA PHE X 442 -17.46 -51.37 25.20
C PHE X 442 -16.54 -51.14 26.40
N GLY X 443 -15.91 -49.97 26.41
CA GLY X 443 -15.08 -49.57 27.52
C GLY X 443 -13.65 -50.04 27.47
N VAL X 444 -13.28 -50.91 26.53
CA VAL X 444 -11.90 -51.36 26.46
C VAL X 444 -11.29 -51.14 25.08
N LYS X 445 -12.01 -51.50 24.02
CA LYS X 445 -11.45 -51.37 22.68
C LYS X 445 -12.47 -50.79 21.70
N PRO X 446 -12.32 -49.54 21.29
CA PRO X 446 -13.30 -48.92 20.40
C PRO X 446 -13.15 -49.36 18.95
N ASN X 447 -14.16 -49.02 18.16
CA ASN X 447 -14.16 -49.31 16.72
C ASN X 447 -13.44 -48.21 15.94
N MET X 448 -13.86 -46.96 16.09
CA MET X 448 -13.21 -45.87 15.39
C MET X 448 -13.40 -44.57 16.16
N ILE X 449 -12.52 -43.61 15.89
CA ILE X 449 -12.58 -42.28 16.46
C ILE X 449 -12.92 -41.30 15.36
N ILE X 450 -13.92 -40.47 15.58
CA ILE X 450 -14.22 -39.34 14.71
C ILE X 450 -13.72 -38.08 15.39
N LYS X 451 -12.83 -37.37 14.72
CA LYS X 451 -12.15 -36.21 15.28
C LYS X 451 -12.44 -35.01 14.40
N GLY X 452 -13.10 -34.00 14.96
CA GLY X 452 -13.46 -32.84 14.18
C GLY X 452 -14.40 -33.12 13.05
N GLY X 453 -15.23 -34.14 13.16
CA GLY X 453 -16.15 -34.50 12.09
C GLY X 453 -15.58 -35.35 10.99
N PHE X 454 -14.40 -35.93 11.19
CA PHE X 454 -13.76 -36.79 10.19
C PHE X 454 -13.09 -37.96 10.91
N ILE X 455 -12.99 -39.10 10.23
CA ILE X 455 -12.46 -40.30 10.87
C ILE X 455 -10.95 -40.17 11.01
N ALA X 456 -10.45 -40.33 12.22
CA ALA X 456 -9.03 -40.14 12.51
C ALA X 456 -8.31 -41.42 12.91
N LEU X 457 -9.02 -42.37 13.51
CA LEU X 457 -8.41 -43.63 13.91
C LEU X 457 -9.47 -44.71 13.78
N SER X 458 -9.05 -45.90 13.37
CA SER X 458 -9.99 -47.01 13.34
C SER X 458 -9.22 -48.32 13.37
N GLN X 459 -9.92 -49.36 13.79
CA GLN X 459 -9.46 -50.72 13.55
C GLN X 459 -9.38 -50.96 12.04
N MET X 460 -8.33 -51.65 11.62
CA MET X 460 -8.11 -51.83 10.19
C MET X 460 -7.26 -53.06 9.97
N GLY X 461 -7.62 -53.83 8.95
CA GLY X 461 -6.82 -54.95 8.53
C GLY X 461 -5.69 -54.53 7.61
N ASP X 462 -5.00 -55.53 7.08
CA ASP X 462 -3.82 -55.27 6.27
C ASP X 462 -4.19 -54.56 4.97
N ALA X 463 -3.32 -53.65 4.54
CA ALA X 463 -3.65 -52.78 3.42
C ALA X 463 -3.81 -53.54 2.12
N ASN X 464 -3.16 -54.69 1.97
CA ASN X 464 -3.22 -55.46 0.74
C ASN X 464 -4.43 -56.38 0.68
N ALA X 465 -5.23 -56.47 1.74
CA ALA X 465 -6.34 -57.40 1.76
C ALA X 465 -7.50 -56.91 0.91
N SER X 466 -8.30 -57.87 0.43
CA SER X 466 -9.43 -57.55 -0.44
C SER X 466 -10.56 -56.85 0.29
N ILE X 467 -10.59 -56.92 1.61
CA ILE X 467 -11.59 -56.23 2.43
C ILE X 467 -10.91 -55.71 3.68
N PRO X 468 -11.54 -54.78 4.41
CA PRO X 468 -10.86 -54.16 5.55
C PRO X 468 -10.79 -55.02 6.80
N THR X 469 -11.52 -56.12 6.86
CA THR X 469 -11.64 -56.96 8.05
C THR X 469 -10.49 -57.94 8.34
N PRO X 470 -9.84 -58.55 7.35
CA PRO X 470 -8.89 -59.63 7.67
C PRO X 470 -7.65 -59.17 8.41
N GLN X 471 -7.01 -60.15 9.04
CA GLN X 471 -5.94 -59.97 10.00
C GLN X 471 -4.62 -59.62 9.32
N PRO X 472 -3.69 -58.99 10.05
CA PRO X 472 -3.85 -58.50 11.43
C PRO X 472 -4.60 -57.18 11.49
N VAL X 473 -5.50 -57.05 12.47
CA VAL X 473 -6.29 -55.86 12.68
C VAL X 473 -5.75 -55.13 13.90
N TYR X 474 -5.37 -53.87 13.72
CA TYR X 474 -5.01 -53.02 14.83
C TYR X 474 -5.36 -51.58 14.49
N TYR X 475 -5.15 -50.69 15.43
CA TYR X 475 -5.55 -49.30 15.27
C TYR X 475 -4.54 -48.56 14.39
N ARG X 476 -5.04 -47.96 13.32
CA ARG X 476 -4.20 -47.28 12.35
C ARG X 476 -4.71 -45.88 12.15
N GLU X 477 -3.79 -44.97 11.84
CA GLU X 477 -4.16 -43.59 11.59
C GLU X 477 -4.96 -43.48 10.32
N MET X 478 -6.06 -42.74 10.38
CA MET X 478 -6.91 -42.49 9.23
C MET X 478 -6.56 -41.13 8.64
N PHE X 479 -7.41 -40.65 7.73
CA PHE X 479 -7.03 -39.50 6.92
C PHE X 479 -7.07 -38.19 7.70
N ALA X 480 -7.94 -38.06 8.69
CA ALA X 480 -7.94 -36.86 9.51
C ALA X 480 -6.69 -36.73 10.36
N HIS X 481 -5.87 -37.78 10.43
CA HIS X 481 -4.63 -37.84 11.17
C HIS X 481 -3.44 -37.31 10.40
N HIS X 482 -3.61 -36.89 9.14
CA HIS X 482 -2.49 -36.69 8.24
C HIS X 482 -2.59 -35.38 7.47
N GLY X 483 -1.45 -34.94 6.96
CA GLY X 483 -1.38 -33.78 6.09
C GLY X 483 -1.82 -32.51 6.79
N LYS X 484 -2.50 -31.65 6.05
CA LYS X 484 -3.11 -30.45 6.61
C LYS X 484 -4.51 -30.71 7.14
N ALA X 485 -5.02 -31.93 6.99
CA ALA X 485 -6.33 -32.26 7.53
C ALA X 485 -6.33 -32.28 9.05
N LYS X 486 -5.21 -32.65 9.66
CA LYS X 486 -5.15 -32.71 11.12
C LYS X 486 -5.26 -31.33 11.76
N TYR X 487 -4.89 -30.27 11.04
CA TYR X 487 -5.06 -28.93 11.57
C TYR X 487 -6.52 -28.53 11.67
N ASP X 488 -7.37 -29.05 10.78
CA ASP X 488 -8.79 -28.75 10.85
C ASP X 488 -9.52 -29.59 11.87
N ALA X 489 -8.99 -30.75 12.22
CA ALA X 489 -9.68 -31.69 13.09
C ALA X 489 -9.34 -31.52 14.57
N ASN X 490 -8.36 -30.69 14.90
CA ASN X 490 -7.80 -30.67 16.24
C ASN X 490 -7.81 -29.25 16.80
N ILE X 491 -8.01 -29.17 18.11
CA ILE X 491 -8.09 -27.90 18.82
C ILE X 491 -6.93 -27.82 19.80
N THR X 492 -6.31 -26.64 19.86
CA THR X 492 -5.44 -26.27 20.96
C THR X 492 -6.19 -25.28 21.84
N PHE X 493 -6.49 -25.66 23.08
CA PHE X 493 -7.17 -24.79 24.01
C PHE X 493 -6.17 -23.84 24.67
N VAL X 494 -6.53 -22.56 24.73
CA VAL X 494 -5.70 -21.55 25.38
C VAL X 494 -6.61 -20.73 26.29
N SER X 495 -5.98 -19.83 27.05
CA SER X 495 -6.74 -18.90 27.87
C SER X 495 -7.37 -17.82 27.00
N GLN X 496 -8.42 -17.20 27.54
CA GLN X 496 -9.07 -16.10 26.83
C GLN X 496 -8.10 -14.95 26.57
N ALA X 497 -7.23 -14.67 27.54
CA ALA X 497 -6.27 -13.58 27.38
C ALA X 497 -5.30 -13.86 26.24
N ALA X 498 -4.73 -15.06 26.19
CA ALA X 498 -3.82 -15.42 25.10
C ALA X 498 -4.53 -15.40 23.77
N TYR X 499 -5.77 -15.90 23.73
CA TYR X 499 -6.55 -15.88 22.50
C TYR X 499 -6.79 -14.46 22.01
N ASP X 500 -7.08 -13.53 22.92
CA ASP X 500 -7.33 -12.15 22.53
C ASP X 500 -6.07 -11.46 22.04
N LYS X 501 -4.91 -11.89 22.49
CA LYS X 501 -3.65 -11.31 22.07
C LYS X 501 -3.10 -11.95 20.79
N GLY X 502 -3.87 -12.82 20.15
CA GLY X 502 -3.44 -13.45 18.92
C GLY X 502 -2.31 -14.45 19.08
N ILE X 503 -2.44 -15.33 20.07
CA ILE X 503 -1.44 -16.38 20.29
C ILE X 503 -1.33 -17.28 19.08
N LYS X 504 -2.44 -17.50 18.37
CA LYS X 504 -2.42 -18.34 17.17
C LYS X 504 -1.51 -17.76 16.10
N GLU X 505 -1.66 -16.46 15.83
CA GLU X 505 -0.89 -15.82 14.78
C GLU X 505 0.54 -15.53 15.22
N GLU X 506 0.74 -15.23 16.50
CA GLU X 506 2.08 -14.96 17.01
C GLU X 506 2.97 -16.19 16.91
N LEU X 507 2.44 -17.35 17.26
CA LEU X 507 3.21 -18.59 17.24
C LEU X 507 3.09 -19.36 15.93
N GLY X 508 2.30 -18.86 14.98
CA GLY X 508 2.13 -19.56 13.72
C GLY X 508 1.46 -20.90 13.83
N LEU X 509 0.43 -21.01 14.67
CA LEU X 509 -0.26 -22.27 14.90
C LEU X 509 -1.34 -22.48 13.85
N GLU X 510 -1.38 -23.68 13.29
CA GLU X 510 -2.35 -24.00 12.25
C GLU X 510 -3.55 -24.78 12.77
N ARG X 511 -3.47 -25.35 13.97
CA ARG X 511 -4.64 -25.95 14.58
C ARG X 511 -5.67 -24.89 14.92
N GLN X 512 -6.90 -25.33 15.15
CA GLN X 512 -7.90 -24.44 15.73
C GLN X 512 -7.47 -24.05 17.13
N VAL X 513 -7.66 -22.78 17.47
CA VAL X 513 -7.31 -22.25 18.78
C VAL X 513 -8.57 -21.70 19.41
N LEU X 514 -8.94 -22.25 20.56
CA LEU X 514 -10.17 -21.87 21.26
C LEU X 514 -9.87 -21.49 22.70
N PRO X 515 -10.60 -20.51 23.24
CA PRO X 515 -10.40 -20.12 24.64
C PRO X 515 -11.26 -20.92 25.62
N VAL X 516 -10.67 -21.23 26.77
CA VAL X 516 -11.43 -21.82 27.87
C VAL X 516 -12.20 -20.72 28.57
N LYS X 517 -13.33 -21.09 29.18
CA LYS X 517 -14.20 -20.10 29.81
C LYS X 517 -15.05 -20.78 30.87
N ASN X 518 -15.48 -19.97 31.84
CA ASN X 518 -16.38 -20.40 32.92
C ASN X 518 -15.69 -21.41 33.84
N CYS X 519 -14.49 -21.06 34.29
CA CYS X 519 -13.72 -21.93 35.17
C CYS X 519 -13.83 -21.56 36.64
N ARG X 520 -14.20 -20.32 36.96
CA ARG X 520 -14.13 -19.85 38.34
C ARG X 520 -15.46 -19.88 39.07
N ASN X 521 -16.57 -20.02 38.36
CA ASN X 521 -17.90 -19.92 38.96
C ASN X 521 -18.58 -21.27 39.08
N ILE X 522 -17.82 -22.36 39.03
CA ILE X 522 -18.38 -23.70 39.12
C ILE X 522 -18.01 -24.29 40.47
N THR X 523 -18.91 -25.11 40.99
CA THR X 523 -18.62 -25.83 42.23
C THR X 523 -18.91 -27.31 42.05
N LYS X 524 -18.84 -28.06 43.15
CA LYS X 524 -19.15 -29.48 43.13
C LYS X 524 -20.57 -29.73 42.62
N LYS X 525 -21.46 -28.76 42.77
CA LYS X 525 -22.83 -28.88 42.30
C LYS X 525 -22.95 -28.83 40.79
N ASP X 526 -21.90 -28.45 40.07
CA ASP X 526 -21.91 -28.38 38.62
C ASP X 526 -21.47 -29.66 37.94
N MET X 527 -21.16 -30.71 38.71
CA MET X 527 -20.76 -31.98 38.14
C MET X 527 -22.00 -32.84 37.91
N GLN X 528 -22.11 -33.39 36.70
CA GLN X 528 -23.28 -34.19 36.37
C GLN X 528 -23.22 -35.54 37.04
N PHE X 529 -24.29 -35.87 37.78
CA PHE X 529 -24.48 -37.16 38.43
C PHE X 529 -23.45 -37.41 39.53
N ASN X 530 -22.51 -36.50 39.71
CA ASN X 530 -21.55 -36.58 40.81
C ASN X 530 -21.51 -35.21 41.49
N ASP X 531 -22.50 -34.94 42.33
CA ASP X 531 -22.57 -33.64 43.00
C ASP X 531 -22.82 -33.82 44.50
N THR X 532 -22.47 -34.97 45.05
CA THR X 532 -22.75 -35.26 46.44
C THR X 532 -21.70 -34.61 47.33
N THR X 533 -22.14 -33.68 48.18
CA THR X 533 -21.29 -33.10 49.20
C THR X 533 -21.61 -33.72 50.54
N ALA X 534 -20.59 -33.96 51.34
CA ALA X 534 -20.78 -34.61 52.62
C ALA X 534 -19.63 -34.26 53.53
N HIS X 535 -19.83 -34.45 54.83
CA HIS X 535 -18.77 -34.26 55.80
C HIS X 535 -17.98 -35.55 55.89
N ILE X 536 -16.71 -35.49 55.50
CA ILE X 536 -15.84 -36.65 55.47
C ILE X 536 -14.84 -36.52 56.61
N GLU X 537 -14.77 -37.53 57.46
CA GLU X 537 -13.83 -37.60 58.56
C GLU X 537 -12.91 -38.78 58.34
N VAL X 538 -11.62 -38.59 58.62
CA VAL X 538 -10.62 -39.64 58.52
C VAL X 538 -9.98 -39.80 59.89
N ASN X 539 -9.94 -41.04 60.36
CA ASN X 539 -9.34 -41.33 61.66
C ASN X 539 -7.83 -41.16 61.57
N PRO X 540 -7.21 -40.31 62.40
CA PRO X 540 -5.77 -40.13 62.33
C PRO X 540 -4.97 -41.40 62.61
N GLU X 541 -5.53 -42.33 63.38
CA GLU X 541 -4.81 -43.54 63.76
C GLU X 541 -5.13 -44.72 62.86
N THR X 542 -6.41 -45.09 62.76
CA THR X 542 -6.79 -46.26 61.99
C THR X 542 -6.96 -45.97 60.50
N TYR X 543 -6.93 -44.70 60.10
CA TYR X 543 -7.07 -44.26 58.72
C TYR X 543 -8.43 -44.62 58.14
N HIS X 544 -9.41 -44.94 58.98
CA HIS X 544 -10.75 -45.23 58.50
C HIS X 544 -11.45 -43.97 58.03
N VAL X 545 -12.33 -44.14 57.06
CA VAL X 545 -13.02 -43.02 56.42
C VAL X 545 -14.50 -43.10 56.76
N PHE X 546 -15.04 -42.00 57.28
CA PHE X 546 -16.44 -41.89 57.63
C PHE X 546 -17.07 -40.77 56.80
N VAL X 547 -18.19 -41.08 56.15
CA VAL X 547 -18.97 -40.10 55.40
C VAL X 547 -20.27 -39.89 56.15
N ASP X 548 -20.50 -38.67 56.62
CA ASP X 548 -21.70 -38.32 57.37
C ASP X 548 -21.90 -39.24 58.57
N GLY X 549 -20.80 -39.61 59.20
CA GLY X 549 -20.83 -40.41 60.41
C GLY X 549 -20.78 -41.91 60.20
N LYS X 550 -20.91 -42.39 58.98
CA LYS X 550 -20.93 -43.82 58.70
C LYS X 550 -19.65 -44.22 57.98
N GLU X 551 -19.09 -45.37 58.40
CA GLU X 551 -17.86 -45.84 57.81
C GLU X 551 -18.07 -46.27 56.36
N VAL X 552 -17.14 -45.88 55.51
CA VAL X 552 -17.19 -46.18 54.08
C VAL X 552 -15.98 -47.02 53.72
N THR X 553 -16.23 -48.18 53.11
CA THR X 553 -15.14 -49.06 52.71
C THR X 553 -15.63 -49.95 51.59
N SER X 554 -14.69 -50.53 50.87
CA SER X 554 -14.99 -51.51 49.84
C SER X 554 -14.04 -52.68 50.01
N LYS X 555 -14.42 -53.81 49.47
CA LYS X 555 -13.48 -54.91 49.60
C LYS X 555 -12.71 -55.10 48.30
N PRO X 556 -11.48 -55.60 48.37
CA PRO X 556 -10.68 -55.76 47.16
C PRO X 556 -11.23 -56.85 46.25
N ALA X 557 -10.91 -56.72 44.96
CA ALA X 557 -11.34 -57.67 43.94
C ALA X 557 -10.18 -58.55 43.55
N ASN X 558 -10.41 -59.86 43.50
CA ASN X 558 -9.41 -60.80 43.03
C ASN X 558 -9.44 -61.00 41.53
N LYS X 559 -10.44 -60.44 40.85
CA LYS X 559 -10.57 -60.54 39.40
C LYS X 559 -11.50 -59.43 38.95
N VAL X 560 -11.14 -58.78 37.85
CA VAL X 560 -11.94 -57.70 37.30
C VAL X 560 -12.37 -58.08 35.89
N SER X 561 -13.40 -57.40 35.41
CA SER X 561 -13.81 -57.56 34.04
C SER X 561 -12.99 -56.63 33.14
N LEU X 562 -13.12 -56.85 31.84
CA LEU X 562 -12.48 -56.01 30.82
C LEU X 562 -10.95 -56.05 30.90
N ALA X 563 -10.36 -57.12 31.44
CA ALA X 563 -8.91 -57.15 31.58
C ALA X 563 -8.25 -58.23 30.74
N GLN X 564 -8.41 -59.52 31.08
CA GLN X 564 -7.64 -60.55 30.42
C GLN X 564 -8.39 -61.21 29.27
N LEU X 565 -9.68 -60.93 29.16
CA LEU X 565 -10.47 -61.44 28.06
C LEU X 565 -10.18 -60.70 26.76
N PHE X 566 -9.67 -59.47 26.84
CA PHE X 566 -9.60 -58.58 25.70
C PHE X 566 -8.21 -58.25 25.21
N SER X 567 -7.17 -58.58 25.97
CA SER X 567 -5.82 -58.13 25.65
C SER X 567 -4.85 -59.31 25.65
N ILE X 568 -3.92 -59.31 24.70
CA ILE X 568 -2.90 -60.34 24.68
C ILE X 568 -1.81 -60.08 25.73
N PHE X 569 -1.64 -58.85 26.15
CA PHE X 569 -0.67 -58.53 27.18
C PHE X 569 -1.27 -57.54 28.18
NI NI Y . 17.25 51.47 7.65
NI NI Z . 18.32 48.71 9.16
C1 BME AA . 21.24 51.97 8.55
C2 BME AA . 20.78 50.52 8.32
O1 BME AA . 20.29 52.63 9.37
S2 BME AA . 19.17 50.51 7.50
NI NI BA . -0.09 35.76 -41.54
NI NI CA . 0.67 32.52 -41.63
C1 BME DA . -1.17 34.31 -45.24
C2 BME DA . -1.20 33.29 -44.09
O1 BME DA . 0.02 35.07 -45.16
S2 BME DA . -1.15 34.16 -42.51
NI NI EA . -17.59 -51.31 -7.96
NI NI FA . -14.96 -50.31 -6.20
C1 BME GA . -17.05 -53.94 -4.84
C2 BME GA . -16.57 -52.52 -4.59
O1 BME GA . -16.63 -54.37 -6.13
S2 BME GA . -17.27 -51.41 -5.83
NI NI HA . -53.49 -10.30 -6.02
NI NI IA . -52.05 -8.12 -3.99
C1 BME JA . -56.04 -7.11 -5.57
C2 BME JA . -54.56 -6.79 -5.42
O1 BME JA . -56.35 -8.30 -4.86
S2 BME JA . -53.58 -8.16 -6.09
NI NI KA . 35.97 -41.32 0.46
NI NI LA . 32.94 -41.24 1.80
C1 BME MA . 34.42 -45.13 0.33
C2 BME MA . 33.40 -43.99 0.29
O1 BME MA . 35.39 -44.86 1.32
S2 BME MA . 34.22 -42.44 -0.10
NI NI NA . -19.99 -15.25 -48.80
NI NI OA . -17.62 -13.01 -48.18
C1 BME PA . -17.35 -15.29 -51.95
C2 BME PA . -16.77 -14.88 -50.60
O1 BME PA . -18.58 -14.63 -52.14
S2 BME PA . -17.90 -15.34 -49.28
NI NI QA . 19.71 14.95 48.89
NI NI RA . 20.87 15.74 45.88
C1 BME SA . 21.39 18.69 49.11
C2 BME SA . 20.83 18.31 47.75
O1 BME SA . 22.14 17.61 49.64
S2 BME SA . 19.75 16.87 47.92
NI NI TA . -33.94 7.29 42.48
NI NI UA . -34.44 8.08 39.29
C1 BME VA . -37.96 6.91 41.68
C2 BME VA . -37.03 6.69 40.49
O1 BME VA . -37.54 8.05 42.40
S2 BME VA . -35.35 6.43 41.08
NI NI WA . 53.69 10.06 5.74
NI NI XA . 51.15 11.77 7.02
C1 BME YA . 54.91 11.63 9.34
C2 BME YA . 53.42 11.35 9.21
O1 BME YA . 55.37 12.27 8.16
S2 BME YA . 53.12 10.26 7.80
NI NI ZA . 34.19 -7.34 -42.17
NI NI AB . 31.01 -6.38 -42.26
C1 BME BB . 33.70 -4.84 -45.41
C2 BME BB . 32.75 -4.60 -44.23
O1 BME BB . 33.79 -6.23 -45.66
S2 BME BB . 33.38 -5.44 -42.76
NI NI CB . -35.69 41.57 -0.63
NI NI DB . -36.21 38.46 0.38
C1 BME EB . -38.48 41.67 2.40
C2 BME EB . -37.48 40.52 2.45
O1 BME EB . -38.95 41.82 1.08
S2 BME EB . -36.09 40.86 1.36
NI NI FB . 0.06 -35.47 41.76
NI NI GB . 0.40 -36.14 38.53
C1 BME HB . 2.48 -38.78 41.39
C2 BME HB . 2.51 -37.81 40.22
O1 BME HB . 1.14 -39.00 41.79
S2 BME HB . 1.78 -36.23 40.72
#